data_8HFQ
#
_entry.id   8HFQ
#
loop_
_entity.id
_entity.type
_entity.pdbx_description
1 polymer 'C-phycocyanin alpha subunit'
2 polymer 'C-phycocyanin beta subunit'
3 polymer 'Phycobilisome 32.1 kDa linker polypeptide, phycocyanin-associated, rod 1'
4 polymer 'Phycobilisome 32.1 kDa linker polypeptide, phycocyanin-associated, rod 2'
5 polymer 'Ferredoxin--NADP reductase'
6 polymer 'Photosystem I-associated linker protein CpcL'
7 non-polymer PHYCOCYANOBILIN
#
loop_
_entity_poly.entity_id
_entity_poly.type
_entity_poly.pdbx_seq_one_letter_code
_entity_poly.pdbx_strand_id
1 'polypeptide(L)'
;MKTPLTEAVSTADSQGRFLSSTELQIAFGRLRQANAGLQAAKALTDNAQSLVNGAAQAVYNKFPYTTQTQGNNFAADQRG
KDKCARDIGYYLRIVTYCLVAGGTGPLDEYLIAGIDEINRTFDLSPSWYVEALKYIKANHGLSGDARDEANSYLDYAINA
LS
;
A,C,E,G,I,K,M,O,Q,S,U,W,Y,a,c,e,g,i
2 'polypeptide(L)'
;MFDVFTRVVSQADARGEYLSGSQLDALSATVAEGNKRIDSVNRITGNASAIVSNAARALFAEQPQLIQPGGNAYTSRRMA
ACLRDMEIILRYVTYATFTGDASVLEDRCLNGLRETYVALGVPGASVAAGVQKMKEAALDIVNDPNGITRGDCSAIVAEI
AGYFDRAAAAVA
;
B,D,F,H,J,L,N,P,R,T,V,X,Z,b,d,f,h,j
3 'polypeptide(L)'
;MAITTAASRLGVAPYNESRPVELRPDFSLDDAKMVIRAVYRQVLGNDYIMDSERLKGAESLLTNGSISVREFVRTVAKSE
LYKKKFLYNNFQTRVIELNYKHLLGRAPFSEDEVIFHLDLYENQGFDADIDSYIDSVEYQENFGENIVPYYRFNNQVGDR
TVGFTRMFRLYRGYANSDRSQLERSSSRLATELGQNTVSAIVGPSGSNAGWAYRPSRAGNTPAKALGGTVPFGQASKLFR
VEITAISAPGYPKVRRSNKAVIVPFEQLNQTLQQINRLGGKVASITPASLS
;
k
4 'polypeptide(L)'
;MTSLVSAQRLGIVAVDEAIPLELRSRSTEEEVDAVILAVYRQVLGNDHLMSQERLTSAESLLRGREISVRDFVRAVALSE
VYRQKFFHSNPQNRFIELNYKHLLGRAPYDQSEIAFHTDLYHQGGYEAEINSYIDSVEYTENFGDWVVPYFRGFATQRNQ
KTVGFSRSFQVYRGYATSDRSQGNGSRSRLTRELARNTASPVYAGSTAESLRGTSAGSRNQMYRLQVIQGAAPGRGTRVR
RGKAEYLVSYDNLSAKLQQINRQGDTVTMISLA
;
l
5 'polypeptide(L)'
;MYSPGYVATSSRQSDAGNRLFVYEVIGLSQSTMTDGLDYPIRRSGSTFITVPLKRMNQEMRRITRMGGKIVSIKPLEGDS
PLPHTEGIAKPSQSEGSGSEAVANPAPESNKTMTTTPKEKKADDIPVNIYRPKTPYIGKVLENYPLVREGAIGTVQHLTF
DLSAGDLRYLEGQSIGIIPPGEDDKGKPHKLRLYSIASTRHGDFGDDKTVSLCVRQLEYQNEAGETVQGVCSTYLCNIKE
GDDIAITGPVGKEMLLPPDEDANIVMLATGTGIAPFRAFLWRMFKEQHEDYKFKGLAWLIFGIPKSENILYKDDLEKMAA
EFPDNFRLTYAISREQQNAEGGRMYIQHRVAENAEELWNLMQNPKTHTYMCGLKGMEPGIDEAFTALAEQNGKEWTTFQR
EMKKEHRWHVETY
;
m
6 'polypeptide(L)'
;MTLPLIAYAPVSQNQRVTNYEVSGDEHARIFTTEGTLSPSAMDNLIAAAYRQVFNEQQMIQSNRQIALESQFKNQQITVR
DFIRGLALSDSFRRRNFEVNNNYRFVQMCIQRLLGRDVYSEEEKIAWSIVIATKGLPGFINELLNSQEYLENFGYDTVPY
QRRRILPQRISGELPFARMPRYGADHREKLEAIGYFRNQAPLTYRWEWQKQPYPAGVYLAGKVVLYVGGALVSLGIIAVA
LSAWGIIGL
;
n
#
# COMPACT_ATOMS: atom_id res chain seq x y z
N MET A 1 9.29 -47.48 -50.97
CA MET A 1 8.25 -47.65 -49.91
C MET A 1 8.92 -47.50 -48.54
N LYS A 2 8.19 -46.95 -47.56
CA LYS A 2 8.74 -46.73 -46.19
C LYS A 2 9.56 -47.96 -45.77
N THR A 3 10.86 -47.78 -45.54
CA THR A 3 11.75 -48.88 -45.10
C THR A 3 13.02 -48.24 -44.58
N PRO A 4 13.63 -48.72 -43.48
CA PRO A 4 14.80 -48.06 -42.93
C PRO A 4 15.74 -47.56 -44.02
N LEU A 5 16.13 -48.44 -44.93
CA LEU A 5 17.09 -48.06 -46.01
C LEU A 5 16.57 -46.85 -46.78
N THR A 6 15.37 -46.97 -47.38
CA THR A 6 14.82 -45.88 -48.21
C THR A 6 14.68 -44.63 -47.37
N GLU A 7 14.23 -44.75 -46.13
CA GLU A 7 14.02 -43.56 -45.27
C GLU A 7 15.38 -42.89 -44.97
N ALA A 8 16.40 -43.70 -44.67
CA ALA A 8 17.75 -43.15 -44.39
C ALA A 8 18.20 -42.32 -45.59
N VAL A 9 18.06 -42.88 -46.80
CA VAL A 9 18.47 -42.15 -48.04
C VAL A 9 17.65 -40.86 -48.15
N SER A 10 16.32 -40.96 -48.03
CA SER A 10 15.47 -39.78 -48.19
C SER A 10 15.91 -38.64 -47.28
N THR A 11 16.31 -38.96 -46.04
CA THR A 11 16.81 -37.95 -45.11
C THR A 11 18.12 -37.34 -45.62
N ALA A 12 19.07 -38.20 -46.03
CA ALA A 12 20.34 -37.71 -46.55
C ALA A 12 20.16 -36.94 -47.86
N ASP A 13 19.13 -37.29 -48.63
CA ASP A 13 18.84 -36.58 -49.87
C ASP A 13 18.24 -35.21 -49.62
N SER A 14 17.30 -35.11 -48.68
CA SER A 14 16.69 -33.82 -48.38
C SER A 14 17.69 -32.87 -47.74
N GLN A 15 18.63 -33.39 -46.95
CA GLN A 15 19.69 -32.52 -46.47
C GLN A 15 20.86 -32.42 -47.44
N GLY A 16 20.82 -33.14 -48.56
CA GLY A 16 21.83 -33.02 -49.59
C GLY A 16 23.22 -33.44 -49.18
N ARG A 17 23.32 -34.49 -48.36
CA ARG A 17 24.59 -34.90 -47.79
C ARG A 17 24.76 -36.41 -47.93
N PHE A 18 25.98 -36.87 -47.68
CA PHE A 18 26.29 -38.28 -47.80
C PHE A 18 25.71 -39.05 -46.62
N LEU A 19 25.71 -40.37 -46.75
CA LEU A 19 25.16 -41.27 -45.75
C LEU A 19 26.13 -41.35 -44.57
N SER A 20 25.80 -40.66 -43.49
CA SER A 20 26.65 -40.64 -42.31
C SER A 20 26.53 -41.94 -41.52
N SER A 21 27.17 -41.98 -40.35
CA SER A 21 27.08 -43.16 -39.49
C SER A 21 25.70 -43.33 -38.89
N THR A 22 24.91 -42.25 -38.81
CA THR A 22 23.49 -42.36 -38.48
C THR A 22 22.78 -43.28 -39.46
N GLU A 23 23.00 -43.05 -40.76
CA GLU A 23 22.40 -43.85 -41.82
C GLU A 23 22.91 -45.29 -41.78
N LEU A 24 24.18 -45.46 -41.43
CA LEU A 24 24.75 -46.80 -41.33
C LEU A 24 24.17 -47.58 -40.16
N GLN A 25 23.92 -46.90 -39.03
CA GLN A 25 23.22 -47.56 -37.92
C GLN A 25 21.79 -47.91 -38.28
N ILE A 26 21.13 -47.06 -39.09
CA ILE A 26 19.81 -47.39 -39.62
C ILE A 26 19.87 -48.67 -40.45
N ALA A 27 20.90 -48.79 -41.29
CA ALA A 27 21.11 -50.02 -42.07
C ALA A 27 21.42 -51.22 -41.18
N PHE A 28 22.13 -50.99 -40.07
CA PHE A 28 22.46 -52.08 -39.15
C PHE A 28 21.23 -52.63 -38.47
N GLY A 29 20.33 -51.74 -38.04
CA GLY A 29 19.07 -52.21 -37.47
C GLY A 29 18.20 -52.92 -38.48
N ARG A 30 18.20 -52.43 -39.73
CA ARG A 30 17.54 -53.14 -40.82
C ARG A 30 18.10 -54.53 -41.02
N LEU A 31 19.44 -54.65 -40.96
CA LEU A 31 20.08 -55.95 -41.14
C LEU A 31 19.77 -56.92 -40.00
N ARG A 32 19.72 -56.42 -38.77
CA ARG A 32 19.48 -57.35 -37.67
C ARG A 32 18.01 -57.73 -37.59
N GLN A 33 17.12 -56.90 -38.11
CA GLN A 33 15.70 -57.25 -38.13
C GLN A 33 15.29 -58.04 -39.36
N ALA A 34 16.09 -57.98 -40.43
CA ALA A 34 15.64 -58.49 -41.73
C ALA A 34 15.55 -60.01 -41.76
N ASN A 35 16.45 -60.72 -41.07
CA ASN A 35 16.39 -62.18 -41.05
C ASN A 35 15.15 -62.69 -40.34
N ALA A 36 14.81 -62.05 -39.21
CA ALA A 36 13.57 -62.38 -38.51
C ALA A 36 12.34 -62.05 -39.34
N GLY A 37 12.40 -60.93 -40.06
CA GLY A 37 11.29 -60.58 -40.95
C GLY A 37 11.12 -61.56 -42.10
N LEU A 38 12.24 -62.03 -42.68
CA LEU A 38 12.18 -62.99 -43.78
C LEU A 38 11.66 -64.34 -43.31
N GLN A 39 12.11 -64.81 -42.15
CA GLN A 39 11.60 -66.07 -41.61
C GLN A 39 10.13 -65.95 -41.21
N ALA A 40 9.72 -64.79 -40.69
CA ALA A 40 8.32 -64.55 -40.37
C ALA A 40 7.45 -64.55 -41.62
N ALA A 41 7.94 -63.93 -42.70
CA ALA A 41 7.21 -63.95 -43.97
C ALA A 41 7.16 -65.34 -44.58
N LYS A 42 8.22 -66.14 -44.40
CA LYS A 42 8.22 -67.52 -44.87
C LYS A 42 7.18 -68.35 -44.13
N ALA A 43 7.11 -68.18 -42.80
CA ALA A 43 6.11 -68.90 -42.00
C ALA A 43 4.70 -68.46 -42.35
N LEU A 44 4.48 -67.16 -42.57
CA LEU A 44 3.15 -66.69 -42.94
C LEU A 44 2.76 -67.13 -44.34
N THR A 45 3.72 -67.20 -45.27
CA THR A 45 3.47 -67.73 -46.60
C THR A 45 3.08 -69.20 -46.53
N ASP A 46 3.74 -69.96 -45.65
CA ASP A 46 3.38 -71.37 -45.47
C ASP A 46 2.01 -71.55 -44.83
N ASN A 47 1.63 -70.66 -43.91
CA ASN A 47 0.39 -70.82 -43.15
C ASN A 47 -0.71 -69.94 -43.76
N ALA A 48 -0.47 -69.39 -44.96
CA ALA A 48 -1.30 -68.34 -45.55
C ALA A 48 -2.72 -68.79 -45.85
N GLN A 49 -2.88 -69.96 -46.47
CA GLN A 49 -4.22 -70.39 -46.88
C GLN A 49 -5.10 -70.71 -45.67
N SER A 50 -4.54 -71.40 -44.67
CA SER A 50 -5.28 -71.69 -43.45
C SER A 50 -5.59 -70.42 -42.67
N LEU A 51 -4.65 -69.47 -42.66
CA LEU A 51 -4.89 -68.22 -41.94
C LEU A 51 -5.95 -67.36 -42.62
N VAL A 52 -5.96 -67.34 -43.96
CA VAL A 52 -6.97 -66.59 -44.69
C VAL A 52 -8.35 -67.20 -44.50
N ASN A 53 -8.45 -68.54 -44.59
CA ASN A 53 -9.73 -69.21 -44.39
C ASN A 53 -10.23 -69.07 -42.96
N GLY A 54 -9.33 -69.20 -41.98
CA GLY A 54 -9.73 -69.01 -40.60
C GLY A 54 -10.11 -67.58 -40.27
N ALA A 55 -9.43 -66.60 -40.88
CA ALA A 55 -9.78 -65.20 -40.64
C ALA A 55 -11.11 -64.85 -41.27
N ALA A 56 -11.37 -65.35 -42.49
CA ALA A 56 -12.68 -65.14 -43.11
C ALA A 56 -13.79 -65.80 -42.31
N GLN A 57 -13.54 -67.00 -41.78
CA GLN A 57 -14.54 -67.67 -40.95
C GLN A 57 -14.72 -66.96 -39.61
N ALA A 58 -13.67 -66.35 -39.07
CA ALA A 58 -13.82 -65.58 -37.83
C ALA A 58 -14.62 -64.31 -38.05
N VAL A 59 -14.43 -63.67 -39.21
CA VAL A 59 -15.23 -62.50 -39.56
C VAL A 59 -16.69 -62.89 -39.75
N TYR A 60 -16.94 -64.04 -40.37
CA TYR A 60 -18.30 -64.53 -40.50
C TYR A 60 -18.89 -64.93 -39.16
N ASN A 61 -18.05 -65.38 -38.23
CA ASN A 61 -18.53 -65.75 -36.90
C ASN A 61 -18.92 -64.52 -36.09
N LYS A 62 -18.07 -63.50 -36.05
CA LYS A 62 -18.39 -62.31 -35.28
C LYS A 62 -19.42 -61.45 -35.98
N PHE A 63 -19.46 -61.46 -37.31
CA PHE A 63 -20.41 -60.68 -38.09
C PHE A 63 -21.20 -61.64 -38.97
N PRO A 64 -22.22 -62.30 -38.42
CA PRO A 64 -23.00 -63.24 -39.23
C PRO A 64 -23.94 -62.59 -40.22
N TYR A 65 -24.25 -61.29 -40.04
CA TYR A 65 -25.14 -60.59 -40.96
C TYR A 65 -24.56 -60.46 -42.36
N THR A 66 -23.23 -60.56 -42.50
CA THR A 66 -22.61 -60.57 -43.82
C THR A 66 -22.93 -61.86 -44.59
N THR A 67 -23.28 -62.94 -43.90
CA THR A 67 -23.55 -64.21 -44.56
C THR A 67 -25.03 -64.51 -44.73
N GLN A 68 -25.92 -63.58 -44.37
CA GLN A 68 -27.34 -63.87 -44.46
C GLN A 68 -28.12 -62.74 -45.12
N THR A 69 -27.55 -61.54 -45.15
CA THR A 69 -28.21 -60.39 -45.77
C THR A 69 -27.74 -60.24 -47.21
N GLN A 70 -28.68 -60.09 -48.12
CA GLN A 70 -28.35 -59.92 -49.53
C GLN A 70 -27.80 -58.53 -49.78
N GLY A 71 -26.85 -58.45 -50.70
CA GLY A 71 -26.22 -57.18 -51.04
C GLY A 71 -24.90 -57.42 -51.71
N ASN A 72 -24.43 -56.37 -52.40
CA ASN A 72 -23.14 -56.43 -53.09
C ASN A 72 -21.99 -56.51 -52.10
N ASN A 73 -22.08 -55.74 -51.01
CA ASN A 73 -21.00 -55.63 -50.04
C ASN A 73 -20.93 -56.81 -49.08
N PHE A 74 -21.88 -57.73 -49.12
CA PHE A 74 -21.94 -58.83 -48.16
C PHE A 74 -21.53 -60.13 -48.82
N ALA A 75 -21.21 -61.11 -47.97
CA ALA A 75 -20.73 -62.42 -48.39
C ALA A 75 -21.82 -63.48 -48.30
N ALA A 76 -23.07 -63.11 -48.61
CA ALA A 76 -24.17 -64.07 -48.55
C ALA A 76 -24.08 -65.09 -49.67
N ASP A 77 -23.68 -64.67 -50.87
CA ASP A 77 -23.51 -65.58 -51.99
C ASP A 77 -22.04 -65.95 -52.14
N GLN A 78 -21.74 -66.68 -53.22
CA GLN A 78 -20.38 -67.17 -53.41
C GLN A 78 -19.43 -66.07 -53.85
N ARG A 79 -19.93 -65.06 -54.58
CA ARG A 79 -19.07 -63.98 -55.03
C ARG A 79 -18.60 -63.12 -53.87
N GLY A 80 -19.46 -62.91 -52.87
CA GLY A 80 -19.06 -62.14 -51.71
C GLY A 80 -18.03 -62.86 -50.86
N LYS A 81 -18.19 -64.19 -50.72
CA LYS A 81 -17.20 -64.98 -50.01
C LYS A 81 -15.87 -65.01 -50.76
N ASP A 82 -15.92 -65.03 -52.10
CA ASP A 82 -14.70 -64.97 -52.90
C ASP A 82 -13.99 -63.62 -52.75
N LYS A 83 -14.76 -62.53 -52.76
CA LYS A 83 -14.19 -61.20 -52.57
C LYS A 83 -13.62 -61.04 -51.17
N CYS A 84 -14.28 -61.62 -50.16
CA CYS A 84 -13.75 -61.56 -48.80
C CYS A 84 -12.47 -62.36 -48.65
N ALA A 85 -12.43 -63.58 -49.21
CA ALA A 85 -11.21 -64.40 -49.15
C ALA A 85 -10.07 -63.72 -49.89
N ARG A 86 -10.38 -63.06 -51.01
CA ARG A 86 -9.39 -62.25 -51.71
C ARG A 86 -8.93 -61.06 -50.87
N ASP A 87 -9.82 -60.49 -50.05
CA ASP A 87 -9.45 -59.36 -49.21
C ASP A 87 -8.49 -59.75 -48.10
N ILE A 88 -8.80 -60.83 -47.37
CA ILE A 88 -7.84 -61.31 -46.36
C ILE A 88 -6.56 -61.85 -47.02
N GLY A 89 -6.64 -62.40 -48.24
CA GLY A 89 -5.43 -62.76 -48.95
C GLY A 89 -4.55 -61.57 -49.29
N TYR A 90 -5.18 -60.47 -49.70
CA TYR A 90 -4.47 -59.21 -49.96
C TYR A 90 -3.84 -58.67 -48.69
N TYR A 91 -4.60 -58.70 -47.58
CA TYR A 91 -4.10 -58.24 -46.28
C TYR A 91 -2.89 -59.04 -45.81
N LEU A 92 -2.98 -60.37 -45.85
CA LEU A 92 -1.89 -61.20 -45.39
C LEU A 92 -0.68 -61.12 -46.32
N ARG A 93 -0.92 -60.98 -47.63
CA ARG A 93 0.19 -60.86 -48.56
C ARG A 93 0.94 -59.55 -48.38
N ILE A 94 0.22 -58.44 -48.14
CA ILE A 94 0.90 -57.17 -47.93
C ILE A 94 1.55 -57.12 -46.55
N VAL A 95 1.03 -57.87 -45.56
CA VAL A 95 1.74 -58.02 -44.29
C VAL A 95 3.05 -58.77 -44.49
N THR A 96 3.05 -59.83 -45.31
CA THR A 96 4.31 -60.52 -45.63
C THR A 96 5.27 -59.61 -46.40
N TYR A 97 4.72 -58.74 -47.27
CA TYR A 97 5.55 -57.77 -47.97
C TYR A 97 6.18 -56.76 -47.01
N CYS A 98 5.42 -56.35 -45.99
CA CYS A 98 5.96 -55.46 -44.97
C CYS A 98 7.03 -56.15 -44.13
N LEU A 99 6.84 -57.45 -43.88
CA LEU A 99 7.85 -58.24 -43.19
C LEU A 99 9.14 -58.33 -43.99
N VAL A 100 9.02 -58.55 -45.30
CA VAL A 100 10.19 -58.66 -46.15
C VAL A 100 10.88 -57.30 -46.29
N ALA A 101 10.09 -56.25 -46.50
CA ALA A 101 10.64 -54.90 -46.63
C ALA A 101 11.23 -54.40 -45.31
N GLY A 102 10.61 -54.74 -44.18
CA GLY A 102 11.09 -54.22 -42.92
C GLY A 102 10.52 -52.87 -42.55
N GLY A 103 9.44 -52.45 -43.21
CA GLY A 103 8.74 -51.23 -42.85
C GLY A 103 7.29 -51.37 -43.24
N THR A 104 6.51 -50.34 -42.91
CA THR A 104 5.10 -50.33 -43.24
C THR A 104 4.82 -49.86 -44.66
N GLY A 105 5.87 -49.64 -45.46
CA GLY A 105 5.79 -49.13 -46.81
C GLY A 105 4.93 -49.90 -47.79
N PRO A 106 5.03 -51.24 -47.84
CA PRO A 106 4.03 -51.99 -48.63
C PRO A 106 2.60 -51.78 -48.20
N LEU A 107 2.33 -51.68 -46.89
CA LEU A 107 0.98 -51.35 -46.44
C LEU A 107 0.59 -49.93 -46.84
N ASP A 108 1.54 -48.99 -46.74
CA ASP A 108 1.27 -47.60 -47.05
C ASP A 108 0.97 -47.39 -48.53
N GLU A 109 1.79 -47.96 -49.41
CA GLU A 109 1.64 -47.74 -50.84
C GLU A 109 0.79 -48.80 -51.53
N TYR A 110 0.33 -49.82 -50.81
CA TYR A 110 -0.50 -50.85 -51.40
C TYR A 110 -1.90 -50.91 -50.80
N LEU A 111 -2.04 -50.67 -49.50
CA LEU A 111 -3.37 -50.89 -48.93
C LEU A 111 -3.88 -49.75 -48.08
N ILE A 112 -3.02 -49.08 -47.30
CA ILE A 112 -3.53 -48.07 -46.37
C ILE A 112 -3.97 -46.81 -47.12
N ALA A 113 -3.31 -46.51 -48.22
CA ALA A 113 -3.65 -45.34 -49.03
C ALA A 113 -5.01 -45.54 -49.69
N GLY A 114 -5.99 -44.75 -49.27
CA GLY A 114 -7.31 -44.79 -49.89
C GLY A 114 -8.19 -45.94 -49.49
N ILE A 115 -7.90 -46.61 -48.36
CA ILE A 115 -8.77 -47.68 -47.91
C ILE A 115 -10.06 -47.13 -47.30
N ASP A 116 -10.05 -45.88 -46.83
CA ASP A 116 -11.23 -45.33 -46.16
C ASP A 116 -12.35 -45.03 -47.15
N GLU A 117 -12.02 -44.40 -48.28
CA GLU A 117 -13.05 -44.14 -49.26
C GLU A 117 -13.46 -45.40 -50.00
N ILE A 118 -12.56 -46.39 -50.10
CA ILE A 118 -12.95 -47.71 -50.59
C ILE A 118 -13.98 -48.35 -49.67
N ASN A 119 -13.74 -48.27 -48.36
CA ASN A 119 -14.66 -48.86 -47.40
C ASN A 119 -15.98 -48.12 -47.33
N ARG A 120 -16.01 -46.83 -47.69
CA ARG A 120 -17.27 -46.13 -47.64
C ARG A 120 -18.03 -46.07 -48.96
N THR A 121 -17.38 -46.19 -50.13
CA THR A 121 -18.18 -46.16 -51.35
C THR A 121 -18.61 -47.55 -51.78
N PHE A 122 -17.98 -48.59 -51.27
CA PHE A 122 -18.41 -49.96 -51.49
C PHE A 122 -19.15 -50.53 -50.28
N ASP A 123 -19.34 -49.69 -49.25
CA ASP A 123 -20.10 -50.00 -48.03
C ASP A 123 -19.49 -51.20 -47.32
N LEU A 124 -18.18 -51.14 -47.10
CA LEU A 124 -17.45 -52.17 -46.40
C LEU A 124 -17.11 -51.67 -45.00
N SER A 125 -17.47 -52.44 -43.99
CA SER A 125 -17.10 -52.05 -42.64
C SER A 125 -15.63 -52.35 -42.41
N PRO A 126 -14.84 -51.38 -41.92
CA PRO A 126 -13.45 -51.68 -41.57
C PRO A 126 -13.30 -52.64 -40.42
N SER A 127 -14.32 -52.79 -39.57
CA SER A 127 -14.25 -53.69 -38.41
C SER A 127 -14.14 -55.15 -38.83
N TRP A 128 -14.65 -55.49 -40.02
CA TRP A 128 -14.46 -56.83 -40.56
C TRP A 128 -12.97 -57.13 -40.76
N TYR A 129 -12.27 -56.22 -41.41
CA TYR A 129 -10.84 -56.40 -41.64
C TYR A 129 -10.05 -56.27 -40.33
N VAL A 130 -10.54 -55.47 -39.38
CA VAL A 130 -9.92 -55.42 -38.05
C VAL A 130 -10.00 -56.77 -37.36
N GLU A 131 -11.16 -57.43 -37.41
CA GLU A 131 -11.30 -58.75 -36.79
C GLU A 131 -10.50 -59.81 -37.53
N ALA A 132 -10.38 -59.68 -38.86
CA ALA A 132 -9.50 -60.55 -39.62
C ALA A 132 -8.04 -60.40 -39.19
N LEU A 133 -7.60 -59.15 -38.98
CA LEU A 133 -6.23 -58.93 -38.51
C LEU A 133 -6.05 -59.38 -37.06
N LYS A 134 -7.11 -59.34 -36.25
CA LYS A 134 -7.03 -59.95 -34.92
C LYS A 134 -6.84 -61.46 -35.00
N TYR A 135 -7.51 -62.12 -35.97
CA TYR A 135 -7.28 -63.55 -36.15
C TYR A 135 -5.85 -63.82 -36.61
N ILE A 136 -5.33 -62.98 -37.51
CA ILE A 136 -3.95 -63.16 -37.97
C ILE A 136 -2.97 -62.93 -36.82
N LYS A 137 -3.25 -61.94 -35.97
CA LYS A 137 -2.42 -61.68 -34.79
C LYS A 137 -2.55 -62.79 -33.75
N ALA A 138 -3.66 -63.54 -33.76
CA ALA A 138 -3.83 -64.58 -32.76
C ALA A 138 -3.40 -65.96 -33.24
N ASN A 139 -3.35 -66.22 -34.56
CA ASN A 139 -3.12 -67.55 -35.06
C ASN A 139 -1.91 -67.66 -35.99
N HIS A 140 -0.98 -66.70 -35.95
CA HIS A 140 0.20 -66.80 -36.79
C HIS A 140 1.32 -67.62 -36.15
N GLY A 141 1.33 -67.75 -34.83
CA GLY A 141 2.20 -68.71 -34.17
C GLY A 141 3.67 -68.36 -34.10
N LEU A 142 4.04 -67.13 -34.42
CA LEU A 142 5.44 -66.73 -34.38
C LEU A 142 5.86 -66.43 -32.95
N SER A 143 7.17 -66.43 -32.73
CA SER A 143 7.71 -66.21 -31.40
C SER A 143 8.98 -65.36 -31.49
N GLY A 144 9.18 -64.50 -30.50
CA GLY A 144 10.42 -63.74 -30.42
C GLY A 144 10.34 -62.48 -31.25
N ASP A 145 11.43 -62.19 -31.97
CA ASP A 145 11.51 -60.96 -32.75
C ASP A 145 10.63 -61.05 -33.99
N ALA A 146 10.38 -62.27 -34.48
CA ALA A 146 9.48 -62.43 -35.62
C ALA A 146 8.04 -62.16 -35.22
N ARG A 147 7.68 -62.44 -33.96
CA ARG A 147 6.31 -62.22 -33.50
C ARG A 147 6.01 -60.73 -33.36
N ASP A 148 6.91 -59.98 -32.71
CA ASP A 148 6.63 -58.59 -32.41
C ASP A 148 6.68 -57.71 -33.66
N GLU A 149 7.57 -58.03 -34.60
CA GLU A 149 7.71 -57.20 -35.77
C GLU A 149 6.64 -57.52 -36.80
N ALA A 150 6.08 -58.74 -36.76
CA ALA A 150 4.89 -59.03 -37.56
C ALA A 150 3.64 -58.41 -36.95
N ASN A 151 3.55 -58.39 -35.62
CA ASN A 151 2.40 -57.81 -34.95
C ASN A 151 2.36 -56.30 -35.10
N SER A 152 3.53 -55.67 -35.26
CA SER A 152 3.58 -54.22 -35.45
C SER A 152 2.91 -53.81 -36.76
N TYR A 153 2.97 -54.67 -37.78
CA TYR A 153 2.26 -54.40 -39.02
C TYR A 153 0.78 -54.68 -38.90
N LEU A 154 0.42 -55.73 -38.14
CA LEU A 154 -0.99 -56.08 -37.96
C LEU A 154 -1.73 -55.03 -37.15
N ASP A 155 -1.10 -54.52 -36.09
CA ASP A 155 -1.72 -53.40 -35.37
C ASP A 155 -1.62 -52.10 -36.15
N TYR A 156 -0.66 -51.95 -37.05
CA TYR A 156 -0.61 -50.75 -37.89
C TYR A 156 -1.82 -50.70 -38.83
N ALA A 157 -2.16 -51.83 -39.42
CA ALA A 157 -3.36 -51.89 -40.27
C ALA A 157 -4.63 -51.83 -39.44
N ILE A 158 -4.59 -52.32 -38.20
CA ILE A 158 -5.74 -52.22 -37.30
C ILE A 158 -5.98 -50.76 -36.92
N ASN A 159 -4.90 -50.03 -36.57
CA ASN A 159 -5.04 -48.62 -36.22
C ASN A 159 -5.35 -47.77 -37.44
N ALA A 160 -5.02 -48.24 -38.64
CA ALA A 160 -5.39 -47.50 -39.84
C ALA A 160 -6.87 -47.62 -40.15
N LEU A 161 -7.43 -48.81 -39.94
CA LEU A 161 -8.85 -49.01 -40.18
C LEU A 161 -9.70 -48.45 -39.05
N SER A 162 -9.16 -48.40 -37.84
CA SER A 162 -9.91 -47.96 -36.67
C SER A 162 -9.32 -46.68 -36.09
N MET B 1 11.23 -44.66 -54.24
CA MET B 1 12.41 -45.45 -54.54
C MET B 1 12.26 -46.86 -53.98
N PHE B 2 13.08 -47.78 -54.50
CA PHE B 2 13.11 -49.15 -54.03
C PHE B 2 14.50 -49.46 -53.49
N ASP B 3 14.56 -50.52 -52.71
CA ASP B 3 15.81 -51.15 -52.30
C ASP B 3 15.80 -52.61 -52.78
N VAL B 4 16.76 -53.40 -52.30
CA VAL B 4 16.85 -54.79 -52.74
C VAL B 4 15.68 -55.63 -52.23
N PHE B 5 15.00 -55.19 -51.17
CA PHE B 5 13.81 -55.87 -50.65
C PHE B 5 12.54 -55.39 -51.33
N THR B 6 12.33 -54.07 -51.38
CA THR B 6 11.10 -53.51 -51.90
C THR B 6 10.96 -53.66 -53.41
N ARG B 7 12.08 -53.83 -54.13
CA ARG B 7 11.99 -54.16 -55.56
C ARG B 7 11.33 -55.51 -55.77
N VAL B 8 11.82 -56.54 -55.07
CA VAL B 8 11.29 -57.89 -55.17
C VAL B 8 9.85 -57.93 -54.66
N VAL B 9 9.56 -57.12 -53.63
CA VAL B 9 8.19 -56.92 -53.16
C VAL B 9 7.32 -56.31 -54.28
N SER B 10 7.90 -55.41 -55.08
CA SER B 10 7.14 -54.77 -56.15
C SER B 10 6.81 -55.75 -57.28
N GLN B 11 7.76 -56.61 -57.70
CA GLN B 11 7.35 -57.62 -58.69
C GLN B 11 6.39 -58.65 -58.08
N ALA B 12 6.53 -58.97 -56.79
CA ALA B 12 5.60 -59.91 -56.16
C ALA B 12 4.19 -59.34 -56.11
N ASP B 13 4.06 -58.05 -55.82
CA ASP B 13 2.75 -57.42 -55.80
C ASP B 13 2.21 -57.20 -57.21
N ALA B 14 3.09 -57.03 -58.20
CA ALA B 14 2.66 -56.99 -59.59
C ALA B 14 2.09 -58.34 -60.03
N ARG B 15 2.71 -59.44 -59.61
CA ARG B 15 2.18 -60.76 -59.88
C ARG B 15 1.10 -61.20 -58.89
N GLY B 16 0.97 -60.50 -57.77
CA GLY B 16 -0.03 -60.84 -56.77
C GLY B 16 0.21 -62.15 -56.06
N GLU B 17 1.47 -62.46 -55.75
CA GLU B 17 1.82 -63.73 -55.16
C GLU B 17 2.79 -63.51 -54.01
N TYR B 18 2.80 -64.48 -53.10
CA TYR B 18 3.78 -64.48 -52.02
C TYR B 18 5.16 -64.80 -52.58
N LEU B 19 6.19 -64.42 -51.84
CA LEU B 19 7.54 -64.74 -52.25
C LEU B 19 7.83 -66.22 -52.05
N SER B 20 8.55 -66.80 -53.00
CA SER B 20 8.94 -68.20 -52.94
C SER B 20 10.10 -68.37 -51.97
N GLY B 21 10.53 -69.62 -51.78
CA GLY B 21 11.68 -69.88 -50.93
C GLY B 21 12.97 -69.34 -51.51
N SER B 22 13.10 -69.37 -52.84
CA SER B 22 14.31 -68.90 -53.50
C SER B 22 14.46 -67.39 -53.37
N GLN B 23 13.35 -66.65 -53.46
CA GLN B 23 13.40 -65.20 -53.29
C GLN B 23 13.79 -64.81 -51.87
N LEU B 24 13.25 -65.52 -50.88
CA LEU B 24 13.61 -65.26 -49.48
C LEU B 24 15.06 -65.65 -49.20
N ASP B 25 15.55 -66.72 -49.83
CA ASP B 25 16.95 -67.09 -49.66
C ASP B 25 17.88 -66.08 -50.33
N ALA B 26 17.48 -65.54 -51.48
CA ALA B 26 18.28 -64.49 -52.13
C ALA B 26 18.30 -63.22 -51.28
N LEU B 27 17.17 -62.88 -50.67
CA LEU B 27 17.14 -61.72 -49.79
C LEU B 27 17.96 -61.96 -48.51
N SER B 28 17.96 -63.19 -48.00
CA SER B 28 18.84 -63.53 -46.87
C SER B 28 20.30 -63.44 -47.26
N ALA B 29 20.64 -63.79 -48.50
CA ALA B 29 22.01 -63.59 -49.00
C ALA B 29 22.37 -62.11 -49.06
N THR B 30 21.43 -61.27 -49.50
CA THR B 30 21.69 -59.82 -49.48
C THR B 30 21.88 -59.30 -48.07
N VAL B 31 21.16 -59.88 -47.10
CA VAL B 31 21.41 -59.57 -45.69
C VAL B 31 22.80 -60.02 -45.27
N ALA B 32 23.27 -61.16 -45.81
CA ALA B 32 24.57 -61.69 -45.46
C ALA B 32 25.72 -60.80 -45.93
N GLU B 33 25.69 -60.35 -47.20
CA GLU B 33 26.66 -59.34 -47.64
C GLU B 33 26.22 -57.89 -47.38
N GLY B 34 25.19 -57.67 -46.56
CA GLY B 34 24.87 -56.33 -46.10
C GLY B 34 25.98 -55.65 -45.30
N ASN B 35 26.79 -56.42 -44.57
CA ASN B 35 27.89 -55.81 -43.82
C ASN B 35 28.97 -55.26 -44.74
N LYS B 36 29.31 -56.01 -45.79
CA LYS B 36 30.24 -55.49 -46.79
C LYS B 36 29.63 -54.35 -47.58
N ARG B 37 28.31 -54.36 -47.76
CA ARG B 37 27.61 -53.23 -48.36
C ARG B 37 27.76 -51.96 -47.52
N ILE B 38 27.61 -52.08 -46.20
CA ILE B 38 27.76 -50.93 -45.30
C ILE B 38 29.22 -50.47 -45.25
N ASP B 39 30.16 -51.42 -45.32
CA ASP B 39 31.58 -51.06 -45.45
C ASP B 39 31.89 -50.28 -46.71
N SER B 40 31.31 -50.71 -47.85
CA SER B 40 31.52 -50.00 -49.11
C SER B 40 30.95 -48.59 -49.06
N VAL B 41 29.75 -48.45 -48.50
CA VAL B 41 29.11 -47.15 -48.35
C VAL B 41 29.94 -46.25 -47.44
N ASN B 42 30.44 -46.80 -46.32
CA ASN B 42 31.25 -46.05 -45.37
C ASN B 42 32.57 -45.60 -45.99
N ARG B 43 33.20 -46.45 -46.81
CA ARG B 43 34.49 -46.10 -47.39
C ARG B 43 34.33 -45.02 -48.46
N ILE B 44 33.30 -45.13 -49.31
CA ILE B 44 33.09 -44.09 -50.32
C ILE B 44 32.67 -42.78 -49.66
N THR B 45 31.84 -42.85 -48.61
CA THR B 45 31.44 -41.64 -47.88
C THR B 45 32.63 -40.97 -47.20
N GLY B 46 33.52 -41.78 -46.61
CA GLY B 46 34.70 -41.23 -45.96
C GLY B 46 35.68 -40.61 -46.92
N ASN B 47 35.83 -41.19 -48.12
CA ASN B 47 36.78 -40.69 -49.09
C ASN B 47 36.11 -39.95 -50.24
N ALA B 48 34.89 -39.46 -50.04
CA ALA B 48 34.13 -38.78 -51.08
C ALA B 48 34.82 -37.51 -51.59
N SER B 49 35.32 -36.68 -50.67
CA SER B 49 35.99 -35.44 -51.07
C SER B 49 37.27 -35.73 -51.84
N ALA B 50 38.04 -36.73 -51.38
CA ALA B 50 39.25 -37.14 -52.09
C ALA B 50 38.93 -37.71 -53.47
N ILE B 51 37.86 -38.48 -53.58
CA ILE B 51 37.45 -39.07 -54.86
C ILE B 51 37.07 -37.97 -55.84
N VAL B 52 36.26 -37.01 -55.39
CA VAL B 52 35.80 -35.92 -56.25
C VAL B 52 36.97 -35.05 -56.69
N SER B 53 37.86 -34.68 -55.74
CA SER B 53 38.98 -33.83 -56.06
C SER B 53 39.98 -34.51 -56.99
N ASN B 54 40.33 -35.77 -56.70
CA ASN B 54 41.31 -36.48 -57.52
C ASN B 54 40.77 -36.79 -58.91
N ALA B 55 39.49 -37.18 -59.01
CA ALA B 55 38.92 -37.48 -60.31
C ALA B 55 38.72 -36.22 -61.14
N ALA B 56 38.33 -35.11 -60.52
CA ALA B 56 38.25 -33.84 -61.26
C ALA B 56 39.63 -33.39 -61.72
N ARG B 57 40.65 -33.55 -60.88
CA ARG B 57 42.01 -33.17 -61.24
C ARG B 57 42.53 -34.01 -62.41
N ALA B 58 42.27 -35.32 -62.38
CA ALA B 58 42.70 -36.18 -63.48
C ALA B 58 41.92 -35.91 -64.76
N LEU B 59 40.61 -35.62 -64.63
CA LEU B 59 39.78 -35.32 -65.79
C LEU B 59 40.21 -34.03 -66.47
N PHE B 60 40.50 -32.99 -65.69
CA PHE B 60 40.98 -31.75 -66.28
C PHE B 60 42.45 -31.82 -66.68
N ALA B 61 43.19 -32.83 -66.20
CA ALA B 61 44.50 -33.10 -66.75
C ALA B 61 44.39 -33.70 -68.15
N GLU B 62 43.49 -34.67 -68.35
CA GLU B 62 43.40 -35.27 -69.68
C GLU B 62 42.57 -34.44 -70.65
N GLN B 63 41.68 -33.59 -70.13
CA GLN B 63 40.81 -32.76 -70.96
C GLN B 63 41.03 -31.30 -70.57
N PRO B 64 42.08 -30.66 -71.08
CA PRO B 64 42.41 -29.30 -70.65
C PRO B 64 41.51 -28.21 -71.20
N GLN B 65 40.64 -28.52 -72.18
CA GLN B 65 39.76 -27.50 -72.74
C GLN B 65 38.63 -27.13 -71.79
N LEU B 66 38.38 -27.94 -70.75
CA LEU B 66 37.40 -27.59 -69.74
C LEU B 66 37.93 -26.50 -68.82
N ILE B 67 39.21 -26.57 -68.47
CA ILE B 67 39.83 -25.55 -67.62
C ILE B 67 40.48 -24.44 -68.42
N GLN B 68 40.59 -24.58 -69.75
CA GLN B 68 41.05 -23.49 -70.59
C GLN B 68 40.01 -22.35 -70.57
N PRO B 69 40.40 -21.05 -70.71
CA PRO B 69 39.41 -19.99 -70.77
C PRO B 69 38.34 -20.25 -71.82
N GLY B 70 37.06 -20.12 -71.43
CA GLY B 70 35.95 -20.39 -72.35
C GLY B 70 35.31 -21.73 -72.06
N GLY B 71 36.02 -22.61 -71.32
CA GLY B 71 35.52 -23.98 -71.05
C GLY B 71 34.24 -24.01 -70.25
N ASN B 72 33.55 -25.16 -70.26
CA ASN B 72 32.28 -25.30 -69.50
C ASN B 72 32.59 -25.24 -68.00
N ALA B 73 33.79 -25.64 -67.59
CA ALA B 73 34.17 -25.52 -66.16
C ALA B 73 35.10 -24.32 -66.02
N TYR B 74 34.90 -23.28 -66.84
CA TYR B 74 35.87 -22.15 -66.81
C TYR B 74 35.38 -20.97 -65.99
N THR B 75 35.37 -21.06 -64.66
CA THR B 75 35.20 -19.94 -63.72
C THR B 75 35.38 -20.59 -62.36
N SER B 76 35.37 -19.78 -61.32
CA SER B 76 35.26 -20.37 -59.99
C SER B 76 33.86 -20.92 -59.76
N ARG B 77 32.85 -20.25 -60.30
CA ARG B 77 31.47 -20.68 -60.12
C ARG B 77 31.16 -21.95 -60.90
N ARG B 78 31.62 -22.03 -62.16
CA ARG B 78 31.35 -23.21 -62.95
C ARG B 78 32.17 -24.40 -62.47
N MET B 79 33.40 -24.16 -61.98
CA MET B 79 34.16 -25.25 -61.37
C MET B 79 33.50 -25.73 -60.07
N ALA B 80 32.95 -24.79 -59.27
CA ALA B 80 32.22 -25.18 -58.08
C ALA B 80 30.98 -25.99 -58.42
N ALA B 81 30.28 -25.61 -59.50
CA ALA B 81 29.13 -26.38 -59.96
C ALA B 81 29.53 -27.75 -60.49
N CYS B 82 30.68 -27.85 -61.16
CA CYS B 82 31.14 -29.15 -61.67
C CYS B 82 31.56 -30.07 -60.53
N LEU B 83 32.25 -29.53 -59.52
CA LEU B 83 32.59 -30.32 -58.35
C LEU B 83 31.35 -30.71 -57.55
N ARG B 84 30.34 -29.84 -57.53
CA ARG B 84 29.07 -30.17 -56.91
C ARG B 84 28.35 -31.27 -57.69
N ASP B 85 28.49 -31.27 -59.02
CA ASP B 85 27.93 -32.35 -59.85
C ASP B 85 28.61 -33.67 -59.55
N MET B 86 29.93 -33.67 -59.41
CA MET B 86 30.67 -34.86 -58.97
C MET B 86 30.21 -35.34 -57.61
N GLU B 87 30.07 -34.42 -56.67
CA GLU B 87 29.62 -34.78 -55.34
C GLU B 87 28.22 -35.35 -55.40
N ILE B 88 27.35 -34.74 -56.19
CA ILE B 88 25.99 -35.25 -56.31
C ILE B 88 25.92 -36.63 -56.94
N ILE B 89 26.68 -36.86 -58.01
CA ILE B 89 26.68 -38.16 -58.65
C ILE B 89 27.24 -39.25 -57.73
N LEU B 90 28.31 -38.91 -57.02
CA LEU B 90 28.88 -39.82 -56.02
C LEU B 90 27.91 -40.10 -54.89
N ARG B 91 27.17 -39.07 -54.46
CA ARG B 91 26.17 -39.20 -53.41
C ARG B 91 25.05 -40.15 -53.82
N TYR B 92 24.61 -40.07 -55.08
CA TYR B 92 23.55 -40.94 -55.55
C TYR B 92 24.03 -42.36 -55.82
N VAL B 93 25.30 -42.52 -56.22
CA VAL B 93 25.87 -43.87 -56.31
C VAL B 93 25.96 -44.51 -54.93
N THR B 94 26.31 -43.73 -53.90
CA THR B 94 26.28 -44.27 -52.54
C THR B 94 24.86 -44.57 -52.06
N TYR B 95 23.87 -43.77 -52.50
CA TYR B 95 22.48 -44.06 -52.17
C TYR B 95 22.02 -45.38 -52.80
N ALA B 96 22.41 -45.61 -54.05
CA ALA B 96 22.07 -46.86 -54.73
C ALA B 96 22.80 -48.04 -54.09
N THR B 97 24.04 -47.84 -53.65
CA THR B 97 24.79 -48.87 -52.95
C THR B 97 24.15 -49.20 -51.60
N PHE B 98 23.68 -48.16 -50.90
CA PHE B 98 23.00 -48.33 -49.61
C PHE B 98 21.71 -49.12 -49.77
N THR B 99 20.91 -48.76 -50.77
CA THR B 99 19.65 -49.47 -50.97
C THR B 99 19.87 -50.86 -51.55
N GLY B 100 20.88 -51.03 -52.40
CA GLY B 100 20.96 -52.24 -53.18
C GLY B 100 20.10 -52.22 -54.41
N ASP B 101 19.60 -51.05 -54.79
CA ASP B 101 18.80 -50.87 -55.98
C ASP B 101 19.05 -49.46 -56.49
N ALA B 102 19.14 -49.33 -57.81
CA ALA B 102 19.41 -48.04 -58.44
C ALA B 102 18.15 -47.27 -58.77
N SER B 103 17.04 -47.56 -58.09
CA SER B 103 15.80 -46.84 -58.33
C SER B 103 15.92 -45.38 -57.88
N VAL B 104 16.59 -45.14 -56.76
CA VAL B 104 16.85 -43.76 -56.34
C VAL B 104 17.85 -43.09 -57.27
N LEU B 105 18.82 -43.84 -57.81
CA LEU B 105 19.79 -43.28 -58.73
C LEU B 105 19.16 -42.95 -60.08
N GLU B 106 18.34 -43.86 -60.61
CA GLU B 106 17.65 -43.58 -61.86
C GLU B 106 16.56 -42.53 -61.69
N ASP B 107 15.98 -42.43 -60.50
CA ASP B 107 14.84 -41.53 -60.30
C ASP B 107 15.30 -40.11 -60.03
N ARG B 108 16.12 -39.91 -59.00
CA ARG B 108 16.45 -38.56 -58.54
C ARG B 108 17.77 -38.03 -59.09
N CYS B 109 18.53 -38.83 -59.84
CA CYS B 109 19.79 -38.36 -60.40
C CYS B 109 19.86 -38.45 -61.92
N LEU B 110 19.50 -39.59 -62.50
CA LEU B 110 19.88 -39.88 -63.88
C LEU B 110 18.83 -39.52 -64.92
N ASN B 111 17.54 -39.67 -64.61
CA ASN B 111 16.49 -39.43 -65.60
C ASN B 111 16.36 -37.93 -65.83
N GLY B 112 16.64 -37.50 -67.06
CA GLY B 112 16.59 -36.10 -67.42
C GLY B 112 17.89 -35.34 -67.25
N LEU B 113 18.94 -35.99 -66.75
CA LEU B 113 20.23 -35.33 -66.60
C LEU B 113 20.91 -35.11 -67.94
N ARG B 114 20.67 -36.01 -68.91
CA ARG B 114 21.25 -35.84 -70.24
C ARG B 114 20.70 -34.59 -70.93
N GLU B 115 19.39 -34.38 -70.85
CA GLU B 115 18.79 -33.18 -71.43
C GLU B 115 19.20 -31.92 -70.67
N THR B 116 19.42 -32.03 -69.36
CA THR B 116 19.92 -30.90 -68.59
C THR B 116 21.32 -30.50 -69.03
N TYR B 117 22.20 -31.49 -69.24
CA TYR B 117 23.56 -31.19 -69.68
C TYR B 117 23.61 -30.75 -71.14
N VAL B 118 22.64 -31.19 -71.95
CA VAL B 118 22.55 -30.69 -73.31
C VAL B 118 22.08 -29.23 -73.32
N ALA B 119 21.06 -28.91 -72.51
CA ALA B 119 20.53 -27.54 -72.46
C ALA B 119 21.53 -26.57 -71.84
N LEU B 120 22.37 -27.03 -70.92
CA LEU B 120 23.41 -26.18 -70.37
C LEU B 120 24.57 -25.98 -71.33
N GLY B 121 24.80 -26.93 -72.22
CA GLY B 121 26.06 -27.00 -72.93
C GLY B 121 27.15 -27.73 -72.18
N VAL B 122 26.80 -28.42 -71.11
CA VAL B 122 27.77 -29.27 -70.40
C VAL B 122 28.15 -30.44 -71.30
N PRO B 123 29.43 -30.69 -71.54
CA PRO B 123 29.82 -31.89 -72.29
C PRO B 123 29.57 -33.16 -71.48
N GLY B 124 28.58 -33.94 -71.90
CA GLY B 124 28.23 -35.16 -71.18
C GLY B 124 29.27 -36.25 -71.29
N ALA B 125 30.08 -36.24 -72.35
CA ALA B 125 31.18 -37.18 -72.45
C ALA B 125 32.26 -36.91 -71.39
N SER B 126 32.50 -35.63 -71.11
CA SER B 126 33.46 -35.28 -70.07
C SER B 126 32.94 -35.62 -68.67
N VAL B 127 31.63 -35.46 -68.46
CA VAL B 127 31.03 -35.88 -67.19
C VAL B 127 31.08 -37.39 -67.05
N ALA B 128 30.86 -38.12 -68.15
CA ALA B 128 30.98 -39.57 -68.13
C ALA B 128 32.42 -40.01 -67.84
N ALA B 129 33.40 -39.30 -68.40
CA ALA B 129 34.80 -39.59 -68.12
C ALA B 129 35.15 -39.32 -66.65
N GLY B 130 34.62 -38.22 -66.10
CA GLY B 130 34.84 -37.93 -64.69
C GLY B 130 34.17 -38.94 -63.77
N VAL B 131 32.96 -39.39 -64.14
CA VAL B 131 32.26 -40.42 -63.38
C VAL B 131 33.01 -41.74 -63.45
N GLN B 132 33.61 -42.05 -64.61
CA GLN B 132 34.45 -43.23 -64.71
C GLN B 132 35.69 -43.13 -63.84
N LYS B 133 36.32 -41.95 -63.79
CA LYS B 133 37.48 -41.77 -62.90
C LYS B 133 37.10 -41.91 -61.44
N MET B 134 35.91 -41.39 -61.08
CA MET B 134 35.34 -41.69 -59.76
C MET B 134 35.09 -43.19 -59.58
N LYS B 135 34.78 -43.93 -60.65
CA LYS B 135 34.61 -45.38 -60.52
C LYS B 135 35.92 -46.08 -60.16
N GLU B 136 37.02 -45.78 -60.86
CA GLU B 136 38.27 -46.45 -60.43
C GLU B 136 38.75 -45.97 -59.06
N ALA B 137 38.54 -44.68 -58.74
CA ALA B 137 38.94 -44.19 -57.41
C ALA B 137 38.13 -44.86 -56.30
N ALA B 138 36.81 -44.94 -56.46
CA ALA B 138 35.96 -45.54 -55.45
C ALA B 138 36.16 -47.05 -55.36
N LEU B 139 36.43 -47.71 -56.49
CA LEU B 139 36.64 -49.15 -56.43
C LEU B 139 38.00 -49.52 -55.86
N ASP B 140 39.02 -48.68 -56.08
CA ASP B 140 40.30 -48.90 -55.39
C ASP B 140 40.18 -48.63 -53.90
N ILE B 141 39.35 -47.65 -53.52
CA ILE B 141 39.18 -47.34 -52.10
C ILE B 141 38.38 -48.42 -51.39
N VAL B 142 37.33 -48.94 -52.05
CA VAL B 142 36.50 -49.99 -51.45
C VAL B 142 37.29 -51.28 -51.28
N ASN B 143 38.08 -51.67 -52.28
CA ASN B 143 38.84 -52.92 -52.26
C ASN B 143 40.14 -52.82 -51.45
N ASP B 144 40.30 -51.83 -50.58
CA ASP B 144 41.50 -51.69 -49.77
C ASP B 144 41.48 -52.76 -48.69
N PRO B 145 42.46 -53.66 -48.63
CA PRO B 145 42.44 -54.70 -47.60
C PRO B 145 42.81 -54.22 -46.20
N ASN B 146 43.41 -53.04 -46.08
CA ASN B 146 43.91 -52.57 -44.80
C ASN B 146 42.78 -52.01 -43.94
N GLY B 147 42.87 -52.27 -42.63
CA GLY B 147 41.94 -51.72 -41.67
C GLY B 147 40.52 -52.21 -41.78
N ILE B 148 40.32 -53.46 -42.18
CA ILE B 148 38.99 -54.03 -42.34
C ILE B 148 39.11 -55.54 -42.22
N THR B 149 37.99 -56.20 -41.90
CA THR B 149 37.98 -57.65 -41.81
C THR B 149 37.97 -58.25 -43.21
N ARG B 150 38.87 -59.19 -43.45
CA ARG B 150 39.09 -59.71 -44.80
C ARG B 150 37.97 -60.65 -45.22
N GLY B 151 37.61 -60.59 -46.49
CA GLY B 151 36.59 -61.48 -47.02
C GLY B 151 36.30 -61.13 -48.47
N ASP B 152 35.52 -62.01 -49.09
CA ASP B 152 35.14 -61.82 -50.49
C ASP B 152 34.12 -60.71 -50.60
N CYS B 153 34.39 -59.74 -51.47
CA CYS B 153 33.50 -58.59 -51.64
C CYS B 153 33.32 -58.23 -53.10
N SER B 154 33.45 -59.20 -54.00
CA SER B 154 33.38 -58.92 -55.43
C SER B 154 31.97 -58.55 -55.88
N ALA B 155 30.95 -59.02 -55.16
CA ALA B 155 29.57 -58.75 -55.53
C ALA B 155 29.21 -57.27 -55.32
N ILE B 156 29.58 -56.72 -54.16
CA ILE B 156 29.26 -55.32 -53.88
C ILE B 156 30.11 -54.39 -54.73
N VAL B 157 31.37 -54.78 -55.03
CA VAL B 157 32.22 -54.02 -55.94
C VAL B 157 31.64 -54.01 -57.35
N ALA B 158 31.15 -55.17 -57.82
CA ALA B 158 30.52 -55.22 -59.13
C ALA B 158 29.21 -54.43 -59.16
N GLU B 159 28.48 -54.39 -58.04
CA GLU B 159 27.27 -53.59 -57.96
C GLU B 159 27.57 -52.10 -58.02
N ILE B 160 28.62 -51.66 -57.32
CA ILE B 160 29.05 -50.26 -57.37
C ILE B 160 29.54 -49.90 -58.77
N ALA B 161 30.27 -50.83 -59.42
CA ALA B 161 30.73 -50.62 -60.79
C ALA B 161 29.55 -50.51 -61.75
N GLY B 162 28.51 -51.32 -61.54
CA GLY B 162 27.31 -51.22 -62.37
C GLY B 162 26.57 -49.91 -62.16
N TYR B 163 26.50 -49.42 -60.90
CA TYR B 163 25.89 -48.13 -60.64
C TYR B 163 26.67 -46.99 -61.28
N PHE B 164 28.00 -47.05 -61.22
CA PHE B 164 28.84 -46.03 -61.82
C PHE B 164 28.74 -46.04 -63.35
N ASP B 165 28.68 -47.23 -63.94
CA ASP B 165 28.53 -47.34 -65.39
C ASP B 165 27.16 -46.87 -65.84
N ARG B 166 26.13 -47.10 -65.02
CA ARG B 166 24.80 -46.62 -65.35
C ARG B 166 24.73 -45.10 -65.19
N ALA B 167 25.47 -44.53 -64.23
CA ALA B 167 25.54 -43.09 -64.09
C ALA B 167 26.30 -42.46 -65.25
N ALA B 168 27.37 -43.11 -65.72
CA ALA B 168 28.13 -42.58 -66.85
C ALA B 168 27.35 -42.71 -68.15
N ALA B 169 26.59 -43.79 -68.32
CA ALA B 169 25.81 -43.97 -69.53
C ALA B 169 24.61 -43.05 -69.60
N ALA B 170 24.16 -42.52 -68.46
CA ALA B 170 23.02 -41.61 -68.46
C ALA B 170 23.37 -40.21 -68.95
N VAL B 171 24.65 -39.85 -68.94
CA VAL B 171 25.07 -38.53 -69.36
C VAL B 171 25.86 -38.54 -70.67
N ALA B 172 26.39 -39.69 -71.08
CA ALA B 172 27.24 -39.76 -72.27
C ALA B 172 26.44 -39.61 -73.56
N MET C 1 25.70 -9.39 -64.10
CA MET C 1 27.12 -9.09 -63.98
C MET C 1 27.24 -7.57 -63.93
N LYS C 2 27.48 -7.05 -62.72
CA LYS C 2 27.09 -5.69 -62.38
C LYS C 2 28.11 -4.66 -62.82
N THR C 3 27.61 -3.61 -63.46
CA THR C 3 28.29 -2.35 -63.75
C THR C 3 27.36 -1.26 -63.22
N PRO C 4 27.72 0.03 -63.27
CA PRO C 4 26.69 1.05 -63.06
C PRO C 4 25.52 0.99 -64.03
N LEU C 5 25.79 0.74 -65.31
CA LEU C 5 24.74 0.76 -66.32
C LEU C 5 23.81 -0.45 -66.17
N THR C 6 24.39 -1.64 -65.97
CA THR C 6 23.57 -2.84 -65.80
C THR C 6 22.79 -2.82 -64.50
N GLU C 7 23.38 -2.29 -63.43
CA GLU C 7 22.64 -2.17 -62.16
C GLU C 7 21.51 -1.15 -62.28
N ALA C 8 21.75 -0.05 -62.98
CA ALA C 8 20.73 0.95 -63.20
C ALA C 8 19.56 0.40 -64.01
N VAL C 9 19.87 -0.35 -65.07
CA VAL C 9 18.83 -0.94 -65.91
C VAL C 9 18.08 -2.03 -65.16
N SER C 10 18.79 -2.87 -64.39
CA SER C 10 18.13 -3.94 -63.65
C SER C 10 17.28 -3.39 -62.52
N THR C 11 17.70 -2.28 -61.90
CA THR C 11 16.87 -1.64 -60.89
C THR C 11 15.59 -1.07 -61.49
N ALA C 12 15.72 -0.30 -62.58
CA ALA C 12 14.54 0.28 -63.23
C ALA C 12 13.64 -0.79 -63.84
N ASP C 13 14.21 -1.93 -64.20
CA ASP C 13 13.43 -3.08 -64.65
C ASP C 13 12.71 -3.73 -63.46
N SER C 14 13.36 -3.73 -62.29
CA SER C 14 12.76 -4.31 -61.09
C SER C 14 11.56 -3.50 -60.62
N GLN C 15 11.62 -2.16 -60.74
CA GLN C 15 10.34 -1.46 -60.56
C GLN C 15 9.49 -1.41 -61.83
N GLY C 16 10.02 -1.89 -62.95
CA GLY C 16 9.27 -1.89 -64.20
C GLY C 16 8.99 -0.50 -64.75
N ARG C 17 9.96 0.40 -64.65
CA ARG C 17 9.77 1.80 -64.97
C ARG C 17 10.84 2.26 -65.96
N PHE C 18 10.63 3.44 -66.51
CA PHE C 18 11.62 4.04 -67.38
C PHE C 18 12.80 4.58 -66.57
N LEU C 19 13.81 5.06 -67.29
CA LEU C 19 15.07 5.51 -66.71
C LEU C 19 14.92 6.96 -66.26
N SER C 20 14.87 7.19 -64.96
CA SER C 20 14.71 8.53 -64.43
C SER C 20 16.06 9.25 -64.42
N SER C 21 16.10 10.42 -63.78
CA SER C 21 17.35 11.19 -63.70
C SER C 21 18.39 10.53 -62.80
N THR C 22 17.94 9.68 -61.87
CA THR C 22 18.86 8.92 -61.02
C THR C 22 19.75 8.02 -61.86
N GLU C 23 19.15 7.30 -62.82
CA GLU C 23 19.89 6.40 -63.69
C GLU C 23 20.83 7.17 -64.60
N LEU C 24 20.41 8.36 -65.04
CA LEU C 24 21.27 9.20 -65.86
C LEU C 24 22.46 9.72 -65.06
N GLN C 25 22.26 10.02 -63.77
CA GLN C 25 23.39 10.38 -62.91
C GLN C 25 24.33 9.20 -62.67
N ILE C 26 23.77 7.99 -62.59
CA ILE C 26 24.59 6.78 -62.49
C ILE C 26 25.48 6.64 -63.72
N ALA C 27 24.90 6.87 -64.90
CA ALA C 27 25.69 6.82 -66.13
C ALA C 27 26.69 7.96 -66.22
N PHE C 28 26.36 9.13 -65.63
CA PHE C 28 27.31 10.24 -65.57
C PHE C 28 28.55 9.88 -64.76
N GLY C 29 28.34 9.26 -63.59
CA GLY C 29 29.47 8.82 -62.80
C GLY C 29 30.25 7.71 -63.47
N ARG C 30 29.56 6.83 -64.19
CA ARG C 30 30.23 5.80 -64.99
C ARG C 30 31.10 6.43 -66.07
N LEU C 31 30.62 7.49 -66.73
CA LEU C 31 31.40 8.17 -67.75
C LEU C 31 32.60 8.89 -67.15
N ARG C 32 32.43 9.52 -65.99
CA ARG C 32 33.54 10.28 -65.42
C ARG C 32 34.59 9.35 -64.82
N GLN C 33 34.22 8.10 -64.52
CA GLN C 33 35.20 7.17 -63.97
C GLN C 33 35.82 6.30 -65.06
N ALA C 34 35.13 6.17 -66.20
CA ALA C 34 35.44 5.14 -67.18
C ALA C 34 36.75 5.40 -67.92
N ASN C 35 37.10 6.66 -68.16
CA ASN C 35 38.35 6.97 -68.85
C ASN C 35 39.56 6.57 -68.00
N ALA C 36 39.51 6.89 -66.70
CA ALA C 36 40.57 6.45 -65.79
C ALA C 36 40.59 4.93 -65.63
N GLY C 37 39.41 4.30 -65.64
CA GLY C 37 39.36 2.85 -65.58
C GLY C 37 39.98 2.18 -66.81
N LEU C 38 39.70 2.71 -68.00
CA LEU C 38 40.29 2.18 -69.21
C LEU C 38 41.79 2.45 -69.29
N GLN C 39 42.24 3.61 -68.80
CA GLN C 39 43.67 3.89 -68.75
C GLN C 39 44.40 2.95 -67.79
N ALA C 40 43.79 2.69 -66.62
CA ALA C 40 44.36 1.73 -65.68
C ALA C 40 44.39 0.33 -66.25
N ALA C 41 43.33 -0.07 -66.96
CA ALA C 41 43.29 -1.38 -67.59
C ALA C 41 44.34 -1.50 -68.70
N LYS C 42 44.57 -0.43 -69.45
CA LYS C 42 45.61 -0.44 -70.48
C LYS C 42 47.00 -0.54 -69.86
N ALA C 43 47.25 0.20 -68.78
CA ALA C 43 48.56 0.14 -68.12
C ALA C 43 48.82 -1.23 -67.50
N LEU C 44 47.79 -1.82 -66.88
CA LEU C 44 47.95 -3.18 -66.36
C LEU C 44 48.08 -4.20 -67.48
N THR C 45 47.46 -3.95 -68.64
CA THR C 45 47.64 -4.82 -69.80
C THR C 45 49.09 -4.78 -70.30
N ASP C 46 49.69 -3.59 -70.29
CA ASP C 46 51.11 -3.50 -70.68
C ASP C 46 52.02 -4.14 -69.64
N ASN C 47 51.72 -3.98 -68.35
CA ASN C 47 52.61 -4.48 -67.30
C ASN C 47 52.18 -5.85 -66.77
N ALA C 48 51.28 -6.54 -67.46
CA ALA C 48 50.69 -7.77 -66.97
C ALA C 48 51.70 -8.89 -66.78
N GLN C 49 52.63 -9.07 -67.74
CA GLN C 49 53.56 -10.19 -67.68
C GLN C 49 54.53 -10.03 -66.51
N SER C 50 55.10 -8.84 -66.36
CA SER C 50 56.00 -8.57 -65.25
C SER C 50 55.26 -8.56 -63.92
N LEU C 51 54.00 -8.13 -63.91
CA LEU C 51 53.23 -8.11 -62.68
C LEU C 51 52.89 -9.53 -62.20
N VAL C 52 52.51 -10.42 -63.13
CA VAL C 52 52.23 -11.80 -62.77
C VAL C 52 53.51 -12.52 -62.34
N ASN C 53 54.64 -12.28 -63.03
CA ASN C 53 55.89 -12.92 -62.65
C ASN C 53 56.37 -12.44 -61.28
N GLY C 54 56.32 -11.12 -61.03
CA GLY C 54 56.70 -10.60 -59.74
C GLY C 54 55.76 -11.00 -58.62
N ALA C 55 54.46 -11.10 -58.90
CA ALA C 55 53.50 -11.54 -57.90
C ALA C 55 53.72 -12.99 -57.54
N ALA C 56 54.00 -13.85 -58.53
CA ALA C 56 54.30 -15.25 -58.26
C ALA C 56 55.59 -15.37 -57.45
N GLN C 57 56.61 -14.58 -57.78
CA GLN C 57 57.86 -14.61 -57.03
C GLN C 57 57.67 -14.11 -55.61
N ALA C 58 56.82 -13.10 -55.40
CA ALA C 58 56.54 -12.62 -54.05
C ALA C 58 55.76 -13.65 -53.25
N VAL C 59 54.87 -14.40 -53.90
CA VAL C 59 54.14 -15.47 -53.23
C VAL C 59 55.09 -16.59 -52.81
N TYR C 60 56.02 -16.97 -53.69
CA TYR C 60 56.99 -18.01 -53.32
C TYR C 60 57.99 -17.50 -52.29
N ASN C 61 58.24 -16.19 -52.25
CA ASN C 61 59.13 -15.64 -51.24
C ASN C 61 58.47 -15.61 -49.87
N LYS C 62 57.20 -15.22 -49.80
CA LYS C 62 56.51 -15.21 -48.51
C LYS C 62 56.13 -16.62 -48.08
N PHE C 63 55.81 -17.49 -49.03
CA PHE C 63 55.41 -18.88 -48.76
C PHE C 63 56.38 -19.80 -49.47
N PRO C 64 57.54 -20.09 -48.87
CA PRO C 64 58.51 -20.98 -49.53
C PRO C 64 58.10 -22.44 -49.53
N TYR C 65 57.21 -22.84 -48.63
CA TYR C 65 56.77 -24.23 -48.54
C TYR C 65 56.00 -24.68 -49.78
N THR C 66 55.45 -23.74 -50.55
CA THR C 66 54.83 -24.08 -51.82
C THR C 66 55.85 -24.57 -52.84
N THR C 67 57.10 -24.11 -52.73
CA THR C 67 58.15 -24.51 -53.65
C THR C 67 59.08 -25.57 -53.08
N GLN C 68 58.82 -26.06 -51.87
CA GLN C 68 59.71 -27.00 -51.22
C GLN C 68 59.13 -28.40 -51.13
N THR C 69 57.95 -28.54 -50.56
CA THR C 69 57.38 -29.87 -50.34
C THR C 69 56.56 -30.33 -51.54
N GLN C 70 56.41 -31.64 -51.63
CA GLN C 70 55.61 -32.24 -52.70
C GLN C 70 54.13 -32.05 -52.42
N GLY C 71 53.33 -32.22 -53.45
CA GLY C 71 51.89 -32.08 -53.35
C GLY C 71 51.32 -31.59 -54.66
N ASN C 72 50.05 -31.94 -54.89
CA ASN C 72 49.38 -31.49 -56.11
C ASN C 72 49.08 -29.99 -56.04
N ASN C 73 48.72 -29.49 -54.85
CA ASN C 73 48.34 -28.10 -54.69
C ASN C 73 49.52 -27.16 -54.58
N PHE C 74 50.75 -27.67 -54.54
CA PHE C 74 51.92 -26.85 -54.36
C PHE C 74 52.66 -26.65 -55.69
N ALA C 75 53.53 -25.65 -55.69
CA ALA C 75 54.29 -25.25 -56.89
C ALA C 75 55.73 -25.73 -56.84
N ALA C 76 55.96 -26.95 -56.32
CA ALA C 76 57.32 -27.48 -56.26
C ALA C 76 57.86 -27.84 -57.63
N ASP C 77 57.01 -28.33 -58.53
CA ASP C 77 57.41 -28.68 -59.87
C ASP C 77 57.03 -27.56 -60.84
N GLN C 78 57.26 -27.80 -62.13
CA GLN C 78 56.91 -26.79 -63.13
C GLN C 78 55.42 -26.71 -63.35
N ARG C 79 54.70 -27.83 -63.18
CA ARG C 79 53.25 -27.83 -63.34
C ARG C 79 52.56 -26.96 -62.30
N GLY C 80 53.01 -27.03 -61.04
CA GLY C 80 52.43 -26.18 -60.01
C GLY C 80 52.75 -24.71 -60.21
N LYS C 81 53.96 -24.41 -60.69
CA LYS C 81 54.32 -23.02 -60.96
C LYS C 81 53.54 -22.46 -62.14
N ASP C 82 53.30 -23.28 -63.17
CA ASP C 82 52.47 -22.86 -64.29
C ASP C 82 51.02 -22.65 -63.87
N LYS C 83 50.50 -23.51 -62.99
CA LYS C 83 49.16 -23.32 -62.46
C LYS C 83 49.06 -22.05 -61.63
N CYS C 84 50.10 -21.74 -60.84
CA CYS C 84 50.09 -20.54 -60.01
C CYS C 84 50.18 -19.27 -60.86
N ALA C 85 51.03 -19.28 -61.89
CA ALA C 85 51.13 -18.15 -62.79
C ALA C 85 49.84 -17.96 -63.58
N ARG C 86 49.19 -19.07 -63.96
CA ARG C 86 47.89 -19.00 -64.62
C ARG C 86 46.83 -18.42 -63.70
N ASP C 87 46.87 -18.80 -62.41
CA ASP C 87 45.91 -18.27 -61.43
C ASP C 87 46.08 -16.78 -61.23
N ILE C 88 47.34 -16.33 -61.06
CA ILE C 88 47.60 -14.90 -60.87
C ILE C 88 47.29 -14.11 -62.13
N GLY C 89 47.53 -14.70 -63.31
CA GLY C 89 47.11 -14.07 -64.55
C GLY C 89 45.60 -13.96 -64.67
N TYR C 90 44.87 -14.97 -64.17
CA TYR C 90 43.41 -14.90 -64.12
C TYR C 90 42.95 -13.76 -63.21
N TYR C 91 43.58 -13.63 -62.04
CA TYR C 91 43.25 -12.56 -61.10
C TYR C 91 43.50 -11.19 -61.71
N LEU C 92 44.66 -11.01 -62.36
CA LEU C 92 45.00 -9.72 -62.96
C LEU C 92 44.11 -9.40 -64.16
N ARG C 93 43.79 -10.43 -64.96
CA ARG C 93 42.93 -10.22 -66.12
C ARG C 93 41.51 -9.85 -65.72
N ILE C 94 40.98 -10.48 -64.67
CA ILE C 94 39.65 -10.13 -64.22
C ILE C 94 39.65 -8.79 -63.48
N VAL C 95 40.77 -8.39 -62.88
CA VAL C 95 40.89 -7.03 -62.34
C VAL C 95 40.86 -5.99 -63.46
N THR C 96 41.55 -6.27 -64.57
CA THR C 96 41.44 -5.38 -65.74
C THR C 96 40.04 -5.39 -66.33
N TYR C 97 39.35 -6.53 -66.28
CA TYR C 97 37.97 -6.60 -66.72
C TYR C 97 37.06 -5.74 -65.84
N CYS C 98 37.32 -5.73 -64.53
CA CYS C 98 36.59 -4.87 -63.61
C CYS C 98 36.89 -3.40 -63.88
N LEU C 99 38.13 -3.09 -64.25
CA LEU C 99 38.49 -1.72 -64.59
C LEU C 99 37.81 -1.26 -65.87
N VAL C 100 37.70 -2.15 -66.86
CA VAL C 100 37.01 -1.81 -68.10
C VAL C 100 35.52 -1.66 -67.86
N ALA C 101 34.93 -2.62 -67.14
CA ALA C 101 33.48 -2.63 -66.94
C ALA C 101 33.04 -1.56 -65.96
N GLY C 102 33.89 -1.18 -65.01
CA GLY C 102 33.51 -0.17 -64.05
C GLY C 102 32.83 -0.68 -62.80
N GLY C 103 32.95 -1.97 -62.51
CA GLY C 103 32.38 -2.51 -61.29
C GLY C 103 33.01 -3.84 -60.97
N THR C 104 32.66 -4.37 -59.81
CA THR C 104 33.17 -5.67 -59.35
C THR C 104 32.46 -6.86 -59.99
N GLY C 105 31.59 -6.61 -60.96
CA GLY C 105 30.85 -7.63 -61.66
C GLY C 105 31.65 -8.73 -62.36
N PRO C 106 32.71 -8.37 -63.11
CA PRO C 106 33.61 -9.41 -63.62
C PRO C 106 34.25 -10.25 -62.54
N LEU C 107 34.63 -9.66 -61.40
CA LEU C 107 35.12 -10.46 -60.28
C LEU C 107 34.01 -11.31 -59.69
N ASP C 108 32.81 -10.74 -59.55
CA ASP C 108 31.71 -11.44 -58.89
C ASP C 108 31.11 -12.54 -59.74
N GLU C 109 31.33 -12.54 -61.05
CA GLU C 109 30.80 -13.58 -61.91
C GLU C 109 31.89 -14.45 -62.52
N TYR C 110 33.16 -14.08 -62.38
CA TYR C 110 34.26 -14.78 -62.98
C TYR C 110 35.18 -15.44 -61.96
N LEU C 111 35.40 -14.79 -60.82
CA LEU C 111 36.39 -15.31 -59.88
C LEU C 111 35.88 -15.41 -58.44
N ILE C 112 35.12 -14.44 -57.96
CA ILE C 112 34.77 -14.42 -56.54
C ILE C 112 33.72 -15.47 -56.21
N ALA C 113 32.76 -15.68 -57.10
CA ALA C 113 31.67 -16.62 -56.87
C ALA C 113 32.20 -18.05 -56.87
N GLY C 114 32.15 -18.70 -55.71
CA GLY C 114 32.60 -20.07 -55.59
C GLY C 114 34.06 -20.26 -55.29
N ILE C 115 34.82 -19.18 -55.05
CA ILE C 115 36.26 -19.29 -54.82
C ILE C 115 36.59 -19.99 -53.51
N ASP C 116 35.65 -20.02 -52.56
CA ASP C 116 35.88 -20.72 -51.30
C ASP C 116 35.94 -22.23 -51.51
N GLU C 117 35.07 -22.77 -52.36
CA GLU C 117 35.17 -24.19 -52.72
C GLU C 117 36.32 -24.48 -53.67
N ILE C 118 36.78 -23.48 -54.42
CA ILE C 118 38.02 -23.63 -55.18
C ILE C 118 39.19 -23.84 -54.23
N ASN C 119 39.30 -22.99 -53.22
CA ASN C 119 40.38 -23.05 -52.26
C ASN C 119 40.25 -24.22 -51.30
N ARG C 120 39.04 -24.71 -51.07
CA ARG C 120 38.80 -25.79 -50.13
C ARG C 120 38.90 -27.18 -50.77
N THR C 121 38.38 -27.32 -52.00
CA THR C 121 38.44 -28.62 -52.67
C THR C 121 39.85 -28.97 -53.09
N PHE C 122 40.55 -28.04 -53.71
CA PHE C 122 41.89 -28.30 -54.26
C PHE C 122 43.00 -27.91 -53.30
N ASP C 123 42.65 -27.59 -52.04
CA ASP C 123 43.59 -27.34 -50.93
C ASP C 123 44.53 -26.18 -51.27
N LEU C 124 43.96 -25.10 -51.77
CA LEU C 124 44.70 -23.89 -52.09
C LEU C 124 44.50 -22.87 -50.98
N SER C 125 45.58 -22.27 -50.54
CA SER C 125 45.45 -21.25 -49.51
C SER C 125 45.04 -19.93 -50.13
N PRO C 126 43.99 -19.27 -49.61
CA PRO C 126 43.65 -17.93 -50.11
C PRO C 126 44.71 -16.88 -49.80
N SER C 127 45.58 -17.12 -48.81
CA SER C 127 46.62 -16.17 -48.46
C SER C 127 47.67 -16.02 -49.56
N TRP C 128 47.86 -17.06 -50.38
CA TRP C 128 48.72 -16.95 -51.55
C TRP C 128 48.20 -15.91 -52.52
N TYR C 129 46.92 -15.98 -52.85
CA TYR C 129 46.32 -15.01 -53.75
C TYR C 129 46.21 -13.64 -53.10
N VAL C 130 46.07 -13.60 -51.77
CA VAL C 130 46.12 -12.33 -51.04
C VAL C 130 47.48 -11.67 -51.21
N GLU C 131 48.56 -12.45 -51.08
CA GLU C 131 49.91 -11.90 -51.24
C GLU C 131 50.16 -11.47 -52.69
N ALA C 132 49.63 -12.22 -53.65
CA ALA C 132 49.78 -11.87 -55.07
C ALA C 132 49.07 -10.56 -55.38
N LEU C 133 47.83 -10.39 -54.89
CA LEU C 133 47.11 -9.15 -55.12
C LEU C 133 47.71 -8.00 -54.31
N LYS C 134 48.36 -8.29 -53.18
CA LYS C 134 49.06 -7.25 -52.45
C LYS C 134 50.31 -6.77 -53.20
N TYR C 135 50.98 -7.69 -53.91
CA TYR C 135 52.07 -7.25 -54.79
C TYR C 135 51.52 -6.42 -55.95
N ILE C 136 50.37 -6.82 -56.50
CA ILE C 136 49.76 -6.07 -57.59
C ILE C 136 49.35 -4.67 -57.11
N LYS C 137 48.85 -4.59 -55.87
CA LYS C 137 48.58 -3.30 -55.24
C LYS C 137 49.85 -2.49 -55.05
N ALA C 138 50.94 -3.14 -54.68
CA ALA C 138 52.18 -2.44 -54.40
C ALA C 138 52.91 -1.97 -55.67
N ASN C 139 52.73 -2.65 -56.80
CA ASN C 139 53.55 -2.36 -57.98
C ASN C 139 52.72 -2.22 -59.26
N HIS C 140 51.47 -1.76 -59.17
CA HIS C 140 50.74 -1.48 -60.40
C HIS C 140 51.15 -0.16 -61.04
N GLY C 141 51.75 0.75 -60.28
CA GLY C 141 52.32 1.96 -60.84
C GLY C 141 51.33 3.05 -61.21
N LEU C 142 50.06 2.88 -60.89
CA LEU C 142 49.06 3.89 -61.22
C LEU C 142 49.00 4.96 -60.14
N SER C 143 48.50 6.13 -60.54
CA SER C 143 48.44 7.28 -59.64
C SER C 143 47.07 7.93 -59.73
N GLY C 144 46.62 8.48 -58.60
CA GLY C 144 45.44 9.32 -58.57
C GLY C 144 44.11 8.63 -58.78
N ASP C 145 43.43 9.01 -59.86
CA ASP C 145 42.06 8.53 -60.11
C ASP C 145 42.06 7.06 -60.52
N ALA C 146 43.01 6.67 -61.38
CA ALA C 146 43.09 5.29 -61.83
C ALA C 146 43.65 4.37 -60.75
N ARG C 147 44.40 4.93 -59.80
CA ARG C 147 44.96 4.14 -58.71
C ARG C 147 43.87 3.70 -57.75
N ASP C 148 42.98 4.62 -57.37
CA ASP C 148 41.95 4.30 -56.39
C ASP C 148 40.88 3.41 -56.99
N GLU C 149 40.66 3.51 -58.31
CA GLU C 149 39.71 2.64 -58.97
C GLU C 149 40.26 1.22 -59.09
N ALA C 150 41.56 1.09 -59.39
CA ALA C 150 42.16 -0.23 -59.51
C ALA C 150 42.33 -0.90 -58.15
N ASN C 151 42.71 -0.12 -57.13
CA ASN C 151 42.88 -0.67 -55.79
C ASN C 151 41.55 -1.06 -55.16
N SER C 152 40.43 -0.52 -55.65
CA SER C 152 39.12 -0.91 -55.15
C SER C 152 38.82 -2.36 -55.51
N TYR C 153 39.13 -2.75 -56.75
CA TYR C 153 38.91 -4.14 -57.17
C TYR C 153 39.92 -5.07 -56.54
N LEU C 154 41.16 -4.62 -56.41
CA LEU C 154 42.20 -5.45 -55.80
C LEU C 154 41.91 -5.71 -54.33
N ASP C 155 41.46 -4.68 -53.59
CA ASP C 155 41.09 -4.87 -52.20
C ASP C 155 39.79 -5.62 -52.05
N TYR C 156 38.91 -5.56 -53.07
CA TYR C 156 37.67 -6.32 -53.02
C TYR C 156 37.94 -7.82 -53.08
N ALA C 157 38.95 -8.21 -53.85
CA ALA C 157 39.35 -9.61 -53.88
C ALA C 157 40.11 -10.01 -52.63
N ILE C 158 40.77 -9.04 -51.97
CA ILE C 158 41.38 -9.30 -50.67
C ILE C 158 40.31 -9.61 -49.62
N ASN C 159 39.26 -8.78 -49.59
CA ASN C 159 38.20 -8.97 -48.59
C ASN C 159 37.36 -10.20 -48.88
N ALA C 160 37.30 -10.63 -50.13
CA ALA C 160 36.60 -11.86 -50.46
C ALA C 160 37.40 -13.09 -50.02
N LEU C 161 38.73 -13.04 -50.19
CA LEU C 161 39.58 -14.16 -49.81
C LEU C 161 40.00 -14.12 -48.35
N SER C 162 39.75 -13.02 -47.65
CA SER C 162 40.15 -12.92 -46.25
C SER C 162 39.07 -12.25 -45.41
N MET D 1 22.53 -9.98 -68.45
CA MET D 1 22.63 -8.88 -69.41
C MET D 1 24.05 -8.32 -69.48
N PHE D 2 24.33 -7.61 -70.57
CA PHE D 2 25.60 -6.93 -70.76
C PHE D 2 25.36 -5.47 -71.09
N ASP D 3 26.41 -4.68 -71.00
CA ASP D 3 26.46 -3.33 -71.54
C ASP D 3 27.54 -3.28 -72.62
N VAL D 4 27.86 -2.06 -73.06
CA VAL D 4 28.87 -1.89 -74.09
C VAL D 4 30.26 -2.26 -73.58
N PHE D 5 30.49 -2.18 -72.27
CA PHE D 5 31.77 -2.59 -71.70
C PHE D 5 31.83 -4.09 -71.47
N THR D 6 30.77 -4.64 -70.87
CA THR D 6 30.76 -6.05 -70.51
C THR D 6 30.58 -6.98 -71.69
N ARG D 7 30.04 -6.52 -72.82
CA ARG D 7 30.07 -7.33 -74.04
C ARG D 7 31.49 -7.58 -74.48
N VAL D 8 32.31 -6.51 -74.50
CA VAL D 8 33.72 -6.60 -74.84
C VAL D 8 34.47 -7.44 -73.81
N VAL D 9 34.14 -7.26 -72.52
CA VAL D 9 34.77 -8.02 -71.44
C VAL D 9 34.46 -9.51 -71.57
N SER D 10 33.21 -9.85 -71.88
CA SER D 10 32.81 -11.24 -72.02
C SER D 10 33.44 -11.89 -73.25
N GLN D 11 33.54 -11.15 -74.36
CA GLN D 11 34.24 -11.68 -75.53
C GLN D 11 35.72 -11.90 -75.24
N ALA D 12 36.36 -10.97 -74.53
CA ALA D 12 37.77 -11.10 -74.21
C ALA D 12 38.01 -12.24 -73.22
N ASP D 13 37.08 -12.49 -72.30
CA ASP D 13 37.25 -13.57 -71.35
C ASP D 13 37.00 -14.92 -72.03
N ALA D 14 35.98 -14.99 -72.89
CA ALA D 14 35.68 -16.22 -73.60
C ALA D 14 36.77 -16.60 -74.58
N ARG D 15 37.37 -15.62 -75.25
CA ARG D 15 38.57 -15.89 -76.02
C ARG D 15 39.78 -16.15 -75.13
N GLY D 16 39.84 -15.52 -73.97
CA GLY D 16 40.84 -15.84 -72.96
C GLY D 16 42.07 -14.97 -72.93
N GLU D 17 41.92 -13.68 -73.20
CA GLU D 17 43.06 -12.76 -73.11
C GLU D 17 42.58 -11.39 -72.70
N TYR D 18 43.55 -10.49 -72.55
CA TYR D 18 43.28 -9.10 -72.19
C TYR D 18 42.65 -8.37 -73.37
N LEU D 19 42.08 -7.20 -73.07
CA LEU D 19 41.61 -6.31 -74.13
C LEU D 19 42.79 -5.73 -74.89
N SER D 20 42.66 -5.65 -76.21
CA SER D 20 43.69 -5.03 -77.03
C SER D 20 43.62 -3.51 -76.88
N GLY D 21 44.66 -2.84 -77.39
CA GLY D 21 44.73 -1.39 -77.29
C GLY D 21 43.65 -0.69 -78.09
N SER D 22 43.43 -1.14 -79.34
CA SER D 22 42.42 -0.53 -80.19
C SER D 22 41.01 -0.77 -79.66
N GLN D 23 40.79 -1.90 -79.00
CA GLN D 23 39.50 -2.18 -78.38
C GLN D 23 39.25 -1.21 -77.21
N LEU D 24 40.29 -0.90 -76.46
CA LEU D 24 40.19 0.11 -75.40
C LEU D 24 39.96 1.50 -75.97
N ASP D 25 40.56 1.81 -77.12
CA ASP D 25 40.29 3.11 -77.76
C ASP D 25 38.87 3.20 -78.28
N ALA D 26 38.33 2.09 -78.80
CA ALA D 26 36.93 2.06 -79.22
C ALA D 26 35.99 2.24 -78.02
N LEU D 27 36.32 1.62 -76.89
CA LEU D 27 35.53 1.83 -75.68
C LEU D 27 35.66 3.25 -75.15
N SER D 28 36.84 3.88 -75.30
CA SER D 28 37.00 5.27 -74.90
C SER D 28 36.22 6.21 -75.81
N ALA D 29 36.13 5.89 -77.10
CA ALA D 29 35.28 6.64 -78.00
C ALA D 29 33.80 6.48 -77.64
N THR D 30 33.42 5.29 -77.16
CA THR D 30 32.07 5.08 -76.66
C THR D 30 31.82 5.92 -75.40
N VAL D 31 32.84 6.04 -74.53
CA VAL D 31 32.73 6.87 -73.33
C VAL D 31 32.55 8.34 -73.69
N ALA D 32 33.29 8.81 -74.70
CA ALA D 32 33.11 10.17 -75.20
C ALA D 32 31.74 10.36 -75.86
N GLU D 33 31.21 9.30 -76.47
CA GLU D 33 29.89 9.29 -77.09
C GLU D 33 28.76 9.21 -76.06
N GLY D 34 29.11 8.87 -74.82
CA GLY D 34 28.12 8.60 -73.79
C GLY D 34 27.25 9.76 -73.38
N ASN D 35 27.75 11.00 -73.48
CA ASN D 35 26.93 12.16 -73.13
C ASN D 35 25.75 12.33 -74.09
N LYS D 36 26.01 12.17 -75.39
CA LYS D 36 24.92 12.19 -76.37
C LYS D 36 24.03 10.96 -76.23
N ARG D 37 24.60 9.82 -75.81
CA ARG D 37 23.80 8.65 -75.50
C ARG D 37 22.81 8.92 -74.36
N ILE D 38 23.28 9.58 -73.30
CA ILE D 38 22.44 9.92 -72.15
C ILE D 38 21.40 10.96 -72.53
N ASP D 39 21.77 11.90 -73.41
CA ASP D 39 20.79 12.86 -73.95
C ASP D 39 19.67 12.19 -74.72
N SER D 40 20.02 11.21 -75.57
CA SER D 40 19.01 10.49 -76.33
C SER D 40 18.11 9.66 -75.42
N VAL D 41 18.69 9.01 -74.41
CA VAL D 41 17.91 8.23 -73.44
C VAL D 41 16.95 9.13 -72.67
N ASN D 42 17.42 10.30 -72.24
CA ASN D 42 16.59 11.25 -71.51
C ASN D 42 15.45 11.78 -72.38
N ARG D 43 15.72 12.04 -73.65
CA ARG D 43 14.66 12.56 -74.53
C ARG D 43 13.61 11.50 -74.83
N ILE D 44 14.03 10.25 -75.07
CA ILE D 44 13.08 9.17 -75.32
C ILE D 44 12.25 8.89 -74.07
N THR D 45 12.88 8.93 -72.89
CA THR D 45 12.14 8.76 -71.65
C THR D 45 11.17 9.91 -71.41
N GLY D 46 11.58 11.14 -71.72
CA GLY D 46 10.73 12.29 -71.48
C GLY D 46 9.55 12.39 -72.40
N ASN D 47 9.65 11.83 -73.61
CA ASN D 47 8.51 11.84 -74.53
C ASN D 47 8.02 10.43 -74.85
N ALA D 48 8.25 9.48 -73.94
CA ALA D 48 7.84 8.09 -74.15
C ALA D 48 6.34 7.91 -74.29
N SER D 49 5.55 8.57 -73.43
CA SER D 49 4.09 8.44 -73.52
C SER D 49 3.55 9.05 -74.80
N ALA D 50 4.13 10.18 -75.22
CA ALA D 50 3.75 10.78 -76.50
C ALA D 50 4.12 9.89 -77.67
N ILE D 51 5.29 9.23 -77.61
CA ILE D 51 5.70 8.30 -78.66
C ILE D 51 4.72 7.14 -78.77
N VAL D 52 4.38 6.54 -77.63
CA VAL D 52 3.49 5.39 -77.61
C VAL D 52 2.09 5.77 -78.08
N SER D 53 1.57 6.92 -77.61
CA SER D 53 0.24 7.38 -77.99
C SER D 53 0.16 7.71 -79.47
N ASN D 54 1.12 8.49 -79.98
CA ASN D 54 1.09 8.90 -81.38
C ASN D 54 1.34 7.74 -82.33
N ALA D 55 2.24 6.83 -81.95
CA ALA D 55 2.51 5.67 -82.79
C ALA D 55 1.33 4.71 -82.81
N ALA D 56 0.66 4.53 -81.66
CA ALA D 56 -0.54 3.69 -81.64
C ALA D 56 -1.67 4.31 -82.45
N ARG D 57 -1.82 5.64 -82.36
CA ARG D 57 -2.85 6.33 -83.14
C ARG D 57 -2.59 6.20 -84.64
N ALA D 58 -1.33 6.38 -85.05
CA ALA D 58 -0.99 6.25 -86.46
C ALA D 58 -1.08 4.79 -86.93
N LEU D 59 -0.81 3.83 -86.04
CA LEU D 59 -0.91 2.42 -86.41
C LEU D 59 -2.36 2.00 -86.59
N PHE D 60 -3.25 2.43 -85.70
CA PHE D 60 -4.65 2.07 -85.82
C PHE D 60 -5.42 3.00 -86.76
N ALA D 61 -4.79 4.05 -87.26
CA ALA D 61 -5.37 4.82 -88.36
C ALA D 61 -4.90 4.33 -89.72
N GLU D 62 -3.64 3.84 -89.80
CA GLU D 62 -3.16 3.28 -91.06
C GLU D 62 -3.83 1.96 -91.37
N GLN D 63 -3.89 1.07 -90.40
CA GLN D 63 -4.63 -0.20 -90.53
C GLN D 63 -5.74 -0.28 -89.49
N PRO D 64 -7.02 -0.28 -89.92
CA PRO D 64 -8.12 -0.24 -88.96
C PRO D 64 -8.67 -1.59 -88.54
N GLN D 65 -8.16 -2.69 -89.09
CA GLN D 65 -8.71 -4.00 -88.77
C GLN D 65 -8.32 -4.49 -87.39
N LEU D 66 -7.33 -3.86 -86.74
CA LEU D 66 -6.99 -4.22 -85.37
C LEU D 66 -7.99 -3.65 -84.37
N ILE D 67 -8.49 -2.44 -84.61
CA ILE D 67 -9.48 -1.83 -83.73
C ILE D 67 -10.90 -2.08 -84.21
N GLN D 68 -11.08 -2.79 -85.33
CA GLN D 68 -12.39 -3.22 -85.74
C GLN D 68 -12.93 -4.26 -84.77
N PRO D 69 -14.26 -4.34 -84.62
CA PRO D 69 -14.84 -5.40 -83.78
C PRO D 69 -14.52 -6.80 -84.28
N GLY D 70 -14.04 -7.64 -83.36
CA GLY D 70 -13.43 -8.90 -83.72
C GLY D 70 -11.94 -8.83 -83.96
N GLY D 71 -11.38 -7.62 -83.89
CA GLY D 71 -9.92 -7.43 -84.11
C GLY D 71 -9.12 -7.72 -82.86
N ASN D 72 -7.79 -7.66 -82.96
CA ASN D 72 -6.92 -8.01 -81.80
C ASN D 72 -6.84 -6.83 -80.82
N ALA D 73 -6.72 -5.60 -81.32
CA ALA D 73 -6.61 -4.42 -80.43
C ALA D 73 -8.01 -4.00 -79.98
N TYR D 74 -9.02 -4.81 -80.30
CA TYR D 74 -10.42 -4.51 -79.88
C TYR D 74 -10.57 -4.91 -78.40
N THR D 75 -11.59 -4.38 -77.70
CA THR D 75 -11.83 -4.63 -76.24
C THR D 75 -10.85 -3.79 -75.42
N SER D 76 -11.27 -3.36 -74.24
CA SER D 76 -10.44 -2.48 -73.42
C SER D 76 -9.24 -3.18 -72.82
N ARG D 77 -9.39 -4.45 -72.44
CA ARG D 77 -8.25 -5.20 -71.91
C ARG D 77 -7.18 -5.41 -72.98
N ARG D 78 -7.59 -5.77 -74.20
CA ARG D 78 -6.63 -5.98 -75.27
C ARG D 78 -6.05 -4.66 -75.78
N MET D 79 -6.83 -3.59 -75.75
CA MET D 79 -6.30 -2.28 -76.12
C MET D 79 -5.27 -1.77 -75.12
N ALA D 80 -5.58 -1.89 -73.82
CA ALA D 80 -4.60 -1.54 -72.79
C ALA D 80 -3.38 -2.45 -72.86
N ALA D 81 -3.59 -3.71 -73.25
CA ALA D 81 -2.48 -4.64 -73.42
C ALA D 81 -1.59 -4.23 -74.59
N CYS D 82 -2.17 -3.76 -75.69
CA CYS D 82 -1.37 -3.30 -76.82
C CYS D 82 -0.60 -2.03 -76.50
N LEU D 83 -1.26 -1.07 -75.83
CA LEU D 83 -0.57 0.14 -75.40
C LEU D 83 0.55 -0.17 -74.42
N ARG D 84 0.29 -1.10 -73.50
CA ARG D 84 1.31 -1.53 -72.55
C ARG D 84 2.45 -2.27 -73.24
N ASP D 85 2.14 -3.06 -74.28
CA ASP D 85 3.19 -3.74 -75.05
C ASP D 85 4.12 -2.75 -75.72
N MET D 86 3.54 -1.70 -76.32
CA MET D 86 4.36 -0.66 -76.93
C MET D 86 5.17 0.10 -75.87
N GLU D 87 4.58 0.28 -74.69
CA GLU D 87 5.26 0.93 -73.56
C GLU D 87 6.49 0.15 -73.13
N ILE D 88 6.31 -1.15 -72.97
CA ILE D 88 7.38 -2.07 -72.60
C ILE D 88 8.46 -2.15 -73.67
N ILE D 89 8.08 -2.26 -74.94
CA ILE D 89 9.09 -2.34 -75.99
C ILE D 89 9.91 -1.07 -76.07
N LEU D 90 9.25 0.08 -75.98
CA LEU D 90 9.99 1.34 -75.95
C LEU D 90 10.89 1.43 -74.72
N ARG D 91 10.44 0.87 -73.59
CA ARG D 91 11.24 0.89 -72.37
C ARG D 91 12.51 0.06 -72.51
N TYR D 92 12.42 -1.12 -73.12
CA TYR D 92 13.64 -1.92 -73.32
C TYR D 92 14.51 -1.39 -74.45
N VAL D 93 13.91 -0.69 -75.43
CA VAL D 93 14.73 0.03 -76.42
C VAL D 93 15.54 1.12 -75.73
N THR D 94 14.91 1.84 -74.78
CA THR D 94 15.62 2.84 -73.98
C THR D 94 16.71 2.19 -73.12
N TYR D 95 16.43 1.01 -72.57
CA TYR D 95 17.42 0.29 -71.78
C TYR D 95 18.64 -0.12 -72.61
N ALA D 96 18.39 -0.61 -73.83
CA ALA D 96 19.47 -1.01 -74.72
C ALA D 96 20.28 0.19 -75.20
N THR D 97 19.61 1.33 -75.41
CA THR D 97 20.32 2.57 -75.71
C THR D 97 21.19 3.02 -74.54
N PHE D 98 20.68 2.84 -73.33
CA PHE D 98 21.42 3.21 -72.12
C PHE D 98 22.66 2.36 -71.93
N THR D 99 22.54 1.05 -72.10
CA THR D 99 23.69 0.17 -71.90
C THR D 99 24.70 0.25 -73.03
N GLY D 100 24.29 0.69 -74.21
CA GLY D 100 25.15 0.62 -75.37
C GLY D 100 25.22 -0.75 -76.01
N ASP D 101 24.37 -1.68 -75.58
CA ASP D 101 24.35 -3.03 -76.11
C ASP D 101 22.90 -3.50 -76.12
N ALA D 102 22.59 -4.36 -77.07
CA ALA D 102 21.23 -4.90 -77.22
C ALA D 102 21.00 -6.15 -76.39
N SER D 103 21.81 -6.38 -75.36
CA SER D 103 21.68 -7.60 -74.56
C SER D 103 20.41 -7.59 -73.73
N VAL D 104 20.09 -6.45 -73.11
CA VAL D 104 18.87 -6.37 -72.30
C VAL D 104 17.63 -6.42 -73.19
N LEU D 105 17.69 -5.82 -74.37
CA LEU D 105 16.57 -5.85 -75.31
C LEU D 105 16.34 -7.25 -75.87
N GLU D 106 17.40 -7.92 -76.30
CA GLU D 106 17.26 -9.25 -76.89
C GLU D 106 16.92 -10.29 -75.82
N ASP D 107 17.57 -10.22 -74.66
CA ASP D 107 17.37 -11.24 -73.63
C ASP D 107 16.03 -11.07 -72.92
N ARG D 108 15.64 -9.83 -72.62
CA ARG D 108 14.48 -9.60 -71.78
C ARG D 108 13.18 -9.37 -72.55
N CYS D 109 13.25 -8.68 -73.68
CA CYS D 109 12.05 -8.31 -74.41
C CYS D 109 11.82 -9.12 -75.68
N LEU D 110 12.86 -9.43 -76.43
CA LEU D 110 12.71 -10.03 -77.75
C LEU D 110 12.88 -11.55 -77.77
N ASN D 111 13.31 -12.17 -76.66
CA ASN D 111 13.56 -13.60 -76.65
C ASN D 111 12.22 -14.31 -76.51
N GLY D 112 11.81 -14.99 -77.58
CA GLY D 112 10.56 -15.74 -77.56
C GLY D 112 9.31 -14.91 -77.70
N LEU D 113 9.42 -13.66 -78.16
CA LEU D 113 8.23 -12.83 -78.31
C LEU D 113 7.43 -13.22 -79.54
N ARG D 114 8.08 -13.72 -80.58
CA ARG D 114 7.40 -14.06 -81.83
C ARG D 114 6.46 -15.25 -81.64
N GLU D 115 6.96 -16.33 -81.02
CA GLU D 115 6.12 -17.50 -80.79
C GLU D 115 5.03 -17.22 -79.77
N THR D 116 5.29 -16.33 -78.81
CA THR D 116 4.26 -15.90 -77.87
C THR D 116 3.15 -15.12 -78.56
N TYR D 117 3.51 -14.22 -79.49
CA TYR D 117 2.50 -13.51 -80.26
C TYR D 117 1.76 -14.42 -81.22
N VAL D 118 2.43 -15.46 -81.73
CA VAL D 118 1.77 -16.45 -82.57
C VAL D 118 0.76 -17.25 -81.75
N ALA D 119 1.13 -17.66 -80.53
CA ALA D 119 0.24 -18.44 -79.68
C ALA D 119 -0.93 -17.60 -79.17
N LEU D 120 -0.72 -16.30 -78.95
CA LEU D 120 -1.80 -15.43 -78.52
C LEU D 120 -2.70 -14.97 -79.66
N GLY D 121 -2.30 -15.17 -80.90
CA GLY D 121 -3.00 -14.59 -82.02
C GLY D 121 -2.69 -13.13 -82.25
N VAL D 122 -1.69 -12.58 -81.57
CA VAL D 122 -1.28 -11.20 -81.73
C VAL D 122 -0.55 -11.06 -83.06
N PRO D 123 -0.98 -10.17 -83.96
CA PRO D 123 -0.29 -10.01 -85.25
C PRO D 123 1.07 -9.34 -85.08
N GLY D 124 2.14 -10.11 -85.30
CA GLY D 124 3.47 -9.58 -85.13
C GLY D 124 3.89 -8.57 -86.18
N ALA D 125 3.26 -8.61 -87.36
CA ALA D 125 3.54 -7.60 -88.37
C ALA D 125 3.00 -6.24 -87.96
N SER D 126 1.82 -6.21 -87.32
CA SER D 126 1.27 -4.95 -86.82
C SER D 126 2.09 -4.43 -85.63
N VAL D 127 2.62 -5.34 -84.80
CA VAL D 127 3.51 -4.93 -83.72
C VAL D 127 4.79 -4.35 -84.29
N ALA D 128 5.32 -4.95 -85.37
CA ALA D 128 6.50 -4.42 -86.03
C ALA D 128 6.22 -3.06 -86.66
N ALA D 129 5.02 -2.87 -87.20
CA ALA D 129 4.64 -1.56 -87.75
C ALA D 129 4.57 -0.51 -86.65
N GLY D 130 3.99 -0.85 -85.50
CA GLY D 130 3.98 0.06 -84.37
C GLY D 130 5.37 0.36 -83.82
N VAL D 131 6.26 -0.63 -83.86
CA VAL D 131 7.65 -0.44 -83.46
C VAL D 131 8.36 0.49 -84.43
N GLN D 132 8.05 0.39 -85.72
CA GLN D 132 8.61 1.30 -86.72
C GLN D 132 8.09 2.72 -86.53
N LYS D 133 6.83 2.87 -86.14
CA LYS D 133 6.31 4.21 -85.87
C LYS D 133 6.92 4.81 -84.60
N MET D 134 7.16 3.97 -83.58
CA MET D 134 7.92 4.45 -82.43
C MET D 134 9.36 4.78 -82.80
N LYS D 135 9.94 4.06 -83.76
CA LYS D 135 11.26 4.43 -84.28
C LYS D 135 11.25 5.80 -84.93
N GLU D 136 10.23 6.07 -85.74
CA GLU D 136 10.13 7.38 -86.40
C GLU D 136 9.96 8.50 -85.38
N ALA D 137 9.11 8.30 -84.38
CA ALA D 137 8.90 9.33 -83.35
C ALA D 137 10.16 9.53 -82.49
N ALA D 138 10.83 8.43 -82.13
CA ALA D 138 12.02 8.53 -81.28
C ALA D 138 13.19 9.17 -82.04
N LEU D 139 13.39 8.79 -83.30
CA LEU D 139 14.43 9.44 -84.09
C LEU D 139 14.07 10.88 -84.45
N ASP D 140 12.78 11.23 -84.43
CA ASP D 140 12.40 12.63 -84.56
C ASP D 140 12.77 13.42 -83.31
N ILE D 141 12.55 12.85 -82.12
CA ILE D 141 12.80 13.67 -80.93
C ILE D 141 14.28 13.65 -80.52
N VAL D 142 15.02 12.61 -80.87
CA VAL D 142 16.45 12.59 -80.54
C VAL D 142 17.21 13.59 -81.40
N ASN D 143 16.87 13.66 -82.69
CA ASN D 143 17.53 14.56 -83.62
C ASN D 143 16.92 15.96 -83.62
N ASP D 144 16.16 16.32 -82.58
CA ASP D 144 15.57 17.65 -82.49
C ASP D 144 16.66 18.60 -82.00
N PRO D 145 17.04 19.61 -82.77
CA PRO D 145 18.16 20.48 -82.36
C PRO D 145 17.82 21.50 -81.31
N ASN D 146 16.55 21.69 -80.96
CA ASN D 146 16.16 22.76 -80.05
C ASN D 146 16.45 22.38 -78.61
N GLY D 147 16.89 23.36 -77.82
CA GLY D 147 17.09 23.17 -76.39
C GLY D 147 18.29 22.35 -76.00
N ILE D 148 19.30 22.26 -76.87
CA ILE D 148 20.49 21.45 -76.60
C ILE D 148 21.64 22.05 -77.40
N THR D 149 22.86 21.76 -76.98
CA THR D 149 24.03 22.17 -77.74
C THR D 149 24.18 21.33 -79.00
N ARG D 150 24.65 21.97 -80.07
CA ARG D 150 24.75 21.31 -81.36
C ARG D 150 25.86 20.27 -81.37
N GLY D 151 25.67 19.24 -82.20
CA GLY D 151 26.68 18.21 -82.36
C GLY D 151 26.16 17.10 -83.25
N ASP D 152 27.10 16.28 -83.70
CA ASP D 152 26.79 15.15 -84.57
C ASP D 152 26.45 13.93 -83.72
N CYS D 153 25.27 13.36 -83.97
CA CYS D 153 24.77 12.21 -83.22
C CYS D 153 24.36 11.09 -84.16
N SER D 154 25.14 10.89 -85.23
CA SER D 154 24.77 9.90 -86.24
C SER D 154 24.87 8.48 -85.73
N ALA D 155 25.88 8.18 -84.91
CA ALA D 155 26.05 6.82 -84.40
C ALA D 155 25.00 6.47 -83.35
N ILE D 156 24.61 7.44 -82.53
CA ILE D 156 23.53 7.20 -81.56
C ILE D 156 22.19 7.00 -82.27
N VAL D 157 21.91 7.82 -83.29
CA VAL D 157 20.69 7.66 -84.07
C VAL D 157 20.67 6.32 -84.79
N ALA D 158 21.81 5.91 -85.35
CA ALA D 158 21.92 4.60 -86.00
C ALA D 158 21.79 3.46 -84.99
N GLU D 159 22.28 3.65 -83.76
CA GLU D 159 22.17 2.61 -82.74
C GLU D 159 20.72 2.44 -82.27
N ILE D 160 20.01 3.56 -82.05
CA ILE D 160 18.59 3.50 -81.69
C ILE D 160 17.78 2.90 -82.82
N ALA D 161 18.12 3.25 -84.06
CA ALA D 161 17.45 2.69 -85.23
C ALA D 161 17.72 1.19 -85.35
N GLY D 162 18.93 0.75 -85.06
CA GLY D 162 19.23 -0.68 -85.09
C GLY D 162 18.52 -1.45 -84.00
N TYR D 163 18.40 -0.85 -82.81
CA TYR D 163 17.62 -1.46 -81.73
C TYR D 163 16.16 -1.58 -82.11
N PHE D 164 15.59 -0.54 -82.74
CA PHE D 164 14.21 -0.59 -83.18
C PHE D 164 14.01 -1.58 -84.33
N ASP D 165 14.98 -1.67 -85.24
CA ASP D 165 14.87 -2.63 -86.34
C ASP D 165 14.97 -4.06 -85.86
N ARG D 166 15.83 -4.33 -84.87
CA ARG D 166 15.87 -5.69 -84.34
C ARG D 166 14.71 -5.97 -83.41
N ALA D 167 14.05 -4.94 -82.87
CA ALA D 167 12.80 -5.14 -82.16
C ALA D 167 11.66 -5.44 -83.12
N ALA D 168 11.66 -4.80 -84.29
CA ALA D 168 10.61 -5.05 -85.29
C ALA D 168 10.83 -6.38 -85.99
N ALA D 169 12.08 -6.78 -86.20
CA ALA D 169 12.37 -8.06 -86.83
C ALA D 169 12.14 -9.24 -85.90
N ALA D 170 12.14 -9.02 -84.59
CA ALA D 170 11.91 -10.10 -83.63
C ALA D 170 10.44 -10.47 -83.49
N VAL D 171 9.52 -9.68 -84.04
CA VAL D 171 8.10 -9.97 -83.97
C VAL D 171 7.49 -10.27 -85.34
N ALA D 172 8.10 -9.79 -86.43
CA ALA D 172 7.54 -9.98 -87.77
C ALA D 172 7.79 -11.39 -88.27
N MET E 1 -14.99 -14.46 -65.76
CA MET E 1 -16.07 -13.68 -66.34
C MET E 1 -17.34 -13.90 -65.52
N LYS E 2 -17.78 -12.85 -64.83
CA LYS E 2 -18.80 -12.98 -63.80
C LYS E 2 -20.19 -13.17 -64.41
N THR E 3 -20.81 -14.29 -64.06
CA THR E 3 -22.14 -14.72 -64.44
C THR E 3 -22.51 -15.57 -63.23
N PRO E 4 -23.79 -15.59 -62.82
CA PRO E 4 -24.17 -16.46 -61.68
C PRO E 4 -23.83 -17.93 -61.87
N LEU E 5 -24.02 -18.48 -63.06
CA LEU E 5 -23.68 -19.88 -63.32
C LEU E 5 -22.18 -20.11 -63.27
N THR E 6 -21.41 -19.23 -63.93
CA THR E 6 -19.96 -19.39 -63.97
C THR E 6 -19.33 -19.17 -62.61
N GLU E 7 -19.81 -18.20 -61.84
CA GLU E 7 -19.28 -18.00 -60.49
C GLU E 7 -19.69 -19.12 -59.54
N ALA E 8 -20.90 -19.68 -59.70
CA ALA E 8 -21.29 -20.83 -58.89
C ALA E 8 -20.43 -22.05 -59.19
N VAL E 9 -20.15 -22.30 -60.47
CA VAL E 9 -19.31 -23.42 -60.85
C VAL E 9 -17.86 -23.19 -60.41
N SER E 10 -17.40 -21.93 -60.49
CA SER E 10 -16.04 -21.60 -60.03
C SER E 10 -15.89 -21.78 -58.53
N THR E 11 -16.91 -21.40 -57.75
CA THR E 11 -16.88 -21.61 -56.31
C THR E 11 -16.89 -23.10 -55.96
N ALA E 12 -17.77 -23.86 -56.62
CA ALA E 12 -17.86 -25.30 -56.35
C ALA E 12 -16.59 -26.03 -56.77
N ASP E 13 -15.93 -25.58 -57.84
CA ASP E 13 -14.70 -26.22 -58.28
C ASP E 13 -13.54 -25.82 -57.38
N SER E 14 -13.52 -24.56 -56.91
CA SER E 14 -12.48 -24.11 -55.99
C SER E 14 -12.55 -24.85 -54.67
N GLN E 15 -13.76 -25.13 -54.19
CA GLN E 15 -13.88 -26.03 -53.04
C GLN E 15 -13.91 -27.50 -53.44
N GLY E 16 -13.93 -27.79 -54.74
CA GLY E 16 -13.84 -29.15 -55.23
C GLY E 16 -15.02 -30.04 -54.91
N ARG E 17 -16.22 -29.47 -54.81
CA ARG E 17 -17.39 -30.23 -54.42
C ARG E 17 -18.44 -30.17 -55.51
N PHE E 18 -19.51 -30.93 -55.33
CA PHE E 18 -20.62 -30.96 -56.26
C PHE E 18 -21.47 -29.71 -56.10
N LEU E 19 -22.40 -29.50 -57.03
CA LEU E 19 -23.29 -28.35 -57.00
C LEU E 19 -24.45 -28.67 -56.06
N SER E 20 -24.40 -28.10 -54.86
CA SER E 20 -25.45 -28.31 -53.88
C SER E 20 -26.62 -27.36 -54.17
N SER E 21 -27.55 -27.26 -53.21
CA SER E 21 -28.74 -26.44 -53.42
C SER E 21 -28.45 -24.95 -53.42
N THR E 22 -27.29 -24.54 -52.91
CA THR E 22 -26.88 -23.14 -52.97
C THR E 22 -26.69 -22.69 -54.42
N GLU E 23 -25.94 -23.46 -55.20
CA GLU E 23 -25.76 -23.15 -56.62
C GLU E 23 -27.06 -23.33 -57.39
N LEU E 24 -27.94 -24.24 -56.93
CA LEU E 24 -29.27 -24.34 -57.52
C LEU E 24 -30.07 -23.07 -57.30
N GLN E 25 -29.98 -22.47 -56.12
CA GLN E 25 -30.63 -21.18 -55.86
C GLN E 25 -30.01 -20.05 -56.69
N ILE E 26 -28.69 -20.10 -56.90
CA ILE E 26 -28.02 -19.15 -57.77
C ILE E 26 -28.56 -19.25 -59.19
N ALA E 27 -28.72 -20.47 -59.70
CA ALA E 27 -29.28 -20.68 -61.03
C ALA E 27 -30.75 -20.28 -61.09
N PHE E 28 -31.48 -20.46 -59.99
CA PHE E 28 -32.88 -20.03 -59.94
C PHE E 28 -33.01 -18.53 -60.00
N GLY E 29 -32.12 -17.81 -59.31
CA GLY E 29 -32.13 -16.35 -59.41
C GLY E 29 -31.73 -15.84 -60.77
N ARG E 30 -30.74 -16.49 -61.39
CA ARG E 30 -30.38 -16.20 -62.79
C ARG E 30 -31.56 -16.43 -63.71
N LEU E 31 -32.27 -17.54 -63.49
CA LEU E 31 -33.37 -17.93 -64.36
C LEU E 31 -34.58 -17.03 -64.17
N ARG E 32 -34.76 -16.51 -62.95
CA ARG E 32 -35.83 -15.57 -62.66
C ARG E 32 -35.55 -14.21 -63.28
N GLN E 33 -34.30 -13.76 -63.25
CA GLN E 33 -33.93 -12.47 -63.83
C GLN E 33 -33.78 -12.52 -65.35
N ALA E 34 -33.68 -13.73 -65.91
CA ALA E 34 -33.26 -13.91 -67.31
C ALA E 34 -34.26 -13.35 -68.31
N ASN E 35 -35.56 -13.51 -68.06
CA ASN E 35 -36.56 -13.02 -69.02
C ASN E 35 -36.59 -11.50 -69.08
N ALA E 36 -36.50 -10.85 -67.92
CA ALA E 36 -36.39 -9.39 -67.88
C ALA E 36 -35.10 -8.92 -68.52
N GLY E 37 -33.99 -9.64 -68.31
CA GLY E 37 -32.74 -9.27 -68.93
C GLY E 37 -32.75 -9.39 -70.45
N LEU E 38 -33.37 -10.46 -70.96
CA LEU E 38 -33.47 -10.64 -72.42
C LEU E 38 -34.41 -9.61 -73.04
N GLN E 39 -35.52 -9.29 -72.36
CA GLN E 39 -36.43 -8.26 -72.87
C GLN E 39 -35.76 -6.89 -72.87
N ALA E 40 -34.99 -6.59 -71.81
CA ALA E 40 -34.25 -5.34 -71.74
C ALA E 40 -33.17 -5.27 -72.83
N ALA E 41 -32.51 -6.40 -73.10
CA ALA E 41 -31.52 -6.46 -74.16
C ALA E 41 -32.14 -6.25 -75.52
N LYS E 42 -33.33 -6.81 -75.77
CA LYS E 42 -34.02 -6.61 -77.04
C LYS E 42 -34.46 -5.15 -77.20
N ALA E 43 -34.98 -4.54 -76.14
CA ALA E 43 -35.40 -3.14 -76.20
C ALA E 43 -34.22 -2.20 -76.45
N LEU E 44 -33.10 -2.44 -75.75
CA LEU E 44 -31.91 -1.64 -76.01
C LEU E 44 -31.32 -1.93 -77.40
N THR E 45 -31.48 -3.15 -77.89
CA THR E 45 -30.98 -3.50 -79.22
C THR E 45 -31.72 -2.75 -80.31
N ASP E 46 -33.05 -2.73 -80.24
CA ASP E 46 -33.79 -2.04 -81.31
C ASP E 46 -34.06 -0.56 -81.01
N ASN E 47 -33.56 -0.02 -79.89
CA ASN E 47 -33.58 1.41 -79.66
C ASN E 47 -32.15 1.99 -79.61
N ALA E 48 -31.15 1.14 -79.88
CA ALA E 48 -29.74 1.48 -79.65
C ALA E 48 -29.24 2.61 -80.55
N GLN E 49 -29.71 2.69 -81.80
CA GLN E 49 -29.24 3.74 -82.70
C GLN E 49 -29.66 5.13 -82.21
N SER E 50 -30.93 5.27 -81.84
CA SER E 50 -31.42 6.52 -81.28
C SER E 50 -30.78 6.83 -79.93
N LEU E 51 -30.55 5.78 -79.11
CA LEU E 51 -29.90 5.97 -77.81
C LEU E 51 -28.47 6.47 -77.96
N VAL E 52 -27.73 5.91 -78.92
CA VAL E 52 -26.34 6.31 -79.12
C VAL E 52 -26.25 7.71 -79.71
N ASN E 53 -27.12 8.03 -80.68
CA ASN E 53 -27.14 9.38 -81.26
C ASN E 53 -27.51 10.42 -80.21
N GLY E 54 -28.52 10.14 -79.39
CA GLY E 54 -28.88 11.05 -78.32
C GLY E 54 -27.83 11.17 -77.24
N ALA E 55 -27.11 10.07 -76.95
CA ALA E 55 -26.06 10.13 -75.95
C ALA E 55 -24.88 10.95 -76.44
N ALA E 56 -24.53 10.81 -77.71
CA ALA E 56 -23.51 11.68 -78.31
C ALA E 56 -23.93 13.13 -78.28
N GLN E 57 -25.22 13.40 -78.58
CA GLN E 57 -25.73 14.76 -78.52
C GLN E 57 -25.71 15.32 -77.09
N ALA E 58 -26.00 14.47 -76.10
CA ALA E 58 -25.98 14.90 -74.70
C ALA E 58 -24.56 15.22 -74.23
N VAL E 59 -23.59 14.41 -74.66
CA VAL E 59 -22.20 14.67 -74.31
C VAL E 59 -21.71 15.95 -74.99
N TYR E 60 -22.10 16.17 -76.25
CA TYR E 60 -21.71 17.39 -76.94
C TYR E 60 -22.41 18.61 -76.36
N ASN E 61 -23.61 18.43 -75.79
CA ASN E 61 -24.29 19.53 -75.14
C ASN E 61 -23.64 19.88 -73.81
N LYS E 62 -23.30 18.87 -73.00
CA LYS E 62 -22.67 19.15 -71.71
C LYS E 62 -21.21 19.57 -71.88
N PHE E 63 -20.52 19.04 -72.88
CA PHE E 63 -19.11 19.31 -73.12
C PHE E 63 -18.95 19.82 -74.54
N PRO E 64 -19.26 21.11 -74.79
CA PRO E 64 -19.16 21.63 -76.16
C PRO E 64 -17.74 21.78 -76.66
N TYR E 65 -16.75 21.85 -75.76
CA TYR E 65 -15.35 21.98 -76.16
C TYR E 65 -14.83 20.74 -76.89
N THR E 66 -15.50 19.60 -76.73
CA THR E 66 -15.19 18.43 -77.56
C THR E 66 -15.51 18.67 -79.01
N THR E 67 -16.55 19.45 -79.31
CA THR E 67 -16.93 19.74 -80.69
C THR E 67 -16.29 21.00 -81.24
N GLN E 68 -15.60 21.78 -80.41
CA GLN E 68 -15.04 23.05 -80.84
C GLN E 68 -13.52 23.07 -80.87
N THR E 69 -12.88 22.61 -79.79
CA THR E 69 -11.43 22.63 -79.73
C THR E 69 -10.85 21.51 -80.60
N GLN E 70 -9.71 21.80 -81.22
CA GLN E 70 -9.03 20.82 -82.04
C GLN E 70 -8.33 19.77 -81.18
N GLY E 71 -7.99 18.65 -81.81
CA GLY E 71 -7.30 17.58 -81.13
C GLY E 71 -7.79 16.24 -81.63
N ASN E 72 -6.92 15.23 -81.47
CA ASN E 72 -7.29 13.88 -81.86
C ASN E 72 -8.28 13.27 -80.89
N ASN E 73 -8.26 13.71 -79.63
CA ASN E 73 -9.17 13.20 -78.62
C ASN E 73 -10.53 13.89 -78.64
N PHE E 74 -10.72 14.88 -79.51
CA PHE E 74 -11.94 15.67 -79.54
C PHE E 74 -12.74 15.40 -80.81
N ALA E 75 -14.03 15.72 -80.74
CA ALA E 75 -14.97 15.46 -81.82
C ALA E 75 -15.26 16.71 -82.65
N ALA E 76 -14.26 17.57 -82.85
CA ALA E 76 -14.45 18.77 -83.64
C ALA E 76 -14.61 18.47 -85.12
N ASP E 77 -13.94 17.44 -85.62
CA ASP E 77 -14.06 17.03 -87.00
C ASP E 77 -14.99 15.82 -87.10
N GLN E 78 -15.06 15.22 -88.29
CA GLN E 78 -16.01 14.14 -88.51
C GLN E 78 -15.55 12.84 -87.84
N ARG E 79 -14.24 12.55 -87.91
CA ARG E 79 -13.75 11.27 -87.37
C ARG E 79 -13.82 11.23 -85.84
N GLY E 80 -13.71 12.37 -85.18
CA GLY E 80 -13.92 12.39 -83.74
C GLY E 80 -15.36 12.11 -83.36
N LYS E 81 -16.31 12.63 -84.14
CA LYS E 81 -17.72 12.34 -83.90
C LYS E 81 -18.04 10.88 -84.17
N ASP E 82 -17.48 10.32 -85.25
CA ASP E 82 -17.68 8.89 -85.54
C ASP E 82 -17.07 8.00 -84.46
N LYS E 83 -15.88 8.36 -83.96
CA LYS E 83 -15.26 7.57 -82.90
C LYS E 83 -16.01 7.69 -81.58
N CYS E 84 -16.57 8.88 -81.29
CA CYS E 84 -17.40 9.03 -80.09
C CYS E 84 -18.69 8.22 -80.20
N ALA E 85 -19.34 8.24 -81.36
CA ALA E 85 -20.54 7.44 -81.56
C ALA E 85 -20.24 5.94 -81.50
N ARG E 86 -19.10 5.52 -82.05
CA ARG E 86 -18.70 4.12 -81.98
C ARG E 86 -18.34 3.71 -80.55
N ASP E 87 -17.73 4.60 -79.77
CA ASP E 87 -17.44 4.30 -78.37
C ASP E 87 -18.73 4.18 -77.54
N ILE E 88 -19.69 5.08 -77.77
CA ILE E 88 -20.97 4.99 -77.06
C ILE E 88 -21.74 3.75 -77.49
N GLY E 89 -21.65 3.39 -78.76
CA GLY E 89 -22.24 2.13 -79.22
C GLY E 89 -21.58 0.92 -78.62
N TYR E 90 -20.26 0.99 -78.40
CA TYR E 90 -19.55 -0.07 -77.70
C TYR E 90 -20.03 -0.20 -76.26
N TYR E 91 -20.22 0.93 -75.58
CA TYR E 91 -20.72 0.94 -74.20
C TYR E 91 -22.12 0.33 -74.12
N LEU E 92 -23.01 0.75 -75.02
CA LEU E 92 -24.37 0.23 -75.02
C LEU E 92 -24.44 -1.24 -75.41
N ARG E 93 -23.59 -1.66 -76.35
CA ARG E 93 -23.57 -3.05 -76.78
C ARG E 93 -23.06 -3.96 -75.66
N ILE E 94 -22.03 -3.54 -74.94
CA ILE E 94 -21.55 -4.34 -73.82
C ILE E 94 -22.55 -4.32 -72.66
N VAL E 95 -23.34 -3.25 -72.53
CA VAL E 95 -24.44 -3.26 -71.57
C VAL E 95 -25.51 -4.27 -71.95
N THR E 96 -25.84 -4.37 -73.25
CA THR E 96 -26.79 -5.39 -73.70
C THR E 96 -26.24 -6.80 -73.49
N TYR E 97 -24.94 -6.99 -73.74
CA TYR E 97 -24.28 -8.27 -73.45
C TYR E 97 -24.28 -8.60 -71.97
N CYS E 98 -24.17 -7.60 -71.10
CA CYS E 98 -24.33 -7.84 -69.68
C CYS E 98 -25.76 -8.21 -69.32
N LEU E 99 -26.73 -7.65 -70.04
CA LEU E 99 -28.13 -7.99 -69.82
C LEU E 99 -28.43 -9.43 -70.23
N VAL E 100 -27.88 -9.87 -71.36
CA VAL E 100 -28.01 -11.27 -71.77
C VAL E 100 -27.26 -12.17 -70.80
N ALA E 101 -26.04 -11.79 -70.43
CA ALA E 101 -25.23 -12.60 -69.52
C ALA E 101 -25.74 -12.57 -68.09
N GLY E 102 -26.48 -11.53 -67.70
CA GLY E 102 -27.01 -11.50 -66.35
C GLY E 102 -25.98 -11.19 -65.29
N GLY E 103 -24.89 -10.54 -65.67
CA GLY E 103 -23.86 -10.14 -64.73
C GLY E 103 -22.99 -9.10 -65.41
N THR E 104 -22.07 -8.54 -64.63
CA THR E 104 -21.19 -7.50 -65.15
C THR E 104 -19.98 -8.05 -65.87
N GLY E 105 -19.96 -9.35 -66.15
CA GLY E 105 -18.86 -10.04 -66.79
C GLY E 105 -18.44 -9.54 -68.17
N PRO E 106 -19.39 -9.31 -69.09
CA PRO E 106 -19.01 -8.63 -70.34
C PRO E 106 -18.41 -7.25 -70.15
N LEU E 107 -18.87 -6.51 -69.14
CA LEU E 107 -18.27 -5.20 -68.87
C LEU E 107 -16.84 -5.35 -68.35
N ASP E 108 -16.60 -6.32 -67.46
CA ASP E 108 -15.25 -6.52 -66.93
C ASP E 108 -14.30 -7.02 -68.02
N GLU E 109 -14.69 -8.06 -68.76
CA GLU E 109 -13.78 -8.65 -69.73
C GLU E 109 -13.62 -7.77 -70.97
N TYR E 110 -14.64 -6.99 -71.32
CA TYR E 110 -14.63 -6.24 -72.57
C TYR E 110 -14.40 -4.76 -72.40
N LEU E 111 -14.89 -4.13 -71.34
CA LEU E 111 -14.82 -2.67 -71.31
C LEU E 111 -14.22 -2.09 -70.05
N ILE E 112 -14.46 -2.68 -68.88
CA ILE E 112 -14.03 -2.03 -67.63
C ILE E 112 -12.53 -2.18 -67.43
N ALA E 113 -11.98 -3.36 -67.67
CA ALA E 113 -10.56 -3.61 -67.41
C ALA E 113 -9.71 -2.91 -68.46
N GLY E 114 -8.84 -2.01 -68.01
CA GLY E 114 -7.95 -1.28 -68.89
C GLY E 114 -8.49 0.00 -69.46
N ILE E 115 -9.69 0.43 -69.06
CA ILE E 115 -10.26 1.66 -69.60
C ILE E 115 -9.57 2.89 -69.02
N ASP E 116 -8.92 2.76 -67.87
CA ASP E 116 -8.14 3.86 -67.32
C ASP E 116 -6.92 4.14 -68.16
N GLU E 117 -6.26 3.08 -68.65
CA GLU E 117 -5.10 3.25 -69.52
C GLU E 117 -5.48 3.83 -70.88
N ILE E 118 -6.66 3.49 -71.38
CA ILE E 118 -7.14 4.06 -72.64
C ILE E 118 -7.47 5.53 -72.46
N ASN E 119 -8.15 5.89 -71.35
CA ASN E 119 -8.47 7.28 -71.09
C ASN E 119 -7.23 8.10 -70.78
N ARG E 120 -6.22 7.48 -70.19
CA ARG E 120 -4.98 8.18 -69.88
C ARG E 120 -4.15 8.39 -71.15
N THR E 121 -4.07 7.36 -71.99
CA THR E 121 -3.17 7.38 -73.13
C THR E 121 -3.67 8.31 -74.23
N PHE E 122 -4.95 8.22 -74.56
CA PHE E 122 -5.53 8.99 -75.64
C PHE E 122 -6.24 10.24 -75.16
N ASP E 123 -6.09 10.58 -73.87
CA ASP E 123 -6.56 11.83 -73.27
C ASP E 123 -8.08 12.00 -73.41
N LEU E 124 -8.81 10.98 -72.98
CA LEU E 124 -10.27 11.00 -72.97
C LEU E 124 -10.75 11.19 -71.55
N SER E 125 -11.61 12.16 -71.35
CA SER E 125 -12.19 12.35 -70.02
C SER E 125 -13.25 11.28 -69.77
N PRO E 126 -13.19 10.56 -68.64
CA PRO E 126 -14.25 9.60 -68.33
C PRO E 126 -15.60 10.23 -68.05
N SER E 127 -15.65 11.53 -67.74
CA SER E 127 -16.91 12.21 -67.47
C SER E 127 -17.79 12.29 -68.71
N TRP E 128 -17.19 12.28 -69.91
CA TRP E 128 -17.96 12.22 -71.15
C TRP E 128 -18.75 10.92 -71.22
N TYR E 129 -18.08 9.80 -70.98
CA TYR E 129 -18.75 8.51 -71.02
C TYR E 129 -19.72 8.36 -69.85
N VAL E 130 -19.43 9.00 -68.72
CA VAL E 130 -20.37 9.03 -67.60
C VAL E 130 -21.65 9.75 -67.99
N GLU E 131 -21.53 10.90 -68.68
CA GLU E 131 -22.71 11.62 -69.14
C GLU E 131 -23.49 10.84 -70.20
N ALA E 132 -22.77 10.11 -71.06
CA ALA E 132 -23.43 9.25 -72.04
C ALA E 132 -24.22 8.13 -71.36
N LEU E 133 -23.64 7.51 -70.33
CA LEU E 133 -24.35 6.46 -69.60
C LEU E 133 -25.51 7.04 -68.79
N LYS E 134 -25.40 8.29 -68.32
CA LYS E 134 -26.55 8.94 -67.69
C LYS E 134 -27.66 9.22 -68.68
N TYR E 135 -27.32 9.54 -69.94
CA TYR E 135 -28.35 9.66 -70.96
C TYR E 135 -29.04 8.33 -71.21
N ILE E 136 -28.25 7.24 -71.24
CA ILE E 136 -28.82 5.91 -71.44
C ILE E 136 -29.73 5.56 -70.27
N LYS E 137 -29.35 5.96 -69.05
CA LYS E 137 -30.19 5.78 -67.87
C LYS E 137 -31.48 6.57 -67.96
N ALA E 138 -31.41 7.80 -68.48
CA ALA E 138 -32.57 8.68 -68.45
C ALA E 138 -33.61 8.32 -69.51
N ASN E 139 -33.20 7.77 -70.65
CA ASN E 139 -34.13 7.66 -71.77
C ASN E 139 -34.07 6.29 -72.45
N HIS E 140 -33.92 5.21 -71.69
CA HIS E 140 -34.04 3.88 -72.27
C HIS E 140 -35.44 3.30 -72.17
N GLY E 141 -36.34 3.96 -71.45
CA GLY E 141 -37.77 3.66 -71.51
C GLY E 141 -38.21 2.39 -70.84
N LEU E 142 -37.37 1.75 -70.04
CA LEU E 142 -37.73 0.48 -69.42
C LEU E 142 -38.31 0.71 -68.03
N SER E 143 -39.02 -0.30 -67.54
CA SER E 143 -39.66 -0.23 -66.24
C SER E 143 -39.52 -1.58 -65.53
N GLY E 144 -39.62 -1.54 -64.20
CA GLY E 144 -39.64 -2.74 -63.41
C GLY E 144 -38.30 -3.43 -63.27
N ASP E 145 -38.31 -4.77 -63.40
CA ASP E 145 -37.09 -5.54 -63.22
C ASP E 145 -36.13 -5.34 -64.39
N ALA E 146 -36.64 -5.03 -65.57
CA ALA E 146 -35.78 -4.79 -66.73
C ALA E 146 -35.03 -3.47 -66.58
N ARG E 147 -35.67 -2.46 -65.97
CA ARG E 147 -35.01 -1.17 -65.77
C ARG E 147 -33.95 -1.25 -64.69
N ASP E 148 -34.27 -1.93 -63.58
CA ASP E 148 -33.34 -2.03 -62.45
C ASP E 148 -32.13 -2.88 -62.80
N GLU E 149 -32.30 -3.89 -63.66
CA GLU E 149 -31.17 -4.69 -64.09
C GLU E 149 -30.30 -3.93 -65.07
N ALA E 150 -30.91 -3.19 -66.00
CA ALA E 150 -30.15 -2.46 -67.00
C ALA E 150 -29.42 -1.26 -66.39
N ASN E 151 -30.07 -0.55 -65.47
CA ASN E 151 -29.43 0.59 -64.81
C ASN E 151 -28.32 0.16 -63.87
N SER E 152 -28.34 -1.09 -63.40
CA SER E 152 -27.24 -1.58 -62.57
C SER E 152 -25.96 -1.71 -63.37
N TYR E 153 -26.05 -2.14 -64.64
CA TYR E 153 -24.87 -2.20 -65.49
C TYR E 153 -24.41 -0.81 -65.90
N LEU E 154 -25.36 0.11 -66.09
CA LEU E 154 -25.00 1.48 -66.41
C LEU E 154 -24.34 2.17 -65.22
N ASP E 155 -24.83 1.90 -64.02
CA ASP E 155 -24.19 2.43 -62.81
C ASP E 155 -22.86 1.75 -62.52
N TYR E 156 -22.70 0.49 -62.94
CA TYR E 156 -21.43 -0.19 -62.73
C TYR E 156 -20.35 0.40 -63.62
N ALA E 157 -20.70 0.79 -64.85
CA ALA E 157 -19.74 1.44 -65.72
C ALA E 157 -19.49 2.88 -65.28
N ILE E 158 -20.51 3.53 -64.70
CA ILE E 158 -20.33 4.87 -64.14
C ILE E 158 -19.44 4.82 -62.92
N ASN E 159 -19.61 3.80 -62.07
CA ASN E 159 -18.79 3.64 -60.88
C ASN E 159 -17.34 3.31 -61.25
N ALA E 160 -17.14 2.60 -62.36
CA ALA E 160 -15.79 2.28 -62.80
C ALA E 160 -15.10 3.47 -63.44
N LEU E 161 -15.87 4.42 -63.97
CA LEU E 161 -15.30 5.58 -64.62
C LEU E 161 -15.16 6.77 -63.69
N SER E 162 -16.01 6.87 -62.67
CA SER E 162 -15.95 7.98 -61.72
C SER E 162 -15.39 7.53 -60.38
N MET F 1 -14.21 -19.09 -68.40
CA MET F 1 -15.13 -20.10 -68.92
C MET F 1 -16.39 -19.45 -69.51
N PHE F 2 -17.25 -20.28 -70.09
CA PHE F 2 -18.49 -19.82 -70.70
C PHE F 2 -19.63 -20.74 -70.27
N ASP F 3 -20.84 -20.18 -70.28
CA ASP F 3 -22.06 -20.95 -70.19
C ASP F 3 -22.86 -20.75 -71.48
N VAL F 4 -24.12 -21.21 -71.47
CA VAL F 4 -24.97 -21.17 -72.66
C VAL F 4 -25.28 -19.72 -73.07
N PHE F 5 -25.23 -18.79 -72.12
CA PHE F 5 -25.52 -17.38 -72.35
C PHE F 5 -24.26 -16.63 -72.81
N THR F 6 -23.16 -16.82 -72.08
CA THR F 6 -21.94 -16.08 -72.36
C THR F 6 -21.20 -16.60 -73.58
N ARG F 7 -21.45 -17.85 -74.00
CA ARG F 7 -20.88 -18.32 -75.27
C ARG F 7 -21.46 -17.53 -76.44
N VAL F 8 -22.78 -17.35 -76.45
CA VAL F 8 -23.43 -16.58 -77.50
C VAL F 8 -23.07 -15.10 -77.38
N VAL F 9 -22.89 -14.61 -76.14
CA VAL F 9 -22.42 -13.24 -75.93
C VAL F 9 -21.01 -13.04 -76.50
N SER F 10 -20.12 -14.01 -76.27
CA SER F 10 -18.75 -13.92 -76.77
C SER F 10 -18.71 -14.02 -78.30
N GLN F 11 -19.54 -14.87 -78.88
CA GLN F 11 -19.61 -14.96 -80.34
C GLN F 11 -20.19 -13.70 -80.95
N ALA F 12 -21.15 -13.07 -80.27
CA ALA F 12 -21.70 -11.79 -80.74
C ALA F 12 -20.67 -10.67 -80.63
N ASP F 13 -19.82 -10.70 -79.60
CA ASP F 13 -18.74 -9.73 -79.53
C ASP F 13 -17.67 -10.00 -80.56
N ALA F 14 -17.44 -11.27 -80.91
CA ALA F 14 -16.52 -11.61 -81.99
C ALA F 14 -17.03 -11.08 -83.32
N ARG F 15 -18.33 -11.18 -83.57
CA ARG F 15 -18.90 -10.50 -84.72
C ARG F 15 -19.09 -9.01 -84.48
N GLY F 16 -19.05 -8.57 -83.22
CA GLY F 16 -19.17 -7.16 -82.87
C GLY F 16 -20.52 -6.54 -83.14
N GLU F 17 -21.59 -7.29 -82.89
CA GLU F 17 -22.93 -6.84 -83.20
C GLU F 17 -23.87 -7.23 -82.06
N TYR F 18 -25.01 -6.57 -82.02
CA TYR F 18 -26.02 -6.88 -81.02
C TYR F 18 -26.63 -8.25 -81.29
N LEU F 19 -27.21 -8.83 -80.23
CA LEU F 19 -27.89 -10.11 -80.36
C LEU F 19 -29.17 -9.94 -81.17
N SER F 20 -29.33 -10.76 -82.20
CA SER F 20 -30.53 -10.70 -83.02
C SER F 20 -31.71 -11.35 -82.29
N GLY F 21 -32.90 -11.23 -82.88
CA GLY F 21 -34.10 -11.74 -82.25
C GLY F 21 -34.14 -13.26 -82.16
N SER F 22 -33.58 -13.95 -83.16
CA SER F 22 -33.56 -15.41 -83.14
C SER F 22 -32.67 -15.94 -82.04
N GLN F 23 -31.53 -15.29 -81.80
CA GLN F 23 -30.65 -15.70 -80.70
C GLN F 23 -31.32 -15.50 -79.35
N LEU F 24 -32.00 -14.36 -79.16
CA LEU F 24 -32.70 -14.12 -77.91
C LEU F 24 -33.88 -15.07 -77.72
N ASP F 25 -34.54 -15.47 -78.81
CA ASP F 25 -35.60 -16.47 -78.70
C ASP F 25 -35.05 -17.84 -78.33
N ALA F 26 -33.88 -18.20 -78.88
CA ALA F 26 -33.23 -19.45 -78.50
C ALA F 26 -32.77 -19.42 -77.04
N LEU F 27 -32.28 -18.27 -76.58
CA LEU F 27 -31.87 -18.17 -75.19
C LEU F 27 -33.08 -18.17 -74.26
N SER F 28 -34.22 -17.65 -74.71
CA SER F 28 -35.47 -17.78 -73.95
C SER F 28 -35.95 -19.22 -73.92
N ALA F 29 -35.70 -19.98 -74.99
CA ALA F 29 -35.97 -21.42 -74.96
C ALA F 29 -35.08 -22.12 -73.95
N THR F 30 -33.82 -21.68 -73.82
CA THR F 30 -32.95 -22.19 -72.77
C THR F 30 -33.47 -21.81 -71.38
N VAL F 31 -34.06 -20.61 -71.26
CA VAL F 31 -34.70 -20.20 -70.00
C VAL F 31 -35.87 -21.12 -69.67
N ALA F 32 -36.67 -21.48 -70.68
CA ALA F 32 -37.74 -22.46 -70.47
C ALA F 32 -37.19 -23.85 -70.13
N GLU F 33 -36.01 -24.19 -70.64
CA GLU F 33 -35.33 -25.44 -70.33
C GLU F 33 -34.67 -25.44 -68.95
N GLY F 34 -34.50 -24.26 -68.35
CA GLY F 34 -33.64 -24.12 -67.18
C GLY F 34 -34.11 -24.87 -65.93
N ASN F 35 -35.42 -24.94 -65.72
CA ASN F 35 -35.93 -25.68 -64.56
C ASN F 35 -35.67 -27.17 -64.67
N LYS F 36 -35.86 -27.73 -65.86
CA LYS F 36 -35.52 -29.13 -66.09
C LYS F 36 -34.02 -29.37 -66.03
N ARG F 37 -33.23 -28.37 -66.44
CA ARG F 37 -31.77 -28.44 -66.30
C ARG F 37 -31.35 -28.48 -64.84
N ILE F 38 -31.98 -27.66 -64.01
CA ILE F 38 -31.69 -27.63 -62.58
C ILE F 38 -32.12 -28.94 -61.91
N ASP F 39 -33.26 -29.51 -62.35
CA ASP F 39 -33.68 -30.83 -61.88
C ASP F 39 -32.68 -31.92 -62.25
N SER F 40 -32.16 -31.90 -63.47
CA SER F 40 -31.17 -32.89 -63.87
C SER F 40 -29.88 -32.75 -63.08
N VAL F 41 -29.43 -31.52 -62.85
CA VAL F 41 -28.24 -31.25 -62.05
C VAL F 41 -28.43 -31.75 -60.62
N ASN F 42 -29.58 -31.46 -60.03
CA ASN F 42 -29.89 -31.88 -58.67
C ASN F 42 -29.98 -33.39 -58.55
N ARG F 43 -30.56 -34.06 -59.55
CA ARG F 43 -30.70 -35.51 -59.50
C ARG F 43 -29.35 -36.21 -59.62
N ILE F 44 -28.49 -35.75 -60.54
CA ILE F 44 -27.16 -36.37 -60.67
C ILE F 44 -26.30 -36.06 -59.45
N THR F 45 -26.42 -34.85 -58.89
CA THR F 45 -25.69 -34.52 -57.67
C THR F 45 -26.16 -35.36 -56.48
N GLY F 46 -27.47 -35.54 -56.33
CA GLY F 46 -27.99 -36.34 -55.25
C GLY F 46 -27.74 -37.82 -55.37
N ASN F 47 -27.56 -38.33 -56.59
CA ASN F 47 -27.24 -39.74 -56.78
C ASN F 47 -25.81 -39.96 -57.25
N ALA F 48 -24.93 -38.98 -57.07
CA ALA F 48 -23.56 -39.04 -57.58
C ALA F 48 -22.75 -40.19 -56.99
N SER F 49 -22.85 -40.40 -55.67
CA SER F 49 -22.08 -41.47 -55.03
C SER F 49 -22.56 -42.84 -55.48
N ALA F 50 -23.88 -43.02 -55.60
CA ALA F 50 -24.43 -44.26 -56.11
C ALA F 50 -24.06 -44.48 -57.57
N ILE F 51 -24.05 -43.41 -58.37
CA ILE F 51 -23.68 -43.52 -59.78
C ILE F 51 -22.23 -43.94 -59.93
N VAL F 52 -21.33 -43.32 -59.14
CA VAL F 52 -19.92 -43.65 -59.19
C VAL F 52 -19.66 -45.09 -58.71
N SER F 53 -20.31 -45.49 -57.60
CA SER F 53 -20.11 -46.82 -57.05
C SER F 53 -20.66 -47.90 -57.98
N ASN F 54 -21.87 -47.71 -58.51
CA ASN F 54 -22.47 -48.72 -59.37
C ASN F 54 -21.77 -48.80 -60.72
N ALA F 55 -21.33 -47.65 -61.26
CA ALA F 55 -20.59 -47.65 -62.51
C ALA F 55 -19.22 -48.31 -62.35
N ALA F 56 -18.54 -48.07 -61.22
CA ALA F 56 -17.29 -48.74 -60.94
C ALA F 56 -17.47 -50.24 -60.77
N ARG F 57 -18.52 -50.65 -60.05
CA ARG F 57 -18.78 -52.07 -59.84
C ARG F 57 -19.11 -52.79 -61.14
N ALA F 58 -19.93 -52.17 -61.99
CA ALA F 58 -20.26 -52.77 -63.28
C ALA F 58 -19.07 -52.74 -64.23
N LEU F 59 -18.22 -51.72 -64.13
CA LEU F 59 -17.02 -51.66 -64.97
C LEU F 59 -16.02 -52.75 -64.60
N PHE F 60 -15.81 -52.97 -63.30
CA PHE F 60 -14.88 -54.00 -62.88
C PHE F 60 -15.51 -55.39 -62.94
N ALA F 61 -16.83 -55.49 -63.06
CA ALA F 61 -17.44 -56.77 -63.42
C ALA F 61 -17.28 -57.07 -64.91
N GLU F 62 -17.47 -56.06 -65.77
CA GLU F 62 -17.25 -56.27 -67.20
C GLU F 62 -15.79 -56.42 -67.53
N GLN F 63 -14.92 -55.68 -66.84
CA GLN F 63 -13.47 -55.72 -67.05
C GLN F 63 -12.84 -56.20 -65.75
N PRO F 64 -12.73 -57.52 -65.54
CA PRO F 64 -12.15 -58.01 -64.28
C PRO F 64 -10.64 -57.85 -64.21
N GLN F 65 -9.97 -57.60 -65.34
CA GLN F 65 -8.51 -57.50 -65.36
C GLN F 65 -7.98 -56.22 -64.71
N LEU F 66 -8.84 -55.24 -64.46
CA LEU F 66 -8.39 -54.02 -63.79
C LEU F 66 -8.15 -54.25 -62.31
N ILE F 67 -9.02 -55.03 -61.65
CA ILE F 67 -8.86 -55.32 -60.23
C ILE F 67 -7.99 -56.54 -59.96
N GLN F 68 -7.64 -57.31 -60.98
CA GLN F 68 -6.64 -58.35 -60.81
C GLN F 68 -5.27 -57.71 -60.56
N PRO F 69 -4.38 -58.41 -59.84
CA PRO F 69 -3.02 -57.89 -59.65
C PRO F 69 -2.26 -57.73 -60.95
N GLY F 70 -1.59 -56.58 -61.05
CA GLY F 70 -0.93 -56.24 -62.33
C GLY F 70 -1.84 -55.28 -63.08
N GLY F 71 -3.05 -55.05 -62.56
CA GLY F 71 -4.03 -54.17 -63.22
C GLY F 71 -3.88 -52.73 -62.77
N ASN F 72 -4.63 -51.82 -63.39
CA ASN F 72 -4.48 -50.37 -63.06
C ASN F 72 -5.38 -49.99 -61.88
N ALA F 73 -6.52 -50.66 -61.72
CA ALA F 73 -7.38 -50.39 -60.55
C ALA F 73 -6.93 -51.25 -59.38
N TYR F 74 -5.78 -51.93 -59.51
CA TYR F 74 -5.27 -52.83 -58.45
C TYR F 74 -4.73 -51.99 -57.29
N THR F 75 -4.61 -52.55 -56.08
CA THR F 75 -4.19 -51.88 -54.85
C THR F 75 -5.15 -50.76 -54.46
N SER F 76 -5.10 -50.37 -53.19
CA SER F 76 -6.11 -49.45 -52.67
C SER F 76 -5.90 -48.03 -53.15
N ARG F 77 -4.65 -47.63 -53.37
CA ARG F 77 -4.35 -46.27 -53.80
C ARG F 77 -4.89 -46.02 -55.19
N ARG F 78 -4.61 -46.94 -56.12
CA ARG F 78 -5.08 -46.79 -57.49
C ARG F 78 -6.59 -46.98 -57.58
N MET F 79 -7.18 -47.80 -56.69
CA MET F 79 -8.62 -47.97 -56.69
C MET F 79 -9.32 -46.70 -56.22
N ALA F 80 -8.81 -46.08 -55.16
CA ALA F 80 -9.35 -44.82 -54.69
C ALA F 80 -9.12 -43.70 -55.71
N ALA F 81 -7.99 -43.75 -56.41
CA ALA F 81 -7.73 -42.78 -57.48
C ALA F 81 -8.69 -42.96 -58.65
N CYS F 82 -9.03 -44.22 -58.97
CA CYS F 82 -10.00 -44.49 -60.03
C CYS F 82 -11.39 -43.99 -59.66
N LEU F 83 -11.82 -44.25 -58.42
CA LEU F 83 -13.12 -43.78 -57.94
C LEU F 83 -13.15 -42.26 -57.88
N ARG F 84 -12.03 -41.64 -57.50
CA ARG F 84 -11.91 -40.18 -57.53
C ARG F 84 -12.00 -39.64 -58.94
N ASP F 85 -11.42 -40.37 -59.91
CA ASP F 85 -11.51 -39.96 -61.31
C ASP F 85 -12.95 -40.01 -61.82
N MET F 86 -13.69 -41.07 -61.44
CA MET F 86 -15.12 -41.12 -61.76
C MET F 86 -15.89 -39.97 -61.13
N GLU F 87 -15.59 -39.67 -59.86
CA GLU F 87 -16.29 -38.59 -59.16
C GLU F 87 -15.96 -37.22 -59.77
N ILE F 88 -14.70 -37.03 -60.19
CA ILE F 88 -14.28 -35.77 -60.79
C ILE F 88 -14.93 -35.58 -62.16
N ILE F 89 -14.92 -36.63 -62.99
CA ILE F 89 -15.52 -36.55 -64.32
C ILE F 89 -17.03 -36.31 -64.21
N LEU F 90 -17.70 -37.00 -63.27
CA LEU F 90 -19.11 -36.76 -63.02
C LEU F 90 -19.38 -35.35 -62.51
N ARG F 91 -18.47 -34.83 -61.68
CA ARG F 91 -18.60 -33.49 -61.13
C ARG F 91 -18.51 -32.42 -62.23
N TYR F 92 -17.57 -32.56 -63.15
CA TYR F 92 -17.52 -31.59 -64.24
C TYR F 92 -18.57 -31.82 -65.32
N VAL F 93 -19.12 -33.03 -65.46
CA VAL F 93 -20.31 -33.20 -66.29
C VAL F 93 -21.50 -32.47 -65.68
N THR F 94 -21.65 -32.52 -64.34
CA THR F 94 -22.69 -31.73 -63.70
C THR F 94 -22.43 -30.24 -63.82
N TYR F 95 -21.15 -29.83 -63.81
CA TYR F 95 -20.79 -28.44 -64.03
C TYR F 95 -21.20 -27.97 -65.42
N ALA F 96 -20.91 -28.79 -66.44
CA ALA F 96 -21.25 -28.43 -67.82
C ALA F 96 -22.76 -28.46 -68.05
N THR F 97 -23.47 -29.38 -67.39
CA THR F 97 -24.93 -29.39 -67.46
C THR F 97 -25.52 -28.15 -66.79
N PHE F 98 -24.93 -27.74 -65.66
CA PHE F 98 -25.37 -26.54 -64.95
C PHE F 98 -25.15 -25.28 -65.78
N THR F 99 -23.97 -25.17 -66.41
CA THR F 99 -23.70 -23.99 -67.23
C THR F 99 -24.50 -24.02 -68.52
N GLY F 100 -24.55 -25.15 -69.19
CA GLY F 100 -25.09 -25.21 -70.53
C GLY F 100 -24.06 -25.12 -71.62
N ASP F 101 -22.78 -25.08 -71.27
CA ASP F 101 -21.69 -25.10 -72.24
C ASP F 101 -20.52 -25.82 -71.58
N ALA F 102 -19.75 -26.55 -72.41
CA ALA F 102 -18.69 -27.41 -71.91
C ALA F 102 -17.33 -26.75 -71.86
N SER F 103 -17.28 -25.43 -71.64
CA SER F 103 -16.00 -24.75 -71.47
C SER F 103 -15.31 -25.19 -70.19
N VAL F 104 -16.06 -25.37 -69.10
CA VAL F 104 -15.47 -25.82 -67.85
C VAL F 104 -15.03 -27.27 -67.96
N LEU F 105 -15.72 -28.09 -68.74
CA LEU F 105 -15.40 -29.49 -68.85
C LEU F 105 -14.14 -29.72 -69.68
N GLU F 106 -14.00 -28.99 -70.79
CA GLU F 106 -12.76 -29.08 -71.56
C GLU F 106 -11.60 -28.37 -70.88
N ASP F 107 -11.84 -27.16 -70.36
CA ASP F 107 -10.72 -26.35 -69.88
C ASP F 107 -10.24 -26.79 -68.51
N ARG F 108 -11.15 -27.15 -67.62
CA ARG F 108 -10.77 -27.44 -66.24
C ARG F 108 -10.77 -28.92 -65.89
N CYS F 109 -11.28 -29.80 -66.76
CA CYS F 109 -11.23 -31.23 -66.51
C CYS F 109 -10.51 -32.01 -67.59
N LEU F 110 -10.92 -31.89 -68.84
CA LEU F 110 -10.41 -32.75 -69.90
C LEU F 110 -9.17 -32.20 -70.58
N ASN F 111 -8.65 -31.06 -70.15
CA ASN F 111 -7.44 -30.52 -70.74
C ASN F 111 -6.24 -31.32 -70.25
N GLY F 112 -5.60 -32.05 -71.16
CA GLY F 112 -4.42 -32.81 -70.81
C GLY F 112 -4.67 -34.11 -70.09
N LEU F 113 -5.90 -34.59 -70.05
CA LEU F 113 -6.20 -35.84 -69.36
C LEU F 113 -5.73 -37.06 -70.13
N ARG F 114 -5.77 -37.02 -71.47
CA ARG F 114 -5.42 -38.19 -72.27
C ARG F 114 -3.93 -38.52 -72.17
N GLU F 115 -3.06 -37.52 -72.33
CA GLU F 115 -1.64 -37.82 -72.20
C GLU F 115 -1.22 -38.02 -70.75
N THR F 116 -1.97 -37.48 -69.79
CA THR F 116 -1.75 -37.85 -68.38
C THR F 116 -2.02 -39.34 -68.16
N TYR F 117 -3.14 -39.83 -68.70
CA TYR F 117 -3.44 -41.26 -68.59
C TYR F 117 -2.49 -42.12 -69.40
N VAL F 118 -1.94 -41.57 -70.49
CA VAL F 118 -0.90 -42.26 -71.24
C VAL F 118 0.38 -42.39 -70.40
N ALA F 119 0.77 -41.29 -69.75
CA ALA F 119 2.01 -41.27 -68.98
C ALA F 119 1.93 -42.13 -67.73
N LEU F 120 0.77 -42.20 -67.09
CA LEU F 120 0.63 -43.03 -65.91
C LEU F 120 0.37 -44.50 -66.23
N GLY F 121 0.17 -44.84 -67.50
CA GLY F 121 -0.22 -46.19 -67.84
C GLY F 121 -1.67 -46.50 -67.60
N VAL F 122 -2.49 -45.47 -67.41
CA VAL F 122 -3.92 -45.66 -67.18
C VAL F 122 -4.59 -46.02 -68.50
N PRO F 123 -5.34 -47.11 -68.57
CA PRO F 123 -6.05 -47.45 -69.81
C PRO F 123 -7.22 -46.52 -70.08
N GLY F 124 -7.10 -45.69 -71.12
CA GLY F 124 -8.13 -44.72 -71.41
C GLY F 124 -9.42 -45.32 -71.95
N ALA F 125 -9.33 -46.52 -72.55
CA ALA F 125 -10.54 -47.21 -73.01
C ALA F 125 -11.39 -47.65 -71.83
N SER F 126 -10.76 -48.13 -70.75
CA SER F 126 -11.51 -48.56 -69.58
C SER F 126 -12.12 -47.37 -68.84
N VAL F 127 -11.39 -46.23 -68.81
CA VAL F 127 -11.95 -45.01 -68.23
C VAL F 127 -13.12 -44.50 -69.07
N ALA F 128 -13.01 -44.61 -70.40
CA ALA F 128 -14.11 -44.23 -71.27
C ALA F 128 -15.33 -45.13 -71.06
N ALA F 129 -15.10 -46.44 -70.86
CA ALA F 129 -16.20 -47.36 -70.57
C ALA F 129 -16.84 -47.05 -69.22
N GLY F 130 -16.03 -46.68 -68.22
CA GLY F 130 -16.58 -46.25 -66.96
C GLY F 130 -17.39 -44.97 -67.05
N VAL F 131 -16.94 -44.02 -67.90
CA VAL F 131 -17.71 -42.80 -68.15
C VAL F 131 -19.03 -43.12 -68.85
N GLN F 132 -19.01 -44.11 -69.77
CA GLN F 132 -20.25 -44.58 -70.38
C GLN F 132 -21.21 -45.18 -69.35
N LYS F 133 -20.69 -45.99 -68.43
CA LYS F 133 -21.53 -46.58 -67.39
C LYS F 133 -22.11 -45.51 -66.47
N MET F 134 -21.31 -44.49 -66.15
CA MET F 134 -21.82 -43.29 -65.50
C MET F 134 -22.89 -42.60 -66.33
N LYS F 135 -22.78 -42.66 -67.67
CA LYS F 135 -23.75 -41.98 -68.53
C LYS F 135 -25.12 -42.65 -68.48
N GLU F 136 -25.18 -43.99 -68.65
CA GLU F 136 -26.50 -44.62 -68.48
C GLU F 136 -26.99 -44.56 -67.04
N ALA F 137 -26.09 -44.55 -66.06
CA ALA F 137 -26.54 -44.39 -64.66
C ALA F 137 -27.19 -43.02 -64.44
N ALA F 138 -26.54 -41.95 -64.91
CA ALA F 138 -27.08 -40.61 -64.74
C ALA F 138 -28.32 -40.37 -65.59
N LEU F 139 -28.41 -41.03 -66.76
CA LEU F 139 -29.62 -40.89 -67.55
C LEU F 139 -30.79 -41.68 -66.96
N ASP F 140 -30.52 -42.77 -66.25
CA ASP F 140 -31.58 -43.45 -65.53
C ASP F 140 -32.04 -42.64 -64.31
N ILE F 141 -31.12 -41.94 -63.65
CA ILE F 141 -31.50 -41.09 -62.53
C ILE F 141 -32.29 -39.87 -63.00
N VAL F 142 -31.84 -39.23 -64.10
CA VAL F 142 -32.49 -38.01 -64.58
C VAL F 142 -33.88 -38.31 -65.12
N ASN F 143 -34.00 -39.34 -65.97
CA ASN F 143 -35.26 -39.65 -66.63
C ASN F 143 -36.18 -40.53 -65.78
N ASP F 144 -35.97 -40.57 -64.47
CA ASP F 144 -36.90 -41.24 -63.57
C ASP F 144 -38.18 -40.41 -63.51
N PRO F 145 -39.34 -40.96 -63.88
CA PRO F 145 -40.57 -40.16 -63.89
C PRO F 145 -41.25 -40.03 -62.53
N ASN F 146 -40.72 -40.63 -61.48
CA ASN F 146 -41.35 -40.55 -60.17
C ASN F 146 -40.80 -39.37 -59.37
N GLY F 147 -41.69 -38.75 -58.60
CA GLY F 147 -41.29 -37.70 -57.69
C GLY F 147 -40.92 -36.39 -58.31
N ILE F 148 -41.43 -36.10 -59.51
CA ILE F 148 -41.11 -34.86 -60.22
C ILE F 148 -42.28 -34.52 -61.14
N THR F 149 -42.34 -33.26 -61.54
CA THR F 149 -43.40 -32.79 -62.44
C THR F 149 -43.20 -33.37 -63.83
N ARG F 150 -44.29 -33.86 -64.43
CA ARG F 150 -44.23 -34.47 -65.74
C ARG F 150 -43.89 -33.44 -66.82
N GLY F 151 -43.10 -33.86 -67.80
CA GLY F 151 -42.76 -33.01 -68.91
C GLY F 151 -41.73 -33.66 -69.80
N ASP F 152 -41.51 -33.04 -70.94
CA ASP F 152 -40.54 -33.52 -71.92
C ASP F 152 -39.18 -32.95 -71.55
N CYS F 153 -38.17 -33.82 -71.47
CA CYS F 153 -36.83 -33.45 -71.07
C CYS F 153 -35.81 -34.10 -71.99
N SER F 154 -36.13 -34.20 -73.28
CA SER F 154 -35.25 -34.88 -74.22
C SER F 154 -34.01 -34.05 -74.53
N ALA F 155 -34.15 -32.71 -74.55
CA ALA F 155 -33.01 -31.86 -74.90
C ALA F 155 -31.96 -31.85 -73.81
N ILE F 156 -32.37 -31.78 -72.54
CA ILE F 156 -31.40 -31.77 -71.45
C ILE F 156 -30.76 -33.14 -71.28
N VAL F 157 -31.52 -34.22 -71.51
CA VAL F 157 -30.96 -35.57 -71.48
C VAL F 157 -29.95 -35.77 -72.60
N ALA F 158 -30.27 -35.24 -73.80
CA ALA F 158 -29.34 -35.31 -74.92
C ALA F 158 -28.09 -34.47 -74.66
N GLU F 159 -28.25 -33.33 -74.00
CA GLU F 159 -27.08 -32.50 -73.66
C GLU F 159 -26.18 -33.18 -72.63
N ILE F 160 -26.78 -33.83 -71.64
CA ILE F 160 -26.01 -34.59 -70.64
C ILE F 160 -25.29 -35.76 -71.31
N ALA F 161 -25.97 -36.47 -72.21
CA ALA F 161 -25.36 -37.57 -72.94
C ALA F 161 -24.22 -37.08 -73.83
N GLY F 162 -24.39 -35.93 -74.48
CA GLY F 162 -23.32 -35.38 -75.29
C GLY F 162 -22.14 -34.94 -74.47
N TYR F 163 -22.39 -34.39 -73.27
CA TYR F 163 -21.30 -34.03 -72.36
C TYR F 163 -20.56 -35.27 -71.88
N PHE F 164 -21.30 -36.36 -71.65
CA PHE F 164 -20.68 -37.61 -71.22
C PHE F 164 -19.84 -38.24 -72.32
N ASP F 165 -20.34 -38.24 -73.57
CA ASP F 165 -19.52 -38.74 -74.68
C ASP F 165 -18.34 -37.81 -74.97
N ARG F 166 -18.48 -36.51 -74.70
CA ARG F 166 -17.36 -35.61 -74.85
C ARG F 166 -16.30 -35.85 -73.79
N ALA F 167 -16.72 -36.23 -72.58
CA ALA F 167 -15.78 -36.65 -71.54
C ALA F 167 -15.13 -37.99 -71.89
N ALA F 168 -15.90 -38.91 -72.46
CA ALA F 168 -15.38 -40.25 -72.75
C ALA F 168 -14.43 -40.24 -73.94
N ALA F 169 -14.66 -39.36 -74.92
CA ALA F 169 -13.78 -39.28 -76.07
C ALA F 169 -12.47 -38.59 -75.76
N ALA F 170 -12.40 -37.85 -74.65
CA ALA F 170 -11.18 -37.16 -74.25
C ALA F 170 -10.18 -38.07 -73.55
N VAL F 171 -10.57 -39.30 -73.21
CA VAL F 171 -9.64 -40.26 -72.61
C VAL F 171 -9.38 -41.47 -73.51
N ALA F 172 -10.29 -41.81 -74.41
CA ALA F 172 -10.09 -42.96 -75.29
C ALA F 172 -9.24 -42.58 -76.50
N MET G 1 20.17 -32.04 -33.30
CA MET G 1 21.34 -32.62 -33.96
C MET G 1 20.93 -33.80 -34.84
N LYS G 2 21.90 -34.39 -35.54
CA LYS G 2 21.66 -35.51 -36.44
C LYS G 2 22.17 -36.79 -35.75
N THR G 3 21.26 -37.48 -35.09
CA THR G 3 21.46 -38.81 -34.53
C THR G 3 20.31 -39.66 -35.05
N PRO G 4 20.44 -41.00 -35.03
CA PRO G 4 19.33 -41.85 -35.51
C PRO G 4 18.01 -41.65 -34.81
N LEU G 5 18.00 -41.43 -33.49
CA LEU G 5 16.75 -41.23 -32.76
C LEU G 5 16.10 -39.91 -33.15
N THR G 6 16.89 -38.83 -33.14
CA THR G 6 16.37 -37.51 -33.48
C THR G 6 15.95 -37.43 -34.95
N GLU G 7 16.72 -38.04 -35.85
CA GLU G 7 16.37 -38.00 -37.26
C GLU G 7 15.15 -38.84 -37.57
N ALA G 8 15.01 -40.00 -36.89
CA ALA G 8 13.83 -40.84 -37.05
C ALA G 8 12.58 -40.11 -36.56
N VAL G 9 12.67 -39.45 -35.41
CA VAL G 9 11.54 -38.72 -34.87
C VAL G 9 11.18 -37.52 -35.75
N SER G 10 12.19 -36.80 -36.25
CA SER G 10 11.94 -35.66 -37.12
C SER G 10 11.32 -36.08 -38.46
N THR G 11 11.77 -37.21 -39.02
CA THR G 11 11.19 -37.74 -40.24
C THR G 11 9.73 -38.15 -40.02
N ALA G 12 9.47 -38.91 -38.95
CA ALA G 12 8.11 -39.35 -38.64
C ALA G 12 7.19 -38.18 -38.29
N ASP G 13 7.75 -37.11 -37.70
CA ASP G 13 6.98 -35.92 -37.40
C ASP G 13 6.63 -35.13 -38.64
N SER G 14 7.59 -35.03 -39.58
CA SER G 14 7.31 -34.34 -40.84
C SER G 14 6.27 -35.07 -41.66
N GLN G 15 6.32 -36.39 -41.69
CA GLN G 15 5.28 -37.13 -42.40
C GLN G 15 4.06 -37.36 -41.53
N GLY G 16 4.06 -36.85 -40.30
CA GLY G 16 2.88 -36.82 -39.44
C GLY G 16 2.41 -38.17 -38.98
N ARG G 17 3.33 -39.10 -38.74
CA ARG G 17 2.99 -40.48 -38.48
C ARG G 17 3.58 -40.94 -37.16
N PHE G 18 3.05 -42.04 -36.65
CA PHE G 18 3.61 -42.68 -35.48
C PHE G 18 4.90 -43.40 -35.84
N LEU G 19 5.58 -43.89 -34.81
CA LEU G 19 6.85 -44.58 -34.99
C LEU G 19 6.59 -46.01 -35.41
N SER G 20 6.74 -46.29 -36.70
CA SER G 20 6.52 -47.63 -37.23
C SER G 20 7.71 -48.52 -36.92
N SER G 21 7.73 -49.72 -37.50
CA SER G 21 8.84 -50.64 -37.29
C SER G 21 10.13 -50.15 -37.95
N THR G 22 10.02 -49.25 -38.92
CA THR G 22 11.20 -48.61 -39.51
C THR G 22 12.00 -47.84 -38.47
N GLU G 23 11.31 -47.00 -37.69
CA GLU G 23 11.97 -46.23 -36.65
C GLU G 23 12.44 -47.13 -35.51
N LEU G 24 11.72 -48.22 -35.25
CA LEU G 24 12.17 -49.19 -34.26
C LEU G 24 13.49 -49.83 -34.68
N GLN G 25 13.64 -50.16 -35.97
CA GLN G 25 14.92 -50.68 -36.45
C GLN G 25 16.02 -49.61 -36.43
N ILE G 26 15.65 -48.35 -36.63
CA ILE G 26 16.59 -47.25 -36.49
C ILE G 26 17.15 -47.20 -35.07
N ALA G 27 16.27 -47.29 -34.08
CA ALA G 27 16.70 -47.34 -32.69
C ALA G 27 17.43 -48.64 -32.37
N PHE G 28 17.13 -49.71 -33.09
CA PHE G 28 17.81 -50.99 -32.88
C PHE G 28 19.27 -50.91 -33.30
N GLY G 29 19.53 -50.31 -34.46
CA GLY G 29 20.91 -50.09 -34.87
C GLY G 29 21.63 -49.10 -33.98
N ARG G 30 20.90 -48.08 -33.51
CA ARG G 30 21.45 -47.15 -32.52
C ARG G 30 21.87 -47.87 -31.24
N LEU G 31 21.04 -48.79 -30.75
CA LEU G 31 21.40 -49.56 -29.57
C LEU G 31 22.52 -50.54 -29.86
N ARG G 32 22.57 -51.07 -31.09
CA ARG G 32 23.57 -52.05 -31.45
C ARG G 32 24.97 -51.45 -31.44
N GLN G 33 25.11 -50.21 -31.88
CA GLN G 33 26.44 -49.64 -31.98
C GLN G 33 26.67 -48.50 -30.96
N ALA G 34 25.68 -48.23 -30.10
CA ALA G 34 25.83 -47.18 -29.09
C ALA G 34 26.85 -47.55 -28.02
N ASN G 35 26.92 -48.82 -27.62
CA ASN G 35 27.90 -49.25 -26.63
C ASN G 35 29.33 -49.11 -27.14
N ALA G 36 29.55 -49.48 -28.41
CA ALA G 36 30.86 -49.33 -29.03
C ALA G 36 31.22 -47.85 -29.18
N GLY G 37 30.23 -47.01 -29.52
CA GLY G 37 30.48 -45.58 -29.59
C GLY G 37 30.84 -44.98 -28.24
N LEU G 38 30.17 -45.42 -27.17
CA LEU G 38 30.46 -44.93 -25.83
C LEU G 38 31.85 -45.35 -25.38
N GLN G 39 32.22 -46.61 -25.59
CA GLN G 39 33.55 -47.03 -25.12
C GLN G 39 34.67 -46.49 -26.01
N ALA G 40 34.39 -46.23 -27.29
CA ALA G 40 35.34 -45.49 -28.12
C ALA G 40 35.51 -44.06 -27.63
N ALA G 41 34.41 -43.42 -27.23
CA ALA G 41 34.49 -42.06 -26.69
C ALA G 41 35.26 -42.02 -25.38
N LYS G 42 35.09 -43.04 -24.54
CA LYS G 42 35.89 -43.15 -23.32
C LYS G 42 37.38 -43.38 -23.62
N ALA G 43 37.69 -44.22 -24.61
CA ALA G 43 39.10 -44.43 -24.96
C ALA G 43 39.74 -43.16 -25.50
N LEU G 44 39.01 -42.41 -26.32
CA LEU G 44 39.51 -41.12 -26.80
C LEU G 44 39.61 -40.10 -25.69
N THR G 45 38.68 -40.11 -24.72
CA THR G 45 38.75 -39.20 -23.58
C THR G 45 39.98 -39.48 -22.72
N ASP G 46 40.28 -40.76 -22.48
CA ASP G 46 41.46 -41.09 -21.68
C ASP G 46 42.76 -40.82 -22.43
N ASN G 47 42.78 -40.99 -23.74
CA ASN G 47 44.02 -40.78 -24.50
C ASN G 47 44.04 -39.39 -25.17
N ALA G 48 43.12 -38.50 -24.78
CA ALA G 48 42.92 -37.23 -25.46
C ALA G 48 44.12 -36.30 -25.38
N GLN G 49 44.78 -36.21 -24.23
CA GLN G 49 45.90 -35.28 -24.08
C GLN G 49 47.07 -35.67 -24.96
N SER G 50 47.41 -36.97 -24.97
CA SER G 50 48.47 -37.47 -25.83
C SER G 50 48.09 -37.37 -27.30
N LEU G 51 46.80 -37.59 -27.62
CA LEU G 51 46.34 -37.47 -29.00
C LEU G 51 46.43 -36.04 -29.51
N VAL G 52 46.04 -35.07 -28.68
CA VAL G 52 46.10 -33.66 -29.08
C VAL G 52 47.55 -33.18 -29.20
N ASN G 53 48.41 -33.58 -28.25
CA ASN G 53 49.82 -33.19 -28.34
C ASN G 53 50.51 -33.82 -29.55
N GLY G 54 50.23 -35.11 -29.82
CA GLY G 54 50.82 -35.75 -30.97
C GLY G 54 50.28 -35.21 -32.28
N ALA G 55 49.00 -34.85 -32.32
CA ALA G 55 48.41 -34.26 -33.52
C ALA G 55 48.98 -32.88 -33.80
N ALA G 56 49.19 -32.08 -32.75
CA ALA G 56 49.83 -30.78 -32.90
C ALA G 56 51.26 -30.93 -33.39
N GLN G 57 51.99 -31.90 -32.83
CA GLN G 57 53.36 -32.15 -33.28
C GLN G 57 53.41 -32.67 -34.72
N ALA G 58 52.42 -33.47 -35.12
CA ALA G 58 52.36 -33.96 -36.49
C ALA G 58 52.04 -32.85 -37.48
N VAL G 59 51.19 -31.91 -37.08
CA VAL G 59 50.91 -30.75 -37.92
C VAL G 59 52.15 -29.86 -38.03
N TYR G 60 52.88 -29.68 -36.93
CA TYR G 60 54.10 -28.88 -36.98
C TYR G 60 55.19 -29.58 -37.77
N ASN G 61 55.17 -30.92 -37.82
CA ASN G 61 56.13 -31.66 -38.63
C ASN G 61 55.79 -31.57 -40.11
N LYS G 62 54.51 -31.69 -40.46
CA LYS G 62 54.12 -31.57 -41.87
C LYS G 62 54.20 -30.12 -42.33
N PHE G 63 53.85 -29.18 -41.46
CA PHE G 63 53.80 -27.75 -41.78
C PHE G 63 54.71 -27.01 -40.82
N PRO G 64 56.03 -27.00 -41.09
CA PRO G 64 56.96 -26.30 -40.18
C PRO G 64 56.87 -24.79 -40.24
N TYR G 65 56.31 -24.24 -41.32
CA TYR G 65 56.17 -22.79 -41.47
C TYR G 65 55.25 -22.18 -40.43
N THR G 66 54.37 -22.98 -39.84
CA THR G 66 53.53 -22.51 -38.74
C THR G 66 54.35 -22.23 -37.49
N THR G 67 55.45 -22.96 -37.28
CA THR G 67 56.24 -22.82 -36.06
C THR G 67 57.50 -21.97 -36.24
N GLN G 68 57.65 -21.32 -37.39
CA GLN G 68 58.84 -20.51 -37.63
C GLN G 68 58.54 -19.14 -38.23
N THR G 69 57.38 -18.92 -38.82
CA THR G 69 57.03 -17.64 -39.42
C THR G 69 56.17 -16.83 -38.46
N GLN G 70 56.40 -15.51 -38.44
CA GLN G 70 55.63 -14.64 -37.58
C GLN G 70 54.23 -14.40 -38.14
N GLY G 71 53.26 -14.33 -37.24
CA GLY G 71 51.88 -14.12 -37.64
C GLY G 71 50.92 -14.51 -36.54
N ASN G 72 49.72 -13.93 -36.58
CA ASN G 72 48.70 -14.28 -35.59
C ASN G 72 48.18 -15.70 -35.82
N ASN G 73 48.03 -16.09 -37.08
CA ASN G 73 47.45 -17.39 -37.42
C ASN G 73 48.43 -18.54 -37.27
N PHE G 74 49.70 -18.26 -37.00
CA PHE G 74 50.72 -19.29 -36.92
C PHE G 74 51.07 -19.58 -35.45
N ALA G 75 51.68 -20.75 -35.25
CA ALA G 75 52.01 -21.24 -33.91
C ALA G 75 53.49 -21.07 -33.61
N ALA G 76 54.09 -19.96 -34.04
CA ALA G 76 55.50 -19.70 -33.76
C ALA G 76 55.72 -19.40 -32.29
N ASP G 77 54.86 -18.59 -31.69
CA ASP G 77 54.96 -18.28 -30.28
C ASP G 77 54.21 -19.33 -29.45
N GLN G 78 54.24 -19.14 -28.13
CA GLN G 78 53.56 -20.09 -27.25
C GLN G 78 52.05 -19.92 -27.31
N ARG G 79 51.59 -18.69 -27.57
CA ARG G 79 50.16 -18.41 -27.70
C ARG G 79 49.56 -19.15 -28.89
N GLY G 80 50.26 -19.15 -30.03
CA GLY G 80 49.78 -19.89 -31.19
C GLY G 80 49.77 -21.39 -30.98
N LYS G 81 50.74 -21.91 -30.23
CA LYS G 81 50.76 -23.33 -29.90
C LYS G 81 49.60 -23.70 -28.97
N ASP G 82 49.29 -22.82 -28.01
CA ASP G 82 48.12 -23.03 -27.16
C ASP G 82 46.83 -22.97 -27.96
N LYS G 83 46.75 -22.07 -28.94
CA LYS G 83 45.57 -21.99 -29.80
C LYS G 83 45.41 -23.25 -30.65
N CYS G 84 46.52 -23.78 -31.18
CA CYS G 84 46.44 -25.00 -31.99
C CYS G 84 46.09 -26.22 -31.15
N ALA G 85 46.64 -26.31 -29.94
CA ALA G 85 46.28 -27.40 -29.03
C ALA G 85 44.82 -27.30 -28.60
N ARG G 86 44.33 -26.07 -28.37
CA ARG G 86 42.93 -25.87 -28.05
C ARG G 86 42.01 -26.24 -29.22
N ASP G 87 42.45 -25.94 -30.45
CA ASP G 87 41.66 -26.28 -31.63
C ASP G 87 41.58 -27.79 -31.82
N ILE G 88 42.71 -28.48 -31.68
CA ILE G 88 42.71 -29.94 -31.84
C ILE G 88 41.95 -30.61 -30.69
N GLY G 89 42.01 -30.02 -29.49
CA GLY G 89 41.17 -30.51 -28.40
C GLY G 89 39.70 -30.31 -28.66
N TYR G 90 39.34 -29.19 -29.30
CA TYR G 90 37.96 -28.95 -29.72
C TYR G 90 37.50 -30.01 -30.71
N TYR G 91 38.34 -30.30 -31.71
CA TYR G 91 38.03 -31.29 -32.73
C TYR G 91 37.84 -32.67 -32.12
N LEU G 92 38.77 -33.07 -31.24
CA LEU G 92 38.68 -34.38 -30.60
C LEU G 92 37.51 -34.49 -29.63
N ARG G 93 37.18 -33.40 -28.93
CA ARG G 93 36.04 -33.43 -28.01
C ARG G 93 34.72 -33.54 -28.77
N ILE G 94 34.62 -32.88 -29.92
CA ILE G 94 33.41 -33.03 -30.73
C ILE G 94 33.36 -34.41 -31.37
N VAL G 95 34.52 -35.02 -31.67
CA VAL G 95 34.54 -36.42 -32.10
C VAL G 95 34.00 -37.35 -31.02
N THR G 96 34.40 -37.12 -29.76
CA THR G 96 33.85 -37.91 -28.65
C THR G 96 32.37 -37.65 -28.46
N TYR G 97 31.93 -36.41 -28.69
CA TYR G 97 30.51 -36.08 -28.63
C TYR G 97 29.72 -36.83 -29.71
N CYS G 98 30.29 -36.94 -30.91
CA CYS G 98 29.65 -37.66 -31.99
C CYS G 98 29.63 -39.17 -31.72
N LEU G 99 30.69 -39.68 -31.08
CA LEU G 99 30.71 -41.09 -30.70
C LEU G 99 29.66 -41.40 -29.65
N VAL G 100 29.47 -40.49 -28.69
CA VAL G 100 28.42 -40.66 -27.69
C VAL G 100 27.04 -40.54 -28.33
N ALA G 101 26.85 -39.52 -29.16
CA ALA G 101 25.54 -39.20 -29.73
C ALA G 101 25.09 -40.20 -30.78
N GLY G 102 26.01 -40.71 -31.60
CA GLY G 102 25.66 -41.64 -32.64
C GLY G 102 25.52 -41.06 -34.02
N GLY G 103 25.94 -39.82 -34.23
CA GLY G 103 25.88 -39.22 -35.55
C GLY G 103 26.74 -37.98 -35.59
N THR G 104 26.79 -37.37 -36.77
CA THR G 104 27.63 -36.20 -37.02
C THR G 104 26.97 -34.90 -36.57
N GLY G 105 25.87 -34.98 -35.82
CA GLY G 105 25.17 -33.83 -35.29
C GLY G 105 25.96 -32.88 -34.40
N PRO G 106 26.74 -33.39 -33.42
CA PRO G 106 27.65 -32.48 -32.70
C PRO G 106 28.68 -31.80 -33.60
N LEU G 107 29.15 -32.48 -34.65
CA LEU G 107 30.03 -31.82 -35.61
C LEU G 107 29.27 -30.76 -36.41
N ASP G 108 28.06 -31.08 -36.85
CA ASP G 108 27.30 -30.15 -37.68
C ASP G 108 26.83 -28.92 -36.89
N GLU G 109 26.61 -29.07 -35.60
CA GLU G 109 26.15 -27.92 -34.81
C GLU G 109 27.30 -27.18 -34.12
N TYR G 110 28.42 -27.86 -33.85
CA TYR G 110 29.51 -27.24 -33.12
C TYR G 110 30.73 -26.95 -33.97
N LEU G 111 30.99 -27.72 -35.02
CA LEU G 111 32.23 -27.50 -35.76
C LEU G 111 32.03 -27.22 -37.23
N ILE G 112 31.15 -27.95 -37.93
CA ILE G 112 31.08 -27.83 -39.39
C ILE G 112 30.46 -26.51 -39.80
N ALA G 113 29.37 -26.10 -39.16
CA ALA G 113 28.62 -24.91 -39.56
C ALA G 113 29.38 -23.67 -39.09
N GLY G 114 30.07 -23.01 -40.01
CA GLY G 114 30.80 -21.80 -39.72
C GLY G 114 32.31 -21.93 -39.67
N ILE G 115 32.86 -23.10 -40.00
CA ILE G 115 34.32 -23.24 -39.96
C ILE G 115 35.00 -22.63 -41.18
N ASP G 116 34.26 -22.45 -42.29
CA ASP G 116 34.87 -21.86 -43.48
C ASP G 116 35.11 -20.37 -43.30
N GLU G 117 34.16 -19.66 -42.68
CA GLU G 117 34.34 -18.25 -42.40
C GLU G 117 35.43 -18.00 -41.37
N ILE G 118 35.59 -18.91 -40.42
CA ILE G 118 36.69 -18.81 -39.45
C ILE G 118 38.03 -19.06 -40.13
N ASN G 119 38.10 -20.10 -40.97
CA ASN G 119 39.35 -20.44 -41.64
C ASN G 119 39.76 -19.39 -42.65
N ARG G 120 38.81 -18.70 -43.27
CA ARG G 120 39.16 -17.62 -44.18
C ARG G 120 39.31 -16.26 -43.49
N THR G 121 38.74 -16.09 -42.30
CA THR G 121 38.82 -14.82 -41.59
C THR G 121 40.08 -14.74 -40.75
N PHE G 122 40.37 -15.77 -39.98
CA PHE G 122 41.55 -15.82 -39.13
C PHE G 122 42.75 -16.46 -39.82
N ASP G 123 42.65 -16.65 -41.14
CA ASP G 123 43.75 -17.11 -42.01
C ASP G 123 44.30 -18.48 -41.58
N LEU G 124 43.42 -19.35 -41.14
CA LEU G 124 43.78 -20.69 -40.72
C LEU G 124 43.59 -21.65 -41.89
N SER G 125 44.64 -22.37 -42.24
CA SER G 125 44.53 -23.34 -43.33
C SER G 125 43.80 -24.58 -42.85
N PRO G 126 42.75 -25.02 -43.55
CA PRO G 126 42.06 -26.26 -43.16
C PRO G 126 42.90 -27.51 -43.32
N SER G 127 43.98 -27.47 -44.10
CA SER G 127 44.85 -28.63 -44.28
C SER G 127 45.59 -28.98 -43.00
N TRP G 128 45.88 -27.99 -42.15
CA TRP G 128 46.45 -28.25 -40.83
C TRP G 128 45.50 -29.11 -40.00
N TYR G 129 44.22 -28.74 -39.98
CA TYR G 129 43.24 -29.50 -39.21
C TYR G 129 42.99 -30.86 -39.84
N VAL G 130 43.08 -30.96 -41.17
CA VAL G 130 42.99 -32.24 -41.85
C VAL G 130 44.12 -33.17 -41.42
N GLU G 131 45.35 -32.64 -41.34
CA GLU G 131 46.49 -33.43 -40.90
C GLU G 131 46.36 -33.85 -39.44
N ALA G 132 45.82 -32.96 -38.59
CA ALA G 132 45.56 -33.31 -37.20
C ALA G 132 44.54 -34.45 -37.08
N LEU G 133 43.48 -34.39 -37.89
CA LEU G 133 42.49 -35.47 -37.88
C LEU G 133 43.07 -36.77 -38.46
N LYS G 134 43.99 -36.68 -39.43
CA LYS G 134 44.66 -37.89 -39.90
C LYS G 134 45.56 -38.50 -38.83
N TYR G 135 46.20 -37.68 -38.00
CA TYR G 135 46.96 -38.24 -36.89
C TYR G 135 46.03 -38.90 -35.87
N ILE G 136 44.87 -38.28 -35.63
CA ILE G 136 43.90 -38.88 -34.70
C ILE G 136 43.38 -40.20 -35.26
N LYS G 137 43.21 -40.29 -36.58
CA LYS G 137 42.91 -41.56 -37.23
C LYS G 137 44.02 -42.59 -37.04
N ALA G 138 45.27 -42.17 -37.20
CA ALA G 138 46.37 -43.11 -37.18
C ALA G 138 46.77 -43.55 -35.77
N ASN G 139 46.32 -42.83 -34.74
CA ASN G 139 46.83 -43.07 -33.38
C ASN G 139 45.73 -43.18 -32.35
N HIS G 140 44.47 -43.40 -32.74
CA HIS G 140 43.44 -43.56 -31.72
C HIS G 140 43.49 -44.94 -31.07
N GLY G 141 43.99 -45.95 -31.77
CA GLY G 141 44.18 -47.27 -31.19
C GLY G 141 42.94 -48.13 -31.11
N LEU G 142 41.79 -47.63 -31.53
CA LEU G 142 40.55 -48.39 -31.52
C LEU G 142 40.57 -49.46 -32.60
N SER G 143 39.81 -50.53 -32.36
CA SER G 143 39.74 -51.66 -33.27
C SER G 143 38.30 -52.08 -33.46
N GLY G 144 38.01 -52.66 -34.63
CA GLY G 144 36.73 -53.26 -34.89
C GLY G 144 35.57 -52.29 -34.99
N ASP G 145 34.63 -52.41 -34.06
CA ASP G 145 33.41 -51.61 -34.09
C ASP G 145 33.70 -50.16 -33.71
N ALA G 146 34.66 -49.96 -32.81
CA ALA G 146 35.00 -48.61 -32.36
C ALA G 146 35.79 -47.85 -33.41
N ARG G 147 36.63 -48.54 -34.17
CA ARG G 147 37.51 -47.87 -35.13
C ARG G 147 36.71 -47.33 -36.32
N ASP G 148 35.77 -48.13 -36.83
CA ASP G 148 35.00 -47.71 -37.99
C ASP G 148 33.97 -46.63 -37.62
N GLU G 149 33.47 -46.68 -36.39
CA GLU G 149 32.57 -45.63 -35.90
C GLU G 149 33.30 -44.33 -35.64
N ALA G 150 34.52 -44.40 -35.09
CA ALA G 150 35.28 -43.18 -34.83
C ALA G 150 35.77 -42.53 -36.13
N ASN G 151 36.32 -43.34 -37.05
CA ASN G 151 36.86 -42.80 -38.29
C ASN G 151 35.79 -42.26 -39.22
N SER G 152 34.52 -42.63 -39.00
CA SER G 152 33.43 -42.00 -39.73
C SER G 152 33.32 -40.51 -39.39
N TYR G 153 33.46 -40.18 -38.11
CA TYR G 153 33.41 -38.78 -37.70
C TYR G 153 34.71 -38.07 -38.03
N LEU G 154 35.83 -38.79 -37.98
CA LEU G 154 37.11 -38.24 -38.39
C LEU G 154 37.10 -37.88 -39.87
N ASP G 155 36.54 -38.77 -40.69
CA ASP G 155 36.49 -38.50 -42.12
C ASP G 155 35.42 -37.48 -42.48
N TYR G 156 34.34 -37.41 -41.69
CA TYR G 156 33.30 -36.42 -41.95
C TYR G 156 33.84 -35.01 -41.72
N ALA G 157 34.68 -34.83 -40.70
CA ALA G 157 35.31 -33.54 -40.49
C ALA G 157 36.40 -33.29 -41.52
N ILE G 158 37.03 -34.35 -42.04
CA ILE G 158 38.06 -34.20 -43.07
C ILE G 158 37.43 -33.75 -44.39
N ASN G 159 36.32 -34.38 -44.79
CA ASN G 159 35.65 -33.99 -46.02
C ASN G 159 34.93 -32.65 -45.89
N ALA G 160 34.59 -32.23 -44.67
CA ALA G 160 34.03 -30.89 -44.50
C ALA G 160 35.11 -29.82 -44.61
N LEU G 161 36.34 -30.15 -44.21
CA LEU G 161 37.45 -29.22 -44.35
C LEU G 161 38.11 -29.26 -45.71
N SER G 162 37.76 -30.24 -46.55
CA SER G 162 38.39 -30.40 -47.85
C SER G 162 37.36 -30.46 -48.96
N MET H 1 16.26 -31.19 -32.46
CA MET H 1 15.81 -31.60 -31.13
C MET H 1 16.94 -32.27 -30.37
N PHE H 2 16.63 -32.77 -29.18
CA PHE H 2 17.58 -33.51 -28.38
C PHE H 2 17.04 -34.92 -28.13
N ASP H 3 17.96 -35.85 -27.94
CA ASP H 3 17.65 -37.17 -27.40
C ASP H 3 18.39 -37.31 -26.07
N VAL H 4 18.40 -38.54 -25.53
CA VAL H 4 19.05 -38.78 -24.24
C VAL H 4 20.56 -38.62 -24.34
N PHE H 5 21.15 -38.88 -25.52
CA PHE H 5 22.59 -38.75 -25.69
C PHE H 5 22.99 -37.29 -25.94
N THR H 6 22.28 -36.60 -26.85
CA THR H 6 22.66 -35.24 -27.18
C THR H 6 22.30 -34.23 -26.11
N ARG H 7 21.42 -34.57 -25.17
CA ARG H 7 21.22 -33.71 -24.00
C ARG H 7 22.48 -33.65 -23.15
N VAL H 8 23.08 -34.81 -22.89
CA VAL H 8 24.33 -34.88 -22.15
C VAL H 8 25.47 -34.28 -22.96
N VAL H 9 25.44 -34.47 -24.29
CA VAL H 9 26.45 -33.88 -25.17
C VAL H 9 26.38 -32.36 -25.16
N SER H 10 25.16 -31.80 -25.18
CA SER H 10 25.00 -30.35 -25.14
C SER H 10 25.39 -29.78 -23.79
N GLN H 11 25.10 -30.50 -22.70
CA GLN H 11 25.55 -30.07 -21.38
C GLN H 11 27.07 -30.09 -21.26
N ALA H 12 27.70 -31.12 -21.81
CA ALA H 12 29.16 -31.20 -21.81
C ALA H 12 29.80 -30.13 -22.69
N ASP H 13 29.16 -29.79 -23.81
CA ASP H 13 29.69 -28.75 -24.68
C ASP H 13 29.50 -27.36 -24.07
N ALA H 14 28.40 -27.15 -23.34
CA ALA H 14 28.23 -25.90 -22.59
C ALA H 14 29.24 -25.80 -21.47
N ARG H 15 29.60 -26.94 -20.86
CA ARG H 15 30.75 -26.96 -19.97
C ARG H 15 32.07 -26.91 -20.72
N GLY H 16 32.08 -27.33 -21.98
CA GLY H 16 33.32 -27.46 -22.74
C GLY H 16 34.23 -28.54 -22.20
N GLU H 17 33.67 -29.68 -21.81
CA GLU H 17 34.40 -30.72 -21.10
C GLU H 17 34.03 -32.07 -21.71
N TYR H 18 34.99 -32.99 -21.68
CA TYR H 18 34.72 -34.38 -22.04
C TYR H 18 33.75 -34.99 -21.03
N LEU H 19 32.97 -35.95 -21.48
CA LEU H 19 32.00 -36.61 -20.61
C LEU H 19 32.71 -37.48 -19.58
N SER H 20 32.28 -37.36 -18.32
CA SER H 20 32.86 -38.12 -17.23
C SER H 20 32.34 -39.55 -17.24
N GLY H 21 32.97 -40.40 -16.43
CA GLY H 21 32.64 -41.82 -16.40
C GLY H 21 31.26 -42.11 -15.85
N SER H 22 30.74 -41.24 -14.99
CA SER H 22 29.36 -41.37 -14.52
C SER H 22 28.38 -41.17 -15.66
N GLN H 23 28.67 -40.22 -16.55
CA GLN H 23 27.79 -39.97 -17.69
C GLN H 23 27.85 -41.11 -18.70
N LEU H 24 29.04 -41.67 -18.94
CA LEU H 24 29.15 -42.85 -19.80
C LEU H 24 28.43 -44.05 -19.21
N ASP H 25 28.53 -44.24 -17.88
CA ASP H 25 27.83 -45.36 -17.25
C ASP H 25 26.31 -45.16 -17.28
N ALA H 26 25.85 -43.92 -17.10
CA ALA H 26 24.42 -43.63 -17.19
C ALA H 26 23.89 -43.84 -18.60
N LEU H 27 24.67 -43.45 -19.61
CA LEU H 27 24.25 -43.68 -20.99
C LEU H 27 24.33 -45.16 -21.37
N SER H 28 25.27 -45.91 -20.78
CA SER H 28 25.29 -47.36 -20.99
C SER H 28 24.08 -48.02 -20.34
N ALA H 29 23.66 -47.53 -19.18
CA ALA H 29 22.43 -48.00 -18.56
C ALA H 29 21.21 -47.66 -19.42
N THR H 30 21.24 -46.48 -20.07
CA THR H 30 20.18 -46.12 -21.01
C THR H 30 20.14 -47.06 -22.21
N VAL H 31 21.32 -47.45 -22.70
CA VAL H 31 21.42 -48.43 -23.78
C VAL H 31 20.85 -49.78 -23.34
N ALA H 32 21.12 -50.16 -22.08
CA ALA H 32 20.56 -51.39 -21.52
C ALA H 32 19.04 -51.32 -21.42
N GLU H 33 18.49 -50.16 -21.04
CA GLU H 33 17.05 -49.98 -20.97
C GLU H 33 16.40 -49.73 -22.33
N GLY H 34 17.22 -49.58 -23.38
CA GLY H 34 16.70 -49.22 -24.70
C GLY H 34 15.74 -50.23 -25.32
N ASN H 35 15.95 -51.52 -25.08
CA ASN H 35 15.04 -52.53 -25.62
C ASN H 35 13.65 -52.41 -24.97
N LYS H 36 13.62 -52.16 -23.67
CA LYS H 36 12.34 -51.91 -22.99
C LYS H 36 11.71 -50.61 -23.47
N ARG H 37 12.53 -49.60 -23.75
CA ARG H 37 12.05 -48.35 -24.33
C ARG H 37 11.40 -48.56 -25.69
N ILE H 38 12.02 -49.38 -26.53
CA ILE H 38 11.49 -49.67 -27.86
C ILE H 38 10.21 -50.52 -27.76
N ASP H 39 10.17 -51.45 -26.79
CA ASP H 39 8.93 -52.19 -26.51
C ASP H 39 7.79 -51.27 -26.08
N SER H 40 8.09 -50.28 -25.23
CA SER H 40 7.07 -49.34 -24.80
C SER H 40 6.56 -48.49 -25.96
N VAL H 41 7.49 -48.01 -26.81
CA VAL H 41 7.13 -47.24 -27.99
C VAL H 41 6.27 -48.07 -28.94
N ASN H 42 6.66 -49.33 -29.16
CA ASN H 42 5.93 -50.23 -30.05
C ASN H 42 4.54 -50.54 -29.52
N ARG H 43 4.40 -50.74 -28.21
CA ARG H 43 3.10 -51.06 -27.64
C ARG H 43 2.14 -49.88 -27.71
N ILE H 44 2.63 -48.67 -27.38
CA ILE H 44 1.77 -47.49 -27.46
C ILE H 44 1.42 -47.17 -28.91
N THR H 45 2.37 -47.37 -29.84
CA THR H 45 2.09 -47.16 -31.26
C THR H 45 1.07 -48.16 -31.79
N GLY H 46 1.22 -49.44 -31.42
CA GLY H 46 0.29 -50.46 -31.88
C GLY H 46 -1.09 -50.36 -31.28
N ASN H 47 -1.22 -49.75 -30.10
CA ASN H 47 -2.53 -49.54 -29.51
C ASN H 47 -2.93 -48.07 -29.44
N ALA H 48 -2.35 -47.23 -30.32
CA ALA H 48 -2.63 -45.80 -30.32
C ALA H 48 -4.09 -45.48 -30.59
N SER H 49 -4.69 -46.15 -31.59
CA SER H 49 -6.10 -45.87 -31.91
C SER H 49 -7.03 -46.33 -30.81
N ALA H 50 -6.72 -47.48 -30.19
CA ALA H 50 -7.50 -47.94 -29.05
C ALA H 50 -7.35 -47.01 -27.85
N ILE H 51 -6.14 -46.49 -27.62
CA ILE H 51 -5.89 -45.56 -26.51
C ILE H 51 -6.68 -44.28 -26.72
N VAL H 52 -6.63 -43.72 -27.93
CA VAL H 52 -7.35 -42.48 -28.23
C VAL H 52 -8.85 -42.68 -28.15
N SER H 53 -9.36 -43.80 -28.68
CA SER H 53 -10.79 -44.07 -28.69
C SER H 53 -11.32 -44.30 -27.28
N ASN H 54 -10.64 -45.13 -26.48
CA ASN H 54 -11.10 -45.43 -25.14
C ASN H 54 -10.95 -44.22 -24.22
N ALA H 55 -9.87 -43.46 -24.39
CA ALA H 55 -9.66 -42.27 -23.57
C ALA H 55 -10.68 -41.20 -23.89
N ALA H 56 -11.03 -41.03 -25.17
CA ALA H 56 -12.08 -40.10 -25.55
C ALA H 56 -13.43 -40.54 -25.03
N ARG H 57 -13.74 -41.84 -25.13
CA ARG H 57 -15.02 -42.35 -24.63
C ARG H 57 -15.15 -42.16 -23.13
N ALA H 58 -14.09 -42.46 -22.38
CA ALA H 58 -14.15 -42.28 -20.93
C ALA H 58 -14.16 -40.80 -20.55
N LEU H 59 -13.46 -39.96 -21.33
CA LEU H 59 -13.42 -38.52 -21.06
C LEU H 59 -14.78 -37.89 -21.28
N PHE H 60 -15.44 -38.21 -22.37
CA PHE H 60 -16.74 -37.59 -22.64
C PHE H 60 -17.87 -38.37 -21.98
N ALA H 61 -17.54 -39.47 -21.28
CA ALA H 61 -18.45 -40.06 -20.32
C ALA H 61 -18.40 -39.35 -18.97
N GLU H 62 -17.20 -39.14 -18.41
CA GLU H 62 -17.14 -38.45 -17.12
C GLU H 62 -17.25 -36.95 -17.25
N GLN H 63 -17.05 -36.39 -18.44
CA GLN H 63 -17.32 -34.99 -18.73
C GLN H 63 -18.23 -34.90 -19.94
N PRO H 64 -19.54 -35.17 -19.78
CA PRO H 64 -20.44 -35.17 -20.93
C PRO H 64 -20.89 -33.78 -21.37
N GLN H 65 -20.40 -32.73 -20.73
CA GLN H 65 -20.82 -31.37 -21.06
C GLN H 65 -20.08 -30.79 -22.27
N LEU H 66 -19.23 -31.58 -22.93
CA LEU H 66 -18.52 -31.12 -24.11
C LEU H 66 -19.05 -31.71 -25.42
N ILE H 67 -19.66 -32.90 -25.38
CA ILE H 67 -20.31 -33.45 -26.57
C ILE H 67 -21.77 -33.05 -26.67
N GLN H 68 -22.36 -32.52 -25.61
CA GLN H 68 -23.69 -31.94 -25.72
C GLN H 68 -23.60 -30.65 -26.53
N PRO H 69 -24.66 -30.26 -27.24
CA PRO H 69 -24.56 -29.15 -28.19
C PRO H 69 -24.28 -27.81 -27.51
N GLY H 70 -23.40 -27.03 -28.14
CA GLY H 70 -22.77 -25.90 -27.52
C GLY H 70 -21.46 -26.22 -26.82
N GLY H 71 -21.13 -27.50 -26.73
CA GLY H 71 -19.86 -27.94 -26.11
C GLY H 71 -18.70 -27.78 -27.06
N ASN H 72 -17.47 -27.93 -26.57
CA ASN H 72 -16.28 -27.68 -27.44
C ASN H 72 -15.97 -28.90 -28.31
N ALA H 73 -16.36 -30.10 -27.89
CA ALA H 73 -16.14 -31.27 -28.78
C ALA H 73 -17.44 -31.59 -29.50
N TYR H 74 -18.36 -30.62 -29.52
CA TYR H 74 -19.63 -30.82 -30.27
C TYR H 74 -19.36 -30.62 -31.75
N THR H 75 -20.17 -31.15 -32.66
CA THR H 75 -20.02 -31.15 -34.11
C THR H 75 -18.90 -32.08 -34.57
N SER H 76 -19.02 -32.58 -35.80
CA SER H 76 -18.04 -33.50 -36.34
C SER H 76 -16.66 -32.88 -36.50
N ARG H 77 -16.61 -31.64 -36.98
CA ARG H 77 -15.33 -31.00 -37.19
C ARG H 77 -14.57 -30.82 -35.88
N ARG H 78 -15.27 -30.35 -34.86
CA ARG H 78 -14.67 -30.14 -33.54
C ARG H 78 -14.25 -31.44 -32.87
N MET H 79 -15.10 -32.46 -32.98
CA MET H 79 -14.81 -33.75 -32.38
C MET H 79 -13.68 -34.47 -33.10
N ALA H 80 -13.64 -34.36 -34.44
CA ALA H 80 -12.53 -34.89 -35.21
C ALA H 80 -11.23 -34.18 -34.85
N ALA H 81 -11.29 -32.87 -34.61
CA ALA H 81 -10.13 -32.13 -34.16
C ALA H 81 -9.69 -32.54 -32.76
N CYS H 82 -10.64 -32.87 -31.89
CA CYS H 82 -10.31 -33.33 -30.53
C CYS H 82 -9.64 -34.70 -30.55
N LEU H 83 -10.19 -35.63 -31.35
CA LEU H 83 -9.57 -36.95 -31.51
C LEU H 83 -8.20 -36.84 -32.15
N ARG H 84 -8.07 -35.95 -33.14
CA ARG H 84 -6.79 -35.70 -33.78
C ARG H 84 -5.78 -35.10 -32.80
N ASP H 85 -6.25 -34.22 -31.91
CA ASP H 85 -5.38 -33.63 -30.89
C ASP H 85 -4.89 -34.68 -29.91
N MET H 86 -5.78 -35.60 -29.52
CA MET H 86 -5.37 -36.72 -28.66
C MET H 86 -4.33 -37.60 -29.36
N GLU H 87 -4.56 -37.88 -30.64
CA GLU H 87 -3.61 -38.69 -31.41
C GLU H 87 -2.27 -37.98 -31.56
N ILE H 88 -2.30 -36.66 -31.74
CA ILE H 88 -1.07 -35.88 -31.91
C ILE H 88 -0.27 -35.84 -30.61
N ILE H 89 -0.95 -35.60 -29.48
CA ILE H 89 -0.29 -35.54 -28.19
C ILE H 89 0.29 -36.91 -27.81
N LEU H 90 -0.47 -37.98 -28.08
CA LEU H 90 0.04 -39.33 -27.86
C LEU H 90 1.22 -39.65 -28.76
N ARG H 91 1.19 -39.18 -30.01
CA ARG H 91 2.29 -39.37 -30.95
C ARG H 91 3.56 -38.68 -30.49
N TYR H 92 3.43 -37.46 -29.94
CA TYR H 92 4.60 -36.76 -29.45
C TYR H 92 5.10 -37.35 -28.13
N VAL H 93 4.21 -37.96 -27.34
CA VAL H 93 4.66 -38.71 -26.16
C VAL H 93 5.47 -39.93 -26.59
N THR H 94 5.04 -40.62 -27.66
CA THR H 94 5.85 -41.72 -28.21
C THR H 94 7.18 -41.21 -28.76
N TYR H 95 7.18 -40.02 -29.36
CA TYR H 95 8.43 -39.42 -29.84
C TYR H 95 9.40 -39.13 -28.70
N ALA H 96 8.89 -38.56 -27.60
CA ALA H 96 9.72 -38.25 -26.44
C ALA H 96 10.20 -39.52 -25.74
N THR H 97 9.37 -40.56 -25.73
CA THR H 97 9.80 -41.86 -25.20
C THR H 97 10.90 -42.46 -26.07
N PHE H 98 10.77 -42.33 -27.39
CA PHE H 98 11.76 -42.84 -28.33
C PHE H 98 13.11 -42.14 -28.17
N THR H 99 13.09 -40.82 -28.08
CA THR H 99 14.34 -40.08 -27.92
C THR H 99 14.93 -40.23 -26.53
N GLY H 100 14.12 -40.54 -25.53
CA GLY H 100 14.62 -40.51 -24.17
C GLY H 100 14.74 -39.13 -23.58
N ASP H 101 14.17 -38.12 -24.23
CA ASP H 101 14.21 -36.75 -23.76
C ASP H 101 12.93 -36.08 -24.25
N ALA H 102 12.45 -35.11 -23.48
CA ALA H 102 11.21 -34.42 -23.81
C ALA H 102 11.44 -33.15 -24.63
N SER H 103 12.52 -33.10 -25.40
CA SER H 103 12.79 -31.91 -26.21
C SER H 103 11.83 -31.79 -27.37
N VAL H 104 11.57 -32.89 -28.09
CA VAL H 104 10.67 -32.85 -29.22
C VAL H 104 9.23 -32.63 -28.77
N LEU H 105 8.84 -33.22 -27.63
CA LEU H 105 7.50 -33.03 -27.10
C LEU H 105 7.26 -31.60 -26.64
N GLU H 106 8.24 -31.00 -25.97
CA GLU H 106 8.07 -29.64 -25.49
C GLU H 106 8.18 -28.61 -26.61
N ASP H 107 9.06 -28.85 -27.57
CA ASP H 107 9.32 -27.84 -28.60
C ASP H 107 8.41 -27.94 -29.82
N ARG H 108 7.95 -29.13 -30.19
CA ARG H 108 7.08 -29.22 -31.37
C ARG H 108 5.63 -29.52 -31.04
N CYS H 109 5.30 -29.91 -29.81
CA CYS H 109 3.91 -30.09 -29.43
C CYS H 109 3.47 -29.15 -28.34
N LEU H 110 4.19 -29.09 -27.23
CA LEU H 110 3.73 -28.35 -26.07
C LEU H 110 4.02 -26.86 -26.15
N ASN H 111 4.79 -26.41 -27.13
CA ASN H 111 5.11 -25.00 -27.26
C ASN H 111 3.94 -24.29 -27.95
N GLY H 112 3.28 -23.40 -27.21
CA GLY H 112 2.16 -22.65 -27.75
C GLY H 112 0.85 -23.38 -27.76
N LEU H 113 0.78 -24.60 -27.22
CA LEU H 113 -0.45 -25.37 -27.26
C LEU H 113 -1.48 -24.84 -26.26
N ARG H 114 -1.03 -24.44 -25.08
CA ARG H 114 -1.92 -23.78 -24.12
C ARG H 114 -2.43 -22.46 -24.68
N GLU H 115 -1.55 -21.73 -25.37
CA GLU H 115 -1.93 -20.47 -26.02
C GLU H 115 -2.92 -20.71 -27.15
N THR H 116 -2.70 -21.77 -27.94
CA THR H 116 -3.62 -22.15 -29.00
C THR H 116 -5.00 -22.51 -28.45
N TYR H 117 -5.03 -23.27 -27.35
CA TYR H 117 -6.30 -23.71 -26.78
C TYR H 117 -7.05 -22.56 -26.13
N VAL H 118 -6.35 -21.62 -25.49
CA VAL H 118 -7.06 -20.48 -24.93
C VAL H 118 -7.44 -19.47 -26.01
N ALA H 119 -6.76 -19.48 -27.16
CA ALA H 119 -7.17 -18.62 -28.26
C ALA H 119 -8.40 -19.17 -28.97
N LEU H 120 -8.51 -20.50 -29.08
CA LEU H 120 -9.66 -21.12 -29.73
C LEU H 120 -10.81 -21.38 -28.77
N GLY H 121 -10.65 -21.10 -27.48
CA GLY H 121 -11.68 -21.43 -26.52
C GLY H 121 -11.73 -22.89 -26.15
N VAL H 122 -10.70 -23.66 -26.49
CA VAL H 122 -10.65 -25.07 -26.10
C VAL H 122 -10.38 -25.17 -24.60
N PRO H 123 -11.21 -25.87 -23.84
CA PRO H 123 -10.92 -26.02 -22.40
C PRO H 123 -9.74 -26.93 -22.15
N GLY H 124 -8.62 -26.34 -21.72
CA GLY H 124 -7.40 -27.10 -21.53
C GLY H 124 -7.42 -28.05 -20.36
N ALA H 125 -8.31 -27.81 -19.38
CA ALA H 125 -8.47 -28.75 -18.29
C ALA H 125 -9.05 -30.07 -18.77
N SER H 126 -10.00 -30.01 -19.71
CA SER H 126 -10.57 -31.22 -20.29
C SER H 126 -9.55 -31.97 -21.14
N VAL H 127 -8.70 -31.22 -21.86
CA VAL H 127 -7.63 -31.85 -22.63
C VAL H 127 -6.60 -32.48 -21.70
N ALA H 128 -6.33 -31.85 -20.56
CA ALA H 128 -5.44 -32.43 -19.57
C ALA H 128 -6.02 -33.70 -18.98
N ALA H 129 -7.34 -33.72 -18.75
CA ALA H 129 -8.00 -34.94 -18.27
C ALA H 129 -7.92 -36.05 -19.30
N GLY H 130 -8.13 -35.73 -20.58
CA GLY H 130 -7.96 -36.72 -21.63
C GLY H 130 -6.53 -37.22 -21.77
N VAL H 131 -5.56 -36.35 -21.50
CA VAL H 131 -4.16 -36.75 -21.50
C VAL H 131 -3.88 -37.70 -20.34
N GLN H 132 -4.52 -37.48 -19.19
CA GLN H 132 -4.41 -38.45 -18.09
C GLN H 132 -5.09 -39.78 -18.42
N LYS H 133 -6.17 -39.76 -19.20
CA LYS H 133 -6.77 -41.04 -19.60
C LYS H 133 -5.89 -41.78 -20.61
N MET H 134 -5.27 -41.07 -21.55
CA MET H 134 -4.27 -41.71 -22.40
C MET H 134 -3.06 -42.16 -21.61
N LYS H 135 -2.71 -41.45 -20.54
CA LYS H 135 -1.65 -41.87 -19.62
C LYS H 135 -1.97 -43.20 -18.97
N GLU H 136 -3.15 -43.32 -18.35
CA GLU H 136 -3.48 -44.55 -17.65
C GLU H 136 -3.64 -45.72 -18.63
N ALA H 137 -4.17 -45.45 -19.83
CA ALA H 137 -4.25 -46.49 -20.86
C ALA H 137 -2.86 -46.93 -21.32
N ALA H 138 -1.95 -45.98 -21.56
CA ALA H 138 -0.64 -46.33 -22.10
C ALA H 138 0.24 -47.02 -21.06
N LEU H 139 0.20 -46.56 -19.81
CA LEU H 139 0.94 -47.25 -18.76
C LEU H 139 0.29 -48.58 -18.36
N ASP H 140 -1.00 -48.78 -18.65
CA ASP H 140 -1.55 -50.12 -18.47
C ASP H 140 -1.12 -51.06 -19.59
N ILE H 141 -1.06 -50.56 -20.83
CA ILE H 141 -0.67 -51.39 -21.96
C ILE H 141 0.83 -51.73 -21.92
N VAL H 142 1.67 -50.75 -21.54
CA VAL H 142 3.11 -50.96 -21.46
C VAL H 142 3.46 -51.97 -20.37
N ASN H 143 2.82 -51.85 -19.20
CA ASN H 143 3.09 -52.75 -18.09
C ASN H 143 2.42 -54.12 -18.21
N ASP H 144 1.84 -54.45 -19.35
CA ASP H 144 1.21 -55.76 -19.53
C ASP H 144 2.29 -56.83 -19.69
N PRO H 145 2.30 -57.86 -18.85
CA PRO H 145 3.34 -58.90 -18.97
C PRO H 145 3.12 -59.88 -20.11
N ASN H 146 1.95 -59.87 -20.73
CA ASN H 146 1.61 -60.88 -21.72
C ASN H 146 2.29 -60.63 -23.06
N GLY H 147 2.82 -61.69 -23.65
CA GLY H 147 3.43 -61.59 -24.97
C GLY H 147 4.76 -60.90 -25.02
N ILE H 148 5.50 -60.86 -23.90
CA ILE H 148 6.78 -60.17 -23.83
C ILE H 148 7.60 -60.85 -22.75
N THR H 149 8.92 -60.69 -22.83
CA THR H 149 9.81 -61.28 -21.84
C THR H 149 9.74 -60.46 -20.55
N ARG H 150 9.57 -61.16 -19.43
CA ARG H 150 9.37 -60.51 -18.14
C ARG H 150 10.66 -59.85 -17.66
N GLY H 151 10.54 -58.62 -17.18
CA GLY H 151 11.68 -57.90 -16.66
C GLY H 151 11.23 -56.59 -16.03
N ASP H 152 12.17 -55.97 -15.31
CA ASP H 152 11.88 -54.72 -14.62
C ASP H 152 11.91 -53.57 -15.62
N CYS H 153 10.80 -52.85 -15.72
CA CYS H 153 10.66 -51.76 -16.68
C CYS H 153 10.05 -50.53 -16.03
N SER H 154 10.30 -50.34 -14.73
CA SER H 154 9.64 -49.26 -14.00
C SER H 154 10.21 -47.89 -14.36
N ALA H 155 11.48 -47.83 -14.76
CA ALA H 155 12.06 -46.55 -15.14
C ALA H 155 11.46 -46.01 -16.43
N ILE H 156 11.21 -46.90 -17.41
CA ILE H 156 10.60 -46.49 -18.66
C ILE H 156 9.15 -46.06 -18.43
N VAL H 157 8.44 -46.78 -17.55
CA VAL H 157 7.06 -46.43 -17.21
C VAL H 157 7.00 -45.08 -16.50
N ALA H 158 7.93 -44.84 -15.57
CA ALA H 158 7.98 -43.54 -14.89
C ALA H 158 8.36 -42.42 -15.84
N GLU H 159 9.19 -42.72 -16.84
CA GLU H 159 9.60 -41.71 -17.82
C GLU H 159 8.44 -41.36 -18.77
N ILE H 160 7.66 -42.37 -19.18
CA ILE H 160 6.45 -42.14 -19.97
C ILE H 160 5.41 -41.36 -19.16
N ALA H 161 5.29 -41.68 -17.87
CA ALA H 161 4.40 -40.94 -16.98
C ALA H 161 4.84 -39.49 -16.84
N GLY H 162 6.16 -39.26 -16.80
CA GLY H 162 6.66 -37.90 -16.78
C GLY H 162 6.35 -37.12 -18.05
N TYR H 163 6.47 -37.78 -19.21
CA TYR H 163 6.11 -37.11 -20.46
C TYR H 163 4.63 -36.82 -20.55
N PHE H 164 3.80 -37.74 -20.05
CA PHE H 164 2.35 -37.51 -20.03
C PHE H 164 1.98 -36.39 -19.06
N ASP H 165 2.67 -36.30 -17.93
CA ASP H 165 2.44 -35.20 -17.00
C ASP H 165 2.89 -33.87 -17.58
N ARG H 166 3.97 -33.88 -18.36
CA ARG H 166 4.40 -32.66 -19.07
C ARG H 166 3.37 -32.26 -20.10
N ALA H 167 2.79 -33.24 -20.80
CA ALA H 167 1.74 -32.93 -21.77
C ALA H 167 0.47 -32.41 -21.11
N ALA H 168 0.12 -32.96 -19.95
CA ALA H 168 -1.07 -32.50 -19.23
C ALA H 168 -0.87 -31.11 -18.63
N ALA H 169 0.33 -30.82 -18.15
CA ALA H 169 0.60 -29.52 -17.54
C ALA H 169 0.72 -28.41 -18.57
N ALA H 170 0.97 -28.74 -19.83
CA ALA H 170 1.21 -27.74 -20.86
C ALA H 170 -0.02 -27.40 -21.69
N VAL H 171 -1.17 -27.99 -21.39
CA VAL H 171 -2.40 -27.65 -22.10
C VAL H 171 -3.34 -26.79 -21.25
N ALA H 172 -3.15 -26.73 -19.94
CA ALA H 172 -4.01 -25.94 -19.08
C ALA H 172 -3.19 -24.89 -18.34
N MET I 1 -21.47 -19.75 -42.60
CA MET I 1 -21.43 -21.07 -43.22
C MET I 1 -21.89 -20.92 -44.66
N LYS I 2 -21.78 -21.97 -45.47
CA LYS I 2 -21.98 -21.86 -46.91
C LYS I 2 -23.47 -21.70 -47.19
N THR I 3 -23.87 -20.48 -47.51
CA THR I 3 -25.21 -20.10 -47.93
C THR I 3 -25.05 -19.30 -49.21
N PRO I 4 -26.13 -19.12 -49.99
CA PRO I 4 -26.03 -18.23 -51.17
C PRO I 4 -25.58 -16.81 -50.86
N LEU I 5 -26.05 -16.22 -49.74
CA LEU I 5 -25.60 -14.88 -49.38
C LEU I 5 -24.12 -14.87 -48.99
N THR I 6 -23.68 -15.88 -48.24
CA THR I 6 -22.27 -15.99 -47.84
C THR I 6 -21.38 -16.25 -49.06
N GLU I 7 -21.81 -17.13 -49.97
CA GLU I 7 -21.02 -17.38 -51.18
C GLU I 7 -20.94 -16.15 -52.06
N ALA I 8 -22.05 -15.40 -52.19
CA ALA I 8 -22.04 -14.19 -53.00
C ALA I 8 -21.13 -13.12 -52.40
N VAL I 9 -21.19 -12.92 -51.07
CA VAL I 9 -20.37 -11.90 -50.43
C VAL I 9 -18.90 -12.33 -50.44
N SER I 10 -18.63 -13.61 -50.22
CA SER I 10 -17.27 -14.13 -50.24
C SER I 10 -16.67 -14.05 -51.64
N THR I 11 -17.47 -14.26 -52.68
CA THR I 11 -16.99 -14.10 -54.05
C THR I 11 -16.67 -12.64 -54.35
N ALA I 12 -17.62 -11.73 -54.02
CA ALA I 12 -17.41 -10.31 -54.28
C ALA I 12 -16.25 -9.75 -53.46
N ASP I 13 -15.97 -10.34 -52.31
CA ASP I 13 -14.77 -10.02 -51.55
C ASP I 13 -13.53 -10.66 -52.16
N SER I 14 -13.68 -11.82 -52.81
CA SER I 14 -12.53 -12.51 -53.39
C SER I 14 -11.97 -11.75 -54.59
N GLN I 15 -12.85 -11.21 -55.44
CA GLN I 15 -12.34 -10.24 -56.42
C GLN I 15 -12.30 -8.81 -55.89
N GLY I 16 -12.68 -8.58 -54.64
CA GLY I 16 -12.54 -7.27 -54.03
C GLY I 16 -13.40 -6.20 -54.65
N ARG I 17 -14.66 -6.52 -54.93
CA ARG I 17 -15.52 -5.69 -55.75
C ARG I 17 -16.89 -5.59 -55.12
N PHE I 18 -17.65 -4.59 -55.56
CA PHE I 18 -18.99 -4.39 -55.04
C PHE I 18 -19.95 -5.45 -55.56
N LEU I 19 -21.10 -5.53 -54.90
CA LEU I 19 -22.12 -6.54 -55.21
C LEU I 19 -22.82 -6.17 -56.51
N SER I 20 -22.46 -6.84 -57.59
CA SER I 20 -23.04 -6.57 -58.89
C SER I 20 -24.42 -7.23 -58.99
N SER I 21 -24.98 -7.26 -60.20
CA SER I 21 -26.28 -7.87 -60.41
C SER I 21 -26.25 -9.38 -60.22
N THR I 22 -25.09 -10.01 -60.37
CA THR I 22 -24.93 -11.44 -60.14
C THR I 22 -25.28 -11.80 -58.70
N GLU I 23 -24.71 -11.07 -57.74
CA GLU I 23 -24.97 -11.35 -56.33
C GLU I 23 -26.40 -11.01 -55.94
N LEU I 24 -26.97 -9.97 -56.57
CA LEU I 24 -28.38 -9.66 -56.36
C LEU I 24 -29.28 -10.79 -56.83
N GLN I 25 -28.95 -11.40 -57.97
CA GLN I 25 -29.73 -12.54 -58.46
C GLN I 25 -29.56 -13.77 -57.56
N ILE I 26 -28.35 -13.93 -56.99
CA ILE I 26 -28.13 -14.97 -55.98
C ILE I 26 -29.06 -14.75 -54.79
N ALA I 27 -29.21 -13.50 -54.37
CA ALA I 27 -30.11 -13.17 -53.27
C ALA I 27 -31.58 -13.42 -53.65
N PHE I 28 -31.96 -13.14 -54.90
CA PHE I 28 -33.34 -13.41 -55.32
C PHE I 28 -33.64 -14.90 -55.35
N GLY I 29 -32.68 -15.72 -55.79
CA GLY I 29 -32.89 -17.17 -55.74
C GLY I 29 -32.97 -17.68 -54.32
N ARG I 30 -32.15 -17.10 -53.43
CA ARG I 30 -32.22 -17.41 -52.00
C ARG I 30 -33.60 -17.05 -51.43
N LEU I 31 -34.13 -15.89 -51.82
CA LEU I 31 -35.44 -15.47 -51.32
C LEU I 31 -36.56 -16.35 -51.88
N ARG I 32 -36.45 -16.77 -53.13
CA ARG I 32 -37.54 -17.55 -53.73
C ARG I 32 -37.51 -18.99 -53.26
N GLN I 33 -36.37 -19.46 -52.72
CA GLN I 33 -36.35 -20.77 -52.09
C GLN I 33 -36.53 -20.72 -50.57
N ALA I 34 -36.38 -19.54 -49.96
CA ALA I 34 -36.28 -19.44 -48.51
C ALA I 34 -37.62 -19.69 -47.82
N ASN I 35 -38.73 -19.29 -48.45
CA ASN I 35 -40.04 -19.53 -47.86
C ASN I 35 -40.35 -21.02 -47.79
N ALA I 36 -40.17 -21.73 -48.90
CA ALA I 36 -40.40 -23.17 -48.94
C ALA I 36 -39.44 -23.91 -48.02
N GLY I 37 -38.20 -23.42 -47.91
CA GLY I 37 -37.28 -23.97 -46.90
C GLY I 37 -37.76 -23.73 -45.49
N LEU I 38 -38.42 -22.60 -45.23
CA LEU I 38 -38.90 -22.31 -43.88
C LEU I 38 -40.09 -23.19 -43.49
N GLN I 39 -41.08 -23.38 -44.38
CA GLN I 39 -42.11 -24.35 -44.02
C GLN I 39 -41.60 -25.80 -44.04
N ALA I 40 -40.57 -26.11 -44.82
CA ALA I 40 -39.99 -27.44 -44.75
C ALA I 40 -39.33 -27.69 -43.39
N ALA I 41 -38.58 -26.70 -42.90
CA ALA I 41 -37.99 -26.80 -41.57
C ALA I 41 -39.04 -26.80 -40.47
N LYS I 42 -40.15 -26.08 -40.67
CA LYS I 42 -41.24 -26.09 -39.71
C LYS I 42 -41.91 -27.47 -39.64
N ALA I 43 -42.17 -28.08 -40.80
CA ALA I 43 -42.80 -29.40 -40.83
C ALA I 43 -41.86 -30.47 -40.26
N LEU I 44 -40.57 -30.38 -40.55
CA LEU I 44 -39.62 -31.32 -39.97
C LEU I 44 -39.46 -31.10 -38.47
N THR I 45 -39.54 -29.87 -38.00
CA THR I 45 -39.50 -29.59 -36.57
C THR I 45 -40.73 -30.18 -35.86
N ASP I 46 -41.91 -30.05 -36.47
CA ASP I 46 -43.11 -30.62 -35.88
C ASP I 46 -43.12 -32.14 -35.92
N ASN I 47 -42.51 -32.75 -36.94
CA ASN I 47 -42.46 -34.20 -37.05
C ASN I 47 -41.12 -34.78 -36.60
N ALA I 48 -40.31 -34.00 -35.88
CA ALA I 48 -38.94 -34.39 -35.54
C ALA I 48 -38.86 -35.64 -34.67
N GLN I 49 -39.68 -35.71 -33.61
CA GLN I 49 -39.59 -36.84 -32.69
C GLN I 49 -40.03 -38.13 -33.36
N SER I 50 -41.12 -38.07 -34.12
CA SER I 50 -41.60 -39.23 -34.87
C SER I 50 -40.59 -39.67 -35.93
N LEU I 51 -39.99 -38.70 -36.64
CA LEU I 51 -39.04 -39.04 -37.69
C LEU I 51 -37.76 -39.63 -37.12
N VAL I 52 -37.27 -39.11 -36.00
CA VAL I 52 -36.05 -39.62 -35.38
C VAL I 52 -36.27 -41.01 -34.82
N ASN I 53 -37.41 -41.23 -34.13
CA ASN I 53 -37.72 -42.55 -33.60
C ASN I 53 -37.94 -43.57 -34.72
N GLY I 54 -38.64 -43.17 -35.80
CA GLY I 54 -38.84 -44.07 -36.92
C GLY I 54 -37.58 -44.38 -37.68
N ALA I 55 -36.68 -43.39 -37.80
CA ALA I 55 -35.40 -43.63 -38.49
C ALA I 55 -34.51 -44.55 -37.68
N ALA I 56 -34.45 -44.35 -36.36
CA ALA I 56 -33.70 -45.25 -35.50
C ALA I 56 -34.27 -46.67 -35.54
N GLN I 57 -35.60 -46.79 -35.54
CA GLN I 57 -36.24 -48.09 -35.62
C GLN I 57 -35.99 -48.76 -36.97
N ALA I 58 -35.99 -48.00 -38.05
CA ALA I 58 -35.69 -48.55 -39.37
C ALA I 58 -34.24 -49.01 -39.48
N VAL I 59 -33.32 -48.32 -38.81
CA VAL I 59 -31.95 -48.81 -38.67
C VAL I 59 -31.94 -50.13 -37.92
N TYR I 60 -32.73 -50.24 -36.84
CA TYR I 60 -32.74 -51.48 -36.08
C TYR I 60 -33.38 -52.64 -36.84
N ASN I 61 -34.33 -52.35 -37.73
CA ASN I 61 -34.87 -53.43 -38.56
C ASN I 61 -33.90 -53.84 -39.66
N LYS I 62 -33.25 -52.88 -40.31
CA LYS I 62 -32.29 -53.26 -41.35
C LYS I 62 -31.00 -53.81 -40.75
N PHE I 63 -30.62 -53.34 -39.57
CA PHE I 63 -29.39 -53.78 -38.91
C PHE I 63 -29.75 -54.26 -37.50
N PRO I 64 -30.24 -55.49 -37.37
CA PRO I 64 -30.59 -56.00 -36.04
C PRO I 64 -29.39 -56.31 -35.16
N TYR I 65 -28.22 -56.53 -35.75
CA TYR I 65 -27.00 -56.83 -34.99
C TYR I 65 -26.57 -55.67 -34.11
N THR I 66 -26.98 -54.45 -34.44
CA THR I 66 -26.73 -53.31 -33.57
C THR I 66 -27.46 -53.43 -32.24
N THR I 67 -28.62 -54.10 -32.23
CA THR I 67 -29.37 -54.31 -30.99
C THR I 67 -29.07 -55.64 -30.33
N GLN I 68 -28.22 -56.47 -30.93
CA GLN I 68 -27.93 -57.80 -30.39
C GLN I 68 -26.50 -57.95 -29.94
N THR I 69 -25.54 -57.52 -30.76
CA THR I 69 -24.13 -57.67 -30.42
C THR I 69 -23.74 -56.65 -29.35
N GLN I 70 -23.12 -57.13 -28.28
CA GLN I 70 -22.69 -56.26 -27.21
C GLN I 70 -21.41 -55.53 -27.61
N GLY I 71 -21.40 -54.22 -27.37
CA GLY I 71 -20.25 -53.40 -27.69
C GLY I 71 -20.54 -51.93 -27.46
N ASN I 72 -19.50 -51.09 -27.43
CA ASN I 72 -19.70 -49.67 -27.21
C ASN I 72 -20.33 -49.00 -28.42
N ASN I 73 -19.99 -49.45 -29.62
CA ASN I 73 -20.46 -48.84 -30.84
C ASN I 73 -21.84 -49.31 -31.26
N PHE I 74 -22.44 -50.23 -30.52
CA PHE I 74 -23.73 -50.81 -30.87
C PHE I 74 -24.81 -50.33 -29.90
N ALA I 75 -26.05 -50.43 -30.34
CA ALA I 75 -27.22 -49.97 -29.59
C ALA I 75 -27.92 -51.11 -28.85
N ALA I 76 -27.15 -52.07 -28.34
CA ALA I 76 -27.74 -53.18 -27.60
C ALA I 76 -28.31 -52.73 -26.26
N ASP I 77 -27.67 -51.80 -25.59
CA ASP I 77 -28.13 -51.29 -24.31
C ASP I 77 -28.97 -50.03 -24.51
N GLN I 78 -29.45 -49.46 -23.40
CA GLN I 78 -30.21 -48.22 -23.47
C GLN I 78 -29.30 -47.04 -23.76
N ARG I 79 -28.03 -47.12 -23.34
CA ARG I 79 -27.06 -46.07 -23.65
C ARG I 79 -26.79 -45.99 -25.16
N GLY I 80 -26.67 -47.13 -25.82
CA GLY I 80 -26.46 -47.13 -27.26
C GLY I 80 -27.66 -46.63 -28.04
N LYS I 81 -28.87 -46.99 -27.61
CA LYS I 81 -30.07 -46.48 -28.25
C LYS I 81 -30.25 -44.99 -28.01
N ASP I 82 -29.86 -44.50 -26.83
CA ASP I 82 -29.87 -43.08 -26.56
C ASP I 82 -28.87 -42.34 -27.44
N LYS I 83 -27.68 -42.91 -27.63
CA LYS I 83 -26.69 -42.31 -28.52
C LYS I 83 -27.17 -42.30 -29.97
N CYS I 84 -27.84 -43.38 -30.39
CA CYS I 84 -28.37 -43.43 -31.75
C CYS I 84 -29.48 -42.42 -31.98
N ALA I 85 -30.41 -42.31 -31.02
CA ALA I 85 -31.48 -41.33 -31.13
C ALA I 85 -30.94 -39.90 -31.10
N ARG I 86 -29.91 -39.67 -30.28
CA ARG I 86 -29.24 -38.37 -30.25
C ARG I 86 -28.56 -38.05 -31.58
N ASP I 87 -27.94 -39.06 -32.19
CA ASP I 87 -27.30 -38.88 -33.50
C ASP I 87 -28.32 -38.56 -34.59
N ILE I 88 -29.45 -39.27 -34.59
CA ILE I 88 -30.46 -39.02 -35.62
C ILE I 88 -31.14 -37.68 -35.40
N GLY I 89 -31.32 -37.28 -34.13
CA GLY I 89 -31.77 -35.93 -33.84
C GLY I 89 -30.79 -34.87 -34.31
N TYR I 90 -29.49 -35.13 -34.17
CA TYR I 90 -28.47 -34.23 -34.69
C TYR I 90 -28.56 -34.11 -36.20
N TYR I 91 -28.72 -35.24 -36.90
CA TYR I 91 -28.82 -35.24 -38.36
C TYR I 91 -30.05 -34.48 -38.84
N LEU I 92 -31.21 -34.75 -38.24
CA LEU I 92 -32.44 -34.08 -38.65
C LEU I 92 -32.43 -32.60 -38.29
N ARG I 93 -31.81 -32.25 -37.15
CA ARG I 93 -31.74 -30.86 -36.73
C ARG I 93 -30.83 -30.06 -37.66
N ILE I 94 -29.72 -30.64 -38.09
CA ILE I 94 -28.84 -29.98 -39.05
C ILE I 94 -29.49 -29.92 -40.44
N VAL I 95 -30.34 -30.89 -40.78
CA VAL I 95 -31.14 -30.80 -42.01
C VAL I 95 -32.10 -29.62 -41.95
N THR I 96 -32.77 -29.41 -40.79
CA THR I 96 -33.63 -28.24 -40.63
C THR I 96 -32.83 -26.95 -40.66
N TYR I 97 -31.60 -26.98 -40.14
CA TYR I 97 -30.71 -25.82 -40.22
C TYR I 97 -30.33 -25.51 -41.65
N CYS I 98 -30.11 -26.54 -42.46
CA CYS I 98 -29.80 -26.35 -43.87
C CYS I 98 -31.01 -25.80 -44.62
N LEU I 99 -32.21 -26.24 -44.24
CA LEU I 99 -33.42 -25.71 -44.85
C LEU I 99 -33.64 -24.25 -44.49
N VAL I 100 -33.33 -23.88 -43.24
CA VAL I 100 -33.46 -22.48 -42.82
C VAL I 100 -32.42 -21.61 -43.52
N ALA I 101 -31.17 -22.06 -43.51
CA ALA I 101 -30.09 -21.25 -44.06
C ALA I 101 -30.09 -21.23 -45.59
N GLY I 102 -30.63 -22.26 -46.21
CA GLY I 102 -30.70 -22.31 -47.66
C GLY I 102 -29.52 -22.90 -48.35
N GLY I 103 -28.69 -23.67 -47.64
CA GLY I 103 -27.56 -24.35 -48.25
C GLY I 103 -27.08 -25.44 -47.33
N THR I 104 -26.14 -26.23 -47.83
CA THR I 104 -25.59 -27.32 -47.03
C THR I 104 -24.46 -26.88 -46.11
N GLY I 105 -24.27 -25.57 -45.92
CA GLY I 105 -23.31 -25.02 -45.01
C GLY I 105 -23.40 -25.47 -43.56
N PRO I 106 -24.61 -25.51 -42.97
CA PRO I 106 -24.76 -26.21 -41.68
C PRO I 106 -24.34 -27.66 -41.71
N LEU I 107 -24.60 -28.39 -42.80
CA LEU I 107 -24.11 -29.77 -42.89
C LEU I 107 -22.59 -29.81 -42.98
N ASP I 108 -21.98 -28.91 -43.77
CA ASP I 108 -20.53 -28.88 -43.89
C ASP I 108 -19.84 -28.55 -42.57
N GLU I 109 -20.26 -27.48 -41.91
CA GLU I 109 -19.53 -27.06 -40.73
C GLU I 109 -19.91 -27.89 -39.50
N TYR I 110 -21.17 -28.32 -39.39
CA TYR I 110 -21.55 -29.11 -38.22
C TYR I 110 -21.43 -30.61 -38.41
N LEU I 111 -21.72 -31.14 -39.61
CA LEU I 111 -21.80 -32.60 -39.67
C LEU I 111 -20.86 -33.24 -40.70
N ILE I 112 -20.74 -32.67 -41.90
CA ILE I 112 -20.04 -33.37 -42.98
C ILE I 112 -18.53 -33.36 -42.78
N ALA I 113 -17.95 -32.21 -42.43
CA ALA I 113 -16.51 -32.15 -42.23
C ALA I 113 -16.14 -32.88 -40.94
N GLY I 114 -15.27 -33.86 -41.05
CA GLY I 114 -14.81 -34.61 -39.91
C GLY I 114 -15.58 -35.87 -39.59
N ILE I 115 -16.66 -36.17 -40.32
CA ILE I 115 -17.48 -37.35 -40.03
C ILE I 115 -16.75 -38.65 -40.36
N ASP I 116 -15.78 -38.61 -41.28
CA ASP I 116 -14.96 -39.79 -41.56
C ASP I 116 -14.13 -40.23 -40.37
N GLU I 117 -13.53 -39.28 -39.63
CA GLU I 117 -12.88 -39.61 -38.37
C GLU I 117 -13.87 -40.11 -37.33
N ILE I 118 -15.12 -39.64 -37.38
CA ILE I 118 -16.11 -40.06 -36.40
C ILE I 118 -16.49 -41.52 -36.60
N ASN I 119 -16.78 -41.90 -37.84
CA ASN I 119 -17.09 -43.30 -38.12
C ASN I 119 -15.87 -44.23 -38.05
N ARG I 120 -14.66 -43.76 -38.35
CA ARG I 120 -13.54 -44.69 -38.15
C ARG I 120 -13.15 -44.84 -36.69
N THR I 121 -13.20 -43.75 -35.91
CA THR I 121 -12.69 -43.79 -34.54
C THR I 121 -13.61 -44.58 -33.63
N PHE I 122 -14.91 -44.33 -33.69
CA PHE I 122 -15.86 -44.92 -32.75
C PHE I 122 -16.59 -46.12 -33.33
N ASP I 123 -16.11 -46.65 -34.46
CA ASP I 123 -16.57 -47.91 -35.06
C ASP I 123 -18.05 -47.86 -35.45
N LEU I 124 -18.50 -46.70 -35.89
CA LEU I 124 -19.86 -46.55 -36.37
C LEU I 124 -19.92 -46.80 -37.86
N SER I 125 -20.87 -47.59 -38.29
CA SER I 125 -20.95 -47.79 -39.73
C SER I 125 -21.76 -46.68 -40.36
N PRO I 126 -21.28 -46.06 -41.45
CA PRO I 126 -22.08 -45.03 -42.13
C PRO I 126 -23.34 -45.56 -42.81
N SER I 127 -23.43 -46.87 -43.04
CA SER I 127 -24.61 -47.45 -43.69
C SER I 127 -25.85 -47.32 -42.82
N TRP I 128 -25.69 -47.35 -41.49
CA TRP I 128 -26.82 -47.12 -40.59
C TRP I 128 -27.39 -45.72 -40.77
N TYR I 129 -26.51 -44.71 -40.84
CA TYR I 129 -26.96 -43.35 -41.02
C TYR I 129 -27.51 -43.13 -42.42
N VAL I 130 -26.97 -43.84 -43.41
CA VAL I 130 -27.50 -43.78 -44.77
C VAL I 130 -28.92 -44.33 -44.82
N GLU I 131 -29.18 -45.45 -44.14
CA GLU I 131 -30.53 -46.01 -44.07
C GLU I 131 -31.48 -45.08 -43.31
N ALA I 132 -31.00 -44.44 -42.24
CA ALA I 132 -31.84 -43.53 -41.48
C ALA I 132 -32.20 -42.28 -42.29
N LEU I 133 -31.23 -41.71 -43.01
CA LEU I 133 -31.54 -40.58 -43.88
C LEU I 133 -32.40 -40.99 -45.07
N LYS I 134 -32.30 -42.25 -45.50
CA LYS I 134 -33.23 -42.76 -46.50
C LYS I 134 -34.64 -42.88 -45.93
N TYR I 135 -34.77 -43.19 -44.64
CA TYR I 135 -36.09 -43.19 -44.00
C TYR I 135 -36.64 -41.77 -43.92
N ILE I 136 -35.78 -40.80 -43.59
CA ILE I 136 -36.21 -39.39 -43.57
C ILE I 136 -36.61 -38.94 -44.97
N LYS I 137 -35.90 -39.43 -45.98
CA LYS I 137 -36.32 -39.25 -47.38
C LYS I 137 -37.67 -39.89 -47.67
N ALA I 138 -37.98 -41.02 -47.01
CA ALA I 138 -39.19 -41.76 -47.33
C ALA I 138 -40.45 -41.04 -46.89
N ASN I 139 -40.52 -40.59 -45.63
CA ASN I 139 -41.76 -40.04 -45.09
C ASN I 139 -41.52 -38.76 -44.28
N HIS I 140 -40.78 -37.81 -44.87
CA HIS I 140 -40.76 -36.48 -44.26
C HIS I 140 -42.06 -35.72 -44.50
N GLY I 141 -42.80 -36.09 -45.55
CA GLY I 141 -44.11 -35.51 -45.77
C GLY I 141 -44.13 -34.15 -46.42
N LEU I 142 -43.12 -33.81 -47.22
CA LEU I 142 -43.09 -32.55 -47.93
C LEU I 142 -43.39 -32.77 -49.41
N SER I 143 -43.83 -31.69 -50.06
CA SER I 143 -44.20 -31.73 -51.47
C SER I 143 -43.69 -30.47 -52.17
N GLY I 144 -43.40 -30.60 -53.45
CA GLY I 144 -43.07 -29.42 -54.25
C GLY I 144 -41.65 -28.97 -54.03
N ASP I 145 -41.48 -27.66 -53.84
CA ASP I 145 -40.14 -27.09 -53.67
C ASP I 145 -39.54 -27.44 -52.32
N ALA I 146 -40.40 -27.64 -51.31
CA ALA I 146 -39.92 -28.05 -49.99
C ALA I 146 -39.38 -29.48 -50.02
N ARG I 147 -39.99 -30.34 -50.83
CA ARG I 147 -39.53 -31.71 -50.97
C ARG I 147 -38.19 -31.78 -51.69
N ASP I 148 -38.03 -30.98 -52.75
CA ASP I 148 -36.80 -31.03 -53.54
C ASP I 148 -35.63 -30.41 -52.80
N GLU I 149 -35.89 -29.37 -51.99
CA GLU I 149 -34.80 -28.74 -51.24
C GLU I 149 -34.36 -29.61 -50.08
N ALA I 150 -35.30 -30.21 -49.36
CA ALA I 150 -34.97 -30.99 -48.18
C ALA I 150 -34.28 -32.30 -48.54
N ASN I 151 -34.72 -32.93 -49.63
CA ASN I 151 -34.10 -34.19 -50.05
C ASN I 151 -32.71 -33.97 -50.60
N SER I 152 -32.43 -32.78 -51.15
CA SER I 152 -31.08 -32.46 -51.61
C SER I 152 -30.11 -32.39 -50.43
N TYR I 153 -30.60 -31.96 -49.27
CA TYR I 153 -29.79 -32.01 -48.05
C TYR I 153 -29.67 -33.43 -47.53
N LEU I 154 -30.73 -34.23 -47.67
CA LEU I 154 -30.67 -35.62 -47.25
C LEU I 154 -29.75 -36.44 -48.16
N ASP I 155 -29.78 -36.16 -49.47
CA ASP I 155 -28.84 -36.82 -50.37
C ASP I 155 -27.42 -36.32 -50.18
N TYR I 156 -27.25 -35.05 -49.77
CA TYR I 156 -25.91 -34.52 -49.54
C TYR I 156 -25.23 -35.22 -48.38
N ALA I 157 -25.98 -35.52 -47.32
CA ALA I 157 -25.43 -36.28 -46.20
C ALA I 157 -25.23 -37.74 -46.57
N ILE I 158 -26.09 -38.28 -47.43
CA ILE I 158 -25.98 -39.68 -47.84
C ILE I 158 -24.76 -39.88 -48.73
N ASN I 159 -24.56 -39.00 -49.71
CA ASN I 159 -23.39 -39.08 -50.59
C ASN I 159 -22.08 -38.80 -49.86
N ALA I 160 -22.11 -38.00 -48.79
CA ALA I 160 -20.88 -37.81 -48.01
C ALA I 160 -20.59 -39.02 -47.13
N LEU I 161 -21.63 -39.73 -46.68
CA LEU I 161 -21.44 -40.94 -45.91
C LEU I 161 -21.18 -42.15 -46.79
N SER I 162 -21.34 -42.02 -48.10
CA SER I 162 -21.11 -43.12 -49.03
C SER I 162 -20.17 -42.72 -50.15
N MET J 1 -18.50 -16.77 -40.27
CA MET J 1 -19.22 -15.84 -41.14
C MET J 1 -20.69 -16.22 -41.25
N PHE J 2 -21.58 -15.27 -40.98
CA PHE J 2 -23.00 -15.54 -40.86
C PHE J 2 -23.79 -14.55 -41.72
N ASP J 3 -24.99 -14.97 -42.12
CA ASP J 3 -25.98 -14.06 -42.67
C ASP J 3 -27.17 -14.05 -41.70
N VAL J 4 -28.28 -13.44 -42.13
CA VAL J 4 -29.43 -13.26 -41.25
C VAL J 4 -30.10 -14.60 -40.89
N PHE J 5 -29.96 -15.63 -41.71
CA PHE J 5 -30.44 -16.96 -41.38
C PHE J 5 -29.41 -17.77 -40.62
N THR J 6 -28.13 -17.61 -41.00
CA THR J 6 -27.04 -18.40 -40.46
C THR J 6 -26.75 -18.03 -39.01
N ARG J 7 -26.99 -16.77 -38.62
CA ARG J 7 -26.86 -16.36 -37.22
C ARG J 7 -27.87 -17.08 -36.34
N VAL J 8 -29.12 -17.18 -36.80
CA VAL J 8 -30.17 -17.89 -36.06
C VAL J 8 -29.86 -19.38 -36.02
N VAL J 9 -29.33 -19.92 -37.12
CA VAL J 9 -28.91 -21.32 -37.16
C VAL J 9 -27.82 -21.61 -36.14
N SER J 10 -26.81 -20.72 -36.07
CA SER J 10 -25.71 -20.91 -35.12
C SER J 10 -26.17 -20.79 -33.68
N GLN J 11 -27.06 -19.82 -33.40
CA GLN J 11 -27.59 -19.67 -32.04
C GLN J 11 -28.44 -20.86 -31.62
N ALA J 12 -29.29 -21.35 -32.53
CA ALA J 12 -30.13 -22.50 -32.22
C ALA J 12 -29.32 -23.78 -32.07
N ASP J 13 -28.23 -23.92 -32.83
CA ASP J 13 -27.41 -25.13 -32.70
C ASP J 13 -26.57 -25.05 -31.43
N ALA J 14 -26.12 -23.85 -31.06
CA ALA J 14 -25.42 -23.68 -29.79
C ALA J 14 -26.34 -23.96 -28.61
N ARG J 15 -27.63 -23.65 -28.74
CA ARG J 15 -28.62 -24.14 -27.79
C ARG J 15 -29.05 -25.59 -28.07
N GLY J 16 -28.69 -26.13 -29.22
CA GLY J 16 -29.03 -27.51 -29.56
C GLY J 16 -30.50 -27.78 -29.77
N GLU J 17 -31.22 -26.84 -30.35
CA GLU J 17 -32.66 -26.93 -30.48
C GLU J 17 -33.07 -26.60 -31.90
N TYR J 18 -34.23 -27.11 -32.29
CA TYR J 18 -34.86 -26.70 -33.52
C TYR J 18 -35.33 -25.25 -33.40
N LEU J 19 -35.45 -24.58 -34.54
CA LEU J 19 -35.94 -23.20 -34.54
C LEU J 19 -37.42 -23.19 -34.16
N SER J 20 -37.77 -22.34 -33.20
CA SER J 20 -39.16 -22.20 -32.79
C SER J 20 -39.96 -21.46 -33.86
N GLY J 21 -41.28 -21.46 -33.67
CA GLY J 21 -42.16 -20.81 -34.64
C GLY J 21 -41.97 -19.31 -34.73
N SER J 22 -41.60 -18.67 -33.60
CA SER J 22 -41.31 -17.25 -33.62
C SER J 22 -40.08 -16.92 -34.45
N GLN J 23 -39.05 -17.76 -34.37
CA GLN J 23 -37.84 -17.54 -35.17
C GLN J 23 -38.12 -17.78 -36.65
N LEU J 24 -38.93 -18.79 -36.97
CA LEU J 24 -39.29 -19.06 -38.36
C LEU J 24 -40.14 -17.93 -38.93
N ASP J 25 -41.06 -17.38 -38.13
CA ASP J 25 -41.87 -16.25 -38.59
C ASP J 25 -41.05 -14.97 -38.72
N ALA J 26 -40.06 -14.78 -37.84
CA ALA J 26 -39.16 -13.63 -37.97
C ALA J 26 -38.30 -13.74 -39.23
N LEU J 27 -37.84 -14.95 -39.54
CA LEU J 27 -37.08 -15.13 -40.78
C LEU J 27 -37.97 -15.02 -42.01
N SER J 28 -39.25 -15.40 -41.89
CA SER J 28 -40.20 -15.18 -42.99
C SER J 28 -40.44 -13.69 -43.23
N ALA J 29 -40.52 -12.91 -42.14
CA ALA J 29 -40.63 -11.46 -42.28
C ALA J 29 -39.35 -10.87 -42.89
N THR J 30 -38.20 -11.45 -42.57
CA THR J 30 -36.95 -11.04 -43.20
C THR J 30 -36.94 -11.36 -44.69
N VAL J 31 -37.50 -12.51 -45.08
CA VAL J 31 -37.63 -12.86 -46.49
C VAL J 31 -38.57 -11.89 -47.20
N ALA J 32 -39.63 -11.45 -46.50
CA ALA J 32 -40.52 -10.43 -47.04
C ALA J 32 -39.80 -9.09 -47.22
N GLU J 33 -38.93 -8.73 -46.27
CA GLU J 33 -38.13 -7.51 -46.37
C GLU J 33 -36.94 -7.64 -47.32
N GLY J 34 -36.68 -8.85 -47.82
CA GLY J 34 -35.51 -9.09 -48.65
C GLY J 34 -35.47 -8.32 -49.96
N ASN J 35 -36.63 -8.06 -50.56
CA ASN J 35 -36.65 -7.26 -51.80
C ASN J 35 -36.21 -5.82 -51.55
N LYS J 36 -36.68 -5.23 -50.45
CA LYS J 36 -36.22 -3.90 -50.06
C LYS J 36 -34.75 -3.92 -49.66
N ARG J 37 -34.28 -5.02 -49.07
CA ARG J 37 -32.87 -5.20 -48.76
C ARG J 37 -32.01 -5.21 -50.03
N ILE J 38 -32.47 -5.92 -51.07
CA ILE J 38 -31.77 -5.96 -52.35
C ILE J 38 -31.79 -4.59 -53.02
N ASP J 39 -32.91 -3.86 -52.90
CA ASP J 39 -32.98 -2.49 -53.42
C ASP J 39 -32.00 -1.56 -52.73
N SER J 40 -31.87 -1.66 -51.41
CA SER J 40 -30.92 -0.84 -50.68
C SER J 40 -29.48 -1.15 -51.08
N VAL J 41 -29.16 -2.45 -51.21
CA VAL J 41 -27.83 -2.87 -51.65
C VAL J 41 -27.54 -2.37 -53.06
N ASN J 42 -28.52 -2.50 -53.96
CA ASN J 42 -28.36 -2.06 -55.35
C ASN J 42 -28.17 -0.56 -55.45
N ARG J 43 -28.90 0.21 -54.64
CA ARG J 43 -28.76 1.67 -54.71
C ARG J 43 -27.42 2.14 -54.18
N ILE J 44 -26.97 1.58 -53.04
CA ILE J 44 -25.66 2.00 -52.52
C ILE J 44 -24.53 1.53 -53.42
N THR J 45 -24.66 0.33 -54.02
CA THR J 45 -23.67 -0.15 -54.97
C THR J 45 -23.63 0.71 -56.23
N GLY J 46 -24.80 1.08 -56.75
CA GLY J 46 -24.85 1.90 -57.95
C GLY J 46 -24.40 3.33 -57.75
N ASN J 47 -24.47 3.85 -56.52
CA ASN J 47 -23.99 5.19 -56.25
C ASN J 47 -22.79 5.21 -55.30
N ALA J 48 -22.02 4.11 -55.25
CA ALA J 48 -20.88 4.00 -54.35
C ALA J 48 -19.80 5.05 -54.61
N SER J 49 -19.45 5.28 -55.89
CA SER J 49 -18.41 6.26 -56.19
C SER J 49 -18.86 7.68 -55.86
N ALA J 50 -20.13 7.99 -56.12
CA ALA J 50 -20.68 9.29 -55.73
C ALA J 50 -20.69 9.47 -54.22
N ILE J 51 -21.04 8.40 -53.49
CA ILE J 51 -21.05 8.45 -52.02
C ILE J 51 -19.64 8.69 -51.49
N VAL J 52 -18.65 7.96 -52.03
CA VAL J 52 -17.28 8.06 -51.56
C VAL J 52 -16.69 9.43 -51.88
N SER J 53 -16.90 9.92 -53.11
CA SER J 53 -16.36 11.22 -53.50
C SER J 53 -17.01 12.37 -52.75
N ASN J 54 -18.34 12.35 -52.61
CA ASN J 54 -19.03 13.43 -51.91
C ASN J 54 -18.75 13.39 -50.41
N ALA J 55 -18.63 12.19 -49.83
CA ALA J 55 -18.30 12.08 -48.42
C ALA J 55 -16.88 12.53 -48.15
N ALA J 56 -15.94 12.22 -49.05
CA ALA J 56 -14.58 12.71 -48.92
C ALA J 56 -14.52 14.22 -49.05
N ARG J 57 -15.26 14.80 -50.00
CA ARG J 57 -15.27 16.24 -50.18
C ARG J 57 -15.87 16.95 -48.97
N ALA J 58 -16.96 16.41 -48.41
CA ALA J 58 -17.56 16.99 -47.22
C ALA J 58 -16.65 16.82 -46.00
N LEU J 59 -15.95 15.69 -45.90
CA LEU J 59 -15.05 15.44 -44.79
C LEU J 59 -13.85 16.38 -44.82
N PHE J 60 -13.28 16.61 -46.00
CA PHE J 60 -12.12 17.49 -46.09
C PHE J 60 -12.49 18.96 -46.22
N ALA J 61 -13.76 19.27 -46.46
CA ALA J 61 -14.22 20.63 -46.24
C ALA J 61 -14.45 20.89 -44.75
N GLU J 62 -14.97 19.90 -44.03
CA GLU J 62 -15.12 20.04 -42.59
C GLU J 62 -13.80 19.90 -41.86
N GLN J 63 -12.89 19.08 -42.38
CA GLN J 63 -11.58 18.84 -41.74
C GLN J 63 -10.49 19.13 -42.77
N PRO J 64 -10.14 20.41 -42.97
CA PRO J 64 -9.07 20.75 -43.91
C PRO J 64 -7.67 20.47 -43.38
N GLN J 65 -7.56 20.04 -42.12
CA GLN J 65 -6.30 19.62 -41.53
C GLN J 65 -5.73 18.38 -42.22
N LEU J 66 -6.59 17.54 -42.78
CA LEU J 66 -6.14 16.29 -43.40
C LEU J 66 -5.49 16.52 -44.75
N ILE J 67 -6.01 17.46 -45.54
CA ILE J 67 -5.49 17.68 -46.89
C ILE J 67 -4.37 18.72 -46.95
N GLN J 68 -4.19 19.51 -45.90
CA GLN J 68 -3.05 20.42 -45.86
C GLN J 68 -1.77 19.60 -45.68
N PRO J 69 -0.64 20.11 -46.16
CA PRO J 69 0.61 19.34 -46.04
C PRO J 69 1.04 19.15 -44.59
N GLY J 70 1.44 17.92 -44.30
CA GLY J 70 1.72 17.56 -42.89
C GLY J 70 0.49 16.84 -42.36
N GLY J 71 -0.49 16.62 -43.23
CA GLY J 71 -1.75 15.96 -42.82
C GLY J 71 -1.78 14.51 -43.27
N ASN J 72 -2.76 13.74 -42.78
CA ASN J 72 -2.81 12.28 -43.08
C ASN J 72 -3.31 12.06 -44.52
N ALA J 73 -4.27 12.86 -44.99
CA ALA J 73 -4.84 12.63 -46.34
C ALA J 73 -4.02 13.37 -47.39
N TYR J 74 -2.92 14.02 -46.98
CA TYR J 74 -2.06 14.77 -47.93
C TYR J 74 -1.31 13.79 -48.82
N THR J 75 -0.92 14.18 -50.04
CA THR J 75 -0.22 13.33 -51.03
C THR J 75 -1.11 12.25 -51.63
N SER J 76 -0.80 11.90 -52.88
CA SER J 76 -1.70 11.06 -53.67
C SER J 76 -1.71 9.62 -53.19
N ARG J 77 -0.61 9.14 -52.61
CA ARG J 77 -0.56 7.78 -52.07
C ARG J 77 -1.47 7.66 -50.84
N ARG J 78 -1.36 8.62 -49.91
CA ARG J 78 -2.18 8.57 -48.70
C ARG J 78 -3.64 8.89 -49.00
N MET J 79 -3.90 9.81 -49.93
CA MET J 79 -5.29 10.10 -50.29
C MET J 79 -5.91 8.96 -51.08
N ALA J 80 -5.12 8.29 -51.92
CA ALA J 80 -5.60 7.10 -52.62
C ALA J 80 -5.91 5.98 -51.64
N ALA J 81 -5.07 5.82 -50.61
CA ALA J 81 -5.36 4.88 -49.54
C ALA J 81 -6.59 5.28 -48.75
N CYS J 82 -6.82 6.59 -48.58
CA CYS J 82 -7.99 7.06 -47.84
C CYS J 82 -9.27 6.79 -48.59
N LEU J 83 -9.28 7.09 -49.90
CA LEU J 83 -10.46 6.82 -50.72
C LEU J 83 -10.69 5.32 -50.87
N ARG J 84 -9.60 4.54 -50.92
CA ARG J 84 -9.72 3.09 -50.92
C ARG J 84 -10.34 2.58 -49.62
N ASP J 85 -9.97 3.19 -48.49
CA ASP J 85 -10.58 2.80 -47.22
C ASP J 85 -12.05 3.21 -47.16
N MET J 86 -12.39 4.37 -47.73
CA MET J 86 -13.79 4.79 -47.82
C MET J 86 -14.62 3.80 -48.62
N GLU J 87 -14.13 3.40 -49.79
CA GLU J 87 -14.89 2.45 -50.59
C GLU J 87 -14.85 1.03 -50.01
N ILE J 88 -13.81 0.69 -49.24
CA ILE J 88 -13.77 -0.61 -48.58
C ILE J 88 -14.80 -0.67 -47.45
N ILE J 89 -14.89 0.38 -46.63
CA ILE J 89 -15.88 0.42 -45.56
C ILE J 89 -17.29 0.44 -46.14
N LEU J 90 -17.50 1.19 -47.23
CA LEU J 90 -18.80 1.17 -47.91
C LEU J 90 -19.12 -0.20 -48.50
N ARG J 91 -18.09 -0.88 -49.02
CA ARG J 91 -18.27 -2.21 -49.60
C ARG J 91 -18.68 -3.24 -48.55
N TYR J 92 -18.03 -3.22 -47.40
CA TYR J 92 -18.42 -4.16 -46.35
C TYR J 92 -19.71 -3.77 -45.63
N VAL J 93 -20.10 -2.49 -45.63
CA VAL J 93 -21.45 -2.13 -45.16
C VAL J 93 -22.50 -2.67 -46.14
N THR J 94 -22.23 -2.61 -47.45
CA THR J 94 -23.14 -3.23 -48.41
C THR J 94 -23.17 -4.75 -48.26
N TYR J 95 -22.02 -5.36 -47.94
CA TYR J 95 -21.97 -6.80 -47.69
C TYR J 95 -22.80 -7.18 -46.47
N ALA J 96 -22.72 -6.37 -45.41
CA ALA J 96 -23.52 -6.62 -44.20
C ALA J 96 -25.00 -6.41 -44.46
N THR J 97 -25.34 -5.40 -45.28
CA THR J 97 -26.74 -5.18 -45.65
C THR J 97 -27.28 -6.34 -46.47
N PHE J 98 -26.45 -6.85 -47.39
CA PHE J 98 -26.82 -8.00 -48.22
C PHE J 98 -27.05 -9.24 -47.35
N THR J 99 -26.13 -9.53 -46.45
CA THR J 99 -26.27 -10.72 -45.61
C THR J 99 -27.35 -10.57 -44.55
N GLY J 100 -27.63 -9.35 -44.11
CA GLY J 100 -28.54 -9.15 -43.01
C GLY J 100 -27.90 -9.33 -41.65
N ASP J 101 -26.60 -9.57 -41.59
CA ASP J 101 -25.89 -9.73 -40.34
C ASP J 101 -24.52 -9.10 -40.50
N ALA J 102 -23.99 -8.55 -39.40
CA ALA J 102 -22.76 -7.77 -39.44
C ALA J 102 -21.51 -8.60 -39.22
N SER J 103 -21.60 -9.93 -39.37
CA SER J 103 -20.43 -10.79 -39.16
C SER J 103 -19.35 -10.54 -40.19
N VAL J 104 -19.74 -10.31 -41.45
CA VAL J 104 -18.77 -9.96 -42.49
C VAL J 104 -18.14 -8.59 -42.21
N LEU J 105 -18.92 -7.66 -41.66
CA LEU J 105 -18.40 -6.33 -41.41
C LEU J 105 -17.43 -6.30 -40.23
N GLU J 106 -17.77 -6.97 -39.12
CA GLU J 106 -16.88 -6.93 -37.97
C GLU J 106 -15.76 -7.95 -38.09
N ASP J 107 -15.87 -8.92 -38.99
CA ASP J 107 -14.86 -9.96 -39.10
C ASP J 107 -13.91 -9.76 -40.28
N ARG J 108 -14.35 -9.08 -41.32
CA ARG J 108 -13.59 -9.00 -42.56
C ARG J 108 -13.20 -7.58 -42.94
N CYS J 109 -13.74 -6.57 -42.26
CA CYS J 109 -13.32 -5.18 -42.44
C CYS J 109 -12.78 -4.56 -41.16
N LEU J 110 -13.54 -4.60 -40.07
CA LEU J 110 -13.19 -3.94 -38.84
C LEU J 110 -12.25 -4.77 -37.96
N ASN J 111 -11.88 -5.96 -38.42
CA ASN J 111 -10.89 -6.78 -37.73
C ASN J 111 -9.53 -6.11 -37.84
N GLY J 112 -9.03 -5.55 -36.75
CA GLY J 112 -7.74 -4.92 -36.75
C GLY J 112 -7.67 -3.59 -37.45
N LEU J 113 -8.82 -2.97 -37.74
CA LEU J 113 -8.81 -1.69 -38.43
C LEU J 113 -8.35 -0.57 -37.52
N ARG J 114 -8.79 -0.58 -36.26
CA ARG J 114 -8.39 0.46 -35.32
C ARG J 114 -6.93 0.33 -34.94
N GLU J 115 -6.44 -0.90 -34.81
CA GLU J 115 -5.01 -1.12 -34.54
C GLU J 115 -4.16 -0.66 -35.72
N THR J 116 -4.62 -0.93 -36.95
CA THR J 116 -3.93 -0.46 -38.14
C THR J 116 -3.90 1.07 -38.20
N TYR J 117 -5.04 1.71 -37.89
CA TYR J 117 -5.13 3.16 -37.96
C TYR J 117 -4.31 3.84 -36.87
N VAL J 118 -4.26 3.24 -35.67
CA VAL J 118 -3.45 3.81 -34.60
C VAL J 118 -1.96 3.62 -34.89
N ALA J 119 -1.57 2.43 -35.39
CA ALA J 119 -0.18 2.18 -35.73
C ALA J 119 0.29 3.04 -36.89
N LEU J 120 -0.62 3.41 -37.80
CA LEU J 120 -0.27 4.28 -38.91
C LEU J 120 -0.33 5.75 -38.56
N GLY J 121 -0.90 6.11 -37.41
CA GLY J 121 -1.20 7.49 -37.14
C GLY J 121 -2.40 8.03 -37.89
N VAL J 122 -3.20 7.15 -38.48
CA VAL J 122 -4.43 7.58 -39.17
C VAL J 122 -5.43 8.07 -38.13
N PRO J 123 -5.97 9.28 -38.30
CA PRO J 123 -7.02 9.75 -37.38
C PRO J 123 -8.30 8.95 -37.49
N GLY J 124 -8.60 8.15 -36.46
CA GLY J 124 -9.76 7.29 -36.52
C GLY J 124 -11.06 8.05 -36.38
N ALA J 125 -11.04 9.20 -35.70
CA ALA J 125 -12.22 10.04 -35.64
C ALA J 125 -12.52 10.69 -36.99
N SER J 126 -11.48 10.96 -37.78
CA SER J 126 -11.69 11.49 -39.13
C SER J 126 -12.29 10.44 -40.04
N VAL J 127 -11.84 9.18 -39.92
CA VAL J 127 -12.44 8.09 -40.66
C VAL J 127 -13.88 7.86 -40.21
N ALA J 128 -14.14 8.03 -38.90
CA ALA J 128 -15.50 7.92 -38.39
C ALA J 128 -16.40 9.03 -38.93
N ALA J 129 -15.86 10.24 -39.07
CA ALA J 129 -16.62 11.34 -39.66
C ALA J 129 -16.92 11.07 -41.14
N GLY J 130 -15.95 10.54 -41.87
CA GLY J 130 -16.20 10.14 -43.25
C GLY J 130 -17.22 9.02 -43.36
N VAL J 131 -17.22 8.09 -42.40
CA VAL J 131 -18.20 7.01 -42.37
C VAL J 131 -19.59 7.57 -42.10
N GLN J 132 -19.70 8.59 -41.23
CA GLN J 132 -20.97 9.26 -41.00
C GLN J 132 -21.45 10.02 -42.24
N LYS J 133 -20.53 10.61 -43.01
CA LYS J 133 -20.93 11.26 -44.26
C LYS J 133 -21.40 10.24 -45.30
N MET J 134 -20.74 9.08 -45.37
CA MET J 134 -21.24 7.99 -46.21
C MET J 134 -22.59 7.49 -45.72
N LYS J 135 -22.80 7.47 -44.40
CA LYS J 135 -24.10 7.08 -43.85
C LYS J 135 -25.19 8.04 -44.27
N GLU J 136 -24.92 9.34 -44.20
CA GLU J 136 -25.92 10.35 -44.60
C GLU J 136 -26.21 10.26 -46.08
N ALA J 137 -25.18 10.08 -46.91
CA ALA J 137 -25.39 9.92 -48.35
C ALA J 137 -26.14 8.64 -48.68
N ALA J 138 -25.83 7.53 -48.00
CA ALA J 138 -26.47 6.25 -48.30
C ALA J 138 -27.93 6.22 -47.86
N LEU J 139 -28.23 6.75 -46.67
CA LEU J 139 -29.62 6.85 -46.25
C LEU J 139 -30.37 7.96 -46.98
N ASP J 140 -29.69 8.90 -47.64
CA ASP J 140 -30.40 9.78 -48.57
C ASP J 140 -30.74 9.06 -49.87
N ILE J 141 -29.79 8.27 -50.40
CA ILE J 141 -29.97 7.62 -51.70
C ILE J 141 -30.98 6.48 -51.60
N VAL J 142 -30.95 5.72 -50.50
CA VAL J 142 -31.88 4.61 -50.34
C VAL J 142 -33.32 5.13 -50.14
N ASN J 143 -33.49 6.17 -49.32
CA ASN J 143 -34.81 6.74 -49.07
C ASN J 143 -35.33 7.62 -50.19
N ASP J 144 -34.73 7.62 -51.38
CA ASP J 144 -35.25 8.42 -52.48
C ASP J 144 -36.51 7.76 -53.04
N PRO J 145 -37.63 8.49 -53.11
CA PRO J 145 -38.87 7.85 -53.60
C PRO J 145 -38.86 7.58 -55.10
N ASN J 146 -38.18 8.42 -55.88
CA ASN J 146 -38.31 8.39 -57.32
C ASN J 146 -37.56 7.21 -57.93
N GLY J 147 -38.16 6.62 -58.96
CA GLY J 147 -37.55 5.52 -59.69
C GLY J 147 -37.77 4.14 -59.08
N ILE J 148 -38.50 4.04 -57.98
CA ILE J 148 -38.71 2.75 -57.32
C ILE J 148 -40.14 2.75 -56.78
N THR J 149 -40.73 1.56 -56.67
CA THR J 149 -42.07 1.44 -56.12
C THR J 149 -42.05 1.72 -54.62
N ARG J 150 -43.13 2.36 -54.16
CA ARG J 150 -43.18 2.88 -52.80
C ARG J 150 -43.36 1.76 -51.77
N GLY J 151 -43.04 2.08 -50.53
CA GLY J 151 -43.23 1.15 -49.44
C GLY J 151 -42.50 1.63 -48.20
N ASP J 152 -42.74 0.91 -47.10
CA ASP J 152 -42.13 1.24 -45.83
C ASP J 152 -40.81 0.49 -45.70
N CYS J 153 -39.72 1.24 -45.53
CA CYS J 153 -38.38 0.68 -45.44
C CYS J 153 -37.64 1.27 -44.23
N SER J 154 -38.33 1.30 -43.08
CA SER J 154 -37.70 1.83 -41.88
C SER J 154 -36.68 0.86 -41.30
N ALA J 155 -36.99 -0.44 -41.33
CA ALA J 155 -36.17 -1.43 -40.63
C ALA J 155 -34.84 -1.66 -41.34
N ILE J 156 -34.86 -1.79 -42.67
CA ILE J 156 -33.64 -2.03 -43.43
C ILE J 156 -32.73 -0.80 -43.37
N VAL J 157 -33.32 0.39 -43.38
CA VAL J 157 -32.54 1.63 -43.31
C VAL J 157 -31.95 1.82 -41.91
N ALA J 158 -32.71 1.46 -40.86
CA ALA J 158 -32.16 1.45 -39.51
C ALA J 158 -31.05 0.42 -39.36
N GLU J 159 -31.15 -0.71 -40.07
CA GLU J 159 -30.10 -1.72 -40.05
C GLU J 159 -28.83 -1.22 -40.75
N ILE J 160 -29.00 -0.49 -41.86
CA ILE J 160 -27.87 0.13 -42.56
C ILE J 160 -27.21 1.19 -41.69
N ALA J 161 -28.03 1.98 -41.00
CA ALA J 161 -27.51 2.99 -40.08
C ALA J 161 -26.77 2.34 -38.91
N GLY J 162 -27.27 1.20 -38.43
CA GLY J 162 -26.55 0.46 -37.40
C GLY J 162 -25.23 -0.09 -37.88
N TYR J 163 -25.17 -0.53 -39.15
CA TYR J 163 -23.92 -0.96 -39.74
C TYR J 163 -22.92 0.18 -39.85
N PHE J 164 -23.40 1.36 -40.26
CA PHE J 164 -22.51 2.51 -40.37
C PHE J 164 -22.04 2.99 -38.99
N ASP J 165 -22.91 2.93 -37.97
CA ASP J 165 -22.51 3.29 -36.63
C ASP J 165 -21.52 2.29 -36.03
N ARG J 166 -21.67 0.99 -36.32
CA ARG J 166 -20.66 0.08 -35.82
C ARG J 166 -19.38 0.09 -36.66
N ALA J 167 -19.44 0.62 -37.88
CA ALA J 167 -18.21 0.88 -38.62
C ALA J 167 -17.49 2.10 -38.07
N ALA J 168 -18.24 3.15 -37.71
CA ALA J 168 -17.63 4.35 -37.16
C ALA J 168 -17.14 4.14 -35.73
N ALA J 169 -17.84 3.31 -34.95
CA ALA J 169 -17.41 3.04 -33.59
C ALA J 169 -16.21 2.12 -33.53
N ALA J 170 -15.97 1.34 -34.57
CA ALA J 170 -14.82 0.44 -34.61
C ALA J 170 -13.54 1.13 -35.02
N VAL J 171 -13.60 2.36 -35.49
CA VAL J 171 -12.42 3.13 -35.82
C VAL J 171 -12.20 4.31 -34.87
N ALA J 172 -13.21 4.72 -34.12
CA ALA J 172 -13.11 5.88 -33.24
C ALA J 172 -12.30 5.55 -31.98
N MET K 1 13.75 7.84 -49.87
CA MET K 1 13.09 7.71 -51.16
C MET K 1 14.11 7.36 -52.24
N LYS K 2 13.68 7.42 -53.50
CA LYS K 2 14.51 6.95 -54.61
C LYS K 2 15.48 8.05 -55.04
N THR K 3 16.73 7.90 -54.64
CA THR K 3 17.84 8.77 -55.03
C THR K 3 18.96 7.87 -55.52
N PRO K 4 20.02 8.46 -56.12
CA PRO K 4 21.23 7.65 -56.36
C PRO K 4 21.83 7.04 -55.10
N LEU K 5 21.88 7.79 -54.00
CA LEU K 5 22.54 7.28 -52.79
C LEU K 5 21.73 6.18 -52.12
N THR K 6 20.41 6.36 -52.02
CA THR K 6 19.59 5.34 -51.39
C THR K 6 19.45 4.11 -52.27
N GLU K 7 19.39 4.27 -53.60
CA GLU K 7 19.43 3.10 -54.47
C GLU K 7 20.76 2.38 -54.39
N ALA K 8 21.86 3.13 -54.26
CA ALA K 8 23.18 2.50 -54.15
C ALA K 8 23.29 1.69 -52.85
N VAL K 9 22.82 2.26 -51.73
CA VAL K 9 22.90 1.55 -50.46
C VAL K 9 21.92 0.37 -50.43
N SER K 10 20.69 0.57 -50.93
CA SER K 10 19.70 -0.49 -50.97
C SER K 10 20.12 -1.62 -51.90
N THR K 11 20.78 -1.29 -53.01
CA THR K 11 21.32 -2.30 -53.91
C THR K 11 22.43 -3.10 -53.25
N ALA K 12 23.42 -2.40 -52.68
CA ALA K 12 24.55 -3.07 -52.04
C ALA K 12 24.15 -3.81 -50.77
N ASP K 13 22.99 -3.47 -50.19
CA ASP K 13 22.56 -4.02 -48.92
C ASP K 13 21.57 -5.15 -49.08
N SER K 14 20.70 -5.10 -50.09
CA SER K 14 19.99 -6.30 -50.52
C SER K 14 20.94 -7.33 -51.10
N GLN K 15 22.03 -6.86 -51.73
CA GLN K 15 23.12 -7.75 -52.11
C GLN K 15 23.94 -8.19 -50.90
N GLY K 16 23.84 -7.49 -49.78
CA GLY K 16 24.57 -7.85 -48.58
C GLY K 16 26.07 -7.70 -48.67
N ARG K 17 26.55 -6.61 -49.26
CA ARG K 17 27.97 -6.41 -49.49
C ARG K 17 28.33 -4.95 -49.24
N PHE K 18 29.63 -4.69 -49.19
CA PHE K 18 30.12 -3.34 -49.02
C PHE K 18 29.96 -2.54 -50.32
N LEU K 19 30.08 -1.23 -50.19
CA LEU K 19 29.89 -0.33 -51.33
C LEU K 19 31.09 -0.42 -52.26
N SER K 20 30.89 -1.05 -53.41
CA SER K 20 31.97 -1.25 -54.39
C SER K 20 32.17 0.01 -55.21
N SER K 21 32.93 -0.11 -56.30
CA SER K 21 33.19 1.05 -57.15
C SER K 21 31.96 1.51 -57.89
N THR K 22 31.01 0.60 -58.15
CA THR K 22 29.78 0.93 -58.86
C THR K 22 28.95 1.96 -58.09
N GLU K 23 28.67 1.68 -56.82
CA GLU K 23 27.95 2.61 -55.96
C GLU K 23 28.76 3.88 -55.70
N LEU K 24 30.08 3.79 -55.72
CA LEU K 24 30.91 4.97 -55.55
C LEU K 24 30.81 5.92 -56.73
N GLN K 25 30.78 5.40 -57.96
CA GLN K 25 30.56 6.31 -59.07
C GLN K 25 29.09 6.69 -59.24
N ILE K 26 28.17 5.93 -58.65
CA ILE K 26 26.80 6.42 -58.49
C ILE K 26 26.79 7.68 -57.64
N ALA K 27 27.53 7.67 -56.53
CA ALA K 27 27.72 8.87 -55.71
C ALA K 27 28.46 9.96 -56.46
N PHE K 28 29.40 9.59 -57.33
CA PHE K 28 30.14 10.58 -58.11
C PHE K 28 29.23 11.31 -59.09
N GLY K 29 28.32 10.58 -59.75
CA GLY K 29 27.34 11.23 -60.59
C GLY K 29 26.36 12.08 -59.81
N ARG K 30 26.01 11.63 -58.59
CA ARG K 30 25.17 12.44 -57.71
C ARG K 30 25.84 13.75 -57.33
N LEU K 31 27.13 13.72 -56.98
CA LEU K 31 27.87 14.94 -56.69
C LEU K 31 28.07 15.79 -57.94
N ARG K 32 28.19 15.15 -59.09
CA ARG K 32 28.38 15.89 -60.33
C ARG K 32 27.13 16.67 -60.71
N GLN K 33 25.95 16.13 -60.39
CA GLN K 33 24.74 16.77 -60.86
C GLN K 33 24.03 17.55 -59.73
N ALA K 34 24.44 17.35 -58.47
CA ALA K 34 23.68 17.85 -57.33
C ALA K 34 23.75 19.37 -57.20
N ASN K 35 24.88 19.98 -57.55
CA ASN K 35 24.99 21.44 -57.47
C ASN K 35 24.04 22.11 -58.47
N ALA K 36 23.97 21.59 -59.69
CA ALA K 36 23.01 22.10 -60.66
C ALA K 36 21.57 21.84 -60.23
N GLY K 37 21.34 20.70 -59.57
CA GLY K 37 20.01 20.43 -59.04
C GLY K 37 19.60 21.40 -57.93
N LEU K 38 20.54 21.74 -57.05
CA LEU K 38 20.25 22.69 -55.98
C LEU K 38 20.05 24.11 -56.53
N GLN K 39 20.82 24.48 -57.55
CA GLN K 39 20.61 25.78 -58.19
C GLN K 39 19.27 25.85 -58.92
N ALA K 40 18.86 24.74 -59.55
CA ALA K 40 17.55 24.69 -60.19
C ALA K 40 16.43 24.77 -59.16
N ALA K 41 16.60 24.11 -58.02
CA ALA K 41 15.62 24.20 -56.94
C ALA K 41 15.54 25.61 -56.37
N LYS K 42 16.69 26.29 -56.27
CA LYS K 42 16.72 27.68 -55.80
C LYS K 42 16.01 28.61 -56.78
N ALA K 43 16.24 28.43 -58.08
CA ALA K 43 15.58 29.27 -59.08
C ALA K 43 14.08 29.03 -59.13
N LEU K 44 13.67 27.76 -59.02
CA LEU K 44 12.23 27.48 -59.01
C LEU K 44 11.57 27.94 -57.72
N THR K 45 12.29 27.91 -56.60
CA THR K 45 11.80 28.50 -55.36
C THR K 45 11.63 30.01 -55.49
N ASP K 46 12.57 30.67 -56.19
CA ASP K 46 12.48 32.12 -56.38
C ASP K 46 11.32 32.49 -57.29
N ASN K 47 11.07 31.69 -58.33
CA ASN K 47 10.03 32.01 -59.30
C ASN K 47 8.76 31.19 -59.13
N ALA K 48 8.58 30.55 -57.97
CA ALA K 48 7.49 29.60 -57.75
C ALA K 48 6.11 30.24 -57.85
N GLN K 49 5.92 31.41 -57.24
CA GLN K 49 4.59 32.04 -57.23
C GLN K 49 4.18 32.48 -58.63
N SER K 50 5.10 33.11 -59.36
CA SER K 50 4.83 33.53 -60.73
C SER K 50 4.63 32.34 -61.65
N LEU K 51 5.40 31.26 -61.44
CA LEU K 51 5.28 30.08 -62.28
C LEU K 51 3.95 29.36 -62.04
N VAL K 52 3.52 29.28 -60.78
CA VAL K 52 2.27 28.63 -60.44
C VAL K 52 1.08 29.44 -60.97
N ASN K 53 1.13 30.77 -60.81
CA ASN K 53 0.07 31.62 -61.33
C ASN K 53 0.00 31.59 -62.85
N GLY K 54 1.16 31.61 -63.53
CA GLY K 54 1.17 31.53 -64.97
C GLY K 54 0.73 30.17 -65.49
N ALA K 55 1.09 29.10 -64.78
CA ALA K 55 0.63 27.77 -65.15
C ALA K 55 -0.87 27.63 -65.00
N ALA K 56 -1.43 28.19 -63.91
CA ALA K 56 -2.88 28.20 -63.73
C ALA K 56 -3.58 29.00 -64.81
N GLN K 57 -3.00 30.14 -65.20
CA GLN K 57 -3.57 30.94 -66.28
C GLN K 57 -3.47 30.21 -67.62
N ALA K 58 -2.40 29.44 -67.84
CA ALA K 58 -2.28 28.65 -69.06
C ALA K 58 -3.32 27.52 -69.10
N VAL K 59 -3.61 26.92 -67.94
CA VAL K 59 -4.68 25.93 -67.86
C VAL K 59 -6.03 26.56 -68.16
N TYR K 60 -6.27 27.75 -67.60
CA TYR K 60 -7.53 28.45 -67.84
C TYR K 60 -7.63 28.99 -69.26
N ASN K 61 -6.51 29.12 -69.97
CA ASN K 61 -6.53 29.56 -71.36
C ASN K 61 -6.73 28.39 -72.33
N LYS K 62 -5.96 27.30 -72.15
CA LYS K 62 -6.13 26.14 -73.02
C LYS K 62 -7.43 25.41 -72.74
N PHE K 63 -7.83 25.35 -71.48
CA PHE K 63 -9.08 24.70 -71.06
C PHE K 63 -9.95 25.77 -70.40
N PRO K 64 -10.65 26.57 -71.20
CA PRO K 64 -11.47 27.64 -70.61
C PRO K 64 -12.73 27.14 -69.93
N TYR K 65 -13.17 25.92 -70.24
CA TYR K 65 -14.43 25.38 -69.72
C TYR K 65 -14.40 25.16 -68.22
N THR K 66 -13.22 25.09 -67.60
CA THR K 66 -13.13 25.05 -66.14
C THR K 66 -13.49 26.37 -65.48
N THR K 67 -13.60 27.46 -66.26
CA THR K 67 -13.89 28.78 -65.72
C THR K 67 -15.38 29.14 -65.80
N GLN K 68 -16.09 28.75 -66.86
CA GLN K 68 -17.50 29.12 -66.94
C GLN K 68 -18.39 28.19 -66.13
N THR K 69 -18.41 26.90 -66.47
CA THR K 69 -19.44 26.01 -65.94
C THR K 69 -19.13 25.62 -64.49
N GLN K 70 -20.18 25.26 -63.77
CA GLN K 70 -20.10 24.99 -62.35
C GLN K 70 -19.71 23.53 -62.10
N GLY K 71 -19.56 23.20 -60.84
CA GLY K 71 -19.14 21.87 -60.42
C GLY K 71 -18.02 22.02 -59.41
N ASN K 72 -17.89 21.01 -58.54
CA ASN K 72 -16.84 21.03 -57.53
C ASN K 72 -15.46 20.82 -58.14
N ASN K 73 -15.39 20.09 -59.24
CA ASN K 73 -14.10 19.73 -59.85
C ASN K 73 -13.53 20.83 -60.74
N PHE K 74 -14.24 21.92 -60.93
CA PHE K 74 -13.81 23.00 -61.80
C PHE K 74 -13.39 24.22 -60.98
N ALA K 75 -12.72 25.15 -61.65
CA ALA K 75 -12.23 26.37 -61.03
C ALA K 75 -13.07 27.58 -61.42
N ALA K 76 -14.39 27.40 -61.50
CA ALA K 76 -15.27 28.52 -61.84
C ALA K 76 -15.34 29.54 -60.71
N ASP K 77 -15.44 29.07 -59.47
CA ASP K 77 -15.51 29.94 -58.31
C ASP K 77 -14.11 30.21 -57.76
N GLN K 78 -14.05 30.85 -56.59
CA GLN K 78 -12.76 31.21 -56.00
C GLN K 78 -12.05 30.01 -55.39
N ARG K 79 -12.80 29.12 -54.74
CA ARG K 79 -12.15 28.01 -54.03
C ARG K 79 -11.62 26.96 -54.99
N GLY K 80 -12.25 26.79 -56.15
CA GLY K 80 -11.70 25.92 -57.18
C GLY K 80 -10.40 26.45 -57.75
N LYS K 81 -10.32 27.77 -57.95
CA LYS K 81 -9.07 28.39 -58.39
C LYS K 81 -8.00 28.28 -57.32
N ASP K 82 -8.39 28.42 -56.05
CA ASP K 82 -7.44 28.28 -54.94
C ASP K 82 -6.89 26.86 -54.86
N LYS K 83 -7.75 25.86 -55.06
CA LYS K 83 -7.27 24.47 -55.04
C LYS K 83 -6.47 24.12 -56.28
N CYS K 84 -6.76 24.75 -57.42
CA CYS K 84 -5.92 24.57 -58.60
C CYS K 84 -4.53 25.17 -58.40
N ALA K 85 -4.46 26.36 -57.82
CA ALA K 85 -3.18 26.97 -57.50
C ALA K 85 -2.42 26.16 -56.46
N ARG K 86 -3.14 25.57 -55.49
CA ARG K 86 -2.53 24.70 -54.50
C ARG K 86 -1.98 23.43 -55.15
N ASP K 87 -2.72 22.86 -56.11
CA ASP K 87 -2.25 21.67 -56.83
C ASP K 87 -1.00 21.95 -57.65
N ILE K 88 -0.98 23.08 -58.36
CA ILE K 88 0.19 23.43 -59.16
C ILE K 88 1.37 23.78 -58.26
N GLY K 89 1.11 24.39 -57.09
CA GLY K 89 2.16 24.60 -56.11
C GLY K 89 2.71 23.31 -55.54
N TYR K 90 1.84 22.31 -55.35
CA TYR K 90 2.28 20.97 -54.95
C TYR K 90 3.18 20.36 -56.00
N TYR K 91 2.79 20.49 -57.27
CA TYR K 91 3.55 19.92 -58.38
C TYR K 91 4.93 20.56 -58.49
N LEU K 92 4.98 21.89 -58.42
CA LEU K 92 6.25 22.61 -58.52
C LEU K 92 7.12 22.38 -57.29
N ARG K 93 6.51 22.25 -56.11
CA ARG K 93 7.27 22.00 -54.89
C ARG K 93 7.90 20.63 -54.88
N ILE K 94 7.17 19.62 -55.39
CA ILE K 94 7.77 18.29 -55.50
C ILE K 94 8.81 18.25 -56.62
N VAL K 95 8.67 19.09 -57.64
CA VAL K 95 9.74 19.22 -58.65
C VAL K 95 11.00 19.79 -58.02
N THR K 96 10.86 20.78 -57.14
CA THR K 96 12.01 21.30 -56.40
C THR K 96 12.59 20.25 -55.46
N TYR K 97 11.72 19.43 -54.84
CA TYR K 97 12.19 18.33 -53.98
C TYR K 97 12.97 17.31 -54.78
N CYS K 98 12.53 17.02 -56.01
CA CYS K 98 13.23 16.09 -56.88
C CYS K 98 14.57 16.66 -57.32
N LEU K 99 14.64 17.97 -57.57
CA LEU K 99 15.90 18.60 -57.93
C LEU K 99 16.87 18.61 -56.76
N VAL K 100 16.37 18.75 -55.53
CA VAL K 100 17.23 18.66 -54.36
C VAL K 100 17.72 17.22 -54.17
N ALA K 101 16.79 16.26 -54.23
CA ALA K 101 17.12 14.88 -53.92
C ALA K 101 17.91 14.20 -55.03
N GLY K 102 17.73 14.63 -56.27
CA GLY K 102 18.43 14.02 -57.38
C GLY K 102 17.75 12.85 -58.03
N GLY K 103 16.45 12.68 -57.82
CA GLY K 103 15.69 11.63 -58.47
C GLY K 103 14.22 11.89 -58.32
N THR K 104 13.43 11.03 -58.97
CA THR K 104 11.98 11.15 -58.94
C THR K 104 11.34 10.49 -57.73
N GLY K 105 12.12 10.19 -56.69
CA GLY K 105 11.64 9.67 -55.44
C GLY K 105 10.62 10.53 -54.72
N PRO K 106 10.86 11.84 -54.58
CA PRO K 106 9.79 12.73 -54.09
C PRO K 106 8.53 12.71 -54.94
N LEU K 107 8.67 12.59 -56.26
CA LEU K 107 7.49 12.46 -57.12
C LEU K 107 6.78 11.13 -56.89
N ASP K 108 7.55 10.05 -56.70
CA ASP K 108 6.95 8.73 -56.56
C ASP K 108 6.24 8.59 -55.22
N GLU K 109 6.92 8.85 -54.11
CA GLU K 109 6.26 8.70 -52.82
C GLU K 109 5.43 9.91 -52.41
N TYR K 110 5.42 10.99 -53.19
CA TYR K 110 4.54 12.12 -52.89
C TYR K 110 3.45 12.35 -53.91
N LEU K 111 3.71 12.21 -55.20
CA LEU K 111 2.66 12.58 -56.15
C LEU K 111 2.28 11.49 -57.14
N ILE K 112 3.24 10.76 -57.71
CA ILE K 112 2.94 9.85 -58.81
C ILE K 112 2.12 8.64 -58.33
N ALA K 113 2.49 8.07 -57.18
CA ALA K 113 1.74 6.94 -56.67
C ALA K 113 0.39 7.42 -56.15
N GLY K 114 -0.68 6.96 -56.79
CA GLY K 114 -2.02 7.28 -56.37
C GLY K 114 -2.73 8.37 -57.14
N ILE K 115 -2.05 9.07 -58.06
CA ILE K 115 -2.65 10.23 -58.73
C ILE K 115 -3.72 9.81 -59.75
N ASP K 116 -3.70 8.56 -60.19
CA ASP K 116 -4.69 8.08 -61.14
C ASP K 116 -6.07 8.01 -60.51
N GLU K 117 -6.16 7.47 -59.30
CA GLU K 117 -7.44 7.47 -58.58
C GLU K 117 -7.80 8.85 -58.09
N ILE K 118 -6.83 9.76 -57.98
CA ILE K 118 -7.14 11.16 -57.70
C ILE K 118 -7.88 11.77 -58.88
N ASN K 119 -7.35 11.57 -60.08
CA ASN K 119 -7.96 12.10 -61.29
C ASN K 119 -9.26 11.39 -61.65
N ARG K 120 -9.44 10.15 -61.20
CA ARG K 120 -10.68 9.44 -61.50
C ARG K 120 -11.79 9.72 -60.47
N THR K 121 -11.44 9.79 -59.18
CA THR K 121 -12.46 9.93 -58.14
C THR K 121 -13.05 11.33 -58.14
N PHE K 122 -12.21 12.35 -58.19
CA PHE K 122 -12.68 13.73 -58.07
C PHE K 122 -12.92 14.40 -59.41
N ASP K 123 -12.80 13.64 -60.51
CA ASP K 123 -13.09 14.06 -61.88
C ASP K 123 -12.20 15.26 -62.25
N LEU K 124 -10.91 15.08 -62.09
CA LEU K 124 -9.91 16.05 -62.50
C LEU K 124 -9.23 15.51 -63.76
N SER K 125 -9.28 16.29 -64.83
CA SER K 125 -8.64 15.87 -66.06
C SER K 125 -7.12 15.97 -65.90
N PRO K 126 -6.38 14.91 -66.20
CA PRO K 126 -4.91 15.01 -66.12
C PRO K 126 -4.30 15.95 -67.14
N SER K 127 -5.01 16.26 -68.23
CA SER K 127 -4.51 17.18 -69.25
C SER K 127 -4.34 18.60 -68.72
N TRP K 128 -5.12 18.98 -67.70
CA TRP K 128 -4.94 20.28 -67.04
C TRP K 128 -3.56 20.36 -66.39
N TYR K 129 -3.21 19.35 -65.59
CA TYR K 129 -1.90 19.33 -64.96
C TYR K 129 -0.79 19.12 -65.98
N VAL K 130 -1.08 18.41 -67.07
CA VAL K 130 -0.11 18.29 -68.18
C VAL K 130 0.20 19.65 -68.77
N GLU K 131 -0.82 20.47 -69.03
CA GLU K 131 -0.58 21.81 -69.56
C GLU K 131 0.11 22.72 -68.54
N ALA K 132 -0.19 22.56 -67.25
CA ALA K 132 0.51 23.31 -66.21
C ALA K 132 2.00 22.96 -66.20
N LEU K 133 2.32 21.67 -66.31
CA LEU K 133 3.74 21.28 -66.34
C LEU K 133 4.42 21.70 -67.63
N LYS K 134 3.69 21.74 -68.76
CA LYS K 134 4.30 22.28 -69.98
C LYS K 134 4.53 23.78 -69.88
N TYR K 135 3.68 24.50 -69.15
CA TYR K 135 3.98 25.92 -68.91
C TYR K 135 5.18 26.09 -68.00
N ILE K 136 5.35 25.18 -67.02
CA ILE K 136 6.55 25.24 -66.19
C ILE K 136 7.79 24.91 -67.02
N LYS K 137 7.66 23.98 -67.97
CA LYS K 137 8.73 23.75 -68.95
C LYS K 137 9.00 24.96 -69.83
N ALA K 138 7.98 25.76 -70.11
CA ALA K 138 8.16 26.88 -71.03
C ALA K 138 8.89 28.04 -70.37
N ASN K 139 8.66 28.27 -69.07
CA ASN K 139 9.10 29.52 -68.46
C ASN K 139 9.77 29.32 -67.11
N HIS K 140 10.44 28.18 -66.90
CA HIS K 140 11.23 28.03 -65.69
C HIS K 140 12.53 28.82 -65.77
N GLY K 141 13.05 29.05 -66.98
CA GLY K 141 14.18 29.93 -67.17
C GLY K 141 15.54 29.33 -66.90
N LEU K 142 15.65 28.02 -66.72
CA LEU K 142 16.93 27.41 -66.45
C LEU K 142 17.63 27.04 -67.76
N SER K 143 18.95 26.91 -67.67
CA SER K 143 19.77 26.54 -68.81
C SER K 143 20.80 25.51 -68.38
N GLY K 144 21.25 24.70 -69.33
CA GLY K 144 22.27 23.72 -69.06
C GLY K 144 21.77 22.52 -68.27
N ASP K 145 22.59 22.04 -67.33
CA ASP K 145 22.25 20.83 -66.58
C ASP K 145 21.08 21.07 -65.62
N ALA K 146 20.88 22.32 -65.20
CA ALA K 146 19.73 22.65 -64.37
C ALA K 146 18.44 22.55 -65.18
N ARG K 147 18.51 22.83 -66.48
CA ARG K 147 17.33 22.77 -67.33
C ARG K 147 16.93 21.32 -67.63
N ASP K 148 17.91 20.46 -67.91
CA ASP K 148 17.59 19.09 -68.30
C ASP K 148 17.17 18.24 -67.11
N GLU K 149 17.71 18.53 -65.92
CA GLU K 149 17.21 17.89 -64.70
C GLU K 149 15.78 18.29 -64.40
N ALA K 150 15.49 19.60 -64.49
CA ALA K 150 14.14 20.09 -64.20
C ALA K 150 13.14 19.54 -65.22
N ASN K 151 13.52 19.52 -66.50
CA ASN K 151 12.62 19.02 -67.53
C ASN K 151 12.40 17.52 -67.43
N SER K 152 13.36 16.78 -66.86
CA SER K 152 13.18 15.35 -66.70
C SER K 152 12.13 15.03 -65.63
N TYR K 153 12.11 15.82 -64.54
CA TYR K 153 11.10 15.61 -63.51
C TYR K 153 9.73 16.04 -63.99
N LEU K 154 9.66 17.12 -64.78
CA LEU K 154 8.39 17.57 -65.32
C LEU K 154 7.83 16.55 -66.31
N ASP K 155 8.68 16.06 -67.23
CA ASP K 155 8.23 15.05 -68.20
C ASP K 155 7.97 13.69 -67.54
N TYR K 156 8.60 13.42 -66.40
CA TYR K 156 8.24 12.22 -65.65
C TYR K 156 6.83 12.35 -65.08
N ALA K 157 6.46 13.57 -64.68
CA ALA K 157 5.08 13.82 -64.28
C ALA K 157 4.14 13.92 -65.48
N ILE K 158 4.66 14.33 -66.65
CA ILE K 158 3.86 14.29 -67.88
C ILE K 158 3.53 12.86 -68.24
N ASN K 159 4.55 11.99 -68.23
CA ASN K 159 4.38 10.60 -68.68
C ASN K 159 3.52 9.80 -67.70
N ALA K 160 3.52 10.18 -66.42
CA ALA K 160 2.63 9.53 -65.47
C ALA K 160 1.19 9.97 -65.69
N LEU K 161 0.97 11.25 -65.97
CA LEU K 161 -0.38 11.77 -66.16
C LEU K 161 -0.94 11.39 -67.52
N SER K 162 -0.09 11.30 -68.53
CA SER K 162 -0.52 10.99 -69.89
C SER K 162 -0.21 9.54 -70.24
N MET L 1 14.42 4.29 -46.49
CA MET L 1 15.53 4.97 -45.85
C MET L 1 15.67 6.41 -46.33
N PHE L 2 16.46 7.19 -45.60
CA PHE L 2 16.73 8.58 -45.93
C PHE L 2 18.22 8.79 -46.09
N ASP L 3 18.57 9.77 -46.93
CA ASP L 3 19.93 10.25 -47.06
C ASP L 3 19.98 11.73 -46.64
N VAL L 4 21.11 12.39 -46.92
CA VAL L 4 21.29 13.77 -46.50
C VAL L 4 20.37 14.74 -47.26
N PHE L 5 19.87 14.34 -48.45
CA PHE L 5 18.95 15.17 -49.22
C PHE L 5 17.49 14.90 -48.86
N THR L 6 17.10 13.63 -48.82
CA THR L 6 15.70 13.30 -48.53
C THR L 6 15.31 13.53 -47.08
N ARG L 7 16.28 13.67 -46.17
CA ARG L 7 15.94 14.07 -44.81
C ARG L 7 15.33 15.47 -44.77
N VAL L 8 16.02 16.45 -45.38
CA VAL L 8 15.47 17.80 -45.39
C VAL L 8 14.32 17.91 -46.38
N VAL L 9 14.27 17.05 -47.40
CA VAL L 9 13.11 17.02 -48.29
C VAL L 9 11.87 16.53 -47.54
N SER L 10 12.02 15.51 -46.70
CA SER L 10 10.91 14.99 -45.90
C SER L 10 10.46 16.00 -44.86
N GLN L 11 11.41 16.71 -44.23
CA GLN L 11 11.03 17.78 -43.31
C GLN L 11 10.31 18.92 -44.03
N ALA L 12 10.74 19.27 -45.25
CA ALA L 12 10.08 20.32 -46.00
C ALA L 12 8.69 19.89 -46.46
N ASP L 13 8.52 18.60 -46.77
CA ASP L 13 7.21 18.10 -47.19
C ASP L 13 6.25 18.01 -46.03
N ALA L 14 6.73 17.62 -44.85
CA ALA L 14 5.88 17.63 -43.66
C ALA L 14 5.55 19.05 -43.24
N ARG L 15 6.48 19.98 -43.39
CA ARG L 15 6.19 21.39 -43.14
C ARG L 15 5.41 22.05 -44.27
N GLY L 16 5.40 21.45 -45.45
CA GLY L 16 4.69 22.01 -46.58
C GLY L 16 5.38 23.18 -47.23
N GLU L 17 6.65 23.38 -46.95
CA GLU L 17 7.40 24.52 -47.43
C GLU L 17 8.45 24.06 -48.43
N TYR L 18 8.94 25.02 -49.21
CA TYR L 18 10.07 24.76 -50.08
C TYR L 18 11.36 24.70 -49.25
N LEU L 19 12.43 24.24 -49.88
CA LEU L 19 13.74 24.30 -49.24
C LEU L 19 14.20 25.75 -49.18
N SER L 20 14.54 26.22 -47.98
CA SER L 20 15.04 27.57 -47.81
C SER L 20 16.48 27.66 -48.33
N GLY L 21 16.96 28.89 -48.47
CA GLY L 21 18.28 29.10 -49.05
C GLY L 21 19.41 28.57 -48.20
N SER L 22 19.27 28.66 -46.87
CA SER L 22 20.28 28.13 -45.96
C SER L 22 20.37 26.61 -46.04
N GLN L 23 19.22 25.95 -46.24
CA GLN L 23 19.21 24.50 -46.46
C GLN L 23 19.92 24.13 -47.74
N LEU L 24 19.73 24.93 -48.80
CA LEU L 24 20.42 24.68 -50.06
C LEU L 24 21.92 24.89 -49.95
N ASP L 25 22.35 25.90 -49.17
CA ASP L 25 23.79 26.09 -48.94
C ASP L 25 24.37 24.96 -48.09
N ALA L 26 23.60 24.46 -47.12
CA ALA L 26 24.05 23.31 -46.33
C ALA L 26 24.18 22.06 -47.19
N LEU L 27 23.26 21.86 -48.13
CA LEU L 27 23.36 20.73 -49.04
C LEU L 27 24.52 20.89 -50.02
N SER L 28 24.81 22.13 -50.44
CA SER L 28 26.00 22.38 -51.25
C SER L 28 27.27 22.12 -50.46
N ALA L 29 27.27 22.42 -49.16
CA ALA L 29 28.40 22.10 -48.30
C ALA L 29 28.59 20.60 -48.17
N THR L 30 27.50 19.83 -48.07
CA THR L 30 27.62 18.38 -48.07
C THR L 30 28.12 17.85 -49.41
N VAL L 31 27.74 18.50 -50.51
CA VAL L 31 28.27 18.15 -51.83
C VAL L 31 29.79 18.39 -51.87
N ALA L 32 30.25 19.49 -51.28
CA ALA L 32 31.68 19.76 -51.19
C ALA L 32 32.39 18.74 -50.29
N GLU L 33 31.73 18.28 -49.23
CA GLU L 33 32.26 17.22 -48.37
C GLU L 33 32.18 15.84 -49.03
N GLY L 34 31.44 15.71 -50.12
CA GLY L 34 31.13 14.41 -50.69
C GLY L 34 32.32 13.62 -51.23
N ASN L 35 33.32 14.30 -51.80
CA ASN L 35 34.49 13.58 -52.30
C ASN L 35 35.28 12.95 -51.17
N LYS L 36 35.44 13.68 -50.07
CA LYS L 36 36.08 13.16 -48.86
C LYS L 36 35.25 12.05 -48.24
N ARG L 37 33.92 12.18 -48.31
CA ARG L 37 33.01 11.13 -47.87
C ARG L 37 33.19 9.85 -48.68
N ILE L 38 33.34 9.99 -50.00
CA ILE L 38 33.56 8.85 -50.89
C ILE L 38 34.92 8.19 -50.61
N ASP L 39 35.94 9.01 -50.34
CA ASP L 39 37.24 8.45 -49.92
C ASP L 39 37.16 7.67 -48.62
N SER L 40 36.41 8.19 -47.65
CA SER L 40 36.25 7.49 -46.38
C SER L 40 35.55 6.14 -46.58
N VAL L 41 34.48 6.15 -47.40
CA VAL L 41 33.75 4.93 -47.72
C VAL L 41 34.64 3.93 -48.44
N ASN L 42 35.44 4.41 -49.40
CA ASN L 42 36.35 3.56 -50.15
C ASN L 42 37.43 2.96 -49.27
N ARG L 43 37.96 3.73 -48.31
CA ARG L 43 39.03 3.21 -47.48
C ARG L 43 38.52 2.16 -46.50
N ILE L 44 37.36 2.40 -45.87
CA ILE L 44 36.81 1.39 -44.97
C ILE L 44 36.34 0.16 -45.76
N THR L 45 35.83 0.35 -46.98
CA THR L 45 35.45 -0.77 -47.82
C THR L 45 36.67 -1.60 -48.23
N GLY L 46 37.77 -0.93 -48.58
CA GLY L 46 38.97 -1.64 -49.00
C GLY L 46 39.62 -2.40 -47.86
N ASN L 47 39.55 -1.88 -46.64
CA ASN L 47 40.20 -2.54 -45.50
C ASN L 47 39.20 -3.13 -44.51
N ALA L 48 37.98 -3.42 -44.98
CA ALA L 48 36.91 -3.91 -44.12
C ALA L 48 37.22 -5.25 -43.46
N SER L 49 37.75 -6.20 -44.24
CA SER L 49 38.03 -7.52 -43.68
C SER L 49 39.17 -7.47 -42.67
N ALA L 50 40.17 -6.62 -42.93
CA ALA L 50 41.25 -6.40 -41.97
C ALA L 50 40.74 -5.74 -40.70
N ILE L 51 39.81 -4.78 -40.84
CA ILE L 51 39.22 -4.10 -39.68
C ILE L 51 38.45 -5.09 -38.81
N VAL L 52 37.63 -5.93 -39.46
CA VAL L 52 36.81 -6.90 -38.74
C VAL L 52 37.69 -7.95 -38.06
N SER L 53 38.69 -8.48 -38.77
CA SER L 53 39.56 -9.51 -38.21
C SER L 53 40.42 -8.97 -37.07
N ASN L 54 41.00 -7.78 -37.23
CA ASN L 54 41.86 -7.23 -36.18
C ASN L 54 41.05 -6.80 -34.97
N ALA L 55 39.85 -6.25 -35.19
CA ALA L 55 38.99 -5.87 -34.08
C ALA L 55 38.50 -7.09 -33.31
N ALA L 56 38.14 -8.16 -34.04
CA ALA L 56 37.74 -9.40 -33.38
C ALA L 56 38.90 -10.02 -32.60
N ARG L 57 40.09 -10.02 -33.18
CA ARG L 57 41.26 -10.58 -32.51
C ARG L 57 41.62 -9.80 -31.25
N ALA L 58 41.55 -8.47 -31.32
CA ALA L 58 41.79 -7.66 -30.12
C ALA L 58 40.70 -7.85 -29.08
N LEU L 59 39.45 -8.02 -29.50
CA LEU L 59 38.36 -8.26 -28.57
C LEU L 59 38.50 -9.60 -27.86
N PHE L 60 38.88 -10.64 -28.58
CA PHE L 60 39.05 -11.96 -27.98
C PHE L 60 40.34 -12.07 -27.17
N ALA L 61 41.36 -11.28 -27.50
CA ALA L 61 42.54 -11.23 -26.66
C ALA L 61 42.26 -10.49 -25.36
N GLU L 62 41.50 -9.40 -25.42
CA GLU L 62 41.16 -8.66 -24.22
C GLU L 62 40.10 -9.37 -23.39
N GLN L 63 39.18 -10.08 -24.03
CA GLN L 63 38.10 -10.77 -23.34
C GLN L 63 38.13 -12.25 -23.71
N PRO L 64 38.91 -13.06 -22.99
CA PRO L 64 38.93 -14.51 -23.28
C PRO L 64 37.69 -15.25 -22.82
N GLN L 65 36.78 -14.61 -22.09
CA GLN L 65 35.54 -15.28 -21.67
C GLN L 65 34.60 -15.52 -22.84
N LEU L 66 34.76 -14.78 -23.95
CA LEU L 66 33.94 -15.03 -25.13
C LEU L 66 34.35 -16.33 -25.81
N ILE L 67 35.66 -16.57 -25.95
CA ILE L 67 36.18 -17.67 -26.74
C ILE L 67 36.53 -18.88 -25.89
N GLN L 68 36.29 -18.83 -24.59
CA GLN L 68 36.51 -19.99 -23.74
C GLN L 68 35.45 -21.05 -24.05
N PRO L 69 35.75 -22.32 -23.75
CA PRO L 69 34.73 -23.38 -23.94
C PRO L 69 33.51 -23.14 -23.06
N GLY L 70 32.39 -22.87 -23.73
CA GLY L 70 31.16 -22.52 -23.00
C GLY L 70 30.89 -21.04 -23.19
N GLY L 71 31.82 -20.32 -23.84
CA GLY L 71 31.69 -18.87 -24.03
C GLY L 71 30.66 -18.51 -25.08
N ASN L 72 30.43 -17.21 -25.28
CA ASN L 72 29.38 -16.76 -26.24
C ASN L 72 29.92 -16.76 -27.66
N ALA L 73 31.23 -16.63 -27.84
CA ALA L 73 31.81 -16.72 -29.22
C ALA L 73 32.40 -18.11 -29.42
N TYR L 74 31.99 -19.09 -28.60
CA TYR L 74 32.57 -20.46 -28.68
C TYR L 74 31.98 -21.22 -29.86
N THR L 75 32.67 -22.23 -30.38
CA THR L 75 32.27 -23.02 -31.55
C THR L 75 32.17 -22.21 -32.84
N SER L 76 31.90 -22.93 -33.95
CA SER L 76 32.01 -22.33 -35.26
C SER L 76 30.81 -21.45 -35.61
N ARG L 77 29.60 -21.87 -35.21
CA ARG L 77 28.40 -21.14 -35.59
C ARG L 77 28.32 -19.80 -34.87
N ARG L 78 28.60 -19.78 -33.58
CA ARG L 78 28.56 -18.53 -32.82
C ARG L 78 29.70 -17.60 -33.21
N MET L 79 30.87 -18.16 -33.55
CA MET L 79 31.96 -17.32 -34.02
C MET L 79 31.67 -16.72 -35.39
N ALA L 80 31.08 -17.50 -36.29
CA ALA L 80 30.67 -16.99 -37.59
C ALA L 80 29.61 -15.91 -37.43
N ALA L 81 28.70 -16.09 -36.47
CA ALA L 81 27.71 -15.07 -36.16
C ALA L 81 28.35 -13.80 -35.62
N CYS L 82 29.37 -13.93 -34.77
CA CYS L 82 30.06 -12.75 -34.25
C CYS L 82 30.83 -12.01 -35.34
N LEU L 83 31.52 -12.76 -36.21
CA LEU L 83 32.29 -12.16 -37.29
C LEU L 83 31.38 -11.47 -38.30
N ARG L 84 30.24 -12.08 -38.63
CA ARG L 84 29.30 -11.37 -39.50
C ARG L 84 28.60 -10.23 -38.78
N ASP L 85 28.53 -10.25 -37.45
CA ASP L 85 27.99 -9.09 -36.73
C ASP L 85 28.92 -7.89 -36.85
N MET L 86 30.23 -8.11 -36.71
CA MET L 86 31.20 -7.05 -37.02
C MET L 86 31.11 -6.61 -38.48
N GLU L 87 30.97 -7.57 -39.39
CA GLU L 87 30.86 -7.29 -40.82
C GLU L 87 29.65 -6.43 -41.13
N ILE L 88 28.50 -6.76 -40.55
CA ILE L 88 27.26 -6.02 -40.78
C ILE L 88 27.31 -4.64 -40.14
N ILE L 89 27.85 -4.53 -38.92
CA ILE L 89 27.94 -3.23 -38.26
C ILE L 89 28.88 -2.29 -39.02
N LEU L 90 30.02 -2.80 -39.48
CA LEU L 90 30.93 -2.01 -40.30
C LEU L 90 30.29 -1.63 -41.65
N ARG L 91 29.53 -2.56 -42.23
CA ARG L 91 28.85 -2.32 -43.49
C ARG L 91 27.81 -1.21 -43.38
N TYR L 92 27.03 -1.21 -42.30
CA TYR L 92 26.03 -0.18 -42.12
C TYR L 92 26.63 1.15 -41.65
N VAL L 93 27.79 1.12 -40.98
CA VAL L 93 28.51 2.36 -40.72
C VAL L 93 28.97 2.99 -42.03
N THR L 94 29.48 2.17 -42.96
CA THR L 94 29.84 2.70 -44.28
C THR L 94 28.61 3.18 -45.05
N TYR L 95 27.47 2.51 -44.87
CA TYR L 95 26.23 2.95 -45.51
C TYR L 95 25.77 4.31 -44.98
N ALA L 96 25.83 4.49 -43.65
CA ALA L 96 25.44 5.76 -43.06
C ALA L 96 26.44 6.87 -43.41
N THR L 97 27.72 6.52 -43.57
CA THR L 97 28.70 7.47 -44.03
C THR L 97 28.43 7.88 -45.48
N PHE L 98 28.04 6.90 -46.30
CA PHE L 98 27.73 7.13 -47.71
C PHE L 98 26.52 8.03 -47.88
N THR L 99 25.45 7.77 -47.15
CA THR L 99 24.24 8.58 -47.28
C THR L 99 24.38 9.94 -46.60
N GLY L 100 25.25 10.07 -45.61
CA GLY L 100 25.30 11.28 -44.83
C GLY L 100 24.21 11.40 -43.78
N ASP L 101 23.49 10.31 -43.51
CA ASP L 101 22.44 10.31 -42.50
C ASP L 101 22.42 8.91 -41.91
N ALA L 102 22.10 8.83 -40.62
CA ALA L 102 22.15 7.58 -39.88
C ALA L 102 20.91 6.71 -40.07
N SER L 103 20.00 7.08 -40.98
CA SER L 103 18.70 6.43 -41.08
C SER L 103 18.81 4.97 -41.51
N VAL L 104 19.76 4.66 -42.39
CA VAL L 104 20.03 3.26 -42.74
C VAL L 104 20.63 2.52 -41.55
N LEU L 105 21.48 3.20 -40.76
CA LEU L 105 22.07 2.59 -39.58
C LEU L 105 21.07 2.46 -38.45
N GLU L 106 20.19 3.45 -38.28
CA GLU L 106 19.13 3.35 -37.28
C GLU L 106 18.14 2.24 -37.62
N ASP L 107 17.62 2.24 -38.85
CA ASP L 107 16.53 1.34 -39.19
C ASP L 107 17.03 -0.06 -39.52
N ARG L 108 17.91 -0.17 -40.51
CA ARG L 108 18.26 -1.47 -41.05
C ARG L 108 19.44 -2.13 -40.34
N CYS L 109 19.97 -1.55 -39.28
CA CYS L 109 21.05 -2.20 -38.54
C CYS L 109 20.76 -2.38 -37.05
N LEU L 110 20.30 -1.33 -36.39
CA LEU L 110 20.29 -1.27 -34.93
C LEU L 110 18.90 -1.29 -34.32
N ASN L 111 17.84 -1.35 -35.13
CA ASN L 111 16.47 -1.31 -34.62
C ASN L 111 16.14 -2.68 -34.05
N GLY L 112 16.44 -2.88 -32.77
CA GLY L 112 16.18 -4.14 -32.10
C GLY L 112 17.39 -5.01 -31.88
N LEU L 113 18.60 -4.48 -32.06
CA LEU L 113 19.80 -5.28 -31.84
C LEU L 113 20.09 -5.52 -30.38
N ARG L 114 19.84 -4.52 -29.53
CA ARG L 114 20.02 -4.68 -28.08
C ARG L 114 19.07 -5.72 -27.51
N GLU L 115 17.80 -5.67 -27.94
CA GLU L 115 16.81 -6.63 -27.46
C GLU L 115 17.12 -8.04 -27.94
N THR L 116 17.61 -8.17 -29.18
CA THR L 116 18.04 -9.46 -29.71
C THR L 116 19.22 -10.02 -28.92
N TYR L 117 20.21 -9.17 -28.63
CA TYR L 117 21.38 -9.59 -27.88
C TYR L 117 21.05 -9.96 -26.44
N VAL L 118 20.08 -9.26 -25.84
CA VAL L 118 19.64 -9.61 -24.50
C VAL L 118 18.88 -10.94 -24.52
N ALA L 119 18.05 -11.15 -25.55
CA ALA L 119 17.27 -12.38 -25.65
C ALA L 119 18.15 -13.61 -25.88
N LEU L 120 19.22 -13.46 -26.66
CA LEU L 120 20.10 -14.60 -26.89
C LEU L 120 21.14 -14.79 -25.81
N GLY L 121 21.31 -13.83 -24.92
CA GLY L 121 22.42 -13.86 -23.99
C GLY L 121 23.73 -13.36 -24.55
N VAL L 122 23.70 -12.69 -25.69
CA VAL L 122 24.91 -12.10 -26.28
C VAL L 122 25.35 -10.92 -25.42
N PRO L 123 26.59 -10.87 -24.96
CA PRO L 123 27.06 -9.70 -24.20
C PRO L 123 27.20 -8.47 -25.07
N GLY L 124 26.32 -7.49 -24.88
CA GLY L 124 26.35 -6.28 -25.68
C GLY L 124 27.53 -5.39 -25.37
N ALA L 125 28.10 -5.50 -24.18
CA ALA L 125 29.30 -4.74 -23.84
C ALA L 125 30.49 -5.18 -24.67
N SER L 126 30.62 -6.49 -24.91
CA SER L 126 31.71 -7.01 -25.74
C SER L 126 31.53 -6.61 -27.20
N VAL L 127 30.28 -6.57 -27.66
CA VAL L 127 29.98 -6.09 -29.00
C VAL L 127 30.32 -4.60 -29.11
N ALA L 128 30.03 -3.84 -28.05
CA ALA L 128 30.37 -2.41 -28.03
C ALA L 128 31.89 -2.19 -28.04
N ALA L 129 32.63 -3.04 -27.31
CA ALA L 129 34.09 -2.98 -27.34
C ALA L 129 34.63 -3.31 -28.72
N GLY L 130 34.05 -4.30 -29.39
CA GLY L 130 34.44 -4.59 -30.76
C GLY L 130 34.10 -3.48 -31.73
N VAL L 131 32.98 -2.79 -31.49
CA VAL L 131 32.60 -1.64 -32.31
C VAL L 131 33.58 -0.49 -32.09
N GLN L 132 34.04 -0.29 -30.85
CA GLN L 132 35.07 0.71 -30.59
C GLN L 132 36.41 0.33 -31.22
N LYS L 133 36.71 -0.97 -31.29
CA LYS L 133 37.92 -1.38 -31.99
C LYS L 133 37.81 -1.16 -33.50
N MET L 134 36.63 -1.41 -34.07
CA MET L 134 36.41 -1.04 -35.47
C MET L 134 36.43 0.47 -35.67
N LYS L 135 35.96 1.24 -34.68
CA LYS L 135 36.10 2.70 -34.70
C LYS L 135 37.54 3.12 -34.85
N GLU L 136 38.40 2.65 -33.95
CA GLU L 136 39.78 3.11 -33.96
C GLU L 136 40.53 2.62 -35.19
N ALA L 137 40.26 1.38 -35.64
CA ALA L 137 40.90 0.88 -36.85
C ALA L 137 40.45 1.65 -38.10
N ALA L 138 39.13 1.86 -38.24
CA ALA L 138 38.61 2.54 -39.41
C ALA L 138 39.00 4.01 -39.44
N LEU L 139 39.04 4.66 -38.27
CA LEU L 139 39.45 6.06 -38.23
C LEU L 139 40.94 6.21 -38.45
N ASP L 140 41.75 5.22 -38.05
CA ASP L 140 43.17 5.27 -38.39
C ASP L 140 43.40 5.08 -39.89
N ILE L 141 42.60 4.21 -40.52
CA ILE L 141 42.73 4.01 -41.96
C ILE L 141 42.23 5.21 -42.77
N VAL L 142 41.12 5.84 -42.37
CA VAL L 142 40.62 7.03 -43.06
C VAL L 142 41.61 8.19 -42.90
N ASN L 143 42.16 8.37 -41.70
CA ASN L 143 43.09 9.46 -41.46
C ASN L 143 44.52 9.16 -41.91
N ASP L 144 44.75 8.08 -42.65
CA ASP L 144 46.08 7.79 -43.17
C ASP L 144 46.39 8.74 -44.31
N PRO L 145 47.46 9.54 -44.22
CA PRO L 145 47.72 10.56 -45.24
C PRO L 145 48.39 10.05 -46.51
N ASN L 146 48.89 8.81 -46.52
CA ASN L 146 49.63 8.31 -47.66
C ASN L 146 48.70 7.90 -48.80
N GLY L 147 49.12 8.20 -50.02
CA GLY L 147 48.41 7.74 -51.21
C GLY L 147 47.10 8.43 -51.48
N ILE L 148 46.95 9.69 -51.06
CA ILE L 148 45.72 10.44 -51.27
C ILE L 148 46.08 11.92 -51.24
N THR L 149 45.23 12.75 -51.87
CA THR L 149 45.45 14.18 -51.86
C THR L 149 45.18 14.76 -50.47
N ARG L 150 45.94 15.78 -50.10
CA ARG L 150 45.83 16.40 -48.80
C ARG L 150 44.55 17.22 -48.68
N GLY L 151 44.13 17.43 -47.45
CA GLY L 151 43.00 18.31 -47.17
C GLY L 151 42.44 18.07 -45.79
N ASP L 152 41.62 19.04 -45.36
CA ASP L 152 40.96 18.97 -44.06
C ASP L 152 39.85 17.94 -44.16
N CYS L 153 39.88 16.93 -43.29
CA CYS L 153 38.92 15.83 -43.35
C CYS L 153 38.38 15.50 -41.97
N SER L 154 38.41 16.46 -41.05
CA SER L 154 38.00 16.19 -39.67
C SER L 154 36.50 16.03 -39.53
N ALA L 155 35.72 16.63 -40.43
CA ALA L 155 34.27 16.55 -40.31
C ALA L 155 33.73 15.16 -40.64
N ILE L 156 34.25 14.55 -41.72
CA ILE L 156 33.81 13.21 -42.07
C ILE L 156 34.33 12.18 -41.06
N VAL L 157 35.51 12.42 -40.48
CA VAL L 157 36.02 11.57 -39.41
C VAL L 157 35.14 11.67 -38.17
N ALA L 158 34.70 12.88 -37.82
CA ALA L 158 33.77 13.05 -36.70
C ALA L 158 32.42 12.43 -36.98
N GLU L 159 31.95 12.48 -38.24
CA GLU L 159 30.69 11.83 -38.60
C GLU L 159 30.79 10.31 -38.49
N ILE L 160 31.90 9.73 -38.95
CA ILE L 160 32.12 8.29 -38.83
C ILE L 160 32.24 7.88 -37.37
N ALA L 161 32.91 8.71 -36.57
CA ALA L 161 33.01 8.45 -35.13
C ALA L 161 31.64 8.51 -34.46
N GLY L 162 30.78 9.43 -34.91
CA GLY L 162 29.42 9.48 -34.40
C GLY L 162 28.59 8.26 -34.79
N TYR L 163 28.77 7.77 -36.02
CA TYR L 163 28.09 6.55 -36.45
C TYR L 163 28.55 5.34 -35.65
N PHE L 164 29.86 5.25 -35.39
CA PHE L 164 30.40 4.17 -34.58
C PHE L 164 29.96 4.29 -33.13
N ASP L 165 29.83 5.51 -32.62
CA ASP L 165 29.27 5.73 -31.28
C ASP L 165 27.81 5.27 -31.21
N ARG L 166 27.05 5.54 -32.27
CA ARG L 166 25.68 5.08 -32.34
C ARG L 166 25.60 3.56 -32.39
N ALA L 167 26.52 2.92 -33.12
CA ALA L 167 26.54 1.47 -33.17
C ALA L 167 26.95 0.86 -31.82
N ALA L 168 27.87 1.50 -31.11
CA ALA L 168 28.29 0.99 -29.80
C ALA L 168 27.24 1.25 -28.73
N ALA L 169 26.47 2.33 -28.85
CA ALA L 169 25.45 2.64 -27.86
C ALA L 169 24.21 1.78 -28.02
N ALA L 170 23.92 1.33 -29.24
CA ALA L 170 22.69 0.60 -29.54
C ALA L 170 22.79 -0.89 -29.25
N VAL L 171 23.95 -1.38 -28.83
CA VAL L 171 24.11 -2.79 -28.49
C VAL L 171 24.15 -3.03 -26.98
N ALA L 172 24.41 -2.00 -26.17
CA ALA L 172 24.47 -2.17 -24.73
C ALA L 172 23.80 -1.00 -24.01
N MET M 1 -8.67 -26.48 0.46
CA MET M 1 -8.95 -27.83 0.92
C MET M 1 -7.91 -28.26 1.95
N LYS M 2 -8.29 -28.23 3.22
CA LYS M 2 -7.35 -28.43 4.31
C LYS M 2 -7.46 -29.84 4.88
N THR M 3 -6.31 -30.46 5.10
CA THR M 3 -6.09 -31.75 5.74
C THR M 3 -4.96 -31.50 6.74
N PRO M 4 -4.55 -32.48 7.56
CA PRO M 4 -3.30 -32.29 8.31
C PRO M 4 -2.07 -32.03 7.45
N LEU M 5 -1.90 -32.79 6.37
CA LEU M 5 -0.71 -32.63 5.53
C LEU M 5 -0.73 -31.30 4.79
N THR M 6 -1.89 -30.90 4.26
CA THR M 6 -1.97 -29.65 3.51
C THR M 6 -1.85 -28.44 4.43
N GLU M 7 -2.40 -28.52 5.65
CA GLU M 7 -2.19 -27.44 6.61
C GLU M 7 -0.73 -27.35 7.04
N ALA M 8 -0.07 -28.49 7.24
CA ALA M 8 1.33 -28.50 7.64
C ALA M 8 2.22 -27.89 6.57
N VAL M 9 2.01 -28.29 5.31
CA VAL M 9 2.76 -27.70 4.20
C VAL M 9 2.38 -26.23 4.00
N SER M 10 1.11 -25.89 4.25
CA SER M 10 0.65 -24.50 4.09
C SER M 10 1.30 -23.57 5.11
N THR M 11 1.37 -23.98 6.37
CA THR M 11 2.03 -23.16 7.39
C THR M 11 3.54 -23.11 7.17
N ALA M 12 4.14 -24.23 6.77
CA ALA M 12 5.58 -24.23 6.51
C ALA M 12 5.94 -23.36 5.30
N ASP M 13 5.07 -23.33 4.29
CA ASP M 13 5.28 -22.48 3.13
C ASP M 13 4.97 -21.02 3.38
N SER M 14 3.98 -20.73 4.23
CA SER M 14 3.73 -19.36 4.64
C SER M 14 4.88 -18.80 5.45
N GLN M 15 5.47 -19.61 6.32
CA GLN M 15 6.66 -19.20 7.03
C GLN M 15 7.93 -19.34 6.19
N GLY M 16 7.85 -20.01 5.04
CA GLY M 16 8.99 -20.16 4.15
C GLY M 16 10.08 -21.06 4.67
N ARG M 17 9.77 -21.92 5.63
CA ARG M 17 10.75 -22.72 6.34
C ARG M 17 10.60 -24.19 5.96
N PHE M 18 11.58 -24.98 6.37
CA PHE M 18 11.51 -26.41 6.18
C PHE M 18 10.51 -27.03 7.15
N LEU M 19 10.26 -28.33 6.96
CA LEU M 19 9.28 -29.06 7.75
C LEU M 19 9.90 -29.41 9.10
N SER M 20 9.59 -28.61 10.11
CA SER M 20 10.10 -28.86 11.45
C SER M 20 9.27 -29.96 12.11
N SER M 21 9.58 -30.25 13.38
CA SER M 21 8.94 -31.37 14.08
C SER M 21 7.46 -31.12 14.36
N THR M 22 7.02 -29.85 14.32
CA THR M 22 5.59 -29.53 14.39
C THR M 22 4.83 -30.20 13.25
N GLU M 23 5.33 -30.04 12.02
CA GLU M 23 4.70 -30.61 10.84
C GLU M 23 4.74 -32.14 10.87
N LEU M 24 5.85 -32.71 11.35
CA LEU M 24 5.95 -34.16 11.49
C LEU M 24 4.98 -34.71 12.53
N GLN M 25 4.76 -33.98 13.64
CA GLN M 25 3.74 -34.39 14.60
C GLN M 25 2.35 -34.32 14.00
N ILE M 26 2.10 -33.32 13.16
CA ILE M 26 0.83 -33.21 12.43
C ILE M 26 0.65 -34.43 11.52
N ALA M 27 1.70 -34.84 10.83
CA ALA M 27 1.65 -36.02 9.97
C ALA M 27 1.46 -37.30 10.78
N PHE M 28 2.05 -37.38 11.97
CA PHE M 28 1.85 -38.58 12.79
C PHE M 28 0.43 -38.68 13.32
N GLY M 29 -0.18 -37.55 13.66
CA GLY M 29 -1.59 -37.57 14.02
C GLY M 29 -2.49 -37.94 12.86
N ARG M 30 -2.13 -37.48 11.65
CA ARG M 30 -2.82 -37.89 10.43
C ARG M 30 -2.71 -39.41 10.24
N LEU M 31 -1.52 -39.97 10.45
CA LEU M 31 -1.32 -41.40 10.29
C LEU M 31 -2.04 -42.20 11.37
N ARG M 32 -2.13 -41.65 12.58
CA ARG M 32 -2.86 -42.34 13.65
C ARG M 32 -4.36 -42.38 13.36
N GLN M 33 -4.90 -41.31 12.76
CA GLN M 33 -6.33 -41.26 12.51
C GLN M 33 -6.74 -41.89 11.17
N ALA M 34 -5.80 -42.00 10.22
CA ALA M 34 -6.16 -42.24 8.82
C ALA M 34 -6.69 -43.65 8.58
N ASN M 35 -6.21 -44.65 9.31
CA ASN M 35 -6.72 -46.01 9.12
C ASN M 35 -8.18 -46.11 9.54
N ALA M 36 -8.53 -45.52 10.69
CA ALA M 36 -9.91 -45.50 11.12
C ALA M 36 -10.78 -44.66 10.19
N GLY M 37 -10.22 -43.58 9.65
CA GLY M 37 -10.94 -42.80 8.66
C GLY M 37 -11.22 -43.56 7.38
N LEU M 38 -10.26 -44.35 6.92
CA LEU M 38 -10.43 -45.15 5.71
C LEU M 38 -11.44 -46.27 5.92
N GLN M 39 -11.41 -46.92 7.10
CA GLN M 39 -12.43 -47.94 7.39
C GLN M 39 -13.82 -47.34 7.53
N ALA M 40 -13.91 -46.14 8.13
CA ALA M 40 -15.20 -45.47 8.24
C ALA M 40 -15.75 -45.09 6.86
N ALA M 41 -14.88 -44.58 5.98
CA ALA M 41 -15.29 -44.25 4.62
C ALA M 41 -15.70 -45.49 3.84
N LYS M 42 -14.99 -46.62 4.07
CA LYS M 42 -15.36 -47.86 3.40
C LYS M 42 -16.72 -48.37 3.87
N ALA M 43 -16.97 -48.32 5.19
CA ALA M 43 -18.25 -48.76 5.72
C ALA M 43 -19.40 -47.87 5.25
N LEU M 44 -19.17 -46.55 5.18
CA LEU M 44 -20.18 -45.66 4.63
C LEU M 44 -20.37 -45.88 3.13
N THR M 45 -19.32 -46.26 2.41
CA THR M 45 -19.46 -46.60 1.00
C THR M 45 -20.34 -47.85 0.80
N ASP M 46 -20.15 -48.87 1.65
CA ASP M 46 -21.02 -50.04 1.55
C ASP M 46 -22.46 -49.73 1.96
N ASN M 47 -22.65 -48.89 2.97
CA ASN M 47 -23.97 -48.64 3.51
C ASN M 47 -24.61 -47.38 2.93
N ALA M 48 -24.01 -46.81 1.86
CA ALA M 48 -24.39 -45.50 1.35
C ALA M 48 -25.81 -45.47 0.81
N GLN M 49 -26.23 -46.50 0.08
CA GLN M 49 -27.56 -46.48 -0.54
C GLN M 49 -28.66 -46.54 0.50
N SER M 50 -28.51 -47.44 1.48
CA SER M 50 -29.50 -47.54 2.55
C SER M 50 -29.47 -46.31 3.44
N LEU M 51 -28.29 -45.72 3.67
CA LEU M 51 -28.20 -44.51 4.47
C LEU M 51 -28.86 -43.33 3.79
N VAL M 52 -28.69 -43.20 2.47
CA VAL M 52 -29.30 -42.10 1.72
C VAL M 52 -30.81 -42.25 1.67
N ASN M 53 -31.31 -43.48 1.41
CA ASN M 53 -32.76 -43.70 1.39
C ASN M 53 -33.38 -43.52 2.77
N GLY M 54 -32.71 -43.98 3.83
CA GLY M 54 -33.23 -43.79 5.17
C GLY M 54 -33.20 -42.35 5.61
N ALA M 55 -32.15 -41.61 5.23
CA ALA M 55 -32.11 -40.17 5.52
C ALA M 55 -33.19 -39.42 4.78
N ALA M 56 -33.45 -39.78 3.52
CA ALA M 56 -34.54 -39.17 2.76
C ALA M 56 -35.89 -39.45 3.40
N GLN M 57 -36.11 -40.69 3.84
CA GLN M 57 -37.35 -41.03 4.52
C GLN M 57 -37.47 -40.33 5.86
N ALA M 58 -36.35 -40.10 6.56
CA ALA M 58 -36.39 -39.35 7.82
C ALA M 58 -36.76 -37.89 7.59
N VAL M 59 -36.23 -37.29 6.52
CA VAL M 59 -36.59 -35.91 6.18
C VAL M 59 -38.07 -35.83 5.80
N TYR M 60 -38.55 -36.82 5.04
CA TYR M 60 -39.98 -36.84 4.67
C TYR M 60 -40.88 -37.09 5.88
N ASN M 61 -40.37 -37.81 6.89
CA ASN M 61 -41.14 -38.03 8.10
C ASN M 61 -41.22 -36.78 8.96
N LYS M 62 -40.07 -36.12 9.19
CA LYS M 62 -40.10 -34.93 10.03
C LYS M 62 -40.65 -33.72 9.30
N PHE M 63 -40.53 -33.67 7.97
CA PHE M 63 -41.08 -32.60 7.15
C PHE M 63 -42.03 -33.22 6.14
N PRO M 64 -43.27 -33.53 6.56
CA PRO M 64 -44.22 -34.15 5.60
C PRO M 64 -44.67 -33.21 4.52
N TYR M 65 -44.61 -31.89 4.74
CA TYR M 65 -45.06 -30.90 3.77
C TYR M 65 -44.22 -30.92 2.49
N THR M 66 -43.01 -31.45 2.55
CA THR M 66 -42.19 -31.62 1.35
C THR M 66 -42.69 -32.73 0.44
N THR M 67 -43.66 -33.53 0.87
CA THR M 67 -44.15 -34.65 0.08
C THR M 67 -45.53 -34.44 -0.54
N GLN M 68 -46.32 -33.47 -0.07
CA GLN M 68 -47.59 -33.18 -0.72
C GLN M 68 -47.74 -31.78 -1.29
N THR M 69 -46.98 -30.80 -0.81
CA THR M 69 -47.11 -29.46 -1.37
C THR M 69 -46.40 -29.41 -2.71
N GLN M 70 -47.12 -29.00 -3.75
CA GLN M 70 -46.53 -28.92 -5.08
C GLN M 70 -45.59 -27.73 -5.18
N GLY M 71 -44.46 -27.96 -5.83
CA GLY M 71 -43.46 -26.92 -5.99
C GLY M 71 -42.17 -27.52 -6.52
N ASN M 72 -41.34 -26.64 -7.07
CA ASN M 72 -40.07 -27.08 -7.65
C ASN M 72 -39.09 -27.52 -6.58
N ASN M 73 -39.11 -26.88 -5.43
CA ASN M 73 -38.18 -27.18 -4.35
C ASN M 73 -38.61 -28.33 -3.46
N PHE M 74 -39.80 -28.88 -3.67
CA PHE M 74 -40.31 -29.95 -2.82
C PHE M 74 -40.22 -31.30 -3.54
N ALA M 75 -40.35 -32.37 -2.75
CA ALA M 75 -40.25 -33.73 -3.23
C ALA M 75 -41.62 -34.39 -3.38
N ALA M 76 -42.61 -33.62 -3.83
CA ALA M 76 -43.95 -34.17 -4.01
C ALA M 76 -44.05 -35.08 -5.22
N ASP M 77 -43.12 -34.98 -6.17
CA ASP M 77 -43.09 -35.82 -7.35
C ASP M 77 -41.83 -36.68 -7.33
N GLN M 78 -41.63 -37.43 -8.42
CA GLN M 78 -40.45 -38.26 -8.55
C GLN M 78 -39.19 -37.41 -8.76
N ARG M 79 -39.33 -36.28 -9.45
CA ARG M 79 -38.19 -35.41 -9.72
C ARG M 79 -37.63 -34.80 -8.44
N GLY M 80 -38.51 -34.31 -7.57
CA GLY M 80 -38.05 -33.74 -6.31
C GLY M 80 -37.45 -34.77 -5.37
N LYS M 81 -38.02 -35.98 -5.35
CA LYS M 81 -37.46 -37.06 -4.55
C LYS M 81 -36.09 -37.49 -5.09
N ASP M 82 -35.94 -37.51 -6.41
CA ASP M 82 -34.63 -37.80 -7.02
C ASP M 82 -33.61 -36.73 -6.67
N LYS M 83 -34.02 -35.46 -6.69
CA LYS M 83 -33.13 -34.37 -6.32
C LYS M 83 -32.74 -34.46 -4.84
N CYS M 84 -33.68 -34.83 -3.97
CA CYS M 84 -33.38 -34.97 -2.55
C CYS M 84 -32.42 -36.13 -2.29
N ALA M 85 -32.64 -37.27 -2.95
CA ALA M 85 -31.75 -38.41 -2.81
C ALA M 85 -30.37 -38.10 -3.37
N ARG M 86 -30.31 -37.33 -4.47
CA ARG M 86 -29.03 -36.90 -5.02
C ARG M 86 -28.30 -35.95 -4.09
N ASP M 87 -29.03 -35.05 -3.43
CA ASP M 87 -28.42 -34.13 -2.47
C ASP M 87 -27.86 -34.87 -1.26
N ILE M 88 -28.64 -35.82 -0.72
CA ILE M 88 -28.16 -36.60 0.43
C ILE M 88 -26.99 -37.50 0.03
N GLY M 89 -27.00 -38.02 -1.20
CA GLY M 89 -25.85 -38.75 -1.70
C GLY M 89 -24.62 -37.87 -1.84
N TYR M 90 -24.82 -36.62 -2.26
CA TYR M 90 -23.73 -35.65 -2.32
C TYR M 90 -23.13 -35.40 -0.94
N TYR M 91 -24.01 -35.21 0.06
CA TYR M 91 -23.58 -34.97 1.43
C TYR M 91 -22.79 -36.16 1.97
N LEU M 92 -23.31 -37.37 1.78
CA LEU M 92 -22.67 -38.57 2.29
C LEU M 92 -21.36 -38.87 1.57
N ARG M 93 -21.31 -38.61 0.26
CA ARG M 93 -20.08 -38.86 -0.49
C ARG M 93 -18.98 -37.87 -0.11
N ILE M 94 -19.34 -36.62 0.16
CA ILE M 94 -18.31 -35.68 0.60
C ILE M 94 -17.91 -35.94 2.05
N VAL M 95 -18.82 -36.52 2.86
CA VAL M 95 -18.41 -36.97 4.20
C VAL M 95 -17.41 -38.12 4.10
N THR M 96 -17.61 -39.05 3.16
CA THR M 96 -16.62 -40.10 2.93
C THR M 96 -15.30 -39.53 2.39
N TYR M 97 -15.39 -38.49 1.56
CA TYR M 97 -14.19 -37.82 1.06
C TYR M 97 -13.41 -37.15 2.19
N CYS M 98 -14.14 -36.57 3.15
CA CYS M 98 -13.50 -35.99 4.33
C CYS M 98 -12.89 -37.06 5.22
N LEU M 99 -13.55 -38.22 5.30
CA LEU M 99 -13.00 -39.34 6.06
C LEU M 99 -11.71 -39.86 5.44
N VAL M 100 -11.67 -39.91 4.11
CA VAL M 100 -10.47 -40.35 3.41
C VAL M 100 -9.36 -39.31 3.56
N ALA M 101 -9.69 -38.03 3.34
CA ALA M 101 -8.70 -36.97 3.36
C ALA M 101 -8.24 -36.64 4.77
N GLY M 102 -9.11 -36.84 5.77
CA GLY M 102 -8.74 -36.53 7.13
C GLY M 102 -9.03 -35.13 7.58
N GLY M 103 -9.92 -34.42 6.90
CA GLY M 103 -10.30 -33.09 7.34
C GLY M 103 -11.49 -32.60 6.55
N THR M 104 -12.01 -31.44 6.98
CA THR M 104 -13.20 -30.84 6.39
C THR M 104 -12.94 -30.12 5.07
N GLY M 105 -11.76 -30.32 4.48
CA GLY M 105 -11.42 -29.75 3.19
C GLY M 105 -12.33 -30.10 2.03
N PRO M 106 -12.69 -31.38 1.84
CA PRO M 106 -13.72 -31.69 0.84
C PRO M 106 -15.07 -31.02 1.08
N LEU M 107 -15.53 -30.93 2.33
CA LEU M 107 -16.74 -30.16 2.60
C LEU M 107 -16.54 -28.68 2.34
N ASP M 108 -15.35 -28.15 2.70
CA ASP M 108 -15.07 -26.73 2.56
C ASP M 108 -15.03 -26.30 1.09
N GLU M 109 -14.38 -27.09 0.23
CA GLU M 109 -14.25 -26.73 -1.16
C GLU M 109 -15.29 -27.36 -2.06
N TYR M 110 -16.13 -28.25 -1.54
CA TYR M 110 -17.15 -28.90 -2.34
C TYR M 110 -18.57 -28.64 -1.86
N LEU M 111 -18.79 -28.46 -0.58
CA LEU M 111 -20.18 -28.33 -0.15
C LEU M 111 -20.46 -27.12 0.72
N ILE M 112 -19.55 -26.74 1.61
CA ILE M 112 -19.87 -25.71 2.61
C ILE M 112 -19.86 -24.33 1.96
N ALA M 113 -18.88 -24.05 1.12
CA ALA M 113 -18.68 -22.71 0.55
C ALA M 113 -19.80 -22.38 -0.42
N GLY M 114 -20.72 -21.52 0.01
CA GLY M 114 -21.79 -21.04 -0.83
C GLY M 114 -23.12 -21.73 -0.69
N ILE M 115 -23.26 -22.69 0.23
CA ILE M 115 -24.48 -23.49 0.34
C ILE M 115 -25.65 -22.66 0.84
N ASP M 116 -25.39 -21.57 1.57
CA ASP M 116 -26.46 -20.69 2.01
C ASP M 116 -27.10 -19.95 0.84
N GLU M 117 -26.30 -19.58 -0.17
CA GLU M 117 -26.85 -18.99 -1.37
C GLU M 117 -27.61 -20.02 -2.20
N ILE M 118 -27.22 -21.28 -2.14
CA ILE M 118 -27.93 -22.34 -2.85
C ILE M 118 -29.29 -22.56 -2.21
N ASN M 119 -29.32 -22.62 -0.88
CA ASN M 119 -30.57 -22.80 -0.16
C ASN M 119 -31.47 -21.58 -0.25
N ARG M 120 -30.89 -20.38 -0.36
CA ARG M 120 -31.69 -19.18 -0.51
C ARG M 120 -32.27 -19.04 -1.91
N THR M 121 -31.47 -19.36 -2.94
CA THR M 121 -31.90 -19.14 -4.32
C THR M 121 -33.00 -20.12 -4.72
N PHE M 122 -32.82 -21.39 -4.42
CA PHE M 122 -33.77 -22.42 -4.83
C PHE M 122 -34.81 -22.73 -3.76
N ASP M 123 -34.78 -22.00 -2.64
CA ASP M 123 -35.74 -22.06 -1.53
C ASP M 123 -35.71 -23.47 -0.96
N LEU M 124 -34.54 -23.84 -0.43
CA LEU M 124 -34.34 -25.11 0.24
C LEU M 124 -34.13 -24.85 1.71
N SER M 125 -34.88 -25.52 2.55
CA SER M 125 -34.66 -25.35 3.98
C SER M 125 -33.42 -26.13 4.39
N PRO M 126 -32.45 -25.49 5.05
CA PRO M 126 -31.29 -26.23 5.55
C PRO M 126 -31.62 -27.25 6.63
N SER M 127 -32.76 -27.10 7.32
CA SER M 127 -33.16 -28.06 8.34
C SER M 127 -33.47 -29.44 7.76
N TRP M 128 -33.84 -29.50 6.48
CA TRP M 128 -33.99 -30.77 5.79
C TRP M 128 -32.66 -31.53 5.76
N TYR M 129 -31.60 -30.85 5.34
CA TYR M 129 -30.28 -31.47 5.31
C TYR M 129 -29.75 -31.71 6.73
N VAL M 130 -30.16 -30.88 7.69
CA VAL M 130 -29.83 -31.12 9.10
C VAL M 130 -30.41 -32.44 9.57
N GLU M 131 -31.67 -32.71 9.23
CA GLU M 131 -32.27 -33.96 9.68
C GLU M 131 -31.75 -35.17 8.90
N ALA M 132 -31.38 -34.98 7.63
CA ALA M 132 -30.72 -36.05 6.88
C ALA M 132 -29.38 -36.41 7.50
N LEU M 133 -28.57 -35.40 7.83
CA LEU M 133 -27.26 -35.65 8.44
C LEU M 133 -27.41 -36.18 9.87
N LYS M 134 -28.47 -35.79 10.58
CA LYS M 134 -28.72 -36.38 11.90
C LYS M 134 -29.11 -37.83 11.81
N TYR M 135 -29.86 -38.23 10.76
CA TYR M 135 -30.11 -39.64 10.55
C TYR M 135 -28.83 -40.39 10.22
N ILE M 136 -27.95 -39.77 9.42
CA ILE M 136 -26.68 -40.43 9.09
C ILE M 136 -25.81 -40.58 10.34
N LYS M 137 -25.84 -39.58 11.23
CA LYS M 137 -25.18 -39.70 12.53
C LYS M 137 -25.80 -40.82 13.37
N ALA M 138 -27.12 -40.96 13.30
CA ALA M 138 -27.80 -41.97 14.11
C ALA M 138 -27.75 -43.37 13.51
N ASN M 139 -27.30 -43.51 12.26
CA ASN M 139 -27.41 -44.81 11.61
C ASN M 139 -26.16 -45.24 10.85
N HIS M 140 -25.02 -44.59 11.05
CA HIS M 140 -23.82 -45.00 10.32
C HIS M 140 -23.19 -46.27 10.90
N GLY M 141 -23.47 -46.60 12.16
CA GLY M 141 -23.05 -47.86 12.72
C GLY M 141 -21.59 -47.98 13.05
N LEU M 142 -20.82 -46.91 12.99
CA LEU M 142 -19.40 -46.96 13.28
C LEU M 142 -19.16 -46.91 14.78
N SER M 143 -17.94 -47.28 15.17
CA SER M 143 -17.59 -47.36 16.59
C SER M 143 -16.16 -46.89 16.80
N GLY M 144 -15.89 -46.42 18.02
CA GLY M 144 -14.53 -46.07 18.39
C GLY M 144 -14.09 -44.76 17.78
N ASP M 145 -12.85 -44.76 17.27
CA ASP M 145 -12.31 -43.56 16.63
C ASP M 145 -12.97 -43.29 15.29
N ALA M 146 -13.59 -44.33 14.69
CA ALA M 146 -14.25 -44.16 13.41
C ALA M 146 -15.51 -43.32 13.53
N ARG M 147 -16.30 -43.54 14.59
CA ARG M 147 -17.56 -42.82 14.69
C ARG M 147 -17.36 -41.37 15.12
N ASP M 148 -16.38 -41.10 15.98
CA ASP M 148 -16.18 -39.74 16.49
C ASP M 148 -15.60 -38.84 15.42
N GLU M 149 -14.85 -39.43 14.50
CA GLU M 149 -14.23 -38.69 13.42
C GLU M 149 -15.10 -38.69 12.16
N ALA M 150 -16.11 -39.55 12.07
CA ALA M 150 -17.14 -39.40 11.05
C ALA M 150 -18.24 -38.45 11.49
N ASN M 151 -18.58 -38.46 12.78
CA ASN M 151 -19.58 -37.52 13.28
C ASN M 151 -19.04 -36.10 13.33
N SER M 152 -17.72 -35.94 13.31
CA SER M 152 -17.13 -34.59 13.30
C SER M 152 -17.43 -33.90 11.98
N TYR M 153 -17.39 -34.63 10.86
CA TYR M 153 -17.69 -34.03 9.56
C TYR M 153 -19.18 -33.85 9.38
N LEU M 154 -19.98 -34.80 9.86
CA LEU M 154 -21.43 -34.71 9.73
C LEU M 154 -21.97 -33.52 10.52
N ASP M 155 -21.45 -33.31 11.73
CA ASP M 155 -22.02 -32.27 12.58
C ASP M 155 -21.35 -30.92 12.26
N TYR M 156 -20.19 -30.94 11.61
CA TYR M 156 -19.66 -29.71 11.00
C TYR M 156 -20.55 -29.24 9.87
N ALA M 157 -21.12 -30.18 9.11
CA ALA M 157 -22.10 -29.83 8.09
C ALA M 157 -23.42 -29.40 8.72
N ILE M 158 -23.75 -29.90 9.91
CA ILE M 158 -24.89 -29.39 10.66
C ILE M 158 -24.65 -27.93 11.06
N ASN M 159 -23.44 -27.64 11.54
CA ASN M 159 -23.13 -26.31 12.04
C ASN M 159 -23.00 -25.29 10.91
N ALA M 160 -22.64 -25.74 9.71
CA ALA M 160 -22.62 -24.82 8.58
C ALA M 160 -24.02 -24.52 8.09
N LEU M 161 -24.97 -25.43 8.30
CA LEU M 161 -26.35 -25.24 7.90
C LEU M 161 -27.23 -24.70 9.02
N SER M 162 -26.68 -24.45 10.19
CA SER M 162 -27.47 -23.97 11.32
C SER M 162 -26.71 -22.92 12.13
N MET N 1 -3.53 -27.38 -4.22
CA MET N 1 -2.51 -28.24 -3.64
C MET N 1 -3.13 -29.51 -3.06
N PHE N 2 -2.63 -30.66 -3.50
CA PHE N 2 -3.16 -31.94 -3.09
C PHE N 2 -2.07 -32.78 -2.44
N ASP N 3 -2.44 -33.49 -1.38
CA ASP N 3 -1.59 -34.53 -0.82
C ASP N 3 -1.94 -35.87 -1.46
N VAL N 4 -1.48 -36.97 -0.87
CA VAL N 4 -1.75 -38.28 -1.44
C VAL N 4 -3.20 -38.70 -1.27
N PHE N 5 -3.91 -38.13 -0.30
CA PHE N 5 -5.32 -38.45 -0.07
C PHE N 5 -6.25 -37.57 -0.89
N THR N 6 -6.00 -36.26 -0.90
CA THR N 6 -6.90 -35.34 -1.60
C THR N 6 -6.76 -35.41 -3.11
N ARG N 7 -5.65 -35.94 -3.62
CA ARG N 7 -5.57 -36.22 -5.06
C ARG N 7 -6.61 -37.26 -5.47
N VAL N 8 -6.69 -38.36 -4.71
CA VAL N 8 -7.67 -39.41 -4.97
C VAL N 8 -9.07 -38.89 -4.69
N VAL N 9 -9.22 -38.04 -3.67
CA VAL N 9 -10.53 -37.45 -3.33
C VAL N 9 -11.02 -36.55 -4.47
N SER N 10 -10.14 -35.72 -5.02
CA SER N 10 -10.51 -34.83 -6.11
C SER N 10 -10.79 -35.59 -7.40
N GLN N 11 -10.02 -36.67 -7.65
CA GLN N 11 -10.29 -37.50 -8.81
C GLN N 11 -11.64 -38.21 -8.69
N ALA N 12 -11.97 -38.71 -7.50
CA ALA N 12 -13.26 -39.37 -7.30
C ALA N 12 -14.41 -38.38 -7.33
N ASP N 13 -14.16 -37.14 -6.92
CA ASP N 13 -15.20 -36.11 -6.99
C ASP N 13 -15.43 -35.67 -8.43
N ALA N 14 -14.37 -35.59 -9.24
CA ALA N 14 -14.53 -35.33 -10.66
C ALA N 14 -15.26 -36.47 -11.35
N ARG N 15 -14.96 -37.71 -10.96
CA ARG N 15 -15.75 -38.83 -11.45
C ARG N 15 -17.11 -38.92 -10.78
N GLY N 16 -17.27 -38.30 -9.60
CA GLY N 16 -18.55 -38.28 -8.92
C GLY N 16 -18.92 -39.56 -8.22
N GLU N 17 -17.97 -40.44 -7.99
CA GLU N 17 -18.24 -41.73 -7.37
C GLU N 17 -17.51 -41.82 -6.04
N TYR N 18 -17.95 -42.78 -5.22
CA TYR N 18 -17.23 -43.12 -4.01
C TYR N 18 -15.91 -43.79 -4.35
N LEU N 19 -14.98 -43.78 -3.39
CA LEU N 19 -13.73 -44.47 -3.57
C LEU N 19 -13.95 -45.98 -3.57
N SER N 20 -13.31 -46.66 -4.52
CA SER N 20 -13.37 -48.11 -4.58
C SER N 20 -12.50 -48.72 -3.48
N GLY N 21 -12.65 -50.03 -3.29
CA GLY N 21 -11.87 -50.72 -2.28
C GLY N 21 -10.38 -50.75 -2.57
N SER N 22 -10.01 -50.82 -3.85
CA SER N 22 -8.60 -50.84 -4.23
C SER N 22 -7.91 -49.52 -3.92
N GLN N 23 -8.61 -48.40 -4.13
CA GLN N 23 -8.06 -47.09 -3.80
C GLN N 23 -7.89 -46.92 -2.30
N LEU N 24 -8.85 -47.41 -1.52
CA LEU N 24 -8.75 -47.36 -0.06
C LEU N 24 -7.62 -48.25 0.44
N ASP N 25 -7.41 -49.41 -0.19
CA ASP N 25 -6.30 -50.28 0.17
C ASP N 25 -4.96 -49.66 -0.18
N ALA N 26 -4.89 -48.95 -1.32
CA ALA N 26 -3.67 -48.24 -1.70
C ALA N 26 -3.37 -47.11 -0.73
N LEU N 27 -4.41 -46.42 -0.25
CA LEU N 27 -4.20 -45.38 0.76
C LEU N 27 -3.81 -45.97 2.11
N SER N 28 -4.31 -47.16 2.45
CA SER N 28 -3.85 -47.85 3.65
C SER N 28 -2.38 -48.25 3.53
N ALA N 29 -1.96 -48.68 2.34
CA ALA N 29 -0.55 -48.97 2.10
C ALA N 29 0.30 -47.71 2.21
N THR N 30 -0.23 -46.57 1.75
CA THR N 30 0.46 -45.29 1.91
C THR N 30 0.58 -44.91 3.39
N VAL N 31 -0.46 -45.18 4.18
CA VAL N 31 -0.41 -44.93 5.62
C VAL N 31 0.66 -45.82 6.28
N ALA N 32 0.77 -47.07 5.81
CA ALA N 32 1.84 -47.95 6.31
C ALA N 32 3.22 -47.45 5.91
N GLU N 33 3.36 -46.88 4.71
CA GLU N 33 4.61 -46.24 4.27
C GLU N 33 4.87 -44.90 4.95
N GLY N 34 3.87 -44.35 5.66
CA GLY N 34 3.96 -43.00 6.18
C GLY N 34 5.06 -42.72 7.19
N ASN N 35 5.35 -43.68 8.08
CA ASN N 35 6.41 -43.49 9.06
C ASN N 35 7.78 -43.39 8.40
N LYS N 36 8.01 -44.23 7.39
CA LYS N 36 9.22 -44.19 6.59
C LYS N 36 9.31 -42.89 5.79
N ARG N 37 8.17 -42.42 5.28
CA ARG N 37 8.09 -41.12 4.61
C ARG N 37 8.46 -39.97 5.55
N ILE N 38 7.98 -40.02 6.79
CA ILE N 38 8.28 -39.00 7.78
C ILE N 38 9.76 -39.04 8.16
N ASP N 39 10.34 -40.24 8.28
CA ASP N 39 11.77 -40.36 8.56
C ASP N 39 12.62 -39.80 7.43
N SER N 40 12.23 -40.04 6.19
CA SER N 40 12.95 -39.46 5.05
C SER N 40 12.86 -37.93 5.05
N VAL N 41 11.66 -37.40 5.35
CA VAL N 41 11.47 -35.95 5.45
C VAL N 41 12.33 -35.37 6.56
N ASN N 42 12.37 -36.06 7.71
CA ASN N 42 13.16 -35.61 8.86
C ASN N 42 14.65 -35.59 8.55
N ARG N 43 15.13 -36.62 7.84
CA ARG N 43 16.55 -36.70 7.54
C ARG N 43 16.97 -35.63 6.54
N ILE N 44 16.17 -35.40 5.49
CA ILE N 44 16.51 -34.37 4.52
C ILE N 44 16.40 -32.98 5.16
N THR N 45 15.40 -32.78 6.03
CA THR N 45 15.25 -31.50 6.73
C THR N 45 16.43 -31.24 7.67
N GLY N 46 16.85 -32.26 8.42
CA GLY N 46 17.96 -32.09 9.34
C GLY N 46 19.30 -31.96 8.65
N ASN N 47 19.44 -32.43 7.41
CA ASN N 47 20.69 -32.28 6.69
C ASN N 47 20.58 -31.36 5.48
N ALA N 48 19.55 -30.50 5.45
CA ALA N 48 19.28 -29.66 4.28
C ALA N 48 20.41 -28.67 3.98
N SER N 49 20.95 -28.00 5.01
CA SER N 49 22.02 -27.04 4.78
C SER N 49 23.29 -27.72 4.30
N ALA N 50 23.60 -28.90 4.85
CA ALA N 50 24.75 -29.67 4.39
C ALA N 50 24.54 -30.15 2.95
N ILE N 51 23.32 -30.57 2.60
CA ILE N 51 23.03 -31.03 1.25
C ILE N 51 23.19 -29.90 0.25
N VAL N 52 22.64 -28.72 0.59
CA VAL N 52 22.71 -27.57 -0.31
C VAL N 52 24.15 -27.06 -0.45
N SER N 53 24.89 -27.00 0.66
CA SER N 53 26.28 -26.53 0.62
C SER N 53 27.17 -27.49 -0.15
N ASN N 54 27.06 -28.79 0.13
CA ASN N 54 27.90 -29.78 -0.54
C ASN N 54 27.56 -29.90 -2.02
N ALA N 55 26.26 -29.82 -2.36
CA ALA N 55 25.86 -29.90 -3.76
C ALA N 55 26.30 -28.66 -4.53
N ALA N 56 26.23 -27.48 -3.91
CA ALA N 56 26.72 -26.27 -4.55
C ALA N 56 28.24 -26.33 -4.76
N ARG N 57 28.98 -26.77 -3.75
CA ARG N 57 30.43 -26.88 -3.86
C ARG N 57 30.84 -27.89 -4.92
N ALA N 58 30.14 -29.03 -4.98
CA ALA N 58 30.43 -30.03 -6.00
C ALA N 58 30.05 -29.53 -7.39
N LEU N 59 28.97 -28.77 -7.49
CA LEU N 59 28.56 -28.18 -8.76
C LEU N 59 29.58 -27.17 -9.27
N PHE N 60 30.11 -26.35 -8.38
CA PHE N 60 31.10 -25.36 -8.80
C PHE N 60 32.48 -25.97 -8.99
N ALA N 61 32.75 -27.12 -8.38
CA ALA N 61 33.96 -27.87 -8.72
C ALA N 61 33.84 -28.51 -10.11
N GLU N 62 32.67 -29.07 -10.43
CA GLU N 62 32.46 -29.62 -11.77
C GLU N 62 32.36 -28.52 -12.81
N GLN N 63 31.74 -27.39 -12.46
CA GLN N 63 31.50 -26.29 -13.39
C GLN N 63 32.14 -25.01 -12.84
N PRO N 64 33.44 -24.79 -13.12
CA PRO N 64 34.07 -23.53 -12.69
C PRO N 64 33.63 -22.32 -13.48
N GLN N 65 32.85 -22.51 -14.56
CA GLN N 65 32.44 -21.37 -15.41
C GLN N 65 31.37 -20.54 -14.67
N LEU N 66 30.76 -21.10 -13.63
CA LEU N 66 29.66 -20.40 -12.92
C LEU N 66 30.23 -19.31 -12.01
N ILE N 67 31.36 -19.55 -11.36
CA ILE N 67 31.93 -18.57 -10.40
C ILE N 67 32.91 -17.65 -11.15
N GLN N 68 33.37 -18.07 -12.33
CA GLN N 68 34.30 -17.24 -13.14
C GLN N 68 33.85 -15.77 -13.07
N PRO N 69 34.75 -14.80 -12.80
CA PRO N 69 34.37 -13.39 -12.79
C PRO N 69 33.50 -13.07 -14.00
N GLY N 70 32.18 -12.98 -13.81
CA GLY N 70 31.25 -12.70 -14.91
C GLY N 70 30.34 -13.89 -15.16
N GLY N 71 30.50 -14.95 -14.35
CA GLY N 71 29.68 -16.16 -14.52
C GLY N 71 28.30 -15.99 -13.90
N ASN N 72 27.43 -16.98 -14.09
CA ASN N 72 26.03 -16.84 -13.60
C ASN N 72 25.96 -17.04 -12.08
N ALA N 73 27.04 -17.44 -11.41
CA ALA N 73 26.97 -17.52 -9.94
C ALA N 73 28.02 -16.56 -9.35
N TYR N 74 28.55 -15.66 -10.18
CA TYR N 74 29.53 -14.66 -9.70
C TYR N 74 28.78 -13.55 -8.98
N THR N 75 29.40 -12.83 -8.04
CA THR N 75 28.77 -11.76 -7.20
C THR N 75 28.07 -12.39 -6.01
N SER N 76 28.25 -11.80 -4.83
CA SER N 76 27.72 -12.30 -3.57
C SER N 76 26.20 -12.42 -3.59
N ARG N 77 25.51 -11.41 -4.14
CA ARG N 77 24.06 -11.51 -4.30
C ARG N 77 23.70 -12.68 -5.20
N ARG N 78 24.36 -12.77 -6.35
CA ARG N 78 23.93 -13.73 -7.37
C ARG N 78 24.20 -15.16 -6.91
N MET N 79 25.30 -15.36 -6.18
CA MET N 79 25.54 -16.67 -5.58
C MET N 79 24.61 -16.94 -4.40
N ALA N 80 24.25 -15.89 -3.64
CA ALA N 80 23.24 -16.06 -2.59
C ALA N 80 21.90 -16.46 -3.19
N ALA N 81 21.56 -15.90 -4.34
CA ALA N 81 20.34 -16.27 -5.06
C ALA N 81 20.40 -17.72 -5.55
N CYS N 82 21.57 -18.16 -6.02
CA CYS N 82 21.73 -19.56 -6.42
C CYS N 82 21.58 -20.50 -5.23
N LEU N 83 22.15 -20.14 -4.08
CA LEU N 83 22.11 -21.00 -2.91
C LEU N 83 20.70 -21.08 -2.33
N ARG N 84 19.96 -19.96 -2.29
CA ARG N 84 18.57 -20.04 -1.89
C ARG N 84 17.70 -20.73 -2.94
N ASP N 85 18.07 -20.71 -4.22
CA ASP N 85 17.36 -21.51 -5.21
C ASP N 85 17.50 -22.99 -4.91
N MET N 86 18.71 -23.43 -4.55
CA MET N 86 18.92 -24.81 -4.11
C MET N 86 18.11 -25.12 -2.86
N GLU N 87 18.08 -24.17 -1.90
CA GLU N 87 17.30 -24.36 -0.68
C GLU N 87 15.81 -24.46 -0.97
N ILE N 88 15.31 -23.64 -1.89
CA ILE N 88 13.89 -23.64 -2.25
C ILE N 88 13.51 -24.94 -2.93
N ILE N 89 14.36 -25.41 -3.86
CA ILE N 89 14.08 -26.67 -4.56
C ILE N 89 14.09 -27.84 -3.59
N LEU N 90 15.06 -27.87 -2.67
CA LEU N 90 15.09 -28.92 -1.65
C LEU N 90 13.88 -28.84 -0.72
N ARG N 91 13.46 -27.63 -0.37
CA ARG N 91 12.30 -27.45 0.51
C ARG N 91 11.02 -27.94 -0.16
N TYR N 92 10.85 -27.67 -1.45
CA TYR N 92 9.65 -28.13 -2.12
C TYR N 92 9.69 -29.61 -2.44
N VAL N 93 10.88 -30.19 -2.61
CA VAL N 93 11.01 -31.64 -2.70
C VAL N 93 10.59 -32.29 -1.39
N THR N 94 10.99 -31.70 -0.25
CA THR N 94 10.56 -32.23 1.04
C THR N 94 9.06 -32.04 1.26
N TYR N 95 8.48 -30.94 0.76
CA TYR N 95 7.04 -30.74 0.86
C TYR N 95 6.28 -31.77 0.04
N ALA N 96 6.78 -32.07 -1.17
CA ALA N 96 6.16 -33.10 -2.01
C ALA N 96 6.32 -34.49 -1.40
N THR N 97 7.44 -34.74 -0.74
CA THR N 97 7.63 -35.98 -0.01
C THR N 97 6.67 -36.10 1.15
N PHE N 98 6.47 -34.99 1.88
CA PHE N 98 5.56 -34.96 3.02
C PHE N 98 4.12 -35.21 2.60
N THR N 99 3.68 -34.54 1.53
CA THR N 99 2.32 -34.73 1.05
C THR N 99 2.13 -36.06 0.35
N GLY N 100 3.17 -36.63 -0.22
CA GLY N 100 3.02 -37.80 -1.06
C GLY N 100 2.55 -37.51 -2.46
N ASP N 101 2.44 -36.24 -2.82
CA ASP N 101 2.01 -35.83 -4.16
C ASP N 101 2.83 -34.61 -4.55
N ALA N 102 3.08 -34.46 -5.85
CA ALA N 102 4.00 -33.46 -6.34
C ALA N 102 3.32 -32.15 -6.73
N SER N 103 2.07 -31.93 -6.27
CA SER N 103 1.34 -30.72 -6.66
C SER N 103 1.96 -29.47 -6.09
N VAL N 104 2.42 -29.51 -4.83
CA VAL N 104 3.05 -28.35 -4.22
C VAL N 104 4.40 -28.06 -4.89
N LEU N 105 5.13 -29.10 -5.29
CA LEU N 105 6.41 -28.91 -5.94
C LEU N 105 6.26 -28.34 -7.35
N GLU N 106 5.27 -28.83 -8.11
CA GLU N 106 5.00 -28.28 -9.43
C GLU N 106 4.47 -26.85 -9.35
N ASP N 107 3.49 -26.61 -8.47
CA ASP N 107 2.82 -25.30 -8.45
C ASP N 107 3.72 -24.22 -7.86
N ARG N 108 4.44 -24.53 -6.79
CA ARG N 108 5.20 -23.50 -6.09
C ARG N 108 6.60 -23.30 -6.62
N CYS N 109 7.21 -24.34 -7.19
CA CYS N 109 8.62 -24.30 -7.55
C CYS N 109 8.86 -24.49 -9.03
N LEU N 110 8.15 -25.40 -9.68
CA LEU N 110 8.55 -25.84 -11.02
C LEU N 110 7.81 -25.12 -12.13
N ASN N 111 6.54 -24.79 -11.95
CA ASN N 111 5.78 -24.08 -12.97
C ASN N 111 6.22 -22.62 -12.98
N GLY N 112 6.88 -22.20 -14.06
CA GLY N 112 7.40 -20.86 -14.15
C GLY N 112 8.87 -20.73 -13.83
N LEU N 113 9.57 -21.84 -13.58
CA LEU N 113 10.99 -21.76 -13.25
C LEU N 113 11.86 -21.83 -14.49
N ARG N 114 11.44 -22.64 -15.48
CA ARG N 114 12.17 -22.69 -16.74
C ARG N 114 12.11 -21.36 -17.48
N GLU N 115 10.93 -20.72 -17.50
CA GLU N 115 10.78 -19.43 -18.16
C GLU N 115 11.58 -18.34 -17.44
N THR N 116 11.61 -18.39 -16.10
CA THR N 116 12.41 -17.45 -15.32
C THR N 116 13.91 -17.63 -15.59
N TYR N 117 14.36 -18.89 -15.64
CA TYR N 117 15.78 -19.15 -15.87
C TYR N 117 16.20 -18.83 -17.29
N VAL N 118 15.30 -19.03 -18.26
CA VAL N 118 15.58 -18.62 -19.64
C VAL N 118 15.61 -17.10 -19.74
N ALA N 119 14.73 -16.42 -19.01
CA ALA N 119 14.66 -14.97 -19.03
C ALA N 119 15.91 -14.33 -18.42
N LEU N 120 16.41 -14.89 -17.33
CA LEU N 120 17.58 -14.29 -16.69
C LEU N 120 18.90 -14.70 -17.33
N GLY N 121 18.89 -15.68 -18.23
CA GLY N 121 20.13 -16.25 -18.68
C GLY N 121 20.73 -17.25 -17.73
N VAL N 122 19.94 -17.74 -16.77
CA VAL N 122 20.41 -18.76 -15.82
C VAL N 122 20.58 -20.09 -16.54
N PRO N 123 21.75 -20.72 -16.47
CA PRO N 123 21.91 -22.03 -17.12
C PRO N 123 21.16 -23.13 -16.39
N GLY N 124 20.04 -23.58 -16.98
CA GLY N 124 19.21 -24.57 -16.35
C GLY N 124 19.83 -25.95 -16.28
N ALA N 125 20.80 -26.24 -17.14
CA ALA N 125 21.55 -27.49 -17.05
C ALA N 125 22.38 -27.54 -15.78
N SER N 126 22.99 -26.43 -15.39
CA SER N 126 23.78 -26.38 -14.17
C SER N 126 22.88 -26.46 -12.94
N VAL N 127 21.69 -25.86 -13.00
CA VAL N 127 20.71 -26.01 -11.93
C VAL N 127 20.25 -27.46 -11.83
N ALA N 128 20.08 -28.13 -12.98
CA ALA N 128 19.73 -29.54 -12.97
C ALA N 128 20.84 -30.40 -12.39
N ALA N 129 22.10 -30.05 -12.68
CA ALA N 129 23.22 -30.77 -12.09
C ALA N 129 23.28 -30.58 -10.58
N GLY N 130 22.99 -29.37 -10.10
CA GLY N 130 22.90 -29.13 -8.67
C GLY N 130 21.75 -29.89 -8.03
N VAL N 131 20.63 -30.02 -8.74
CA VAL N 131 19.49 -30.77 -8.23
C VAL N 131 19.81 -32.27 -8.17
N GLN N 132 20.54 -32.78 -9.17
CA GLN N 132 20.97 -34.19 -9.14
C GLN N 132 21.97 -34.44 -8.02
N LYS N 133 22.86 -33.47 -7.74
CA LYS N 133 23.78 -33.62 -6.61
C LYS N 133 23.03 -33.58 -5.28
N MET N 134 22.01 -32.71 -5.18
CA MET N 134 21.14 -32.70 -4.01
C MET N 134 20.39 -34.03 -3.87
N LYS N 135 20.00 -34.62 -5.00
CA LYS N 135 19.32 -35.92 -4.99
C LYS N 135 20.25 -37.01 -4.45
N GLU N 136 21.51 -37.02 -4.91
CA GLU N 136 22.44 -38.05 -4.46
C GLU N 136 22.78 -37.88 -2.98
N ALA N 137 22.93 -36.63 -2.53
CA ALA N 137 23.19 -36.39 -1.11
C ALA N 137 21.98 -36.76 -0.25
N ALA N 138 20.77 -36.37 -0.67
CA ALA N 138 19.57 -36.66 0.10
C ALA N 138 19.23 -38.15 0.10
N LEU N 139 19.52 -38.86 -0.99
CA LEU N 139 19.25 -40.29 -1.02
C LEU N 139 20.29 -41.06 -0.23
N ASP N 140 21.54 -40.57 -0.19
CA ASP N 140 22.52 -41.16 0.71
C ASP N 140 22.14 -40.97 2.17
N ILE N 141 21.61 -39.79 2.50
CA ILE N 141 21.25 -39.50 3.89
C ILE N 141 19.98 -40.26 4.30
N VAL N 142 19.01 -40.38 3.39
CA VAL N 142 17.79 -41.12 3.67
C VAL N 142 18.08 -42.61 3.84
N ASN N 143 18.90 -43.18 2.95
CA ASN N 143 19.22 -44.60 3.00
C ASN N 143 20.31 -44.95 4.02
N ASP N 144 20.66 -44.04 4.92
CA ASP N 144 21.66 -44.32 5.93
C ASP N 144 21.09 -45.26 6.98
N PRO N 145 21.69 -46.44 7.20
CA PRO N 145 21.12 -47.39 8.16
C PRO N 145 21.48 -47.13 9.61
N ASN N 146 22.24 -46.08 9.92
CA ASN N 146 22.65 -45.84 11.28
C ASN N 146 21.56 -45.11 12.06
N GLY N 147 21.25 -45.62 13.25
CA GLY N 147 20.35 -44.96 14.17
C GLY N 147 18.90 -44.89 13.75
N ILE N 148 18.36 -45.96 13.18
CA ILE N 148 16.96 -46.01 12.75
C ILE N 148 16.53 -47.47 12.73
N THR N 149 15.22 -47.69 12.79
CA THR N 149 14.67 -49.04 12.70
C THR N 149 14.82 -49.57 11.28
N ARG N 150 15.14 -50.87 11.17
CA ARG N 150 15.33 -51.49 9.87
C ARG N 150 14.00 -51.66 9.14
N GLY N 151 14.07 -51.70 7.82
CA GLY N 151 12.90 -51.94 7.01
C GLY N 151 13.15 -51.54 5.57
N ASP N 152 12.26 -52.01 4.71
CA ASP N 152 12.36 -51.73 3.29
C ASP N 152 11.87 -50.31 3.04
N CYS N 153 12.70 -49.50 2.39
CA CYS N 153 12.37 -48.10 2.14
C CYS N 153 12.60 -47.74 0.68
N SER N 154 12.55 -48.74 -0.21
CA SER N 154 12.81 -48.48 -1.62
C SER N 154 11.72 -47.65 -2.27
N ALA N 155 10.49 -47.73 -1.75
CA ALA N 155 9.37 -46.98 -2.32
C ALA N 155 9.52 -45.49 -2.09
N ILE N 156 9.86 -45.10 -0.85
CA ILE N 156 9.99 -43.68 -0.54
C ILE N 156 11.25 -43.10 -1.18
N VAL N 157 12.32 -43.89 -1.28
CA VAL N 157 13.53 -43.45 -1.98
C VAL N 157 13.25 -43.26 -3.47
N ALA N 158 12.49 -44.17 -4.08
CA ALA N 158 12.11 -44.01 -5.49
C ALA N 158 11.18 -42.82 -5.69
N GLU N 159 10.31 -42.55 -4.71
CA GLU N 159 9.41 -41.39 -4.79
C GLU N 159 10.19 -40.07 -4.69
N ILE N 160 11.17 -40.00 -3.77
CA ILE N 160 12.01 -38.82 -3.63
C ILE N 160 12.88 -38.62 -4.87
N ALA N 161 13.41 -39.72 -5.42
CA ALA N 161 14.19 -39.65 -6.64
C ALA N 161 13.34 -39.19 -7.82
N GLY N 162 12.08 -39.61 -7.86
CA GLY N 162 11.18 -39.12 -8.90
C GLY N 162 10.86 -37.64 -8.76
N TYR N 163 10.74 -37.16 -7.51
CA TYR N 163 10.55 -35.73 -7.28
C TYR N 163 11.78 -34.94 -7.72
N PHE N 164 12.97 -35.46 -7.44
CA PHE N 164 14.19 -34.79 -7.87
C PHE N 164 14.35 -34.84 -9.40
N ASP N 165 13.93 -35.95 -10.02
CA ASP N 165 13.97 -36.05 -11.48
C ASP N 165 13.01 -35.06 -12.14
N ARG N 166 11.81 -34.90 -11.57
CA ARG N 166 10.88 -33.91 -12.13
C ARG N 166 11.31 -32.49 -11.79
N ALA N 167 12.10 -32.30 -10.73
CA ALA N 167 12.64 -30.97 -10.46
C ALA N 167 13.76 -30.62 -11.43
N ALA N 168 14.65 -31.59 -11.71
CA ALA N 168 15.73 -31.35 -12.65
C ALA N 168 15.24 -31.32 -14.10
N ALA N 169 14.10 -31.95 -14.37
CA ALA N 169 13.49 -31.90 -15.68
C ALA N 169 12.67 -30.63 -15.90
N ALA N 170 12.39 -29.88 -14.83
CA ALA N 170 11.66 -28.62 -14.93
C ALA N 170 12.58 -27.42 -15.08
N VAL N 171 13.89 -27.62 -15.08
CA VAL N 171 14.84 -26.53 -15.24
C VAL N 171 15.67 -26.64 -16.50
N ALA N 172 15.86 -27.84 -17.04
CA ALA N 172 16.67 -28.03 -18.24
C ALA N 172 15.82 -28.62 -19.37
N MET O 1 23.43 0.50 -9.00
CA MET O 1 24.52 0.93 -8.14
C MET O 1 24.30 2.37 -7.70
N LYS O 2 24.38 2.64 -6.40
CA LYS O 2 24.22 4.00 -5.93
C LYS O 2 25.47 4.82 -6.18
N THR O 3 25.25 6.07 -6.57
CA THR O 3 26.26 7.06 -6.91
C THR O 3 25.60 8.38 -6.58
N PRO O 4 26.38 9.46 -6.35
CA PRO O 4 25.75 10.80 -6.31
C PRO O 4 24.88 11.13 -7.52
N LEU O 5 25.32 10.78 -8.74
CA LEU O 5 24.51 11.05 -9.93
C LEU O 5 23.25 10.18 -9.96
N THR O 6 23.41 8.88 -9.67
CA THR O 6 22.26 7.98 -9.73
C THR O 6 21.26 8.25 -8.62
N GLU O 7 21.72 8.55 -7.41
CA GLU O 7 20.77 8.85 -6.34
C GLU O 7 20.15 10.23 -6.51
N ALA O 8 20.87 11.18 -7.12
CA ALA O 8 20.28 12.47 -7.44
C ALA O 8 19.16 12.33 -8.46
N VAL O 9 19.39 11.55 -9.52
CA VAL O 9 18.36 11.32 -10.52
C VAL O 9 17.22 10.49 -9.94
N SER O 10 17.54 9.51 -9.08
CA SER O 10 16.52 8.66 -8.48
C SER O 10 15.61 9.46 -7.54
N THR O 11 16.18 10.40 -6.79
CA THR O 11 15.35 11.24 -5.94
C THR O 11 14.52 12.21 -6.77
N ALA O 12 15.13 12.87 -7.76
CA ALA O 12 14.40 13.80 -8.63
C ALA O 12 13.31 13.12 -9.43
N ASP O 13 13.43 11.82 -9.67
CA ASP O 13 12.35 11.05 -10.28
C ASP O 13 11.36 10.59 -9.21
N SER O 14 11.83 10.41 -7.97
CA SER O 14 10.96 9.92 -6.89
C SER O 14 9.90 10.95 -6.51
N GLN O 15 10.28 12.22 -6.34
CA GLN O 15 9.24 13.25 -6.34
C GLN O 15 9.06 13.93 -7.69
N GLY O 16 9.59 13.32 -8.76
CA GLY O 16 9.09 13.54 -10.12
C GLY O 16 9.24 14.93 -10.68
N ARG O 17 10.39 15.56 -10.48
CA ARG O 17 10.58 16.91 -10.96
C ARG O 17 11.97 17.06 -11.55
N PHE O 18 12.21 18.22 -12.16
CA PHE O 18 13.45 18.48 -12.85
C PHE O 18 14.61 18.65 -11.87
N LEU O 19 15.82 18.50 -12.38
CA LEU O 19 17.03 18.56 -11.56
C LEU O 19 17.29 20.01 -11.19
N SER O 20 17.04 20.35 -9.93
CA SER O 20 17.24 21.69 -9.42
C SER O 20 18.72 21.90 -9.12
N SER O 21 19.03 23.00 -8.42
CA SER O 21 20.41 23.29 -8.05
C SER O 21 20.96 22.31 -7.02
N THR O 22 20.09 21.59 -6.30
CA THR O 22 20.54 20.56 -5.37
C THR O 22 21.29 19.45 -6.10
N GLU O 23 20.70 18.92 -7.17
CA GLU O 23 21.35 17.86 -7.94
C GLU O 23 22.58 18.38 -8.69
N LEU O 24 22.57 19.65 -9.10
CA LEU O 24 23.76 20.24 -9.70
C LEU O 24 24.91 20.31 -8.70
N GLN O 25 24.61 20.67 -7.45
CA GLN O 25 25.63 20.62 -6.40
C GLN O 25 26.09 19.20 -6.11
N ILE O 26 25.18 18.23 -6.21
CA ILE O 26 25.54 16.82 -6.04
C ILE O 26 26.55 16.40 -7.11
N ALA O 27 26.29 16.79 -8.36
CA ALA O 27 27.23 16.51 -9.44
C ALA O 27 28.52 17.31 -9.29
N PHE O 28 28.46 18.49 -8.68
CA PHE O 28 29.67 19.28 -8.44
C PHE O 28 30.58 18.59 -7.44
N GLY O 29 30.01 18.04 -6.36
CA GLY O 29 30.79 17.25 -5.43
C GLY O 29 31.30 15.96 -6.05
N ARG O 30 30.51 15.35 -6.94
CA ARG O 30 30.96 14.19 -7.70
C ARG O 30 32.18 14.54 -8.57
N LEU O 31 32.15 15.70 -9.23
CA LEU O 31 33.27 16.13 -10.06
C LEU O 31 34.48 16.50 -9.21
N ARG O 32 34.26 17.04 -8.01
CA ARG O 32 35.36 17.38 -7.12
C ARG O 32 36.05 16.12 -6.60
N GLN O 33 35.28 15.07 -6.34
CA GLN O 33 35.84 13.83 -5.81
C GLN O 33 36.34 12.88 -6.89
N ALA O 34 35.86 13.03 -8.14
CA ALA O 34 36.02 11.97 -9.14
C ALA O 34 37.45 11.83 -9.64
N ASN O 35 38.20 12.93 -9.75
CA ASN O 35 39.58 12.84 -10.20
C ASN O 35 40.45 12.11 -9.19
N ALA O 36 40.26 12.42 -7.90
CA ALA O 36 40.96 11.71 -6.84
C ALA O 36 40.54 10.25 -6.78
N GLY O 37 39.25 9.96 -7.03
CA GLY O 37 38.80 8.58 -7.08
C GLY O 37 39.42 7.79 -8.21
N LEU O 38 39.54 8.41 -9.38
CA LEU O 38 40.16 7.74 -10.53
C LEU O 38 41.65 7.52 -10.32
N GLN O 39 42.34 8.50 -9.73
CA GLN O 39 43.75 8.32 -9.40
C GLN O 39 43.96 7.24 -8.35
N ALA O 40 43.07 7.18 -7.35
CA ALA O 40 43.12 6.12 -6.34
C ALA O 40 42.88 4.76 -6.95
N ALA O 41 41.91 4.67 -7.88
CA ALA O 41 41.63 3.40 -8.55
C ALA O 41 42.80 2.97 -9.42
N LYS O 42 43.47 3.91 -10.07
CA LYS O 42 44.66 3.59 -10.86
C LYS O 42 45.79 3.08 -9.97
N ALA O 43 46.02 3.72 -8.83
CA ALA O 43 47.09 3.29 -7.92
C ALA O 43 46.80 1.92 -7.32
N LEU O 44 45.54 1.67 -6.93
CA LEU O 44 45.18 0.36 -6.40
C LEU O 44 45.22 -0.71 -7.49
N THR O 45 44.88 -0.35 -8.73
CA THR O 45 45.01 -1.29 -9.85
C THR O 45 46.47 -1.65 -10.10
N ASP O 46 47.36 -0.67 -10.00
CA ASP O 46 48.79 -0.93 -10.20
C ASP O 46 49.37 -1.77 -9.08
N ASN O 47 48.92 -1.57 -7.84
CA ASN O 47 49.46 -2.30 -6.70
C ASN O 47 48.56 -3.46 -6.27
N ALA O 48 47.62 -3.87 -7.12
CA ALA O 48 46.59 -4.84 -6.75
C ALA O 48 47.16 -6.20 -6.38
N GLN O 49 48.11 -6.72 -7.17
CA GLN O 49 48.65 -8.06 -6.91
C GLN O 49 49.45 -8.10 -5.60
N SER O 50 50.27 -7.07 -5.37
CA SER O 50 51.03 -6.98 -4.12
C SER O 50 50.10 -6.80 -2.92
N LEU O 51 49.05 -5.97 -3.07
CA LEU O 51 48.10 -5.75 -2.00
C LEU O 51 47.32 -7.02 -1.66
N VAL O 52 46.91 -7.78 -2.68
CA VAL O 52 46.15 -9.00 -2.45
C VAL O 52 47.01 -10.08 -1.82
N ASN O 53 48.26 -10.23 -2.30
CA ASN O 53 49.16 -11.21 -1.70
C ASN O 53 49.51 -10.86 -0.27
N GLY O 54 49.78 -9.58 0.01
CA GLY O 54 50.05 -9.15 1.37
C GLY O 54 48.86 -9.26 2.29
N ALA O 55 47.65 -9.01 1.77
CA ALA O 55 46.45 -9.16 2.58
C ALA O 55 46.18 -10.63 2.90
N ALA O 56 46.41 -11.52 1.92
CA ALA O 56 46.27 -12.95 2.17
C ALA O 56 47.28 -13.43 3.21
N GLN O 57 48.53 -12.95 3.11
CA GLN O 57 49.53 -13.29 4.11
C GLN O 57 49.20 -12.70 5.48
N ALA O 58 48.56 -11.53 5.52
CA ALA O 58 48.17 -10.93 6.79
C ALA O 58 47.04 -11.73 7.45
N VAL O 59 46.11 -12.24 6.64
CA VAL O 59 45.06 -13.12 7.17
C VAL O 59 45.66 -14.42 7.68
N TYR O 60 46.64 -14.98 6.94
CA TYR O 60 47.30 -16.21 7.38
C TYR O 60 48.13 -15.97 8.64
N ASN O 61 48.66 -14.75 8.82
CA ASN O 61 49.42 -14.42 10.02
C ASN O 61 48.50 -14.23 11.23
N LYS O 62 47.40 -13.51 11.06
CA LYS O 62 46.49 -13.31 12.18
C LYS O 62 45.66 -14.54 12.48
N PHE O 63 45.31 -15.31 11.45
CA PHE O 63 44.52 -16.54 11.60
C PHE O 63 45.34 -17.68 11.05
N PRO O 64 46.28 -18.22 11.84
CA PRO O 64 47.12 -19.31 11.34
C PRO O 64 46.37 -20.62 11.18
N TYR O 65 45.24 -20.81 11.88
CA TYR O 65 44.47 -22.05 11.82
C TYR O 65 43.87 -22.29 10.44
N THR O 66 43.77 -21.26 9.60
CA THR O 66 43.29 -21.45 8.24
C THR O 66 44.32 -22.17 7.38
N THR O 67 45.58 -22.24 7.81
CA THR O 67 46.64 -22.77 6.98
C THR O 67 47.06 -24.20 7.32
N GLN O 68 46.64 -24.76 8.44
CA GLN O 68 46.94 -26.17 8.70
C GLN O 68 45.71 -27.03 8.96
N THR O 69 44.59 -26.45 9.39
CA THR O 69 43.39 -27.25 9.60
C THR O 69 42.76 -27.60 8.26
N GLN O 70 42.53 -28.89 8.04
CA GLN O 70 41.93 -29.36 6.79
C GLN O 70 40.46 -28.99 6.76
N GLY O 71 39.97 -28.71 5.56
CA GLY O 71 38.59 -28.33 5.36
C GLY O 71 38.40 -27.60 4.06
N ASN O 72 37.15 -27.62 3.58
CA ASN O 72 36.84 -26.95 2.33
C ASN O 72 36.93 -25.44 2.46
N ASN O 73 36.53 -24.90 3.60
CA ASN O 73 36.53 -23.45 3.80
C ASN O 73 37.88 -22.90 4.23
N PHE O 74 38.88 -23.74 4.46
CA PHE O 74 40.18 -23.30 4.92
C PHE O 74 41.18 -23.30 3.77
N ALA O 75 42.29 -22.59 3.99
CA ALA O 75 43.35 -22.43 3.01
C ALA O 75 44.56 -23.29 3.34
N ALA O 76 44.33 -24.50 3.87
CA ALA O 76 45.44 -25.37 4.23
C ALA O 76 46.12 -25.96 3.00
N ASP O 77 45.39 -26.11 1.90
CA ASP O 77 45.93 -26.57 0.64
C ASP O 77 46.06 -25.41 -0.34
N GLN O 78 46.48 -25.72 -1.56
CA GLN O 78 46.66 -24.68 -2.57
C GLN O 78 45.32 -24.18 -3.10
N ARG O 79 44.30 -25.04 -3.09
CA ARG O 79 42.98 -24.65 -3.57
C ARG O 79 42.34 -23.59 -2.67
N GLY O 80 42.45 -23.76 -1.35
CA GLY O 80 41.92 -22.75 -0.44
C GLY O 80 42.68 -21.45 -0.50
N LYS O 81 44.01 -21.51 -0.70
CA LYS O 81 44.80 -20.31 -0.86
C LYS O 81 44.45 -19.57 -2.14
N ASP O 82 44.19 -20.31 -3.22
CA ASP O 82 43.75 -19.69 -4.47
C ASP O 82 42.38 -19.05 -4.31
N LYS O 83 41.47 -19.71 -3.58
CA LYS O 83 40.15 -19.13 -3.32
C LYS O 83 40.26 -17.88 -2.46
N CYS O 84 41.16 -17.87 -1.47
CA CYS O 84 41.33 -16.70 -0.62
C CYS O 84 41.94 -15.53 -1.38
N ALA O 85 42.94 -15.80 -2.23
CA ALA O 85 43.53 -14.75 -3.07
C ALA O 85 42.51 -14.21 -4.06
N ARG O 86 41.67 -15.09 -4.62
CA ARG O 86 40.60 -14.66 -5.52
C ARG O 86 39.56 -13.81 -4.79
N ASP O 87 39.23 -14.16 -3.55
CA ASP O 87 38.29 -13.38 -2.75
C ASP O 87 38.83 -11.98 -2.44
N ILE O 88 40.11 -11.90 -2.05
CA ILE O 88 40.70 -10.61 -1.75
C ILE O 88 40.87 -9.78 -3.02
N GLY O 89 41.13 -10.43 -4.16
CA GLY O 89 41.13 -9.74 -5.44
C GLY O 89 39.76 -9.20 -5.82
N TYR O 90 38.71 -9.97 -5.50
CA TYR O 90 37.34 -9.51 -5.71
C TYR O 90 37.04 -8.28 -4.86
N TYR O 91 37.45 -8.31 -3.60
CA TYR O 91 37.24 -7.19 -2.69
C TYR O 91 37.96 -5.93 -3.17
N LEU O 92 39.24 -6.08 -3.57
CA LEU O 92 40.02 -4.94 -4.02
C LEU O 92 39.53 -4.40 -5.36
N ARG O 93 39.10 -5.28 -6.26
CA ARG O 93 38.56 -4.85 -7.54
C ARG O 93 37.26 -4.09 -7.37
N ILE O 94 36.40 -4.53 -6.44
CA ILE O 94 35.18 -3.80 -6.18
C ILE O 94 35.45 -2.48 -5.47
N VAL O 95 36.51 -2.40 -4.65
CA VAL O 95 36.90 -1.13 -4.06
C VAL O 95 37.37 -0.15 -5.14
N THR O 96 38.11 -0.64 -6.14
CA THR O 96 38.47 0.21 -7.28
C THR O 96 37.24 0.61 -8.09
N TYR O 97 36.26 -0.29 -8.20
CA TYR O 97 34.99 0.04 -8.87
C TYR O 97 34.24 1.14 -8.13
N CYS O 98 34.27 1.10 -6.79
CA CYS O 98 33.63 2.13 -5.99
C CYS O 98 34.36 3.45 -6.10
N LEU O 99 35.68 3.41 -6.22
CA LEU O 99 36.45 4.63 -6.44
C LEU O 99 36.15 5.24 -7.81
N VAL O 100 35.99 4.40 -8.82
CA VAL O 100 35.63 4.89 -10.15
C VAL O 100 34.21 5.45 -10.14
N ALA O 101 33.27 4.73 -9.52
CA ALA O 101 31.88 5.15 -9.50
C ALA O 101 31.66 6.37 -8.62
N GLY O 102 32.25 6.38 -7.43
CA GLY O 102 32.03 7.45 -6.49
C GLY O 102 31.02 7.16 -5.42
N GLY O 103 30.59 5.91 -5.26
CA GLY O 103 29.69 5.50 -4.21
C GLY O 103 29.91 4.05 -3.90
N THR O 104 29.22 3.57 -2.87
CA THR O 104 29.32 2.18 -2.44
C THR O 104 28.42 1.25 -3.23
N GLY O 105 27.85 1.72 -4.33
CA GLY O 105 26.99 0.94 -5.19
C GLY O 105 27.57 -0.33 -5.77
N PRO O 106 28.81 -0.28 -6.32
CA PRO O 106 29.48 -1.54 -6.68
C PRO O 106 29.66 -2.51 -5.52
N LEU O 107 29.95 -2.00 -4.32
CA LEU O 107 29.99 -2.86 -3.15
C LEU O 107 28.63 -3.43 -2.82
N ASP O 108 27.58 -2.60 -2.94
CA ASP O 108 26.23 -3.03 -2.58
C ASP O 108 25.71 -4.11 -3.54
N GLU O 109 25.83 -3.89 -4.84
CA GLU O 109 25.29 -4.85 -5.78
C GLU O 109 26.26 -5.96 -6.17
N TYR O 110 27.53 -5.88 -5.77
CA TYR O 110 28.47 -6.94 -6.08
C TYR O 110 28.98 -7.69 -4.86
N LEU O 111 29.18 -7.01 -3.74
CA LEU O 111 29.82 -7.66 -2.60
C LEU O 111 28.96 -7.68 -1.35
N ILE O 112 28.35 -6.56 -0.98
CA ILE O 112 27.74 -6.44 0.35
C ILE O 112 26.46 -7.28 0.44
N ALA O 113 25.61 -7.22 -0.58
CA ALA O 113 24.35 -7.96 -0.56
C ALA O 113 24.61 -9.44 -0.76
N GLY O 114 24.12 -10.26 0.16
CA GLY O 114 24.25 -11.69 0.06
C GLY O 114 25.46 -12.29 0.78
N ILE O 115 26.42 -11.47 1.20
CA ILE O 115 27.67 -11.98 1.76
C ILE O 115 27.47 -12.61 3.14
N ASP O 116 26.39 -12.26 3.85
CA ASP O 116 26.09 -12.95 5.10
C ASP O 116 25.69 -14.40 4.83
N GLU O 117 24.89 -14.62 3.79
CA GLU O 117 24.54 -15.98 3.38
C GLU O 117 25.75 -16.72 2.81
N ILE O 118 26.67 -16.00 2.18
CA ILE O 118 27.91 -16.62 1.71
C ILE O 118 28.77 -17.09 2.88
N ASN O 119 28.96 -16.22 3.88
CA ASN O 119 29.83 -16.55 4.99
C ASN O 119 29.22 -17.61 5.88
N ARG O 120 27.89 -17.60 6.03
CA ARG O 120 27.24 -18.63 6.84
C ARG O 120 27.13 -19.96 6.09
N THR O 121 26.84 -19.91 4.79
CA THR O 121 26.55 -21.14 4.04
C THR O 121 27.83 -21.95 3.78
N PHE O 122 28.89 -21.27 3.37
CA PHE O 122 30.16 -21.94 3.08
C PHE O 122 31.10 -21.94 4.27
N ASP O 123 30.61 -21.47 5.43
CA ASP O 123 31.31 -21.51 6.72
C ASP O 123 32.62 -20.71 6.65
N LEU O 124 32.49 -19.45 6.31
CA LEU O 124 33.62 -18.54 6.19
C LEU O 124 33.51 -17.47 7.26
N SER O 125 34.59 -17.20 7.96
CA SER O 125 34.56 -16.15 8.96
C SER O 125 34.69 -14.79 8.28
N PRO O 126 33.77 -13.85 8.54
CA PRO O 126 33.94 -12.50 8.01
C PRO O 126 35.13 -11.75 8.58
N SER O 127 35.66 -12.18 9.73
CA SER O 127 36.82 -11.53 10.33
C SER O 127 38.08 -11.71 9.49
N TRP O 128 38.17 -12.79 8.72
CA TRP O 128 39.27 -12.97 7.79
C TRP O 128 39.30 -11.86 6.74
N TYR O 129 38.15 -11.62 6.11
CA TYR O 129 38.08 -10.56 5.10
C TYR O 129 38.15 -9.19 5.74
N VAL O 130 37.73 -9.06 7.00
CA VAL O 130 37.93 -7.82 7.74
C VAL O 130 39.41 -7.52 7.91
N GLU O 131 40.20 -8.54 8.28
CA GLU O 131 41.65 -8.36 8.44
C GLU O 131 42.32 -8.08 7.10
N ALA O 132 41.85 -8.70 6.02
CA ALA O 132 42.36 -8.39 4.69
C ALA O 132 42.06 -6.94 4.30
N LEU O 133 40.87 -6.44 4.62
CA LEU O 133 40.54 -5.05 4.33
C LEU O 133 41.32 -4.09 5.21
N LYS O 134 41.65 -4.46 6.45
CA LYS O 134 42.52 -3.60 7.25
C LYS O 134 43.96 -3.61 6.73
N TYR O 135 44.42 -4.72 6.14
CA TYR O 135 45.72 -4.68 5.47
C TYR O 135 45.69 -3.74 4.27
N ILE O 136 44.59 -3.76 3.51
CA ILE O 136 44.47 -2.81 2.40
C ILE O 136 44.37 -1.38 2.92
N LYS O 137 43.73 -1.18 4.08
CA LYS O 137 43.68 0.14 4.72
C LYS O 137 45.06 0.60 5.18
N ALA O 138 45.91 -0.34 5.58
CA ALA O 138 47.20 0.05 6.16
C ALA O 138 48.31 0.19 5.12
N ASN O 139 48.14 -0.38 3.93
CA ASN O 139 49.26 -0.46 2.99
C ASN O 139 48.88 -0.11 1.56
N HIS O 140 47.83 0.68 1.34
CA HIS O 140 47.50 1.10 -0.01
C HIS O 140 48.35 2.28 -0.49
N GLY O 141 48.91 3.06 0.43
CA GLY O 141 49.88 4.08 0.08
C GLY O 141 49.32 5.38 -0.43
N LEU O 142 48.01 5.55 -0.46
CA LEU O 142 47.44 6.79 -0.96
C LEU O 142 47.54 7.90 0.09
N SER O 143 47.33 9.14 -0.37
CA SER O 143 47.39 10.30 0.50
C SER O 143 46.27 11.26 0.13
N GLY O 144 45.68 11.88 1.15
CA GLY O 144 44.71 12.95 0.94
C GLY O 144 43.31 12.49 0.61
N ASP O 145 42.71 13.09 -0.43
CA ASP O 145 41.33 12.78 -0.79
C ASP O 145 41.21 11.39 -1.38
N ALA O 146 42.25 10.93 -2.08
CA ALA O 146 42.28 9.56 -2.59
C ALA O 146 42.35 8.56 -1.44
N ARG O 147 43.08 8.89 -0.39
CA ARG O 147 43.18 8.00 0.77
C ARG O 147 41.90 7.99 1.58
N ASP O 148 41.26 9.15 1.72
CA ASP O 148 40.03 9.23 2.51
C ASP O 148 38.85 8.59 1.80
N GLU O 149 38.80 8.70 0.48
CA GLU O 149 37.71 8.09 -0.27
C GLU O 149 37.86 6.57 -0.33
N ALA O 150 39.07 6.08 -0.56
CA ALA O 150 39.30 4.64 -0.69
C ALA O 150 39.10 3.94 0.64
N ASN O 151 39.51 4.56 1.75
CA ASN O 151 39.30 3.96 3.06
C ASN O 151 37.83 3.92 3.43
N SER O 152 37.04 4.89 2.95
CA SER O 152 35.60 4.91 3.23
C SER O 152 34.89 3.70 2.64
N TYR O 153 35.35 3.22 1.48
CA TYR O 153 34.84 1.96 0.96
C TYR O 153 35.38 0.77 1.74
N LEU O 154 36.61 0.87 2.25
CA LEU O 154 37.21 -0.24 2.97
C LEU O 154 36.56 -0.45 4.33
N ASP O 155 36.30 0.63 5.08
CA ASP O 155 35.53 0.47 6.30
C ASP O 155 34.04 0.24 6.04
N TYR O 156 33.53 0.57 4.86
CA TYR O 156 32.15 0.23 4.55
C TYR O 156 31.98 -1.28 4.42
N ALA O 157 32.95 -1.94 3.78
CA ALA O 157 32.93 -3.39 3.72
C ALA O 157 33.32 -4.01 5.05
N ILE O 158 34.13 -3.32 5.85
CA ILE O 158 34.46 -3.79 7.19
C ILE O 158 33.23 -3.72 8.10
N ASN O 159 32.47 -2.63 8.02
CA ASN O 159 31.29 -2.47 8.86
C ASN O 159 30.17 -3.42 8.45
N ALA O 160 30.10 -3.79 7.17
CA ALA O 160 29.09 -4.74 6.74
C ALA O 160 29.43 -6.16 7.15
N LEU O 161 30.72 -6.50 7.14
CA LEU O 161 31.15 -7.83 7.55
C LEU O 161 31.16 -7.98 9.07
N SER O 162 31.35 -6.89 9.81
CA SER O 162 31.40 -6.96 11.26
C SER O 162 30.15 -6.37 11.89
N MET P 1 20.42 0.96 -12.42
CA MET P 1 20.44 2.14 -13.28
C MET P 1 21.86 2.69 -13.31
N PHE P 2 22.33 3.03 -14.50
CA PHE P 2 23.74 3.35 -14.71
C PHE P 2 23.92 4.80 -15.12
N ASP P 3 24.99 5.41 -14.62
CA ASP P 3 25.53 6.66 -15.16
C ASP P 3 26.77 6.34 -16.00
N VAL P 4 27.51 7.38 -16.36
CA VAL P 4 28.69 7.22 -17.20
C VAL P 4 29.81 6.48 -16.46
N PHE P 5 29.82 6.51 -15.12
CA PHE P 5 30.86 5.81 -14.38
C PHE P 5 30.46 4.36 -14.12
N THR P 6 29.24 4.14 -13.62
CA THR P 6 28.80 2.80 -13.28
C THR P 6 28.52 1.93 -14.49
N ARG P 7 28.31 2.52 -15.67
CA ARG P 7 28.25 1.71 -16.88
C ARG P 7 29.58 1.05 -17.18
N VAL P 8 30.67 1.81 -17.08
CA VAL P 8 32.01 1.26 -17.25
C VAL P 8 32.34 0.29 -16.12
N VAL P 9 31.87 0.59 -14.91
CA VAL P 9 32.08 -0.31 -13.77
C VAL P 9 31.38 -1.65 -14.00
N SER P 10 30.14 -1.61 -14.48
CA SER P 10 29.39 -2.83 -14.75
C SER P 10 29.99 -3.61 -15.91
N GLN P 11 30.48 -2.91 -16.93
CA GLN P 11 31.15 -3.59 -18.05
C GLN P 11 32.46 -4.24 -17.63
N ALA P 12 33.20 -3.60 -16.70
CA ALA P 12 34.42 -4.20 -16.20
C ALA P 12 34.11 -5.38 -15.28
N ASP P 13 33.03 -5.29 -14.51
CA ASP P 13 32.66 -6.36 -13.59
C ASP P 13 32.09 -7.57 -14.33
N ALA P 14 31.39 -7.35 -15.45
CA ALA P 14 30.83 -8.43 -16.24
C ALA P 14 31.90 -9.28 -16.90
N ARG P 15 33.11 -8.74 -17.09
CA ARG P 15 34.26 -9.54 -17.47
C ARG P 15 35.23 -9.74 -16.33
N GLY P 16 34.93 -9.19 -15.15
CA GLY P 16 35.71 -9.40 -13.94
C GLY P 16 37.12 -8.85 -13.98
N GLU P 17 37.30 -7.68 -14.57
CA GLU P 17 38.61 -7.13 -14.84
C GLU P 17 38.69 -5.73 -14.24
N TYR P 18 39.89 -5.36 -13.80
CA TYR P 18 40.15 -3.98 -13.40
C TYR P 18 40.04 -3.05 -14.61
N LEU P 19 39.70 -1.79 -14.35
CA LEU P 19 39.68 -0.80 -15.42
C LEU P 19 41.08 -0.49 -15.90
N SER P 20 41.26 -0.48 -17.22
CA SER P 20 42.55 -0.16 -17.79
C SER P 20 42.80 1.34 -17.72
N GLY P 21 44.03 1.73 -18.08
CA GLY P 21 44.39 3.14 -18.07
C GLY P 21 43.62 3.97 -19.08
N SER P 22 43.29 3.38 -20.23
CA SER P 22 42.51 4.09 -21.25
C SER P 22 41.11 4.42 -20.76
N GLN P 23 40.48 3.48 -20.05
CA GLN P 23 39.14 3.72 -19.49
C GLN P 23 39.18 4.79 -18.42
N LEU P 24 40.23 4.79 -17.59
CA LEU P 24 40.36 5.81 -16.54
C LEU P 24 40.62 7.19 -17.15
N ASP P 25 41.42 7.26 -18.21
CA ASP P 25 41.62 8.55 -18.88
C ASP P 25 40.37 9.03 -19.61
N ALA P 26 39.59 8.10 -20.18
CA ALA P 26 38.32 8.48 -20.80
C ALA P 26 37.33 8.99 -19.76
N LEU P 27 37.30 8.37 -18.58
CA LEU P 27 36.43 8.86 -17.53
C LEU P 27 36.93 10.18 -16.95
N SER P 28 38.24 10.40 -16.93
CA SER P 28 38.79 11.70 -16.55
C SER P 28 38.40 12.79 -17.55
N ALA P 29 38.38 12.44 -18.85
CA ALA P 29 37.90 13.37 -19.86
C ALA P 29 36.41 13.66 -19.69
N THR P 30 35.64 12.65 -19.27
CA THR P 30 34.23 12.88 -18.97
C THR P 30 34.06 13.79 -17.75
N VAL P 31 34.93 13.64 -16.75
CA VAL P 31 34.93 14.53 -15.59
C VAL P 31 35.25 15.97 -16.00
N ALA P 32 36.21 16.13 -16.92
CA ALA P 32 36.49 17.46 -17.48
C ALA P 32 35.31 18.00 -18.29
N GLU P 33 34.55 17.12 -18.93
CA GLU P 33 33.32 17.51 -19.62
C GLU P 33 32.18 17.83 -18.65
N GLY P 34 32.33 17.44 -17.38
CA GLY P 34 31.24 17.49 -16.42
C GLY P 34 30.67 18.88 -16.13
N ASN P 35 31.52 19.92 -16.13
CA ASN P 35 31.02 21.27 -15.90
C ASN P 35 30.12 21.74 -17.03
N LYS P 36 30.50 21.43 -18.27
CA LYS P 36 29.66 21.72 -19.43
C LYS P 36 28.39 20.89 -19.41
N ARG P 37 28.48 19.65 -18.91
CA ARG P 37 27.31 18.80 -18.73
C ARG P 37 26.33 19.41 -17.74
N ILE P 38 26.85 19.94 -16.63
CA ILE P 38 26.02 20.58 -15.60
C ILE P 38 25.39 21.86 -16.15
N ASP P 39 26.14 22.61 -16.96
CA ASP P 39 25.59 23.78 -17.65
C ASP P 39 24.44 23.43 -18.59
N SER P 40 24.60 22.36 -19.37
CA SER P 40 23.54 21.94 -20.29
C SER P 40 22.29 21.49 -19.54
N VAL P 41 22.49 20.72 -18.46
CA VAL P 41 21.37 20.29 -17.61
C VAL P 41 20.66 21.49 -16.99
N ASN P 42 21.45 22.46 -16.49
CA ASN P 42 20.89 23.65 -15.87
C ASN P 42 20.11 24.51 -16.87
N ARG P 43 20.61 24.63 -18.10
CA ARG P 43 19.91 25.43 -19.09
C ARG P 43 18.61 24.78 -19.55
N ILE P 44 18.63 23.45 -19.75
CA ILE P 44 17.40 22.74 -20.10
C ILE P 44 16.38 22.82 -18.97
N THR P 45 16.83 22.66 -17.72
CA THR P 45 15.94 22.75 -16.56
C THR P 45 15.36 24.16 -16.42
N GLY P 46 16.20 25.19 -16.59
CA GLY P 46 15.74 26.56 -16.46
C GLY P 46 14.83 27.01 -17.58
N ASN P 47 14.91 26.37 -18.75
CA ASN P 47 14.03 26.74 -19.86
C ASN P 47 13.04 25.63 -20.19
N ALA P 48 12.79 24.70 -19.27
CA ALA P 48 11.95 23.53 -19.53
C ALA P 48 10.52 23.89 -19.89
N SER P 49 9.89 24.80 -19.14
CA SER P 49 8.50 25.14 -19.41
C SER P 49 8.34 25.89 -20.72
N ALA P 50 9.27 26.80 -21.01
CA ALA P 50 9.26 27.51 -22.29
C ALA P 50 9.50 26.56 -23.46
N ILE P 51 10.41 25.59 -23.28
CA ILE P 51 10.70 24.61 -24.33
C ILE P 51 9.48 23.74 -24.60
N VAL P 52 8.82 23.27 -23.53
CA VAL P 52 7.65 22.40 -23.68
C VAL P 52 6.49 23.16 -24.31
N SER P 53 6.22 24.38 -23.85
CA SER P 53 5.11 25.17 -24.39
C SER P 53 5.36 25.58 -25.84
N ASN P 54 6.57 26.03 -26.17
CA ASN P 54 6.87 26.44 -27.53
C ASN P 54 6.90 25.27 -28.49
N ALA P 55 7.45 24.13 -28.05
CA ALA P 55 7.49 22.96 -28.92
C ALA P 55 6.12 22.34 -29.11
N ALA P 56 5.29 22.38 -28.07
CA ALA P 56 3.90 21.94 -28.21
C ALA P 56 3.13 22.84 -29.16
N ARG P 57 3.30 24.16 -29.03
CA ARG P 57 2.65 25.11 -29.93
C ARG P 57 3.09 24.93 -31.37
N ALA P 58 4.40 24.69 -31.58
CA ALA P 58 4.90 24.41 -32.92
C ALA P 58 4.35 23.09 -33.47
N LEU P 59 4.22 22.07 -32.61
CA LEU P 59 3.69 20.79 -33.04
C LEU P 59 2.22 20.91 -33.45
N PHE P 60 1.44 21.67 -32.69
CA PHE P 60 0.04 21.83 -33.03
C PHE P 60 -0.17 22.83 -34.17
N ALA P 61 0.82 23.68 -34.44
CA ALA P 61 0.79 24.49 -35.65
C ALA P 61 1.05 23.64 -36.89
N GLU P 62 2.10 22.80 -36.85
CA GLU P 62 2.41 21.95 -37.99
C GLU P 62 1.44 20.77 -38.13
N GLN P 63 0.91 20.28 -37.01
CA GLN P 63 -0.04 19.17 -37.02
C GLN P 63 -1.30 19.60 -36.28
N PRO P 64 -2.19 20.34 -36.94
CA PRO P 64 -3.43 20.78 -36.29
C PRO P 64 -4.53 19.72 -36.27
N GLN P 65 -4.24 18.48 -36.67
CA GLN P 65 -5.20 17.40 -36.46
C GLN P 65 -5.37 17.09 -34.98
N LEU P 66 -4.31 17.27 -34.20
CA LEU P 66 -4.34 16.89 -32.79
C LEU P 66 -5.28 17.77 -31.98
N ILE P 67 -5.32 19.07 -32.30
CA ILE P 67 -6.14 20.01 -31.48
C ILE P 67 -7.60 20.00 -31.96
N GLN P 68 -7.87 19.65 -33.21
CA GLN P 68 -9.26 19.74 -33.72
C GLN P 68 -10.15 18.71 -32.99
N PRO P 69 -11.45 18.99 -32.78
CA PRO P 69 -12.33 18.08 -32.06
C PRO P 69 -12.22 16.64 -32.53
N GLY P 70 -12.04 15.71 -31.58
CA GLY P 70 -11.87 14.29 -31.94
C GLY P 70 -10.40 13.97 -32.11
N GLY P 71 -9.56 15.00 -32.16
CA GLY P 71 -8.10 14.80 -32.26
C GLY P 71 -7.55 14.26 -30.95
N ASN P 72 -6.32 13.76 -30.96
CA ASN P 72 -5.78 13.11 -29.73
C ASN P 72 -5.18 14.19 -28.81
N ALA P 73 -5.29 15.47 -29.13
CA ALA P 73 -4.81 16.49 -28.15
C ALA P 73 -5.96 17.42 -27.81
N TYR P 74 -7.18 17.04 -28.21
CA TYR P 74 -8.38 17.87 -27.95
C TYR P 74 -8.84 17.65 -26.52
N THR P 75 -9.57 18.60 -25.92
CA THR P 75 -10.07 18.54 -24.53
C THR P 75 -8.98 18.72 -23.48
N SER P 76 -9.40 19.11 -22.27
CA SER P 76 -8.45 19.61 -21.27
C SER P 76 -7.62 18.50 -20.63
N ARG P 77 -8.23 17.38 -20.26
CA ARG P 77 -7.45 16.32 -19.62
C ARG P 77 -6.52 15.64 -20.61
N ARG P 78 -6.93 15.52 -21.86
CA ARG P 78 -6.11 14.85 -22.86
C ARG P 78 -4.94 15.74 -23.27
N MET P 79 -5.17 17.05 -23.42
CA MET P 79 -4.08 17.97 -23.72
C MET P 79 -3.17 18.17 -22.52
N ALA P 80 -3.72 18.12 -21.30
CA ALA P 80 -2.91 18.18 -20.09
C ALA P 80 -1.98 16.96 -20.01
N ALA P 81 -2.49 15.78 -20.37
CA ALA P 81 -1.65 14.60 -20.47
C ALA P 81 -0.61 14.72 -21.58
N CYS P 82 -0.97 15.41 -22.68
CA CYS P 82 -0.02 15.64 -23.76
C CYS P 82 1.15 16.53 -23.33
N LEU P 83 0.84 17.67 -22.70
CA LEU P 83 1.87 18.56 -22.20
C LEU P 83 2.68 17.91 -21.09
N ARG P 84 2.02 17.10 -20.26
CA ARG P 84 2.72 16.33 -19.23
C ARG P 84 3.67 15.33 -19.85
N ASP P 85 3.27 14.67 -20.94
CA ASP P 85 4.14 13.74 -21.65
C ASP P 85 5.36 14.44 -22.21
N MET P 86 5.18 15.62 -22.80
CA MET P 86 6.30 16.41 -23.29
C MET P 86 7.25 16.80 -22.18
N GLU P 87 6.70 17.24 -21.03
CA GLU P 87 7.53 17.63 -19.89
C GLU P 87 8.28 16.44 -19.30
N ILE P 88 7.64 15.28 -19.22
CA ILE P 88 8.28 14.06 -18.72
C ILE P 88 9.40 13.60 -19.65
N ILE P 89 9.17 13.65 -20.97
CA ILE P 89 10.20 13.24 -21.93
C ILE P 89 11.41 14.16 -21.86
N LEU P 90 11.15 15.48 -21.76
CA LEU P 90 12.24 16.45 -21.56
C LEU P 90 12.97 16.23 -20.24
N ARG P 91 12.22 15.88 -19.19
CA ARG P 91 12.80 15.63 -17.87
C ARG P 91 13.70 14.41 -17.88
N TYR P 92 13.30 13.34 -18.54
CA TYR P 92 14.15 12.15 -18.60
C TYR P 92 15.33 12.33 -19.54
N VAL P 93 15.19 13.14 -20.58
CA VAL P 93 16.34 13.51 -21.40
C VAL P 93 17.35 14.31 -20.56
N THR P 94 16.86 15.20 -19.71
CA THR P 94 17.73 15.93 -18.79
C THR P 94 18.39 14.99 -17.77
N TYR P 95 17.65 13.98 -17.31
CA TYR P 95 18.21 12.98 -16.40
C TYR P 95 19.33 12.19 -17.08
N ALA P 96 19.12 11.79 -18.33
CA ALA P 96 20.13 11.05 -19.07
C ALA P 96 21.36 11.90 -19.37
N THR P 97 21.16 13.20 -19.64
CA THR P 97 22.28 14.11 -19.79
C THR P 97 23.05 14.24 -18.49
N PHE P 98 22.34 14.31 -17.36
CA PHE P 98 22.97 14.43 -16.05
C PHE P 98 23.80 13.19 -15.71
N THR P 99 23.26 12.00 -15.95
CA THR P 99 24.01 10.79 -15.68
C THR P 99 25.15 10.57 -16.66
N GLY P 100 24.96 10.95 -17.91
CA GLY P 100 25.91 10.59 -18.95
C GLY P 100 25.67 9.23 -19.55
N ASP P 101 24.64 8.52 -19.10
CA ASP P 101 24.23 7.24 -19.67
C ASP P 101 22.72 7.27 -19.84
N ALA P 102 22.24 6.60 -20.89
CA ALA P 102 20.83 6.66 -21.25
C ALA P 102 20.00 5.58 -20.55
N SER P 103 20.54 4.95 -19.51
CA SER P 103 19.84 3.85 -18.84
C SER P 103 18.55 4.33 -18.16
N VAL P 104 18.60 5.52 -17.54
CA VAL P 104 17.41 6.09 -16.93
C VAL P 104 16.37 6.45 -17.99
N LEU P 105 16.82 6.97 -19.14
CA LEU P 105 15.90 7.36 -20.19
C LEU P 105 15.33 6.14 -20.91
N GLU P 106 16.17 5.13 -21.16
CA GLU P 106 15.73 3.91 -21.81
C GLU P 106 14.76 3.12 -20.92
N ASP P 107 15.15 2.89 -19.67
CA ASP P 107 14.37 1.98 -18.84
C ASP P 107 13.16 2.67 -18.21
N ARG P 108 13.33 3.88 -17.69
CA ARG P 108 12.25 4.49 -16.92
C ARG P 108 11.28 5.29 -17.76
N CYS P 109 11.62 5.62 -19.00
CA CYS P 109 10.77 6.49 -19.82
C CYS P 109 10.43 5.92 -21.19
N LEU P 110 11.32 5.16 -21.81
CA LEU P 110 11.12 4.77 -23.21
C LEU P 110 10.81 3.30 -23.40
N ASN P 111 11.08 2.45 -22.43
CA ASN P 111 10.80 1.03 -22.57
C ASN P 111 9.29 0.82 -22.47
N GLY P 112 8.67 0.47 -23.58
CA GLY P 112 7.24 0.27 -23.61
C GLY P 112 6.41 1.52 -23.80
N LEU P 113 7.04 2.66 -24.09
CA LEU P 113 6.27 3.85 -24.40
C LEU P 113 5.57 3.74 -25.75
N ARG P 114 6.20 3.07 -26.70
CA ARG P 114 5.58 2.85 -28.01
C ARG P 114 4.33 1.98 -27.89
N GLU P 115 4.42 0.89 -27.11
CA GLU P 115 3.28 0.01 -26.92
C GLU P 115 2.17 0.70 -26.13
N THR P 116 2.56 1.57 -25.20
CA THR P 116 1.62 2.40 -24.46
C THR P 116 0.86 3.34 -25.41
N TYR P 117 1.58 3.97 -26.34
CA TYR P 117 0.94 4.91 -27.26
C TYR P 117 0.07 4.22 -28.30
N VAL P 118 0.46 3.02 -28.77
CA VAL P 118 -0.43 2.27 -29.65
C VAL P 118 -1.66 1.77 -28.88
N ALA P 119 -1.50 1.43 -27.60
CA ALA P 119 -2.66 1.01 -26.81
C ALA P 119 -3.63 2.16 -26.58
N LEU P 120 -3.12 3.36 -26.34
CA LEU P 120 -3.98 4.50 -26.03
C LEU P 120 -4.57 5.15 -27.27
N GLY P 121 -4.09 4.83 -28.47
CA GLY P 121 -4.46 5.60 -29.64
C GLY P 121 -3.64 6.85 -29.85
N VAL P 122 -2.57 7.03 -29.08
CA VAL P 122 -1.71 8.21 -29.22
C VAL P 122 -0.90 8.09 -30.50
N PRO P 123 -0.92 9.08 -31.39
CA PRO P 123 -0.08 9.04 -32.59
C PRO P 123 1.40 9.23 -32.26
N GLY P 124 2.19 8.16 -32.39
CA GLY P 124 3.58 8.21 -31.99
C GLY P 124 4.46 9.04 -32.90
N ALA P 125 4.07 9.21 -34.17
CA ALA P 125 4.84 10.06 -35.07
C ALA P 125 4.74 11.52 -34.65
N SER P 126 3.57 11.95 -34.17
CA SER P 126 3.42 13.32 -33.69
C SER P 126 4.17 13.55 -32.38
N VAL P 127 4.23 12.53 -31.52
CA VAL P 127 5.06 12.62 -30.31
C VAL P 127 6.53 12.73 -30.68
N ALA P 128 6.95 11.96 -31.70
CA ALA P 128 8.34 12.04 -32.18
C ALA P 128 8.64 13.40 -32.77
N ALA P 129 7.68 14.00 -33.48
CA ALA P 129 7.85 15.36 -33.99
C ALA P 129 7.96 16.38 -32.87
N GLY P 130 7.17 16.20 -31.80
CA GLY P 130 7.31 17.05 -30.63
C GLY P 130 8.65 16.88 -29.93
N VAL P 131 9.19 15.65 -29.92
CA VAL P 131 10.50 15.42 -29.34
C VAL P 131 11.59 16.07 -30.20
N GLN P 132 11.44 16.04 -31.53
CA GLN P 132 12.34 16.78 -32.41
C GLN P 132 12.28 18.28 -32.17
N LYS P 133 11.07 18.82 -31.93
CA LYS P 133 10.95 20.25 -31.66
C LYS P 133 11.56 20.63 -30.31
N MET P 134 11.36 19.80 -29.29
CA MET P 134 12.06 20.01 -28.02
C MET P 134 13.57 19.84 -28.17
N LYS P 135 14.01 18.96 -29.06
CA LYS P 135 15.44 18.81 -29.35
C LYS P 135 16.02 20.10 -29.91
N GLU P 136 15.35 20.68 -30.91
CA GLU P 136 15.86 21.90 -31.51
C GLU P 136 15.82 23.08 -30.53
N ALA P 137 14.75 23.16 -29.73
CA ALA P 137 14.67 24.20 -28.72
C ALA P 137 15.76 24.05 -27.65
N ALA P 138 15.95 22.83 -27.15
CA ALA P 138 16.92 22.60 -26.08
C ALA P 138 18.35 22.75 -26.59
N LEU P 139 18.62 22.37 -27.84
CA LEU P 139 19.97 22.52 -28.37
C LEU P 139 20.28 23.96 -28.74
N ASP P 140 19.29 24.74 -29.17
CA ASP P 140 19.55 26.16 -29.37
C ASP P 140 19.62 26.93 -28.06
N ILE P 141 19.06 26.40 -26.99
CA ILE P 141 19.15 27.06 -25.68
C ILE P 141 20.43 26.68 -24.94
N VAL P 142 20.87 25.42 -25.04
CA VAL P 142 22.14 25.02 -24.44
C VAL P 142 23.31 25.69 -25.14
N ASN P 143 23.32 25.69 -26.47
CA ASN P 143 24.45 26.21 -27.22
C ASN P 143 24.33 27.74 -27.44
N ASP P 144 23.60 28.43 -26.58
CA ASP P 144 23.56 29.88 -26.60
C ASP P 144 24.83 30.43 -25.98
N PRO P 145 25.63 31.22 -26.70
CA PRO P 145 26.93 31.66 -26.16
C PRO P 145 26.84 32.74 -25.10
N ASN P 146 25.66 33.30 -24.84
CA ASN P 146 25.53 34.45 -23.95
C ASN P 146 25.41 34.00 -22.48
N GLY P 147 26.09 34.72 -21.61
CA GLY P 147 25.96 34.49 -20.17
C GLY P 147 26.65 33.26 -19.65
N ILE P 148 27.72 32.81 -20.32
CA ILE P 148 28.43 31.59 -19.91
C ILE P 148 29.86 31.69 -20.40
N THR P 149 30.75 30.90 -19.81
CA THR P 149 32.16 30.88 -20.20
C THR P 149 32.33 30.21 -21.55
N ARG P 150 33.21 30.78 -22.38
CA ARG P 150 33.45 30.26 -23.72
C ARG P 150 34.13 28.91 -23.68
N GLY P 151 33.74 28.03 -24.60
CA GLY P 151 34.40 26.74 -24.77
C GLY P 151 33.66 25.81 -25.69
N ASP P 152 34.34 24.78 -26.19
CA ASP P 152 33.76 23.86 -27.15
C ASP P 152 32.80 22.92 -26.40
N CYS P 153 31.57 22.81 -26.91
CA CYS P 153 30.55 22.00 -26.29
C CYS P 153 29.84 21.11 -27.31
N SER P 154 30.57 20.72 -28.35
CA SER P 154 29.96 19.92 -29.41
C SER P 154 29.65 18.50 -28.94
N ALA P 155 30.47 17.97 -28.00
CA ALA P 155 30.27 16.60 -27.54
C ALA P 155 29.03 16.48 -26.67
N ILE P 156 28.82 17.43 -25.75
CA ILE P 156 27.65 17.37 -24.88
C ILE P 156 26.38 17.68 -25.66
N VAL P 157 26.46 18.57 -26.65
CA VAL P 157 25.31 18.86 -27.50
C VAL P 157 24.96 17.66 -28.36
N ALA P 158 25.97 16.95 -28.88
CA ALA P 158 25.73 15.72 -29.62
C ALA P 158 25.18 14.62 -28.74
N GLU P 159 25.57 14.58 -27.46
CA GLU P 159 25.03 13.57 -26.55
C GLU P 159 23.57 13.85 -26.19
N ILE P 160 23.24 15.14 -26.01
CA ILE P 160 21.84 15.53 -25.79
C ILE P 160 20.99 15.21 -27.02
N ALA P 161 21.55 15.48 -28.22
CA ALA P 161 20.87 15.14 -29.46
C ALA P 161 20.68 13.63 -29.60
N GLY P 162 21.66 12.85 -29.13
CA GLY P 162 21.51 11.40 -29.13
C GLY P 162 20.41 10.91 -28.21
N TYR P 163 20.32 11.50 -27.01
CA TYR P 163 19.24 11.16 -26.09
C TYR P 163 17.88 11.55 -26.65
N PHE P 164 17.80 12.71 -27.31
CA PHE P 164 16.55 13.13 -27.93
C PHE P 164 16.18 12.24 -29.11
N ASP P 165 17.17 11.77 -29.87
CA ASP P 165 16.88 10.84 -30.95
C ASP P 165 16.43 9.48 -30.45
N ARG P 166 16.98 9.03 -29.31
CA ARG P 166 16.45 7.83 -28.67
C ARG P 166 15.03 8.04 -28.16
N ALA P 167 14.72 9.26 -27.69
CA ALA P 167 13.37 9.56 -27.23
C ALA P 167 12.38 9.60 -28.39
N ALA P 168 12.78 10.16 -29.53
CA ALA P 168 11.89 10.24 -30.68
C ALA P 168 11.74 8.89 -31.38
N ALA P 169 12.80 8.08 -31.37
CA ALA P 169 12.75 6.79 -32.03
C ALA P 169 11.98 5.73 -31.23
N ALA P 170 11.81 5.93 -29.93
CA ALA P 170 11.14 4.96 -29.08
C ALA P 170 9.64 5.19 -28.98
N VAL P 171 9.11 6.22 -29.61
CA VAL P 171 7.67 6.47 -29.59
C VAL P 171 7.01 6.24 -30.94
N ALA P 172 7.77 6.26 -32.03
CA ALA P 172 7.19 6.11 -33.36
C ALA P 172 7.54 4.74 -33.95
N MET Q 1 -18.21 10.54 -18.27
CA MET Q 1 -19.03 11.72 -18.00
C MET Q 1 -20.10 11.43 -16.97
N LYS Q 2 -20.13 12.23 -15.90
CA LYS Q 2 -21.14 12.07 -14.87
C LYS Q 2 -22.46 12.69 -15.29
N THR Q 3 -23.54 12.05 -14.87
CA THR Q 3 -24.93 12.25 -15.30
C THR Q 3 -25.73 11.55 -14.21
N PRO Q 4 -26.97 11.97 -13.89
CA PRO Q 4 -27.78 11.21 -12.92
C PRO Q 4 -27.95 9.73 -13.24
N LEU Q 5 -28.12 9.37 -14.51
CA LEU Q 5 -28.26 7.96 -14.87
C LEU Q 5 -26.95 7.21 -14.68
N THR Q 6 -25.84 7.77 -15.19
CA THR Q 6 -24.56 7.08 -15.11
C THR Q 6 -24.03 7.04 -13.69
N GLU Q 7 -24.21 8.13 -12.93
CA GLU Q 7 -23.78 8.11 -11.53
C GLU Q 7 -24.67 7.22 -10.67
N ALA Q 8 -25.96 7.12 -11.01
CA ALA Q 8 -26.83 6.17 -10.33
C ALA Q 8 -26.40 4.73 -10.57
N VAL Q 9 -26.07 4.41 -11.83
CA VAL Q 9 -25.63 3.06 -12.17
C VAL Q 9 -24.28 2.75 -11.54
N SER Q 10 -23.36 3.72 -11.55
CA SER Q 10 -22.04 3.56 -10.93
C SER Q 10 -22.14 3.39 -9.42
N THR Q 11 -23.04 4.14 -8.78
CA THR Q 11 -23.24 4.01 -7.34
C THR Q 11 -23.83 2.64 -7.00
N ALA Q 12 -24.92 2.26 -7.67
CA ALA Q 12 -25.55 0.96 -7.40
C ALA Q 12 -24.65 -0.21 -7.76
N ASP Q 13 -23.71 0.00 -8.69
CA ASP Q 13 -22.69 -0.98 -8.95
C ASP Q 13 -21.61 -1.00 -7.87
N SER Q 14 -21.33 0.15 -7.26
CA SER Q 14 -20.40 0.18 -6.13
C SER Q 14 -20.97 -0.55 -4.93
N GLN Q 15 -22.27 -0.39 -4.65
CA GLN Q 15 -22.85 -1.31 -3.68
C GLN Q 15 -23.15 -2.68 -4.26
N GLY Q 16 -23.10 -2.84 -5.57
CA GLY Q 16 -23.30 -4.15 -6.19
C GLY Q 16 -24.70 -4.71 -6.04
N ARG Q 17 -25.71 -3.86 -6.08
CA ARG Q 17 -27.09 -4.27 -5.92
C ARG Q 17 -27.92 -3.75 -7.06
N PHE Q 18 -29.14 -4.25 -7.16
CA PHE Q 18 -30.06 -3.82 -8.20
C PHE Q 18 -30.52 -2.39 -7.96
N LEU Q 19 -31.09 -1.81 -9.02
CA LEU Q 19 -31.57 -0.43 -9.00
C LEU Q 19 -32.81 -0.35 -8.14
N SER Q 20 -32.65 0.20 -6.93
CA SER Q 20 -33.77 0.31 -6.00
C SER Q 20 -34.65 1.49 -6.38
N SER Q 21 -35.57 1.87 -5.48
CA SER Q 21 -36.45 2.99 -5.75
C SER Q 21 -35.72 4.32 -5.80
N THR Q 22 -34.54 4.41 -5.16
CA THR Q 22 -33.75 5.64 -5.18
C THR Q 22 -33.35 5.99 -6.60
N GLU Q 23 -32.77 5.04 -7.34
CA GLU Q 23 -32.35 5.30 -8.71
C GLU Q 23 -33.53 5.49 -9.64
N LEU Q 24 -34.69 4.91 -9.32
CA LEU Q 24 -35.89 5.20 -10.09
C LEU Q 24 -36.29 6.66 -9.94
N GLN Q 25 -36.24 7.19 -8.71
CA GLN Q 25 -36.46 8.62 -8.49
C GLN Q 25 -35.38 9.47 -9.16
N ILE Q 26 -34.15 8.95 -9.23
CA ILE Q 26 -33.04 9.65 -9.87
C ILE Q 26 -33.36 9.85 -11.34
N ALA Q 27 -33.80 8.80 -12.01
CA ALA Q 27 -34.16 8.89 -13.42
C ALA Q 27 -35.45 9.68 -13.63
N PHE Q 28 -36.36 9.68 -12.64
CA PHE Q 28 -37.54 10.53 -12.72
C PHE Q 28 -37.19 12.02 -12.64
N GLY Q 29 -36.22 12.39 -11.80
CA GLY Q 29 -35.72 13.75 -11.83
C GLY Q 29 -35.02 14.09 -13.14
N ARG Q 30 -34.28 13.10 -13.68
CA ARG Q 30 -33.69 13.24 -15.01
C ARG Q 30 -34.75 13.47 -16.08
N LEU Q 31 -35.87 12.75 -16.00
CA LEU Q 31 -36.94 12.92 -16.97
C LEU Q 31 -37.63 14.27 -16.83
N ARG Q 32 -37.83 14.72 -15.59
CA ARG Q 32 -38.59 15.95 -15.40
C ARG Q 32 -37.76 17.18 -15.73
N GLN Q 33 -36.42 17.06 -15.79
CA GLN Q 33 -35.67 18.24 -16.18
C GLN Q 33 -34.94 18.06 -17.53
N ALA Q 34 -35.01 16.87 -18.12
CA ALA Q 34 -34.31 16.61 -19.38
C ALA Q 34 -34.94 17.36 -20.55
N ASN Q 35 -36.26 17.55 -20.53
CA ASN Q 35 -36.91 18.29 -21.61
C ASN Q 35 -36.50 19.77 -21.60
N ALA Q 36 -36.42 20.37 -20.41
CA ALA Q 36 -35.95 21.74 -20.30
C ALA Q 36 -34.48 21.86 -20.67
N GLY Q 37 -33.67 20.84 -20.32
CA GLY Q 37 -32.28 20.84 -20.73
C GLY Q 37 -32.10 20.75 -22.24
N LEU Q 38 -32.91 19.90 -22.90
CA LEU Q 38 -32.88 19.79 -24.35
C LEU Q 38 -33.34 21.06 -25.03
N GLN Q 39 -34.37 21.71 -24.47
CA GLN Q 39 -34.86 22.97 -25.05
C GLN Q 39 -33.82 24.07 -24.90
N ALA Q 40 -33.14 24.13 -23.75
CA ALA Q 40 -32.08 25.12 -23.55
C ALA Q 40 -30.90 24.85 -24.46
N ALA Q 41 -30.56 23.58 -24.67
CA ALA Q 41 -29.48 23.23 -25.58
C ALA Q 41 -29.83 23.57 -27.03
N LYS Q 42 -31.09 23.40 -27.42
CA LYS Q 42 -31.53 23.79 -28.75
C LYS Q 42 -31.46 25.30 -28.94
N ALA Q 43 -31.88 26.06 -27.92
CA ALA Q 43 -31.82 27.52 -28.00
C ALA Q 43 -30.38 28.02 -28.08
N LEU Q 44 -29.49 27.41 -27.30
CA LEU Q 44 -28.08 27.77 -27.37
C LEU Q 44 -27.46 27.35 -28.70
N THR Q 45 -27.91 26.23 -29.28
CA THR Q 45 -27.45 25.82 -30.61
C THR Q 45 -27.86 26.84 -31.67
N ASP Q 46 -29.10 27.33 -31.60
CA ASP Q 46 -29.54 28.33 -32.56
C ASP Q 46 -28.84 29.68 -32.38
N ASN Q 47 -28.54 30.07 -31.13
CA ASN Q 47 -28.02 31.40 -30.85
C ASN Q 47 -26.49 31.36 -30.64
N ALA Q 48 -25.86 30.21 -30.94
CA ALA Q 48 -24.47 29.96 -30.56
C ALA Q 48 -23.48 30.88 -31.26
N GLN Q 49 -23.66 31.17 -32.54
CA GLN Q 49 -22.69 31.99 -33.26
C GLN Q 49 -22.69 33.43 -32.76
N SER Q 50 -23.88 34.00 -32.57
CA SER Q 50 -23.99 35.34 -31.99
C SER Q 50 -23.49 35.36 -30.55
N LEU Q 51 -23.74 34.29 -29.79
CA LEU Q 51 -23.26 34.22 -28.41
C LEU Q 51 -21.74 34.17 -28.34
N VAL Q 52 -21.11 33.40 -29.23
CA VAL Q 52 -19.66 33.28 -29.23
C VAL Q 52 -19.01 34.58 -29.69
N ASN Q 53 -19.56 35.22 -30.72
CA ASN Q 53 -19.03 36.49 -31.20
C ASN Q 53 -19.20 37.59 -30.15
N GLY Q 54 -20.37 37.65 -29.51
CA GLY Q 54 -20.59 38.64 -28.47
C GLY Q 54 -19.76 38.40 -27.23
N ALA Q 55 -19.52 37.12 -26.88
CA ALA Q 55 -18.68 36.81 -25.74
C ALA Q 55 -17.23 37.15 -26.01
N ALA Q 56 -16.76 36.90 -27.24
CA ALA Q 56 -15.41 37.29 -27.63
C ALA Q 56 -15.25 38.80 -27.60
N GLN Q 57 -16.26 39.54 -28.08
CA GLN Q 57 -16.19 41.00 -28.01
C GLN Q 57 -16.30 41.50 -26.57
N ALA Q 58 -17.02 40.80 -25.71
CA ALA Q 58 -17.07 41.18 -24.29
C ALA Q 58 -15.72 40.98 -23.61
N VAL Q 59 -15.02 39.91 -23.97
CA VAL Q 59 -13.66 39.71 -23.44
C VAL Q 59 -12.72 40.78 -23.99
N TYR Q 60 -12.84 41.11 -25.28
CA TYR Q 60 -12.00 42.14 -25.88
C TYR Q 60 -12.31 43.54 -25.35
N ASN Q 61 -13.52 43.75 -24.83
CA ASN Q 61 -13.85 45.04 -24.22
C ASN Q 61 -13.40 45.10 -22.76
N LYS Q 62 -13.60 44.01 -22.01
CA LYS Q 62 -13.16 43.99 -20.62
C LYS Q 62 -11.64 43.90 -20.52
N PHE Q 63 -11.01 43.19 -21.45
CA PHE Q 63 -9.56 43.01 -21.46
C PHE Q 63 -9.03 43.47 -22.81
N PRO Q 64 -8.89 44.80 -23.02
CA PRO Q 64 -8.47 45.30 -24.34
C PRO Q 64 -7.02 45.01 -24.66
N TYR Q 65 -6.18 44.76 -23.64
CA TYR Q 65 -4.76 44.44 -23.87
C TYR Q 65 -4.57 43.14 -24.63
N THR Q 66 -5.56 42.25 -24.61
CA THR Q 66 -5.50 41.04 -25.42
C THR Q 66 -5.54 41.35 -26.91
N THR Q 67 -6.14 42.47 -27.30
CA THR Q 67 -6.21 42.85 -28.71
C THR Q 67 -5.13 43.85 -29.12
N GLN Q 68 -4.22 44.22 -28.22
CA GLN Q 68 -3.23 45.24 -28.50
C GLN Q 68 -1.81 44.69 -28.55
N THR Q 69 -1.36 44.03 -27.49
CA THR Q 69 0.04 43.64 -27.42
C THR Q 69 0.28 42.31 -28.16
N GLN Q 70 1.50 42.15 -28.65
CA GLN Q 70 1.88 40.96 -29.38
C GLN Q 70 2.09 39.79 -28.42
N GLY Q 71 1.87 38.59 -28.93
CA GLY Q 71 2.06 37.39 -28.14
C GLY Q 71 1.25 36.25 -28.68
N ASN Q 72 1.72 35.04 -28.40
CA ASN Q 72 0.99 33.84 -28.83
C ASN Q 72 -0.30 33.65 -28.05
N ASN Q 73 -0.31 34.06 -26.78
CA ASN Q 73 -1.48 33.88 -25.93
C ASN Q 73 -2.54 34.94 -26.14
N PHE Q 74 -2.28 35.96 -26.96
CA PHE Q 74 -3.18 37.09 -27.11
C PHE Q 74 -3.89 37.05 -28.46
N ALA Q 75 -4.94 37.86 -28.55
CA ALA Q 75 -5.79 37.93 -29.73
C ALA Q 75 -5.56 39.23 -30.50
N ALA Q 76 -4.31 39.67 -30.58
CA ALA Q 76 -4.00 40.90 -31.31
C ALA Q 76 -4.11 40.70 -32.83
N ASP Q 77 -3.90 39.48 -33.30
CA ASP Q 77 -3.98 39.17 -34.72
C ASP Q 77 -5.20 38.30 -34.99
N GLN Q 78 -5.37 37.93 -36.26
CA GLN Q 78 -6.50 37.10 -36.66
C GLN Q 78 -6.39 35.69 -36.12
N ARG Q 79 -5.16 35.19 -35.98
CA ARG Q 79 -4.95 33.86 -35.42
C ARG Q 79 -5.38 33.78 -33.97
N GLY Q 80 -5.02 34.78 -33.16
CA GLY Q 80 -5.42 34.80 -31.77
C GLY Q 80 -6.92 34.99 -31.59
N LYS Q 81 -7.54 35.81 -32.45
CA LYS Q 81 -8.98 35.98 -32.41
C LYS Q 81 -9.71 34.72 -32.82
N ASP Q 82 -9.16 33.98 -33.79
CA ASP Q 82 -9.74 32.70 -34.19
C ASP Q 82 -9.60 31.67 -33.07
N LYS Q 83 -8.46 31.68 -32.37
CA LYS Q 83 -8.28 30.79 -31.22
C LYS Q 83 -9.25 31.12 -30.10
N CYS Q 84 -9.48 32.41 -29.85
CA CYS Q 84 -10.40 32.82 -28.80
C CYS Q 84 -11.85 32.47 -29.14
N ALA Q 85 -12.25 32.69 -30.40
CA ALA Q 85 -13.58 32.31 -30.84
C ALA Q 85 -13.76 30.80 -30.80
N ARG Q 86 -12.72 30.04 -31.13
CA ARG Q 86 -12.77 28.59 -31.03
C ARG Q 86 -12.88 28.12 -29.59
N ASP Q 87 -12.16 28.78 -28.67
CA ASP Q 87 -12.24 28.43 -27.25
C ASP Q 87 -13.62 28.72 -26.68
N ILE Q 88 -14.18 29.89 -27.01
CA ILE Q 88 -15.50 30.25 -26.51
C ILE Q 88 -16.58 29.36 -27.14
N GLY Q 89 -16.39 28.95 -28.39
CA GLY Q 89 -17.27 27.97 -28.99
C GLY Q 89 -17.17 26.61 -28.32
N TYR Q 90 -15.96 26.23 -27.89
CA TYR Q 90 -15.77 24.99 -27.14
C TYR Q 90 -16.50 25.05 -25.81
N TYR Q 91 -16.38 26.18 -25.11
CA TYR Q 91 -17.05 26.37 -23.82
C TYR Q 91 -18.57 26.31 -23.98
N LEU Q 92 -19.10 27.00 -24.98
CA LEU Q 92 -20.55 27.02 -25.21
C LEU Q 92 -21.06 25.65 -25.65
N ARG Q 93 -20.30 24.95 -26.50
CA ARG Q 93 -20.72 23.64 -26.98
C ARG Q 93 -20.71 22.61 -25.86
N ILE Q 94 -19.73 22.69 -24.96
CA ILE Q 94 -19.71 21.78 -23.82
C ILE Q 94 -20.82 22.14 -22.82
N VAL Q 95 -21.20 23.42 -22.73
CA VAL Q 95 -22.38 23.78 -21.94
C VAL Q 95 -23.66 23.18 -22.53
N THR Q 96 -23.78 23.18 -23.86
CA THR Q 96 -24.92 22.51 -24.51
C THR Q 96 -24.89 21.01 -24.29
N TYR Q 97 -23.69 20.42 -24.30
CA TYR Q 97 -23.55 18.99 -24.00
C TYR Q 97 -23.94 18.68 -22.57
N CYS Q 98 -23.62 19.59 -21.64
CA CYS Q 98 -24.04 19.42 -20.25
C CYS Q 98 -25.54 19.57 -20.09
N LEU Q 99 -26.16 20.46 -20.87
CA LEU Q 99 -27.61 20.60 -20.87
C LEU Q 99 -28.29 19.35 -21.40
N VAL Q 100 -27.73 18.75 -22.44
CA VAL Q 100 -28.28 17.52 -23.00
C VAL Q 100 -28.08 16.36 -22.04
N ALA Q 101 -26.87 16.23 -21.49
CA ALA Q 101 -26.53 15.13 -20.58
C ALA Q 101 -27.29 15.24 -19.27
N GLY Q 102 -27.41 16.45 -18.72
CA GLY Q 102 -28.04 16.62 -17.43
C GLY Q 102 -27.07 16.69 -16.27
N GLY Q 103 -25.79 16.93 -16.53
CA GLY Q 103 -24.81 17.07 -15.48
C GLY Q 103 -23.56 17.70 -16.04
N THR Q 104 -22.60 17.95 -15.16
CA THR Q 104 -21.33 18.58 -15.51
C THR Q 104 -20.32 17.61 -16.10
N GLY Q 105 -20.76 16.40 -16.45
CA GLY Q 105 -19.91 15.38 -17.02
C GLY Q 105 -19.16 15.73 -18.30
N PRO Q 106 -19.84 16.32 -19.29
CA PRO Q 106 -19.10 16.88 -20.43
C PRO Q 106 -18.10 17.97 -20.03
N LEU Q 107 -18.45 18.81 -19.05
CA LEU Q 107 -17.52 19.82 -18.57
C LEU Q 107 -16.33 19.17 -17.87
N ASP Q 108 -16.58 18.15 -17.05
CA ASP Q 108 -15.51 17.51 -16.29
C ASP Q 108 -14.57 16.73 -17.21
N GLU Q 109 -15.14 15.93 -18.11
CA GLU Q 109 -14.33 15.07 -18.97
C GLU Q 109 -13.76 15.79 -20.18
N TYR Q 110 -14.28 16.95 -20.54
CA TYR Q 110 -13.78 17.66 -21.70
C TYR Q 110 -13.14 19.00 -21.39
N LEU Q 111 -13.60 19.70 -20.37
CA LEU Q 111 -13.09 21.05 -20.21
C LEU Q 111 -12.55 21.35 -18.82
N ILE Q 112 -13.17 20.84 -17.76
CA ILE Q 112 -12.83 21.30 -16.41
C ILE Q 112 -11.54 20.66 -15.93
N ALA Q 113 -11.46 19.33 -15.97
CA ALA Q 113 -10.28 18.64 -15.48
C ALA Q 113 -9.14 18.81 -16.48
N GLY Q 114 -8.09 19.52 -16.08
CA GLY Q 114 -6.96 19.76 -16.92
C GLY Q 114 -6.82 21.19 -17.43
N ILE Q 115 -7.80 22.07 -17.19
CA ILE Q 115 -7.76 23.42 -17.74
C ILE Q 115 -6.71 24.27 -17.02
N ASP Q 116 -6.28 23.86 -15.83
CA ASP Q 116 -5.26 24.61 -15.10
C ASP Q 116 -3.90 24.49 -15.76
N GLU Q 117 -3.55 23.30 -16.26
CA GLU Q 117 -2.33 23.14 -17.06
C GLU Q 117 -2.43 23.89 -18.38
N ILE Q 118 -3.64 24.02 -18.93
CA ILE Q 118 -3.84 24.80 -20.15
C ILE Q 118 -3.55 26.27 -19.89
N ASN Q 119 -4.08 26.78 -18.78
CA ASN Q 119 -3.93 28.19 -18.46
C ASN Q 119 -2.50 28.54 -18.05
N ARG Q 120 -1.84 27.64 -17.32
CA ARG Q 120 -0.46 27.93 -16.92
C ARG Q 120 0.51 27.72 -18.07
N THR Q 121 0.29 26.69 -18.90
CA THR Q 121 1.25 26.35 -19.94
C THR Q 121 1.21 27.35 -21.09
N PHE Q 122 0.02 27.74 -21.50
CA PHE Q 122 -0.15 28.61 -22.66
C PHE Q 122 -0.42 30.06 -22.29
N ASP Q 123 -0.24 30.42 -21.02
CA ASP Q 123 -0.32 31.80 -20.52
C ASP Q 123 -1.68 32.44 -20.79
N LEU Q 124 -2.74 31.65 -20.63
CA LEU Q 124 -4.10 32.10 -20.84
C LEU Q 124 -4.73 32.45 -19.49
N SER Q 125 -5.23 33.66 -19.38
CA SER Q 125 -5.88 34.06 -18.13
C SER Q 125 -7.26 33.42 -18.04
N PRO Q 126 -7.59 32.76 -16.92
CA PRO Q 126 -8.95 32.23 -16.76
C PRO Q 126 -10.02 33.30 -16.62
N SER Q 127 -9.64 34.54 -16.28
CA SER Q 127 -10.59 35.63 -16.17
C SER Q 127 -11.22 35.98 -17.52
N TRP Q 128 -10.49 35.76 -18.61
CA TRP Q 128 -11.06 35.93 -19.95
C TRP Q 128 -12.23 34.98 -20.18
N TYR Q 129 -12.04 33.71 -19.86
CA TYR Q 129 -13.11 32.73 -20.04
C TYR Q 129 -14.22 32.93 -19.03
N VAL Q 130 -13.90 33.46 -17.84
CA VAL Q 130 -14.94 33.80 -16.87
C VAL Q 130 -15.81 34.93 -17.40
N GLU Q 131 -15.21 35.95 -18.01
CA GLU Q 131 -15.98 37.04 -18.60
C GLU Q 131 -16.80 36.57 -19.80
N ALA Q 132 -16.25 35.63 -20.58
CA ALA Q 132 -17.00 35.04 -21.68
C ALA Q 132 -18.23 34.28 -21.19
N LEU Q 133 -18.05 33.41 -20.20
CA LEU Q 133 -19.17 32.66 -19.63
C LEU Q 133 -20.17 33.57 -18.93
N LYS Q 134 -19.70 34.71 -18.41
CA LYS Q 134 -20.63 35.71 -17.90
C LYS Q 134 -21.43 36.36 -19.01
N TYR Q 135 -20.85 36.50 -20.21
CA TYR Q 135 -21.64 37.00 -21.34
C TYR Q 135 -22.71 35.99 -21.76
N ILE Q 136 -22.38 34.70 -21.83
CA ILE Q 136 -23.43 33.70 -22.10
C ILE Q 136 -24.46 33.67 -20.97
N LYS Q 137 -24.03 33.92 -19.73
CA LYS Q 137 -24.96 34.03 -18.60
C LYS Q 137 -25.92 35.21 -18.78
N ALA Q 138 -25.42 36.34 -19.28
CA ALA Q 138 -26.23 37.54 -19.37
C ALA Q 138 -27.01 37.66 -20.68
N ASN Q 139 -26.76 36.78 -21.66
CA ASN Q 139 -27.33 37.00 -22.98
C ASN Q 139 -27.92 35.76 -23.64
N HIS Q 140 -28.05 34.64 -22.93
CA HIS Q 140 -28.62 33.46 -23.56
C HIS Q 140 -30.13 33.53 -23.70
N GLY Q 141 -30.79 34.34 -22.88
CA GLY Q 141 -32.21 34.59 -23.07
C GLY Q 141 -33.14 33.47 -22.68
N LEU Q 142 -32.68 32.54 -21.85
CA LEU Q 142 -33.55 31.46 -21.38
C LEU Q 142 -34.33 31.90 -20.16
N SER Q 143 -35.42 31.20 -19.88
CA SER Q 143 -36.31 31.56 -18.78
C SER Q 143 -36.68 30.32 -17.97
N GLY Q 144 -36.77 30.51 -16.66
CA GLY Q 144 -37.30 29.49 -15.77
C GLY Q 144 -36.48 28.24 -15.60
N ASP Q 145 -37.05 27.10 -16.01
CA ASP Q 145 -36.39 25.81 -15.86
C ASP Q 145 -35.16 25.71 -16.75
N ALA Q 146 -35.24 26.26 -17.96
CA ALA Q 146 -34.11 26.23 -18.87
C ALA Q 146 -33.02 27.20 -18.43
N ARG Q 147 -33.40 28.32 -17.82
CA ARG Q 147 -32.43 29.34 -17.42
C ARG Q 147 -31.60 28.87 -16.24
N ASP Q 148 -32.26 28.27 -15.22
CA ASP Q 148 -31.56 27.88 -14.00
C ASP Q 148 -30.64 26.69 -14.24
N GLU Q 149 -31.04 25.79 -15.12
CA GLU Q 149 -30.19 24.63 -15.44
C GLU Q 149 -28.98 25.05 -16.26
N ALA Q 150 -29.16 25.95 -17.24
CA ALA Q 150 -28.04 26.41 -18.05
C ALA Q 150 -27.09 27.29 -17.25
N ASN Q 151 -27.62 28.07 -16.31
CA ASN Q 151 -26.78 28.91 -15.46
C ASN Q 151 -25.96 28.07 -14.49
N SER Q 152 -26.42 26.85 -14.17
CA SER Q 152 -25.66 25.96 -13.31
C SER Q 152 -24.37 25.51 -13.98
N TYR Q 153 -24.42 25.22 -15.27
CA TYR Q 153 -23.21 24.80 -15.98
C TYR Q 153 -22.29 25.98 -16.26
N LEU Q 154 -22.86 27.16 -16.51
CA LEU Q 154 -22.06 28.35 -16.73
C LEU Q 154 -21.38 28.79 -15.44
N ASP Q 155 -22.07 28.66 -14.31
CA ASP Q 155 -21.45 28.97 -13.02
C ASP Q 155 -20.36 27.97 -12.67
N TYR Q 156 -20.60 26.68 -12.94
CA TYR Q 156 -19.64 25.64 -12.58
C TYR Q 156 -18.35 25.77 -13.39
N ALA Q 157 -18.47 26.17 -14.66
CA ALA Q 157 -17.28 26.47 -15.44
C ALA Q 157 -16.61 27.75 -14.95
N ILE Q 158 -17.41 28.72 -14.49
CA ILE Q 158 -16.86 29.92 -13.86
C ILE Q 158 -16.21 29.56 -12.52
N ASN Q 159 -16.86 28.71 -11.74
CA ASN Q 159 -16.36 28.35 -10.42
C ASN Q 159 -15.07 27.56 -10.49
N ALA Q 160 -14.90 26.74 -11.53
CA ALA Q 160 -13.67 25.98 -11.69
C ALA Q 160 -12.52 26.88 -12.14
N LEU Q 161 -12.81 27.86 -13.00
CA LEU Q 161 -11.76 28.78 -13.44
C LEU Q 161 -11.43 29.81 -12.38
N SER Q 162 -12.31 30.01 -11.39
CA SER Q 162 -12.04 30.94 -10.31
C SER Q 162 -11.77 30.19 -9.01
N MET R 1 -18.75 5.30 -18.36
CA MET R 1 -19.80 4.73 -19.21
C MET R 1 -20.59 5.84 -19.90
N PHE R 2 -21.59 5.45 -20.68
CA PHE R 2 -22.47 6.37 -21.37
C PHE R 2 -23.91 5.94 -21.14
N ASP R 3 -24.79 6.92 -21.03
CA ASP R 3 -26.22 6.65 -21.15
C ASP R 3 -26.66 7.08 -22.54
N VAL R 4 -27.98 7.14 -22.74
CA VAL R 4 -28.52 7.51 -24.04
C VAL R 4 -28.19 8.97 -24.39
N PHE R 5 -28.05 9.83 -23.38
CA PHE R 5 -27.69 11.22 -23.63
C PHE R 5 -26.20 11.38 -23.90
N THR R 6 -25.36 10.81 -23.04
CA THR R 6 -23.91 11.04 -23.17
C THR R 6 -23.29 10.25 -24.30
N ARG R 7 -23.96 9.22 -24.83
CA ARG R 7 -23.48 8.58 -26.06
C ARG R 7 -23.54 9.55 -27.23
N VAL R 8 -24.68 10.24 -27.38
CA VAL R 8 -24.84 11.24 -28.42
C VAL R 8 -23.95 12.44 -28.16
N VAL R 9 -23.75 12.80 -26.88
CA VAL R 9 -22.83 13.86 -26.50
C VAL R 9 -21.39 13.52 -26.91
N SER R 10 -20.95 12.28 -26.64
CA SER R 10 -19.59 11.89 -26.98
C SER R 10 -19.39 11.81 -28.49
N GLN R 11 -20.39 11.35 -29.21
CA GLN R 11 -20.31 11.32 -30.67
C GLN R 11 -20.24 12.72 -31.25
N ALA R 12 -21.04 13.65 -30.72
CA ALA R 12 -21.00 15.04 -31.18
C ALA R 12 -19.70 15.73 -30.81
N ASP R 13 -19.13 15.42 -29.64
CA ASP R 13 -17.88 16.05 -29.25
C ASP R 13 -16.71 15.51 -30.06
N ALA R 14 -16.75 14.22 -30.40
CA ALA R 14 -15.74 13.66 -31.30
C ALA R 14 -15.88 14.23 -32.70
N ARG R 15 -17.11 14.53 -33.12
CA ARG R 15 -17.29 15.23 -34.40
C ARG R 15 -17.11 16.74 -34.27
N GLY R 16 -17.33 17.31 -33.09
CA GLY R 16 -17.12 18.72 -32.86
C GLY R 16 -18.18 19.67 -33.37
N GLU R 17 -19.44 19.28 -33.29
CA GLU R 17 -20.54 20.18 -33.61
C GLU R 17 -21.60 20.12 -32.53
N TYR R 18 -22.44 21.14 -32.51
CA TYR R 18 -23.64 21.16 -31.70
C TYR R 18 -24.61 20.10 -32.20
N LEU R 19 -25.50 19.65 -31.32
CA LEU R 19 -26.50 18.67 -31.70
C LEU R 19 -27.55 19.28 -32.61
N SER R 20 -27.84 18.57 -33.70
CA SER R 20 -28.86 18.99 -34.64
C SER R 20 -30.25 18.78 -34.04
N GLY R 21 -31.26 19.30 -34.74
CA GLY R 21 -32.63 19.20 -34.25
C GLY R 21 -33.17 17.79 -34.21
N SER R 22 -32.74 16.93 -35.15
CA SER R 22 -33.21 15.55 -35.19
C SER R 22 -32.71 14.76 -33.99
N GLN R 23 -31.46 15.00 -33.56
CA GLN R 23 -30.94 14.34 -32.37
C GLN R 23 -31.66 14.80 -31.11
N LEU R 24 -32.00 16.09 -31.03
CA LEU R 24 -32.74 16.59 -29.88
C LEU R 24 -34.18 16.07 -29.85
N ASP R 25 -34.81 15.92 -31.01
CA ASP R 25 -36.14 15.32 -31.05
C ASP R 25 -36.11 13.83 -30.73
N ALA R 26 -35.05 13.13 -31.15
CA ALA R 26 -34.89 11.72 -30.78
C ALA R 26 -34.67 11.58 -29.27
N LEU R 27 -33.91 12.49 -28.68
CA LEU R 27 -33.73 12.47 -27.22
C LEU R 27 -35.01 12.86 -26.49
N SER R 28 -35.83 13.75 -27.06
CA SER R 28 -37.13 14.05 -26.48
C SER R 28 -38.07 12.86 -26.53
N ALA R 29 -38.02 12.10 -27.63
CA ALA R 29 -38.77 10.85 -27.72
C ALA R 29 -38.26 9.82 -26.72
N THR R 30 -36.95 9.80 -26.46
CA THR R 30 -36.39 8.96 -25.41
C THR R 30 -36.91 9.38 -24.03
N VAL R 31 -37.02 10.68 -23.79
CA VAL R 31 -37.56 11.21 -22.53
C VAL R 31 -39.01 10.79 -22.35
N ALA R 32 -39.80 10.84 -23.43
CA ALA R 32 -41.17 10.34 -23.40
C ALA R 32 -41.23 8.83 -23.18
N GLU R 33 -40.25 8.09 -23.71
CA GLU R 33 -40.14 6.65 -23.50
C GLU R 33 -39.67 6.30 -22.08
N GLY R 34 -39.11 7.30 -21.37
CA GLY R 34 -38.43 7.06 -20.11
C GLY R 34 -39.30 6.51 -18.98
N ASN R 35 -40.58 6.88 -18.94
CA ASN R 35 -41.47 6.34 -17.91
C ASN R 35 -41.66 4.84 -18.08
N LYS R 36 -41.86 4.38 -19.32
CA LYS R 36 -41.94 2.96 -19.61
C LYS R 36 -40.60 2.26 -19.38
N ARG R 37 -39.51 2.96 -19.65
CA ARG R 37 -38.17 2.44 -19.37
C ARG R 37 -37.96 2.20 -17.88
N ILE R 38 -38.40 3.15 -17.05
CA ILE R 38 -38.27 3.03 -15.61
C ILE R 38 -39.20 1.93 -15.07
N ASP R 39 -40.39 1.80 -15.68
CA ASP R 39 -41.28 0.67 -15.38
C ASP R 39 -40.62 -0.67 -15.68
N SER R 40 -39.93 -0.77 -16.82
CA SER R 40 -39.23 -2.00 -17.17
C SER R 40 -38.11 -2.31 -16.19
N VAL R 41 -37.34 -1.29 -15.80
CA VAL R 41 -36.26 -1.46 -14.83
C VAL R 41 -36.81 -1.90 -13.48
N ASN R 42 -37.91 -1.27 -13.05
CA ASN R 42 -38.54 -1.61 -11.77
C ASN R 42 -39.10 -3.02 -11.78
N ARG R 43 -39.67 -3.45 -12.90
CA ARG R 43 -40.26 -4.80 -12.96
C ARG R 43 -39.18 -5.88 -12.96
N ILE R 44 -38.10 -5.68 -13.72
CA ILE R 44 -37.03 -6.68 -13.73
C ILE R 44 -36.31 -6.70 -12.37
N THR R 45 -36.12 -5.53 -11.75
CA THR R 45 -35.54 -5.46 -10.42
C THR R 45 -36.42 -6.16 -9.38
N GLY R 46 -37.74 -5.95 -9.47
CA GLY R 46 -38.65 -6.56 -8.50
C GLY R 46 -38.82 -8.05 -8.69
N ASN R 47 -38.59 -8.56 -9.90
CA ASN R 47 -38.70 -9.99 -10.15
C ASN R 47 -37.36 -10.65 -10.43
N ALA R 48 -36.25 -10.00 -10.05
CA ALA R 48 -34.91 -10.46 -10.38
C ALA R 48 -34.59 -11.84 -9.80
N SER R 49 -34.93 -12.07 -8.53
CA SER R 49 -34.62 -13.35 -7.90
C SER R 49 -35.42 -14.48 -8.53
N ALA R 50 -36.68 -14.22 -8.85
CA ALA R 50 -37.51 -15.20 -9.54
C ALA R 50 -36.99 -15.48 -10.95
N ILE R 51 -36.54 -14.44 -11.66
CA ILE R 51 -36.01 -14.60 -13.01
C ILE R 51 -34.75 -15.45 -12.98
N VAL R 52 -33.84 -15.16 -12.05
CA VAL R 52 -32.57 -15.88 -11.94
C VAL R 52 -32.81 -17.33 -11.53
N SER R 53 -33.69 -17.57 -10.55
CA SER R 53 -33.95 -18.93 -10.08
C SER R 53 -34.67 -19.76 -11.14
N ASN R 54 -35.66 -19.19 -11.83
CA ASN R 54 -36.38 -19.94 -12.85
C ASN R 54 -35.51 -20.20 -14.08
N ALA R 55 -34.67 -19.24 -14.45
CA ALA R 55 -33.76 -19.44 -15.57
C ALA R 55 -32.70 -20.47 -15.24
N ALA R 56 -32.23 -20.49 -13.99
CA ALA R 56 -31.30 -21.53 -13.54
C ALA R 56 -31.96 -22.90 -13.56
N ARG R 57 -33.22 -22.98 -13.11
CA ARG R 57 -33.96 -24.24 -13.14
C ARG R 57 -34.12 -24.76 -14.56
N ALA R 58 -34.48 -23.89 -15.50
CA ALA R 58 -34.65 -24.31 -16.88
C ALA R 58 -33.31 -24.67 -17.53
N LEU R 59 -32.24 -23.94 -17.20
CA LEU R 59 -30.93 -24.21 -17.77
C LEU R 59 -30.37 -25.54 -17.29
N PHE R 60 -30.51 -25.83 -16.00
CA PHE R 60 -30.03 -27.10 -15.47
C PHE R 60 -31.07 -28.20 -15.62
N ALA R 61 -32.25 -27.89 -16.16
CA ALA R 61 -33.19 -28.91 -16.58
C ALA R 61 -32.89 -29.40 -17.99
N GLU R 62 -32.71 -28.48 -18.95
CA GLU R 62 -32.47 -28.97 -20.31
C GLU R 62 -30.99 -29.21 -20.59
N GLN R 63 -30.10 -28.71 -19.75
CA GLN R 63 -28.67 -29.02 -19.83
C GLN R 63 -28.24 -29.59 -18.49
N PRO R 64 -28.56 -30.85 -18.20
CA PRO R 64 -28.21 -31.42 -16.90
C PRO R 64 -26.75 -31.79 -16.76
N GLN R 65 -25.97 -31.71 -17.85
CA GLN R 65 -24.55 -32.04 -17.81
C GLN R 65 -23.74 -31.04 -16.98
N LEU R 66 -24.33 -29.88 -16.70
CA LEU R 66 -23.62 -28.82 -15.93
C LEU R 66 -23.66 -29.13 -14.43
N ILE R 67 -24.72 -29.78 -13.94
CA ILE R 67 -24.86 -30.03 -12.47
C ILE R 67 -24.37 -31.44 -12.14
N GLN R 68 -24.12 -32.27 -13.15
CA GLN R 68 -23.60 -33.64 -12.91
C GLN R 68 -22.28 -33.54 -12.14
N PRO R 69 -21.98 -34.45 -11.20
CA PRO R 69 -20.69 -34.45 -10.53
C PRO R 69 -19.58 -34.35 -11.56
N GLY R 70 -18.84 -33.23 -11.55
CA GLY R 70 -17.78 -33.01 -12.54
C GLY R 70 -18.17 -31.91 -13.50
N GLY R 71 -19.44 -31.51 -13.48
CA GLY R 71 -19.93 -30.43 -14.37
C GLY R 71 -19.46 -29.07 -13.88
N ASN R 72 -19.66 -28.02 -14.68
CA ASN R 72 -19.16 -26.68 -14.32
C ASN R 72 -19.97 -26.09 -13.16
N ALA R 73 -21.27 -26.41 -13.09
CA ALA R 73 -22.14 -25.84 -12.02
C ALA R 73 -22.22 -26.81 -10.84
N TYR R 74 -21.41 -27.88 -10.85
CA TYR R 74 -21.38 -28.83 -9.71
C TYR R 74 -20.66 -28.17 -8.53
N THR R 75 -20.93 -28.57 -7.28
CA THR R 75 -20.33 -28.00 -6.05
C THR R 75 -21.02 -26.68 -5.68
N SER R 76 -21.23 -26.44 -4.39
CA SER R 76 -21.90 -25.23 -3.92
C SER R 76 -21.17 -23.97 -4.33
N ARG R 77 -19.84 -24.02 -4.42
CA ARG R 77 -19.08 -22.83 -4.79
C ARG R 77 -19.27 -22.50 -6.27
N ARG R 78 -19.18 -23.50 -7.14
CA ARG R 78 -19.34 -23.25 -8.57
C ARG R 78 -20.80 -22.93 -8.92
N MET R 79 -21.75 -23.58 -8.27
CA MET R 79 -23.16 -23.22 -8.47
C MET R 79 -23.47 -21.83 -7.96
N ALA R 80 -22.94 -21.47 -6.78
CA ALA R 80 -23.16 -20.14 -6.24
C ALA R 80 -22.52 -19.08 -7.12
N ALA R 81 -21.37 -19.40 -7.70
CA ALA R 81 -20.72 -18.50 -8.66
C ALA R 81 -21.54 -18.38 -9.93
N CYS R 82 -22.15 -19.48 -10.40
CA CYS R 82 -23.00 -19.42 -11.59
C CYS R 82 -24.27 -18.61 -11.34
N LEU R 83 -24.88 -18.79 -10.16
CA LEU R 83 -26.06 -18.02 -9.79
C LEU R 83 -25.73 -16.54 -9.63
N ARG R 84 -24.55 -16.24 -9.06
CA ARG R 84 -24.12 -14.86 -8.98
C ARG R 84 -23.80 -14.29 -10.35
N ASP R 85 -23.29 -15.11 -11.28
CA ASP R 85 -23.09 -14.66 -12.65
C ASP R 85 -24.41 -14.31 -13.31
N MET R 86 -25.44 -15.15 -13.11
CA MET R 86 -26.76 -14.86 -13.65
C MET R 86 -27.35 -13.58 -13.05
N GLU R 87 -27.18 -13.41 -11.73
CA GLU R 87 -27.63 -12.21 -11.03
C GLU R 87 -26.92 -10.95 -11.54
N ILE R 88 -25.61 -11.02 -11.76
CA ILE R 88 -24.86 -9.86 -12.22
C ILE R 88 -25.15 -9.53 -13.70
N ILE R 89 -25.33 -10.56 -14.55
CA ILE R 89 -25.73 -10.29 -15.93
C ILE R 89 -27.11 -9.65 -15.99
N LEU R 90 -28.05 -10.13 -15.17
CA LEU R 90 -29.36 -9.49 -15.09
C LEU R 90 -29.28 -8.07 -14.53
N ARG R 91 -28.40 -7.85 -13.54
CA ARG R 91 -28.22 -6.54 -12.94
C ARG R 91 -27.65 -5.53 -13.95
N TYR R 92 -26.67 -5.95 -14.74
CA TYR R 92 -26.13 -5.07 -15.76
C TYR R 92 -27.06 -4.90 -16.95
N VAL R 93 -27.94 -5.87 -17.21
CA VAL R 93 -28.98 -5.66 -18.21
C VAL R 93 -29.96 -4.59 -17.74
N THR R 94 -30.32 -4.60 -16.46
CA THR R 94 -31.13 -3.52 -15.90
C THR R 94 -30.39 -2.20 -15.89
N TYR R 95 -29.06 -2.22 -15.69
CA TYR R 95 -28.26 -1.00 -15.77
C TYR R 95 -28.26 -0.42 -17.17
N ALA R 96 -28.13 -1.28 -18.18
CA ALA R 96 -28.15 -0.82 -19.57
C ALA R 96 -29.54 -0.34 -19.97
N THR R 97 -30.59 -0.98 -19.44
CA THR R 97 -31.95 -0.49 -19.67
C THR R 97 -32.15 0.88 -19.03
N PHE R 98 -31.62 1.06 -17.83
CA PHE R 98 -31.73 2.33 -17.11
C PHE R 98 -31.00 3.45 -17.84
N THR R 99 -29.80 3.18 -18.33
CA THR R 99 -29.04 4.20 -19.03
C THR R 99 -29.63 4.49 -20.41
N GLY R 100 -30.13 3.46 -21.09
CA GLY R 100 -30.54 3.60 -22.47
C GLY R 100 -29.44 3.40 -23.47
N ASP R 101 -28.22 3.18 -23.00
CA ASP R 101 -27.09 2.79 -23.83
C ASP R 101 -26.41 1.62 -23.14
N ALA R 102 -25.83 0.73 -23.94
CA ALA R 102 -25.32 -0.52 -23.41
C ALA R 102 -23.89 -0.43 -22.91
N SER R 103 -23.33 0.79 -22.77
CA SER R 103 -21.89 0.96 -22.53
C SER R 103 -21.47 0.37 -21.19
N VAL R 104 -22.38 0.37 -20.21
CA VAL R 104 -22.09 -0.29 -18.93
C VAL R 104 -21.95 -1.80 -19.12
N LEU R 105 -22.67 -2.38 -20.09
CA LEU R 105 -22.65 -3.83 -20.29
C LEU R 105 -21.33 -4.29 -20.91
N GLU R 106 -20.86 -3.64 -21.98
CA GLU R 106 -19.54 -4.03 -22.49
C GLU R 106 -18.40 -3.55 -21.61
N ASP R 107 -18.52 -2.36 -21.00
CA ASP R 107 -17.40 -1.85 -20.22
C ASP R 107 -17.25 -2.53 -18.86
N ARG R 108 -18.30 -3.13 -18.32
CA ARG R 108 -18.18 -3.76 -17.02
C ARG R 108 -18.57 -5.23 -17.00
N CYS R 109 -19.69 -5.59 -17.62
CA CYS R 109 -20.22 -6.94 -17.50
C CYS R 109 -19.57 -7.91 -18.47
N LEU R 110 -19.27 -7.45 -19.69
CA LEU R 110 -18.67 -8.29 -20.71
C LEU R 110 -17.20 -7.94 -20.94
N ASN R 111 -16.61 -7.12 -20.07
CA ASN R 111 -15.22 -6.69 -20.19
C ASN R 111 -14.34 -7.76 -19.56
N GLY R 112 -13.96 -8.75 -20.37
CA GLY R 112 -13.18 -9.86 -19.87
C GLY R 112 -13.98 -11.02 -19.33
N LEU R 113 -15.30 -11.04 -19.55
CA LEU R 113 -16.10 -12.18 -19.11
C LEU R 113 -15.81 -13.42 -19.95
N ARG R 114 -15.56 -13.24 -21.24
CA ARG R 114 -15.22 -14.38 -22.10
C ARG R 114 -13.85 -14.95 -21.73
N GLU R 115 -12.92 -14.08 -21.31
CA GLU R 115 -11.63 -14.55 -20.81
C GLU R 115 -11.81 -15.37 -19.53
N THR R 116 -12.69 -14.91 -18.65
CA THR R 116 -13.02 -15.64 -17.42
C THR R 116 -13.61 -17.01 -17.73
N TYR R 117 -14.54 -17.05 -18.69
CA TYR R 117 -15.23 -18.30 -18.99
C TYR R 117 -14.34 -19.28 -19.76
N VAL R 118 -13.45 -18.77 -20.61
CA VAL R 118 -12.49 -19.63 -21.29
C VAL R 118 -11.45 -20.16 -20.31
N ALA R 119 -10.98 -19.29 -19.40
CA ALA R 119 -9.94 -19.67 -18.45
C ALA R 119 -10.43 -20.70 -17.45
N LEU R 120 -11.65 -20.53 -16.94
CA LEU R 120 -12.17 -21.47 -15.96
C LEU R 120 -12.77 -22.71 -16.59
N GLY R 121 -12.90 -22.77 -17.91
CA GLY R 121 -13.61 -23.86 -18.52
C GLY R 121 -15.11 -23.75 -18.41
N VAL R 122 -15.62 -22.55 -18.15
CA VAL R 122 -17.07 -22.35 -18.11
C VAL R 122 -17.63 -22.44 -19.52
N PRO R 123 -18.63 -23.29 -19.77
CA PRO R 123 -19.24 -23.35 -21.11
C PRO R 123 -20.05 -22.10 -21.40
N GLY R 124 -19.53 -21.25 -22.29
CA GLY R 124 -20.18 -19.98 -22.57
C GLY R 124 -21.46 -20.11 -23.35
N ALA R 125 -21.65 -21.22 -24.08
CA ALA R 125 -22.93 -21.47 -24.73
C ALA R 125 -24.01 -21.77 -23.69
N SER R 126 -23.64 -22.43 -22.59
CA SER R 126 -24.59 -22.66 -21.51
C SER R 126 -24.97 -21.36 -20.82
N VAL R 127 -24.01 -20.45 -20.66
CA VAL R 127 -24.30 -19.12 -20.12
C VAL R 127 -25.18 -18.34 -21.09
N ALA R 128 -24.96 -18.51 -22.39
CA ALA R 128 -25.80 -17.84 -23.39
C ALA R 128 -27.23 -18.38 -23.35
N ALA R 129 -27.39 -19.68 -23.13
CA ALA R 129 -28.72 -20.25 -22.95
C ALA R 129 -29.38 -19.74 -21.67
N GLY R 130 -28.60 -19.56 -20.61
CA GLY R 130 -29.13 -18.98 -19.39
C GLY R 130 -29.57 -17.54 -19.55
N VAL R 131 -28.78 -16.74 -20.27
CA VAL R 131 -29.13 -15.35 -20.57
C VAL R 131 -30.35 -15.30 -21.49
N GLN R 132 -30.48 -16.27 -22.41
CA GLN R 132 -31.70 -16.44 -23.21
C GLN R 132 -32.93 -16.69 -22.33
N LYS R 133 -32.78 -17.53 -21.30
CA LYS R 133 -33.90 -17.80 -20.41
C LYS R 133 -34.26 -16.59 -19.55
N MET R 134 -33.26 -15.84 -19.09
CA MET R 134 -33.54 -14.59 -18.39
C MET R 134 -34.16 -13.55 -19.32
N LYS R 135 -33.81 -13.55 -20.61
CA LYS R 135 -34.46 -12.66 -21.57
C LYS R 135 -35.92 -13.02 -21.73
N GLU R 136 -36.23 -14.32 -21.83
CA GLU R 136 -37.61 -14.77 -21.97
C GLU R 136 -38.43 -14.40 -20.74
N ALA R 137 -37.88 -14.63 -19.54
CA ALA R 137 -38.59 -14.29 -18.30
C ALA R 137 -38.75 -12.77 -18.15
N ALA R 138 -37.71 -12.01 -18.46
CA ALA R 138 -37.76 -10.55 -18.29
C ALA R 138 -38.70 -9.90 -19.29
N LEU R 139 -38.74 -10.41 -20.53
CA LEU R 139 -39.67 -9.87 -21.51
C LEU R 139 -41.10 -10.31 -21.24
N ASP R 140 -41.28 -11.48 -20.60
CA ASP R 140 -42.63 -11.84 -20.15
C ASP R 140 -43.09 -10.95 -19.00
N ILE R 141 -42.16 -10.53 -18.14
CA ILE R 141 -42.54 -9.77 -16.95
C ILE R 141 -42.73 -8.28 -17.27
N VAL R 142 -41.87 -7.71 -18.13
CA VAL R 142 -42.02 -6.31 -18.54
C VAL R 142 -43.30 -6.12 -19.33
N ASN R 143 -43.58 -7.00 -20.28
CA ASN R 143 -44.75 -6.86 -21.13
C ASN R 143 -46.05 -7.35 -20.48
N ASP R 144 -46.05 -7.60 -19.18
CA ASP R 144 -47.25 -8.02 -18.47
C ASP R 144 -48.20 -6.84 -18.33
N PRO R 145 -49.46 -6.96 -18.80
CA PRO R 145 -50.36 -5.80 -18.77
C PRO R 145 -51.01 -5.55 -17.42
N ASN R 146 -50.95 -6.49 -16.48
CA ASN R 146 -51.67 -6.35 -15.23
C ASN R 146 -50.97 -5.37 -14.29
N GLY R 147 -51.77 -4.56 -13.60
CA GLY R 147 -51.25 -3.67 -12.59
C GLY R 147 -50.45 -2.49 -13.10
N ILE R 148 -50.71 -2.06 -14.34
CA ILE R 148 -49.95 -0.99 -14.94
C ILE R 148 -50.84 -0.31 -15.97
N THR R 149 -50.55 0.96 -16.25
CA THR R 149 -51.35 1.69 -17.23
C THR R 149 -50.97 1.26 -18.65
N ARG R 150 -51.98 1.19 -19.52
CA ARG R 150 -51.80 0.60 -20.83
C ARG R 150 -51.04 1.54 -21.77
N GLY R 151 -50.33 0.93 -22.72
CA GLY R 151 -49.57 1.66 -23.72
C GLY R 151 -48.57 0.78 -24.41
N ASP R 152 -48.19 1.12 -25.64
CA ASP R 152 -47.25 0.30 -26.39
C ASP R 152 -45.84 0.49 -25.87
N CYS R 153 -45.14 -0.63 -25.66
CA CYS R 153 -43.79 -0.61 -25.11
C CYS R 153 -42.89 -1.56 -25.89
N SER R 154 -43.07 -1.63 -27.20
CA SER R 154 -42.27 -2.53 -28.02
C SER R 154 -40.83 -2.02 -28.17
N ALA R 155 -40.62 -0.71 -28.05
CA ALA R 155 -39.28 -0.15 -28.19
C ALA R 155 -38.39 -0.55 -27.03
N ILE R 156 -38.88 -0.40 -25.80
CA ILE R 156 -38.10 -0.77 -24.63
C ILE R 156 -37.93 -2.28 -24.53
N VAL R 157 -38.91 -3.05 -25.01
CA VAL R 157 -38.79 -4.51 -25.01
C VAL R 157 -37.73 -4.96 -26.01
N ALA R 158 -37.72 -4.36 -27.21
CA ALA R 158 -36.68 -4.66 -28.19
C ALA R 158 -35.30 -4.20 -27.71
N GLU R 159 -35.25 -3.11 -26.96
CA GLU R 159 -33.98 -2.61 -26.44
C GLU R 159 -33.42 -3.54 -25.35
N ILE R 160 -34.30 -4.03 -24.46
CA ILE R 160 -33.91 -5.00 -23.43
C ILE R 160 -33.48 -6.31 -24.09
N ALA R 161 -34.20 -6.72 -25.13
CA ALA R 161 -33.83 -7.93 -25.87
C ALA R 161 -32.48 -7.78 -26.54
N GLY R 162 -32.18 -6.58 -27.06
CA GLY R 162 -30.87 -6.34 -27.63
C GLY R 162 -29.75 -6.38 -26.61
N TYR R 163 -30.02 -5.84 -25.40
CA TYR R 163 -29.04 -5.93 -24.32
C TYR R 163 -28.77 -7.37 -23.91
N PHE R 164 -29.84 -8.17 -23.81
CA PHE R 164 -29.69 -9.59 -23.49
C PHE R 164 -28.96 -10.35 -24.59
N ASP R 165 -29.23 -10.02 -25.85
CA ASP R 165 -28.56 -10.68 -26.97
C ASP R 165 -27.08 -10.34 -27.02
N ARG R 166 -26.71 -9.09 -26.76
CA ARG R 166 -25.30 -8.77 -26.74
C ARG R 166 -24.61 -9.23 -25.46
N ALA R 167 -25.36 -9.49 -24.39
CA ALA R 167 -24.78 -10.13 -23.22
C ALA R 167 -24.52 -11.61 -23.47
N ALA R 168 -25.46 -12.28 -24.13
CA ALA R 168 -25.29 -13.70 -24.42
C ALA R 168 -24.27 -13.93 -25.52
N ALA R 169 -24.15 -13.01 -26.47
CA ALA R 169 -23.23 -13.17 -27.58
C ALA R 169 -21.78 -12.94 -27.15
N ALA R 170 -21.55 -12.18 -26.09
CA ALA R 170 -20.19 -11.92 -25.64
C ALA R 170 -19.57 -13.11 -24.95
N VAL R 171 -20.38 -14.07 -24.49
CA VAL R 171 -19.86 -15.25 -23.82
C VAL R 171 -19.99 -16.51 -24.67
N ALA R 172 -20.89 -16.54 -25.65
CA ALA R 172 -21.10 -17.71 -26.48
C ALA R 172 -19.94 -17.93 -27.44
N MET S 1 6.36 -17.68 18.90
CA MET S 1 6.21 -19.06 19.37
C MET S 1 5.42 -19.89 18.36
N LYS S 2 5.89 -21.10 18.09
CA LYS S 2 5.30 -21.97 17.06
C LYS S 2 5.29 -23.40 17.59
N THR S 3 4.11 -23.91 17.87
CA THR S 3 3.86 -25.27 18.30
C THR S 3 2.71 -25.81 17.47
N PRO S 4 2.49 -27.14 17.45
CA PRO S 4 1.31 -27.67 16.74
C PRO S 4 -0.02 -27.12 17.20
N LEU S 5 -0.20 -26.93 18.51
CA LEU S 5 -1.45 -26.36 19.02
C LEU S 5 -1.60 -24.90 18.63
N THR S 6 -0.52 -24.11 18.75
CA THR S 6 -0.56 -22.71 18.38
C THR S 6 -0.76 -22.52 16.88
N GLU S 7 -0.10 -23.35 16.07
CA GLU S 7 -0.28 -23.27 14.62
C GLU S 7 -1.70 -23.65 14.22
N ALA S 8 -2.26 -24.68 14.86
CA ALA S 8 -3.62 -25.11 14.56
C ALA S 8 -4.64 -24.03 14.93
N VAL S 9 -4.47 -23.43 16.11
CA VAL S 9 -5.38 -22.37 16.56
C VAL S 9 -5.22 -21.12 15.69
N SER S 10 -3.98 -20.80 15.29
CA SER S 10 -3.74 -19.63 14.45
C SER S 10 -4.37 -19.79 13.07
N THR S 11 -4.27 -20.99 12.49
CA THR S 11 -4.88 -21.22 11.18
C THR S 11 -6.40 -21.22 11.28
N ALA S 12 -6.97 -21.88 12.29
CA ALA S 12 -8.42 -21.89 12.44
C ALA S 12 -8.98 -20.52 12.78
N ASP S 13 -8.19 -19.68 13.45
CA ASP S 13 -8.61 -18.32 13.73
C ASP S 13 -8.47 -17.42 12.50
N SER S 14 -7.45 -17.68 11.67
CA SER S 14 -7.31 -16.94 10.42
C SER S 14 -8.46 -17.24 9.48
N GLN S 15 -8.92 -18.48 9.43
CA GLN S 15 -10.11 -18.78 8.65
C GLN S 15 -11.41 -18.43 9.39
N GLY S 16 -11.31 -18.07 10.67
CA GLY S 16 -12.48 -17.70 11.46
C GLY S 16 -13.44 -18.84 11.69
N ARG S 17 -12.92 -20.05 11.84
CA ARG S 17 -13.74 -21.25 11.88
C ARG S 17 -13.35 -22.10 13.09
N PHE S 18 -14.23 -23.02 13.45
CA PHE S 18 -14.01 -23.85 14.61
C PHE S 18 -12.96 -24.93 14.31
N LEU S 19 -12.49 -25.57 15.37
CA LEU S 19 -11.42 -26.56 15.26
C LEU S 19 -11.98 -27.86 14.69
N SER S 20 -11.64 -28.16 13.46
CA SER S 20 -12.16 -29.34 12.77
C SER S 20 -11.38 -30.58 13.21
N SER S 21 -11.62 -31.69 12.52
CA SER S 21 -10.91 -32.94 12.82
C SER S 21 -9.44 -32.87 12.45
N THR S 22 -9.06 -31.97 11.54
CA THR S 22 -7.65 -31.76 11.20
C THR S 22 -6.86 -31.26 12.41
N GLU S 23 -7.40 -30.26 13.11
CA GLU S 23 -6.76 -29.74 14.31
C GLU S 23 -6.74 -30.78 15.43
N LEU S 24 -7.79 -31.62 15.49
CA LEU S 24 -7.79 -32.72 16.46
C LEU S 24 -6.69 -33.72 16.17
N GLN S 25 -6.44 -34.02 14.89
CA GLN S 25 -5.32 -34.89 14.52
C GLN S 25 -3.98 -34.25 14.83
N ILE S 26 -3.90 -32.92 14.67
CA ILE S 26 -2.68 -32.18 15.04
C ILE S 26 -2.39 -32.34 16.53
N ALA S 27 -3.43 -32.16 17.35
CA ALA S 27 -3.29 -32.34 18.79
C ALA S 27 -3.02 -33.79 19.16
N PHE S 28 -3.54 -34.75 18.39
CA PHE S 28 -3.28 -36.16 18.66
C PHE S 28 -1.82 -36.52 18.41
N GLY S 29 -1.24 -36.02 17.32
CA GLY S 29 0.17 -36.25 17.07
C GLY S 29 1.05 -35.57 18.11
N ARG S 30 0.67 -34.35 18.52
CA ARG S 30 1.36 -33.65 19.59
C ARG S 30 1.30 -34.43 20.90
N LEU S 31 0.14 -34.98 21.23
CA LEU S 31 -0.03 -35.74 22.47
C LEU S 31 0.74 -37.05 22.45
N ARG S 32 0.80 -37.71 21.29
CA ARG S 32 1.49 -38.98 21.24
C ARG S 32 3.00 -38.75 21.36
N GLN S 33 3.48 -37.66 20.77
CA GLN S 33 4.91 -37.44 20.66
C GLN S 33 5.44 -36.70 21.88
N ALA S 34 4.54 -36.11 22.67
CA ALA S 34 4.91 -35.22 23.76
C ALA S 34 5.53 -35.96 24.94
N ASN S 35 5.11 -37.20 25.17
CA ASN S 35 5.67 -37.95 26.30
C ASN S 35 7.15 -38.26 26.07
N ALA S 36 7.51 -38.66 24.85
CA ALA S 36 8.92 -38.85 24.50
C ALA S 36 9.66 -37.53 24.51
N GLY S 37 9.01 -36.44 24.09
CA GLY S 37 9.63 -35.12 24.21
C GLY S 37 9.93 -34.71 25.64
N LEU S 38 9.00 -35.00 26.56
CA LEU S 38 9.20 -34.68 27.97
C LEU S 38 10.28 -35.56 28.60
N GLN S 39 10.34 -36.84 28.23
CA GLN S 39 11.41 -37.70 28.74
C GLN S 39 12.78 -37.27 28.21
N ALA S 40 12.83 -36.85 26.95
CA ALA S 40 14.07 -36.32 26.39
C ALA S 40 14.52 -35.04 27.07
N ALA S 41 13.56 -34.15 27.36
CA ALA S 41 13.88 -32.92 28.08
C ALA S 41 14.32 -33.18 29.50
N LYS S 42 13.72 -34.19 30.16
CA LYS S 42 14.14 -34.58 31.50
C LYS S 42 15.58 -35.10 31.51
N ALA S 43 15.91 -35.98 30.55
CA ALA S 43 17.25 -36.54 30.50
C ALA S 43 18.29 -35.48 30.15
N LEU S 44 17.94 -34.55 29.25
CA LEU S 44 18.86 -33.46 28.94
C LEU S 44 19.01 -32.49 30.11
N THR S 45 17.93 -32.28 30.88
CA THR S 45 18.02 -31.46 32.08
C THR S 45 18.95 -32.08 33.11
N ASP S 46 18.86 -33.40 33.30
CA ASP S 46 19.75 -34.05 34.26
C ASP S 46 21.19 -34.11 33.78
N ASN S 47 21.43 -34.25 32.47
CA ASN S 47 22.78 -34.39 31.96
C ASN S 47 23.28 -33.05 31.39
N ALA S 48 22.59 -31.94 31.74
CA ALA S 48 22.85 -30.64 31.13
C ALA S 48 24.23 -30.09 31.47
N GLN S 49 24.67 -30.20 32.72
CA GLN S 49 25.96 -29.64 33.12
C GLN S 49 27.11 -30.36 32.44
N SER S 50 27.07 -31.69 32.44
CA SER S 50 28.08 -32.49 31.77
C SER S 50 28.05 -32.28 30.26
N LEU S 51 26.86 -32.15 29.67
CA LEU S 51 26.75 -31.94 28.23
C LEU S 51 27.27 -30.58 27.82
N VAL S 52 26.99 -29.54 28.62
CA VAL S 52 27.47 -28.20 28.29
C VAL S 52 28.98 -28.11 28.45
N ASN S 53 29.53 -28.69 29.52
CA ASN S 53 30.98 -28.69 29.71
C ASN S 53 31.70 -29.50 28.63
N GLY S 54 31.15 -30.66 28.26
CA GLY S 54 31.74 -31.44 27.20
C GLY S 54 31.62 -30.78 25.84
N ALA S 55 30.52 -30.08 25.59
CA ALA S 55 30.35 -29.37 24.33
C ALA S 55 31.33 -28.21 24.21
N ALA S 56 31.51 -27.46 25.30
CA ALA S 56 32.50 -26.39 25.31
C ALA S 56 33.90 -26.93 25.12
N GLN S 57 34.20 -28.06 25.77
CA GLN S 57 35.51 -28.69 25.60
C GLN S 57 35.73 -29.18 24.17
N ALA S 58 34.68 -29.72 23.53
CA ALA S 58 34.79 -30.18 22.16
C ALA S 58 34.99 -29.03 21.18
N VAL S 59 34.34 -27.88 21.45
CA VAL S 59 34.59 -26.68 20.67
C VAL S 59 36.05 -26.23 20.84
N TYR S 60 36.58 -26.36 22.06
CA TYR S 60 37.97 -26.00 22.29
C TYR S 60 38.93 -26.98 21.63
N ASN S 61 38.52 -28.24 21.44
CA ASN S 61 39.36 -29.18 20.70
C ASN S 61 39.36 -28.88 19.21
N LYS S 62 38.17 -28.65 18.61
CA LYS S 62 38.15 -28.39 17.17
C LYS S 62 38.67 -27.01 16.86
N PHE S 63 38.49 -26.05 17.75
CA PHE S 63 38.95 -24.67 17.57
C PHE S 63 39.83 -24.31 18.76
N PRO S 64 41.11 -24.74 18.75
CA PRO S 64 42.01 -24.37 19.85
C PRO S 64 42.34 -22.90 19.88
N TYR S 65 42.23 -22.20 18.75
CA TYR S 65 42.59 -20.77 18.68
C TYR S 65 41.67 -19.91 19.54
N THR S 66 40.47 -20.39 19.84
CA THR S 66 39.57 -19.69 20.75
C THR S 66 40.09 -19.67 22.17
N THR S 67 41.01 -20.57 22.53
CA THR S 67 41.57 -20.60 23.88
C THR S 67 42.92 -19.93 24.01
N GLN S 68 43.64 -19.67 22.90
CA GLN S 68 44.97 -19.06 22.99
C GLN S 68 44.95 -17.56 22.73
N THR S 69 44.45 -17.13 21.58
CA THR S 69 44.66 -15.75 21.16
C THR S 69 43.73 -14.80 21.93
N GLN S 70 44.22 -13.58 22.12
CA GLN S 70 43.48 -12.59 22.87
C GLN S 70 42.37 -12.00 22.02
N GLY S 71 41.29 -11.61 22.68
CA GLY S 71 40.15 -11.04 21.98
C GLY S 71 38.91 -11.09 22.84
N ASN S 72 38.01 -10.12 22.64
CA ASN S 72 36.77 -10.09 23.41
C ASN S 72 35.85 -11.24 23.01
N ASN S 73 35.88 -11.64 21.75
CA ASN S 73 35.01 -12.71 21.25
C ASN S 73 35.56 -14.10 21.50
N PHE S 74 36.74 -14.23 22.09
CA PHE S 74 37.38 -15.52 22.29
C PHE S 74 37.37 -15.91 23.76
N ALA S 75 37.56 -17.21 24.00
CA ALA S 75 37.52 -17.80 25.34
C ALA S 75 38.91 -18.04 25.91
N ALA S 76 39.85 -17.14 25.63
CA ALA S 76 41.18 -17.28 26.18
C ALA S 76 41.22 -16.99 27.67
N ASP S 77 40.39 -16.06 28.14
CA ASP S 77 40.30 -15.72 29.55
C ASP S 77 39.15 -16.49 30.19
N GLN S 78 38.98 -16.27 31.50
CA GLN S 78 37.87 -16.90 32.21
C GLN S 78 36.53 -16.27 31.83
N ARG S 79 36.53 -14.98 31.47
CA ARG S 79 35.30 -14.32 31.05
C ARG S 79 34.78 -14.91 29.75
N GLY S 80 35.67 -15.16 28.79
CA GLY S 80 35.26 -15.76 27.53
C GLY S 80 34.80 -17.20 27.68
N LYS S 81 35.45 -17.96 28.57
CA LYS S 81 35.02 -19.33 28.84
C LYS S 81 33.66 -19.36 29.52
N ASP S 82 33.42 -18.42 30.44
CA ASP S 82 32.10 -18.31 31.06
C ASP S 82 31.04 -17.91 30.05
N LYS S 83 31.40 -17.02 29.11
CA LYS S 83 30.45 -16.64 28.06
C LYS S 83 30.14 -17.80 27.13
N CYS S 84 31.15 -18.62 26.80
CA CYS S 84 30.91 -19.78 25.95
C CYS S 84 30.06 -20.84 26.66
N ALA S 85 30.33 -21.08 27.95
CA ALA S 85 29.53 -22.03 28.71
C ALA S 85 28.09 -21.54 28.87
N ARG S 86 27.92 -20.23 29.06
CA ARG S 86 26.59 -19.63 29.14
C ARG S 86 25.86 -19.74 27.81
N ASP S 87 26.58 -19.55 26.70
CA ASP S 87 25.98 -19.68 25.36
C ASP S 87 25.50 -21.09 25.09
N ILE S 88 26.35 -22.08 25.39
CA ILE S 88 25.99 -23.47 25.14
C ILE S 88 24.89 -23.93 26.11
N GLY S 89 24.88 -23.38 27.34
CA GLY S 89 23.77 -23.63 28.24
C GLY S 89 22.46 -23.04 27.74
N TYR S 90 22.53 -21.85 27.14
CA TYR S 90 21.36 -21.25 26.49
C TYR S 90 20.84 -22.13 25.36
N TYR S 91 21.76 -22.63 24.53
CA TYR S 91 21.40 -23.50 23.41
C TYR S 91 20.73 -24.79 23.90
N LEU S 92 21.34 -25.44 24.90
CA LEU S 92 20.80 -26.70 25.40
C LEU S 92 19.47 -26.50 26.12
N ARG S 93 19.33 -25.41 26.87
CA ARG S 93 18.09 -25.11 27.58
C ARG S 93 16.96 -24.82 26.59
N ILE S 94 17.25 -24.12 25.50
CA ILE S 94 16.21 -23.85 24.51
C ILE S 94 15.88 -25.12 23.70
N VAL S 95 16.85 -26.02 23.53
CA VAL S 95 16.53 -27.33 22.93
C VAL S 95 15.60 -28.14 23.84
N THR S 96 15.83 -28.10 25.15
CA THR S 96 14.90 -28.74 26.08
C THR S 96 13.52 -28.08 26.04
N TYR S 97 13.49 -26.76 25.89
CA TYR S 97 12.22 -26.04 25.76
C TYR S 97 11.48 -26.45 24.50
N CYS S 98 12.22 -26.68 23.40
CA CYS S 98 11.62 -27.18 22.17
C CYS S 98 11.12 -28.61 22.32
N LEU S 99 11.83 -29.40 23.12
CA LEU S 99 11.41 -30.77 23.40
C LEU S 99 10.09 -30.77 24.17
N VAL S 100 9.97 -29.87 25.15
CA VAL S 100 8.74 -29.76 25.92
C VAL S 100 7.60 -29.22 25.05
N ALA S 101 7.87 -28.15 24.30
CA ALA S 101 6.85 -27.49 23.51
C ALA S 101 6.44 -28.31 22.28
N GLY S 102 7.30 -29.20 21.80
CA GLY S 102 6.95 -30.01 20.65
C GLY S 102 7.09 -29.32 19.32
N GLY S 103 7.98 -28.34 19.22
CA GLY S 103 8.23 -27.66 17.97
C GLY S 103 9.42 -26.73 18.16
N THR S 104 9.83 -26.11 17.06
CA THR S 104 10.98 -25.21 17.08
C THR S 104 10.60 -23.79 17.50
N GLY S 105 9.48 -23.60 18.16
CA GLY S 105 9.04 -22.33 18.66
C GLY S 105 9.95 -21.62 19.66
N PRO S 106 10.42 -22.33 20.70
CA PRO S 106 11.45 -21.71 21.56
C PRO S 106 12.75 -21.35 20.85
N LEU S 107 13.20 -22.13 19.87
CA LEU S 107 14.36 -21.72 19.09
C LEU S 107 14.06 -20.49 18.24
N ASP S 108 12.89 -20.45 17.59
CA ASP S 108 12.55 -19.34 16.72
C ASP S 108 12.35 -18.04 17.50
N GLU S 109 11.79 -18.14 18.71
CA GLU S 109 11.55 -16.93 19.48
C GLU S 109 12.74 -16.52 20.33
N TYR S 110 13.49 -17.47 20.88
CA TYR S 110 14.56 -17.17 21.81
C TYR S 110 15.95 -17.20 21.19
N LEU S 111 16.17 -18.03 20.16
CA LEU S 111 17.55 -18.20 19.74
C LEU S 111 17.77 -18.00 18.24
N ILE S 112 16.86 -18.45 17.38
CA ILE S 112 17.14 -18.43 15.94
C ILE S 112 17.04 -17.02 15.38
N ALA S 113 16.00 -16.29 15.74
CA ALA S 113 15.75 -14.98 15.15
C ALA S 113 16.76 -13.96 15.67
N GLY S 114 17.60 -13.45 14.77
CA GLY S 114 18.60 -12.46 15.13
C GLY S 114 19.96 -13.01 15.52
N ILE S 115 20.17 -14.31 15.46
CA ILE S 115 21.47 -14.88 15.82
C ILE S 115 22.53 -14.55 14.77
N ASP S 116 22.12 -14.29 13.52
CA ASP S 116 23.06 -13.88 12.50
C ASP S 116 23.64 -12.50 12.80
N GLU S 117 22.79 -11.59 13.27
CA GLU S 117 23.24 -10.25 13.63
C GLU S 117 24.11 -10.26 14.88
N ILE S 118 23.84 -11.19 15.81
CA ILE S 118 24.69 -11.34 16.98
C ILE S 118 26.05 -11.88 16.59
N ASN S 119 26.08 -12.93 15.76
CA ASN S 119 27.35 -13.52 15.35
C ASN S 119 28.15 -12.58 14.46
N ARG S 120 27.48 -11.72 13.70
CA ARG S 120 28.20 -10.71 12.93
C ARG S 120 28.72 -9.59 13.82
N THR S 121 27.88 -9.12 14.75
CA THR S 121 28.23 -7.93 15.56
C THR S 121 29.33 -8.24 16.55
N PHE S 122 29.20 -9.34 17.29
CA PHE S 122 30.11 -9.67 18.36
C PHE S 122 31.22 -10.61 17.92
N ASP S 123 31.37 -10.80 16.60
CA ASP S 123 32.46 -11.57 15.98
C ASP S 123 32.50 -13.02 16.47
N LEU S 124 31.33 -13.61 16.66
CA LEU S 124 31.22 -14.99 17.07
C LEU S 124 31.05 -15.86 15.84
N SER S 125 31.75 -16.98 15.82
CA SER S 125 31.64 -17.88 14.68
C SER S 125 30.51 -18.88 14.93
N PRO S 126 29.59 -19.04 13.97
CA PRO S 126 28.55 -20.07 14.13
C PRO S 126 29.07 -21.49 14.08
N SER S 127 30.27 -21.72 13.57
CA SER S 127 30.85 -23.07 13.53
C SER S 127 31.14 -23.60 14.94
N TRP S 128 31.46 -22.70 15.88
CA TRP S 128 31.63 -23.08 17.27
C TRP S 128 30.35 -23.67 17.84
N TYR S 129 29.23 -22.97 17.63
CA TYR S 129 27.95 -23.46 18.12
C TYR S 129 27.48 -24.69 17.35
N VAL S 130 27.87 -24.81 16.08
CA VAL S 130 27.55 -26.01 15.30
C VAL S 130 28.27 -27.23 15.88
N GLU S 131 29.54 -27.09 16.24
CA GLU S 131 30.24 -28.19 16.92
C GLU S 131 29.68 -28.46 18.31
N ALA S 132 29.24 -27.43 19.04
CA ALA S 132 28.59 -27.66 20.34
C ALA S 132 27.31 -28.47 20.19
N LEU S 133 26.47 -28.11 19.22
CA LEU S 133 25.25 -28.86 18.96
C LEU S 133 25.53 -30.26 18.42
N LYS S 134 26.64 -30.43 17.68
CA LYS S 134 27.02 -31.76 17.23
C LYS S 134 27.52 -32.63 18.37
N TYR S 135 28.15 -32.03 19.38
CA TYR S 135 28.51 -32.81 20.57
C TYR S 135 27.25 -33.20 21.35
N ILE S 136 26.26 -32.31 21.39
CA ILE S 136 24.98 -32.69 22.03
C ILE S 136 24.31 -33.81 21.25
N LYS S 137 24.44 -33.80 19.91
CA LYS S 137 24.00 -34.92 19.10
C LYS S 137 24.79 -36.18 19.40
N ALA S 138 26.08 -36.04 19.72
CA ALA S 138 26.91 -37.21 19.94
C ALA S 138 26.70 -37.86 21.29
N ASN S 139 26.34 -37.09 22.32
CA ASN S 139 26.40 -37.60 23.69
C ASN S 139 25.14 -37.29 24.51
N HIS S 140 24.00 -37.10 23.87
CA HIS S 140 22.77 -36.92 24.66
C HIS S 140 22.26 -38.24 25.21
N GLY S 141 22.52 -39.35 24.52
CA GLY S 141 22.20 -40.66 25.04
C GLY S 141 20.77 -41.11 24.86
N LEU S 142 19.92 -40.30 24.25
CA LEU S 142 18.54 -40.69 24.01
C LEU S 142 18.47 -41.68 22.86
N SER S 143 17.45 -42.53 22.89
CA SER S 143 17.27 -43.55 21.88
C SER S 143 15.79 -43.66 21.54
N GLY S 144 15.50 -43.96 20.28
CA GLY S 144 14.13 -44.23 19.89
C GLY S 144 13.40 -42.97 19.48
N ASP S 145 12.18 -42.81 20.01
CA ASP S 145 11.30 -41.74 19.56
C ASP S 145 11.76 -40.40 20.12
N ALA S 146 12.40 -40.42 21.29
CA ALA S 146 12.87 -39.19 21.91
C ALA S 146 14.14 -38.67 21.23
N ARG S 147 14.94 -39.57 20.65
CA ARG S 147 16.19 -39.18 20.01
C ARG S 147 15.92 -38.37 18.74
N ASP S 148 14.88 -38.73 17.99
CA ASP S 148 14.57 -38.03 16.76
C ASP S 148 13.99 -36.65 17.04
N GLU S 149 13.31 -36.48 18.18
CA GLU S 149 12.96 -35.14 18.66
C GLU S 149 14.19 -34.29 18.95
N ALA S 150 15.12 -34.81 19.74
CA ALA S 150 16.28 -34.02 20.14
C ALA S 150 17.15 -33.66 18.95
N ASN S 151 17.38 -34.62 18.05
CA ASN S 151 18.22 -34.38 16.88
C ASN S 151 17.57 -33.42 15.89
N SER S 152 16.24 -33.36 15.86
CA SER S 152 15.56 -32.44 14.95
C SER S 152 15.78 -30.98 15.37
N TYR S 153 15.73 -30.71 16.68
CA TYR S 153 15.94 -29.35 17.15
C TYR S 153 17.42 -28.98 17.11
N LEU S 154 18.31 -29.94 17.33
CA LEU S 154 19.73 -29.68 17.25
C LEU S 154 20.16 -29.42 15.80
N ASP S 155 19.58 -30.16 14.85
CA ASP S 155 19.89 -29.91 13.44
C ASP S 155 19.20 -28.66 12.92
N TYR S 156 18.06 -28.29 13.50
CA TYR S 156 17.40 -27.05 13.11
C TYR S 156 18.25 -25.85 13.46
N ALA S 157 18.87 -25.86 14.63
CA ALA S 157 19.80 -24.79 15.01
C ALA S 157 21.08 -24.87 14.19
N ILE S 158 21.53 -26.08 13.84
CA ILE S 158 22.70 -26.25 12.99
C ILE S 158 22.42 -25.72 11.58
N ASN S 159 21.24 -26.03 11.04
CA ASN S 159 20.87 -25.54 9.71
C ASN S 159 20.62 -24.04 9.71
N ALA S 160 20.25 -23.47 10.87
CA ALA S 160 20.13 -22.02 10.97
C ALA S 160 21.47 -21.34 11.05
N LEU S 161 22.46 -22.00 11.67
CA LEU S 161 23.79 -21.43 11.81
C LEU S 161 24.72 -21.79 10.65
N SER S 162 24.27 -22.60 9.72
CA SER S 162 25.15 -23.04 8.64
C SER S 162 24.39 -23.29 7.35
N MET T 1 1.51 -16.22 21.12
CA MET T 1 0.59 -16.72 22.14
C MET T 1 1.00 -18.10 22.60
N PHE T 2 0.47 -18.53 23.75
CA PHE T 2 0.96 -19.71 24.44
C PHE T 2 -0.07 -20.83 24.45
N ASP T 3 0.44 -22.04 24.67
CA ASP T 3 -0.36 -23.21 25.03
C ASP T 3 0.06 -23.65 26.43
N VAL T 4 -0.42 -24.83 26.84
CA VAL T 4 -0.14 -25.32 28.19
C VAL T 4 1.34 -25.64 28.37
N PHE T 5 2.00 -26.14 27.31
CA PHE T 5 3.44 -26.38 27.38
C PHE T 5 4.22 -25.08 27.34
N THR T 6 3.84 -24.17 26.43
CA THR T 6 4.65 -22.99 26.19
C THR T 6 4.50 -21.94 27.27
N ARG T 7 3.42 -22.00 28.06
CA ARG T 7 3.30 -21.11 29.20
C ARG T 7 4.40 -21.37 30.23
N VAL T 8 4.61 -22.65 30.58
CA VAL T 8 5.66 -22.96 31.54
C VAL T 8 7.03 -22.93 30.87
N VAL T 9 7.11 -23.11 29.54
CA VAL T 9 8.36 -22.88 28.82
C VAL T 9 8.78 -21.42 28.91
N SER T 10 7.84 -20.49 28.69
CA SER T 10 8.15 -19.06 28.78
C SER T 10 8.44 -18.65 30.21
N GLN T 11 7.73 -19.23 31.17
CA GLN T 11 8.00 -18.93 32.58
C GLN T 11 9.36 -19.46 33.02
N ALA T 12 9.81 -20.57 32.45
CA ALA T 12 11.16 -21.06 32.75
C ALA T 12 12.23 -20.24 32.05
N ASP T 13 11.95 -19.80 30.81
CA ASP T 13 12.90 -18.99 30.07
C ASP T 13 13.07 -17.60 30.68
N ALA T 14 12.00 -17.07 31.30
CA ALA T 14 12.12 -15.80 32.01
C ALA T 14 12.99 -15.93 33.26
N ARG T 15 13.06 -17.13 33.84
CA ARG T 15 13.98 -17.38 34.96
C ARG T 15 15.32 -17.93 34.51
N GLY T 16 15.42 -18.42 33.28
CA GLY T 16 16.67 -18.98 32.81
C GLY T 16 17.02 -20.32 33.41
N GLU T 17 16.03 -21.06 33.89
CA GLU T 17 16.25 -22.36 34.49
C GLU T 17 15.59 -23.41 33.61
N TYR T 18 16.12 -24.63 33.71
CA TYR T 18 15.47 -25.78 33.08
C TYR T 18 14.18 -26.10 33.81
N LEU T 19 13.29 -26.80 33.11
CA LEU T 19 12.07 -27.26 33.76
C LEU T 19 12.38 -28.37 34.75
N SER T 20 11.86 -28.21 35.97
CA SER T 20 12.07 -29.19 37.02
C SER T 20 11.22 -30.42 36.78
N GLY T 21 11.44 -31.45 37.61
CA GLY T 21 10.68 -32.69 37.48
C GLY T 21 9.20 -32.52 37.79
N SER T 22 8.86 -31.60 38.68
CA SER T 22 7.46 -31.36 39.00
C SER T 22 6.71 -30.75 37.82
N GLN T 23 7.34 -29.81 37.10
CA GLN T 23 6.70 -29.21 35.95
C GLN T 23 6.55 -30.19 34.80
N LEU T 24 7.55 -31.04 34.58
CA LEU T 24 7.45 -32.08 33.57
C LEU T 24 6.41 -33.13 33.93
N ASP T 25 6.27 -33.45 35.23
CA ASP T 25 5.23 -34.38 35.64
C ASP T 25 3.83 -33.76 35.50
N ALA T 26 3.71 -32.46 35.75
CA ALA T 26 2.45 -31.77 35.51
C ALA T 26 2.09 -31.76 34.03
N LEU T 27 3.08 -31.56 33.17
CA LEU T 27 2.84 -31.62 31.73
C LEU T 27 2.52 -33.04 31.26
N SER T 28 3.11 -34.05 31.91
CA SER T 28 2.74 -35.44 31.62
C SER T 28 1.30 -35.73 32.02
N ALA T 29 0.87 -35.16 33.16
CA ALA T 29 -0.54 -35.26 33.55
C ALA T 29 -1.44 -34.56 32.54
N THR T 30 -0.99 -33.43 32.00
CA THR T 30 -1.73 -32.74 30.94
C THR T 30 -1.83 -33.60 29.68
N VAL T 31 -0.74 -34.29 29.32
CA VAL T 31 -0.75 -35.21 28.17
C VAL T 31 -1.72 -36.37 28.42
N ALA T 32 -1.78 -36.85 29.66
CA ALA T 32 -2.73 -37.90 30.00
C ALA T 32 -4.18 -37.41 29.93
N GLU T 33 -4.42 -36.15 30.32
CA GLU T 33 -5.75 -35.55 30.20
C GLU T 33 -6.10 -35.09 28.80
N GLY T 34 -5.12 -35.10 27.88
CA GLY T 34 -5.30 -34.52 26.56
C GLY T 34 -6.34 -35.21 25.69
N ASN T 35 -6.55 -36.51 25.86
CA ASN T 35 -7.58 -37.20 25.07
C ASN T 35 -8.97 -36.72 25.45
N LYS T 36 -9.23 -36.57 26.75
CA LYS T 36 -10.49 -35.98 27.20
C LYS T 36 -10.58 -34.51 26.82
N ARG T 37 -9.44 -33.81 26.76
CA ARG T 37 -9.41 -32.43 26.28
C ARG T 37 -9.84 -32.33 24.82
N ILE T 38 -9.33 -33.24 23.98
CA ILE T 38 -9.70 -33.29 22.57
C ILE T 38 -11.17 -33.67 22.42
N ASP T 39 -11.65 -34.58 23.27
CA ASP T 39 -13.08 -34.94 23.27
C ASP T 39 -13.96 -33.75 23.61
N SER T 40 -13.56 -32.96 24.60
CA SER T 40 -14.32 -31.77 24.98
C SER T 40 -14.33 -30.73 23.86
N VAL T 41 -13.17 -30.52 23.22
CA VAL T 41 -13.07 -29.60 22.09
C VAL T 41 -13.97 -30.07 20.93
N ASN T 42 -13.95 -31.38 20.67
CA ASN T 42 -14.76 -31.96 19.60
C ASN T 42 -16.25 -31.83 19.89
N ARG T 43 -16.65 -32.02 21.14
CA ARG T 43 -18.08 -31.95 21.48
C ARG T 43 -18.60 -30.52 21.41
N ILE T 44 -17.83 -29.55 21.92
CA ILE T 44 -18.27 -28.15 21.83
C ILE T 44 -18.25 -27.68 20.38
N THR T 45 -17.26 -28.10 19.60
CA THR T 45 -17.20 -27.76 18.18
C THR T 45 -18.38 -28.35 17.42
N GLY T 46 -18.76 -29.59 17.74
CA GLY T 46 -19.91 -30.21 17.10
C GLY T 46 -21.21 -29.52 17.42
N ASN T 47 -21.45 -29.21 18.70
CA ASN T 47 -22.72 -28.60 19.07
C ASN T 47 -22.62 -27.09 19.29
N ALA T 48 -21.67 -26.44 18.60
CA ALA T 48 -21.48 -24.99 18.71
C ALA T 48 -22.71 -24.20 18.27
N SER T 49 -23.29 -24.57 17.12
CA SER T 49 -24.46 -23.84 16.62
C SER T 49 -25.67 -24.02 17.53
N ALA T 50 -25.85 -25.24 18.06
CA ALA T 50 -26.92 -25.49 19.02
C ALA T 50 -26.71 -24.71 20.31
N ILE T 51 -25.46 -24.63 20.78
CA ILE T 51 -25.14 -23.88 22.00
C ILE T 51 -25.45 -22.41 21.82
N VAL T 52 -25.02 -21.84 20.68
CA VAL T 52 -25.22 -20.42 20.40
C VAL T 52 -26.70 -20.09 20.25
N SER T 53 -27.44 -20.90 19.49
CA SER T 53 -28.86 -20.62 19.24
C SER T 53 -29.70 -20.81 20.50
N ASN T 54 -29.48 -21.91 21.24
CA ASN T 54 -30.26 -22.18 22.44
C ASN T 54 -29.94 -21.17 23.54
N ALA T 55 -28.68 -20.79 23.69
CA ALA T 55 -28.34 -19.82 24.72
C ALA T 55 -28.80 -18.41 24.37
N ALA T 56 -28.78 -18.05 23.08
CA ALA T 56 -29.34 -16.77 22.67
C ALA T 56 -30.85 -16.74 22.90
N ARG T 57 -31.54 -17.84 22.58
CA ARG T 57 -32.98 -17.92 22.82
C ARG T 57 -33.31 -17.84 24.31
N ALA T 58 -32.52 -18.52 25.15
CA ALA T 58 -32.73 -18.46 26.59
C ALA T 58 -32.41 -17.08 27.14
N LEU T 59 -31.40 -16.42 26.58
CA LEU T 59 -31.02 -15.08 27.03
C LEU T 59 -32.09 -14.05 26.69
N PHE T 60 -32.66 -14.14 25.49
CA PHE T 60 -33.73 -13.21 25.12
C PHE T 60 -35.09 -13.61 25.67
N ALA T 61 -35.23 -14.85 26.15
CA ALA T 61 -36.40 -15.19 26.95
C ALA T 61 -36.29 -14.60 28.36
N GLU T 62 -35.09 -14.69 28.96
CA GLU T 62 -34.89 -14.13 30.28
C GLU T 62 -34.72 -12.63 30.26
N GLN T 63 -34.19 -12.07 29.17
CA GLN T 63 -34.01 -10.62 29.04
C GLN T 63 -34.66 -10.16 27.74
N PRO T 64 -35.98 -9.97 27.74
CA PRO T 64 -36.66 -9.52 26.52
C PRO T 64 -36.42 -8.05 26.20
N GLN T 65 -35.74 -7.31 27.06
CA GLN T 65 -35.43 -5.91 26.78
C GLN T 65 -34.41 -5.75 25.67
N LEU T 66 -33.67 -6.82 25.36
CA LEU T 66 -32.59 -6.72 24.33
C LEU T 66 -33.19 -6.78 22.91
N ILE T 67 -34.31 -7.47 22.71
CA ILE T 67 -34.85 -7.65 21.33
C ILE T 67 -35.97 -6.62 21.06
N GLN T 68 -36.44 -5.91 22.08
CA GLN T 68 -37.54 -4.95 21.88
C GLN T 68 -37.08 -3.85 20.90
N PRO T 69 -37.97 -3.26 20.07
CA PRO T 69 -37.56 -2.19 19.18
C PRO T 69 -36.82 -1.12 19.96
N GLY T 70 -35.55 -0.89 19.61
CA GLY T 70 -34.72 0.06 20.37
C GLY T 70 -33.72 -0.69 21.23
N GLY T 71 -33.96 -1.99 21.43
CA GLY T 71 -33.02 -2.81 22.22
C GLY T 71 -31.70 -3.00 21.49
N ASN T 72 -30.67 -3.43 22.20
CA ASN T 72 -29.32 -3.55 21.59
C ASN T 72 -29.35 -4.63 20.50
N ALA T 73 -29.98 -5.77 20.79
CA ALA T 73 -30.02 -6.89 19.82
C ALA T 73 -31.19 -6.74 18.84
N TYR T 74 -31.83 -5.56 18.83
CA TYR T 74 -32.91 -5.30 17.83
C TYR T 74 -32.25 -5.03 16.48
N THR T 75 -32.97 -5.12 15.36
CA THR T 75 -32.43 -4.97 13.98
C THR T 75 -31.65 -6.22 13.61
N SER T 76 -31.88 -6.74 12.41
CA SER T 76 -31.23 -8.02 12.00
C SER T 76 -29.69 -7.91 12.12
N ARG T 77 -29.10 -6.78 11.73
CA ARG T 77 -27.62 -6.64 11.73
C ARG T 77 -27.09 -6.73 13.16
N ARG T 78 -27.73 -6.02 14.09
CA ARG T 78 -27.26 -6.02 15.51
C ARG T 78 -27.50 -7.42 16.10
N MET T 79 -28.62 -8.05 15.75
CA MET T 79 -28.89 -9.44 16.22
C MET T 79 -27.84 -10.38 15.60
N ALA T 80 -27.53 -10.19 14.32
CA ALA T 80 -26.48 -11.01 13.68
C ALA T 80 -25.17 -10.80 14.45
N ALA T 81 -24.77 -9.54 14.63
CA ALA T 81 -23.55 -9.26 15.39
C ALA T 81 -23.59 -9.90 16.78
N CYS T 82 -24.77 -9.98 17.38
CA CYS T 82 -24.95 -10.68 18.67
C CYS T 82 -24.62 -12.17 18.55
N LEU T 83 -25.22 -12.84 17.57
CA LEU T 83 -24.97 -14.26 17.35
C LEU T 83 -23.53 -14.51 16.91
N ARG T 84 -22.96 -13.59 16.13
CA ARG T 84 -21.56 -13.67 15.76
C ARG T 84 -20.66 -13.53 16.98
N ASP T 85 -21.02 -12.64 17.91
CA ASP T 85 -20.24 -12.46 19.13
C ASP T 85 -20.26 -13.71 19.99
N MET T 86 -21.44 -14.33 20.12
CA MET T 86 -21.54 -15.58 20.88
C MET T 86 -20.73 -16.69 20.22
N GLU T 87 -20.79 -16.78 18.88
CA GLU T 87 -20.04 -17.80 18.15
C GLU T 87 -18.52 -17.59 18.27
N ILE T 88 -18.07 -16.33 18.19
CA ILE T 88 -16.65 -16.01 18.34
C ILE T 88 -16.16 -16.31 19.75
N ILE T 89 -16.96 -15.98 20.77
CA ILE T 89 -16.58 -16.27 22.15
C ILE T 89 -16.50 -17.78 22.38
N LEU T 90 -17.44 -18.55 21.82
CA LEU T 90 -17.36 -20.01 21.87
C LEU T 90 -16.13 -20.55 21.15
N ARG T 91 -15.82 -19.95 19.99
CA ARG T 91 -14.66 -20.37 19.21
C ARG T 91 -13.36 -20.15 19.97
N TYR T 92 -13.25 -19.02 20.66
CA TYR T 92 -12.04 -18.76 21.43
C TYR T 92 -11.98 -19.55 22.73
N VAL T 93 -13.13 -19.91 23.31
CA VAL T 93 -13.13 -20.84 24.43
C VAL T 93 -12.66 -22.22 23.99
N THR T 94 -13.08 -22.66 22.80
CA THR T 94 -12.56 -23.92 22.26
C THR T 94 -11.08 -23.83 21.92
N TYR T 95 -10.62 -22.65 21.46
CA TYR T 95 -9.19 -22.45 21.23
C TYR T 95 -8.40 -22.55 22.52
N ALA T 96 -8.90 -21.95 23.60
CA ALA T 96 -8.23 -22.01 24.89
C ALA T 96 -8.26 -23.41 25.49
N THR T 97 -9.35 -24.15 25.25
CA THR T 97 -9.40 -25.55 25.67
C THR T 97 -8.41 -26.40 24.89
N PHE T 98 -8.28 -26.12 23.59
CA PHE T 98 -7.35 -26.84 22.73
C PHE T 98 -5.91 -26.60 23.15
N THR T 99 -5.55 -25.32 23.37
CA THR T 99 -4.19 -25.00 23.78
C THR T 99 -3.91 -25.38 25.22
N GLY T 100 -4.94 -25.45 26.06
CA GLY T 100 -4.72 -25.66 27.47
C GLY T 100 -4.31 -24.43 28.24
N ASP T 101 -4.26 -23.28 27.56
CA ASP T 101 -3.94 -22.00 28.19
C ASP T 101 -4.89 -20.97 27.63
N ALA T 102 -5.22 -19.98 28.46
CA ALA T 102 -6.13 -18.91 28.05
C ALA T 102 -5.41 -17.74 27.41
N SER T 103 -4.22 -17.96 26.85
CA SER T 103 -3.51 -16.89 26.16
C SER T 103 -4.25 -16.44 24.90
N VAL T 104 -4.78 -17.40 24.14
CA VAL T 104 -5.51 -17.05 22.92
C VAL T 104 -6.83 -16.35 23.24
N LEU T 105 -7.54 -16.81 24.29
CA LEU T 105 -8.85 -16.25 24.60
C LEU T 105 -8.72 -14.85 25.19
N GLU T 106 -7.81 -14.67 26.15
CA GLU T 106 -7.64 -13.35 26.76
C GLU T 106 -6.94 -12.39 25.82
N ASP T 107 -5.88 -12.85 25.14
CA ASP T 107 -5.06 -11.95 24.34
C ASP T 107 -5.73 -11.58 23.01
N ARG T 108 -6.43 -12.53 22.38
CA ARG T 108 -6.99 -12.25 21.05
C ARG T 108 -8.45 -11.82 21.09
N CYS T 109 -9.21 -12.23 22.12
CA CYS T 109 -10.65 -12.00 22.14
C CYS T 109 -11.10 -11.13 23.30
N LEU T 110 -10.57 -11.37 24.51
CA LEU T 110 -11.07 -10.65 25.68
C LEU T 110 -10.40 -9.30 25.88
N ASN T 111 -9.20 -9.09 25.35
CA ASN T 111 -8.53 -7.82 25.49
C ASN T 111 -9.22 -6.78 24.63
N GLY T 112 -9.70 -5.71 25.26
CA GLY T 112 -10.37 -4.64 24.55
C GLY T 112 -11.83 -4.92 24.19
N LEU T 113 -12.36 -6.08 24.57
CA LEU T 113 -13.76 -6.39 24.27
C LEU T 113 -14.70 -5.58 25.15
N ARG T 114 -14.32 -5.37 26.41
CA ARG T 114 -15.11 -4.53 27.29
C ARG T 114 -15.16 -3.09 26.81
N GLU T 115 -14.04 -2.58 26.30
CA GLU T 115 -14.01 -1.22 25.74
C GLU T 115 -14.90 -1.10 24.52
N THR T 116 -14.90 -2.13 23.66
CA THR T 116 -15.75 -2.14 22.48
C THR T 116 -17.23 -2.17 22.86
N TYR T 117 -17.59 -3.00 23.84
CA TYR T 117 -18.98 -3.10 24.26
C TYR T 117 -19.45 -1.85 24.97
N VAL T 118 -18.57 -1.20 25.74
CA VAL T 118 -18.87 0.10 26.31
C VAL T 118 -19.05 1.16 25.24
N ALA T 119 -18.18 1.18 24.23
CA ALA T 119 -18.24 2.21 23.20
C ALA T 119 -19.47 2.05 22.31
N LEU T 120 -19.92 0.82 22.08
CA LEU T 120 -21.14 0.63 21.30
C LEU T 120 -22.41 0.79 22.10
N GLY T 121 -22.32 0.82 23.42
CA GLY T 121 -23.51 0.73 24.24
C GLY T 121 -24.03 -0.68 24.41
N VAL T 122 -23.21 -1.67 24.09
CA VAL T 122 -23.59 -3.07 24.30
C VAL T 122 -23.60 -3.38 25.79
N PRO T 123 -24.69 -3.92 26.34
CA PRO T 123 -24.68 -4.30 27.76
C PRO T 123 -23.80 -5.52 28.01
N GLY T 124 -22.66 -5.31 28.67
CA GLY T 124 -21.73 -6.40 28.93
C GLY T 124 -22.23 -7.39 29.95
N ALA T 125 -23.16 -6.98 30.82
CA ALA T 125 -23.79 -7.93 31.73
C ALA T 125 -24.65 -8.93 30.98
N SER T 126 -25.33 -8.48 29.93
CA SER T 126 -26.12 -9.40 29.10
C SER T 126 -25.21 -10.34 28.31
N VAL T 127 -24.05 -9.86 27.87
CA VAL T 127 -23.05 -10.72 27.25
C VAL T 127 -22.55 -11.75 28.24
N ALA T 128 -22.31 -11.34 29.48
CA ALA T 128 -21.86 -12.26 30.52
C ALA T 128 -22.94 -13.31 30.84
N ALA T 129 -24.21 -12.90 30.84
CA ALA T 129 -25.30 -13.85 31.05
C ALA T 129 -25.40 -14.85 29.89
N GLY T 130 -25.23 -14.37 28.66
CA GLY T 130 -25.23 -15.28 27.52
C GLY T 130 -24.06 -16.24 27.53
N VAL T 131 -22.87 -15.75 27.90
CA VAL T 131 -21.68 -16.58 28.02
C VAL T 131 -21.85 -17.61 29.14
N GLN T 132 -22.54 -17.21 30.22
CA GLN T 132 -22.83 -18.15 31.31
C GLN T 132 -23.79 -19.25 30.85
N LYS T 133 -24.83 -18.90 30.08
CA LYS T 133 -25.73 -19.89 29.54
C LYS T 133 -25.01 -20.85 28.58
N MET T 134 -24.11 -20.31 27.77
CA MET T 134 -23.25 -21.13 26.94
C MET T 134 -22.35 -22.01 27.77
N LYS T 135 -21.97 -21.55 28.97
CA LYS T 135 -21.15 -22.37 29.87
C LYS T 135 -21.92 -23.59 30.37
N GLU T 136 -23.16 -23.43 30.87
CA GLU T 136 -23.80 -24.68 31.33
C GLU T 136 -24.22 -25.55 30.15
N ALA T 137 -24.49 -24.96 28.98
CA ALA T 137 -24.72 -25.78 27.79
C ALA T 137 -23.49 -26.59 27.42
N ALA T 138 -22.31 -25.96 27.44
CA ALA T 138 -21.08 -26.64 27.05
C ALA T 138 -20.67 -27.69 28.07
N LEU T 139 -20.80 -27.41 29.36
CA LEU T 139 -20.49 -28.44 30.35
C LEU T 139 -21.56 -29.53 30.43
N ASP T 140 -22.79 -29.27 29.97
CA ASP T 140 -23.75 -30.36 29.87
C ASP T 140 -23.41 -31.27 28.69
N ILE T 141 -23.00 -30.69 27.57
CA ILE T 141 -22.66 -31.49 26.39
C ILE T 141 -21.35 -32.25 26.59
N VAL T 142 -20.34 -31.61 27.19
CA VAL T 142 -19.04 -32.25 27.41
C VAL T 142 -19.16 -33.41 28.39
N ASN T 143 -19.86 -33.21 29.50
CA ASN T 143 -19.96 -34.23 30.53
C ASN T 143 -21.06 -35.26 30.26
N ASP T 144 -21.55 -35.33 29.03
CA ASP T 144 -22.56 -36.33 28.66
C ASP T 144 -21.90 -37.71 28.56
N PRO T 145 -22.37 -38.71 29.31
CA PRO T 145 -21.73 -40.04 29.22
C PRO T 145 -22.05 -40.80 27.95
N ASN T 146 -23.07 -40.41 27.20
CA ASN T 146 -23.51 -41.16 26.04
C ASN T 146 -22.55 -40.98 24.87
N GLY T 147 -22.31 -42.07 24.14
CA GLY T 147 -21.51 -42.02 22.94
C GLY T 147 -20.03 -41.83 23.14
N ILE T 148 -19.51 -42.14 24.32
CA ILE T 148 -18.11 -41.93 24.64
C ILE T 148 -17.71 -42.95 25.70
N THR T 149 -16.41 -43.24 25.76
CA THR T 149 -15.92 -44.13 26.80
C THR T 149 -15.84 -43.40 28.14
N ARG T 150 -16.12 -44.13 29.21
CA ARG T 150 -16.25 -43.52 30.52
C ARG T 150 -14.88 -43.14 31.10
N GLY T 151 -14.91 -42.21 32.04
CA GLY T 151 -13.71 -41.77 32.73
C GLY T 151 -13.92 -40.48 33.48
N ASP T 152 -13.09 -40.23 34.48
CA ASP T 152 -13.21 -39.02 35.29
C ASP T 152 -12.65 -37.85 34.49
N CYS T 153 -13.53 -36.91 34.12
CA CYS T 153 -13.16 -35.75 33.33
C CYS T 153 -13.58 -34.45 33.99
N SER T 154 -13.47 -34.39 35.33
CA SER T 154 -13.87 -33.19 36.05
C SER T 154 -12.88 -32.05 35.86
N ALA T 155 -11.61 -32.38 35.61
CA ALA T 155 -10.58 -31.34 35.49
C ALA T 155 -10.75 -30.53 34.20
N ILE T 156 -11.03 -31.20 33.08
CA ILE T 156 -11.22 -30.49 31.83
C ILE T 156 -12.52 -29.69 31.84
N VAL T 157 -13.55 -30.21 32.53
CA VAL T 157 -14.81 -29.47 32.66
C VAL T 157 -14.60 -28.23 33.52
N ALA T 158 -13.82 -28.35 34.61
CA ALA T 158 -13.49 -27.19 35.42
C ALA T 158 -12.62 -26.18 34.66
N GLU T 159 -11.75 -26.66 33.78
CA GLU T 159 -10.92 -25.76 32.97
C GLU T 159 -11.77 -25.00 31.95
N ILE T 160 -12.73 -25.68 31.32
CA ILE T 160 -13.64 -25.01 30.39
C ILE T 160 -14.54 -24.03 31.14
N ALA T 161 -14.96 -24.38 32.35
CA ALA T 161 -15.73 -23.48 33.18
C ALA T 161 -14.93 -22.25 33.56
N GLY T 162 -13.63 -22.42 33.83
CA GLY T 162 -12.77 -21.28 34.11
C GLY T 162 -12.57 -20.38 32.90
N TYR T 163 -12.46 -20.98 31.71
CA TYR T 163 -12.37 -20.19 30.48
C TYR T 163 -13.64 -19.39 30.23
N PHE T 164 -14.79 -20.02 30.46
CA PHE T 164 -16.07 -19.32 30.31
C PHE T 164 -16.23 -18.24 31.37
N ASP T 165 -15.73 -18.50 32.58
CA ASP T 165 -15.86 -17.51 33.66
C ASP T 165 -14.97 -16.30 33.41
N ARG T 166 -13.77 -16.51 32.88
CA ARG T 166 -12.95 -15.37 32.53
C ARG T 166 -13.44 -14.69 31.26
N ALA T 167 -14.17 -15.39 30.39
CA ALA T 167 -14.80 -14.73 29.25
C ALA T 167 -15.98 -13.87 29.68
N ALA T 168 -16.76 -14.35 30.64
CA ALA T 168 -17.88 -13.57 31.15
C ALA T 168 -17.42 -12.41 32.03
N ALA T 169 -16.34 -12.61 32.78
CA ALA T 169 -15.82 -11.57 33.65
C ALA T 169 -15.10 -10.47 32.87
N ALA T 170 -14.64 -10.77 31.65
CA ALA T 170 -13.96 -9.77 30.83
C ALA T 170 -14.93 -8.82 30.16
N VAL T 171 -16.23 -9.10 30.18
CA VAL T 171 -17.23 -8.18 29.64
C VAL T 171 -18.17 -7.65 30.71
N ALA T 172 -18.26 -8.27 31.88
CA ALA T 172 -19.16 -7.81 32.92
C ALA T 172 -18.55 -6.65 33.70
N MET U 1 -27.06 5.39 5.00
CA MET U 1 -28.38 4.85 4.75
C MET U 1 -28.79 5.17 3.31
N LYS U 2 -29.30 4.17 2.59
CA LYS U 2 -29.61 4.28 1.16
C LYS U 2 -30.81 5.22 0.98
N THR U 3 -30.52 6.44 0.53
CA THR U 3 -31.46 7.53 0.34
C THR U 3 -30.91 8.38 -0.79
N PRO U 4 -31.79 8.91 -1.66
CA PRO U 4 -31.29 9.76 -2.76
C PRO U 4 -30.51 10.99 -2.32
N LEU U 5 -30.97 11.70 -1.28
CA LEU U 5 -30.28 12.91 -0.84
C LEU U 5 -28.95 12.57 -0.17
N THR U 6 -28.96 11.58 0.72
CA THR U 6 -27.74 11.23 1.45
C THR U 6 -26.70 10.61 0.53
N GLU U 7 -27.11 9.78 -0.42
CA GLU U 7 -26.13 9.22 -1.34
C GLU U 7 -25.69 10.22 -2.41
N ALA U 8 -26.53 11.19 -2.76
CA ALA U 8 -26.09 12.27 -3.62
C ALA U 8 -24.99 13.09 -2.93
N VAL U 9 -25.21 13.41 -1.65
CA VAL U 9 -24.21 14.14 -0.87
C VAL U 9 -22.95 13.30 -0.67
N SER U 10 -23.11 12.00 -0.42
CA SER U 10 -21.96 11.13 -0.19
C SER U 10 -21.16 10.91 -1.47
N THR U 11 -21.82 10.85 -2.63
CA THR U 11 -21.11 10.77 -3.90
C THR U 11 -20.31 12.04 -4.16
N ALA U 12 -20.95 13.21 -4.01
CA ALA U 12 -20.25 14.49 -4.19
C ALA U 12 -19.17 14.72 -3.14
N ASP U 13 -19.30 14.11 -1.96
CA ASP U 13 -18.29 14.18 -0.92
C ASP U 13 -17.10 13.30 -1.26
N SER U 14 -17.36 12.08 -1.76
CA SER U 14 -16.29 11.16 -2.12
C SER U 14 -15.46 11.70 -3.28
N GLN U 15 -16.12 12.24 -4.30
CA GLN U 15 -15.37 12.87 -5.37
C GLN U 15 -15.09 14.35 -5.11
N GLY U 16 -15.45 14.85 -3.93
CA GLY U 16 -14.94 16.09 -3.39
C GLY U 16 -15.34 17.35 -4.13
N ARG U 17 -16.58 17.46 -4.56
CA ARG U 17 -17.02 18.61 -5.34
C ARG U 17 -18.34 19.11 -4.78
N PHE U 18 -18.73 20.29 -5.23
CA PHE U 18 -19.99 20.88 -4.83
C PHE U 18 -21.15 20.16 -5.53
N LEU U 19 -22.35 20.47 -5.05
CA LEU U 19 -23.57 19.83 -5.53
C LEU U 19 -23.93 20.42 -6.89
N SER U 20 -23.66 19.69 -7.95
CA SER U 20 -23.90 20.17 -9.31
C SER U 20 -25.39 20.05 -9.63
N SER U 21 -25.74 20.23 -10.92
CA SER U 21 -27.13 20.11 -11.34
C SER U 21 -27.64 18.68 -11.19
N THR U 22 -26.73 17.70 -11.28
CA THR U 22 -27.07 16.28 -11.15
C THR U 22 -27.75 15.99 -9.81
N GLU U 23 -27.14 16.49 -8.73
CA GLU U 23 -27.70 16.31 -7.39
C GLU U 23 -29.01 17.07 -7.22
N LEU U 24 -29.17 18.19 -7.92
CA LEU U 24 -30.45 18.88 -7.90
C LEU U 24 -31.54 18.06 -8.58
N GLN U 25 -31.19 17.36 -9.67
CA GLN U 25 -32.13 16.42 -10.30
C GLN U 25 -32.45 15.25 -9.38
N ILE U 26 -31.45 14.81 -8.59
CA ILE U 26 -31.64 13.73 -7.61
C ILE U 26 -32.72 14.15 -6.62
N ALA U 27 -32.57 15.36 -6.08
CA ALA U 27 -33.54 15.91 -5.13
C ALA U 27 -34.89 16.18 -5.76
N PHE U 28 -34.91 16.60 -7.04
CA PHE U 28 -36.19 16.86 -7.71
C PHE U 28 -37.01 15.58 -7.86
N GLY U 29 -36.34 14.48 -8.22
CA GLY U 29 -37.04 13.20 -8.26
C GLY U 29 -37.50 12.74 -6.89
N ARG U 30 -36.66 12.99 -5.87
CA ARG U 30 -37.02 12.67 -4.49
C ARG U 30 -38.28 13.43 -4.05
N LEU U 31 -38.32 14.73 -4.34
CA LEU U 31 -39.44 15.58 -3.92
C LEU U 31 -40.70 15.28 -4.70
N ARG U 32 -40.56 14.89 -5.96
CA ARG U 32 -41.74 14.53 -6.74
C ARG U 32 -42.34 13.25 -6.16
N GLN U 33 -41.48 12.29 -5.79
CA GLN U 33 -41.95 10.97 -5.40
C GLN U 33 -42.42 10.96 -3.95
N ALA U 34 -41.97 11.95 -3.17
CA ALA U 34 -42.09 11.91 -1.72
C ALA U 34 -43.53 12.05 -1.24
N ASN U 35 -44.36 12.81 -1.96
CA ASN U 35 -45.75 12.98 -1.54
C ASN U 35 -46.52 11.68 -1.64
N ALA U 36 -46.36 10.96 -2.75
CA ALA U 36 -46.97 9.65 -2.90
C ALA U 36 -46.38 8.63 -1.93
N GLY U 37 -45.08 8.74 -1.65
CA GLY U 37 -44.47 7.85 -0.67
C GLY U 37 -45.00 8.06 0.74
N LEU U 38 -45.19 9.32 1.14
CA LEU U 38 -45.75 9.61 2.46
C LEU U 38 -47.21 9.23 2.55
N GLN U 39 -47.97 9.38 1.45
CA GLN U 39 -49.35 8.92 1.43
C GLN U 39 -49.42 7.40 1.56
N ALA U 40 -48.51 6.68 0.89
CA ALA U 40 -48.45 5.23 1.00
C ALA U 40 -48.08 4.78 2.41
N ALA U 41 -47.13 5.49 3.03
CA ALA U 41 -46.75 5.18 4.41
C ALA U 41 -47.89 5.45 5.38
N LYS U 42 -48.64 6.53 5.17
CA LYS U 42 -49.81 6.81 5.99
C LYS U 42 -50.89 5.74 5.83
N ALA U 43 -51.14 5.30 4.59
CA ALA U 43 -52.15 4.27 4.35
C ALA U 43 -51.76 2.94 4.97
N LEU U 44 -50.48 2.57 4.88
CA LEU U 44 -50.04 1.34 5.56
C LEU U 44 -50.05 1.49 7.07
N THR U 45 -49.80 2.71 7.59
CA THR U 45 -49.91 2.94 9.02
C THR U 45 -51.34 2.75 9.51
N ASP U 46 -52.31 3.22 8.74
CA ASP U 46 -53.72 3.02 9.12
C ASP U 46 -54.16 1.58 8.97
N ASN U 47 -53.64 0.86 7.96
CA ASN U 47 -54.08 -0.51 7.71
C ASN U 47 -53.14 -1.55 8.29
N ALA U 48 -52.20 -1.14 9.15
CA ALA U 48 -51.09 -2.00 9.58
C ALA U 48 -51.55 -3.21 10.37
N GLN U 49 -52.47 -3.05 11.31
CA GLN U 49 -52.85 -4.16 12.18
C GLN U 49 -53.61 -5.24 11.41
N SER U 50 -54.47 -4.84 10.48
CA SER U 50 -55.19 -5.80 9.66
C SER U 50 -54.25 -6.45 8.65
N LEU U 51 -53.29 -5.70 8.12
CA LEU U 51 -52.34 -6.27 7.18
C LEU U 51 -51.41 -7.27 7.85
N VAL U 52 -50.99 -6.99 9.09
CA VAL U 52 -50.12 -7.90 9.83
C VAL U 52 -50.88 -9.17 10.21
N ASN U 53 -52.12 -9.03 10.70
CA ASN U 53 -52.92 -10.20 11.05
C ASN U 53 -53.25 -11.04 9.82
N GLY U 54 -53.61 -10.40 8.70
CA GLY U 54 -53.88 -11.13 7.49
C GLY U 54 -52.66 -11.79 6.88
N ALA U 55 -51.50 -11.15 6.99
CA ALA U 55 -50.27 -11.77 6.50
C ALA U 55 -49.88 -12.96 7.35
N ALA U 56 -50.08 -12.88 8.67
CA ALA U 56 -49.86 -14.03 9.53
C ALA U 56 -50.79 -15.17 9.17
N GLN U 57 -52.07 -14.86 8.93
CA GLN U 57 -53.01 -15.89 8.53
C GLN U 57 -52.68 -16.47 7.14
N ALA U 58 -52.14 -15.65 6.24
CA ALA U 58 -51.74 -16.14 4.93
C ALA U 58 -50.54 -17.08 5.02
N VAL U 59 -49.59 -16.77 5.90
CA VAL U 59 -48.46 -17.68 6.11
C VAL U 59 -48.93 -18.98 6.75
N TYR U 60 -49.87 -18.89 7.70
CA TYR U 60 -50.42 -20.10 8.31
C TYR U 60 -51.27 -20.91 7.32
N ASN U 61 -51.88 -20.24 6.34
CA ASN U 61 -52.63 -20.94 5.31
C ASN U 61 -51.72 -21.64 4.31
N LYS U 62 -50.67 -20.96 3.86
CA LYS U 62 -49.76 -21.58 2.90
C LYS U 62 -48.86 -22.61 3.57
N PHE U 63 -48.45 -22.36 4.81
CA PHE U 63 -47.56 -23.25 5.55
C PHE U 63 -48.30 -23.69 6.81
N PRO U 64 -49.18 -24.69 6.71
CA PRO U 64 -49.94 -25.11 7.89
C PRO U 64 -49.11 -25.83 8.94
N TYR U 65 -47.98 -26.42 8.55
CA TYR U 65 -47.13 -27.16 9.47
C TYR U 65 -46.52 -26.28 10.55
N THR U 66 -46.46 -24.97 10.33
CA THR U 66 -46.00 -24.04 11.35
C THR U 66 -47.00 -23.87 12.49
N THR U 67 -48.24 -24.38 12.35
CA THR U 67 -49.26 -24.17 13.37
C THR U 67 -49.48 -25.36 14.29
N GLN U 68 -49.00 -26.55 13.95
CA GLN U 68 -49.14 -27.69 14.85
C GLN U 68 -47.86 -28.43 15.19
N THR U 69 -46.79 -28.25 14.42
CA THR U 69 -45.53 -28.92 14.75
C THR U 69 -44.86 -28.18 15.89
N GLN U 70 -44.58 -28.90 16.98
CA GLN U 70 -43.98 -28.28 18.15
C GLN U 70 -42.52 -27.94 17.90
N GLY U 71 -42.11 -26.80 18.43
CA GLY U 71 -40.76 -26.30 18.25
C GLY U 71 -40.69 -24.84 18.58
N ASN U 72 -39.49 -24.40 18.95
CA ASN U 72 -39.27 -23.00 19.27
C ASN U 72 -39.39 -22.12 18.03
N ASN U 73 -39.02 -22.65 16.87
CA ASN U 73 -38.98 -21.90 15.63
C ASN U 73 -40.32 -21.86 14.90
N PHE U 74 -41.34 -22.52 15.43
CA PHE U 74 -42.66 -22.57 14.81
C PHE U 74 -43.67 -21.78 15.63
N ALA U 75 -44.84 -21.56 15.03
CA ALA U 75 -45.92 -20.80 15.65
C ALA U 75 -47.03 -21.72 16.17
N ALA U 76 -46.65 -22.89 16.68
CA ALA U 76 -47.65 -23.85 17.17
C ALA U 76 -48.29 -23.38 18.46
N ASP U 77 -47.57 -22.62 19.27
CA ASP U 77 -48.11 -22.07 20.50
C ASP U 77 -48.44 -20.60 20.30
N GLN U 78 -48.92 -19.96 21.37
CA GLN U 78 -49.25 -18.54 21.31
C GLN U 78 -48.00 -17.68 21.23
N ARG U 79 -46.90 -18.15 21.85
CA ARG U 79 -45.63 -17.41 21.80
C ARG U 79 -45.07 -17.35 20.39
N GLY U 80 -45.12 -18.46 19.66
CA GLY U 80 -44.65 -18.45 18.28
C GLY U 80 -45.52 -17.61 17.36
N LYS U 81 -46.84 -17.60 17.60
CA LYS U 81 -47.73 -16.75 16.84
C LYS U 81 -47.49 -15.28 17.12
N ASP U 82 -47.20 -14.93 18.38
CA ASP U 82 -46.85 -13.56 18.74
C ASP U 82 -45.53 -13.15 18.10
N LYS U 83 -44.56 -14.07 18.07
CA LYS U 83 -43.28 -13.79 17.41
C LYS U 83 -43.46 -13.59 15.91
N CYS U 84 -44.34 -14.39 15.29
CA CYS U 84 -44.59 -14.24 13.85
C CYS U 84 -45.29 -12.92 13.53
N ALA U 85 -46.28 -12.54 14.34
CA ALA U 85 -46.96 -11.27 14.16
C ALA U 85 -46.01 -10.10 14.41
N ARG U 86 -45.10 -10.25 15.38
CA ARG U 86 -44.09 -9.23 15.63
C ARG U 86 -43.11 -9.10 14.47
N ASP U 87 -42.72 -10.21 13.86
CA ASP U 87 -41.84 -10.17 12.70
C ASP U 87 -42.51 -9.51 11.50
N ILE U 88 -43.78 -9.84 11.26
CA ILE U 88 -44.51 -9.23 10.14
C ILE U 88 -44.75 -7.74 10.41
N GLY U 89 -45.00 -7.38 11.66
CA GLY U 89 -45.10 -5.97 12.02
C GLY U 89 -43.80 -5.22 11.84
N TYR U 90 -42.68 -5.88 12.13
CA TYR U 90 -41.36 -5.33 11.83
C TYR U 90 -41.19 -5.09 10.34
N TYR U 91 -41.56 -6.09 9.52
CA TYR U 91 -41.40 -5.97 8.07
C TYR U 91 -42.24 -4.83 7.50
N LEU U 92 -43.49 -4.73 7.94
CA LEU U 92 -44.37 -3.64 7.50
C LEU U 92 -43.89 -2.28 7.98
N ARG U 93 -43.35 -2.21 9.20
CA ARG U 93 -42.86 -0.94 9.73
C ARG U 93 -41.62 -0.47 8.98
N ILE U 94 -40.71 -1.38 8.62
CA ILE U 94 -39.57 -0.99 7.79
C ILE U 94 -39.98 -0.63 6.37
N VAL U 95 -41.05 -1.25 5.83
CA VAL U 95 -41.54 -0.81 4.51
C VAL U 95 -42.12 0.61 4.59
N THR U 96 -42.82 0.94 5.67
CA THR U 96 -43.29 2.32 5.85
C THR U 96 -42.13 3.29 6.04
N TYR U 97 -41.08 2.86 6.75
CA TYR U 97 -39.89 3.69 6.92
C TYR U 97 -39.18 3.90 5.59
N CYS U 98 -39.20 2.90 4.72
CA CYS U 98 -38.63 3.03 3.39
C CYS U 98 -39.45 3.97 2.51
N LEU U 99 -40.77 3.94 2.67
CA LEU U 99 -41.63 4.88 1.95
C LEU U 99 -41.39 6.31 2.39
N VAL U 100 -41.18 6.52 3.69
CA VAL U 100 -40.87 7.85 4.18
C VAL U 100 -39.49 8.29 3.72
N ALA U 101 -38.50 7.39 3.85
CA ALA U 101 -37.12 7.71 3.50
C ALA U 101 -36.88 7.75 2.01
N GLY U 102 -37.81 7.24 1.21
CA GLY U 102 -37.65 7.23 -0.24
C GLY U 102 -36.55 6.32 -0.74
N GLY U 103 -36.37 5.17 -0.08
CA GLY U 103 -35.38 4.21 -0.53
C GLY U 103 -35.29 3.06 0.43
N THR U 104 -34.56 2.03 0.02
CA THR U 104 -34.43 0.79 0.77
C THR U 104 -33.42 0.87 1.92
N GLY U 105 -33.01 2.08 2.30
CA GLY U 105 -32.06 2.29 3.38
C GLY U 105 -32.47 1.81 4.75
N PRO U 106 -33.71 2.10 5.20
CA PRO U 106 -34.22 1.42 6.40
C PRO U 106 -34.21 -0.08 6.29
N LEU U 107 -34.54 -0.63 5.11
CA LEU U 107 -34.39 -2.08 4.91
C LEU U 107 -32.93 -2.48 4.91
N ASP U 108 -32.07 -1.66 4.30
CA ASP U 108 -30.64 -1.97 4.20
C ASP U 108 -29.93 -1.95 5.54
N GLU U 109 -30.43 -1.21 6.53
CA GLU U 109 -29.78 -1.14 7.82
C GLU U 109 -30.51 -1.95 8.90
N TYR U 110 -31.84 -1.95 8.89
CA TYR U 110 -32.57 -2.59 9.98
C TYR U 110 -32.89 -4.05 9.70
N LEU U 111 -33.30 -4.38 8.48
CA LEU U 111 -33.86 -5.71 8.26
C LEU U 111 -33.05 -6.57 7.31
N ILE U 112 -32.68 -6.07 6.13
CA ILE U 112 -32.04 -6.90 5.11
C ILE U 112 -30.63 -7.29 5.54
N ALA U 113 -29.91 -6.37 6.18
CA ALA U 113 -28.56 -6.64 6.64
C ALA U 113 -28.61 -7.65 7.78
N GLY U 114 -27.98 -8.80 7.57
CA GLY U 114 -27.91 -9.82 8.59
C GLY U 114 -29.07 -10.78 8.68
N ILE U 115 -30.04 -10.70 7.76
CA ILE U 115 -31.25 -11.50 7.88
C ILE U 115 -31.01 -12.98 7.60
N ASP U 116 -29.99 -13.33 6.81
CA ASP U 116 -29.78 -14.74 6.54
C ASP U 116 -29.08 -15.47 7.70
N GLU U 117 -28.32 -14.76 8.54
CA GLU U 117 -27.89 -15.40 9.80
C GLU U 117 -29.07 -15.56 10.76
N ILE U 118 -30.05 -14.66 10.70
CA ILE U 118 -31.27 -14.82 11.49
C ILE U 118 -32.03 -16.06 11.05
N ASN U 119 -32.17 -16.24 9.74
CA ASN U 119 -32.87 -17.41 9.22
C ASN U 119 -32.10 -18.70 9.47
N ARG U 120 -30.77 -18.67 9.37
CA ARG U 120 -29.98 -19.88 9.57
C ARG U 120 -29.90 -20.26 11.04
N THR U 121 -29.69 -19.28 11.92
CA THR U 121 -29.44 -19.55 13.33
C THR U 121 -30.70 -20.04 14.05
N PHE U 122 -31.82 -19.36 13.84
CA PHE U 122 -33.04 -19.66 14.57
C PHE U 122 -33.99 -20.56 13.80
N ASP U 123 -33.55 -21.07 12.64
CA ASP U 123 -34.26 -22.03 11.78
C ASP U 123 -35.58 -21.37 11.36
N LEU U 124 -35.47 -20.33 10.54
CA LEU U 124 -36.63 -19.63 10.01
C LEU U 124 -36.60 -19.71 8.49
N SER U 125 -37.67 -20.19 7.92
CA SER U 125 -37.73 -20.24 6.47
C SER U 125 -38.00 -18.85 5.92
N PRO U 126 -37.18 -18.34 5.01
CA PRO U 126 -37.48 -17.04 4.39
C PRO U 126 -38.72 -17.04 3.51
N SER U 127 -39.21 -18.22 3.10
CA SER U 127 -40.42 -18.31 2.30
C SER U 127 -41.65 -17.87 3.08
N TRP U 128 -41.63 -18.01 4.41
CA TRP U 128 -42.71 -17.50 5.25
C TRP U 128 -42.82 -15.99 5.14
N TYR U 129 -41.69 -15.30 5.30
CA TYR U 129 -41.70 -13.84 5.20
C TYR U 129 -41.93 -13.38 3.77
N VAL U 130 -41.52 -14.19 2.78
CA VAL U 130 -41.84 -13.90 1.38
C VAL U 130 -43.34 -13.95 1.15
N GLU U 131 -44.03 -14.95 1.73
CA GLU U 131 -45.48 -15.01 1.60
C GLU U 131 -46.17 -13.88 2.36
N ALA U 132 -45.60 -13.47 3.51
CA ALA U 132 -46.16 -12.32 4.23
C ALA U 132 -46.04 -11.04 3.42
N LEU U 133 -44.89 -10.81 2.79
CA LEU U 133 -44.71 -9.64 1.94
C LEU U 133 -45.58 -9.71 0.69
N LYS U 134 -45.83 -10.92 0.18
CA LYS U 134 -46.74 -11.07 -0.95
C LYS U 134 -48.20 -10.78 -0.57
N TYR U 135 -48.60 -11.13 0.67
CA TYR U 135 -49.92 -10.73 1.14
C TYR U 135 -50.02 -9.22 1.27
N ILE U 136 -48.96 -8.58 1.77
CA ILE U 136 -48.97 -7.12 1.89
C ILE U 136 -49.02 -6.48 0.50
N LYS U 137 -48.37 -7.11 -0.48
CA LYS U 137 -48.50 -6.69 -1.88
C LYS U 137 -49.92 -6.82 -2.39
N ALA U 138 -50.59 -7.93 -2.05
CA ALA U 138 -51.90 -8.19 -2.62
C ALA U 138 -53.02 -7.36 -1.99
N ASN U 139 -52.81 -6.84 -0.78
CA ASN U 139 -53.92 -6.29 0.00
C ASN U 139 -53.66 -4.92 0.62
N HIS U 140 -52.62 -4.20 0.19
CA HIS U 140 -52.42 -2.87 0.76
C HIS U 140 -53.32 -1.82 0.13
N GLY U 141 -53.89 -2.09 -1.04
CA GLY U 141 -54.92 -1.24 -1.59
C GLY U 141 -54.46 0.08 -2.18
N LEU U 142 -53.16 0.29 -2.33
CA LEU U 142 -52.67 1.53 -2.92
C LEU U 142 -52.78 1.47 -4.44
N SER U 143 -52.71 2.65 -5.06
CA SER U 143 -52.81 2.76 -6.50
C SER U 143 -51.83 3.81 -7.01
N GLY U 144 -51.46 3.69 -8.29
CA GLY U 144 -50.61 4.67 -8.93
C GLY U 144 -49.18 4.68 -8.45
N ASP U 145 -48.67 5.88 -8.12
CA ASP U 145 -47.28 6.01 -7.70
C ASP U 145 -47.07 5.46 -6.30
N ALA U 146 -48.13 5.43 -5.49
CA ALA U 146 -48.00 4.93 -4.12
C ALA U 146 -47.81 3.42 -4.10
N ARG U 147 -48.53 2.69 -4.95
CA ARG U 147 -48.38 1.23 -4.95
C ARG U 147 -47.10 0.79 -5.65
N ASP U 148 -46.61 1.58 -6.61
CA ASP U 148 -45.37 1.20 -7.30
C ASP U 148 -44.16 1.47 -6.42
N GLU U 149 -44.24 2.50 -5.59
CA GLU U 149 -43.16 2.79 -4.66
C GLU U 149 -43.16 1.79 -3.51
N ALA U 150 -44.35 1.40 -3.04
CA ALA U 150 -44.47 0.46 -1.94
C ALA U 150 -44.07 -0.94 -2.36
N ASN U 151 -44.46 -1.36 -3.57
CA ASN U 151 -44.11 -2.69 -4.04
C ASN U 151 -42.63 -2.84 -4.29
N SER U 152 -41.93 -1.74 -4.63
CA SER U 152 -40.49 -1.78 -4.86
C SER U 152 -39.75 -2.14 -3.58
N TYR U 153 -40.27 -1.74 -2.43
CA TYR U 153 -39.69 -2.17 -1.16
C TYR U 153 -40.13 -3.59 -0.80
N LEU U 154 -41.37 -3.95 -1.15
CA LEU U 154 -41.87 -5.28 -0.82
C LEU U 154 -41.19 -6.35 -1.67
N ASP U 155 -40.96 -6.08 -2.96
CA ASP U 155 -40.20 -7.01 -3.78
C ASP U 155 -38.72 -7.04 -3.41
N TYR U 156 -38.15 -5.94 -2.93
CA TYR U 156 -36.73 -5.95 -2.62
C TYR U 156 -36.46 -6.79 -1.38
N ALA U 157 -37.38 -6.77 -0.42
CA ALA U 157 -37.29 -7.67 0.71
C ALA U 157 -37.58 -9.11 0.29
N ILE U 158 -38.46 -9.30 -0.71
CA ILE U 158 -38.70 -10.63 -1.25
C ILE U 158 -37.45 -11.14 -1.98
N ASN U 159 -36.83 -10.27 -2.80
CA ASN U 159 -35.65 -10.67 -3.56
C ASN U 159 -34.44 -10.90 -2.65
N ALA U 160 -34.39 -10.25 -1.50
CA ALA U 160 -33.30 -10.48 -0.57
C ALA U 160 -33.45 -11.80 0.16
N LEU U 161 -34.68 -12.20 0.47
CA LEU U 161 -34.92 -13.46 1.16
C LEU U 161 -34.88 -14.66 0.22
N SER U 162 -34.93 -14.44 -1.10
CA SER U 162 -34.94 -15.54 -2.05
C SER U 162 -33.85 -15.35 -3.11
N MET V 1 -25.30 8.77 9.08
CA MET V 1 -25.60 9.88 8.18
C MET V 1 -27.09 9.95 7.87
N PHE V 2 -27.68 11.14 8.02
CA PHE V 2 -29.11 11.32 7.92
C PHE V 2 -29.45 12.53 7.06
N ASP V 3 -30.69 12.54 6.57
CA ASP V 3 -31.34 13.70 6.01
C ASP V 3 -32.55 14.04 6.88
N VAL V 4 -33.41 14.94 6.38
CA VAL V 4 -34.60 15.32 7.13
C VAL V 4 -35.59 14.14 7.24
N PHE V 5 -35.60 13.23 6.26
CA PHE V 5 -36.50 12.09 6.32
C PHE V 5 -35.93 10.96 7.16
N THR V 6 -34.66 10.63 6.95
CA THR V 6 -34.09 9.47 7.63
C THR V 6 -33.77 9.73 9.09
N ARG V 7 -33.67 11.00 9.50
CA ARG V 7 -33.54 11.31 10.92
C ARG V 7 -34.78 10.90 11.69
N VAL V 8 -35.96 11.30 11.20
CA VAL V 8 -37.19 10.95 11.88
C VAL V 8 -37.53 9.47 11.65
N VAL V 9 -37.04 8.88 10.56
CA VAL V 9 -37.14 7.43 10.37
C VAL V 9 -36.34 6.68 11.45
N SER V 10 -35.12 7.14 11.72
CA SER V 10 -34.28 6.50 12.74
C SER V 10 -34.85 6.71 14.13
N GLN V 11 -35.42 7.89 14.40
CA GLN V 11 -36.05 8.14 15.69
C GLN V 11 -37.29 7.26 15.88
N ALA V 12 -38.09 7.09 14.83
CA ALA V 12 -39.26 6.22 14.92
C ALA V 12 -38.87 4.75 15.05
N ASP V 13 -37.77 4.34 14.42
CA ASP V 13 -37.29 2.97 14.58
C ASP V 13 -36.73 2.74 15.97
N ALA V 14 -36.10 3.76 16.58
CA ALA V 14 -35.69 3.66 17.96
C ALA V 14 -36.90 3.58 18.90
N ARG V 15 -37.96 4.32 18.60
CA ARG V 15 -39.22 4.10 19.30
C ARG V 15 -39.88 2.79 18.91
N GLY V 16 -39.59 2.27 17.73
CA GLY V 16 -40.25 1.10 17.22
C GLY V 16 -41.71 1.34 16.91
N GLU V 17 -42.04 2.52 16.41
CA GLU V 17 -43.42 2.91 16.17
C GLU V 17 -43.49 3.53 14.78
N TYR V 18 -44.65 3.36 14.13
CA TYR V 18 -44.90 4.03 12.86
C TYR V 18 -44.92 5.54 13.06
N LEU V 19 -44.61 6.27 11.99
CA LEU V 19 -44.64 7.72 12.06
C LEU V 19 -46.07 8.23 12.20
N SER V 20 -46.26 9.18 13.09
CA SER V 20 -47.58 9.74 13.35
C SER V 20 -48.01 10.63 12.19
N GLY V 21 -49.30 10.99 12.19
CA GLY V 21 -49.84 11.80 11.11
C GLY V 21 -49.28 13.21 11.09
N SER V 22 -49.05 13.79 12.26
CA SER V 22 -48.43 15.11 12.35
C SER V 22 -46.99 15.09 11.83
N GLN V 23 -46.27 13.99 12.08
CA GLN V 23 -44.88 13.89 11.64
C GLN V 23 -44.81 13.73 10.12
N LEU V 24 -45.75 12.98 9.54
CA LEU V 24 -45.84 12.86 8.09
C LEU V 24 -46.28 14.16 7.45
N ASP V 25 -47.15 14.92 8.12
CA ASP V 25 -47.54 16.23 7.60
C ASP V 25 -46.39 17.23 7.67
N ALA V 26 -45.55 17.14 8.71
CA ALA V 26 -44.35 17.97 8.78
C ALA V 26 -43.37 17.61 7.68
N LEU V 27 -43.25 16.32 7.37
CA LEU V 27 -42.40 15.91 6.25
C LEU V 27 -42.96 16.35 4.91
N SER V 28 -44.29 16.34 4.75
CA SER V 28 -44.91 16.87 3.53
C SER V 28 -44.69 18.37 3.40
N ALA V 29 -44.69 19.08 4.53
CA ALA V 29 -44.32 20.49 4.52
C ALA V 29 -42.87 20.68 4.09
N THR V 30 -41.97 19.82 4.57
CA THR V 30 -40.55 19.89 4.15
C THR V 30 -40.43 19.62 2.64
N VAL V 31 -41.25 18.72 2.12
CA VAL V 31 -41.34 18.49 0.67
C VAL V 31 -41.80 19.76 -0.04
N ALA V 32 -42.72 20.52 0.59
CA ALA V 32 -43.19 21.77 0.00
C ALA V 32 -42.09 22.84 -0.06
N GLU V 33 -41.29 23.00 1.00
CA GLU V 33 -40.13 23.91 0.82
C GLU V 33 -38.91 23.24 0.17
N GLY V 34 -39.02 22.01 -0.31
CA GLY V 34 -37.92 21.38 -1.01
C GLY V 34 -37.44 22.10 -2.27
N ASN V 35 -38.36 22.71 -3.03
CA ASN V 35 -37.96 23.45 -4.22
C ASN V 35 -37.13 24.68 -3.84
N LYS V 36 -37.54 25.37 -2.78
CA LYS V 36 -36.79 26.50 -2.25
C LYS V 36 -35.43 26.07 -1.71
N ARG V 37 -35.39 24.87 -1.11
CA ARG V 37 -34.13 24.28 -0.66
C ARG V 37 -33.17 24.02 -1.81
N ILE V 38 -33.70 23.47 -2.91
CA ILE V 38 -32.90 23.25 -4.13
C ILE V 38 -32.41 24.57 -4.70
N ASP V 39 -33.27 25.60 -4.67
CA ASP V 39 -32.90 26.94 -5.15
C ASP V 39 -31.74 27.50 -4.35
N SER V 40 -31.81 27.41 -3.02
CA SER V 40 -30.76 27.94 -2.17
C SER V 40 -29.45 27.19 -2.35
N VAL V 41 -29.53 25.85 -2.45
CA VAL V 41 -28.34 25.03 -2.67
C VAL V 41 -27.69 25.38 -4.02
N ASN V 42 -28.52 25.57 -5.06
CA ASN V 42 -28.00 25.91 -6.38
C ASN V 42 -27.37 27.29 -6.39
N ARG V 43 -27.94 28.26 -5.65
CA ARG V 43 -27.37 29.61 -5.64
C ARG V 43 -26.03 29.64 -4.92
N ILE V 44 -25.92 28.96 -3.77
CA ILE V 44 -24.65 28.95 -3.05
C ILE V 44 -23.60 28.15 -3.83
N THR V 45 -24.01 27.08 -4.51
CA THR V 45 -23.09 26.34 -5.37
C THR V 45 -22.61 27.19 -6.54
N GLY V 46 -23.51 27.96 -7.16
CA GLY V 46 -23.15 28.81 -8.27
C GLY V 46 -22.29 29.99 -7.89
N ASN V 47 -22.32 30.40 -6.62
CA ASN V 47 -21.46 31.51 -6.19
C ASN V 47 -20.45 31.10 -5.13
N ALA V 48 -20.11 29.81 -5.04
CA ALA V 48 -19.25 29.28 -3.98
C ALA V 48 -17.86 29.89 -3.97
N SER V 49 -17.20 29.93 -5.13
CA SER V 49 -15.83 30.44 -5.17
C SER V 49 -15.78 31.94 -4.93
N ALA V 50 -16.79 32.68 -5.43
CA ALA V 50 -16.89 34.10 -5.13
C ALA V 50 -17.12 34.34 -3.64
N ILE V 51 -17.94 33.50 -3.01
CA ILE V 51 -18.21 33.61 -1.57
C ILE V 51 -16.93 33.35 -0.78
N VAL V 52 -16.19 32.30 -1.16
CA VAL V 52 -14.96 31.94 -0.46
C VAL V 52 -13.90 33.03 -0.62
N SER V 53 -13.72 33.54 -1.85
CA SER V 53 -12.71 34.55 -2.12
C SER V 53 -13.04 35.88 -1.46
N ASN V 54 -14.31 36.31 -1.52
CA ASN V 54 -14.68 37.60 -0.93
C ASN V 54 -14.68 37.53 0.59
N ALA V 55 -15.12 36.41 1.16
CA ALA V 55 -15.10 36.25 2.61
C ALA V 55 -13.67 36.16 3.12
N ALA V 56 -12.79 35.48 2.38
CA ALA V 56 -11.38 35.44 2.74
C ALA V 56 -10.75 36.82 2.67
N ARG V 57 -11.02 37.58 1.60
CA ARG V 57 -10.46 38.92 1.44
C ARG V 57 -10.92 39.86 2.53
N ALA V 58 -12.21 39.78 2.91
CA ALA V 58 -12.72 40.58 4.02
C ALA V 58 -12.10 40.14 5.34
N LEU V 59 -11.85 38.84 5.51
CA LEU V 59 -11.20 38.34 6.72
C LEU V 59 -9.77 38.84 6.85
N PHE V 60 -9.02 38.85 5.75
CA PHE V 60 -7.63 39.27 5.80
C PHE V 60 -7.49 40.77 5.80
N ALA V 61 -8.51 41.50 5.34
CA ALA V 61 -8.53 42.94 5.53
C ALA V 61 -8.86 43.30 6.97
N GLU V 62 -9.80 42.58 7.59
CA GLU V 62 -10.13 42.84 8.99
C GLU V 62 -9.07 42.29 9.94
N GLN V 63 -8.46 41.15 9.61
CA GLN V 63 -7.46 40.50 10.45
C GLN V 63 -6.18 40.32 9.63
N PRO V 64 -5.33 41.35 9.55
CA PRO V 64 -4.11 41.24 8.75
C PRO V 64 -3.00 40.42 9.41
N GLN V 65 -3.19 39.97 10.65
CA GLN V 65 -2.17 39.15 11.31
C GLN V 65 -2.12 37.73 10.77
N LEU V 66 -3.13 37.30 10.01
CA LEU V 66 -3.08 35.98 9.39
C LEU V 66 -2.12 35.96 8.21
N ILE V 67 -2.11 37.02 7.40
CA ILE V 67 -1.33 37.06 6.17
C ILE V 67 0.02 37.74 6.35
N GLN V 68 0.27 38.38 7.48
CA GLN V 68 1.61 38.87 7.76
C GLN V 68 2.55 37.69 7.99
N PRO V 69 3.84 37.85 7.69
CA PRO V 69 4.77 36.71 7.81
C PRO V 69 4.92 36.23 9.24
N GLY V 70 4.86 34.90 9.40
CA GLY V 70 4.84 34.35 10.76
C GLY V 70 3.39 34.05 11.10
N GLY V 71 2.47 34.40 10.20
CA GLY V 71 1.03 34.18 10.43
C GLY V 71 0.56 32.84 9.93
N ASN V 72 -0.60 32.36 10.39
CA ASN V 72 -1.08 31.00 10.02
C ASN V 72 -1.39 30.93 8.52
N ALA V 73 -1.87 32.04 7.93
CA ALA V 73 -2.24 32.02 6.49
C ALA V 73 -1.13 32.64 5.64
N TYR V 74 0.12 32.59 6.11
CA TYR V 74 1.26 33.10 5.30
C TYR V 74 1.79 31.93 4.45
N THR V 75 2.48 32.17 3.33
CA THR V 75 2.94 31.13 2.40
C THR V 75 1.79 30.46 1.66
N SER V 76 2.09 29.97 0.45
CA SER V 76 1.05 29.53 -0.46
C SER V 76 0.43 28.22 -0.02
N ARG V 77 1.22 27.32 0.59
CA ARG V 77 0.68 26.05 1.06
C ARG V 77 -0.32 26.23 2.18
N ARG V 78 0.01 27.10 3.16
CA ARG V 78 -0.86 27.24 4.32
C ARG V 78 -2.17 27.93 3.96
N MET V 79 -2.15 28.99 3.17
CA MET V 79 -3.43 29.64 2.98
C MET V 79 -4.13 29.01 1.78
N ALA V 80 -3.40 28.23 0.99
CA ALA V 80 -4.06 27.29 0.09
C ALA V 80 -4.90 26.28 0.89
N ALA V 81 -4.35 25.80 2.01
CA ALA V 81 -5.13 24.98 2.92
C ALA V 81 -6.27 25.78 3.58
N CYS V 82 -6.06 27.07 3.79
CA CYS V 82 -7.10 27.91 4.40
C CYS V 82 -8.27 28.14 3.45
N LEU V 83 -7.99 28.46 2.19
CA LEU V 83 -9.03 28.61 1.19
C LEU V 83 -9.70 27.28 0.90
N ARG V 84 -8.93 26.19 0.96
CA ARG V 84 -9.51 24.85 0.88
C ARG V 84 -10.43 24.58 2.07
N ASP V 85 -10.07 25.05 3.25
CA ASP V 85 -10.93 24.87 4.44
C ASP V 85 -12.22 25.68 4.32
N MET V 86 -12.12 26.90 3.77
CA MET V 86 -13.31 27.70 3.49
C MET V 86 -14.23 27.00 2.50
N GLU V 87 -13.65 26.43 1.44
CA GLU V 87 -14.42 25.67 0.46
C GLU V 87 -15.01 24.40 1.08
N ILE V 88 -14.28 23.75 1.97
CA ILE V 88 -14.79 22.57 2.66
C ILE V 88 -15.98 22.89 3.56
N ILE V 89 -15.86 23.97 4.33
CA ILE V 89 -16.94 24.37 5.24
C ILE V 89 -18.17 24.80 4.47
N LEU V 90 -17.98 25.59 3.40
CA LEU V 90 -19.09 26.00 2.55
C LEU V 90 -19.74 24.81 1.85
N ARG V 91 -18.93 23.84 1.41
CA ARG V 91 -19.44 22.65 0.75
C ARG V 91 -20.29 21.81 1.70
N TYR V 92 -19.84 21.63 2.93
CA TYR V 92 -20.62 20.83 3.87
C TYR V 92 -21.84 21.59 4.41
N VAL V 93 -21.81 22.93 4.44
CA VAL V 93 -23.02 23.68 4.74
C VAL V 93 -24.05 23.53 3.62
N THR V 94 -23.60 23.54 2.36
CA THR V 94 -24.52 23.24 1.26
C THR V 94 -25.02 21.80 1.31
N TYR V 95 -24.18 20.87 1.77
CA TYR V 95 -24.60 19.48 1.95
C TYR V 95 -25.69 19.36 3.01
N ALA V 96 -25.50 20.04 4.14
CA ALA V 96 -26.50 20.02 5.21
C ALA V 96 -27.77 20.73 4.80
N THR V 97 -27.67 21.78 3.98
CA THR V 97 -28.85 22.42 3.41
C THR V 97 -29.59 21.47 2.49
N PHE V 98 -28.86 20.71 1.68
CA PHE V 98 -29.45 19.76 0.73
C PHE V 98 -30.18 18.64 1.46
N THR V 99 -29.55 18.06 2.48
CA THR V 99 -30.20 16.97 3.20
C THR V 99 -31.36 17.46 4.06
N GLY V 100 -31.30 18.71 4.52
CA GLY V 100 -32.27 19.18 5.47
C GLY V 100 -31.98 18.84 6.91
N ASP V 101 -30.87 18.15 7.17
CA ASP V 101 -30.42 17.83 8.50
C ASP V 101 -28.90 17.93 8.51
N ALA V 102 -28.35 18.36 9.64
CA ALA V 102 -26.93 18.69 9.73
C ALA V 102 -26.04 17.49 10.04
N SER V 103 -26.47 16.27 9.70
CA SER V 103 -25.69 15.09 10.04
C SER V 103 -24.37 15.04 9.28
N VAL V 104 -24.39 15.37 7.98
CA VAL V 104 -23.17 15.34 7.18
C VAL V 104 -22.21 16.45 7.60
N LEU V 105 -22.75 17.63 7.95
CA LEU V 105 -21.91 18.76 8.35
C LEU V 105 -21.20 18.50 9.67
N GLU V 106 -21.90 17.91 10.65
CA GLU V 106 -21.25 17.54 11.90
C GLU V 106 -20.30 16.36 11.71
N ASP V 107 -20.83 15.25 11.21
CA ASP V 107 -20.12 13.98 11.25
C ASP V 107 -18.99 13.88 10.23
N ARG V 108 -18.97 14.72 9.19
CA ARG V 108 -17.90 14.62 8.20
C ARG V 108 -17.08 15.89 8.05
N CYS V 109 -17.48 17.00 8.65
CA CYS V 109 -16.69 18.23 8.61
C CYS V 109 -16.32 18.74 10.00
N LEU V 110 -17.29 18.82 10.91
CA LEU V 110 -17.12 19.57 12.14
C LEU V 110 -16.64 18.73 13.32
N ASN V 111 -16.79 17.41 13.27
CA ASN V 111 -16.29 16.55 14.34
C ASN V 111 -14.76 16.49 14.27
N GLY V 112 -14.11 16.92 15.34
CA GLY V 112 -12.66 16.92 15.39
C GLY V 112 -11.98 18.08 14.72
N LEU V 113 -12.74 19.03 14.16
CA LEU V 113 -12.13 20.14 13.44
C LEU V 113 -11.55 21.19 14.38
N ARG V 114 -12.22 21.43 15.51
CA ARG V 114 -11.66 22.32 16.52
C ARG V 114 -10.39 21.76 17.12
N GLU V 115 -10.36 20.46 17.37
CA GLU V 115 -9.16 19.81 17.89
C GLU V 115 -8.02 19.87 16.87
N THR V 116 -8.35 19.71 15.59
CA THR V 116 -7.37 19.85 14.52
C THR V 116 -6.79 21.26 14.47
N TYR V 117 -7.67 22.26 14.54
CA TYR V 117 -7.23 23.65 14.42
C TYR V 117 -6.42 24.09 15.63
N VAL V 118 -6.76 23.60 16.82
CA VAL V 118 -5.97 23.92 18.00
C VAL V 118 -4.62 23.18 17.95
N ALA V 119 -4.62 21.91 17.51
CA ALA V 119 -3.40 21.12 17.48
C ALA V 119 -2.41 21.63 16.43
N LEU V 120 -2.90 22.28 15.38
CA LEU V 120 -2.00 22.90 14.41
C LEU V 120 -1.74 24.37 14.68
N GLY V 121 -2.36 24.95 15.71
CA GLY V 121 -2.22 26.37 15.92
C GLY V 121 -2.99 27.22 14.96
N VAL V 122 -4.00 26.66 14.29
CA VAL V 122 -4.87 27.42 13.41
C VAL V 122 -5.81 28.25 14.28
N PRO V 123 -5.86 29.57 14.10
CA PRO V 123 -6.75 30.39 14.92
C PRO V 123 -8.22 30.18 14.56
N GLY V 124 -8.95 29.49 15.44
CA GLY V 124 -10.33 29.14 15.16
C GLY V 124 -11.29 30.32 15.19
N ALA V 125 -10.93 31.39 15.91
CA ALA V 125 -11.75 32.59 15.89
C ALA V 125 -11.73 33.27 14.51
N SER V 126 -10.56 33.26 13.86
CA SER V 126 -10.46 33.79 12.50
C SER V 126 -11.23 32.94 11.51
N VAL V 127 -11.19 31.61 11.69
CA VAL V 127 -11.98 30.70 10.85
C VAL V 127 -13.47 30.93 11.06
N ALA V 128 -13.87 31.17 12.30
CA ALA V 128 -15.29 31.45 12.59
C ALA V 128 -15.72 32.80 12.01
N ALA V 129 -14.82 33.79 12.01
CA ALA V 129 -15.10 35.06 11.36
C ALA V 129 -15.25 34.89 9.84
N GLY V 130 -14.40 34.05 9.24
CA GLY V 130 -14.56 33.76 7.82
C GLY V 130 -15.83 32.99 7.51
N VAL V 131 -16.24 32.10 8.40
CA VAL V 131 -17.51 31.39 8.24
C VAL V 131 -18.68 32.35 8.37
N GLN V 132 -18.59 33.32 9.27
CA GLN V 132 -19.62 34.34 9.41
C GLN V 132 -19.70 35.23 8.17
N LYS V 133 -18.55 35.56 7.57
CA LYS V 133 -18.56 36.32 6.33
C LYS V 133 -19.13 35.51 5.17
N MET V 134 -18.82 34.20 5.12
CA MET V 134 -19.43 33.31 4.13
C MET V 134 -20.94 33.23 4.34
N LYS V 135 -21.38 33.23 5.59
CA LYS V 135 -22.80 33.24 5.93
C LYS V 135 -23.47 34.51 5.44
N GLU V 136 -22.83 35.65 5.67
CA GLU V 136 -23.38 36.94 5.25
C GLU V 136 -23.52 37.00 3.73
N ALA V 137 -22.48 36.56 3.00
CA ALA V 137 -22.54 36.51 1.54
C ALA V 137 -23.57 35.51 1.04
N ALA V 138 -23.66 34.33 1.66
CA ALA V 138 -24.56 33.28 1.18
C ALA V 138 -26.01 33.64 1.42
N LEU V 139 -26.34 34.21 2.58
CA LEU V 139 -27.70 34.71 2.79
C LEU V 139 -28.01 35.98 2.02
N ASP V 140 -27.01 36.73 1.54
CA ASP V 140 -27.33 37.77 0.56
C ASP V 140 -27.68 37.17 -0.80
N ILE V 141 -26.90 36.18 -1.25
CA ILE V 141 -27.10 35.62 -2.60
C ILE V 141 -28.36 34.78 -2.65
N VAL V 142 -28.69 34.06 -1.58
CA VAL V 142 -29.91 33.26 -1.54
C VAL V 142 -31.15 34.15 -1.58
N ASN V 143 -31.14 35.25 -0.84
CA ASN V 143 -32.26 36.17 -0.76
C ASN V 143 -32.34 37.14 -1.93
N ASP V 144 -31.65 36.89 -3.04
CA ASP V 144 -31.71 37.79 -4.19
C ASP V 144 -33.04 37.60 -4.92
N PRO V 145 -33.86 38.64 -5.06
CA PRO V 145 -35.15 38.48 -5.75
C PRO V 145 -35.04 38.37 -7.26
N ASN V 146 -33.91 38.74 -7.85
CA ASN V 146 -33.79 38.79 -9.30
C ASN V 146 -33.58 37.41 -9.90
N GLY V 147 -34.24 37.16 -11.02
CA GLY V 147 -34.07 35.90 -11.73
C GLY V 147 -34.73 34.70 -11.10
N ILE V 148 -35.70 34.90 -10.23
CA ILE V 148 -36.36 33.80 -9.53
C ILE V 148 -37.80 34.21 -9.22
N THR V 149 -38.66 33.21 -9.07
CA THR V 149 -40.05 33.46 -8.70
C THR V 149 -40.13 33.72 -7.21
N ARG V 150 -40.85 34.78 -6.83
CA ARG V 150 -40.85 35.24 -5.45
C ARG V 150 -41.67 34.32 -4.55
N GLY V 151 -41.35 34.39 -3.26
CA GLY V 151 -42.07 33.63 -2.26
C GLY V 151 -41.41 33.78 -0.91
N ASP V 152 -42.11 33.30 0.12
CA ASP V 152 -41.60 33.38 1.48
C ASP V 152 -40.47 32.36 1.66
N CYS V 153 -39.36 32.82 2.25
CA CYS V 153 -38.16 32.00 2.33
C CYS V 153 -37.50 32.09 3.70
N SER V 154 -38.29 32.34 4.74
CA SER V 154 -37.71 32.52 6.08
C SER V 154 -37.17 31.21 6.63
N ALA V 155 -37.84 30.08 6.33
CA ALA V 155 -37.47 28.80 6.93
C ALA V 155 -36.13 28.30 6.40
N ILE V 156 -35.95 28.32 5.08
CA ILE V 156 -34.71 27.80 4.51
C ILE V 156 -33.53 28.74 4.79
N VAL V 157 -33.78 30.05 4.84
CA VAL V 157 -32.72 31.01 5.15
C VAL V 157 -32.31 30.89 6.62
N ALA V 158 -33.28 30.69 7.51
CA ALA V 158 -32.98 30.43 8.91
C ALA V 158 -32.25 29.10 9.08
N GLU V 159 -32.57 28.10 8.26
CA GLU V 159 -31.87 26.82 8.31
C GLU V 159 -30.42 26.96 7.87
N ILE V 160 -30.17 27.71 6.79
CA ILE V 160 -28.81 27.96 6.32
C ILE V 160 -28.02 28.77 7.35
N ALA V 161 -28.67 29.75 7.98
CA ALA V 161 -28.04 30.50 9.06
C ALA V 161 -27.71 29.61 10.24
N GLY V 162 -28.58 28.64 10.54
CA GLY V 162 -28.29 27.69 11.61
C GLY V 162 -27.10 26.79 11.29
N TYR V 163 -27.00 26.32 10.05
CA TYR V 163 -25.86 25.50 9.66
C TYR V 163 -24.57 26.31 9.67
N PHE V 164 -24.64 27.57 9.27
CA PHE V 164 -23.46 28.43 9.28
C PHE V 164 -23.02 28.77 10.70
N ASP V 165 -23.99 29.00 11.60
CA ASP V 165 -23.67 29.21 13.00
C ASP V 165 -23.12 27.94 13.65
N ARG V 166 -23.57 26.78 13.19
CA ARG V 166 -23.02 25.52 13.66
C ARG V 166 -21.58 25.35 13.18
N ALA V 167 -21.29 25.76 11.94
CA ALA V 167 -19.93 25.68 11.41
C ALA V 167 -19.00 26.66 12.11
N ALA V 168 -19.48 27.88 12.41
CA ALA V 168 -18.66 28.85 13.12
C ALA V 168 -18.50 28.48 14.59
N ALA V 169 -19.47 27.76 15.15
CA ALA V 169 -19.40 27.34 16.54
C ALA V 169 -18.42 26.18 16.74
N ALA V 170 -18.33 25.28 15.77
CA ALA V 170 -17.51 24.09 15.91
C ALA V 170 -16.04 24.33 15.58
N VAL V 171 -15.67 25.54 15.17
CA VAL V 171 -14.27 25.86 14.92
C VAL V 171 -13.69 26.82 15.96
N ALA V 172 -14.53 27.57 16.67
CA ALA V 172 -14.05 28.55 17.64
C ALA V 172 -13.93 27.94 19.02
N MET W 1 12.46 18.85 2.72
CA MET W 1 12.74 20.20 2.22
C MET W 1 14.01 20.14 1.37
N LYS W 2 13.93 20.62 0.13
CA LYS W 2 14.97 20.39 -0.85
C LYS W 2 16.21 21.22 -0.54
N THR W 3 17.29 20.51 -0.21
CA THR W 3 18.58 21.03 0.20
C THR W 3 19.48 19.82 0.09
N PRO W 4 20.72 19.96 -0.41
CA PRO W 4 21.60 18.78 -0.59
C PRO W 4 21.85 17.97 0.68
N LEU W 5 22.04 18.64 1.82
CA LEU W 5 22.24 17.92 3.07
C LEU W 5 20.97 17.19 3.51
N THR W 6 19.83 17.89 3.47
CA THR W 6 18.57 17.27 3.89
C THR W 6 18.13 16.18 2.93
N GLU W 7 18.32 16.38 1.62
CA GLU W 7 17.88 15.36 0.68
C GLU W 7 18.82 14.15 0.69
N ALA W 8 20.12 14.36 0.93
CA ALA W 8 21.04 13.25 1.11
C ALA W 8 20.69 12.44 2.36
N VAL W 9 20.36 13.13 3.46
CA VAL W 9 19.98 12.44 4.68
C VAL W 9 18.64 11.72 4.50
N SER W 10 17.73 12.32 3.74
CA SER W 10 16.44 11.68 3.45
C SER W 10 16.62 10.42 2.60
N THR W 11 17.52 10.47 1.62
CA THR W 11 17.82 9.30 0.80
C THR W 11 18.46 8.19 1.63
N ALA W 12 19.43 8.54 2.47
CA ALA W 12 20.07 7.54 3.33
C ALA W 12 19.12 6.99 4.39
N ASP W 13 18.16 7.81 4.84
CA ASP W 13 17.20 7.37 5.83
C ASP W 13 16.14 6.47 5.23
N SER W 14 15.68 6.78 4.01
CA SER W 14 14.74 5.91 3.32
C SER W 14 15.39 4.58 2.94
N GLN W 15 16.68 4.62 2.58
CA GLN W 15 17.40 3.37 2.36
C GLN W 15 17.84 2.72 3.67
N GLY W 16 17.73 3.44 4.80
CA GLY W 16 18.06 2.88 6.10
C GLY W 16 19.51 2.55 6.31
N ARG W 17 20.42 3.33 5.74
CA ARG W 17 21.85 3.03 5.79
C ARG W 17 22.61 4.28 6.20
N PHE W 18 23.90 4.11 6.43
CA PHE W 18 24.73 5.19 6.95
C PHE W 18 25.13 6.14 5.81
N LEU W 19 25.92 7.14 6.18
CA LEU W 19 26.33 8.19 5.26
C LEU W 19 27.64 7.79 4.61
N SER W 20 27.55 7.19 3.42
CA SER W 20 28.73 6.73 2.70
C SER W 20 29.37 7.91 1.97
N SER W 21 30.30 7.61 1.06
CA SER W 21 31.00 8.66 0.32
C SER W 21 30.10 9.42 -0.63
N THR W 22 28.96 8.85 -1.01
CA THR W 22 27.98 9.54 -1.85
C THR W 22 27.46 10.81 -1.17
N GLU W 23 27.01 10.66 0.07
CA GLU W 23 26.50 11.80 0.83
C GLU W 23 27.63 12.78 1.18
N LEU W 24 28.84 12.28 1.41
CA LEU W 24 29.98 13.16 1.63
C LEU W 24 30.29 14.00 0.39
N GLN W 25 30.15 13.41 -0.80
CA GLN W 25 30.29 14.17 -2.03
C GLN W 25 29.17 15.20 -2.19
N ILE W 26 27.96 14.84 -1.77
CA ILE W 26 26.83 15.78 -1.81
C ILE W 26 27.11 16.98 -0.91
N ALA W 27 27.63 16.73 0.29
CA ALA W 27 28.01 17.82 1.19
C ALA W 27 29.19 18.61 0.67
N PHE W 28 30.12 17.96 -0.04
CA PHE W 28 31.25 18.68 -0.64
C PHE W 28 30.78 19.63 -1.72
N GLY W 29 29.83 19.21 -2.55
CA GLY W 29 29.25 20.11 -3.53
C GLY W 29 28.46 21.24 -2.88
N ARG W 30 27.76 20.92 -1.78
CA ARG W 30 27.06 21.95 -1.02
C ARG W 30 28.04 22.99 -0.46
N LEU W 31 29.18 22.55 0.07
CA LEU W 31 30.19 23.46 0.58
C LEU W 31 30.84 24.26 -0.53
N ARG W 32 31.01 23.64 -1.71
CA ARG W 32 31.59 24.33 -2.85
C ARG W 32 30.67 25.43 -3.36
N GLN W 33 29.36 25.21 -3.31
CA GLN W 33 28.42 26.19 -3.84
C GLN W 33 27.98 27.22 -2.80
N ALA W 34 28.10 26.90 -1.51
CA ALA W 34 27.45 27.67 -0.46
C ALA W 34 28.05 29.06 -0.26
N ASN W 35 29.36 29.23 -0.50
CA ASN W 35 29.97 30.55 -0.34
C ASN W 35 29.45 31.53 -1.39
N ALA W 36 29.36 31.09 -2.65
CA ALA W 36 28.77 31.90 -3.70
C ALA W 36 27.29 32.12 -3.47
N GLY W 37 26.59 31.11 -2.93
CA GLY W 37 25.17 31.29 -2.60
C GLY W 37 24.94 32.33 -1.52
N LEU W 38 25.79 32.32 -0.49
CA LEU W 38 25.68 33.33 0.57
C LEU W 38 26.06 34.71 0.09
N GLN W 39 27.05 34.82 -0.81
CA GLN W 39 27.40 36.10 -1.40
C GLN W 39 26.25 36.64 -2.26
N ALA W 40 25.61 35.77 -3.03
CA ALA W 40 24.47 36.17 -3.85
C ALA W 40 23.28 36.59 -2.99
N ALA W 41 23.04 35.86 -1.88
CA ALA W 41 21.96 36.23 -0.97
C ALA W 41 22.24 37.57 -0.29
N LYS W 42 23.51 37.83 0.07
CA LYS W 42 23.89 39.12 0.64
C LYS W 42 23.70 40.25 -0.36
N ALA W 43 24.09 40.03 -1.62
CA ALA W 43 23.92 41.06 -2.64
C ALA W 43 22.45 41.34 -2.93
N LEU W 44 21.63 40.29 -2.97
CA LEU W 44 20.20 40.48 -3.17
C LEU W 44 19.55 41.14 -1.96
N THR W 45 20.01 40.84 -0.75
CA THR W 45 19.52 41.53 0.44
C THR W 45 19.87 43.02 0.41
N ASP W 46 21.08 43.34 -0.03
CA ASP W 46 21.50 44.74 -0.10
C ASP W 46 20.77 45.51 -1.20
N ASN W 47 20.44 44.86 -2.31
CA ASN W 47 19.73 45.53 -3.40
C ASN W 47 18.26 45.15 -3.47
N ALA W 48 17.70 44.62 -2.37
CA ALA W 48 16.34 44.09 -2.37
C ALA W 48 15.28 45.14 -2.67
N GLN W 49 15.37 46.31 -2.04
CA GLN W 49 14.33 47.32 -2.21
C GLN W 49 14.34 47.90 -3.63
N SER W 50 15.54 48.13 -4.17
CA SER W 50 15.67 48.59 -5.56
C SER W 50 15.16 47.54 -6.53
N LEU W 51 15.48 46.26 -6.28
CA LEU W 51 15.04 45.19 -7.16
C LEU W 51 13.52 45.02 -7.12
N VAL W 52 12.92 45.15 -5.94
CA VAL W 52 11.48 44.99 -5.81
C VAL W 52 10.74 46.17 -6.46
N ASN W 53 11.23 47.39 -6.24
CA ASN W 53 10.61 48.56 -6.86
C ASN W 53 10.75 48.54 -8.37
N GLY W 54 11.93 48.15 -8.87
CA GLY W 54 12.12 48.05 -10.31
C GLY W 54 11.31 46.95 -10.94
N ALA W 55 11.17 45.81 -10.25
CA ALA W 55 10.35 44.72 -10.76
C ALA W 55 8.87 45.09 -10.77
N ALA W 56 8.42 45.81 -9.73
CA ALA W 56 7.03 46.29 -9.71
C ALA W 56 6.77 47.27 -10.83
N GLN W 57 7.71 48.18 -11.09
CA GLN W 57 7.56 49.12 -12.20
C GLN W 57 7.63 48.40 -13.55
N ALA W 58 8.42 47.33 -13.65
CA ALA W 58 8.47 46.56 -14.89
C ALA W 58 7.17 45.81 -15.14
N VAL W 59 6.54 45.30 -14.08
CA VAL W 59 5.24 44.65 -14.22
C VAL W 59 4.18 45.68 -14.61
N TYR W 60 4.21 46.87 -14.02
CA TYR W 60 3.27 47.92 -14.40
C TYR W 60 3.57 48.47 -15.79
N ASN W 61 4.79 48.27 -16.30
CA ASN W 61 5.11 48.69 -17.66
C ASN W 61 4.62 47.67 -18.69
N LYS W 62 4.95 46.38 -18.50
CA LYS W 62 4.55 45.38 -19.48
C LYS W 62 3.06 45.09 -19.41
N PHE W 63 2.47 45.15 -18.21
CA PHE W 63 1.04 44.95 -18.01
C PHE W 63 0.49 46.26 -17.46
N PRO W 64 0.22 47.25 -18.32
CA PRO W 64 -0.24 48.55 -17.81
C PRO W 64 -1.65 48.51 -17.27
N TYR W 65 -2.50 47.58 -17.75
CA TYR W 65 -3.91 47.49 -17.38
C TYR W 65 -4.12 47.20 -15.90
N THR W 66 -3.10 46.68 -15.21
CA THR W 66 -3.18 46.48 -13.77
C THR W 66 -3.22 47.79 -13.00
N THR W 67 -2.84 48.91 -13.61
CA THR W 67 -2.79 50.19 -12.93
C THR W 67 -3.94 51.14 -13.27
N GLN W 68 -4.74 50.86 -14.29
CA GLN W 68 -5.90 51.71 -14.56
C GLN W 68 -7.20 51.09 -14.07
N THR W 69 -7.45 49.83 -14.42
CA THR W 69 -8.75 49.21 -14.17
C THR W 69 -8.92 48.89 -12.69
N GLN W 70 -10.10 49.23 -12.16
CA GLN W 70 -10.42 48.98 -10.77
C GLN W 70 -10.64 47.48 -10.54
N GLY W 71 -10.23 47.02 -9.37
CA GLY W 71 -10.38 45.63 -9.01
C GLY W 71 -9.51 45.25 -7.84
N ASN W 72 -9.94 44.24 -7.08
CA ASN W 72 -9.17 43.81 -5.92
C ASN W 72 -7.88 43.10 -6.32
N ASN W 73 -7.86 42.46 -7.49
CA ASN W 73 -6.68 41.77 -7.97
C ASN W 73 -5.71 42.69 -8.70
N PHE W 74 -6.05 43.97 -8.86
CA PHE W 74 -5.22 44.90 -9.62
C PHE W 74 -4.57 45.92 -8.70
N ALA W 75 -3.61 46.65 -9.26
CA ALA W 75 -2.84 47.66 -8.53
C ALA W 75 -3.19 49.07 -9.00
N ALA W 76 -4.48 49.33 -9.24
CA ALA W 76 -4.91 50.65 -9.66
C ALA W 76 -4.88 51.67 -8.54
N ASP W 77 -4.89 51.21 -7.29
CA ASP W 77 -4.82 52.06 -6.12
C ASP W 77 -3.53 51.74 -5.35
N GLN W 78 -3.37 52.40 -4.21
CA GLN W 78 -2.17 52.18 -3.40
C GLN W 78 -2.22 50.82 -2.69
N ARG W 79 -3.41 50.31 -2.42
CA ARG W 79 -3.56 49.01 -1.76
C ARG W 79 -3.03 47.88 -2.64
N GLY W 80 -3.45 47.87 -3.91
CA GLY W 80 -2.95 46.88 -4.84
C GLY W 80 -1.47 47.02 -5.14
N LYS W 81 -0.98 48.26 -5.18
CA LYS W 81 0.46 48.48 -5.39
C LYS W 81 1.27 47.98 -4.20
N ASP W 82 0.78 48.19 -2.98
CA ASP W 82 1.44 47.65 -1.80
C ASP W 82 1.40 46.12 -1.80
N LYS W 83 0.28 45.54 -2.24
CA LYS W 83 0.18 44.08 -2.34
C LYS W 83 1.16 43.53 -3.38
N CYS W 84 1.31 44.20 -4.52
CA CYS W 84 2.23 43.73 -5.56
C CYS W 84 3.68 43.89 -5.12
N ALA W 85 4.02 45.01 -4.48
CA ALA W 85 5.37 45.20 -3.96
C ALA W 85 5.69 44.18 -2.88
N ARG W 86 4.71 43.86 -2.04
CA ARG W 86 4.89 42.85 -1.00
C ARG W 86 5.05 41.46 -1.61
N ASP W 87 4.33 41.18 -2.71
CA ASP W 87 4.48 39.89 -3.38
C ASP W 87 5.86 39.74 -4.01
N ILE W 88 6.35 40.80 -4.65
CA ILE W 88 7.68 40.74 -5.26
C ILE W 88 8.76 40.67 -4.19
N GLY W 89 8.55 41.36 -3.07
CA GLY W 89 9.46 41.19 -1.93
C GLY W 89 9.45 39.79 -1.36
N TYR W 90 8.27 39.17 -1.32
CA TYR W 90 8.16 37.78 -0.89
C TYR W 90 8.91 36.86 -1.84
N TYR W 91 8.73 37.06 -3.16
CA TYR W 91 9.41 36.24 -4.17
C TYR W 91 10.92 36.37 -4.06
N LEU W 92 11.41 37.61 -3.94
CA LEU W 92 12.84 37.86 -3.83
C LEU W 92 13.41 37.31 -2.52
N ARG W 93 12.64 37.37 -1.44
CA ARG W 93 13.12 36.86 -0.15
C ARG W 93 13.19 35.33 -0.15
N ILE W 94 12.23 34.66 -0.79
CA ILE W 94 12.34 33.21 -0.92
C ILE W 94 13.48 32.83 -1.88
N VAL W 95 13.78 33.65 -2.88
CA VAL W 95 14.96 33.40 -3.71
C VAL W 95 16.25 33.52 -2.90
N THR W 96 16.33 34.52 -2.01
CA THR W 96 17.50 34.63 -1.11
C THR W 96 17.57 33.45 -0.14
N TYR W 97 16.41 32.98 0.32
CA TYR W 97 16.38 31.81 1.19
C TYR W 97 16.87 30.56 0.48
N CYS W 98 16.51 30.41 -0.80
CA CYS W 98 17.01 29.30 -1.59
C CYS W 98 18.50 29.44 -1.88
N LEU W 99 18.99 30.67 -2.02
CA LEU W 99 20.42 30.91 -2.17
C LEU W 99 21.17 30.48 -0.92
N VAL W 100 20.62 30.78 0.25
CA VAL W 100 21.22 30.35 1.52
C VAL W 100 21.16 28.84 1.66
N ALA W 101 20.01 28.24 1.35
CA ALA W 101 19.81 26.81 1.53
C ALA W 101 20.59 25.97 0.53
N GLY W 102 20.79 26.48 -0.67
CA GLY W 102 21.41 25.68 -1.71
C GLY W 102 20.47 24.73 -2.42
N GLY W 103 19.17 24.91 -2.26
CA GLY W 103 18.19 24.11 -2.96
C GLY W 103 16.89 24.87 -3.05
N THR W 104 15.94 24.30 -3.79
CA THR W 104 14.65 24.92 -4.02
C THR W 104 13.64 24.64 -2.91
N GLY W 105 14.09 24.11 -1.76
CA GLY W 105 13.26 23.83 -0.62
C GLY W 105 12.47 24.98 -0.03
N PRO W 106 13.08 26.17 0.16
CA PRO W 106 12.24 27.34 0.52
C PRO W 106 11.20 27.68 -0.51
N LEU W 107 11.52 27.55 -1.81
CA LEU W 107 10.54 27.79 -2.86
C LEU W 107 9.40 26.77 -2.79
N ASP W 108 9.75 25.50 -2.56
CA ASP W 108 8.73 24.45 -2.52
C ASP W 108 7.85 24.59 -1.28
N GLU W 109 8.45 24.83 -0.11
CA GLU W 109 7.66 24.88 1.11
C GLU W 109 6.88 26.18 1.24
N TYR W 110 7.43 27.29 0.77
CA TYR W 110 6.82 28.60 0.99
C TYR W 110 6.05 29.13 -0.22
N LEU W 111 6.54 28.90 -1.43
CA LEU W 111 5.99 29.61 -2.58
C LEU W 111 5.34 28.70 -3.62
N ILE W 112 6.02 27.64 -4.07
CA ILE W 112 5.55 26.86 -5.23
C ILE W 112 4.31 26.05 -4.88
N ALA W 113 4.30 25.40 -3.72
CA ALA W 113 3.17 24.54 -3.35
C ALA W 113 1.98 25.41 -2.96
N GLY W 114 0.92 25.35 -3.75
CA GLY W 114 -0.30 26.07 -3.46
C GLY W 114 -0.48 27.38 -4.19
N ILE W 115 0.50 27.80 -5.01
CA ILE W 115 0.40 29.09 -5.70
C ILE W 115 -0.64 29.07 -6.82
N ASP W 116 -0.97 27.89 -7.36
CA ASP W 116 -2.00 27.82 -8.39
C ASP W 116 -3.39 28.08 -7.82
N GLU W 117 -3.64 27.57 -6.60
CA GLU W 117 -4.89 27.85 -5.90
C GLU W 117 -5.01 29.34 -5.58
N ILE W 118 -3.90 29.97 -5.23
CA ILE W 118 -3.89 31.41 -4.99
C ILE W 118 -4.17 32.17 -6.27
N ASN W 119 -3.52 31.79 -7.37
CA ASN W 119 -3.62 32.54 -8.61
C ASN W 119 -5.00 32.41 -9.25
N ARG W 120 -5.67 31.27 -9.07
CA ARG W 120 -7.04 31.19 -9.58
C ARG W 120 -8.08 31.65 -8.57
N THR W 121 -7.77 31.65 -7.27
CA THR W 121 -8.75 32.07 -6.28
C THR W 121 -8.87 33.60 -6.25
N PHE W 122 -7.74 34.29 -6.17
CA PHE W 122 -7.73 35.74 -6.05
C PHE W 122 -7.50 36.44 -7.39
N ASP W 123 -7.56 35.68 -8.50
CA ASP W 123 -7.51 36.19 -9.87
C ASP W 123 -6.21 36.95 -10.16
N LEU W 124 -5.10 36.39 -9.71
CA LEU W 124 -3.78 36.95 -9.94
C LEU W 124 -3.13 36.23 -11.11
N SER W 125 -2.78 36.98 -12.14
CA SER W 125 -2.15 36.38 -13.32
C SER W 125 -0.70 36.04 -12.99
N PRO W 126 -0.27 34.80 -13.20
CA PRO W 126 1.13 34.45 -12.91
C PRO W 126 2.14 35.07 -13.86
N SER W 127 1.71 35.62 -15.00
CA SER W 127 2.63 36.27 -15.93
C SER W 127 3.23 37.54 -15.34
N TRP W 128 2.50 38.21 -14.43
CA TRP W 128 3.05 39.36 -13.72
C TRP W 128 4.25 38.95 -12.88
N TYR W 129 4.12 37.88 -12.10
CA TYR W 129 5.23 37.40 -11.30
C TYR W 129 6.34 36.82 -12.15
N VAL W 130 6.00 36.23 -13.31
CA VAL W 130 7.02 35.73 -14.24
C VAL W 130 7.87 36.87 -14.76
N GLU W 131 7.25 37.98 -15.16
CA GLU W 131 8.04 39.09 -15.68
C GLU W 131 8.77 39.82 -14.56
N ALA W 132 8.22 39.80 -13.34
CA ALA W 132 8.96 40.32 -12.19
C ALA W 132 10.22 39.51 -11.92
N LEU W 133 10.12 38.18 -12.00
CA LEU W 133 11.30 37.34 -11.84
C LEU W 133 12.28 37.52 -13.00
N LYS W 134 11.78 37.82 -14.20
CA LYS W 134 12.68 38.15 -15.30
C LYS W 134 13.40 39.48 -15.05
N TYR W 135 12.75 40.44 -14.39
CA TYR W 135 13.46 41.65 -14.00
C TYR W 135 14.52 41.35 -12.95
N ILE W 136 14.22 40.44 -12.02
CA ILE W 136 15.22 40.05 -11.01
C ILE W 136 16.40 39.36 -11.69
N LYS W 137 16.13 38.55 -12.72
CA LYS W 137 17.21 37.96 -13.50
C LYS W 137 18.02 39.02 -14.25
N ALA W 138 17.35 40.00 -14.85
CA ALA W 138 18.03 40.95 -15.70
C ALA W 138 18.71 42.08 -14.93
N ASN W 139 18.52 42.17 -13.61
CA ASN W 139 19.03 43.33 -12.88
C ASN W 139 19.67 42.99 -11.54
N HIS W 140 19.92 41.72 -11.23
CA HIS W 140 20.55 41.43 -9.94
C HIS W 140 22.05 41.71 -9.93
N GLY W 141 22.69 41.74 -11.10
CA GLY W 141 24.07 42.15 -11.19
C GLY W 141 25.10 41.14 -10.73
N LEU W 142 24.70 39.91 -10.45
CA LEU W 142 25.64 38.89 -10.02
C LEU W 142 26.40 38.35 -11.23
N SER W 143 27.56 37.75 -10.95
CA SER W 143 28.47 37.29 -11.99
C SER W 143 28.91 35.86 -11.71
N GLY W 144 28.97 35.06 -12.77
CA GLY W 144 29.62 33.77 -12.73
C GLY W 144 28.96 32.70 -11.89
N ASP W 145 29.64 32.33 -10.80
CA ASP W 145 29.21 31.20 -9.98
C ASP W 145 27.93 31.52 -9.22
N ALA W 146 27.84 32.73 -8.66
CA ALA W 146 26.63 33.13 -7.95
C ALA W 146 25.50 33.46 -8.90
N ARG W 147 25.82 33.89 -10.12
CA ARG W 147 24.80 34.30 -11.09
C ARG W 147 24.02 33.09 -11.60
N ASP W 148 24.72 32.00 -11.89
CA ASP W 148 24.08 30.82 -12.47
C ASP W 148 23.19 30.13 -11.46
N GLU W 149 23.58 30.16 -10.19
CA GLU W 149 22.87 29.44 -9.15
C GLU W 149 21.77 30.29 -8.50
N ALA W 150 21.83 31.62 -8.64
CA ALA W 150 20.69 32.47 -8.32
C ALA W 150 19.62 32.42 -9.39
N ASN W 151 20.03 32.32 -10.67
CA ASN W 151 19.06 32.21 -11.75
C ASN W 151 18.32 30.88 -11.76
N SER W 152 18.93 29.85 -11.16
CA SER W 152 18.30 28.53 -11.12
C SER W 152 17.00 28.56 -10.31
N TYR W 153 16.99 29.33 -9.22
CA TYR W 153 15.76 29.51 -8.46
C TYR W 153 14.80 30.46 -9.16
N LEU W 154 15.34 31.44 -9.89
CA LEU W 154 14.48 32.39 -10.58
C LEU W 154 13.74 31.74 -11.74
N ASP W 155 14.40 30.85 -12.49
CA ASP W 155 13.70 30.09 -13.52
C ASP W 155 12.80 29.01 -12.91
N TYR W 156 13.16 28.48 -11.74
CA TYR W 156 12.33 27.43 -11.13
C TYR W 156 10.98 27.97 -10.70
N ALA W 157 10.95 29.21 -10.21
CA ALA W 157 9.67 29.86 -9.95
C ALA W 157 8.99 30.25 -11.25
N ILE W 158 9.77 30.60 -12.28
CA ILE W 158 9.21 30.91 -13.59
C ILE W 158 8.62 29.65 -14.22
N ASN W 159 9.33 28.52 -14.14
CA ASN W 159 8.81 27.27 -14.68
C ASN W 159 7.63 26.75 -13.88
N ALA W 160 7.55 27.10 -12.59
CA ALA W 160 6.39 26.69 -11.80
C ALA W 160 5.15 27.51 -12.14
N LEU W 161 5.34 28.78 -12.47
CA LEU W 161 4.23 29.66 -12.84
C LEU W 161 3.88 29.58 -14.31
N SER W 162 4.63 28.82 -15.10
CA SER W 162 4.35 28.66 -16.52
C SER W 162 4.26 27.18 -16.90
N MET X 1 12.36 18.55 7.25
CA MET X 1 13.73 18.33 7.69
C MET X 1 14.53 19.62 7.55
N PHE X 2 15.31 19.95 8.57
CA PHE X 2 16.15 21.14 8.54
C PHE X 2 17.61 20.76 8.66
N ASP X 3 18.47 21.56 8.03
CA ASP X 3 19.90 21.54 8.28
C ASP X 3 20.27 22.91 8.85
N VAL X 4 21.58 23.17 8.94
CA VAL X 4 22.06 24.40 9.55
C VAL X 4 21.65 25.64 8.73
N PHE X 5 21.54 25.50 7.41
CA PHE X 5 21.11 26.62 6.58
C PHE X 5 19.60 26.82 6.64
N THR X 6 18.84 25.74 6.50
CA THR X 6 17.39 25.86 6.45
C THR X 6 16.76 26.12 7.82
N ARG X 7 17.48 25.87 8.91
CA ARG X 7 17.01 26.31 10.22
C ARG X 7 16.96 27.83 10.29
N VAL X 8 18.04 28.48 9.83
CA VAL X 8 18.09 29.94 9.78
C VAL X 8 17.10 30.47 8.76
N VAL X 9 16.92 29.75 7.65
CA VAL X 9 15.93 30.11 6.63
C VAL X 9 14.51 30.08 7.21
N SER X 10 14.17 29.03 7.97
CA SER X 10 12.84 28.92 8.55
C SER X 10 12.63 29.97 9.64
N GLN X 11 13.68 30.28 10.40
CA GLN X 11 13.57 31.34 11.41
C GLN X 11 13.35 32.71 10.75
N ALA X 12 14.06 32.99 9.65
CA ALA X 12 13.88 34.25 8.95
C ALA X 12 12.53 34.33 8.25
N ASP X 13 12.01 33.21 7.77
CA ASP X 13 10.68 33.19 7.17
C ASP X 13 9.59 33.37 8.22
N ALA X 14 9.81 32.84 9.42
CA ALA X 14 8.89 33.13 10.52
C ALA X 14 8.96 34.60 10.94
N ARG X 15 10.16 35.18 10.94
CA ARG X 15 10.30 36.61 11.19
C ARG X 15 9.86 37.46 10.00
N GLY X 16 9.97 36.94 8.78
CA GLY X 16 9.62 37.70 7.60
C GLY X 16 10.69 38.64 7.11
N GLU X 17 11.90 38.54 7.66
CA GLU X 17 13.00 39.41 7.29
C GLU X 17 14.02 38.64 6.48
N TYR X 18 14.84 39.38 5.76
CA TYR X 18 15.99 38.78 5.10
C TYR X 18 17.03 38.38 6.14
N LEU X 19 17.95 37.50 5.73
CA LEU X 19 19.06 37.15 6.60
C LEU X 19 20.00 38.34 6.77
N SER X 20 20.31 38.66 8.02
CA SER X 20 21.25 39.74 8.32
C SER X 20 22.67 39.29 8.00
N GLY X 21 23.59 40.26 7.99
CA GLY X 21 24.98 39.98 7.69
C GLY X 21 25.65 39.09 8.72
N SER X 22 25.23 39.19 9.98
CA SER X 22 25.76 38.31 11.03
C SER X 22 25.36 36.87 10.80
N GLN X 23 24.11 36.63 10.36
CA GLN X 23 23.66 35.28 10.05
C GLN X 23 24.41 34.70 8.87
N LEU X 24 24.65 35.51 7.83
CA LEU X 24 25.42 35.04 6.69
C LEU X 24 26.88 34.78 7.06
N ASP X 25 27.45 35.59 7.96
CA ASP X 25 28.83 35.34 8.40
C ASP X 25 28.92 34.08 9.26
N ALA X 26 27.90 33.83 10.09
CA ALA X 26 27.87 32.60 10.88
C ALA X 26 27.71 31.37 9.97
N LEU X 27 26.91 31.50 8.90
CA LEU X 27 26.79 30.40 7.96
C LEU X 27 28.06 30.21 7.13
N SER X 28 28.79 31.30 6.86
CA SER X 28 30.10 31.16 6.21
C SER X 28 31.11 30.48 7.13
N ALA X 29 31.03 30.76 8.44
CA ALA X 29 31.84 30.04 9.41
C ALA X 29 31.47 28.56 9.46
N THR X 30 30.18 28.25 9.31
CA THR X 30 29.73 26.86 9.23
C THR X 30 30.28 26.19 7.96
N VAL X 31 30.32 26.92 6.85
CA VAL X 31 30.92 26.41 5.61
C VAL X 31 32.41 26.14 5.80
N ALA X 32 33.09 27.01 6.56
CA ALA X 32 34.50 26.78 6.89
C ALA X 32 34.68 25.55 7.76
N GLU X 33 33.77 25.31 8.72
CA GLU X 33 33.80 24.12 9.55
C GLU X 33 33.31 22.86 8.84
N GLY X 34 32.75 23.00 7.63
CA GLY X 34 32.13 21.88 6.95
C GLY X 34 33.06 20.73 6.60
N ASN X 35 34.33 21.01 6.30
CA ASN X 35 35.26 19.93 6.00
C ASN X 35 35.54 19.07 7.23
N LYS X 36 35.71 19.71 8.39
CA LYS X 36 35.87 18.96 9.64
C LYS X 36 34.59 18.23 10.01
N ARG X 37 33.43 18.81 9.68
CA ARG X 37 32.15 18.14 9.87
C ARG X 37 32.05 16.88 9.01
N ILE X 38 32.51 16.95 7.76
CA ILE X 38 32.50 15.80 6.87
C ILE X 38 33.48 14.73 7.35
N ASP X 39 34.65 15.15 7.86
CA ASP X 39 35.57 14.21 8.49
C ASP X 39 34.97 13.51 9.70
N SER X 40 34.25 14.25 10.53
CA SER X 40 33.61 13.66 11.70
C SER X 40 32.55 12.63 11.30
N VAL X 41 31.73 12.98 10.30
CA VAL X 41 30.70 12.08 9.79
C VAL X 41 31.34 10.82 9.19
N ASN X 42 32.41 11.00 8.41
CA ASN X 42 33.10 9.88 7.77
C ASN X 42 33.76 8.97 8.79
N ARG X 43 34.33 9.53 9.86
CA ARG X 43 34.99 8.72 10.87
C ARG X 43 33.99 7.91 11.69
N ILE X 44 32.88 8.53 12.11
CA ILE X 44 31.87 7.79 12.86
C ILE X 44 31.20 6.74 11.97
N THR X 45 31.00 7.06 10.68
CA THR X 45 30.46 6.07 9.75
C THR X 45 31.42 4.91 9.53
N GLY X 46 32.72 5.19 9.42
CA GLY X 46 33.68 4.13 9.19
C GLY X 46 33.89 3.23 10.39
N ASN X 47 33.70 3.75 11.60
CA ASN X 47 33.82 2.92 12.79
C ASN X 47 32.47 2.72 13.50
N ALA X 48 31.37 2.81 12.75
CA ALA X 48 30.04 2.65 13.32
C ALA X 48 29.81 1.27 13.93
N SER X 49 30.24 0.21 13.23
CA SER X 49 30.09 -1.14 13.77
C SER X 49 30.92 -1.35 15.03
N ALA X 50 32.15 -0.81 15.03
CA ALA X 50 32.99 -0.88 16.22
C ALA X 50 32.38 -0.11 17.38
N ILE X 51 31.81 1.07 17.10
CA ILE X 51 31.18 1.88 18.14
C ILE X 51 29.99 1.14 18.75
N VAL X 52 29.12 0.58 17.90
CA VAL X 52 27.93 -0.10 18.37
C VAL X 52 28.29 -1.37 19.15
N SER X 53 29.23 -2.16 18.63
CA SER X 53 29.63 -3.40 19.29
C SER X 53 30.33 -3.13 20.62
N ASN X 54 31.25 -2.17 20.66
CA ASN X 54 31.97 -1.88 21.90
C ASN X 54 31.08 -1.21 22.93
N ALA X 55 30.17 -0.34 22.49
CA ALA X 55 29.23 0.31 23.40
C ALA X 55 28.25 -0.69 23.99
N ALA X 56 27.76 -1.63 23.17
CA ALA X 56 26.89 -2.68 23.68
C ALA X 56 27.63 -3.59 24.64
N ARG X 57 28.89 -3.94 24.33
CA ARG X 57 29.67 -4.80 25.21
C ARG X 57 29.93 -4.13 26.55
N ALA X 58 30.27 -2.85 26.55
CA ALA X 58 30.52 -2.15 27.80
C ALA X 58 29.24 -1.90 28.58
N LEU X 59 28.13 -1.63 27.89
CA LEU X 59 26.84 -1.46 28.55
C LEU X 59 26.38 -2.75 29.22
N PHE X 60 26.54 -3.88 28.54
CA PHE X 60 26.18 -5.15 29.15
C PHE X 60 27.22 -5.63 30.16
N ALA X 61 28.43 -5.06 30.11
CA ALA X 61 29.40 -5.32 31.16
C ALA X 61 29.02 -4.60 32.45
N GLU X 62 28.66 -3.32 32.36
CA GLU X 62 28.30 -2.62 33.60
C GLU X 62 26.88 -2.93 34.05
N GLN X 63 26.01 -3.35 33.13
CA GLN X 63 24.61 -3.66 33.45
C GLN X 63 24.31 -5.07 32.95
N PRO X 64 24.75 -6.10 33.67
CA PRO X 64 24.51 -7.47 33.20
C PRO X 64 23.07 -7.92 33.33
N GLN X 65 22.22 -7.20 34.05
CA GLN X 65 20.82 -7.59 34.21
C GLN X 65 20.03 -7.46 32.93
N LEU X 66 20.58 -6.76 31.94
CA LEU X 66 19.91 -6.62 30.62
C LEU X 66 20.09 -7.93 29.84
N ILE X 67 21.26 -8.55 29.93
CA ILE X 67 21.54 -9.77 29.13
C ILE X 67 21.16 -11.02 29.95
N GLN X 68 20.98 -10.87 31.25
CA GLN X 68 20.64 -12.03 32.12
C GLN X 68 19.27 -12.59 31.72
N PRO X 69 19.07 -13.92 31.75
CA PRO X 69 17.76 -14.50 31.43
C PRO X 69 16.61 -13.72 32.03
N GLY X 70 15.68 -13.26 31.18
CA GLY X 70 14.55 -12.45 31.66
C GLY X 70 14.82 -10.97 31.46
N GLY X 71 16.03 -10.64 30.99
CA GLY X 71 16.41 -9.23 30.77
C GLY X 71 15.89 -8.72 29.43
N ASN X 72 15.84 -7.41 29.26
CA ASN X 72 15.26 -6.85 28.01
C ASN X 72 16.17 -7.21 26.83
N ALA X 73 17.49 -7.18 27.03
CA ALA X 73 18.43 -7.50 25.93
C ALA X 73 18.61 -9.02 25.80
N TYR X 74 18.06 -9.78 26.75
CA TYR X 74 18.16 -11.27 26.71
C TYR X 74 17.37 -11.79 25.51
N THR X 75 17.60 -13.03 25.07
CA THR X 75 16.96 -13.65 23.86
C THR X 75 17.62 -13.08 22.63
N SER X 76 17.63 -13.84 21.54
CA SER X 76 18.37 -13.42 20.37
C SER X 76 17.69 -12.27 19.63
N ARG X 77 16.34 -12.28 19.55
CA ARG X 77 15.69 -11.22 18.78
C ARG X 77 15.68 -9.90 19.55
N ARG X 78 15.62 -9.93 20.88
CA ARG X 78 15.70 -8.70 21.64
C ARG X 78 17.10 -8.14 21.64
N MET X 79 18.12 -9.00 21.65
CA MET X 79 19.49 -8.52 21.49
C MET X 79 19.71 -7.93 20.10
N ALA X 80 19.14 -8.56 19.07
CA ALA X 80 19.24 -8.02 17.71
C ALA X 80 18.51 -6.68 17.60
N ALA X 81 17.35 -6.55 18.24
CA ALA X 81 16.64 -5.27 18.27
C ALA X 81 17.40 -4.23 19.07
N CYS X 82 18.11 -4.65 20.12
CA CYS X 82 18.94 -3.74 20.89
C CYS X 82 20.09 -3.19 20.05
N LEU X 83 20.82 -4.07 19.36
CA LEU X 83 21.93 -3.65 18.51
C LEU X 83 21.43 -2.81 17.35
N ARG X 84 20.25 -3.14 16.82
CA ARG X 84 19.63 -2.33 15.78
C ARG X 84 19.24 -0.95 16.29
N ASP X 85 18.77 -0.87 17.54
CA ASP X 85 18.47 0.42 18.16
C ASP X 85 19.73 1.25 18.35
N MET X 86 20.83 0.61 18.77
CA MET X 86 22.11 1.28 18.90
C MET X 86 22.59 1.83 17.56
N GLU X 87 22.46 1.01 16.50
CA GLU X 87 22.84 1.44 15.16
C GLU X 87 21.94 2.55 14.65
N ILE X 88 20.64 2.51 14.96
CA ILE X 88 19.71 3.54 14.53
C ILE X 88 20.02 4.87 15.20
N ILE X 89 20.28 4.84 16.52
CA ILE X 89 20.60 6.06 17.25
C ILE X 89 21.92 6.66 16.76
N LEU X 90 22.94 5.82 16.55
CA LEU X 90 24.21 6.29 16.02
C LEU X 90 24.06 6.85 14.60
N ARG X 91 23.23 6.20 13.78
CA ARG X 91 22.99 6.64 12.40
C ARG X 91 22.29 8.00 12.36
N TYR X 92 21.31 8.21 13.22
CA TYR X 92 20.63 9.50 13.23
C TYR X 92 21.48 10.58 13.88
N VAL X 93 22.38 10.21 14.79
CA VAL X 93 23.38 11.17 15.29
C VAL X 93 24.32 11.60 14.17
N THR X 94 24.75 10.65 13.32
CA THR X 94 25.55 11.01 12.16
C THR X 94 24.77 11.87 11.17
N TYR X 95 23.46 11.61 11.03
CA TYR X 95 22.61 12.44 10.19
C TYR X 95 22.55 13.88 10.71
N ALA X 96 22.38 14.03 12.03
CA ALA X 96 22.32 15.36 12.62
C ALA X 96 23.68 16.07 12.56
N THR X 97 24.77 15.32 12.68
CA THR X 97 26.10 15.89 12.49
C THR X 97 26.29 16.36 11.06
N PHE X 98 25.83 15.56 10.09
CA PHE X 98 25.92 15.90 8.68
C PHE X 98 25.12 17.15 8.33
N THR X 99 23.89 17.24 8.83
CA THR X 99 23.06 18.41 8.52
C THR X 99 23.55 19.66 9.23
N GLY X 100 24.13 19.51 10.41
CA GLY X 100 24.46 20.66 11.23
C GLY X 100 23.30 21.15 12.08
N ASP X 101 22.17 20.46 12.03
CA ASP X 101 21.02 20.76 12.88
C ASP X 101 20.50 19.44 13.43
N ALA X 102 19.88 19.51 14.61
CA ALA X 102 19.34 18.35 15.28
C ALA X 102 17.89 18.06 14.91
N SER X 103 17.42 18.58 13.78
CA SER X 103 16.02 18.39 13.40
C SER X 103 15.75 16.95 12.98
N VAL X 104 16.67 16.34 12.24
CA VAL X 104 16.48 14.96 11.78
C VAL X 104 16.55 13.98 12.94
N LEU X 105 17.43 14.23 13.92
CA LEU X 105 17.54 13.33 15.05
C LEU X 105 16.33 13.45 15.97
N GLU X 106 15.84 14.67 16.18
CA GLU X 106 14.71 14.88 17.08
C GLU X 106 13.40 14.42 16.45
N ASP X 107 13.21 14.71 15.15
CA ASP X 107 11.95 14.42 14.50
C ASP X 107 11.91 13.08 13.79
N ARG X 108 13.03 12.36 13.71
CA ARG X 108 13.04 11.08 13.01
C ARG X 108 13.64 9.93 13.80
N CYS X 109 14.27 10.18 14.94
CA CYS X 109 14.69 9.12 15.84
C CYS X 109 14.06 9.26 17.22
N LEU X 110 14.16 10.44 17.82
CA LEU X 110 13.70 10.68 19.17
C LEU X 110 12.23 11.02 19.24
N ASN X 111 11.56 11.14 18.10
CA ASN X 111 10.15 11.52 18.09
C ASN X 111 9.30 10.36 18.57
N GLY X 112 8.87 10.44 19.82
CA GLY X 112 8.08 9.40 20.44
C GLY X 112 8.85 8.23 20.99
N LEU X 113 10.18 8.31 21.06
CA LEU X 113 10.99 7.15 21.42
C LEU X 113 10.93 6.85 22.92
N ARG X 114 10.77 7.89 23.75
CA ARG X 114 10.65 7.70 25.20
C ARG X 114 9.42 6.87 25.55
N GLU X 115 8.26 7.28 25.08
CA GLU X 115 7.07 6.49 25.36
C GLU X 115 6.97 5.24 24.50
N THR X 116 7.75 5.14 23.43
CA THR X 116 7.95 3.85 22.76
C THR X 116 8.61 2.86 23.70
N TYR X 117 9.72 3.26 24.32
CA TYR X 117 10.42 2.39 25.26
C TYR X 117 9.63 2.16 26.54
N VAL X 118 8.78 3.11 26.91
CA VAL X 118 7.87 2.91 28.03
C VAL X 118 6.83 1.83 27.69
N ALA X 119 6.25 1.91 26.49
CA ALA X 119 5.22 0.95 26.08
C ALA X 119 5.79 -0.44 25.84
N LEU X 120 7.07 -0.53 25.45
CA LEU X 120 7.69 -1.83 25.23
C LEU X 120 8.27 -2.43 26.50
N GLY X 121 8.38 -1.68 27.58
CA GLY X 121 9.11 -2.14 28.74
C GLY X 121 10.61 -2.01 28.63
N VAL X 122 11.10 -1.27 27.64
CA VAL X 122 12.55 -1.10 27.46
C VAL X 122 13.07 -0.13 28.52
N PRO X 123 14.12 -0.50 29.27
CA PRO X 123 14.70 0.44 30.24
C PRO X 123 15.42 1.59 29.55
N GLY X 124 14.89 2.80 29.70
CA GLY X 124 15.42 3.93 28.96
C GLY X 124 16.74 4.44 29.48
N ALA X 125 17.02 4.24 30.78
CA ALA X 125 18.29 4.66 31.33
C ALA X 125 19.45 3.80 30.83
N SER X 126 19.19 2.51 30.58
CA SER X 126 20.22 1.67 29.99
C SER X 126 20.48 2.06 28.53
N VAL X 127 19.42 2.46 27.82
CA VAL X 127 19.59 3.02 26.48
C VAL X 127 20.42 4.29 26.52
N ALA X 128 20.18 5.14 27.53
CA ALA X 128 20.95 6.36 27.70
C ALA X 128 22.41 6.08 28.01
N ALA X 129 22.68 5.04 28.81
CA ALA X 129 24.07 4.64 29.07
C ALA X 129 24.74 4.11 27.81
N GLY X 130 23.99 3.36 26.98
CA GLY X 130 24.53 2.94 25.70
C GLY X 130 24.83 4.09 24.77
N VAL X 131 23.97 5.12 24.80
CA VAL X 131 24.20 6.32 23.99
C VAL X 131 25.43 7.08 24.53
N GLN X 132 25.63 7.09 25.85
CA GLN X 132 26.84 7.65 26.43
C GLN X 132 28.09 6.90 25.97
N LYS X 133 28.01 5.57 25.86
CA LYS X 133 29.18 4.82 25.44
C LYS X 133 29.44 5.00 23.94
N MET X 134 28.39 5.11 23.12
CA MET X 134 28.60 5.49 21.72
C MET X 134 29.15 6.90 21.62
N LYS X 135 28.76 7.79 22.53
CA LYS X 135 29.28 9.15 22.52
C LYS X 135 30.77 9.18 22.81
N GLU X 136 31.22 8.46 23.84
CA GLU X 136 32.64 8.48 24.16
C GLU X 136 33.47 7.79 23.08
N ALA X 137 32.95 6.71 22.48
CA ALA X 137 33.66 6.08 21.37
C ALA X 137 33.74 7.00 20.15
N ALA X 138 32.64 7.72 19.84
CA ALA X 138 32.63 8.60 18.69
C ALA X 138 33.52 9.83 18.90
N LEU X 139 33.55 10.39 20.11
CA LEU X 139 34.43 11.53 20.35
C LEU X 139 35.89 11.10 20.43
N ASP X 140 36.18 9.86 20.84
CA ASP X 140 37.56 9.40 20.75
C ASP X 140 37.99 9.10 19.32
N ILE X 141 37.07 8.67 18.45
CA ILE X 141 37.55 8.43 17.08
C ILE X 141 37.55 9.71 16.24
N VAL X 142 36.69 10.68 16.56
CA VAL X 142 36.71 11.94 15.82
C VAL X 142 37.96 12.75 16.18
N ASN X 143 38.30 12.79 17.47
CA ASN X 143 39.49 13.47 17.95
C ASN X 143 40.77 12.66 17.78
N ASP X 144 40.75 11.61 16.96
CA ASP X 144 41.94 10.80 16.73
C ASP X 144 42.91 11.60 15.87
N PRO X 145 44.12 11.89 16.34
CA PRO X 145 45.03 12.73 15.54
C PRO X 145 45.71 11.98 14.40
N ASN X 146 45.63 10.65 14.36
CA ASN X 146 46.39 9.89 13.37
C ASN X 146 45.72 9.94 12.00
N GLY X 147 46.54 10.15 10.98
CA GLY X 147 46.09 10.08 9.59
C GLY X 147 45.12 11.14 9.16
N ILE X 148 45.30 12.38 9.63
CA ILE X 148 44.44 13.49 9.24
C ILE X 148 45.23 14.77 9.47
N THR X 149 44.87 15.84 8.78
CA THR X 149 45.59 17.09 8.90
C THR X 149 45.22 17.81 10.18
N ARG X 150 46.05 18.80 10.55
CA ARG X 150 45.89 19.49 11.82
C ARG X 150 44.80 20.54 11.74
N GLY X 151 44.29 20.91 12.90
CA GLY X 151 43.35 22.00 13.02
C GLY X 151 42.43 21.81 14.22
N ASP X 152 41.92 22.93 14.73
CA ASP X 152 41.02 22.91 15.87
C ASP X 152 39.67 22.38 15.44
N CYS X 153 39.19 21.36 16.15
CA CYS X 153 37.90 20.74 15.85
C CYS X 153 37.07 20.57 17.12
N SER X 154 37.19 21.51 18.07
CA SER X 154 36.44 21.39 19.31
C SER X 154 34.97 21.71 19.12
N ALA X 155 34.64 22.55 18.13
CA ALA X 155 33.25 22.95 17.91
C ALA X 155 32.42 21.80 17.35
N ILE X 156 32.98 21.05 16.40
CA ILE X 156 32.26 19.92 15.83
C ILE X 156 32.15 18.78 16.85
N VAL X 157 33.18 18.59 17.69
CA VAL X 157 33.12 17.58 18.74
C VAL X 157 32.07 17.94 19.79
N ALA X 158 31.99 19.23 20.15
CA ALA X 158 30.96 19.69 21.07
C ALA X 158 29.57 19.57 20.45
N GLU X 159 29.44 19.77 19.14
CA GLU X 159 28.16 19.58 18.46
C GLU X 159 27.74 18.12 18.45
N ILE X 160 28.69 17.21 18.20
CA ILE X 160 28.40 15.77 18.22
C ILE X 160 28.01 15.32 19.62
N ALA X 161 28.72 15.83 20.63
CA ALA X 161 28.38 15.53 22.02
C ALA X 161 27.02 16.09 22.39
N GLY X 162 26.66 17.26 21.85
CA GLY X 162 25.33 17.79 22.08
C GLY X 162 24.23 16.95 21.43
N TYR X 163 24.48 16.44 20.22
CA TYR X 163 23.51 15.56 19.58
C TYR X 163 23.38 14.24 20.33
N PHE X 164 24.51 13.72 20.84
CA PHE X 164 24.47 12.50 21.64
C PHE X 164 23.74 12.71 22.96
N ASP X 165 23.95 13.87 23.61
CA ASP X 165 23.23 14.16 24.84
C ASP X 165 21.75 14.42 24.58
N ARG X 166 21.41 14.95 23.41
CA ARG X 166 20.01 15.07 23.01
C ARG X 166 19.38 13.71 22.79
N ALA X 167 20.15 12.77 22.22
CA ALA X 167 19.66 11.41 22.04
C ALA X 167 19.48 10.69 23.36
N ALA X 168 20.42 10.87 24.30
CA ALA X 168 20.33 10.20 25.59
C ALA X 168 19.27 10.83 26.49
N ALA X 169 19.08 12.14 26.40
CA ALA X 169 18.11 12.82 27.23
C ALA X 169 16.68 12.61 26.75
N ALA X 170 16.49 12.08 25.55
CA ALA X 170 15.16 11.83 25.00
C ALA X 170 14.68 10.42 25.25
N VAL X 171 15.47 9.57 25.89
CA VAL X 171 15.08 8.19 26.11
C VAL X 171 15.10 7.79 27.58
N ALA X 172 15.89 8.45 28.42
CA ALA X 172 16.15 7.99 29.79
C ALA X 172 14.94 8.09 30.71
N MET Y 1 -18.58 -1.38 47.66
CA MET Y 1 -19.47 -2.05 48.60
C MET Y 1 -18.72 -2.49 49.86
N LYS Y 2 -19.03 -1.85 50.97
CA LYS Y 2 -18.41 -2.20 52.24
C LYS Y 2 -19.00 -3.48 52.81
N THR Y 3 -18.13 -4.35 53.31
CA THR Y 3 -18.45 -5.60 53.99
C THR Y 3 -17.45 -5.70 55.13
N PRO Y 4 -17.63 -6.63 56.09
CA PRO Y 4 -16.57 -6.84 57.10
C PRO Y 4 -15.18 -7.14 56.54
N LEU Y 5 -15.11 -7.97 55.50
CA LEU Y 5 -13.82 -8.32 54.90
C LEU Y 5 -13.20 -7.14 54.17
N THR Y 6 -14.01 -6.43 53.39
CA THR Y 6 -13.48 -5.30 52.61
C THR Y 6 -13.09 -4.12 53.50
N GLU Y 7 -13.85 -3.86 54.57
CA GLU Y 7 -13.45 -2.76 55.45
C GLU Y 7 -12.24 -3.17 56.28
N ALA Y 8 -12.10 -4.46 56.60
CA ALA Y 8 -10.91 -4.92 57.31
C ALA Y 8 -9.66 -4.75 56.44
N VAL Y 9 -9.75 -5.11 55.17
CA VAL Y 9 -8.63 -4.95 54.24
C VAL Y 9 -8.35 -3.47 54.00
N SER Y 10 -9.41 -2.65 53.89
CA SER Y 10 -9.22 -1.21 53.72
C SER Y 10 -8.55 -0.56 54.92
N THR Y 11 -8.92 -1.00 56.12
CA THR Y 11 -8.30 -0.47 57.33
C THR Y 11 -6.84 -0.88 57.44
N ALA Y 12 -6.55 -2.17 57.22
CA ALA Y 12 -5.18 -2.67 57.29
C ALA Y 12 -4.30 -2.08 56.19
N ASP Y 13 -4.89 -1.74 55.04
CA ASP Y 13 -4.16 -1.04 54.00
C ASP Y 13 -3.98 0.44 54.32
N SER Y 14 -4.93 1.04 55.02
CA SER Y 14 -4.82 2.45 55.39
C SER Y 14 -3.72 2.66 56.42
N GLN Y 15 -3.58 1.74 57.38
CA GLN Y 15 -2.38 1.77 58.21
C GLN Y 15 -1.22 0.99 57.61
N GLY Y 16 -1.40 0.41 56.42
CA GLY Y 16 -0.31 -0.22 55.69
C GLY Y 16 0.26 -1.44 56.37
N ARG Y 17 -0.51 -2.11 57.21
CA ARG Y 17 -0.02 -3.18 58.05
C ARG Y 17 -0.60 -4.51 57.61
N PHE Y 18 0.02 -5.58 58.09
CA PHE Y 18 -0.47 -6.92 57.80
C PHE Y 18 -1.73 -7.20 58.59
N LEU Y 19 -2.40 -8.29 58.22
CA LEU Y 19 -3.67 -8.65 58.83
C LEU Y 19 -3.43 -9.24 60.20
N SER Y 20 -3.70 -8.46 61.25
CA SER Y 20 -3.53 -8.92 62.61
C SER Y 20 -4.70 -9.81 63.01
N SER Y 21 -4.78 -10.16 64.29
CA SER Y 21 -5.85 -11.03 64.76
C SER Y 21 -7.20 -10.32 64.78
N THR Y 22 -7.20 -8.97 64.79
CA THR Y 22 -8.43 -8.19 64.76
C THR Y 22 -9.25 -8.49 63.52
N GLU Y 23 -8.61 -8.42 62.34
CA GLU Y 23 -9.31 -8.68 61.09
C GLU Y 23 -9.69 -10.16 60.96
N LEU Y 24 -8.93 -11.04 61.59
CA LEU Y 24 -9.30 -12.46 61.62
C LEU Y 24 -10.57 -12.66 62.45
N GLN Y 25 -10.73 -11.91 63.55
CA GLN Y 25 -11.98 -11.96 64.30
C GLN Y 25 -13.14 -11.35 63.51
N ILE Y 26 -12.86 -10.30 62.72
CA ILE Y 26 -13.86 -9.75 61.81
C ILE Y 26 -14.33 -10.81 60.82
N ALA Y 27 -13.39 -11.57 60.24
CA ALA Y 27 -13.75 -12.64 59.33
C ALA Y 27 -14.46 -13.80 60.04
N PHE Y 28 -14.14 -14.03 61.33
CA PHE Y 28 -14.83 -15.07 62.09
C PHE Y 28 -16.28 -14.69 62.35
N GLY Y 29 -16.54 -13.43 62.68
CA GLY Y 29 -17.92 -12.99 62.81
C GLY Y 29 -18.66 -13.00 61.49
N ARG Y 30 -17.96 -12.69 60.39
CA ARG Y 30 -18.54 -12.82 59.06
C ARG Y 30 -18.92 -14.26 58.75
N LEU Y 31 -18.06 -15.22 59.11
CA LEU Y 31 -18.35 -16.63 58.87
C LEU Y 31 -19.48 -17.12 59.77
N ARG Y 32 -19.57 -16.58 60.99
CA ARG Y 32 -20.63 -16.99 61.90
C ARG Y 32 -21.98 -16.46 61.42
N GLN Y 33 -21.99 -15.29 60.78
CA GLN Y 33 -23.26 -14.68 60.41
C GLN Y 33 -23.68 -15.11 58.99
N ALA Y 34 -22.71 -15.52 58.15
CA ALA Y 34 -22.92 -15.61 56.71
C ALA Y 34 -23.89 -16.71 56.31
N ASN Y 35 -23.93 -17.81 57.05
CA ASN Y 35 -24.87 -18.89 56.73
C ASN Y 35 -26.32 -18.45 56.94
N ALA Y 36 -26.59 -17.76 58.06
CA ALA Y 36 -27.91 -17.22 58.30
C ALA Y 36 -28.27 -16.13 57.29
N GLY Y 37 -27.28 -15.32 56.91
CA GLY Y 37 -27.52 -14.30 55.88
C GLY Y 37 -27.84 -14.91 54.53
N LEU Y 38 -27.15 -15.97 54.16
CA LEU Y 38 -27.42 -16.64 52.89
C LEU Y 38 -28.77 -17.34 52.89
N GLN Y 39 -29.16 -17.96 54.00
CA GLN Y 39 -30.47 -18.58 54.07
C GLN Y 39 -31.59 -17.54 54.10
N ALA Y 40 -31.33 -16.38 54.72
CA ALA Y 40 -32.30 -15.29 54.70
C ALA Y 40 -32.47 -14.73 53.29
N ALA Y 41 -31.38 -14.58 52.55
CA ALA Y 41 -31.47 -14.12 51.17
C ALA Y 41 -32.15 -15.15 50.28
N LYS Y 42 -31.95 -16.44 50.56
CA LYS Y 42 -32.64 -17.50 49.81
C LYS Y 42 -34.14 -17.45 50.05
N ALA Y 43 -34.55 -17.27 51.32
CA ALA Y 43 -35.97 -17.23 51.64
C ALA Y 43 -36.63 -15.97 51.10
N LEU Y 44 -35.91 -14.85 51.12
CA LEU Y 44 -36.43 -13.63 50.52
C LEU Y 44 -36.52 -13.74 49.01
N THR Y 45 -35.57 -14.44 48.38
CA THR Y 45 -35.65 -14.72 46.94
C THR Y 45 -36.86 -15.59 46.62
N ASP Y 46 -37.14 -16.59 47.47
CA ASP Y 46 -38.28 -17.47 47.24
C ASP Y 46 -39.61 -16.74 47.42
N ASN Y 47 -39.68 -15.80 48.37
CA ASN Y 47 -40.91 -15.09 48.67
C ASN Y 47 -40.94 -13.72 47.99
N ALA Y 48 -39.98 -13.46 47.09
CA ALA Y 48 -39.74 -12.11 46.57
C ALA Y 48 -40.89 -11.55 45.75
N GLN Y 49 -41.48 -12.37 44.87
CA GLN Y 49 -42.53 -11.85 43.99
C GLN Y 49 -43.77 -11.46 44.77
N SER Y 50 -44.22 -12.34 45.67
CA SER Y 50 -45.36 -12.04 46.53
C SER Y 50 -45.05 -10.90 47.48
N LEU Y 51 -43.80 -10.77 47.94
CA LEU Y 51 -43.43 -9.68 48.82
C LEU Y 51 -43.47 -8.33 48.10
N VAL Y 52 -43.03 -8.30 46.84
CA VAL Y 52 -43.08 -7.06 46.06
C VAL Y 52 -44.52 -6.66 45.74
N ASN Y 53 -45.35 -7.63 45.32
CA ASN Y 53 -46.76 -7.30 45.05
C ASN Y 53 -47.51 -6.90 46.31
N GLY Y 54 -47.26 -7.58 47.43
CA GLY Y 54 -47.90 -7.21 48.68
C GLY Y 54 -47.43 -5.87 49.22
N ALA Y 55 -46.13 -5.56 49.04
CA ALA Y 55 -45.61 -4.27 49.48
C ALA Y 55 -46.17 -3.14 48.64
N ALA Y 56 -46.29 -3.34 47.32
CA ALA Y 56 -46.91 -2.34 46.46
C ALA Y 56 -48.38 -2.13 46.83
N GLN Y 57 -49.09 -3.23 47.13
CA GLN Y 57 -50.48 -3.11 47.57
C GLN Y 57 -50.59 -2.43 48.93
N ALA Y 58 -49.61 -2.64 49.81
CA ALA Y 58 -49.62 -1.95 51.11
C ALA Y 58 -49.37 -0.46 50.96
N VAL Y 59 -48.50 -0.08 50.02
CA VAL Y 59 -48.28 1.34 49.74
C VAL Y 59 -49.54 1.96 49.13
N TYR Y 60 -50.21 1.23 48.24
CA TYR Y 60 -51.45 1.74 47.66
C TYR Y 60 -52.57 1.80 48.69
N ASN Y 61 -52.52 0.94 49.70
CA ASN Y 61 -53.51 0.98 50.78
C ASN Y 61 -53.26 2.15 51.73
N LYS Y 62 -52.00 2.38 52.10
CA LYS Y 62 -51.69 3.49 53.00
C LYS Y 62 -51.75 4.82 52.26
N PHE Y 63 -51.33 4.84 50.99
CA PHE Y 63 -51.29 6.06 50.18
C PHE Y 63 -52.13 5.83 48.94
N PRO Y 64 -53.46 5.97 49.04
CA PRO Y 64 -54.31 5.73 47.86
C PRO Y 64 -54.24 6.81 46.81
N TYR Y 65 -53.70 7.99 47.14
CA TYR Y 65 -53.65 9.11 46.21
C TYR Y 65 -52.72 8.83 45.02
N THR Y 66 -51.76 7.93 45.20
CA THR Y 66 -50.93 7.48 44.09
C THR Y 66 -51.77 6.71 43.08
N THR Y 67 -52.73 5.92 43.56
CA THR Y 67 -53.63 5.20 42.66
C THR Y 67 -54.66 6.14 42.04
N GLN Y 68 -55.13 7.14 42.78
CA GLN Y 68 -56.23 7.98 42.33
C GLN Y 68 -55.76 9.17 41.49
N THR Y 69 -54.85 9.98 42.01
CA THR Y 69 -54.43 11.20 41.32
C THR Y 69 -53.47 10.87 40.19
N GLN Y 70 -53.68 11.54 39.05
CA GLN Y 70 -52.81 11.37 37.89
C GLN Y 70 -51.49 12.08 38.11
N GLY Y 71 -50.52 11.71 37.30
CA GLY Y 71 -49.19 12.29 37.36
C GLY Y 71 -48.13 11.25 37.03
N ASN Y 72 -46.97 11.75 36.61
CA ASN Y 72 -45.87 10.86 36.26
C ASN Y 72 -45.30 10.16 37.49
N ASN Y 73 -45.26 10.87 38.62
CA ASN Y 73 -44.72 10.30 39.85
C ASN Y 73 -45.66 9.30 40.50
N PHE Y 74 -46.93 9.30 40.13
CA PHE Y 74 -47.93 8.47 40.78
C PHE Y 74 -48.18 7.20 39.97
N ALA Y 75 -48.83 6.24 40.63
CA ALA Y 75 -49.12 4.93 40.05
C ALA Y 75 -50.59 4.82 39.63
N ALA Y 76 -51.14 5.90 39.08
CA ALA Y 76 -52.53 5.89 38.65
C ALA Y 76 -52.74 5.00 37.43
N ASP Y 77 -51.78 5.00 36.51
CA ASP Y 77 -51.85 4.17 35.32
C ASP Y 77 -51.00 2.91 35.52
N GLN Y 78 -50.93 2.10 34.46
CA GLN Y 78 -50.16 0.86 34.51
C GLN Y 78 -48.65 1.13 34.55
N ARG Y 79 -48.21 2.21 33.89
CA ARG Y 79 -46.78 2.54 33.86
C ARG Y 79 -46.26 2.92 35.24
N GLY Y 80 -47.03 3.71 36.00
CA GLY Y 80 -46.62 4.05 37.35
C GLY Y 80 -46.61 2.87 38.29
N LYS Y 81 -47.59 1.97 38.14
CA LYS Y 81 -47.62 0.75 38.95
C LYS Y 81 -46.45 -0.17 38.62
N ASP Y 82 -46.07 -0.24 37.33
CA ASP Y 82 -44.93 -1.04 36.92
C ASP Y 82 -43.62 -0.46 37.46
N LYS Y 83 -43.47 0.88 37.43
CA LYS Y 83 -42.31 1.50 38.03
C LYS Y 83 -42.26 1.32 39.54
N CYS Y 84 -43.41 1.33 40.21
CA CYS Y 84 -43.44 1.10 41.65
C CYS Y 84 -43.05 -0.33 41.99
N ALA Y 85 -43.57 -1.30 41.25
CA ALA Y 85 -43.20 -2.70 41.46
C ALA Y 85 -41.72 -2.92 41.16
N ARG Y 86 -41.20 -2.26 40.13
CA ARG Y 86 -39.78 -2.34 39.80
C ARG Y 86 -38.91 -1.73 40.90
N ASP Y 87 -39.36 -0.60 41.48
CA ASP Y 87 -38.61 0.04 42.57
C ASP Y 87 -38.60 -0.82 43.82
N ILE Y 88 -39.74 -1.40 44.19
CA ILE Y 88 -39.80 -2.26 45.36
C ILE Y 88 -39.02 -3.56 45.12
N GLY Y 89 -39.01 -4.05 43.88
CA GLY Y 89 -38.15 -5.17 43.55
C GLY Y 89 -36.67 -4.83 43.65
N TYR Y 90 -36.30 -3.61 43.29
CA TYR Y 90 -34.93 -3.13 43.50
C TYR Y 90 -34.58 -3.10 44.98
N TYR Y 91 -35.50 -2.58 45.80
CA TYR Y 91 -35.27 -2.50 47.25
C TYR Y 91 -35.08 -3.88 47.86
N LEU Y 92 -35.95 -4.83 47.49
CA LEU Y 92 -35.86 -6.18 48.03
C LEU Y 92 -34.61 -6.91 47.51
N ARG Y 93 -34.26 -6.68 46.24
CA ARG Y 93 -33.08 -7.33 45.67
C ARG Y 93 -31.81 -6.84 46.33
N ILE Y 94 -31.73 -5.54 46.65
CA ILE Y 94 -30.54 -5.05 47.32
C ILE Y 94 -30.55 -5.43 48.80
N VAL Y 95 -31.72 -5.65 49.41
CA VAL Y 95 -31.76 -6.23 50.76
C VAL Y 95 -31.20 -7.65 50.75
N THR Y 96 -31.55 -8.45 49.73
CA THR Y 96 -30.96 -9.77 49.59
C THR Y 96 -29.45 -9.69 49.31
N TYR Y 97 -29.03 -8.68 48.53
CA TYR Y 97 -27.62 -8.46 48.28
C TYR Y 97 -26.86 -8.12 49.55
N CYS Y 98 -27.47 -7.31 50.43
CA CYS Y 98 -26.85 -7.00 51.71
C CYS Y 98 -26.83 -8.21 52.64
N LEU Y 99 -27.85 -9.08 52.53
CA LEU Y 99 -27.86 -10.32 53.29
C LEU Y 99 -26.73 -11.25 52.86
N VAL Y 100 -26.49 -11.33 51.55
CA VAL Y 100 -25.39 -12.14 51.03
C VAL Y 100 -24.05 -11.52 51.40
N ALA Y 101 -23.92 -10.20 51.22
CA ALA Y 101 -22.66 -9.51 51.41
C ALA Y 101 -22.25 -9.45 52.88
N GLY Y 102 -23.21 -9.22 53.78
CA GLY Y 102 -22.89 -9.09 55.19
C GLY Y 102 -22.73 -7.67 55.67
N GLY Y 103 -23.15 -6.69 54.87
CA GLY Y 103 -23.08 -5.30 55.28
C GLY Y 103 -24.00 -4.48 54.41
N THR Y 104 -24.06 -3.20 54.72
CA THR Y 104 -24.91 -2.26 53.99
C THR Y 104 -24.26 -1.70 52.74
N GLY Y 105 -23.14 -2.29 52.31
CA GLY Y 105 -22.41 -1.89 51.13
C GLY Y 105 -23.16 -1.93 49.82
N PRO Y 106 -23.88 -3.02 49.52
CA PRO Y 106 -24.80 -2.99 48.37
C PRO Y 106 -25.87 -1.91 48.46
N LEU Y 107 -26.40 -1.65 49.66
CA LEU Y 107 -27.37 -0.56 49.82
C LEU Y 107 -26.72 0.79 49.60
N ASP Y 108 -25.49 0.98 50.08
CA ASP Y 108 -24.80 2.25 49.94
C ASP Y 108 -24.43 2.52 48.48
N GLU Y 109 -23.81 1.54 47.83
CA GLU Y 109 -23.37 1.73 46.45
C GLU Y 109 -24.49 1.67 45.44
N TYR Y 110 -25.59 0.99 45.75
CA TYR Y 110 -26.66 0.81 44.77
C TYR Y 110 -27.89 1.65 45.06
N LEU Y 111 -28.29 1.81 46.32
CA LEU Y 111 -29.59 2.41 46.59
C LEU Y 111 -29.53 3.65 47.47
N ILE Y 112 -28.72 3.65 48.52
CA ILE Y 112 -28.81 4.71 49.53
C ILE Y 112 -28.20 6.01 49.02
N ALA Y 113 -26.97 5.95 48.51
CA ALA Y 113 -26.27 7.15 48.09
C ALA Y 113 -26.82 7.60 46.74
N GLY Y 114 -27.60 8.68 46.75
CA GLY Y 114 -28.17 9.25 45.54
C GLY Y 114 -29.68 9.18 45.46
N ILE Y 115 -30.34 8.54 46.43
CA ILE Y 115 -31.79 8.41 46.37
C ILE Y 115 -32.50 9.72 46.71
N ASP Y 116 -31.80 10.68 47.31
CA ASP Y 116 -32.40 11.97 47.63
C ASP Y 116 -32.68 12.76 46.36
N GLU Y 117 -31.74 12.75 45.41
CA GLU Y 117 -31.93 13.45 44.15
C GLU Y 117 -33.01 12.78 43.30
N ILE Y 118 -33.17 11.47 43.38
CA ILE Y 118 -34.26 10.79 42.67
C ILE Y 118 -35.60 11.12 43.30
N ASN Y 119 -35.67 11.08 44.63
CA ASN Y 119 -36.93 11.34 45.32
C ASN Y 119 -37.35 12.81 45.24
N ARG Y 120 -36.41 13.72 45.04
CA ARG Y 120 -36.78 15.12 44.85
C ARG Y 120 -36.98 15.49 43.40
N THR Y 121 -36.18 14.93 42.48
CA THR Y 121 -36.28 15.27 41.07
C THR Y 121 -37.54 14.70 40.44
N PHE Y 122 -37.87 13.45 40.75
CA PHE Y 122 -39.01 12.77 40.17
C PHE Y 122 -40.23 12.77 41.08
N ASP Y 123 -40.20 13.57 42.16
CA ASP Y 123 -41.34 13.83 43.05
C ASP Y 123 -41.84 12.54 43.72
N LEU Y 124 -40.92 11.71 44.17
CA LEU Y 124 -41.24 10.47 44.86
C LEU Y 124 -41.14 10.70 46.35
N SER Y 125 -42.23 10.43 47.06
CA SER Y 125 -42.21 10.53 48.51
C SER Y 125 -41.42 9.35 49.08
N PRO Y 126 -40.46 9.59 49.98
CA PRO Y 126 -39.75 8.48 50.60
C PRO Y 126 -40.61 7.67 51.57
N SER Y 127 -41.75 8.22 52.00
CA SER Y 127 -42.65 7.49 52.89
C SER Y 127 -43.28 6.29 52.21
N TRP Y 128 -43.43 6.34 50.88
CA TRP Y 128 -43.91 5.18 50.13
C TRP Y 128 -42.94 4.01 50.26
N TYR Y 129 -41.66 4.28 50.04
CA TYR Y 129 -40.65 3.24 50.17
C TYR Y 129 -40.47 2.82 51.62
N VAL Y 130 -40.69 3.73 52.57
CA VAL Y 130 -40.66 3.36 53.98
C VAL Y 130 -41.79 2.39 54.32
N GLU Y 131 -42.99 2.63 53.79
CA GLU Y 131 -44.10 1.70 54.01
C GLU Y 131 -43.86 0.37 53.31
N ALA Y 132 -43.23 0.39 52.13
CA ALA Y 132 -42.89 -0.85 51.43
C ALA Y 132 -41.88 -1.67 52.24
N LEU Y 133 -40.85 -1.03 52.77
CA LEU Y 133 -39.87 -1.73 53.59
C LEU Y 133 -40.47 -2.17 54.92
N LYS Y 134 -41.47 -1.45 55.43
CA LYS Y 134 -42.20 -1.91 56.61
C LYS Y 134 -43.01 -3.17 56.30
N TYR Y 135 -43.56 -3.27 55.09
CA TYR Y 135 -44.22 -4.51 54.69
C TYR Y 135 -43.23 -5.66 54.57
N ILE Y 136 -42.03 -5.40 54.05
CA ILE Y 136 -41.00 -6.46 54.02
C ILE Y 136 -40.58 -6.83 55.44
N LYS Y 137 -40.53 -5.86 56.37
CA LYS Y 137 -40.28 -6.18 57.77
C LYS Y 137 -41.41 -7.01 58.37
N ALA Y 138 -42.63 -6.82 57.89
CA ALA Y 138 -43.75 -7.56 58.46
C ALA Y 138 -43.86 -8.98 57.93
N ASN Y 139 -43.60 -9.20 56.64
CA ASN Y 139 -43.96 -10.47 56.00
C ASN Y 139 -42.76 -11.18 55.38
N HIS Y 140 -41.56 -10.96 55.90
CA HIS Y 140 -40.43 -11.74 55.43
C HIS Y 140 -40.40 -13.14 56.01
N GLY Y 141 -40.93 -13.34 57.21
CA GLY Y 141 -41.12 -14.66 57.76
C GLY Y 141 -39.88 -15.33 58.33
N LEU Y 142 -38.77 -14.62 58.44
CA LEU Y 142 -37.57 -15.20 59.01
C LEU Y 142 -37.63 -15.09 60.53
N SER Y 143 -36.78 -15.88 61.19
CA SER Y 143 -36.76 -15.95 62.64
C SER Y 143 -35.32 -15.96 63.14
N GLY Y 144 -35.11 -15.35 64.30
CA GLY Y 144 -33.86 -15.42 65.02
C GLY Y 144 -32.67 -14.76 64.36
N ASP Y 145 -31.74 -15.57 63.88
CA ASP Y 145 -30.50 -15.05 63.29
C ASP Y 145 -30.76 -14.41 61.94
N ALA Y 146 -31.72 -14.96 61.18
CA ALA Y 146 -31.99 -14.44 59.85
C ALA Y 146 -32.77 -13.14 59.90
N ARG Y 147 -33.75 -13.03 60.78
CA ARG Y 147 -34.60 -11.84 60.79
C ARG Y 147 -33.91 -10.64 61.41
N ASP Y 148 -32.99 -10.85 62.35
CA ASP Y 148 -32.27 -9.73 62.94
C ASP Y 148 -31.27 -9.15 61.96
N GLU Y 149 -30.73 -10.02 61.10
CA GLU Y 149 -29.82 -9.56 60.05
C GLU Y 149 -30.59 -8.83 58.95
N ALA Y 150 -31.76 -9.36 58.58
CA ALA Y 150 -32.51 -8.82 57.45
C ALA Y 150 -33.19 -7.51 57.81
N ASN Y 151 -33.73 -7.41 59.04
CA ASN Y 151 -34.39 -6.18 59.46
C ASN Y 151 -33.40 -5.04 59.62
N SER Y 152 -32.12 -5.34 59.87
CA SER Y 152 -31.11 -4.30 59.98
C SER Y 152 -30.90 -3.58 58.66
N TYR Y 153 -30.94 -4.32 57.55
CA TYR Y 153 -30.86 -3.68 56.23
C TYR Y 153 -32.16 -2.99 55.87
N LEU Y 154 -33.29 -3.56 56.31
CA LEU Y 154 -34.58 -2.91 56.08
C LEU Y 154 -34.70 -1.65 56.91
N ASP Y 155 -34.16 -1.64 58.13
CA ASP Y 155 -34.16 -0.43 58.93
C ASP Y 155 -33.17 0.59 58.42
N TYR Y 156 -32.03 0.14 57.88
CA TYR Y 156 -31.01 1.05 57.37
C TYR Y 156 -31.51 1.84 56.17
N ALA Y 157 -32.27 1.19 55.30
CA ALA Y 157 -32.90 1.90 54.20
C ALA Y 157 -34.03 2.79 54.69
N ILE Y 158 -34.75 2.35 55.73
CA ILE Y 158 -35.82 3.17 56.32
C ILE Y 158 -35.22 4.41 57.00
N ASN Y 159 -34.14 4.23 57.76
CA ASN Y 159 -33.51 5.36 58.44
C ASN Y 159 -32.84 6.32 57.48
N ALA Y 160 -32.38 5.82 56.33
CA ALA Y 160 -31.84 6.72 55.31
C ALA Y 160 -32.93 7.48 54.57
N LEU Y 161 -34.12 6.90 54.49
CA LEU Y 161 -35.26 7.52 53.82
C LEU Y 161 -36.11 8.36 54.76
N SER Y 162 -35.74 8.46 56.03
CA SER Y 162 -36.52 9.23 56.99
C SER Y 162 -35.62 10.11 57.85
N MET Z 1 -13.27 -2.96 45.57
CA MET Z 1 -12.65 -4.21 45.94
C MET Z 1 -13.71 -5.19 46.41
N PHE Z 2 -13.66 -6.41 45.90
CA PHE Z 2 -14.65 -7.41 46.22
C PHE Z 2 -14.12 -8.45 47.20
N ASP Z 3 -15.04 -9.09 47.89
CA ASP Z 3 -14.79 -10.36 48.54
C ASP Z 3 -15.38 -11.47 47.67
N VAL Z 4 -15.45 -12.68 48.21
CA VAL Z 4 -16.08 -13.78 47.49
C VAL Z 4 -17.59 -13.54 47.35
N PHE Z 5 -18.19 -12.78 48.26
CA PHE Z 5 -19.62 -12.52 48.21
C PHE Z 5 -19.96 -11.38 47.24
N THR Z 6 -19.32 -10.23 47.42
CA THR Z 6 -19.72 -9.04 46.65
C THR Z 6 -19.31 -9.09 45.20
N ARG Z 7 -18.40 -9.99 44.81
CA ARG Z 7 -18.15 -10.19 43.38
C ARG Z 7 -19.39 -10.78 42.71
N VAL Z 8 -19.97 -11.83 43.32
CA VAL Z 8 -21.19 -12.44 42.82
C VAL Z 8 -22.36 -11.46 42.93
N VAL Z 9 -22.37 -10.65 44.00
CA VAL Z 9 -23.37 -9.58 44.13
C VAL Z 9 -23.23 -8.55 43.01
N SER Z 10 -22.00 -8.23 42.60
CA SER Z 10 -21.80 -7.24 41.55
C SER Z 10 -22.24 -7.74 40.20
N GLN Z 11 -21.88 -8.99 39.83
CA GLN Z 11 -22.42 -9.54 38.58
C GLN Z 11 -23.93 -9.76 38.63
N ALA Z 12 -24.50 -10.07 39.80
CA ALA Z 12 -25.94 -10.24 39.87
C ALA Z 12 -26.69 -8.91 39.76
N ASP Z 13 -26.13 -7.86 40.36
CA ASP Z 13 -26.73 -6.53 40.24
C ASP Z 13 -26.58 -5.99 38.82
N ALA Z 14 -25.48 -6.34 38.16
CA ALA Z 14 -25.35 -6.03 36.74
C ALA Z 14 -26.36 -6.79 35.90
N ARG Z 15 -26.59 -8.06 36.20
CA ARG Z 15 -27.66 -8.80 35.53
C ARG Z 15 -29.04 -8.37 36.01
N GLY Z 16 -29.14 -7.84 37.22
CA GLY Z 16 -30.43 -7.38 37.72
C GLY Z 16 -31.36 -8.46 38.23
N GLU Z 17 -30.80 -9.56 38.74
CA GLU Z 17 -31.61 -10.64 39.29
C GLU Z 17 -31.04 -11.07 40.63
N TYR Z 18 -31.85 -11.80 41.37
CA TYR Z 18 -31.45 -12.35 42.66
C TYR Z 18 -30.43 -13.47 42.43
N LEU Z 19 -29.74 -13.86 43.52
CA LEU Z 19 -28.80 -14.97 43.42
C LEU Z 19 -29.58 -16.27 43.27
N SER Z 20 -29.18 -17.09 42.30
CA SER Z 20 -29.73 -18.43 42.18
C SER Z 20 -29.20 -19.29 43.31
N GLY Z 21 -29.86 -20.43 43.53
CA GLY Z 21 -29.51 -21.30 44.64
C GLY Z 21 -28.14 -21.94 44.51
N SER Z 22 -27.66 -22.12 43.28
CA SER Z 22 -26.32 -22.65 43.07
C SER Z 22 -25.25 -21.67 43.53
N GLN Z 23 -25.46 -20.36 43.30
CA GLN Z 23 -24.52 -19.35 43.79
C GLN Z 23 -24.52 -19.27 45.31
N LEU Z 24 -25.71 -19.41 45.92
CA LEU Z 24 -25.80 -19.43 47.38
C LEU Z 24 -25.12 -20.66 47.97
N ASP Z 25 -25.26 -21.81 47.30
CA ASP Z 25 -24.57 -23.02 47.77
C ASP Z 25 -23.06 -22.93 47.60
N ALA Z 26 -22.60 -22.30 46.51
CA ALA Z 26 -21.16 -22.09 46.33
C ALA Z 26 -20.61 -21.11 47.36
N LEU Z 27 -21.38 -20.09 47.70
CA LEU Z 27 -20.97 -19.17 48.76
C LEU Z 27 -20.96 -19.85 50.12
N SER Z 28 -21.89 -20.78 50.37
CA SER Z 28 -21.87 -21.56 51.60
C SER Z 28 -20.65 -22.48 51.64
N ALA Z 29 -20.26 -23.02 50.48
CA ALA Z 29 -19.04 -23.81 50.40
C ALA Z 29 -17.81 -22.98 50.71
N THR Z 30 -17.76 -21.73 50.23
CA THR Z 30 -16.66 -20.86 50.60
C THR Z 30 -16.71 -20.46 52.07
N VAL Z 31 -17.91 -20.36 52.64
CA VAL Z 31 -18.04 -20.12 54.09
C VAL Z 31 -17.46 -21.27 54.89
N ALA Z 32 -17.73 -22.51 54.45
CA ALA Z 32 -17.13 -23.68 55.09
C ALA Z 32 -15.62 -23.75 54.87
N GLU Z 33 -15.14 -23.25 53.73
CA GLU Z 33 -13.72 -23.14 53.42
C GLU Z 33 -13.04 -22.02 54.23
N GLY Z 34 -13.83 -21.09 54.77
CA GLY Z 34 -13.31 -19.89 55.38
C GLY Z 34 -12.41 -20.08 56.60
N ASN Z 35 -12.62 -21.16 57.37
CA ASN Z 35 -11.75 -21.41 58.51
C ASN Z 35 -10.34 -21.78 58.07
N LYS Z 36 -10.24 -22.63 57.04
CA LYS Z 36 -8.95 -22.95 56.44
C LYS Z 36 -8.34 -21.72 55.77
N ARG Z 37 -9.20 -20.87 55.21
CA ARG Z 37 -8.75 -19.61 54.61
C ARG Z 37 -8.12 -18.68 55.65
N ILE Z 38 -8.75 -18.55 56.81
CA ILE Z 38 -8.22 -17.72 57.89
C ILE Z 38 -6.94 -18.34 58.47
N ASP Z 39 -6.88 -19.67 58.52
CA ASP Z 39 -5.62 -20.35 58.89
C ASP Z 39 -4.49 -20.02 57.93
N SER Z 40 -4.75 -20.04 56.62
CA SER Z 40 -3.72 -19.71 55.64
C SER Z 40 -3.27 -18.27 55.76
N VAL Z 41 -4.23 -17.35 55.94
CA VAL Z 41 -3.92 -15.93 56.11
C VAL Z 41 -3.09 -15.70 57.36
N ASN Z 42 -3.47 -16.35 58.47
CA ASN Z 42 -2.75 -16.21 59.73
C ASN Z 42 -1.34 -16.77 59.65
N ARG Z 43 -1.17 -17.91 58.97
CA ARG Z 43 0.16 -18.51 58.85
C ARG Z 43 1.08 -17.67 57.98
N ILE Z 44 0.57 -17.14 56.86
CA ILE Z 44 1.41 -16.31 56.00
C ILE Z 44 1.75 -14.99 56.69
N THR Z 45 0.80 -14.42 57.43
CA THR Z 45 1.06 -13.20 58.19
C THR Z 45 2.08 -13.43 59.30
N GLY Z 46 1.98 -14.57 59.99
CA GLY Z 46 2.93 -14.89 61.04
C GLY Z 46 4.33 -15.15 60.54
N ASN Z 47 4.48 -15.74 59.36
CA ASN Z 47 5.80 -16.01 58.81
C ASN Z 47 6.17 -15.08 57.65
N ALA Z 48 5.54 -13.90 57.57
CA ALA Z 48 5.76 -12.97 56.47
C ALA Z 48 7.19 -12.47 56.38
N SER Z 49 7.79 -12.10 57.53
CA SER Z 49 9.16 -11.59 57.52
C SER Z 49 10.15 -12.68 57.14
N ALA Z 50 9.92 -13.90 57.62
CA ALA Z 50 10.76 -15.03 57.24
C ALA Z 50 10.63 -15.34 55.75
N ILE Z 51 9.41 -15.29 55.21
CA ILE Z 51 9.19 -15.55 53.79
C ILE Z 51 9.89 -14.49 52.93
N VAL Z 52 9.75 -13.22 53.31
CA VAL Z 52 10.35 -12.12 52.55
C VAL Z 52 11.88 -12.20 52.60
N SER Z 53 12.44 -12.46 53.79
CA SER Z 53 13.90 -12.54 53.93
C SER Z 53 14.48 -13.75 53.19
N ASN Z 54 13.83 -14.91 53.32
CA ASN Z 54 14.31 -16.12 52.63
C ASN Z 54 14.22 -15.95 51.12
N ALA Z 55 13.12 -15.39 50.62
CA ALA Z 55 12.97 -15.18 49.18
C ALA Z 55 13.94 -14.13 48.66
N ALA Z 56 14.25 -13.11 49.46
CA ALA Z 56 15.25 -12.12 49.05
C ALA Z 56 16.64 -12.74 48.96
N ARG Z 57 17.06 -13.48 50.00
CA ARG Z 57 18.38 -14.10 49.99
C ARG Z 57 18.53 -15.12 48.87
N ALA Z 58 17.53 -15.97 48.67
CA ALA Z 58 17.65 -16.96 47.62
C ALA Z 58 17.41 -16.37 46.23
N LEU Z 59 16.73 -15.23 46.12
CA LEU Z 59 16.64 -14.52 44.85
C LEU Z 59 17.97 -13.92 44.44
N PHE Z 60 18.70 -13.33 45.39
CA PHE Z 60 20.01 -12.81 45.06
C PHE Z 60 21.06 -13.91 44.95
N ALA Z 61 20.81 -15.08 45.55
CA ALA Z 61 21.58 -16.25 45.20
C ALA Z 61 21.33 -16.66 43.76
N GLU Z 62 20.06 -16.59 43.32
CA GLU Z 62 19.74 -16.87 41.93
C GLU Z 62 20.21 -15.74 41.02
N GLN Z 63 20.03 -14.48 41.45
CA GLN Z 63 20.31 -13.31 40.62
C GLN Z 63 21.25 -12.37 41.37
N PRO Z 64 22.57 -12.61 41.27
CA PRO Z 64 23.52 -11.72 41.97
C PRO Z 64 23.71 -10.38 41.29
N GLN Z 65 23.13 -10.19 40.10
CA GLN Z 65 23.31 -8.93 39.35
C GLN Z 65 22.46 -7.81 39.97
N LEU Z 66 21.47 -8.16 40.79
CA LEU Z 66 20.55 -7.13 41.35
C LEU Z 66 21.25 -6.34 42.46
N ILE Z 67 22.02 -7.03 43.31
CA ILE Z 67 22.65 -6.33 44.47
C ILE Z 67 24.06 -5.89 44.08
N GLN Z 68 24.52 -6.27 42.89
CA GLN Z 68 25.86 -5.86 42.41
C GLN Z 68 25.87 -4.34 42.24
N PRO Z 69 26.98 -3.62 42.57
CA PRO Z 69 27.05 -2.18 42.38
C PRO Z 69 26.53 -1.77 41.01
N GLY Z 70 25.48 -0.95 40.99
CA GLY Z 70 24.87 -0.55 39.72
C GLY Z 70 23.59 -1.33 39.46
N GLY Z 71 23.34 -2.36 40.28
CA GLY Z 71 22.12 -3.17 40.13
C GLY Z 71 20.94 -2.44 40.72
N ASN Z 72 19.72 -2.89 40.39
CA ASN Z 72 18.50 -2.16 40.85
C ASN Z 72 18.35 -2.30 42.37
N ALA Z 73 18.78 -3.41 42.95
CA ALA Z 73 18.60 -3.63 44.41
C ALA Z 73 19.86 -3.21 45.16
N TYR Z 74 20.80 -2.57 44.48
CA TYR Z 74 22.03 -2.06 45.15
C TYR Z 74 21.66 -0.77 45.89
N THR Z 75 22.47 -0.30 46.84
CA THR Z 75 22.18 0.90 47.68
C THR Z 75 21.10 0.56 48.69
N SER Z 76 21.32 0.93 49.96
CA SER Z 76 20.35 0.61 51.04
C SER Z 76 18.94 1.08 50.63
N ARG Z 77 18.81 2.32 50.17
CA ARG Z 77 17.47 2.88 49.81
C ARG Z 77 16.75 1.94 48.85
N ARG Z 78 17.37 1.64 47.70
CA ARG Z 78 16.70 0.79 46.69
C ARG Z 78 16.47 -0.62 47.27
N MET Z 79 17.45 -1.14 48.01
CA MET Z 79 17.23 -2.46 48.67
C MET Z 79 16.03 -2.35 49.61
N ALA Z 80 15.96 -1.29 50.42
CA ALA Z 80 14.85 -1.15 51.36
C ALA Z 80 13.53 -1.00 50.63
N ALA Z 81 13.52 -0.27 49.51
CA ALA Z 81 12.32 -0.18 48.69
C ALA Z 81 11.97 -1.52 48.05
N CYS Z 82 12.98 -2.29 47.63
CA CYS Z 82 12.71 -3.64 47.11
C CYS Z 82 12.11 -4.55 48.16
N LEU Z 83 12.64 -4.50 49.39
CA LEU Z 83 12.12 -5.31 50.48
C LEU Z 83 10.70 -4.90 50.86
N ARG Z 84 10.43 -3.59 50.84
CA ARG Z 84 9.06 -3.12 51.05
C ARG Z 84 8.13 -3.60 49.94
N ASP Z 85 8.61 -3.65 48.69
CA ASP Z 85 7.76 -4.17 47.62
C ASP Z 85 7.47 -5.64 47.79
N MET Z 86 8.46 -6.41 48.27
CA MET Z 86 8.25 -7.83 48.54
C MET Z 86 7.22 -8.03 49.66
N GLU Z 87 7.32 -7.27 50.75
CA GLU Z 87 6.36 -7.45 51.83
C GLU Z 87 5.00 -6.85 51.49
N ILE Z 88 4.95 -5.83 50.61
CA ILE Z 88 3.68 -5.31 50.12
C ILE Z 88 2.97 -6.32 49.23
N ILE Z 89 3.71 -7.01 48.35
CA ILE Z 89 3.10 -8.02 47.50
C ILE Z 89 2.60 -9.20 48.35
N LEU Z 90 3.37 -9.59 49.36
CA LEU Z 90 2.92 -10.62 50.30
C LEU Z 90 1.69 -10.15 51.09
N ARG Z 91 1.66 -8.89 51.49
CA ARG Z 91 0.53 -8.32 52.23
C ARG Z 91 -0.74 -8.31 51.39
N TYR Z 92 -0.62 -7.94 50.12
CA TYR Z 92 -1.80 -7.92 49.26
C TYR Z 92 -2.21 -9.32 48.85
N VAL Z 93 -1.28 -10.27 48.82
CA VAL Z 93 -1.66 -11.68 48.64
C VAL Z 93 -2.47 -12.17 49.84
N THR Z 94 -2.06 -11.80 51.06
CA THR Z 94 -2.87 -12.12 52.24
C THR Z 94 -4.22 -11.43 52.20
N TYR Z 95 -4.26 -10.20 51.66
CA TYR Z 95 -5.53 -9.49 51.49
C TYR Z 95 -6.46 -10.22 50.53
N ALA Z 96 -5.93 -10.65 49.39
CA ALA Z 96 -6.72 -11.34 48.38
C ALA Z 96 -7.15 -12.73 48.87
N THR Z 97 -6.32 -13.39 49.66
CA THR Z 97 -6.72 -14.64 50.30
C THR Z 97 -7.83 -14.39 51.32
N PHE Z 98 -7.72 -13.29 52.06
CA PHE Z 98 -8.69 -12.94 53.10
C PHE Z 98 -10.07 -12.65 52.50
N THR Z 99 -10.13 -11.83 51.45
CA THR Z 99 -11.40 -11.54 50.83
C THR Z 99 -11.94 -12.73 50.05
N GLY Z 100 -11.07 -13.56 49.50
CA GLY Z 100 -11.50 -14.61 48.61
C GLY Z 100 -11.62 -14.18 47.16
N ASP Z 101 -11.35 -12.92 46.86
CA ASP Z 101 -11.29 -12.42 45.50
C ASP Z 101 -10.01 -11.64 45.32
N ALA Z 102 -9.51 -11.63 44.09
CA ALA Z 102 -8.26 -10.95 43.76
C ALA Z 102 -8.48 -9.52 43.26
N SER Z 103 -9.61 -8.91 43.61
CA SER Z 103 -9.88 -7.54 43.18
C SER Z 103 -8.95 -6.54 43.85
N VAL Z 104 -8.52 -6.84 45.08
CA VAL Z 104 -7.61 -5.94 45.78
C VAL Z 104 -6.22 -5.97 45.15
N LEU Z 105 -5.82 -7.11 44.58
CA LEU Z 105 -4.54 -7.18 43.87
C LEU Z 105 -4.56 -6.35 42.59
N GLU Z 106 -5.57 -6.55 41.74
CA GLU Z 106 -5.63 -5.85 40.47
C GLU Z 106 -6.05 -4.39 40.62
N ASP Z 107 -6.66 -4.03 41.74
CA ASP Z 107 -7.10 -2.66 41.96
C ASP Z 107 -6.13 -1.85 42.80
N ARG Z 108 -5.32 -2.48 43.64
CA ARG Z 108 -4.41 -1.74 44.51
C ARG Z 108 -2.96 -2.14 44.35
N CYS Z 109 -2.65 -3.43 44.28
CA CYS Z 109 -1.26 -3.88 44.26
C CYS Z 109 -0.66 -3.88 42.87
N LEU Z 110 -1.42 -4.34 41.87
CA LEU Z 110 -0.94 -4.43 40.51
C LEU Z 110 -1.49 -3.31 39.64
N ASN Z 111 -2.12 -2.31 40.24
CA ASN Z 111 -2.69 -1.18 39.52
C ASN Z 111 -1.56 -0.22 39.18
N GLY Z 112 -1.02 -0.33 37.97
CA GLY Z 112 0.07 0.52 37.55
C GLY Z 112 1.44 0.11 38.04
N LEU Z 113 1.59 -1.12 38.55
CA LEU Z 113 2.89 -1.58 39.01
C LEU Z 113 3.83 -1.86 37.84
N ARG Z 114 3.29 -2.35 36.73
CA ARG Z 114 4.10 -2.56 35.52
C ARG Z 114 4.66 -1.25 35.00
N GLU Z 115 3.81 -0.22 34.93
CA GLU Z 115 4.24 1.10 34.46
C GLU Z 115 5.27 1.71 35.42
N THR Z 116 5.05 1.55 36.73
CA THR Z 116 5.99 2.06 37.73
C THR Z 116 7.34 1.36 37.63
N TYR Z 117 7.35 0.04 37.44
CA TYR Z 117 8.61 -0.69 37.35
C TYR Z 117 9.31 -0.42 36.03
N VAL Z 118 8.56 -0.12 34.97
CA VAL Z 118 9.18 0.29 33.71
C VAL Z 118 9.80 1.67 33.85
N ALA Z 119 9.10 2.61 34.50
CA ALA Z 119 9.59 3.97 34.66
C ALA Z 119 10.80 4.03 35.59
N LEU Z 120 10.81 3.22 36.64
CA LEU Z 120 11.91 3.22 37.58
C LEU Z 120 13.14 2.48 37.07
N GLY Z 121 13.02 1.70 36.00
CA GLY Z 121 14.08 0.81 35.60
C GLY Z 121 14.15 -0.47 36.40
N VAL Z 122 13.11 -0.76 37.19
CA VAL Z 122 13.07 -2.00 37.97
C VAL Z 122 12.87 -3.18 37.03
N PRO Z 123 13.74 -4.20 37.06
CA PRO Z 123 13.49 -5.40 36.26
C PRO Z 123 12.33 -6.20 36.81
N GLY Z 124 11.19 -6.16 36.10
CA GLY Z 124 9.98 -6.78 36.60
C GLY Z 124 10.01 -8.29 36.58
N ALA Z 125 10.86 -8.89 35.74
CA ALA Z 125 11.02 -10.33 35.73
C ALA Z 125 11.69 -10.82 37.00
N SER Z 126 12.63 -10.04 37.55
CA SER Z 126 13.22 -10.37 38.84
C SER Z 126 12.21 -10.26 39.97
N VAL Z 127 11.32 -9.27 39.89
CA VAL Z 127 10.24 -9.14 40.86
C VAL Z 127 9.29 -10.33 40.76
N ALA Z 128 8.99 -10.78 39.54
CA ALA Z 128 8.15 -11.94 39.35
C ALA Z 128 8.80 -13.22 39.89
N ALA Z 129 10.13 -13.31 39.72
CA ALA Z 129 10.87 -14.43 40.30
C ALA Z 129 10.80 -14.42 41.82
N GLY Z 130 10.96 -13.23 42.42
CA GLY Z 130 10.80 -13.11 43.87
C GLY Z 130 9.40 -13.41 44.35
N VAL Z 131 8.39 -13.08 43.54
CA VAL Z 131 7.01 -13.41 43.88
C VAL Z 131 6.77 -14.92 43.83
N GLN Z 132 7.35 -15.60 42.83
CA GLN Z 132 7.29 -17.06 42.79
C GLN Z 132 8.02 -17.70 43.96
N LYS Z 133 9.10 -17.08 44.42
CA LYS Z 133 9.83 -17.65 45.54
C LYS Z 133 9.10 -17.43 46.87
N MET Z 134 8.47 -16.26 47.03
CA MET Z 134 7.54 -16.06 48.14
C MET Z 134 6.34 -16.99 48.04
N LYS Z 135 5.91 -17.32 46.82
CA LYS Z 135 4.83 -18.26 46.61
C LYS Z 135 5.20 -19.65 47.12
N GLU Z 136 6.41 -20.11 46.78
CA GLU Z 136 6.89 -21.40 47.26
C GLU Z 136 7.02 -21.42 48.77
N ALA Z 137 7.58 -20.36 49.36
CA ALA Z 137 7.72 -20.28 50.81
C ALA Z 137 6.37 -20.23 51.51
N ALA Z 138 5.42 -19.46 50.97
CA ALA Z 138 4.10 -19.36 51.59
C ALA Z 138 3.29 -20.63 51.43
N LEU Z 139 3.47 -21.37 50.33
CA LEU Z 139 2.75 -22.63 50.19
C LEU Z 139 3.37 -23.72 51.06
N ASP Z 140 4.67 -23.67 51.31
CA ASP Z 140 5.23 -24.57 52.32
C ASP Z 140 4.80 -24.18 53.73
N ILE Z 141 4.56 -22.89 53.98
CA ILE Z 141 4.08 -22.45 55.28
C ILE Z 141 2.64 -22.89 55.51
N VAL Z 142 1.78 -22.71 54.51
CA VAL Z 142 0.35 -23.00 54.65
C VAL Z 142 0.11 -24.49 54.77
N ASN Z 143 0.74 -25.29 53.91
CA ASN Z 143 0.53 -26.74 53.90
C ASN Z 143 1.33 -27.48 54.96
N ASP Z 144 1.90 -26.78 55.93
CA ASP Z 144 2.63 -27.40 57.04
C ASP Z 144 1.65 -28.14 57.94
N PRO Z 145 1.80 -29.44 58.15
CA PRO Z 145 0.83 -30.17 58.99
C PRO Z 145 1.03 -30.00 60.48
N ASN Z 146 2.11 -29.36 60.92
CA ASN Z 146 2.38 -29.25 62.35
C ASN Z 146 1.53 -28.18 63.00
N GLY Z 147 1.01 -28.48 64.19
CA GLY Z 147 0.33 -27.49 65.01
C GLY Z 147 -1.05 -27.09 64.55
N ILE Z 148 -1.75 -27.95 63.81
CA ILE Z 148 -3.09 -27.62 63.31
C ILE Z 148 -3.85 -28.94 63.13
N THR Z 149 -5.18 -28.85 63.09
CA THR Z 149 -6.00 -30.02 62.85
C THR Z 149 -6.01 -30.37 61.38
N ARG Z 150 -6.26 -31.65 61.09
CA ARG Z 150 -6.13 -32.16 59.73
C ARG Z 150 -7.30 -31.73 58.85
N GLY Z 151 -7.05 -31.73 57.55
CA GLY Z 151 -8.07 -31.43 56.57
C GLY Z 151 -7.51 -31.19 55.18
N ASP Z 152 -8.37 -31.24 54.17
CA ASP Z 152 -7.94 -31.06 52.79
C ASP Z 152 -7.95 -29.58 52.46
N CYS Z 153 -6.77 -29.03 52.15
CA CYS Z 153 -6.61 -27.60 51.91
C CYS Z 153 -6.01 -27.34 50.54
N SER Z 154 -6.33 -28.18 49.56
CA SER Z 154 -5.83 -27.96 48.20
C SER Z 154 -6.48 -26.76 47.53
N ALA Z 155 -7.72 -26.45 47.90
CA ALA Z 155 -8.44 -25.35 47.27
C ALA Z 155 -7.86 -24.00 47.67
N ILE Z 156 -7.58 -23.81 48.97
CA ILE Z 156 -7.01 -22.55 49.43
C ILE Z 156 -5.56 -22.41 48.97
N VAL Z 157 -4.82 -23.52 48.87
CA VAL Z 157 -3.46 -23.49 48.34
C VAL Z 157 -3.46 -23.12 46.86
N ALA Z 158 -4.40 -23.68 46.09
CA ALA Z 158 -4.51 -23.32 44.68
C ALA Z 158 -4.97 -21.88 44.48
N GLU Z 159 -5.82 -21.37 45.39
CA GLU Z 159 -6.23 -19.97 45.31
C GLU Z 159 -5.08 -19.02 45.63
N ILE Z 160 -4.28 -19.35 46.65
CA ILE Z 160 -3.10 -18.55 46.99
C ILE Z 160 -2.09 -18.59 45.86
N ALA Z 161 -1.92 -19.76 45.24
CA ALA Z 161 -1.01 -19.90 44.10
C ALA Z 161 -1.51 -19.09 42.90
N GLY Z 162 -2.83 -19.04 42.70
CA GLY Z 162 -3.38 -18.22 41.63
C GLY Z 162 -3.18 -16.73 41.87
N TYR Z 163 -3.35 -16.29 43.14
CA TYR Z 163 -3.08 -14.90 43.48
C TYR Z 163 -1.61 -14.55 43.28
N PHE Z 164 -0.71 -15.47 43.66
CA PHE Z 164 0.72 -15.25 43.48
C PHE Z 164 1.11 -15.23 42.01
N ASP Z 165 0.53 -16.12 41.20
CA ASP Z 165 0.82 -16.14 39.77
C ASP Z 165 0.27 -14.91 39.06
N ARG Z 166 -0.88 -14.39 39.51
CA ARG Z 166 -1.39 -13.16 38.93
C ARG Z 166 -0.55 -11.96 39.35
N ALA Z 167 -0.03 -11.96 40.58
CA ALA Z 167 0.88 -10.90 41.02
C ALA Z 167 2.20 -10.95 40.25
N ALA Z 168 2.70 -12.15 39.96
CA ALA Z 168 3.93 -12.28 39.19
C ALA Z 168 3.74 -11.96 37.71
N ALA Z 169 2.58 -12.32 37.15
CA ALA Z 169 2.33 -12.05 35.74
C ALA Z 169 2.08 -10.58 35.47
N ALA Z 170 1.70 -9.81 36.48
CA ALA Z 170 1.45 -8.38 36.29
C ALA Z 170 2.74 -7.57 36.19
N VAL Z 171 3.82 -8.03 36.81
CA VAL Z 171 5.09 -7.32 36.77
C VAL Z 171 6.04 -7.84 35.70
N ALA Z 172 5.83 -9.07 35.21
CA ALA Z 172 6.74 -9.66 34.24
C ALA Z 172 6.39 -9.22 32.82
N MET AA 1 22.36 14.40 45.91
CA MET AA 1 23.25 14.22 47.05
C MET AA 1 23.69 15.57 47.60
N LYS AA 2 23.71 15.70 48.92
CA LYS AA 2 24.10 16.97 49.52
C LYS AA 2 25.61 17.13 49.46
N THR AA 3 26.03 18.38 49.29
CA THR AA 3 27.35 18.87 48.94
C THR AA 3 27.22 20.37 49.17
N PRO AA 4 28.28 21.09 49.59
CA PRO AA 4 28.17 22.55 49.69
C PRO AA 4 27.73 23.25 48.39
N LEU AA 5 28.24 22.81 47.23
CA LEU AA 5 27.83 23.43 45.98
C LEU AA 5 26.36 23.11 45.64
N THR AA 6 25.97 21.85 45.79
CA THR AA 6 24.61 21.45 45.44
C THR AA 6 23.59 22.02 46.42
N GLU AA 7 23.93 22.08 47.71
CA GLU AA 7 23.00 22.67 48.68
C GLU AA 7 22.93 24.18 48.52
N ALA AA 8 24.03 24.82 48.13
CA ALA AA 8 24.01 26.25 47.82
C ALA AA 8 23.11 26.55 46.63
N VAL AA 9 23.22 25.74 45.57
CA VAL AA 9 22.37 25.92 44.39
C VAL AA 9 20.92 25.58 44.74
N SER AA 10 20.70 24.57 45.58
CA SER AA 10 19.35 24.19 45.98
C SER AA 10 18.68 25.26 46.82
N THR AA 11 19.42 25.88 47.74
CA THR AA 11 18.85 26.95 48.56
C THR AA 11 18.59 28.20 47.75
N ALA AA 12 19.50 28.55 46.84
CA ALA AA 12 19.26 29.70 45.97
C ALA AA 12 18.12 29.43 44.99
N ASP AA 13 17.94 28.18 44.57
CA ASP AA 13 16.86 27.85 43.64
C ASP AA 13 15.52 27.83 44.36
N SER AA 14 15.48 27.31 45.59
CA SER AA 14 14.25 27.36 46.37
C SER AA 14 13.91 28.79 46.79
N GLN AA 15 14.90 29.65 46.94
CA GLN AA 15 14.60 31.05 47.13
C GLN AA 15 14.33 31.78 45.82
N GLY AA 16 14.59 31.14 44.68
CA GLY AA 16 14.31 31.72 43.37
C GLY AA 16 15.14 32.94 43.04
N ARG AA 17 16.43 32.90 43.37
CA ARG AA 17 17.27 34.08 43.34
C ARG AA 17 18.67 33.70 42.88
N PHE AA 18 19.42 34.71 42.46
CA PHE AA 18 20.77 34.49 41.96
C PHE AA 18 21.71 34.19 43.13
N LEU AA 19 22.90 33.72 42.77
CA LEU AA 19 23.89 33.30 43.76
C LEU AA 19 24.55 34.51 44.40
N SER AA 20 24.14 34.84 45.62
CA SER AA 20 24.71 35.97 46.34
C SER AA 20 26.06 35.58 46.92
N SER AA 21 26.62 36.45 47.78
CA SER AA 21 27.94 36.22 48.35
C SER AA 21 27.94 35.07 49.35
N THR AA 22 26.77 34.70 49.89
CA THR AA 22 26.68 33.58 50.82
C THR AA 22 27.06 32.26 50.15
N GLU AA 23 26.48 31.99 48.98
CA GLU AA 23 26.80 30.77 48.24
C GLU AA 23 28.22 30.80 47.70
N LEU AA 24 28.74 31.99 47.38
CA LEU AA 24 30.14 32.13 47.00
C LEU AA 24 31.06 31.75 48.16
N GLN AA 25 30.72 32.16 49.38
CA GLN AA 25 31.49 31.74 50.56
C GLN AA 25 31.37 30.24 50.80
N ILE AA 26 30.20 29.66 50.53
CA ILE AA 26 30.01 28.22 50.65
C ILE AA 26 30.93 27.48 49.69
N ALA AA 27 31.03 27.98 48.44
CA ALA AA 27 31.95 27.41 47.46
C ALA AA 27 33.40 27.64 47.86
N PHE AA 28 33.71 28.77 48.49
CA PHE AA 28 35.07 29.03 48.96
C PHE AA 28 35.49 28.03 50.03
N GLY AA 29 34.59 27.73 50.97
CA GLY AA 29 34.88 26.72 51.96
C GLY AA 29 34.99 25.33 51.37
N ARG AA 30 34.17 25.04 50.35
CA ARG AA 30 34.30 23.78 49.62
C ARG AA 30 35.65 23.68 48.93
N LEU AA 31 36.13 24.77 48.34
CA LEU AA 31 37.45 24.77 47.69
C LEU AA 31 38.58 24.64 48.71
N ARG AA 32 38.40 25.21 49.90
CA ARG AA 32 39.39 25.04 50.96
C ARG AA 32 39.44 23.60 51.44
N GLN AA 33 38.30 22.94 51.52
CA GLN AA 33 38.26 21.57 52.04
C GLN AA 33 38.63 20.55 50.96
N ALA AA 34 38.50 20.93 49.68
CA ALA AA 34 38.38 19.95 48.62
C ALA AA 34 39.70 19.25 48.31
N ASN AA 35 40.82 19.98 48.36
CA ASN AA 35 42.11 19.36 48.06
C ASN AA 35 42.48 18.33 49.11
N ALA AA 36 42.27 18.65 50.38
CA ALA AA 36 42.50 17.70 51.47
C ALA AA 36 41.55 16.51 51.38
N GLY AA 37 40.29 16.76 51.00
CA GLY AA 37 39.35 15.67 50.84
C GLY AA 37 39.70 14.74 49.69
N LEU AA 38 40.14 15.30 48.56
CA LEU AA 38 40.54 14.49 47.42
C LEU AA 38 41.80 13.68 47.74
N GLN AA 39 42.76 14.27 48.45
CA GLN AA 39 43.96 13.53 48.82
C GLN AA 39 43.66 12.46 49.87
N ALA AA 40 42.71 12.72 50.78
CA ALA AA 40 42.29 11.71 51.74
C ALA AA 40 41.58 10.55 51.06
N ALA AA 41 40.74 10.86 50.06
CA ALA AA 41 40.10 9.81 49.28
C ALA AA 41 41.11 9.02 48.48
N LYS AA 42 42.17 9.67 47.98
CA LYS AA 42 43.24 8.96 47.27
C LYS AA 42 43.99 8.03 48.22
N ALA AA 43 44.28 8.48 49.44
CA ALA AA 43 44.99 7.64 50.40
C ALA AA 43 44.13 6.46 50.86
N LEU AA 44 42.83 6.69 51.06
CA LEU AA 44 41.94 5.59 51.42
C LEU AA 44 41.74 4.63 50.25
N THR AA 45 41.75 5.14 49.02
CA THR AA 45 41.73 4.26 47.84
C THR AA 45 42.98 3.40 47.79
N ASP AA 46 44.13 3.97 48.12
CA ASP AA 46 45.38 3.21 48.14
C ASP AA 46 45.41 2.17 49.25
N ASN AA 47 44.81 2.45 50.40
CA ASN AA 47 44.84 1.54 51.54
C ASN AA 47 43.53 0.80 51.75
N ALA AA 48 42.65 0.78 50.74
CA ALA AA 48 41.31 0.25 50.87
C ALA AA 48 41.28 -1.25 51.20
N GLN AA 49 42.09 -2.05 50.51
CA GLN AA 49 42.03 -3.50 50.71
C GLN AA 49 42.56 -3.90 52.09
N SER AA 50 43.61 -3.21 52.56
CA SER AA 50 44.13 -3.48 53.89
C SER AA 50 43.16 -3.01 54.96
N LEU AA 51 42.51 -1.85 54.75
CA LEU AA 51 41.53 -1.36 55.70
C LEU AA 51 40.30 -2.26 55.77
N VAL AA 52 39.85 -2.78 54.63
CA VAL AA 52 38.67 -3.64 54.60
C VAL AA 52 38.97 -4.99 55.25
N ASN AA 53 40.12 -5.60 54.93
CA ASN AA 53 40.49 -6.87 55.53
C ASN AA 53 40.73 -6.74 57.03
N GLY AA 54 41.40 -5.66 57.46
CA GLY AA 54 41.59 -5.43 58.87
C GLY AA 54 40.31 -5.12 59.62
N ALA AA 55 39.37 -4.42 58.97
CA ALA AA 55 38.09 -4.14 59.61
C ALA AA 55 37.26 -5.40 59.78
N ALA AA 56 37.26 -6.28 58.76
CA ALA AA 56 36.57 -7.57 58.89
C ALA AA 56 37.20 -8.42 60.00
N GLN AA 57 38.54 -8.42 60.07
CA GLN AA 57 39.22 -9.17 61.14
C GLN AA 57 38.93 -8.57 62.51
N ALA AA 58 38.86 -7.24 62.62
CA ALA AA 58 38.58 -6.58 63.90
C ALA AA 58 37.15 -6.82 64.36
N VAL AA 59 36.20 -6.88 63.42
CA VAL AA 59 34.84 -7.27 63.77
C VAL AA 59 34.80 -8.71 64.22
N TYR AA 60 35.61 -9.58 63.60
CA TYR AA 60 35.68 -10.97 64.05
C TYR AA 60 36.36 -11.09 65.42
N ASN AA 61 37.23 -10.16 65.78
CA ASN AA 61 37.79 -10.19 67.13
C ASN AA 61 36.80 -9.69 68.18
N LYS AA 62 36.17 -8.53 67.93
CA LYS AA 62 35.25 -8.00 68.95
C LYS AA 62 33.94 -8.77 69.00
N PHE AA 63 33.43 -9.22 67.85
CA PHE AA 63 32.22 -10.03 67.77
C PHE AA 63 32.61 -11.40 67.23
N PRO AA 64 33.09 -12.30 68.09
CA PRO AA 64 33.55 -13.60 67.58
C PRO AA 64 32.42 -14.53 67.18
N TYR AA 65 31.20 -14.31 67.69
CA TYR AA 65 30.08 -15.20 67.45
C TYR AA 65 29.63 -15.22 66.00
N THR AA 66 30.00 -14.22 65.21
CA THR AA 66 29.72 -14.24 63.78
C THR AA 66 30.58 -15.26 63.05
N THR AA 67 31.69 -15.70 63.65
CA THR AA 67 32.63 -16.61 63.01
C THR AA 67 32.33 -18.08 63.29
N GLN AA 68 31.87 -18.43 64.49
CA GLN AA 68 31.57 -19.84 64.74
C GLN AA 68 30.10 -20.19 64.51
N THR AA 69 29.16 -19.34 64.92
CA THR AA 69 27.76 -19.70 64.87
C THR AA 69 27.24 -19.67 63.44
N GLN AA 70 26.56 -20.75 63.04
CA GLN AA 70 26.03 -20.87 61.69
C GLN AA 70 24.81 -19.97 61.52
N GLY AA 71 24.53 -19.65 60.28
CA GLY AA 71 23.41 -18.80 59.94
C GLY AA 71 23.70 -18.02 58.67
N ASN AA 72 22.62 -17.55 58.05
CA ASN AA 72 22.77 -16.77 56.82
C ASN AA 72 23.35 -15.39 57.09
N ASN AA 73 23.03 -14.80 58.23
CA ASN AA 73 23.47 -13.44 58.52
C ASN AA 73 24.87 -13.36 59.10
N PHE AA 74 25.50 -14.49 59.38
CA PHE AA 74 26.81 -14.51 60.00
C PHE AA 74 27.88 -14.85 58.98
N ALA AA 75 29.14 -14.72 59.40
CA ALA AA 75 30.30 -14.98 58.56
C ALA AA 75 30.98 -16.30 58.92
N ALA AA 76 30.18 -17.32 59.23
CA ALA AA 76 30.74 -18.62 59.62
C ALA AA 76 31.42 -19.33 58.46
N ASP AA 77 30.85 -19.20 57.26
CA ASP AA 77 31.40 -19.83 56.08
C ASP AA 77 32.11 -18.78 55.22
N GLN AA 78 32.57 -19.20 54.05
CA GLN AA 78 33.27 -18.28 53.15
C GLN AA 78 32.32 -17.26 52.53
N ARG AA 79 31.06 -17.65 52.32
CA ARG AA 79 30.07 -16.74 51.74
C ARG AA 79 29.79 -15.56 52.68
N GLY AA 80 29.65 -15.83 53.98
CA GLY AA 80 29.40 -14.77 54.93
C GLY AA 80 30.58 -13.82 55.08
N LYS AA 81 31.81 -14.36 55.04
CA LYS AA 81 32.99 -13.52 55.09
C LYS AA 81 33.13 -12.68 53.84
N ASP AA 82 32.77 -13.24 52.69
CA ASP AA 82 32.77 -12.47 51.44
C ASP AA 82 31.73 -11.36 51.48
N LYS AA 83 30.55 -11.63 52.02
CA LYS AA 83 29.52 -10.60 52.14
C LYS AA 83 29.93 -9.52 53.13
N CYS AA 84 30.63 -9.90 54.20
CA CYS AA 84 31.12 -8.91 55.16
C CYS AA 84 32.21 -8.03 54.56
N ALA AA 85 33.13 -8.63 53.79
CA ALA AA 85 34.15 -7.85 53.10
C ALA AA 85 33.53 -6.94 52.05
N ARG AA 86 32.47 -7.40 51.38
CA ARG AA 86 31.75 -6.57 50.43
C ARG AA 86 31.05 -5.40 51.12
N ASP AA 87 30.47 -5.65 52.30
CA ASP AA 87 29.81 -4.59 53.06
C ASP AA 87 30.79 -3.53 53.54
N ILE AA 88 31.94 -3.96 54.07
CA ILE AA 88 32.94 -3.00 54.52
C ILE AA 88 33.57 -2.26 53.35
N GLY AA 89 33.74 -2.94 52.22
CA GLY AA 89 34.19 -2.26 51.01
C GLY AA 89 33.20 -1.23 50.51
N TYR AA 90 31.90 -1.53 50.63
CA TYR AA 90 30.87 -0.53 50.34
C TYR AA 90 30.97 0.67 51.27
N TYR AA 91 31.14 0.41 52.58
CA TYR AA 91 31.21 1.49 53.57
C TYR AA 91 32.40 2.39 53.31
N LEU AA 92 33.57 1.80 53.05
CA LEU AA 92 34.76 2.60 52.76
C LEU AA 92 34.68 3.30 51.42
N ARG AA 93 34.06 2.67 50.42
CA ARG AA 93 33.92 3.31 49.11
C ARG AA 93 32.98 4.50 49.16
N ILE AA 94 31.89 4.40 49.93
CA ILE AA 94 30.98 5.54 50.09
C ILE AA 94 31.65 6.62 50.96
N VAL AA 95 32.53 6.24 51.89
CA VAL AA 95 33.31 7.24 52.62
C VAL AA 95 34.25 8.00 51.69
N THR AA 96 34.93 7.29 50.78
CA THR AA 96 35.78 7.96 49.79
C THR AA 96 34.99 8.83 48.84
N TYR AA 97 33.77 8.39 48.49
CA TYR AA 97 32.87 9.21 47.69
C TYR AA 97 32.43 10.46 48.44
N CYS AA 98 32.23 10.36 49.76
CA CYS AA 98 31.92 11.53 50.57
C CYS AA 98 33.09 12.49 50.63
N LEU AA 99 34.31 11.96 50.70
CA LEU AA 99 35.50 12.81 50.69
C LEU AA 99 35.69 13.49 49.35
N VAL AA 100 35.36 12.80 48.26
CA VAL AA 100 35.43 13.40 46.93
C VAL AA 100 34.36 14.48 46.77
N ALA AA 101 33.12 14.15 47.16
CA ALA AA 101 32.03 15.12 47.05
C ALA AA 101 32.10 16.21 48.10
N GLY AA 102 32.80 15.98 49.21
CA GLY AA 102 32.88 17.01 50.23
C GLY AA 102 31.63 17.16 51.07
N GLY AA 103 30.79 16.13 51.12
CA GLY AA 103 29.60 16.16 51.95
C GLY AA 103 29.12 14.75 52.21
N THR AA 104 28.15 14.64 53.11
CA THR AA 104 27.60 13.34 53.49
C THR AA 104 26.55 12.83 52.53
N GLY AA 105 26.32 13.53 51.41
CA GLY AA 105 25.35 13.16 50.41
C GLY AA 105 25.50 11.78 49.79
N PRO AA 106 26.73 11.33 49.45
CA PRO AA 106 26.89 9.91 49.12
C PRO AA 106 26.48 8.95 50.23
N LEU AA 107 26.74 9.31 51.49
CA LEU AA 107 26.32 8.44 52.59
C LEU AA 107 24.80 8.45 52.74
N ASP AA 108 24.17 9.62 52.62
CA ASP AA 108 22.70 9.71 52.74
C ASP AA 108 22.02 8.97 51.60
N GLU AA 109 22.37 9.28 50.36
CA GLU AA 109 21.61 8.78 49.23
C GLU AA 109 22.08 7.39 48.79
N TYR AA 110 23.23 6.92 49.29
CA TYR AA 110 23.69 5.57 49.00
C TYR AA 110 23.60 4.62 50.19
N LEU AA 111 23.92 5.07 51.39
CA LEU AA 111 24.10 4.11 52.48
C LEU AA 111 23.22 4.36 53.68
N ILE AA 112 23.05 5.61 54.11
CA ILE AA 112 22.38 5.88 55.39
C ILE AA 112 20.88 5.64 55.28
N ALA AA 113 20.26 6.10 54.19
CA ALA AA 113 18.82 6.00 54.05
C ALA AA 113 18.39 4.57 53.79
N GLY AA 114 17.61 4.00 54.72
CA GLY AA 114 17.10 2.66 54.59
C GLY AA 114 17.97 1.57 55.18
N ILE AA 115 19.11 1.91 55.80
CA ILE AA 115 20.02 0.88 56.31
C ILE AA 115 19.45 0.18 57.54
N ASP AA 116 18.53 0.85 58.26
CA ASP AA 116 17.88 0.23 59.41
C ASP AA 116 17.00 -0.94 58.97
N GLU AA 117 16.35 -0.80 57.81
CA GLU AA 117 15.57 -1.90 57.28
C GLU AA 117 16.44 -3.06 56.82
N ILE AA 118 17.64 -2.77 56.32
CA ILE AA 118 18.56 -3.84 55.93
C ILE AA 118 19.06 -4.58 57.15
N ASN AA 119 19.38 -3.84 58.22
CA ASN AA 119 19.87 -4.46 59.44
C ASN AA 119 18.78 -5.24 60.15
N ARG AA 120 17.55 -4.74 60.14
CA ARG AA 120 16.44 -5.43 60.81
C ARG AA 120 15.98 -6.64 60.01
N THR AA 121 15.85 -6.49 58.69
CA THR AA 121 15.31 -7.57 57.86
C THR AA 121 16.29 -8.74 57.74
N PHE AA 122 17.55 -8.44 57.46
CA PHE AA 122 18.55 -9.47 57.25
C PHE AA 122 19.28 -9.85 58.53
N ASP AA 123 18.83 -9.35 59.68
CA ASP AA 123 19.34 -9.69 61.01
C ASP AA 123 20.83 -9.38 61.16
N LEU AA 124 21.26 -8.27 60.57
CA LEU AA 124 22.63 -7.81 60.69
C LEU AA 124 22.71 -6.81 61.84
N SER AA 125 23.65 -7.03 62.74
CA SER AA 125 23.74 -6.08 63.84
C SER AA 125 24.49 -4.83 63.39
N PRO AA 126 23.96 -3.63 63.66
CA PRO AA 126 24.70 -2.41 63.32
C PRO AA 126 25.97 -2.21 64.11
N SER AA 127 26.13 -2.88 65.26
CA SER AA 127 27.34 -2.76 66.06
C SER AA 127 28.55 -3.33 65.35
N TRP AA 128 28.36 -4.33 64.48
CA TRP AA 128 29.45 -4.86 63.66
C TRP AA 128 29.99 -3.80 62.72
N TYR AA 129 29.10 -3.09 62.02
CA TYR AA 129 29.54 -2.04 61.13
C TYR AA 129 30.09 -0.85 61.89
N VAL AA 130 29.57 -0.59 63.10
CA VAL AA 130 30.13 0.47 63.95
C VAL AA 130 31.57 0.15 64.35
N GLU AA 131 31.84 -1.13 64.69
CA GLU AA 131 33.20 -1.53 65.04
C GLU AA 131 34.12 -1.49 63.82
N ALA AA 132 33.59 -1.83 62.64
CA ALA AA 132 34.37 -1.70 61.41
C ALA AA 132 34.75 -0.25 61.13
N LEU AA 133 33.80 0.68 61.34
CA LEU AA 133 34.10 2.10 61.16
C LEU AA 133 35.06 2.61 62.23
N LYS AA 134 35.00 2.06 63.45
CA LYS AA 134 35.99 2.42 64.46
C LYS AA 134 37.39 1.93 64.10
N TYR AA 135 37.48 0.75 63.46
CA TYR AA 135 38.77 0.29 62.95
C TYR AA 135 39.29 1.23 61.87
N ILE AA 136 38.39 1.68 60.98
CA ILE AA 136 38.81 2.58 59.91
C ILE AA 136 39.23 3.94 60.49
N LYS AA 137 38.57 4.39 61.55
CA LYS AA 137 39.04 5.57 62.29
C LYS AA 137 40.41 5.33 62.91
N ALA AA 138 40.68 4.11 63.35
CA ALA AA 138 41.95 3.84 64.02
C ALA AA 138 43.14 3.84 63.06
N ASN AA 139 42.97 3.33 61.84
CA ASN AA 139 44.12 3.05 60.97
C ASN AA 139 43.95 3.60 59.55
N HIS AA 140 43.23 4.71 59.39
CA HIS AA 140 43.22 5.35 58.08
C HIS AA 140 44.51 6.11 57.81
N GLY AA 141 45.17 6.60 58.85
CA GLY AA 141 46.50 7.18 58.69
C GLY AA 141 46.54 8.54 58.04
N LEU AA 142 45.50 9.34 58.18
CA LEU AA 142 45.48 10.68 57.61
C LEU AA 142 45.87 11.71 58.67
N SER AA 143 46.19 12.92 58.20
CA SER AA 143 46.67 13.98 59.07
C SER AA 143 46.01 15.30 58.68
N GLY AA 144 45.77 16.14 59.68
CA GLY AA 144 45.34 17.50 59.42
C GLY AA 144 43.88 17.57 59.01
N ASP AA 145 43.61 18.30 57.93
CA ASP AA 145 42.23 18.46 57.46
C ASP AA 145 41.72 17.19 56.80
N ALA AA 146 42.64 16.32 56.36
CA ALA AA 146 42.25 15.06 55.75
C ALA AA 146 41.60 14.13 56.77
N ARG AA 147 42.19 14.03 57.96
CA ARG AA 147 41.63 13.14 58.98
C ARG AA 147 40.39 13.72 59.65
N ASP AA 148 40.27 15.06 59.71
CA ASP AA 148 39.09 15.67 60.31
C ASP AA 148 37.87 15.47 59.42
N GLU AA 149 38.03 15.61 58.11
CA GLU AA 149 36.90 15.44 57.20
C GLU AA 149 36.50 13.98 57.08
N ALA AA 150 37.49 13.07 57.08
CA ALA AA 150 37.19 11.65 56.98
C ALA AA 150 36.51 11.12 58.22
N ASN AA 151 37.01 11.50 59.41
CA ASN AA 151 36.42 11.02 60.66
C ASN AA 151 35.03 11.59 60.90
N SER AA 152 34.70 12.71 60.26
CA SER AA 152 33.32 13.19 60.27
C SER AA 152 32.40 12.24 59.54
N TYR AA 153 32.81 11.77 58.36
CA TYR AA 153 32.05 10.78 57.60
C TYR AA 153 32.00 9.44 58.32
N LEU AA 154 33.11 9.06 58.96
CA LEU AA 154 33.15 7.82 59.73
C LEU AA 154 32.20 7.88 60.91
N ASP AA 155 32.17 9.02 61.62
CA ASP AA 155 31.27 9.17 62.74
C ASP AA 155 29.83 9.41 62.31
N TYR AA 156 29.63 9.98 61.12
CA TYR AA 156 28.27 10.20 60.62
C TYR AA 156 27.56 8.88 60.36
N ALA AA 157 28.27 7.91 59.80
CA ALA AA 157 27.71 6.58 59.64
C ALA AA 157 27.66 5.83 60.97
N ILE AA 158 28.54 6.17 61.91
CA ILE AA 158 28.48 5.59 63.24
C ILE AA 158 27.24 6.08 63.99
N ASN AA 159 26.99 7.39 63.92
CA ASN AA 159 25.82 7.96 64.58
C ASN AA 159 24.51 7.52 63.91
N ALA AA 160 24.55 7.25 62.61
CA ALA AA 160 23.35 6.78 61.92
C ALA AA 160 23.07 5.31 62.23
N LEU AA 161 24.12 4.54 62.55
CA LEU AA 161 23.92 3.13 62.88
C LEU AA 161 23.64 2.94 64.36
N SER AA 162 24.18 3.81 65.22
CA SER AA 162 23.97 3.69 66.65
C SER AA 162 22.91 4.68 67.13
N MET BA 1 20.12 16.63 42.23
CA MET BA 1 20.96 17.31 41.26
C MET BA 1 22.43 16.95 41.48
N PHE BA 2 23.27 17.30 40.51
CA PHE BA 2 24.67 16.92 40.53
C PHE BA 2 25.54 18.14 40.29
N ASP BA 3 26.74 18.13 40.84
CA ASP BA 3 27.77 19.09 40.49
C ASP BA 3 28.94 18.32 39.88
N VAL BA 4 30.08 19.00 39.71
CA VAL BA 4 31.26 18.39 39.11
C VAL BA 4 31.82 17.26 39.97
N PHE BA 5 31.58 17.28 41.29
CA PHE BA 5 32.03 16.20 42.15
C PHE BA 5 31.04 15.05 42.21
N THR BA 6 29.75 15.34 42.39
CA THR BA 6 28.76 14.29 42.55
C THR BA 6 28.42 13.59 41.24
N ARG BA 7 28.64 14.23 40.08
CA ARG BA 7 28.59 13.51 38.81
C ARG BA 7 29.65 12.42 38.75
N VAL BA 8 30.87 12.75 39.19
CA VAL BA 8 31.97 11.80 39.27
C VAL BA 8 31.65 10.69 40.27
N VAL BA 9 31.08 11.07 41.42
CA VAL BA 9 30.66 10.11 42.44
C VAL BA 9 29.60 9.15 41.91
N SER BA 10 28.59 9.67 41.20
CA SER BA 10 27.54 8.83 40.66
C SER BA 10 28.04 7.91 39.56
N GLN BA 11 28.93 8.42 38.70
CA GLN BA 11 29.53 7.58 37.66
C GLN BA 11 30.41 6.49 38.26
N ALA BA 12 31.11 6.79 39.35
CA ALA BA 12 31.93 5.77 40.00
C ALA BA 12 31.05 4.75 40.73
N ASP BA 13 29.95 5.19 41.32
CA ASP BA 13 29.10 4.29 42.08
C ASP BA 13 28.26 3.39 41.18
N ALA BA 14 27.95 3.85 39.96
CA ALA BA 14 27.28 2.98 39.01
C ALA BA 14 28.18 1.83 38.57
N ARG BA 15 29.50 2.07 38.53
CA ARG BA 15 30.47 1.00 38.31
C ARG BA 15 30.91 0.34 39.60
N GLY BA 16 30.72 1.01 40.74
CA GLY BA 16 31.15 0.48 42.02
C GLY BA 16 32.64 0.39 42.20
N GLU BA 17 33.38 1.37 41.70
CA GLU BA 17 34.83 1.37 41.76
C GLU BA 17 35.28 2.68 42.39
N TYR BA 18 36.38 2.61 43.14
CA TYR BA 18 37.01 3.80 43.69
C TYR BA 18 37.54 4.69 42.57
N LEU BA 19 37.75 5.96 42.88
CA LEU BA 19 38.25 6.90 41.90
C LEU BA 19 39.70 6.62 41.55
N SER BA 20 40.01 6.73 40.26
CA SER BA 20 41.36 6.57 39.78
C SER BA 20 42.18 7.83 40.11
N GLY BA 21 43.49 7.73 39.94
CA GLY BA 21 44.37 8.85 40.22
C GLY BA 21 44.18 10.01 39.25
N SER BA 22 44.01 9.70 37.97
CA SER BA 22 43.85 10.75 36.96
C SER BA 22 42.52 11.46 37.09
N GLN BA 23 41.48 10.75 37.53
CA GLN BA 23 40.17 11.37 37.70
C GLN BA 23 40.16 12.27 38.94
N LEU BA 24 40.87 11.85 39.99
CA LEU BA 24 41.10 12.72 41.14
C LEU BA 24 41.94 13.92 40.76
N ASP BA 25 42.90 13.76 39.84
CA ASP BA 25 43.70 14.89 39.38
C ASP BA 25 42.88 15.86 38.55
N ALA BA 26 41.93 15.34 37.76
CA ALA BA 26 41.02 16.21 37.02
C ALA BA 26 40.12 16.98 37.97
N LEU BA 27 39.66 16.33 39.04
CA LEU BA 27 38.90 17.05 40.06
C LEU BA 27 39.75 18.09 40.79
N SER BA 28 41.05 17.79 40.99
CA SER BA 28 41.95 18.77 41.60
C SER BA 28 42.17 19.97 40.70
N ALA BA 29 42.26 19.74 39.38
CA ALA BA 29 42.34 20.85 38.43
C ALA BA 29 41.06 21.67 38.43
N THR BA 30 39.91 21.01 38.58
CA THR BA 30 38.64 21.72 38.72
C THR BA 30 38.62 22.58 39.99
N VAL BA 31 39.16 22.06 41.09
CA VAL BA 31 39.26 22.82 42.34
C VAL BA 31 40.20 24.01 42.17
N ALA BA 32 41.29 23.82 41.40
CA ALA BA 32 42.21 24.93 41.12
C ALA BA 32 41.55 26.02 40.26
N GLU BA 33 40.70 25.63 39.32
CA GLU BA 33 39.97 26.59 38.50
C GLU BA 33 38.71 27.12 39.21
N GLY BA 34 38.40 26.60 40.39
CA GLY BA 34 37.21 27.00 41.12
C GLY BA 34 37.17 28.46 41.51
N ASN BA 35 38.33 29.07 41.78
CA ASN BA 35 38.36 30.50 42.09
C ASN BA 35 37.91 31.35 40.92
N LYS BA 36 38.41 31.03 39.72
CA LYS BA 36 37.98 31.66 38.49
C LYS BA 36 36.49 31.42 38.22
N ARG BA 37 36.02 30.21 38.56
CA ARG BA 37 34.61 29.85 38.41
C ARG BA 37 33.72 30.73 39.30
N ILE BA 38 34.12 30.92 40.55
CA ILE BA 38 33.39 31.78 41.48
C ILE BA 38 33.42 33.23 41.02
N ASP BA 39 34.56 33.68 40.45
CA ASP BA 39 34.64 35.05 39.93
C ASP BA 39 33.68 35.27 38.76
N SER BA 40 33.60 34.30 37.85
CA SER BA 40 32.69 34.42 36.71
C SER BA 40 31.23 34.39 37.17
N VAL BA 41 30.92 33.52 38.15
CA VAL BA 41 29.57 33.45 38.71
C VAL BA 41 29.19 34.79 39.37
N ASN BA 42 30.14 35.36 40.12
CA ASN BA 42 29.91 36.64 40.80
C ASN BA 42 29.71 37.77 39.80
N ARG BA 43 30.46 37.76 38.69
CA ARG BA 43 30.33 38.82 37.71
C ARG BA 43 28.98 38.75 36.97
N ILE BA 44 28.57 37.55 36.57
CA ILE BA 44 27.26 37.42 35.89
C ILE BA 44 26.12 37.71 36.85
N THR BA 45 26.26 37.32 38.13
CA THR BA 45 25.25 37.64 39.13
C THR BA 45 25.14 39.14 39.37
N GLY BA 46 26.28 39.82 39.47
CA GLY BA 46 26.26 41.26 39.69
C GLY BA 46 25.79 42.05 38.48
N ASN BA 47 25.90 41.48 37.29
CA ASN BA 47 25.43 42.16 36.09
C ASN BA 47 24.22 41.49 35.46
N ALA BA 48 23.48 40.71 36.26
CA ALA BA 48 22.34 39.94 35.77
C ALA BA 48 21.23 40.81 35.18
N SER BA 49 20.80 41.85 35.90
CA SER BA 49 19.71 42.68 35.40
C SER BA 49 20.14 43.51 34.20
N ALA BA 50 21.41 43.95 34.18
CA ALA BA 50 21.93 44.65 33.01
C ALA BA 50 21.99 43.74 31.80
N ILE BA 51 22.40 42.49 31.98
CA ILE BA 51 22.47 41.52 30.88
C ILE BA 51 21.08 41.24 30.34
N VAL BA 52 20.11 41.02 31.23
CA VAL BA 52 18.75 40.70 30.82
C VAL BA 52 18.10 41.88 30.10
N SER BA 53 18.24 43.10 30.66
CA SER BA 53 17.63 44.28 30.04
C SER BA 53 18.28 44.63 28.71
N ASN BA 54 19.61 44.54 28.62
CA ASN BA 54 20.30 44.86 27.37
C ASN BA 54 20.00 43.83 26.28
N ALA BA 55 19.98 42.54 26.64
CA ALA BA 55 19.68 41.53 25.65
C ALA BA 55 18.22 41.55 25.23
N ALA BA 56 17.32 41.93 26.14
CA ALA BA 56 15.92 42.14 25.77
C ALA BA 56 15.78 43.31 24.82
N ARG BA 57 16.48 44.42 25.09
CA ARG BA 57 16.45 45.59 24.21
C ARG BA 57 16.97 45.24 22.82
N ALA BA 58 18.07 44.49 22.75
CA ALA BA 58 18.61 44.06 21.46
C ALA BA 58 17.66 43.11 20.75
N LEU BA 59 17.06 42.16 21.47
CA LEU BA 59 16.21 41.14 20.85
C LEU BA 59 14.93 41.76 20.30
N PHE BA 60 14.32 42.66 21.03
CA PHE BA 60 13.13 43.34 20.53
C PHE BA 60 13.47 44.47 19.58
N ALA BA 61 14.74 44.88 19.50
CA ALA BA 61 15.16 45.77 18.43
C ALA BA 61 15.28 45.02 17.11
N GLU BA 62 15.88 43.81 17.13
CA GLU BA 62 16.03 43.09 15.86
C GLU BA 62 14.76 42.36 15.46
N GLN BA 63 13.89 42.03 16.41
CA GLN BA 63 12.68 41.26 16.16
C GLN BA 63 11.48 42.09 16.59
N PRO BA 64 10.98 42.97 15.72
CA PRO BA 64 9.81 43.78 16.10
C PRO BA 64 8.51 42.99 16.16
N GLN BA 65 8.48 41.77 15.61
CA GLN BA 65 7.25 40.97 15.62
C GLN BA 65 6.85 40.51 17.01
N LEU BA 66 7.79 40.51 17.97
CA LEU BA 66 7.45 40.29 19.36
C LEU BA 66 6.92 41.55 20.02
N ILE BA 67 7.16 42.72 19.43
CA ILE BA 67 6.73 44.00 19.99
C ILE BA 67 5.31 44.34 19.55
N GLN BA 68 5.00 44.08 18.28
CA GLN BA 68 3.68 44.44 17.71
C GLN BA 68 2.55 43.75 18.48
N PRO BA 69 1.38 44.40 18.67
CA PRO BA 69 0.25 43.75 19.29
C PRO BA 69 -0.02 42.41 18.63
N GLY BA 70 -0.13 41.34 19.43
CA GLY BA 70 -0.30 39.99 18.86
C GLY BA 70 0.99 39.21 19.01
N GLY BA 71 2.13 39.90 19.14
CA GLY BA 71 3.42 39.23 19.33
C GLY BA 71 3.47 38.52 20.66
N ASN BA 72 4.30 37.48 20.78
CA ASN BA 72 4.32 36.68 22.03
C ASN BA 72 4.70 37.58 23.21
N ALA BA 73 5.61 38.53 23.01
CA ALA BA 73 6.08 39.36 24.15
C ALA BA 73 5.20 40.62 24.29
N TYR BA 74 4.11 40.71 23.54
CA TYR BA 74 3.18 41.86 23.70
C TYR BA 74 2.36 41.66 24.98
N THR BA 75 1.87 42.73 25.62
CA THR BA 75 1.11 42.71 26.91
C THR BA 75 2.07 42.62 28.08
N SER BA 76 1.93 43.53 29.06
CA SER BA 76 2.79 43.54 30.23
C SER BA 76 2.99 42.15 30.82
N ARG BA 77 1.94 41.33 30.80
CA ARG BA 77 2.03 39.99 31.39
C ARG BA 77 2.98 39.10 30.59
N ARG BA 78 2.82 39.09 29.28
CA ARG BA 78 3.68 38.25 28.45
C ARG BA 78 5.10 38.80 28.33
N MET BA 79 5.27 40.13 28.35
CA MET BA 79 6.63 40.66 28.33
C MET BA 79 7.32 40.41 29.67
N ALA BA 80 6.58 40.49 30.78
CA ALA BA 80 7.11 40.10 32.07
C ALA BA 80 7.47 38.62 32.10
N ALA BA 81 6.68 37.78 31.41
CA ALA BA 81 7.02 36.37 31.27
C ALA BA 81 8.31 36.17 30.48
N CYS BA 82 8.50 36.97 29.43
CA CYS BA 82 9.74 36.90 28.67
C CYS BA 82 10.94 37.35 29.50
N LEU BA 83 10.77 38.44 30.27
CA LEU BA 83 11.85 38.92 31.11
C LEU BA 83 12.21 37.94 32.22
N ARG BA 84 11.20 37.34 32.88
CA ARG BA 84 11.52 36.34 33.89
C ARG BA 84 12.12 35.09 33.26
N ASP BA 85 11.75 34.76 32.03
CA ASP BA 85 12.39 33.64 31.35
C ASP BA 85 13.87 33.91 31.08
N MET BA 86 14.19 35.17 30.74
CA MET BA 86 15.58 35.54 30.55
C MET BA 86 16.36 35.50 31.87
N GLU BA 87 15.78 36.03 32.95
CA GLU BA 87 16.46 35.94 34.26
C GLU BA 87 16.58 34.51 34.76
N ILE BA 88 15.57 33.70 34.44
CA ILE BA 88 15.56 32.27 34.79
C ILE BA 88 16.65 31.50 34.08
N ILE BA 89 16.82 31.76 32.79
CA ILE BA 89 17.85 31.11 31.98
C ILE BA 89 19.23 31.56 32.42
N LEU BA 90 19.39 32.86 32.70
CA LEU BA 90 20.66 33.37 33.23
C LEU BA 90 20.97 32.80 34.60
N ARG BA 91 19.96 32.67 35.46
CA ARG BA 91 20.14 32.13 36.80
C ARG BA 91 20.57 30.66 36.76
N TYR BA 92 19.96 29.87 35.87
CA TYR BA 92 20.33 28.46 35.79
C TYR BA 92 21.65 28.25 35.06
N VAL BA 93 22.03 29.16 34.16
CA VAL BA 93 23.37 29.12 33.58
C VAL BA 93 24.42 29.43 34.66
N THR BA 94 24.14 30.40 35.53
CA THR BA 94 25.05 30.67 36.65
C THR BA 94 25.10 29.52 37.63
N TYR BA 95 23.97 28.83 37.84
CA TYR BA 95 23.95 27.64 38.70
C TYR BA 95 24.79 26.52 38.10
N ALA BA 96 24.69 26.33 36.78
CA ALA BA 96 25.49 25.30 36.11
C ALA BA 96 26.97 25.65 36.11
N THR BA 97 27.30 26.93 36.00
CA THR BA 97 28.69 27.37 36.12
C THR BA 97 29.21 27.13 37.53
N PHE BA 98 28.40 27.45 38.54
CA PHE BA 98 28.76 27.29 39.94
C PHE BA 98 28.99 25.82 40.30
N THR BA 99 28.10 24.95 39.82
CA THR BA 99 28.24 23.53 40.11
C THR BA 99 29.39 22.89 39.35
N GLY BA 100 29.64 23.36 38.12
CA GLY BA 100 30.56 22.68 37.23
C GLY BA 100 29.92 21.61 36.38
N ASP BA 101 28.65 21.30 36.62
CA ASP BA 101 27.89 20.34 35.84
C ASP BA 101 26.56 20.97 35.49
N ALA BA 102 26.03 20.61 34.32
CA ALA BA 102 24.77 21.18 33.82
C ALA BA 102 23.56 20.37 34.23
N SER BA 103 23.63 19.65 35.36
CA SER BA 103 22.50 18.83 35.80
C SER BA 103 21.32 19.69 36.25
N VAL BA 104 21.58 20.77 36.99
CA VAL BA 104 20.51 21.64 37.42
C VAL BA 104 19.92 22.41 36.23
N LEU BA 105 20.76 22.82 35.27
CA LEU BA 105 20.28 23.57 34.12
C LEU BA 105 19.48 22.69 33.17
N GLU BA 106 19.89 21.45 32.99
CA GLU BA 106 19.16 20.54 32.11
C GLU BA 106 17.89 20.02 32.79
N ASP BA 107 18.02 19.49 34.00
CA ASP BA 107 16.90 18.82 34.65
C ASP BA 107 15.88 19.82 35.17
N ARG BA 108 16.31 20.96 35.67
CA ARG BA 108 15.42 21.89 36.35
C ARG BA 108 14.84 22.93 35.40
N CYS BA 109 15.64 23.43 34.46
CA CYS BA 109 15.21 24.50 33.55
C CYS BA 109 14.84 24.00 32.16
N LEU BA 110 15.74 23.30 31.50
CA LEU BA 110 15.60 22.99 30.08
C LEU BA 110 14.83 21.70 29.81
N ASN BA 111 14.44 20.96 30.84
CA ASN BA 111 13.69 19.73 30.65
C ASN BA 111 12.27 20.06 30.22
N GLY BA 112 11.94 19.76 28.97
CA GLY BA 112 10.62 20.04 28.47
C GLY BA 112 10.33 21.49 28.17
N LEU BA 113 11.38 22.32 28.07
CA LEU BA 113 11.16 23.73 27.77
C LEU BA 113 10.81 23.95 26.30
N ARG BA 114 11.35 23.11 25.41
CA ARG BA 114 11.06 23.25 23.99
C ARG BA 114 9.61 22.90 23.68
N GLU BA 115 9.10 21.82 24.26
CA GLU BA 115 7.69 21.47 24.05
C GLU BA 115 6.76 22.44 24.76
N THR BA 116 7.21 23.02 25.88
CA THR BA 116 6.45 24.07 26.55
C THR BA 116 6.33 25.30 25.66
N TYR BA 117 7.44 25.71 25.03
CA TYR BA 117 7.41 26.88 24.16
C TYR BA 117 6.64 26.60 22.87
N VAL BA 118 6.67 25.36 22.39
CA VAL BA 118 5.87 24.99 21.23
C VAL BA 118 4.38 25.02 21.57
N ALA BA 119 4.00 24.50 22.73
CA ALA BA 119 2.60 24.41 23.10
C ALA BA 119 2.01 25.77 23.46
N LEU BA 120 2.78 26.63 24.14
CA LEU BA 120 2.31 27.98 24.40
C LEU BA 120 2.33 28.86 23.16
N GLY BA 121 3.04 28.46 22.11
CA GLY BA 121 3.24 29.33 20.98
C GLY BA 121 4.39 30.30 21.14
N VAL BA 122 5.22 30.10 22.14
CA VAL BA 122 6.43 30.92 22.32
C VAL BA 122 7.41 30.62 21.19
N PRO BA 123 7.89 31.62 20.46
CA PRO BA 123 8.93 31.35 19.46
C PRO BA 123 10.27 31.03 20.11
N GLY BA 124 10.64 29.75 20.09
CA GLY BA 124 11.89 29.33 20.71
C GLY BA 124 13.13 29.84 20.01
N ALA BA 125 13.01 30.18 18.73
CA ALA BA 125 14.11 30.79 18.01
C ALA BA 125 14.46 32.16 18.57
N SER BA 126 13.43 32.96 18.89
CA SER BA 126 13.66 34.29 19.46
C SER BA 126 14.24 34.18 20.87
N VAL BA 127 13.76 33.21 21.66
CA VAL BA 127 14.33 32.98 22.99
C VAL BA 127 15.77 32.51 22.88
N ALA BA 128 16.08 31.69 21.86
CA ALA BA 128 17.46 31.26 21.65
C ALA BA 128 18.35 32.42 21.22
N ALA BA 129 17.84 33.34 20.41
CA ALA BA 129 18.60 34.54 20.05
C ALA BA 129 18.85 35.43 21.26
N GLY BA 130 17.85 35.55 22.13
CA GLY BA 130 18.05 36.23 23.39
C GLY BA 130 19.10 35.57 24.27
N VAL BA 131 19.11 34.23 24.30
CA VAL BA 131 20.10 33.48 25.06
C VAL BA 131 21.49 33.69 24.49
N GLN BA 132 21.61 33.72 23.15
CA GLN BA 132 22.90 34.00 22.52
C GLN BA 132 23.42 35.41 22.84
N LYS BA 133 22.52 36.40 22.88
CA LYS BA 133 23.01 37.74 23.20
C LYS BA 133 23.27 37.93 24.68
N MET BA 134 22.55 37.21 25.56
CA MET BA 134 22.97 37.09 26.95
C MET BA 134 24.33 36.41 27.07
N LYS BA 135 24.61 35.40 26.24
CA LYS BA 135 25.91 34.75 26.23
C LYS BA 135 27.01 35.73 25.84
N GLU BA 136 26.77 36.51 24.78
CA GLU BA 136 27.75 37.46 24.30
C GLU BA 136 28.03 38.55 25.33
N ALA BA 137 26.97 39.09 25.96
CA ALA BA 137 27.14 40.10 27.01
C ALA BA 137 27.82 39.51 28.24
N ALA BA 138 27.42 38.31 28.67
CA ALA BA 138 27.98 37.70 29.87
C ALA BA 138 29.44 37.32 29.66
N LEU BA 139 29.80 36.88 28.46
CA LEU BA 139 31.20 36.59 28.17
C LEU BA 139 32.02 37.85 28.01
N ASP BA 140 31.38 38.98 27.67
CA ASP BA 140 32.09 40.26 27.75
C ASP BA 140 32.39 40.65 29.20
N ILE BA 141 31.40 40.52 30.09
CA ILE BA 141 31.61 40.96 31.48
C ILE BA 141 32.48 39.98 32.26
N VAL BA 142 32.46 38.68 31.93
CA VAL BA 142 33.39 37.75 32.56
C VAL BA 142 34.82 38.04 32.13
N ASN BA 143 35.04 38.28 30.83
CA ASN BA 143 36.38 38.51 30.31
C ASN BA 143 36.85 39.95 30.44
N ASP BA 144 36.18 40.77 31.25
CA ASP BA 144 36.64 42.13 31.48
C ASP BA 144 37.87 42.09 32.37
N PRO BA 145 39.01 42.67 31.93
CA PRO BA 145 40.24 42.53 32.71
C PRO BA 145 40.33 43.50 33.89
N ASN BA 146 39.52 44.55 33.93
CA ASN BA 146 39.62 45.55 34.98
C ASN BA 146 39.07 45.02 36.30
N GLY BA 147 39.68 45.47 37.39
CA GLY BA 147 39.17 45.18 38.72
C GLY BA 147 39.37 43.76 39.18
N ILE BA 148 40.31 43.03 38.57
CA ILE BA 148 40.55 41.63 38.92
C ILE BA 148 42.01 41.31 38.59
N THR BA 149 42.54 40.31 39.27
CA THR BA 149 43.90 39.86 38.99
C THR BA 149 43.94 39.14 37.64
N ARG BA 150 45.09 39.25 36.97
CA ARG BA 150 45.23 38.69 35.64
C ARG BA 150 45.34 37.17 35.71
N GLY BA 151 44.93 36.52 34.62
CA GLY BA 151 45.05 35.08 34.51
C GLY BA 151 44.32 34.54 33.29
N ASP BA 152 44.69 33.34 32.86
CA ASP BA 152 44.02 32.69 31.74
C ASP BA 152 42.71 32.09 32.23
N CYS BA 153 41.63 32.38 31.52
CA CYS BA 153 40.29 31.98 31.95
C CYS BA 153 39.51 31.33 30.83
N SER BA 154 40.21 30.76 29.85
CA SER BA 154 39.54 30.25 28.65
C SER BA 154 38.71 29.01 28.93
N ALA BA 155 39.09 28.22 29.95
CA ALA BA 155 38.35 27.01 30.27
C ALA BA 155 36.97 27.31 30.86
N ILE BA 156 36.92 28.25 31.82
CA ILE BA 156 35.64 28.58 32.44
C ILE BA 156 34.76 29.40 31.49
N VAL BA 157 35.37 30.21 30.62
CA VAL BA 157 34.62 30.92 29.59
C VAL BA 157 34.03 29.94 28.57
N ALA BA 158 34.82 28.92 28.18
CA ALA BA 158 34.31 27.89 27.29
C ALA BA 158 33.20 27.06 27.94
N GLU BA 159 33.31 26.82 29.25
CA GLU BA 159 32.25 26.11 29.97
C GLU BA 159 30.96 26.93 30.03
N ILE BA 160 31.08 28.24 30.28
CA ILE BA 160 29.91 29.12 30.32
C ILE BA 160 29.28 29.21 28.94
N ALA BA 161 30.10 29.30 27.89
CA ALA BA 161 29.60 29.30 26.53
C ALA BA 161 28.92 27.98 26.17
N GLY BA 162 29.43 26.86 26.70
CA GLY BA 162 28.77 25.59 26.50
C GLY BA 162 27.42 25.50 27.17
N TYR BA 163 27.32 26.03 28.40
CA TYR BA 163 26.04 26.07 29.10
C TYR BA 163 25.04 26.98 28.39
N PHE BA 164 25.51 28.11 27.87
CA PHE BA 164 24.65 29.01 27.11
C PHE BA 164 24.22 28.40 25.79
N ASP BA 165 25.12 27.67 25.13
CA ASP BA 165 24.79 27.03 23.85
C ASP BA 165 23.82 25.88 24.04
N ARG BA 166 23.97 25.12 25.12
CA ARG BA 166 22.99 24.09 25.42
C ARG BA 166 21.69 24.66 25.97
N ALA BA 167 21.71 25.90 26.47
CA ALA BA 167 20.46 26.57 26.81
C ALA BA 167 19.72 27.04 25.56
N ALA BA 168 20.44 27.58 24.59
CA ALA BA 168 19.81 28.04 23.36
C ALA BA 168 19.37 26.86 22.49
N ALA BA 169 20.13 25.77 22.50
CA ALA BA 169 19.81 24.60 21.68
C ALA BA 169 18.64 23.80 22.24
N ALA BA 170 18.42 23.83 23.55
CA ALA BA 170 17.31 23.11 24.16
C ALA BA 170 16.00 23.87 24.07
N VAL BA 171 16.01 25.07 23.50
CA VAL BA 171 14.84 25.92 23.42
C VAL BA 171 14.31 26.00 21.98
N ALA BA 172 15.19 26.30 21.02
CA ALA BA 172 14.78 26.37 19.63
C ALA BA 172 14.88 25.03 18.93
N MET CA 1 -10.05 37.81 33.28
CA MET CA 1 -10.39 39.15 32.82
C MET CA 1 -11.79 39.50 33.33
N LYS CA 2 -11.84 40.37 34.33
CA LYS CA 2 -13.08 40.61 35.05
C LYS CA 2 -13.97 41.60 34.32
N THR CA 3 -15.27 41.39 34.48
CA THR CA 3 -16.37 42.05 33.76
C THR CA 3 -17.62 41.68 34.55
N PRO CA 4 -18.66 42.53 34.58
CA PRO CA 4 -19.89 42.16 35.32
C PRO CA 4 -20.51 40.82 34.95
N LEU CA 5 -20.66 40.53 33.66
CA LEU CA 5 -21.20 39.25 33.22
C LEU CA 5 -20.24 38.11 33.56
N THR CA 6 -18.94 38.32 33.32
CA THR CA 6 -17.99 37.23 33.49
C THR CA 6 -17.78 36.89 34.96
N GLU CA 7 -17.67 37.89 35.85
CA GLU CA 7 -17.49 37.47 37.24
C GLU CA 7 -18.82 37.09 37.86
N ALA CA 8 -19.94 37.53 37.29
CA ALA CA 8 -21.24 37.05 37.74
C ALA CA 8 -21.38 35.55 37.49
N VAL CA 9 -21.01 35.12 36.27
CA VAL CA 9 -21.01 33.69 35.95
C VAL CA 9 -19.95 32.96 36.76
N SER CA 10 -18.79 33.60 36.98
CA SER CA 10 -17.71 32.98 37.74
C SER CA 10 -18.09 32.74 39.20
N THR CA 11 -18.74 33.72 39.84
CA THR CA 11 -19.13 33.50 41.23
C THR CA 11 -20.36 32.60 41.34
N ALA CA 12 -21.27 32.61 40.36
CA ALA CA 12 -22.39 31.68 40.37
C ALA CA 12 -21.92 30.25 40.17
N ASP CA 13 -20.83 30.08 39.42
CA ASP CA 13 -20.18 28.80 39.29
C ASP CA 13 -19.37 28.46 40.54
N SER CA 14 -18.91 29.48 41.26
CA SER CA 14 -18.16 29.24 42.51
C SER CA 14 -19.07 28.69 43.61
N GLN CA 15 -20.28 29.23 43.79
CA GLN CA 15 -21.23 28.46 44.58
C GLN CA 15 -21.91 27.34 43.81
N GLY CA 16 -21.66 27.21 42.51
CA GLY CA 16 -22.14 26.08 41.74
C GLY CA 16 -23.65 26.03 41.57
N ARG CA 17 -24.27 27.18 41.38
CA ARG CA 17 -25.71 27.30 41.33
C ARG CA 17 -26.11 28.06 40.07
N PHE CA 18 -27.41 28.06 39.81
CA PHE CA 18 -27.95 28.75 38.66
C PHE CA 18 -27.89 30.26 38.87
N LEU CA 19 -28.10 30.99 37.78
CA LEU CA 19 -28.03 32.46 37.81
C LEU CA 19 -29.30 32.99 38.45
N SER CA 20 -29.20 33.44 39.69
CA SER CA 20 -30.34 34.00 40.41
C SER CA 20 -30.54 35.46 39.98
N SER CA 21 -31.46 36.15 40.66
CA SER CA 21 -31.77 37.54 40.32
C SER CA 21 -30.64 38.51 40.66
N THR CA 22 -29.69 38.08 41.49
CA THR CA 22 -28.48 38.86 41.75
C THR CA 22 -27.69 39.07 40.46
N GLU CA 23 -27.42 37.99 39.72
CA GLU CA 23 -26.70 38.09 38.47
C GLU CA 23 -27.51 38.81 37.40
N LEU CA 24 -28.84 38.66 37.42
CA LEU CA 24 -29.69 39.41 36.50
C LEU CA 24 -29.61 40.91 36.77
N GLN CA 25 -29.53 41.30 38.05
CA GLN CA 25 -29.33 42.70 38.41
C GLN CA 25 -27.95 43.19 37.95
N ILE CA 26 -26.93 42.33 38.06
CA ILE CA 26 -25.60 42.65 37.56
C ILE CA 26 -25.64 42.92 36.06
N ALA CA 27 -26.35 42.07 35.32
CA ALA CA 27 -26.49 42.27 33.88
C ALA CA 27 -27.31 43.49 33.53
N PHE CA 28 -28.30 43.84 34.35
CA PHE CA 28 -29.08 45.07 34.12
C PHE CA 28 -28.22 46.30 34.31
N GLY CA 29 -27.37 46.30 35.33
CA GLY CA 29 -26.43 47.41 35.50
C GLY CA 29 -25.40 47.48 34.39
N ARG CA 30 -24.98 46.32 33.89
CA ARG CA 30 -24.09 46.27 32.73
C ARG CA 30 -24.77 46.87 31.51
N LEU CA 31 -26.07 46.58 31.32
CA LEU CA 31 -26.81 47.14 30.19
C LEU CA 31 -26.99 48.64 30.31
N ARG CA 32 -27.26 49.15 31.52
CA ARG CA 32 -27.45 50.59 31.64
C ARG CA 32 -26.13 51.34 31.58
N GLN CA 33 -25.01 50.65 31.81
CA GLN CA 33 -23.71 51.30 31.68
C GLN CA 33 -23.13 51.16 30.27
N ALA CA 34 -23.58 50.14 29.53
CA ALA CA 34 -22.84 49.71 28.34
C ALA CA 34 -23.01 50.68 27.18
N ASN CA 35 -24.17 51.36 27.07
CA ASN CA 35 -24.34 52.33 26.00
C ASN CA 35 -23.43 53.54 26.19
N ALA CA 36 -23.32 54.04 27.43
CA ALA CA 36 -22.38 55.11 27.72
C ALA CA 36 -20.94 54.66 27.56
N GLY CA 37 -20.64 53.40 27.88
CA GLY CA 37 -19.30 52.88 27.66
C GLY CA 37 -18.93 52.77 26.20
N LEU CA 38 -19.86 52.32 25.36
CA LEU CA 38 -19.62 52.24 23.92
C LEU CA 38 -19.50 53.63 23.30
N GLN CA 39 -20.30 54.59 23.78
CA GLN CA 39 -20.18 55.97 23.29
C GLN CA 39 -18.85 56.59 23.70
N ALA CA 40 -18.40 56.33 24.93
CA ALA CA 40 -17.11 56.83 25.39
C ALA CA 40 -15.96 56.19 24.61
N ALA CA 41 -16.06 54.89 24.32
CA ALA CA 41 -15.06 54.22 23.51
C ALA CA 41 -15.04 54.75 22.09
N LYS CA 42 -16.20 55.08 21.52
CA LYS CA 42 -16.25 55.69 20.20
C LYS CA 42 -15.61 57.07 20.20
N ALA CA 43 -15.92 57.90 21.20
CA ALA CA 43 -15.36 59.24 21.28
C ALA CA 43 -13.84 59.21 21.47
N LEU CA 44 -13.37 58.28 22.32
CA LEU CA 44 -11.93 58.11 22.48
C LEU CA 44 -11.27 57.54 21.23
N THR CA 45 -11.98 56.70 20.47
CA THR CA 45 -11.45 56.20 19.21
C THR CA 45 -11.28 57.32 18.19
N ASP CA 46 -12.26 58.23 18.09
CA ASP CA 46 -12.13 59.35 17.16
C ASP CA 46 -11.09 60.36 17.63
N ASN CA 47 -10.93 60.55 18.94
CA ASN CA 47 -10.00 61.54 19.46
C ASN CA 47 -8.65 60.95 19.88
N ALA CA 48 -8.40 59.68 19.54
CA ALA CA 48 -7.27 58.94 20.10
C ALA CA 48 -5.92 59.49 19.68
N GLN CA 49 -5.78 59.87 18.41
CA GLN CA 49 -4.47 60.33 17.93
C GLN CA 49 -4.09 61.67 18.55
N SER CA 50 -5.03 62.61 18.60
CA SER CA 50 -4.78 63.90 19.25
C SER CA 50 -4.58 63.73 20.75
N LEU CA 51 -5.32 62.81 21.38
CA LEU CA 51 -5.16 62.58 22.81
C LEU CA 51 -3.81 61.97 23.13
N VAL CA 52 -3.34 61.03 22.30
CA VAL CA 52 -2.04 60.39 22.54
C VAL CA 52 -0.91 61.38 22.31
N ASN CA 53 -0.99 62.18 21.24
CA ASN CA 53 0.04 63.17 20.98
C ASN CA 53 0.07 64.26 22.04
N GLY CA 54 -1.11 64.71 22.50
CA GLY CA 54 -1.16 65.70 23.56
C GLY CA 54 -0.70 65.16 24.90
N ALA CA 55 -1.00 63.90 25.19
CA ALA CA 55 -0.54 63.28 26.43
C ALA CA 55 0.98 63.11 26.43
N ALA CA 56 1.54 62.69 25.29
CA ALA CA 56 2.99 62.59 25.16
C ALA CA 56 3.65 63.95 25.30
N GLN CA 57 3.05 64.99 24.70
CA GLN CA 57 3.57 66.34 24.84
C GLN CA 57 3.47 66.85 26.27
N ALA CA 58 2.41 66.47 27.00
CA ALA CA 58 2.28 66.87 28.39
C ALA CA 58 3.32 66.19 29.27
N VAL CA 59 3.63 64.92 28.99
CA VAL CA 59 4.70 64.23 29.69
C VAL CA 59 6.05 64.89 29.39
N TYR CA 60 6.26 65.27 28.13
CA TYR CA 60 7.51 65.94 27.77
C TYR CA 60 7.60 67.33 28.38
N ASN CA 61 6.46 67.98 28.61
CA ASN CA 61 6.46 69.30 29.25
C ASN CA 61 6.76 69.18 30.74
N LYS CA 62 6.12 68.23 31.44
CA LYS CA 62 6.40 68.10 32.86
C LYS CA 62 7.74 67.41 33.13
N PHE CA 63 8.15 66.51 32.24
CA PHE CA 63 9.42 65.80 32.37
C PHE CA 63 10.28 66.10 31.15
N PRO CA 64 10.96 67.25 31.12
CA PRO CA 64 11.79 67.57 29.95
C PRO CA 64 13.07 66.77 29.87
N TYR CA 65 13.53 66.20 30.99
CA TYR CA 65 14.74 65.38 31.00
C TYR CA 65 14.59 64.11 30.18
N THR CA 66 13.35 63.67 29.95
CA THR CA 66 13.10 62.56 29.05
C THR CA 66 13.48 62.92 27.62
N THR CA 67 13.27 64.17 27.23
CA THR CA 67 13.59 64.62 25.88
C THR CA 67 15.00 65.16 25.74
N GLN CA 68 15.75 65.24 26.83
CA GLN CA 68 17.09 65.83 26.81
C GLN CA 68 18.18 64.83 27.15
N THR CA 69 18.02 64.08 28.23
CA THR CA 69 19.06 63.15 28.66
C THR CA 69 19.11 61.93 27.77
N GLN CA 70 20.33 61.53 27.40
CA GLN CA 70 20.51 60.34 26.59
C GLN CA 70 20.27 59.09 27.40
N GLY CA 71 19.68 58.09 26.77
CA GLY CA 71 19.37 56.85 27.44
C GLY CA 71 18.32 56.08 26.68
N ASN CA 72 18.31 54.76 26.90
CA ASN CA 72 17.36 53.90 26.20
C ASN CA 72 15.94 54.12 26.70
N ASN CA 73 15.78 54.44 27.99
CA ASN CA 73 14.46 54.61 28.59
C ASN CA 73 13.87 55.99 28.35
N PHE CA 74 14.60 56.88 27.68
CA PHE CA 74 14.19 58.26 27.50
C PHE CA 74 13.80 58.53 26.05
N ALA CA 75 13.05 59.61 25.86
CA ALA CA 75 12.55 60.00 24.54
C ALA CA 75 13.36 61.15 23.95
N ALA CA 76 14.68 61.14 24.16
CA ALA CA 76 15.53 62.22 23.65
C ALA CA 76 15.65 62.18 22.14
N ASP CA 77 15.63 60.99 21.55
CA ASP CA 77 15.66 60.82 20.11
C ASP CA 77 14.29 60.41 19.58
N GLN CA 78 14.24 60.12 18.27
CA GLN CA 78 12.96 59.78 17.65
C GLN CA 78 12.49 58.40 18.06
N ARG CA 79 13.43 57.48 18.30
CA ARG CA 79 13.10 56.12 18.72
C ARG CA 79 12.37 56.10 20.06
N GLY CA 80 12.87 56.87 21.03
CA GLY CA 80 12.20 56.98 22.32
C GLY CA 80 10.85 57.67 22.24
N LYS CA 81 10.72 58.64 21.32
CA LYS CA 81 9.44 59.32 21.15
C LYS CA 81 8.39 58.41 20.53
N ASP CA 82 8.79 57.58 19.56
CA ASP CA 82 7.85 56.59 19.02
C ASP CA 82 7.51 55.53 20.05
N LYS CA 83 8.47 55.14 20.89
CA LYS CA 83 8.18 54.20 21.97
C LYS CA 83 7.19 54.80 22.97
N CYS CA 84 7.36 56.07 23.30
CA CYS CA 84 6.44 56.74 24.22
C CYS CA 84 5.05 56.89 23.62
N ALA CA 85 4.96 57.27 22.34
CA ALA CA 85 3.66 57.40 21.69
C ALA CA 85 2.97 56.05 21.57
N ARG CA 86 3.74 54.98 21.31
CA ARG CA 86 3.18 53.63 21.28
C ARG CA 86 2.68 53.21 22.65
N ASP CA 87 3.41 53.57 23.72
CA ASP CA 87 2.96 53.27 25.07
C ASP CA 87 1.66 54.00 25.43
N ILE CA 88 1.56 55.28 25.03
CA ILE CA 88 0.36 56.04 25.35
C ILE CA 88 -0.82 55.53 24.53
N GLY CA 89 -0.56 55.13 23.28
CA GLY CA 89 -1.59 54.48 22.47
C GLY CA 89 -2.04 53.16 23.06
N TYR CA 90 -1.11 52.41 23.67
CA TYR CA 90 -1.46 51.19 24.38
C TYR CA 90 -2.36 51.48 25.57
N TYR CA 91 -2.00 52.49 26.38
CA TYR CA 91 -2.78 52.82 27.56
C TYR CA 91 -4.19 53.26 27.17
N LEU CA 92 -4.31 54.10 26.15
CA LEU CA 92 -5.61 54.54 25.68
C LEU CA 92 -6.40 53.41 25.02
N ARG CA 93 -5.72 52.49 24.33
CA ARG CA 93 -6.42 51.41 23.63
C ARG CA 93 -7.02 50.40 24.61
N ILE CA 94 -6.25 49.99 25.61
CA ILE CA 94 -6.83 49.17 26.68
C ILE CA 94 -7.81 49.93 27.58
N VAL CA 95 -7.72 51.27 27.68
CA VAL CA 95 -8.82 52.01 28.33
C VAL CA 95 -10.11 51.92 27.50
N THR CA 96 -10.00 52.01 26.17
CA THR CA 96 -11.18 51.84 25.31
C THR CA 96 -11.72 50.41 25.38
N TYR CA 97 -10.83 49.42 25.49
CA TYR CA 97 -11.27 48.04 25.69
C TYR CA 97 -12.00 47.88 27.01
N CYS CA 98 -11.57 48.60 28.04
CA CYS CA 98 -12.26 48.55 29.32
C CYS CA 98 -13.63 49.24 29.26
N LEU CA 99 -13.73 50.31 28.48
CA LEU CA 99 -15.02 50.96 28.25
C LEU CA 99 -15.98 50.06 27.48
N VAL CA 100 -15.44 49.33 26.50
CA VAL CA 100 -16.26 48.37 25.75
C VAL CA 100 -16.69 47.22 26.64
N ALA CA 101 -15.75 46.68 27.43
CA ALA CA 101 -16.02 45.49 28.22
C ALA CA 101 -16.92 45.79 29.42
N GLY CA 102 -16.70 46.93 30.07
CA GLY CA 102 -17.47 47.26 31.25
C GLY CA 102 -16.78 46.98 32.56
N GLY CA 103 -15.48 46.72 32.53
CA GLY CA 103 -14.71 46.52 33.76
C GLY CA 103 -13.25 46.69 33.48
N THR CA 104 -12.46 46.61 34.53
CA THR CA 104 -11.00 46.81 34.44
C THR CA 104 -10.26 45.55 34.04
N GLY CA 105 -10.96 44.54 33.54
CA GLY CA 105 -10.39 43.30 33.09
C GLY CA 105 -9.34 43.38 31.99
N PRO CA 106 -9.60 44.15 30.92
CA PRO CA 106 -8.51 44.40 29.96
C PRO CA 106 -7.27 45.08 30.55
N LEU CA 107 -7.44 46.01 31.50
CA LEU CA 107 -6.26 46.55 32.19
C LEU CA 107 -5.55 45.48 33.00
N ASP CA 108 -6.32 44.60 33.65
CA ASP CA 108 -5.73 43.55 34.48
C ASP CA 108 -4.95 42.56 33.63
N GLU CA 109 -5.55 42.06 32.56
CA GLU CA 109 -4.92 41.06 31.71
C GLU CA 109 -3.83 41.63 30.81
N TYR CA 110 -4.01 42.84 30.29
CA TYR CA 110 -3.09 43.38 29.30
C TYR CA 110 -2.10 44.38 29.88
N LEU CA 111 -2.49 45.16 30.88
CA LEU CA 111 -1.65 46.29 31.28
C LEU CA 111 -1.15 46.21 32.71
N ILE CA 112 -2.03 45.94 33.69
CA ILE CA 112 -1.65 46.10 35.09
C ILE CA 112 -0.72 44.97 35.54
N ALA CA 113 -1.01 43.73 35.13
CA ALA CA 113 -0.24 42.59 35.59
C ALA CA 113 1.14 42.58 34.92
N GLY CA 114 2.18 42.69 35.74
CA GLY CA 114 3.54 42.66 35.27
C GLY CA 114 4.16 44.01 34.95
N ILE CA 115 3.39 45.11 35.05
CA ILE CA 115 3.91 46.42 34.66
C ILE CA 115 4.96 46.94 35.64
N ASP CA 116 5.01 46.41 36.87
CA ASP CA 116 6.03 46.87 37.80
C ASP CA 116 7.42 46.34 37.44
N GLU CA 117 7.54 45.08 37.02
CA GLU CA 117 8.83 44.66 36.49
C GLU CA 117 9.11 45.20 35.09
N ILE CA 118 8.07 45.62 34.35
CA ILE CA 118 8.30 46.35 33.11
C ILE CA 118 8.98 47.69 33.40
N ASN CA 119 8.47 48.42 34.39
CA ASN CA 119 9.03 49.71 34.75
C ASN CA 119 10.38 49.57 35.44
N ARG CA 120 10.58 48.49 36.21
CA ARG CA 120 11.85 48.30 36.88
C ARG CA 120 12.92 47.83 35.91
N THR CA 121 12.58 46.93 35.00
CA THR CA 121 13.56 46.33 34.09
C THR CA 121 14.03 47.35 33.05
N PHE CA 122 13.10 48.07 32.46
CA PHE CA 122 13.43 49.00 31.38
C PHE CA 122 13.57 50.43 31.87
N ASP CA 123 13.64 50.64 33.19
CA ASP CA 123 13.97 51.92 33.83
C ASP CA 123 12.96 53.02 33.48
N LEU CA 124 11.70 52.63 33.31
CA LEU CA 124 10.65 53.57 32.98
C LEU CA 124 10.00 54.08 34.26
N SER CA 125 9.92 55.39 34.40
CA SER CA 125 9.26 55.95 35.58
C SER CA 125 7.76 55.88 35.40
N PRO CA 126 7.02 55.35 36.38
CA PRO CA 126 5.55 55.30 36.26
C PRO CA 126 4.88 56.66 36.33
N SER CA 127 5.57 57.69 36.84
CA SER CA 127 4.98 59.03 36.91
C SER CA 127 4.75 59.64 35.54
N TRP CA 128 5.53 59.22 34.54
CA TRP CA 128 5.28 59.64 33.15
C TRP CA 128 3.91 59.16 32.68
N TYR CA 129 3.63 57.87 32.89
CA TYR CA 129 2.34 57.33 32.50
C TYR CA 129 1.22 57.88 33.37
N VAL CA 130 1.51 58.20 34.63
CA VAL CA 130 0.54 58.87 35.50
C VAL CA 130 0.16 60.24 34.94
N GLU CA 131 1.14 61.01 34.48
CA GLU CA 131 0.85 62.32 33.90
C GLU CA 131 0.10 62.21 32.56
N ALA CA 132 0.42 61.18 31.77
CA ALA CA 132 -0.31 60.95 30.53
C ALA CA 132 -1.77 60.59 30.80
N LEU CA 133 -2.01 59.71 31.78
CA LEU CA 133 -3.38 59.35 32.12
C LEU CA 133 -4.13 60.54 32.74
N LYS CA 134 -3.44 61.42 33.45
CA LYS CA 134 -4.12 62.63 33.93
C LYS CA 134 -4.38 63.63 32.80
N TYR CA 135 -3.60 63.59 31.72
CA TYR CA 135 -3.98 64.38 30.56
C TYR CA 135 -5.23 63.80 29.92
N ILE CA 136 -5.33 62.47 29.88
CA ILE CA 136 -6.53 61.83 29.31
C ILE CA 136 -7.75 62.10 30.19
N LYS CA 137 -7.54 62.19 31.51
CA LYS CA 137 -8.53 62.78 32.42
C LYS CA 137 -8.94 64.18 31.99
N ALA CA 138 -7.96 65.06 31.77
CA ALA CA 138 -8.27 66.47 31.59
C ALA CA 138 -8.83 66.81 30.21
N ASN CA 139 -8.64 65.96 29.20
CA ASN CA 139 -8.91 66.40 27.83
C ASN CA 139 -9.67 65.39 26.96
N HIS CA 140 -10.43 64.47 27.56
CA HIS CA 140 -11.19 63.55 26.72
C HIS CA 140 -12.56 64.13 26.32
N GLY CA 141 -13.05 65.13 27.05
CA GLY CA 141 -14.24 65.85 26.64
C GLY CA 141 -15.56 65.15 26.86
N LEU CA 142 -15.58 64.03 27.55
CA LEU CA 142 -16.81 63.31 27.81
C LEU CA 142 -17.59 64.00 28.93
N SER CA 143 -18.88 63.66 29.03
CA SER CA 143 -19.75 64.21 30.05
C SER CA 143 -20.75 63.13 30.48
N GLY CA 144 -21.24 63.26 31.71
CA GLY CA 144 -22.29 62.36 32.16
C GLY CA 144 -21.75 61.02 32.59
N ASP CA 145 -22.45 59.95 32.21
CA ASP CA 145 -22.06 58.61 32.61
C ASP CA 145 -20.82 58.13 31.87
N ALA CA 146 -20.62 58.62 30.64
CA ALA CA 146 -19.46 58.21 29.86
C ALA CA 146 -18.17 58.78 30.45
N ARG CA 147 -18.25 59.97 31.04
CA ARG CA 147 -17.08 60.58 31.66
C ARG CA 147 -16.69 59.86 32.93
N ASP CA 148 -17.67 59.49 33.75
CA ASP CA 148 -17.37 58.85 35.02
C ASP CA 148 -16.95 57.40 34.83
N GLU CA 149 -17.48 56.74 33.79
CA GLU CA 149 -17.09 55.37 33.50
C GLU CA 149 -15.67 55.31 32.96
N ALA CA 150 -15.30 56.26 32.10
CA ALA CA 150 -13.94 56.34 31.59
C ALA CA 150 -12.96 56.69 32.70
N ASN CA 151 -13.34 57.61 33.58
CA ASN CA 151 -12.46 58.05 34.66
C ASN CA 151 -12.19 56.97 35.68
N SER CA 152 -13.07 55.96 35.78
CA SER CA 152 -12.79 54.80 36.62
C SER CA 152 -11.60 54.01 36.08
N TYR CA 153 -11.54 53.82 34.76
CA TYR CA 153 -10.45 53.05 34.16
C TYR CA 153 -9.16 53.87 34.13
N LEU CA 154 -9.28 55.18 33.96
CA LEU CA 154 -8.11 56.05 34.03
C LEU CA 154 -7.50 56.02 35.43
N ASP CA 155 -8.33 56.22 36.46
CA ASP CA 155 -7.83 56.29 37.83
C ASP CA 155 -7.39 54.93 38.35
N TYR CA 156 -7.93 53.84 37.80
CA TYR CA 156 -7.46 52.51 38.19
C TYR CA 156 -6.03 52.28 37.72
N ALA CA 157 -5.71 52.74 36.50
CA ALA CA 157 -4.33 52.66 36.03
C ALA CA 157 -3.45 53.68 36.74
N ILE CA 158 -4.03 54.79 37.20
CA ILE CA 158 -3.29 55.74 38.04
C ILE CA 158 -2.90 55.10 39.37
N ASN CA 159 -3.87 54.42 40.00
CA ASN CA 159 -3.64 53.86 41.32
C ASN CA 159 -2.73 52.64 41.27
N ALA CA 160 -2.69 51.94 40.13
CA ALA CA 160 -1.77 50.83 39.98
C ALA CA 160 -0.33 51.32 39.78
N LEU CA 161 -0.16 52.38 38.99
CA LEU CA 161 1.18 52.89 38.75
C LEU CA 161 1.73 53.66 39.94
N SER CA 162 0.89 54.46 40.59
CA SER CA 162 1.32 55.24 41.74
C SER CA 162 0.93 54.55 43.04
N MET DA 1 -12.09 33.26 30.77
CA MET DA 1 -13.37 33.22 30.07
C MET DA 1 -13.75 34.60 29.54
N PHE DA 2 -14.69 34.63 28.59
CA PHE DA 2 -15.08 35.86 27.93
C PHE DA 2 -16.59 35.97 27.90
N ASP DA 3 -17.06 37.19 27.64
CA ASP DA 3 -18.45 37.41 27.24
C ASP DA 3 -18.45 38.04 25.85
N VAL DA 4 -19.62 38.54 25.45
CA VAL DA 4 -19.80 39.12 24.11
C VAL DA 4 -18.95 40.38 23.93
N PHE DA 5 -18.65 41.10 25.02
CA PHE DA 5 -17.81 42.28 24.91
C PHE DA 5 -16.33 41.94 24.96
N THR DA 6 -15.93 41.11 25.93
CA THR DA 6 -14.52 40.78 26.10
C THR DA 6 -13.98 39.88 25.00
N ARG DA 7 -14.85 39.15 24.28
CA ARG DA 7 -14.37 38.41 23.12
C ARG DA 7 -13.88 39.35 22.02
N VAL DA 8 -14.70 40.34 21.67
CA VAL DA 8 -14.33 41.34 20.66
C VAL DA 8 -13.15 42.17 21.15
N VAL DA 9 -13.09 42.43 22.46
CA VAL DA 9 -11.92 43.04 23.08
C VAL DA 9 -10.68 42.17 22.86
N SER DA 10 -10.85 40.84 22.95
CA SER DA 10 -9.71 39.93 22.80
C SER DA 10 -9.16 39.93 21.37
N GLN DA 11 -10.01 39.78 20.34
CA GLN DA 11 -9.35 39.83 19.03
C GLN DA 11 -9.01 41.26 18.59
N ALA DA 12 -9.64 42.29 19.16
CA ALA DA 12 -9.21 43.66 18.88
C ALA DA 12 -7.83 43.93 19.47
N ASP DA 13 -7.57 43.41 20.67
CA ASP DA 13 -6.24 43.50 21.26
C ASP DA 13 -5.24 42.61 20.54
N ALA DA 14 -5.71 41.48 20.00
CA ALA DA 14 -4.84 40.60 19.23
C ALA DA 14 -4.40 41.26 17.92
N ARG DA 15 -5.31 41.92 17.20
CA ARG DA 15 -4.90 42.65 16.01
C ARG DA 15 -4.44 44.06 16.33
N GLY DA 16 -4.60 44.52 17.57
CA GLY DA 16 -4.00 45.75 18.06
C GLY DA 16 -4.49 47.06 17.49
N GLU DA 17 -5.80 47.23 17.36
CA GLU DA 17 -6.35 48.54 17.07
C GLU DA 17 -7.65 48.70 17.85
N TYR DA 18 -8.21 49.89 17.78
CA TYR DA 18 -9.46 50.20 18.44
C TYR DA 18 -10.61 49.49 17.74
N LEU DA 19 -11.72 49.32 18.46
CA LEU DA 19 -12.90 48.71 17.86
C LEU DA 19 -13.50 49.65 16.81
N SER DA 20 -13.89 49.06 15.69
CA SER DA 20 -14.49 49.83 14.61
C SER DA 20 -15.92 50.23 14.98
N GLY DA 21 -16.46 51.17 14.22
CA GLY DA 21 -17.82 51.64 14.46
C GLY DA 21 -18.87 50.57 14.20
N SER DA 22 -18.60 49.66 13.27
CA SER DA 22 -19.51 48.53 13.03
C SER DA 22 -19.52 47.59 14.23
N GLN DA 23 -18.36 47.36 14.85
CA GLN DA 23 -18.30 46.52 16.04
C GLN DA 23 -19.02 47.17 17.21
N LEU DA 24 -18.91 48.49 17.36
CA LEU DA 24 -19.62 49.19 18.42
C LEU DA 24 -21.12 49.20 18.16
N ASP DA 25 -21.55 49.29 16.90
CA ASP DA 25 -22.98 49.20 16.59
C ASP DA 25 -23.51 47.79 16.83
N ALA DA 26 -22.71 46.77 16.53
CA ALA DA 26 -23.11 45.39 16.82
C ALA DA 26 -23.22 45.15 18.32
N LEU DA 27 -22.30 45.74 19.09
CA LEU DA 27 -22.40 45.61 20.55
C LEU DA 27 -23.57 46.42 21.10
N SER DA 28 -23.92 47.54 20.46
CA SER DA 28 -25.11 48.28 20.85
C SER DA 28 -26.38 47.47 20.56
N ALA DA 29 -26.39 46.74 19.45
CA ALA DA 29 -27.49 45.83 19.15
C ALA DA 29 -27.54 44.69 20.17
N THR DA 30 -26.38 44.23 20.62
CA THR DA 30 -26.33 43.23 21.70
C THR DA 30 -26.91 43.78 23.01
N VAL DA 31 -26.60 45.04 23.32
CA VAL DA 31 -27.16 45.68 24.51
C VAL DA 31 -28.67 45.83 24.39
N ALA DA 32 -29.16 46.14 23.18
CA ALA DA 32 -30.59 46.19 22.93
C ALA DA 32 -31.26 44.83 23.10
N GLU DA 33 -30.58 43.76 22.65
CA GLU DA 33 -31.08 42.40 22.85
C GLU DA 33 -30.88 41.89 24.27
N GLY DA 34 -30.14 42.64 25.10
CA GLY DA 34 -29.79 42.17 26.43
C GLY DA 34 -30.95 41.95 27.38
N ASN DA 35 -31.99 42.78 27.30
CA ASN DA 35 -33.15 42.58 28.16
C ASN DA 35 -33.87 41.28 27.83
N LYS DA 36 -33.97 40.97 26.53
CA LYS DA 36 -34.51 39.69 26.08
C LYS DA 36 -33.62 38.54 26.51
N ARG DA 37 -32.31 38.76 26.49
CA ARG DA 37 -31.35 37.76 26.95
C ARG DA 37 -31.53 37.45 28.44
N ILE DA 38 -31.70 38.50 29.26
CA ILE DA 38 -31.91 38.31 30.69
C ILE DA 38 -33.26 37.66 30.96
N ASP DA 39 -34.28 37.98 30.14
CA ASP DA 39 -35.57 37.29 30.22
C ASP DA 39 -35.42 35.79 29.94
N SER DA 40 -34.65 35.43 28.90
CA SER DA 40 -34.45 34.03 28.56
C SER DA 40 -33.69 33.29 29.65
N VAL DA 41 -32.66 33.92 30.22
CA VAL DA 41 -31.90 33.34 31.33
C VAL DA 41 -32.80 33.15 32.54
N ASN DA 42 -33.65 34.14 32.82
CA ASN DA 42 -34.56 34.06 33.97
C ASN DA 42 -35.57 32.95 33.82
N ARG DA 43 -36.13 32.77 32.62
CA ARG DA 43 -37.14 31.72 32.46
C ARG DA 43 -36.53 30.32 32.45
N ILE DA 44 -35.34 30.15 31.85
CA ILE DA 44 -34.70 28.82 31.90
C ILE DA 44 -34.25 28.49 33.32
N THR DA 45 -33.76 29.50 34.07
CA THR DA 45 -33.42 29.29 35.47
C THR DA 45 -34.66 28.97 36.30
N GLY DA 46 -35.78 29.65 36.02
CA GLY DA 46 -37.00 29.42 36.77
C GLY DA 46 -37.61 28.06 36.53
N ASN DA 47 -37.45 27.51 35.32
CA ASN DA 47 -37.99 26.18 35.03
C ASN DA 47 -36.90 25.14 34.84
N ALA DA 48 -35.72 25.35 35.42
CA ALA DA 48 -34.57 24.45 35.25
C ALA DA 48 -34.86 23.04 35.77
N SER DA 49 -35.43 22.93 36.98
CA SER DA 49 -35.69 21.60 37.53
C SER DA 49 -36.78 20.86 36.77
N ALA DA 50 -37.79 21.61 36.29
CA ALA DA 50 -38.82 21.01 35.44
C ALA DA 50 -38.23 20.52 34.12
N ILE DA 51 -37.31 21.31 33.54
CA ILE DA 51 -36.64 20.92 32.30
C ILE DA 51 -35.83 19.66 32.49
N VAL DA 52 -35.03 19.61 33.57
CA VAL DA 52 -34.15 18.47 33.82
C VAL DA 52 -34.96 17.21 34.11
N SER DA 53 -36.02 17.33 34.94
CA SER DA 53 -36.85 16.17 35.27
C SER DA 53 -37.62 15.66 34.06
N ASN DA 54 -38.22 16.56 33.27
CA ASN DA 54 -39.00 16.13 32.11
C ASN DA 54 -38.10 15.57 31.02
N ALA DA 55 -36.92 16.16 30.82
CA ALA DA 55 -35.99 15.68 29.81
C ALA DA 55 -35.40 14.34 30.20
N ALA DA 56 -35.12 14.14 31.50
CA ALA DA 56 -34.66 12.84 31.97
C ALA DA 56 -35.75 11.78 31.83
N ARG DA 57 -37.00 12.15 32.14
CA ARG DA 57 -38.12 11.22 32.00
C ARG DA 57 -38.32 10.80 30.56
N ALA DA 58 -38.27 11.75 29.63
CA ALA DA 58 -38.40 11.41 28.22
C ALA DA 58 -37.19 10.63 27.71
N LEU DA 59 -35.98 11.02 28.11
CA LEU DA 59 -34.77 10.34 27.66
C LEU DA 59 -34.73 8.89 28.13
N PHE DA 60 -35.17 8.64 29.36
CA PHE DA 60 -35.20 7.27 29.83
C PHE DA 60 -36.51 6.57 29.47
N ALA DA 61 -37.46 7.29 28.86
CA ALA DA 61 -38.62 6.65 28.25
C ALA DA 61 -38.30 6.07 26.88
N GLU DA 62 -37.76 6.87 25.96
CA GLU DA 62 -37.38 6.26 24.67
C GLU DA 62 -36.00 5.62 24.68
N GLN DA 63 -35.27 5.60 25.80
CA GLN DA 63 -34.07 4.77 25.93
C GLN DA 63 -34.15 3.99 27.24
N PRO DA 64 -34.92 2.90 27.26
CA PRO DA 64 -35.13 2.16 28.52
C PRO DA 64 -33.94 1.32 28.94
N GLN DA 65 -32.90 1.25 28.11
CA GLN DA 65 -31.71 0.41 28.43
C GLN DA 65 -30.83 1.13 29.47
N LEU DA 66 -30.94 2.45 29.58
CA LEU DA 66 -30.05 3.22 30.50
C LEU DA 66 -30.47 3.01 31.96
N ILE DA 67 -31.79 2.99 32.22
CA ILE DA 67 -32.30 2.82 33.61
C ILE DA 67 -32.37 1.31 33.91
N GLN DA 68 -32.29 0.48 32.88
CA GLN DA 68 -32.37 -1.00 33.08
C GLN DA 68 -31.21 -1.47 33.96
N PRO DA 69 -31.41 -2.45 34.87
CA PRO DA 69 -30.32 -2.97 35.67
C PRO DA 69 -29.07 -3.22 34.83
N GLY DA 70 -27.94 -2.66 35.26
CA GLY DA 70 -26.69 -2.78 34.50
C GLY DA 70 -26.49 -1.59 33.58
N GLY DA 71 -27.54 -0.78 33.39
CA GLY DA 71 -27.46 0.39 32.50
C GLY DA 71 -26.65 1.51 33.12
N ASN DA 72 -26.28 2.51 32.32
CA ASN DA 72 -25.41 3.62 32.82
C ASN DA 72 -26.19 4.46 33.83
N ALA DA 73 -27.51 4.55 33.70
CA ALA DA 73 -28.29 5.42 34.62
C ALA DA 73 -28.89 4.58 35.75
N TYR DA 74 -28.56 3.29 35.81
CA TYR DA 74 -29.07 2.42 36.90
C TYR DA 74 -28.30 2.71 38.19
N THR DA 75 -28.86 2.44 39.37
CA THR DA 75 -28.25 2.73 40.71
C THR DA 75 -28.45 4.19 41.08
N SER DA 76 -28.72 4.46 42.36
CA SER DA 76 -28.97 5.82 42.82
C SER DA 76 -27.78 6.74 42.59
N ARG DA 77 -26.56 6.20 42.68
CA ARG DA 77 -25.37 7.03 42.47
C ARG DA 77 -25.26 7.45 41.01
N ARG DA 78 -25.47 6.53 40.08
CA ARG DA 78 -25.33 6.86 38.66
C ARG DA 78 -26.51 7.71 38.18
N MET DA 79 -27.72 7.44 38.67
CA MET DA 79 -28.85 8.32 38.33
C MET DA 79 -28.69 9.71 38.93
N ALA DA 80 -28.18 9.81 40.15
CA ALA DA 80 -27.92 11.12 40.75
C ALA DA 80 -26.86 11.87 39.96
N ALA DA 81 -25.81 11.17 39.51
CA ALA DA 81 -24.80 11.79 38.67
C ALA DA 81 -25.34 12.18 37.29
N CYS DA 82 -26.28 11.41 36.75
CA CYS DA 82 -26.86 11.75 35.45
C CYS DA 82 -27.77 12.97 35.52
N LEU DA 83 -28.62 13.02 36.55
CA LEU DA 83 -29.46 14.19 36.77
C LEU DA 83 -28.61 15.42 37.09
N ARG DA 84 -27.52 15.22 37.82
CA ARG DA 84 -26.57 16.29 38.06
C ARG DA 84 -25.91 16.76 36.78
N ASP DA 85 -25.59 15.82 35.88
CA ASP DA 85 -24.98 16.18 34.59
C ASP DA 85 -25.92 17.00 33.73
N MET DA 86 -27.21 16.62 33.70
CA MET DA 86 -28.20 17.42 32.97
C MET DA 86 -28.36 18.81 33.58
N GLU DA 87 -28.37 18.89 34.92
CA GLU DA 87 -28.49 20.18 35.59
C GLU DA 87 -27.27 21.06 35.33
N ILE DA 88 -26.07 20.49 35.34
CA ILE DA 88 -24.85 21.24 35.06
C ILE DA 88 -24.81 21.71 33.60
N ILE DA 89 -25.23 20.86 32.66
CA ILE DA 89 -25.26 21.25 31.26
C ILE DA 89 -26.24 22.39 31.03
N LEU DA 90 -27.42 22.32 31.67
CA LEU DA 90 -28.37 23.42 31.62
C LEU DA 90 -27.82 24.68 32.28
N ARG DA 91 -27.07 24.50 33.38
CA ARG DA 91 -26.47 25.63 34.09
C ARG DA 91 -25.44 26.36 33.24
N TYR DA 92 -24.59 25.61 32.54
CA TYR DA 92 -23.59 26.25 31.69
C TYR DA 92 -24.19 26.80 30.41
N VAL DA 93 -25.30 26.22 29.94
CA VAL DA 93 -26.04 26.81 28.83
C VAL DA 93 -26.63 28.17 29.24
N THR DA 94 -27.17 28.25 30.46
CA THR DA 94 -27.62 29.55 30.98
C THR DA 94 -26.46 30.52 31.19
N TYR DA 95 -25.30 30.00 31.59
CA TYR DA 95 -24.09 30.84 31.71
C TYR DA 95 -23.69 31.43 30.38
N ALA DA 96 -23.66 30.60 29.33
CA ALA DA 96 -23.26 31.07 28.00
C ALA DA 96 -24.32 31.99 27.40
N THR DA 97 -25.60 31.74 27.68
CA THR DA 97 -26.66 32.66 27.27
C THR DA 97 -26.50 34.00 27.98
N PHE DA 98 -26.18 33.98 29.27
CA PHE DA 98 -26.02 35.18 30.06
C PHE DA 98 -24.85 36.03 29.57
N THR DA 99 -23.71 35.39 29.27
CA THR DA 99 -22.56 36.14 28.80
C THR DA 99 -22.71 36.60 27.36
N GLY DA 100 -23.45 35.85 26.55
CA GLY DA 100 -23.45 36.09 25.12
C GLY DA 100 -22.30 35.44 24.39
N ASP DA 101 -21.44 34.71 25.10
CA ASP DA 101 -20.35 33.97 24.51
C ASP DA 101 -20.33 32.58 25.11
N ALA DA 102 -19.90 31.60 24.32
CA ALA DA 102 -19.82 30.22 24.77
C ALA DA 102 -18.46 29.87 25.34
N SER DA 103 -17.70 30.86 25.82
CA SER DA 103 -16.38 30.60 26.37
C SER DA 103 -16.46 29.83 27.68
N VAL DA 104 -17.42 30.18 28.54
CA VAL DA 104 -17.59 29.43 29.78
C VAL DA 104 -18.10 28.01 29.49
N LEU DA 105 -18.98 27.87 28.51
CA LEU DA 105 -19.58 26.58 28.20
C LEU DA 105 -18.56 25.63 27.56
N GLU DA 106 -17.81 26.13 26.58
CA GLU DA 106 -16.76 25.33 25.95
C GLU DA 106 -15.59 25.09 26.90
N ASP DA 107 -15.11 26.14 27.57
CA ASP DA 107 -13.88 26.03 28.33
C ASP DA 107 -14.04 25.25 29.62
N ARG DA 108 -15.12 25.47 30.37
CA ARG DA 108 -15.18 24.86 31.69
C ARG DA 108 -16.14 23.66 31.74
N CYS DA 109 -17.08 23.56 30.82
CA CYS DA 109 -18.01 22.43 30.82
C CYS DA 109 -17.79 21.45 29.68
N LEU DA 110 -17.64 21.93 28.45
CA LEU DA 110 -17.59 21.05 27.30
C LEU DA 110 -16.19 20.57 26.95
N ASN DA 111 -15.15 21.16 27.52
CA ASN DA 111 -13.79 20.72 27.26
C ASN DA 111 -13.54 19.41 27.98
N GLY DA 112 -13.27 18.36 27.22
CA GLY DA 112 -13.00 17.06 27.81
C GLY DA 112 -14.21 16.26 28.18
N LEU DA 113 -15.42 16.73 27.87
CA LEU DA 113 -16.63 16.00 28.23
C LEU DA 113 -16.81 14.73 27.41
N ARG DA 114 -16.42 14.76 26.14
CA ARG DA 114 -16.43 13.55 25.32
C ARG DA 114 -15.45 12.52 25.85
N GLU DA 115 -14.25 12.95 26.20
CA GLU DA 115 -13.24 12.05 26.75
C GLU DA 115 -13.64 11.54 28.13
N THR DA 116 -14.27 12.40 28.95
CA THR DA 116 -14.79 11.98 30.25
C THR DA 116 -15.88 10.92 30.09
N TYR DA 117 -16.80 11.13 29.15
CA TYR DA 117 -17.90 10.19 28.97
C TYR DA 117 -17.45 8.90 28.30
N VAL DA 118 -16.39 8.96 27.50
CA VAL DA 118 -15.80 7.74 26.95
C VAL DA 118 -15.10 6.96 28.05
N ALA DA 119 -14.40 7.66 28.95
CA ALA DA 119 -13.71 7.02 30.06
C ALA DA 119 -14.68 6.36 31.05
N LEU DA 120 -15.78 7.05 31.36
CA LEU DA 120 -16.71 6.51 32.36
C LEU DA 120 -17.55 5.37 31.80
N GLY DA 121 -17.83 5.38 30.51
CA GLY DA 121 -18.84 4.52 29.97
C GLY DA 121 -20.15 5.19 29.71
N VAL DA 122 -20.22 6.51 29.88
CA VAL DA 122 -21.42 7.28 29.64
C VAL DA 122 -21.66 7.37 28.15
N PRO DA 123 -22.81 6.92 27.64
CA PRO DA 123 -23.08 7.00 26.20
C PRO DA 123 -23.34 8.44 25.78
N GLY DA 124 -22.49 8.95 24.89
CA GLY DA 124 -22.62 10.34 24.48
C GLY DA 124 -23.81 10.60 23.59
N ALA DA 125 -24.31 9.57 22.89
CA ALA DA 125 -25.51 9.73 22.09
C ALA DA 125 -26.74 9.93 22.96
N SER DA 126 -26.81 9.21 24.09
CA SER DA 126 -27.91 9.39 25.02
C SER DA 126 -27.87 10.75 25.69
N VAL DA 127 -26.68 11.23 26.06
CA VAL DA 127 -26.54 12.56 26.64
C VAL DA 127 -26.88 13.63 25.61
N ALA DA 128 -26.49 13.40 24.34
CA ALA DA 128 -26.86 14.33 23.27
C ALA DA 128 -28.36 14.36 23.07
N ALA DA 129 -29.03 13.20 23.18
CA ALA DA 129 -30.49 13.17 23.08
C ALA DA 129 -31.15 13.91 24.24
N GLY DA 130 -30.62 13.73 25.45
CA GLY DA 130 -31.15 14.47 26.60
C GLY DA 130 -30.92 15.96 26.50
N VAL DA 131 -29.77 16.37 25.95
CA VAL DA 131 -29.48 17.78 25.74
C VAL DA 131 -30.39 18.35 24.66
N GLN DA 132 -30.70 17.57 23.63
CA GLN DA 132 -31.67 18.00 22.62
C GLN DA 132 -33.06 18.18 23.22
N LYS DA 133 -33.50 17.25 24.07
CA LYS DA 133 -34.78 17.37 24.75
C LYS DA 133 -34.81 18.60 25.67
N MET DA 134 -33.70 18.88 26.34
CA MET DA 134 -33.55 20.12 27.09
C MET DA 134 -33.60 21.34 26.17
N LYS DA 135 -33.15 21.19 24.92
CA LYS DA 135 -33.20 22.31 23.98
C LYS DA 135 -34.64 22.65 23.60
N GLU DA 136 -35.46 21.64 23.23
CA GLU DA 136 -36.85 22.01 22.95
C GLU DA 136 -37.61 22.45 24.21
N ALA DA 137 -37.28 21.92 25.39
CA ALA DA 137 -37.95 22.40 26.60
C ALA DA 137 -37.59 23.86 26.90
N ALA DA 138 -36.31 24.22 26.78
CA ALA DA 138 -35.89 25.59 27.05
C ALA DA 138 -36.38 26.56 25.98
N LEU DA 139 -36.39 26.13 24.71
CA LEU DA 139 -36.88 27.02 23.67
C LEU DA 139 -38.40 27.16 23.70
N ASP DA 140 -39.13 26.16 24.22
CA ASP DA 140 -40.55 26.36 24.40
C ASP DA 140 -40.87 27.24 25.60
N ILE DA 141 -40.07 27.19 26.67
CA ILE DA 141 -40.39 28.10 27.76
C ILE DA 141 -39.89 29.51 27.46
N VAL DA 142 -38.85 29.67 26.64
CA VAL DA 142 -38.37 30.99 26.30
C VAL DA 142 -39.34 31.68 25.33
N ASN DA 143 -39.82 30.95 24.32
CA ASN DA 143 -40.72 31.50 23.33
C ASN DA 143 -42.18 31.51 23.78
N ASP DA 144 -42.47 31.33 25.06
CA ASP DA 144 -43.83 31.38 25.55
C ASP DA 144 -44.23 32.85 25.76
N PRO DA 145 -45.23 33.36 25.04
CA PRO DA 145 -45.56 34.79 25.14
C PRO DA 145 -46.38 35.15 26.37
N ASN DA 146 -46.82 34.19 27.17
CA ASN DA 146 -47.64 34.49 28.33
C ASN DA 146 -46.79 35.10 29.45
N GLY DA 147 -47.32 36.15 30.07
CA GLY DA 147 -46.66 36.77 31.20
C GLY DA 147 -45.44 37.60 30.88
N ILE DA 148 -45.31 38.05 29.64
CA ILE DA 148 -44.16 38.85 29.22
C ILE DA 148 -44.60 39.75 28.07
N THR DA 149 -43.99 40.93 27.98
CA THR DA 149 -44.30 41.84 26.88
C THR DA 149 -43.77 41.29 25.56
N ARG DA 150 -44.53 41.53 24.49
CA ARG DA 150 -44.24 40.93 23.20
C ARG DA 150 -43.01 41.54 22.55
N GLY DA 151 -42.48 40.84 21.56
CA GLY DA 151 -41.34 41.33 20.81
C GLY DA 151 -40.69 40.21 20.03
N ASP DA 152 -39.74 40.61 19.18
CA ASP DA 152 -39.00 39.69 18.34
C ASP DA 152 -37.84 39.11 19.14
N CYS DA 153 -37.79 37.79 19.25
CA CYS DA 153 -36.82 37.13 20.10
C CYS DA 153 -36.09 36.01 19.36
N SER DA 154 -36.06 36.08 18.04
CA SER DA 154 -35.49 35.00 17.24
C SER DA 154 -33.97 34.91 17.40
N ALA DA 155 -33.31 36.04 17.66
CA ALA DA 155 -31.86 36.05 17.79
C ALA DA 155 -31.41 35.34 19.06
N ILE DA 156 -32.05 35.65 20.20
CA ILE DA 156 -31.67 35.01 21.46
C ILE DA 156 -32.08 33.53 21.47
N VAL DA 157 -33.18 33.18 20.80
CA VAL DA 157 -33.59 31.79 20.68
C VAL DA 157 -32.60 31.01 19.82
N ALA DA 158 -32.13 31.63 18.73
CA ALA DA 158 -31.11 31.00 17.89
C ALA DA 158 -29.78 30.86 18.64
N GLU DA 159 -29.44 31.82 19.49
CA GLU DA 159 -28.22 31.73 20.29
C GLU DA 159 -28.31 30.61 21.33
N ILE DA 160 -29.47 30.48 21.99
CA ILE DA 160 -29.67 29.40 22.96
C ILE DA 160 -29.63 28.04 22.26
N ALA DA 161 -30.26 27.95 21.09
CA ALA DA 161 -30.22 26.72 20.31
C ALA DA 161 -28.81 26.37 19.87
N GLY DA 162 -28.02 27.39 19.50
CA GLY DA 162 -26.63 27.15 19.13
C GLY DA 162 -25.80 26.64 20.29
N TYR DA 163 -26.04 27.19 21.49
CA TYR DA 163 -25.36 26.69 22.68
C TYR DA 163 -25.80 25.27 23.01
N PHE DA 164 -27.07 24.95 22.74
CA PHE DA 164 -27.57 23.61 23.03
C PHE DA 164 -27.02 22.56 22.06
N ASP DA 165 -26.96 22.85 20.76
CA ASP DA 165 -26.28 21.93 19.87
C ASP DA 165 -24.78 21.92 20.06
N ARG DA 166 -24.20 22.99 20.64
CA ARG DA 166 -22.81 22.95 21.05
C ARG DA 166 -22.61 21.96 22.19
N ALA DA 167 -23.53 21.94 23.16
CA ALA DA 167 -23.49 20.97 24.24
C ALA DA 167 -23.74 19.55 23.73
N ALA DA 168 -24.66 19.40 22.78
CA ALA DA 168 -24.98 18.08 22.25
C ALA DA 168 -23.87 17.53 21.37
N ALA DA 169 -23.15 18.40 20.66
CA ALA DA 169 -22.06 17.95 19.80
C ALA DA 169 -20.78 17.69 20.57
N ALA DA 170 -20.70 18.09 21.83
CA ALA DA 170 -19.49 17.90 22.62
C ALA DA 170 -19.53 16.65 23.50
N VAL DA 171 -20.58 15.85 23.40
CA VAL DA 171 -20.66 14.60 24.17
C VAL DA 171 -20.62 13.44 23.20
N ALA DA 172 -21.03 13.66 21.96
CA ALA DA 172 -21.04 12.63 20.94
C ALA DA 172 -20.37 13.13 19.66
N MET EA 1 -5.72 2.71 69.60
CA MET EA 1 -5.33 1.47 70.24
C MET EA 1 -6.27 0.36 69.75
N LYS EA 2 -5.82 -0.38 68.74
CA LYS EA 2 -6.74 -1.09 67.88
C LYS EA 2 -7.22 -2.41 68.49
N THR EA 3 -8.53 -2.60 68.45
CA THR EA 3 -9.22 -3.84 68.76
C THR EA 3 -10.27 -4.02 67.66
N PRO EA 4 -10.99 -5.14 67.66
CA PRO EA 4 -12.20 -5.19 66.82
C PRO EA 4 -13.22 -4.09 67.10
N LEU EA 5 -13.49 -3.79 68.38
CA LEU EA 5 -14.52 -2.82 68.71
C LEU EA 5 -14.08 -1.39 68.40
N THR EA 6 -12.84 -1.04 68.75
CA THR EA 6 -12.36 0.32 68.54
C THR EA 6 -12.19 0.64 67.06
N GLU EA 7 -11.66 -0.31 66.27
CA GLU EA 7 -11.61 -0.11 64.83
C GLU EA 7 -12.97 -0.15 64.17
N ALA EA 8 -13.93 -0.90 64.73
CA ALA EA 8 -15.29 -0.87 64.20
C ALA EA 8 -15.92 0.51 64.39
N VAL EA 9 -15.77 1.08 65.59
CA VAL EA 9 -16.30 2.41 65.87
C VAL EA 9 -15.56 3.46 65.06
N SER EA 10 -14.23 3.30 64.89
CA SER EA 10 -13.45 4.25 64.11
C SER EA 10 -13.82 4.21 62.63
N THR EA 11 -14.08 3.02 62.09
CA THR EA 11 -14.53 2.89 60.71
C THR EA 11 -15.92 3.51 60.52
N ALA EA 12 -16.85 3.22 61.44
CA ALA EA 12 -18.19 3.79 61.34
C ALA EA 12 -18.18 5.30 61.51
N ASP EA 13 -17.31 5.82 62.37
CA ASP EA 13 -17.22 7.27 62.59
C ASP EA 13 -16.52 7.97 61.44
N SER EA 14 -15.55 7.31 60.80
CA SER EA 14 -14.97 7.83 59.57
C SER EA 14 -15.99 7.84 58.43
N GLN EA 15 -16.88 6.85 58.39
CA GLN EA 15 -18.02 6.91 57.48
C GLN EA 15 -18.99 8.02 57.87
N GLY EA 16 -19.05 8.38 59.15
CA GLY EA 16 -19.99 9.37 59.62
C GLY EA 16 -21.42 8.86 59.77
N ARG EA 17 -21.60 7.54 59.83
CA ARG EA 17 -22.93 6.97 59.95
C ARG EA 17 -22.95 5.95 61.08
N PHE EA 18 -24.10 5.30 61.23
CA PHE EA 18 -24.39 4.46 62.38
C PHE EA 18 -23.67 3.11 62.27
N LEU EA 19 -23.86 2.27 63.28
CA LEU EA 19 -23.21 0.97 63.37
C LEU EA 19 -24.05 -0.04 62.61
N SER EA 20 -23.61 -0.40 61.41
CA SER EA 20 -24.33 -1.34 60.57
C SER EA 20 -24.11 -2.78 61.02
N SER EA 21 -24.56 -3.75 60.22
CA SER EA 21 -24.35 -5.15 60.56
C SER EA 21 -22.91 -5.58 60.40
N THR EA 22 -22.09 -4.80 59.67
CA THR EA 22 -20.66 -5.06 59.56
C THR EA 22 -19.99 -5.01 60.92
N GLU EA 23 -20.20 -3.91 61.65
CA GLU EA 23 -19.64 -3.76 62.99
C GLU EA 23 -20.25 -4.74 63.98
N LEU EA 24 -21.52 -5.12 63.78
CA LEU EA 24 -22.13 -6.13 64.63
C LEU EA 24 -21.46 -7.49 64.43
N GLN EA 25 -21.11 -7.84 63.19
CA GLN EA 25 -20.36 -9.07 62.94
C GLN EA 25 -18.94 -8.99 63.50
N ILE EA 26 -18.34 -7.79 63.49
CA ILE EA 26 -17.05 -7.58 64.13
C ILE EA 26 -17.13 -7.87 65.63
N ALA EA 27 -18.18 -7.36 66.27
CA ALA EA 27 -18.40 -7.62 67.69
C ALA EA 27 -18.72 -9.09 67.95
N PHE EA 28 -19.35 -9.76 66.99
CA PHE EA 28 -19.65 -11.18 67.15
C PHE EA 28 -18.39 -12.03 67.09
N GLY EA 29 -17.46 -11.69 66.20
CA GLY EA 29 -16.18 -12.38 66.19
C GLY EA 29 -15.35 -12.10 67.44
N ARG EA 30 -15.40 -10.86 67.93
CA ARG EA 30 -14.77 -10.50 69.19
C ARG EA 30 -15.35 -11.29 70.36
N LEU EA 31 -16.67 -11.43 70.40
CA LEU EA 31 -17.32 -12.20 71.47
C LEU EA 31 -17.03 -13.69 71.33
N ARG EA 32 -16.92 -14.17 70.10
CA ARG EA 32 -16.66 -15.58 69.85
C ARG EA 32 -15.28 -15.98 70.36
N GLN EA 33 -14.29 -15.12 70.17
CA GLN EA 33 -12.93 -15.56 70.49
C GLN EA 33 -12.36 -14.86 71.74
N ALA EA 34 -13.14 -13.97 72.38
CA ALA EA 34 -12.66 -13.26 73.57
C ALA EA 34 -12.54 -14.18 74.78
N ASN EA 35 -13.39 -15.20 74.88
CA ASN EA 35 -13.29 -16.14 75.99
C ASN EA 35 -11.98 -16.94 75.91
N ALA EA 36 -11.62 -17.39 74.71
CA ALA EA 36 -10.34 -18.08 74.54
C ALA EA 36 -9.17 -17.15 74.76
N GLY EA 37 -9.32 -15.88 74.38
CA GLY EA 37 -8.29 -14.89 74.67
C GLY EA 37 -8.09 -14.66 76.16
N LEU EA 38 -9.19 -14.60 76.91
CA LEU EA 38 -9.10 -14.42 78.36
C LEU EA 38 -8.51 -15.64 79.05
N GLN EA 39 -8.87 -16.84 78.58
CA GLN EA 39 -8.26 -18.06 79.12
C GLN EA 39 -6.76 -18.12 78.82
N ALA EA 40 -6.36 -17.70 77.61
CA ALA EA 40 -4.94 -17.65 77.26
C ALA EA 40 -4.19 -16.63 78.11
N ALA EA 41 -4.82 -15.47 78.36
CA ALA EA 41 -4.21 -14.46 79.21
C ALA EA 41 -4.07 -14.94 80.65
N LYS EA 42 -5.08 -15.67 81.15
CA LYS EA 42 -4.99 -16.25 82.49
C LYS EA 42 -3.87 -17.27 82.60
N ALA EA 43 -3.73 -18.13 81.58
CA ALA EA 43 -2.69 -19.15 81.61
C ALA EA 43 -1.30 -18.54 81.51
N LEU EA 44 -1.12 -17.51 80.68
CA LEU EA 44 0.20 -16.87 80.61
C LEU EA 44 0.48 -16.02 81.84
N THR EA 45 -0.55 -15.45 82.47
CA THR EA 45 -0.36 -14.76 83.74
C THR EA 45 0.07 -15.74 84.83
N ASP EA 46 -0.49 -16.95 84.83
CA ASP EA 46 -0.09 -17.97 85.79
C ASP EA 46 1.34 -18.46 85.53
N ASN EA 47 1.72 -18.63 84.26
CA ASN EA 47 3.02 -19.19 83.93
C ASN EA 47 4.04 -18.13 83.52
N ALA EA 48 3.78 -16.86 83.88
CA ALA EA 48 4.61 -15.74 83.42
C ALA EA 48 6.05 -15.83 83.90
N GLN EA 49 6.26 -16.11 85.19
CA GLN EA 49 7.62 -16.12 85.73
C GLN EA 49 8.43 -17.28 85.16
N SER EA 50 7.81 -18.45 85.03
CA SER EA 50 8.48 -19.61 84.45
C SER EA 50 8.84 -19.39 82.98
N LEU EA 51 7.91 -18.80 82.20
CA LEU EA 51 8.20 -18.59 80.79
C LEU EA 51 9.19 -17.45 80.57
N VAL EA 52 9.19 -16.42 81.42
CA VAL EA 52 10.19 -15.36 81.29
C VAL EA 52 11.57 -15.88 81.65
N ASN EA 53 11.69 -16.67 82.73
CA ASN EA 53 12.98 -17.25 83.09
C ASN EA 53 13.47 -18.23 82.03
N GLY EA 54 12.58 -19.05 81.48
CA GLY EA 54 12.97 -19.97 80.42
C GLY EA 54 13.35 -19.26 79.13
N ALA EA 55 12.65 -18.17 78.81
CA ALA EA 55 12.98 -17.39 77.62
C ALA EA 55 14.33 -16.71 77.78
N ALA EA 56 14.62 -16.18 78.97
CA ALA EA 56 15.94 -15.59 79.23
C ALA EA 56 17.04 -16.64 79.15
N GLN EA 57 16.76 -17.85 79.66
CA GLN EA 57 17.72 -18.94 79.54
C GLN EA 57 17.95 -19.34 78.09
N ALA EA 58 16.90 -19.34 77.28
CA ALA EA 58 17.05 -19.67 75.86
C ALA EA 58 17.83 -18.59 75.11
N VAL EA 59 17.63 -17.32 75.48
CA VAL EA 59 18.40 -16.24 74.90
C VAL EA 59 19.88 -16.37 75.26
N TYR EA 60 20.17 -16.71 76.52
CA TYR EA 60 21.55 -16.92 76.92
C TYR EA 60 22.15 -18.17 76.28
N ASN EA 61 21.31 -19.16 75.96
CA ASN EA 61 21.80 -20.36 75.30
C ASN EA 61 22.13 -20.10 73.84
N LYS EA 62 21.25 -19.39 73.11
CA LYS EA 62 21.54 -19.11 71.71
C LYS EA 62 22.58 -18.01 71.56
N PHE EA 63 22.60 -17.04 72.48
CA PHE EA 63 23.52 -15.91 72.43
C PHE EA 63 24.34 -15.90 73.71
N PRO EA 64 25.37 -16.75 73.80
CA PRO EA 64 26.18 -16.79 75.03
C PRO EA 64 27.07 -15.58 75.21
N TYR EA 65 27.36 -14.85 74.13
CA TYR EA 65 28.20 -13.65 74.21
C TYR EA 65 27.56 -12.55 75.03
N THR EA 66 26.23 -12.58 75.21
CA THR EA 66 25.58 -11.63 76.10
C THR EA 66 25.95 -11.87 77.56
N THR EA 67 26.32 -13.09 77.91
CA THR EA 67 26.64 -13.40 79.31
C THR EA 67 28.13 -13.28 79.64
N GLN EA 68 28.99 -13.06 78.65
CA GLN EA 68 30.42 -13.01 78.90
C GLN EA 68 31.11 -11.75 78.41
N THR EA 69 30.51 -11.00 77.49
CA THR EA 69 31.11 -9.76 77.01
C THR EA 69 30.67 -8.61 77.91
N GLN EA 70 31.64 -7.85 78.40
CA GLN EA 70 31.34 -6.74 79.30
C GLN EA 70 30.78 -5.57 78.52
N GLY EA 71 29.65 -5.04 78.97
CA GLY EA 71 29.03 -3.90 78.32
C GLY EA 71 27.70 -3.52 78.96
N ASN EA 72 27.27 -2.27 78.74
CA ASN EA 72 26.01 -1.83 79.30
C ASN EA 72 24.82 -2.43 78.57
N ASN EA 73 24.99 -2.79 77.31
CA ASN EA 73 23.94 -3.42 76.54
C ASN EA 73 23.82 -4.92 76.79
N PHE EA 74 24.80 -5.51 77.47
CA PHE EA 74 24.88 -6.96 77.64
C PHE EA 74 24.48 -7.36 79.06
N ALA EA 75 24.28 -8.66 79.23
CA ALA EA 75 23.87 -9.24 80.51
C ALA EA 75 25.02 -9.94 81.21
N ALA EA 76 26.23 -9.38 81.13
CA ALA EA 76 27.39 -9.98 81.79
C ALA EA 76 27.30 -9.85 83.30
N ASP EA 77 26.70 -8.77 83.79
CA ASP EA 77 26.48 -8.58 85.22
C ASP EA 77 25.04 -8.89 85.59
N GLN EA 78 24.73 -8.82 86.89
CA GLN EA 78 23.38 -9.09 87.36
C GLN EA 78 22.41 -8.00 86.94
N ARG EA 79 22.91 -6.78 86.75
CA ARG EA 79 22.07 -5.68 86.26
C ARG EA 79 21.57 -5.96 84.85
N GLY EA 80 22.44 -6.45 83.98
CA GLY EA 80 22.03 -6.76 82.62
C GLY EA 80 21.05 -7.92 82.53
N LYS EA 81 21.24 -8.93 83.38
CA LYS EA 81 20.27 -10.03 83.46
C LYS EA 81 18.93 -9.56 84.00
N ASP EA 82 18.94 -8.64 84.96
CA ASP EA 82 17.69 -8.10 85.50
C ASP EA 82 16.96 -7.27 84.44
N LYS EA 83 17.69 -6.47 83.67
CA LYS EA 83 17.09 -5.70 82.58
C LYS EA 83 16.55 -6.60 81.48
N CYS EA 84 17.27 -7.68 81.15
CA CYS EA 84 16.79 -8.63 80.15
C CYS EA 84 15.54 -9.36 80.63
N ALA EA 85 15.52 -9.77 81.90
CA ALA EA 85 14.37 -10.48 82.46
C ALA EA 85 13.15 -9.56 82.51
N ARG EA 86 13.34 -8.29 82.87
CA ARG EA 86 12.18 -7.40 82.90
C ARG EA 86 11.77 -6.98 81.48
N ASP EA 87 12.69 -6.99 80.51
CA ASP EA 87 12.30 -6.78 79.12
C ASP EA 87 11.44 -7.92 78.60
N ILE EA 88 11.83 -9.16 78.88
CA ILE EA 88 11.03 -10.31 78.47
C ILE EA 88 9.70 -10.34 79.23
N GLY EA 89 9.71 -9.90 80.50
CA GLY EA 89 8.46 -9.76 81.24
C GLY EA 89 7.54 -8.70 80.65
N TYR EA 90 8.13 -7.60 80.14
CA TYR EA 90 7.35 -6.60 79.42
C TYR EA 90 6.73 -7.19 78.16
N TYR EA 91 7.53 -7.96 77.40
CA TYR EA 91 7.04 -8.57 76.16
C TYR EA 91 5.87 -9.53 76.45
N LEU EA 92 6.01 -10.35 77.49
CA LEU EA 92 4.94 -11.27 77.87
C LEU EA 92 3.72 -10.54 78.43
N ARG EA 93 3.91 -9.44 79.17
CA ARG EA 93 2.79 -8.74 79.77
C ARG EA 93 1.96 -8.01 78.73
N ILE EA 94 2.60 -7.30 77.79
CA ILE EA 94 1.86 -6.76 76.65
C ILE EA 94 1.33 -7.84 75.68
N VAL EA 95 1.92 -9.04 75.64
CA VAL EA 95 1.26 -10.15 74.94
C VAL EA 95 -0.05 -10.55 75.63
N THR EA 96 -0.04 -10.64 76.96
CA THR EA 96 -1.29 -10.90 77.70
C THR EA 96 -2.30 -9.76 77.55
N TYR EA 97 -1.80 -8.52 77.45
CA TYR EA 97 -2.66 -7.37 77.18
C TYR EA 97 -3.32 -7.48 75.81
N CYS EA 98 -2.57 -7.95 74.81
CA CYS EA 98 -3.12 -8.17 73.49
C CYS EA 98 -4.14 -9.31 73.49
N LEU EA 99 -3.91 -10.33 74.32
CA LEU EA 99 -4.89 -11.41 74.45
C LEU EA 99 -6.18 -10.91 75.10
N VAL EA 100 -6.07 -10.05 76.11
CA VAL EA 100 -7.24 -9.48 76.77
C VAL EA 100 -7.99 -8.56 75.80
N ALA EA 101 -7.27 -7.67 75.13
CA ALA EA 101 -7.89 -6.71 74.22
C ALA EA 101 -8.42 -7.36 72.95
N GLY EA 102 -7.77 -8.42 72.48
CA GLY EA 102 -8.24 -9.08 71.27
C GLY EA 102 -7.69 -8.51 69.99
N GLY EA 103 -6.60 -7.77 70.06
CA GLY EA 103 -5.92 -7.27 68.88
C GLY EA 103 -4.50 -6.94 69.24
N THR EA 104 -3.73 -6.53 68.24
CA THR EA 104 -2.33 -6.19 68.46
C THR EA 104 -2.14 -4.76 68.96
N GLY EA 105 -3.22 -4.08 69.34
CA GLY EA 105 -3.19 -2.71 69.82
C GLY EA 105 -2.26 -2.40 70.98
N PRO EA 106 -2.32 -3.17 72.08
CA PRO EA 106 -1.32 -2.98 73.15
C PRO EA 106 0.12 -3.14 72.69
N LEU EA 107 0.41 -4.03 71.74
CA LEU EA 107 1.74 -4.07 71.15
C LEU EA 107 2.04 -2.79 70.38
N ASP EA 108 1.05 -2.27 69.65
CA ASP EA 108 1.25 -1.08 68.81
C ASP EA 108 1.55 0.19 69.61
N GLU EA 109 0.79 0.49 70.67
CA GLU EA 109 1.22 1.67 71.44
C GLU EA 109 2.19 1.38 72.57
N TYR EA 110 2.22 0.18 73.13
CA TYR EA 110 3.15 -0.04 74.22
C TYR EA 110 4.53 -0.45 73.73
N LEU EA 111 4.63 -1.36 72.76
CA LEU EA 111 5.92 -1.97 72.48
C LEU EA 111 6.43 -1.75 71.06
N ILE EA 112 5.58 -1.92 70.04
CA ILE EA 112 6.08 -1.96 68.66
C ILE EA 112 6.53 -0.58 68.19
N ALA EA 113 5.78 0.47 68.52
CA ALA EA 113 6.10 1.80 68.01
C ALA EA 113 7.34 2.36 68.70
N GLY EA 114 8.36 2.67 67.90
CA GLY EA 114 9.58 3.24 68.41
C GLY EA 114 10.65 2.24 68.83
N ILE EA 115 10.36 0.93 68.77
CA ILE EA 115 11.29 -0.08 69.26
C ILE EA 115 12.55 -0.17 68.38
N ASP EA 116 12.48 0.29 67.13
CA ASP EA 116 13.66 0.36 66.28
C ASP EA 116 14.67 1.37 66.85
N GLU EA 117 14.17 2.51 67.33
CA GLU EA 117 15.04 3.49 67.97
C GLU EA 117 15.59 2.99 69.29
N ILE EA 118 14.81 2.18 70.01
CA ILE EA 118 15.27 1.62 71.29
C ILE EA 118 16.40 0.63 71.06
N ASN EA 119 16.24 -0.24 70.06
CA ASN EA 119 17.27 -1.22 69.77
C ASN EA 119 18.49 -0.59 69.11
N ARG EA 120 18.29 0.51 68.37
CA ARG EA 120 19.41 1.20 67.74
C ARG EA 120 20.22 2.00 68.75
N THR EA 121 19.54 2.70 69.67
CA THR EA 121 20.22 3.61 70.58
C THR EA 121 21.02 2.84 71.64
N PHE EA 122 20.39 1.83 72.24
CA PHE EA 122 21.00 1.09 73.34
C PHE EA 122 21.73 -0.17 72.87
N ASP EA 123 21.89 -0.34 71.55
CA ASP EA 123 22.67 -1.42 70.92
C ASP EA 123 22.14 -2.79 71.31
N LEU EA 124 20.81 -2.91 71.37
CA LEU EA 124 20.15 -4.18 71.64
C LEU EA 124 19.92 -4.90 70.33
N SER EA 125 20.43 -6.12 70.21
CA SER EA 125 20.16 -6.92 69.03
C SER EA 125 18.72 -7.43 69.10
N PRO EA 126 17.90 -7.20 68.07
CA PRO EA 126 16.52 -7.71 68.11
C PRO EA 126 16.41 -9.22 68.04
N SER EA 127 17.46 -9.92 67.61
CA SER EA 127 17.45 -11.38 67.58
C SER EA 127 17.38 -12.01 68.96
N TRP EA 128 17.84 -11.29 70.00
CA TRP EA 128 17.66 -11.74 71.38
C TRP EA 128 16.18 -11.85 71.71
N TYR EA 129 15.43 -10.78 71.46
CA TYR EA 129 13.99 -10.80 71.70
C TYR EA 129 13.28 -11.74 70.75
N VAL EA 130 13.82 -11.95 69.54
CA VAL EA 130 13.27 -12.93 68.61
C VAL EA 130 13.36 -14.35 69.19
N GLU EA 131 14.52 -14.70 69.76
CA GLU EA 131 14.66 -16.01 70.40
C GLU EA 131 13.80 -16.12 71.66
N ALA EA 132 13.64 -15.02 72.40
CA ALA EA 132 12.74 -15.03 73.56
C ALA EA 132 11.30 -15.30 73.15
N LEU EA 133 10.85 -14.64 72.09
CA LEU EA 133 9.48 -14.86 71.62
C LEU EA 133 9.31 -16.24 71.00
N LYS EA 134 10.36 -16.81 70.40
CA LYS EA 134 10.27 -18.19 69.93
C LYS EA 134 10.22 -19.19 71.08
N TYR EA 135 10.87 -18.88 72.21
CA TYR EA 135 10.68 -19.71 73.40
C TYR EA 135 9.26 -19.62 73.92
N ILE EA 136 8.68 -18.42 73.92
CA ILE EA 136 7.30 -18.25 74.38
C ILE EA 136 6.34 -18.98 73.43
N LYS EA 137 6.65 -18.99 72.13
CA LYS EA 137 5.88 -19.79 71.19
C LYS EA 137 6.03 -21.28 71.44
N ALA EA 138 7.23 -21.72 71.83
CA ALA EA 138 7.48 -23.15 71.97
C ALA EA 138 6.87 -23.73 73.24
N ASN EA 139 6.70 -22.91 74.28
CA ASN EA 139 6.44 -23.44 75.62
C ASN EA 139 5.25 -22.82 76.34
N HIS EA 140 4.42 -22.02 75.66
CA HIS EA 140 3.23 -21.51 76.32
C HIS EA 140 2.18 -22.61 76.50
N GLY EA 141 2.16 -23.60 75.61
CA GLY EA 141 1.45 -24.83 75.86
C GLY EA 141 -0.06 -24.76 75.78
N LEU EA 142 -0.60 -23.77 75.08
CA LEU EA 142 -2.05 -23.70 74.92
C LEU EA 142 -2.49 -24.54 73.72
N SER EA 143 -3.80 -24.74 73.61
CA SER EA 143 -4.38 -25.51 72.53
C SER EA 143 -5.63 -24.82 72.02
N GLY EA 144 -5.91 -25.02 70.74
CA GLY EA 144 -7.14 -24.49 70.16
C GLY EA 144 -7.01 -23.02 69.84
N ASP EA 145 -8.07 -22.26 70.14
CA ASP EA 145 -8.09 -20.84 69.81
C ASP EA 145 -7.23 -20.02 70.75
N ALA EA 146 -6.90 -20.56 71.93
CA ALA EA 146 -6.02 -19.86 72.86
C ALA EA 146 -4.59 -19.82 72.35
N ARG EA 147 -4.12 -20.92 71.76
CA ARG EA 147 -2.78 -20.95 71.18
C ARG EA 147 -2.71 -20.14 69.90
N ASP EA 148 -3.82 -20.05 69.17
CA ASP EA 148 -3.82 -19.41 67.86
C ASP EA 148 -3.69 -17.89 67.97
N GLU EA 149 -4.33 -17.27 68.96
CA GLU EA 149 -3.99 -15.88 69.25
C GLU EA 149 -2.61 -15.75 69.88
N ALA EA 150 -2.20 -16.75 70.68
CA ALA EA 150 -0.88 -16.71 71.29
C ALA EA 150 0.21 -16.74 70.21
N ASN EA 151 0.03 -17.56 69.18
CA ASN EA 151 0.96 -17.50 68.05
C ASN EA 151 0.76 -16.22 67.23
N SER EA 152 -0.43 -15.62 67.28
CA SER EA 152 -0.68 -14.41 66.50
C SER EA 152 0.07 -13.21 67.05
N TYR EA 153 -0.01 -12.99 68.37
CA TYR EA 153 0.67 -11.84 68.97
C TYR EA 153 2.16 -12.07 69.09
N LEU EA 154 2.58 -13.33 69.23
CA LEU EA 154 4.00 -13.64 69.32
C LEU EA 154 4.70 -13.42 67.98
N ASP EA 155 4.11 -13.95 66.90
CA ASP EA 155 4.69 -13.75 65.57
C ASP EA 155 4.48 -12.33 65.05
N TYR EA 156 3.55 -11.56 65.63
CA TYR EA 156 3.45 -10.16 65.28
C TYR EA 156 4.67 -9.39 65.77
N ALA EA 157 5.10 -9.65 67.00
CA ALA EA 157 6.30 -9.00 67.52
C ALA EA 157 7.57 -9.64 66.95
N ILE EA 158 7.47 -10.88 66.46
CA ILE EA 158 8.58 -11.48 65.71
C ILE EA 158 8.77 -10.72 64.39
N ASN EA 159 7.67 -10.48 63.68
CA ASN EA 159 7.75 -9.85 62.37
C ASN EA 159 8.11 -8.37 62.46
N ALA EA 160 7.73 -7.72 63.56
CA ALA EA 160 8.08 -6.31 63.74
C ALA EA 160 9.54 -6.14 64.14
N LEU EA 161 10.12 -7.12 64.82
CA LEU EA 161 11.52 -7.05 65.23
C LEU EA 161 12.48 -7.60 64.19
N SER EA 162 11.97 -8.21 63.12
CA SER EA 162 12.84 -8.82 62.12
C SER EA 162 12.35 -8.48 60.71
N MET FA 1 -9.38 5.68 71.04
CA MET FA 1 -10.43 5.53 72.03
C MET FA 1 -10.19 4.28 72.86
N PHE FA 2 -11.13 3.98 73.76
CA PHE FA 2 -11.07 2.77 74.56
C PHE FA 2 -12.38 2.01 74.42
N ASP FA 3 -12.29 0.70 74.62
CA ASP FA 3 -13.45 -0.15 74.82
C ASP FA 3 -13.34 -0.74 76.24
N VAL FA 4 -14.21 -1.72 76.53
CA VAL FA 4 -14.22 -2.34 77.85
C VAL FA 4 -12.94 -3.14 78.11
N PHE FA 5 -12.24 -3.58 77.07
CA PHE FA 5 -11.02 -4.34 77.23
C PHE FA 5 -9.79 -3.45 77.37
N THR FA 6 -9.60 -2.49 76.45
CA THR FA 6 -8.43 -1.62 76.54
C THR FA 6 -8.49 -0.63 77.70
N ARG FA 7 -9.66 -0.42 78.30
CA ARG FA 7 -9.72 0.38 79.53
C ARG FA 7 -8.96 -0.29 80.66
N VAL FA 8 -9.25 -1.57 80.91
CA VAL FA 8 -8.56 -2.28 81.99
C VAL FA 8 -7.15 -2.66 81.56
N VAL FA 9 -6.90 -2.82 80.24
CA VAL FA 9 -5.52 -2.96 79.76
C VAL FA 9 -4.70 -1.71 80.06
N SER FA 10 -5.25 -0.52 79.82
CA SER FA 10 -4.52 0.71 80.08
C SER FA 10 -4.34 0.94 81.58
N GLN FA 11 -5.33 0.57 82.39
CA GLN FA 11 -5.17 0.65 83.84
C GLN FA 11 -4.08 -0.30 84.35
N ALA FA 12 -4.04 -1.52 83.82
CA ALA FA 12 -3.04 -2.49 84.23
C ALA FA 12 -1.65 -2.12 83.69
N ASP FA 13 -1.59 -1.42 82.56
CA ASP FA 13 -0.33 -0.93 82.04
C ASP FA 13 0.18 0.25 82.85
N ALA FA 14 -0.71 1.13 83.30
CA ALA FA 14 -0.32 2.23 84.16
C ALA FA 14 0.08 1.73 85.55
N ARG FA 15 -0.52 0.63 86.01
CA ARG FA 15 -0.02 -0.02 87.22
C ARG FA 15 1.16 -0.93 86.93
N GLY FA 16 1.38 -1.28 85.67
CA GLY FA 16 2.49 -2.15 85.29
C GLY FA 16 2.40 -3.58 85.77
N GLU FA 17 1.20 -4.15 85.77
CA GLU FA 17 0.98 -5.48 86.30
C GLU FA 17 0.02 -6.23 85.40
N TYR FA 18 0.08 -7.56 85.49
CA TYR FA 18 -0.84 -8.41 84.75
C TYR FA 18 -2.24 -8.28 85.32
N LEU FA 19 -3.23 -8.64 84.50
CA LEU FA 19 -4.61 -8.67 84.98
C LEU FA 19 -4.80 -9.87 85.92
N SER FA 20 -5.40 -9.60 87.08
CA SER FA 20 -5.67 -10.66 88.04
C SER FA 20 -6.93 -11.42 87.64
N GLY FA 21 -7.27 -12.44 88.43
CA GLY FA 21 -8.38 -13.31 88.08
C GLY FA 21 -9.74 -12.64 88.11
N SER FA 22 -9.94 -11.69 89.02
CA SER FA 22 -11.23 -10.99 89.12
C SER FA 22 -11.45 -10.11 87.91
N GLN FA 23 -10.38 -9.50 87.39
CA GLN FA 23 -10.47 -8.66 86.20
C GLN FA 23 -10.85 -9.49 84.97
N LEU FA 24 -10.24 -10.67 84.82
CA LEU FA 24 -10.57 -11.55 83.71
C LEU FA 24 -11.96 -12.15 83.86
N ASP FA 25 -12.41 -12.40 85.08
CA ASP FA 25 -13.79 -12.88 85.29
C ASP FA 25 -14.80 -11.78 84.97
N ALA FA 26 -14.48 -10.54 85.31
CA ALA FA 26 -15.33 -9.41 84.95
C ALA FA 26 -15.41 -9.23 83.43
N LEU FA 27 -14.29 -9.44 82.74
CA LEU FA 27 -14.31 -9.37 81.28
C LEU FA 27 -15.06 -10.54 80.66
N SER FA 28 -14.99 -11.73 81.28
CA SER FA 28 -15.81 -12.86 80.83
C SER FA 28 -17.29 -12.58 81.02
N ALA FA 29 -17.64 -11.91 82.12
CA ALA FA 29 -19.02 -11.46 82.31
C ALA FA 29 -19.43 -10.45 81.24
N THR FA 30 -18.51 -9.54 80.88
CA THR FA 30 -18.79 -8.58 79.81
C THR FA 30 -19.02 -9.29 78.47
N VAL FA 31 -18.28 -10.37 78.23
CA VAL FA 31 -18.53 -11.22 77.06
C VAL FA 31 -19.90 -11.88 77.15
N ALA FA 32 -20.32 -12.24 78.37
CA ALA FA 32 -21.62 -12.89 78.56
C ALA FA 32 -22.79 -11.94 78.26
N GLU FA 33 -22.73 -10.69 78.74
CA GLU FA 33 -23.74 -9.71 78.31
C GLU FA 33 -23.41 -9.01 76.99
N GLY FA 34 -22.38 -9.45 76.27
CA GLY FA 34 -22.07 -8.87 74.97
C GLY FA 34 -23.16 -9.06 73.92
N ASN FA 35 -23.85 -10.20 73.94
CA ASN FA 35 -24.93 -10.43 72.97
C ASN FA 35 -26.09 -9.48 73.20
N LYS FA 36 -26.45 -9.25 74.47
CA LYS FA 36 -27.46 -8.25 74.81
C LYS FA 36 -26.98 -6.84 74.47
N ARG FA 37 -25.68 -6.59 74.59
CA ARG FA 37 -25.10 -5.31 74.16
C ARG FA 37 -25.27 -5.11 72.65
N ILE FA 38 -25.03 -6.16 71.87
CA ILE FA 38 -25.18 -6.10 70.42
C ILE FA 38 -26.66 -5.92 70.05
N ASP FA 39 -27.56 -6.58 70.79
CA ASP FA 39 -29.00 -6.37 70.61
C ASP FA 39 -29.42 -4.93 70.85
N SER FA 40 -28.91 -4.32 71.93
CA SER FA 40 -29.26 -2.95 72.24
C SER FA 40 -28.72 -1.99 71.19
N VAL FA 41 -27.48 -2.21 70.75
CA VAL FA 41 -26.87 -1.37 69.70
C VAL FA 41 -27.66 -1.49 68.41
N ASN FA 42 -28.04 -2.72 68.03
CA ASN FA 42 -28.79 -2.94 66.80
C ASN FA 42 -30.18 -2.34 66.87
N ARG FA 43 -30.85 -2.41 68.02
CA ARG FA 43 -32.20 -1.87 68.12
C ARG FA 43 -32.21 -0.35 68.09
N ILE FA 44 -31.27 0.30 68.80
CA ILE FA 44 -31.19 1.76 68.75
C ILE FA 44 -30.76 2.23 67.36
N THR FA 45 -29.85 1.49 66.71
CA THR FA 45 -29.45 1.82 65.35
C THR FA 45 -30.62 1.67 64.38
N GLY FA 46 -31.42 0.62 64.52
CA GLY FA 46 -32.56 0.42 63.64
C GLY FA 46 -33.69 1.39 63.86
N ASN FA 47 -33.85 1.93 65.07
CA ASN FA 47 -34.91 2.89 65.34
C ASN FA 47 -34.38 4.31 65.57
N ALA FA 48 -33.15 4.59 65.13
CA ALA FA 48 -32.50 5.87 65.41
C ALA FA 48 -33.23 7.07 64.81
N SER FA 49 -33.70 6.97 63.56
CA SER FA 49 -34.37 8.10 62.93
C SER FA 49 -35.71 8.40 63.60
N ALA FA 50 -36.45 7.35 63.96
CA ALA FA 50 -37.71 7.53 64.69
C ALA FA 50 -37.45 8.11 66.08
N ILE FA 51 -36.38 7.67 66.75
CA ILE FA 51 -36.03 8.19 68.07
C ILE FA 51 -35.69 9.67 68.00
N VAL FA 52 -34.88 10.07 67.01
CA VAL FA 52 -34.46 11.45 66.84
C VAL FA 52 -35.65 12.34 66.49
N SER FA 53 -36.52 11.88 65.56
CA SER FA 53 -37.66 12.68 65.15
C SER FA 53 -38.70 12.83 66.27
N ASN FA 54 -38.95 11.75 67.02
CA ASN FA 54 -39.92 11.82 68.11
C ASN FA 54 -39.40 12.66 69.27
N ALA FA 55 -38.10 12.55 69.57
CA ALA FA 55 -37.50 13.37 70.61
C ALA FA 55 -37.51 14.85 70.24
N ALA FA 56 -37.25 15.15 68.96
CA ALA FA 56 -37.35 16.53 68.48
C ALA FA 56 -38.78 17.04 68.56
N ARG FA 57 -39.76 16.21 68.19
CA ARG FA 57 -41.16 16.61 68.25
C ARG FA 57 -41.61 16.91 69.67
N ALA FA 58 -41.21 16.07 70.63
CA ALA FA 58 -41.55 16.32 72.02
C ALA FA 58 -40.83 17.56 72.56
N LEU FA 59 -39.57 17.76 72.17
CA LEU FA 59 -38.78 18.89 72.63
C LEU FA 59 -39.36 20.21 72.12
N PHE FA 60 -39.80 20.25 70.86
CA PHE FA 60 -40.44 21.45 70.38
C PHE FA 60 -41.93 21.50 70.72
N ALA FA 61 -42.47 20.42 71.26
CA ALA FA 61 -43.84 20.45 71.77
C ALA FA 61 -43.90 21.18 73.11
N GLU FA 62 -43.16 20.72 74.11
CA GLU FA 62 -43.26 21.39 75.40
C GLU FA 62 -42.18 22.45 75.63
N GLN FA 63 -41.27 22.68 74.68
CA GLN FA 63 -40.44 23.89 74.66
C GLN FA 63 -40.58 24.52 73.29
N PRO FA 64 -41.66 25.27 73.06
CA PRO FA 64 -41.90 25.83 71.72
C PRO FA 64 -41.05 27.04 71.38
N GLN FA 65 -40.31 27.60 72.35
CA GLN FA 65 -39.51 28.79 72.09
C GLN FA 65 -38.29 28.52 71.23
N LEU FA 66 -37.91 27.26 71.05
CA LEU FA 66 -36.81 26.93 70.14
C LEU FA 66 -37.20 27.19 68.70
N ILE FA 67 -38.42 26.79 68.31
CA ILE FA 67 -38.80 26.89 66.87
C ILE FA 67 -39.36 28.29 66.54
N GLN FA 68 -39.66 29.09 67.57
CA GLN FA 68 -40.27 30.42 67.33
C GLN FA 68 -39.33 31.26 66.43
N PRO FA 69 -39.86 32.06 65.49
CA PRO FA 69 -39.01 32.91 64.67
C PRO FA 69 -38.00 33.66 65.53
N GLY FA 70 -36.72 33.35 65.35
CA GLY FA 70 -35.67 33.97 66.19
C GLY FA 70 -35.12 32.95 67.18
N GLY FA 71 -35.80 31.81 67.31
CA GLY FA 71 -35.36 30.75 68.25
C GLY FA 71 -34.11 30.05 67.74
N ASN FA 72 -33.42 29.33 68.62
CA ASN FA 72 -32.13 28.69 68.23
C ASN FA 72 -32.38 27.59 67.19
N ALA FA 73 -33.59 27.04 67.11
CA ALA FA 73 -33.85 25.93 66.17
C ALA FA 73 -34.60 26.47 64.93
N TYR FA 74 -34.89 27.77 64.93
CA TYR FA 74 -35.62 28.39 63.78
C TYR FA 74 -34.68 28.45 62.57
N THR FA 75 -35.21 28.48 61.34
CA THR FA 75 -34.43 28.46 60.07
C THR FA 75 -34.00 27.03 59.76
N SER FA 76 -34.16 26.61 58.51
CA SER FA 76 -33.82 25.22 58.11
C SER FA 76 -32.40 24.88 58.57
N ARG FA 77 -31.43 25.73 58.25
CA ARG FA 77 -30.01 25.48 58.61
C ARG FA 77 -29.92 25.12 60.11
N ARG FA 78 -30.51 25.94 60.98
CA ARG FA 78 -30.41 25.70 62.41
C ARG FA 78 -31.17 24.44 62.83
N MET FA 79 -32.31 24.17 62.20
CA MET FA 79 -33.03 22.93 62.51
C MET FA 79 -32.28 21.71 61.98
N ALA FA 80 -31.69 21.82 60.79
CA ALA FA 80 -30.88 20.73 60.26
C ALA FA 80 -29.67 20.46 61.14
N ALA FA 81 -29.06 21.54 61.67
CA ALA FA 81 -28.00 21.38 62.65
C ALA FA 81 -28.49 20.75 63.95
N CYS FA 82 -29.73 21.07 64.36
CA CYS FA 82 -30.31 20.48 65.57
C CYS FA 82 -30.54 18.99 65.42
N LEU FA 83 -31.17 18.58 64.31
CA LEU FA 83 -31.40 17.17 64.05
C LEU FA 83 -30.10 16.42 63.80
N ARG FA 84 -29.11 17.09 63.20
CA ARG FA 84 -27.79 16.52 63.03
C ARG FA 84 -27.09 16.32 64.37
N ASP FA 85 -27.27 17.27 65.31
CA ASP FA 85 -26.72 17.12 66.66
C ASP FA 85 -27.39 15.97 67.40
N MET FA 86 -28.70 15.83 67.24
CA MET FA 86 -29.42 14.69 67.84
C MET FA 86 -28.91 13.37 67.27
N GLU FA 87 -28.69 13.33 65.95
CA GLU FA 87 -28.15 12.15 65.28
C GLU FA 87 -26.74 11.83 65.77
N ILE FA 88 -25.89 12.85 65.94
CA ILE FA 88 -24.52 12.64 66.41
C ILE FA 88 -24.50 12.15 67.84
N ILE FA 89 -25.33 12.74 68.72
CA ILE FA 89 -25.36 12.33 70.12
C ILE FA 89 -25.87 10.91 70.26
N LEU FA 90 -26.95 10.56 69.54
CA LEU FA 90 -27.45 9.19 69.56
C LEU FA 90 -26.44 8.21 68.97
N ARG FA 91 -25.75 8.61 67.91
CA ARG FA 91 -24.74 7.77 67.28
C ARG FA 91 -23.56 7.51 68.21
N TYR FA 92 -23.16 8.52 68.96
CA TYR FA 92 -22.03 8.35 69.85
C TYR FA 92 -22.42 7.60 71.12
N VAL FA 93 -23.69 7.69 71.53
CA VAL FA 93 -24.18 6.83 72.61
C VAL FA 93 -24.18 5.37 72.16
N THR FA 94 -24.58 5.11 70.91
CA THR FA 94 -24.46 3.74 70.39
C THR FA 94 -23.00 3.31 70.23
N TYR FA 95 -22.10 4.24 69.92
CA TYR FA 95 -20.67 3.94 69.86
C TYR FA 95 -20.14 3.53 71.23
N ALA FA 96 -20.52 4.29 72.27
CA ALA FA 96 -20.08 3.97 73.63
C ALA FA 96 -20.72 2.69 74.15
N THR FA 97 -21.96 2.42 73.75
CA THR FA 97 -22.59 1.14 74.07
C THR FA 97 -21.86 -0.02 73.40
N PHE FA 98 -21.46 0.17 72.14
CA PHE FA 98 -20.74 -0.85 71.39
C PHE FA 98 -19.37 -1.14 72.00
N THR FA 99 -18.65 -0.10 72.39
CA THR FA 99 -17.34 -0.32 73.00
C THR FA 99 -17.46 -0.82 74.43
N GLY FA 100 -18.54 -0.49 75.12
CA GLY FA 100 -18.62 -0.78 76.53
C GLY FA 100 -17.91 0.21 77.42
N ASP FA 101 -17.51 1.35 76.88
CA ASP FA 101 -16.86 2.39 77.66
C ASP FA 101 -17.15 3.72 76.97
N ALA FA 102 -17.28 4.78 77.76
CA ALA FA 102 -17.65 6.10 77.26
C ALA FA 102 -16.46 6.92 76.81
N SER FA 103 -15.36 6.28 76.41
CA SER FA 103 -14.19 7.01 75.93
C SER FA 103 -14.47 7.69 74.60
N VAL FA 104 -15.12 6.99 73.67
CA VAL FA 104 -15.40 7.57 72.36
C VAL FA 104 -16.44 8.69 72.48
N LEU FA 105 -17.41 8.54 73.38
CA LEU FA 105 -18.44 9.55 73.55
C LEU FA 105 -17.91 10.80 74.23
N GLU FA 106 -17.09 10.64 75.26
CA GLU FA 106 -16.54 11.81 75.95
C GLU FA 106 -15.39 12.45 75.17
N ASP FA 107 -14.68 11.66 74.36
CA ASP FA 107 -13.48 12.16 73.71
C ASP FA 107 -13.72 12.67 72.29
N ARG FA 108 -14.74 12.17 71.59
CA ARG FA 108 -14.99 12.59 70.23
C ARG FA 108 -16.32 13.29 70.02
N CYS FA 109 -17.22 13.26 71.01
CA CYS FA 109 -18.49 13.97 70.91
C CYS FA 109 -18.65 15.04 71.98
N LEU FA 110 -18.47 14.67 73.25
CA LEU FA 110 -18.68 15.62 74.35
C LEU FA 110 -17.46 16.46 74.65
N ASN FA 111 -16.32 16.18 74.01
CA ASN FA 111 -15.12 16.99 74.21
C ASN FA 111 -15.29 18.31 73.47
N GLY FA 112 -15.42 19.39 74.23
CA GLY FA 112 -15.58 20.71 73.63
C GLY FA 112 -16.97 21.06 73.19
N LEU FA 113 -17.98 20.23 73.51
CA LEU FA 113 -19.34 20.51 73.04
C LEU FA 113 -19.99 21.63 73.82
N ARG FA 114 -19.67 21.75 75.11
CA ARG FA 114 -20.35 22.74 75.96
C ARG FA 114 -19.95 24.16 75.60
N GLU FA 115 -18.65 24.43 75.45
CA GLU FA 115 -18.27 25.78 75.05
C GLU FA 115 -18.59 26.06 73.59
N THR FA 116 -18.72 25.01 72.78
CA THR FA 116 -19.29 25.16 71.43
C THR FA 116 -20.71 25.70 71.49
N TYR FA 117 -21.55 25.08 72.33
CA TYR FA 117 -22.92 25.54 72.50
C TYR FA 117 -22.99 26.91 73.17
N VAL FA 118 -22.02 27.23 74.04
CA VAL FA 118 -21.98 28.54 74.68
C VAL FA 118 -21.61 29.62 73.66
N ALA FA 119 -20.61 29.35 72.81
CA ALA FA 119 -20.19 30.32 71.80
C ALA FA 119 -21.22 30.51 70.72
N LEU FA 120 -21.97 29.45 70.37
CA LEU FA 120 -23.05 29.62 69.40
C LEU FA 120 -24.27 30.28 70.00
N GLY FA 121 -24.46 30.18 71.32
CA GLY FA 121 -25.71 30.59 71.93
C GLY FA 121 -26.75 29.50 71.98
N VAL FA 122 -26.36 28.25 71.77
CA VAL FA 122 -27.27 27.11 71.79
C VAL FA 122 -27.68 26.84 73.24
N PRO FA 123 -28.98 26.80 73.55
CA PRO FA 123 -29.40 26.53 74.93
C PRO FA 123 -29.19 25.08 75.33
N GLY FA 124 -28.18 24.85 76.18
CA GLY FA 124 -27.77 23.50 76.51
C GLY FA 124 -28.75 22.75 77.40
N ALA FA 125 -29.61 23.46 78.12
CA ALA FA 125 -30.66 22.80 78.89
C ALA FA 125 -31.66 22.10 77.98
N SER FA 126 -32.00 22.74 76.85
CA SER FA 126 -32.90 22.10 75.89
C SER FA 126 -32.21 20.96 75.16
N VAL FA 127 -30.90 21.04 74.95
CA VAL FA 127 -30.16 19.92 74.37
C VAL FA 127 -30.15 18.73 75.34
N ALA FA 128 -29.95 19.01 76.63
CA ALA FA 128 -30.00 17.95 77.64
C ALA FA 128 -31.41 17.36 77.74
N ALA FA 129 -32.44 18.18 77.57
CA ALA FA 129 -33.81 17.66 77.53
C ALA FA 129 -34.03 16.75 76.32
N GLY FA 130 -33.51 17.13 75.15
CA GLY FA 130 -33.61 16.26 73.98
C GLY FA 130 -32.82 14.98 74.12
N VAL FA 131 -31.66 15.04 74.78
CA VAL FA 131 -30.88 13.85 75.10
C VAL FA 131 -31.65 12.94 76.04
N GLN FA 132 -32.33 13.53 77.04
CA GLN FA 132 -33.19 12.77 77.93
C GLN FA 132 -34.33 12.09 77.19
N LYS FA 133 -34.95 12.81 76.23
CA LYS FA 133 -36.03 12.25 75.43
C LYS FA 133 -35.56 11.10 74.56
N MET FA 134 -34.38 11.23 73.95
CA MET FA 134 -33.78 10.09 73.25
C MET FA 134 -33.43 8.97 74.21
N LYS FA 135 -33.15 9.29 75.48
CA LYS FA 135 -32.88 8.23 76.45
C LYS FA 135 -34.11 7.38 76.73
N GLU FA 136 -35.29 7.99 77.01
CA GLU FA 136 -36.40 7.07 77.27
C GLU FA 136 -36.89 6.44 75.97
N ALA FA 137 -36.75 7.12 74.83
CA ALA FA 137 -37.11 6.49 73.55
C ALA FA 137 -36.23 5.30 73.24
N ALA FA 138 -34.91 5.41 73.46
CA ALA FA 138 -34.00 4.32 73.18
C ALA FA 138 -34.18 3.17 74.18
N LEU FA 139 -34.43 3.49 75.46
CA LEU FA 139 -34.63 2.43 76.42
C LEU FA 139 -36.00 1.77 76.28
N ASP FA 140 -36.98 2.47 75.70
CA ASP FA 140 -38.23 1.82 75.33
C ASP FA 140 -38.08 0.93 74.11
N ILE FA 141 -37.22 1.33 73.16
CA ILE FA 141 -36.93 0.50 72.00
C ILE FA 141 -36.17 -0.76 72.43
N VAL FA 142 -35.19 -0.61 73.32
CA VAL FA 142 -34.36 -1.74 73.75
C VAL FA 142 -35.18 -2.76 74.53
N ASN FA 143 -36.00 -2.28 75.48
CA ASN FA 143 -36.75 -3.16 76.37
C ASN FA 143 -38.09 -3.61 75.78
N ASP FA 144 -38.24 -3.58 74.46
CA ASP FA 144 -39.43 -4.13 73.84
C ASP FA 144 -39.39 -5.65 73.89
N PRO FA 145 -40.39 -6.31 74.46
CA PRO FA 145 -40.32 -7.78 74.60
C PRO FA 145 -40.53 -8.51 73.29
N ASN FA 146 -41.16 -7.89 72.30
CA ASN FA 146 -41.58 -8.59 71.10
C ASN FA 146 -40.41 -8.81 70.14
N GLY FA 147 -40.33 -10.02 69.59
CA GLY FA 147 -39.34 -10.32 68.58
C GLY FA 147 -37.92 -10.44 69.08
N ILE FA 148 -37.72 -10.88 70.31
CA ILE FA 148 -36.39 -11.01 70.89
C ILE FA 148 -36.44 -12.11 71.94
N THR FA 149 -35.30 -12.78 72.13
CA THR FA 149 -35.18 -13.82 73.14
C THR FA 149 -35.27 -13.21 74.54
N ARG FA 150 -36.04 -13.87 75.41
CA ARG FA 150 -36.25 -13.41 76.78
C ARG FA 150 -34.95 -13.44 77.58
N GLY FA 151 -34.79 -12.45 78.45
CA GLY FA 151 -33.67 -12.44 79.39
C GLY FA 151 -33.57 -11.11 80.09
N ASP FA 152 -32.75 -11.10 81.13
CA ASP FA 152 -32.54 -9.90 81.94
C ASP FA 152 -31.49 -9.03 81.26
N CYS FA 153 -31.83 -7.75 81.05
CA CYS FA 153 -30.96 -6.81 80.36
C CYS FA 153 -30.82 -5.51 81.14
N SER FA 154 -30.90 -5.59 82.47
CA SER FA 154 -30.87 -4.37 83.28
C SER FA 154 -29.49 -3.71 83.27
N ALA FA 155 -28.43 -4.51 83.11
CA ALA FA 155 -27.08 -3.95 83.11
C ALA FA 155 -26.81 -3.11 81.87
N ILE FA 156 -27.19 -3.61 80.70
CA ILE FA 156 -26.95 -2.86 79.47
C ILE FA 156 -27.89 -1.65 79.37
N VAL FA 157 -29.12 -1.77 79.89
CA VAL FA 157 -30.04 -0.64 79.94
C VAL FA 157 -29.53 0.45 80.88
N ALA FA 158 -29.01 0.05 82.05
CA ALA FA 158 -28.41 1.01 82.97
C ALA FA 158 -27.15 1.63 82.40
N GLU FA 159 -26.38 0.88 81.61
CA GLU FA 159 -25.17 1.43 81.01
C GLU FA 159 -25.50 2.43 79.90
N ILE FA 160 -26.52 2.14 79.09
CA ILE FA 160 -26.98 3.08 78.08
C ILE FA 160 -27.55 4.34 78.72
N ALA FA 161 -28.31 4.17 79.80
CA ALA FA 161 -28.84 5.31 80.54
C ALA FA 161 -27.71 6.15 81.15
N GLY FA 162 -26.66 5.49 81.63
CA GLY FA 162 -25.50 6.22 82.13
C GLY FA 162 -24.77 6.99 81.05
N TYR FA 163 -24.67 6.42 79.85
CA TYR FA 163 -24.09 7.14 78.71
C TYR FA 163 -24.95 8.34 78.32
N PHE FA 164 -26.27 8.19 78.39
CA PHE FA 164 -27.16 9.30 78.10
C PHE FA 164 -27.07 10.39 79.16
N ASP FA 165 -26.89 10.03 80.43
CA ASP FA 165 -26.69 11.05 81.45
C ASP FA 165 -25.33 11.72 81.33
N ARG FA 166 -24.31 11.01 80.85
CA ARG FA 166 -23.03 11.65 80.56
C ARG FA 166 -23.16 12.61 79.38
N ALA FA 167 -23.99 12.26 78.40
CA ALA FA 167 -24.23 13.15 77.26
C ALA FA 167 -25.03 14.38 77.69
N ALA FA 168 -26.02 14.21 78.57
CA ALA FA 168 -26.86 15.32 79.00
C ALA FA 168 -26.12 16.23 79.96
N ALA FA 169 -25.27 15.67 80.82
CA ALA FA 169 -24.55 16.46 81.80
C ALA FA 169 -23.41 17.27 81.17
N ALA FA 170 -22.91 16.83 80.02
CA ALA FA 170 -21.83 17.53 79.33
C ALA FA 170 -22.32 18.74 78.54
N VAL FA 171 -23.63 18.88 78.34
CA VAL FA 171 -24.16 20.02 77.59
C VAL FA 171 -24.98 20.96 78.46
N ALA FA 172 -25.45 20.53 79.63
CA ALA FA 172 -26.28 21.38 80.48
C ALA FA 172 -25.45 22.44 81.19
N MET GA 1 -24.65 37.14 52.69
CA MET GA 1 -25.58 36.29 51.94
C MET GA 1 -25.69 36.75 50.50
N LYS GA 2 -26.47 36.02 49.70
CA LYS GA 2 -26.55 36.25 48.26
C LYS GA 2 -27.36 37.52 48.00
N THR GA 3 -26.66 38.62 47.75
CA THR GA 3 -27.18 39.95 47.53
C THR GA 3 -26.15 40.57 46.60
N PRO GA 4 -26.56 41.37 45.60
CA PRO GA 4 -25.57 41.97 44.67
C PRO GA 4 -24.48 42.80 45.33
N LEU GA 5 -24.80 43.57 46.36
CA LEU GA 5 -23.78 44.37 47.04
C LEU GA 5 -22.82 43.48 47.83
N THR GA 6 -23.36 42.50 48.58
CA THR GA 6 -22.51 41.63 49.38
C THR GA 6 -21.68 40.69 48.50
N GLU GA 7 -22.26 40.20 47.40
CA GLU GA 7 -21.51 39.35 46.48
C GLU GA 7 -20.44 40.16 45.75
N ALA GA 8 -20.73 41.42 45.42
CA ALA GA 8 -19.73 42.28 44.79
C ALA GA 8 -18.56 42.55 45.72
N VAL GA 9 -18.85 42.84 46.99
CA VAL GA 9 -17.78 43.07 47.97
C VAL GA 9 -17.02 41.79 48.26
N SER GA 10 -17.72 40.64 48.32
CA SER GA 10 -17.09 39.35 48.54
C SER GA 10 -16.16 38.97 47.39
N THR GA 11 -16.57 39.27 46.16
CA THR GA 11 -15.72 39.01 45.01
C THR GA 11 -14.49 39.93 44.98
N ALA GA 12 -14.69 41.23 45.26
CA ALA GA 12 -13.58 42.17 45.30
C ALA GA 12 -12.63 41.88 46.45
N ASP GA 13 -13.12 41.28 47.53
CA ASP GA 13 -12.27 40.83 48.62
C ASP GA 13 -11.57 39.53 48.25
N SER GA 14 -12.23 38.69 47.45
CA SER GA 14 -11.62 37.44 46.98
C SER GA 14 -10.44 37.71 46.06
N GLN GA 15 -10.54 38.72 45.19
CA GLN GA 15 -9.33 39.18 44.52
C GLN GA 15 -8.52 40.18 45.36
N GLY GA 16 -9.06 40.62 46.49
CA GLY GA 16 -8.36 41.53 47.38
C GLY GA 16 -8.08 42.90 46.79
N ARG GA 17 -9.04 43.46 46.08
CA ARG GA 17 -8.83 44.68 45.32
C ARG GA 17 -9.96 45.66 45.59
N PHE GA 18 -9.75 46.89 45.13
CA PHE GA 18 -10.73 47.95 45.32
C PHE GA 18 -11.94 47.73 44.40
N LEU GA 19 -13.01 48.46 44.69
CA LEU GA 19 -14.25 48.33 43.94
C LEU GA 19 -14.11 49.06 42.61
N SER GA 20 -13.96 48.32 41.52
CA SER GA 20 -13.85 48.91 40.20
C SER GA 20 -15.22 49.33 39.71
N SER GA 21 -15.29 49.78 38.44
CA SER GA 21 -16.57 50.20 37.86
C SER GA 21 -17.53 49.04 37.66
N THR GA 22 -17.02 47.80 37.66
CA THR GA 22 -17.84 46.60 37.59
C THR GA 22 -18.80 46.52 38.77
N GLU GA 23 -18.27 46.71 39.98
CA GLU GA 23 -19.08 46.68 41.18
C GLU GA 23 -20.05 47.86 41.22
N LEU GA 24 -19.66 48.99 40.65
CA LEU GA 24 -20.55 50.14 40.54
C LEU GA 24 -21.72 49.82 39.60
N GLN GA 25 -21.46 49.05 38.54
CA GLN GA 25 -22.56 48.59 37.68
C GLN GA 25 -23.46 47.61 38.40
N ILE GA 26 -22.88 46.75 39.24
CA ILE GA 26 -23.67 45.83 40.06
C ILE GA 26 -24.59 46.60 40.99
N ALA GA 27 -24.09 47.66 41.61
CA ALA GA 27 -24.91 48.48 42.49
C ALA GA 27 -25.93 49.31 41.71
N PHE GA 28 -25.61 49.72 40.46
CA PHE GA 28 -26.59 50.36 39.59
C PHE GA 28 -27.76 49.44 39.27
N GLY GA 29 -27.48 48.18 38.96
CA GLY GA 29 -28.55 47.23 38.73
C GLY GA 29 -29.37 46.95 39.98
N ARG GA 30 -28.69 46.91 41.13
CA ARG GA 30 -29.38 46.79 42.41
C ARG GA 30 -30.31 47.98 42.67
N LEU GA 31 -29.83 49.19 42.36
CA LEU GA 31 -30.65 50.39 42.57
C LEU GA 31 -31.85 50.43 41.64
N ARG GA 32 -31.69 50.02 40.38
CA ARG GA 32 -32.82 50.13 39.48
C ARG GA 32 -33.82 49.00 39.72
N GLN GA 33 -33.38 47.91 40.36
CA GLN GA 33 -34.32 46.82 40.63
C GLN GA 33 -34.94 46.97 42.02
N ALA GA 34 -34.31 47.75 42.89
CA ALA GA 34 -34.64 47.75 44.32
C ALA GA 34 -35.98 48.39 44.61
N ASN GA 35 -36.35 49.43 43.86
CA ASN GA 35 -37.64 50.07 44.09
C ASN GA 35 -38.80 49.15 43.73
N ALA GA 36 -38.68 48.44 42.60
CA ALA GA 36 -39.67 47.45 42.21
C ALA GA 36 -39.73 46.30 43.20
N GLY GA 37 -38.57 45.87 43.71
CA GLY GA 37 -38.54 44.84 44.73
C GLY GA 37 -39.19 45.28 46.03
N LEU GA 38 -39.01 46.55 46.39
CA LEU GA 38 -39.62 47.07 47.61
C LEU GA 38 -41.12 47.19 47.50
N GLN GA 39 -41.64 47.65 46.35
CA GLN GA 39 -43.11 47.72 46.24
C GLN GA 39 -43.72 46.34 46.09
N ALA GA 40 -43.00 45.40 45.48
CA ALA GA 40 -43.47 44.01 45.43
C ALA GA 40 -43.51 43.39 46.82
N ALA GA 41 -42.49 43.65 47.64
CA ALA GA 41 -42.47 43.14 49.01
C ALA GA 41 -43.55 43.80 49.87
N LYS GA 42 -43.83 45.09 49.63
CA LYS GA 42 -44.91 45.77 50.33
C LYS GA 42 -46.27 45.19 49.97
N ALA GA 43 -46.49 44.91 48.67
CA ALA GA 43 -47.76 44.33 48.24
C ALA GA 43 -47.93 42.90 48.77
N LEU GA 44 -46.85 42.12 48.79
CA LEU GA 44 -46.93 40.78 49.36
C LEU GA 44 -47.12 40.81 50.87
N THR GA 45 -46.53 41.80 51.55
CA THR GA 45 -46.78 41.99 52.98
C THR GA 45 -48.25 42.35 53.24
N ASP GA 46 -48.82 43.21 52.39
CA ASP GA 46 -50.21 43.61 52.56
C ASP GA 46 -51.19 42.50 52.18
N ASN GA 47 -50.78 41.56 51.34
CA ASN GA 47 -51.65 40.47 50.90
C ASN GA 47 -51.19 39.15 51.55
N ALA GA 48 -50.34 39.24 52.59
CA ALA GA 48 -49.67 38.07 53.16
C ALA GA 48 -50.65 37.06 53.78
N GLN GA 49 -51.59 37.53 54.60
CA GLN GA 49 -52.48 36.60 55.29
C GLN GA 49 -53.43 35.92 54.32
N SER GA 50 -53.96 36.67 53.35
CA SER GA 50 -54.81 36.10 52.31
C SER GA 50 -54.04 35.12 51.44
N LEU GA 51 -52.79 35.44 51.09
CA LEU GA 51 -51.98 34.55 50.26
C LEU GA 51 -51.63 33.27 51.01
N VAL GA 52 -51.33 33.38 52.30
CA VAL GA 52 -50.98 32.20 53.10
C VAL GA 52 -52.20 31.29 53.28
N ASN GA 53 -53.37 31.87 53.59
CA ASN GA 53 -54.59 31.08 53.73
C ASN GA 53 -55.01 30.44 52.41
N GLY GA 54 -54.89 31.19 51.30
CA GLY GA 54 -55.21 30.64 50.00
C GLY GA 54 -54.24 29.55 49.57
N ALA GA 55 -52.96 29.69 49.91
CA ALA GA 55 -51.99 28.65 49.59
C ALA GA 55 -52.22 27.39 50.40
N ALA GA 56 -52.58 27.55 51.68
CA ALA GA 56 -52.94 26.41 52.50
C ALA GA 56 -54.17 25.70 51.96
N GLN GA 57 -55.18 26.47 51.54
CA GLN GA 57 -56.37 25.88 50.94
C GLN GA 57 -56.06 25.21 49.59
N ALA GA 58 -55.15 25.78 48.80
CA ALA GA 58 -54.77 25.17 47.53
C ALA GA 58 -54.02 23.86 47.75
N VAL GA 59 -53.19 23.79 48.79
CA VAL GA 59 -52.52 22.53 49.12
C VAL GA 59 -53.54 21.51 49.62
N TYR GA 60 -54.51 21.93 50.43
CA TYR GA 60 -55.51 21.00 50.93
C TYR GA 60 -56.45 20.53 49.83
N ASN GA 61 -56.62 21.32 48.78
CA ASN GA 61 -57.42 20.87 47.63
C ASN GA 61 -56.64 19.94 46.72
N LYS GA 62 -55.38 20.28 46.39
CA LYS GA 62 -54.60 19.40 45.53
C LYS GA 62 -54.16 18.14 46.27
N PHE GA 63 -53.84 18.26 47.56
CA PHE GA 63 -53.42 17.14 48.40
C PHE GA 63 -54.45 16.98 49.52
N PRO GA 64 -55.57 16.30 49.25
CA PRO GA 64 -56.59 16.16 50.30
C PRO GA 64 -56.20 15.16 51.37
N TYR GA 65 -55.24 14.26 51.11
CA TYR GA 65 -54.83 13.26 52.08
C TYR GA 65 -54.16 13.87 53.31
N THR GA 66 -53.65 15.10 53.20
CA THR GA 66 -53.12 15.81 54.35
C THR GA 66 -54.21 16.26 55.31
N THR GA 67 -55.47 16.25 54.88
CA THR GA 67 -56.58 16.72 55.70
C THR GA 67 -57.23 15.60 56.49
N GLN GA 68 -57.38 14.41 55.92
CA GLN GA 68 -58.09 13.33 56.61
C GLN GA 68 -57.18 12.30 57.27
N THR GA 69 -55.99 12.04 56.75
CA THR GA 69 -55.15 10.99 57.31
C THR GA 69 -54.48 11.46 58.60
N GLN GA 70 -54.53 10.62 59.63
CA GLN GA 70 -53.91 10.95 60.91
C GLN GA 70 -52.39 10.85 60.81
N GLY GA 71 -51.71 11.72 61.54
CA GLY GA 71 -50.27 11.74 61.56
C GLY GA 71 -49.75 13.08 62.03
N ASN GA 72 -48.51 13.05 62.53
CA ASN GA 72 -47.87 14.29 62.96
C ASN GA 72 -47.53 15.18 61.77
N ASN GA 73 -47.08 14.59 60.67
CA ASN GA 73 -46.67 15.35 59.50
C ASN GA 73 -47.85 15.90 58.70
N PHE GA 74 -49.07 15.44 58.95
CA PHE GA 74 -50.23 15.87 58.21
C PHE GA 74 -51.00 16.93 58.98
N ALA GA 75 -51.94 17.56 58.29
CA ALA GA 75 -52.75 18.65 58.83
C ALA GA 75 -54.15 18.17 59.19
N ALA GA 76 -54.24 16.97 59.77
CA ALA GA 76 -55.54 16.40 60.12
C ALA GA 76 -56.23 17.17 61.24
N ASP GA 77 -55.47 17.58 62.26
CA ASP GA 77 -56.01 18.37 63.36
C ASP GA 77 -55.70 19.85 63.15
N GLN GA 78 -56.09 20.66 64.14
CA GLN GA 78 -55.83 22.10 64.07
C GLN GA 78 -54.34 22.41 64.22
N ARG GA 79 -53.61 21.56 64.95
CA ARG GA 79 -52.17 21.74 65.11
C ARG GA 79 -51.43 21.61 63.80
N GLY GA 80 -51.78 20.61 62.99
CA GLY GA 80 -51.14 20.43 61.70
C GLY GA 80 -51.45 21.55 60.72
N LYS GA 81 -52.70 22.06 60.75
CA LYS GA 81 -53.06 23.18 59.91
C LYS GA 81 -52.35 24.46 60.36
N ASP GA 82 -52.15 24.61 61.67
CA ASP GA 82 -51.42 25.76 62.18
C ASP GA 82 -49.95 25.70 61.78
N LYS GA 83 -49.34 24.51 61.83
CA LYS GA 83 -47.97 24.34 61.33
C LYS GA 83 -47.88 24.59 59.83
N CYS GA 84 -48.89 24.16 59.06
CA CYS GA 84 -48.87 24.40 57.61
C CYS GA 84 -48.99 25.87 57.28
N ALA GA 85 -49.88 26.59 57.98
CA ALA GA 85 -49.98 28.03 57.78
C ALA GA 85 -48.73 28.76 58.23
N ARG GA 86 -48.09 28.27 59.31
CA ARG GA 86 -46.83 28.83 59.76
C ARG GA 86 -45.70 28.61 58.74
N ASP GA 87 -45.68 27.43 58.12
CA ASP GA 87 -44.69 27.12 57.10
C ASP GA 87 -44.86 28.01 55.87
N ILE GA 88 -46.10 28.16 55.40
CA ILE GA 88 -46.36 29.01 54.24
C ILE GA 88 -46.11 30.49 54.59
N GLY GA 89 -46.36 30.88 55.84
CA GLY GA 89 -45.98 32.21 56.28
C GLY GA 89 -44.48 32.45 56.27
N TYR GA 90 -43.71 31.43 56.68
CA TYR GA 90 -42.25 31.51 56.57
C TYR GA 90 -41.79 31.61 55.13
N TYR GA 91 -42.39 30.82 54.24
CA TYR GA 91 -42.07 30.86 52.81
C TYR GA 91 -42.34 32.23 52.21
N LEU GA 92 -43.52 32.79 52.50
CA LEU GA 92 -43.89 34.09 51.95
C LEU GA 92 -43.06 35.21 52.55
N ARG GA 93 -42.74 35.13 53.85
CA ARG GA 93 -41.95 36.16 54.50
C ARG GA 93 -40.52 36.16 53.99
N ILE GA 94 -39.95 34.98 53.74
CA ILE GA 94 -38.61 34.90 53.17
C ILE GA 94 -38.61 35.37 51.71
N VAL GA 95 -39.72 35.15 50.98
CA VAL GA 95 -39.82 35.67 49.62
C VAL GA 95 -39.86 37.20 49.64
N THR GA 96 -40.57 37.80 50.59
CA THR GA 96 -40.55 39.26 50.76
C THR GA 96 -39.16 39.74 51.18
N TYR GA 97 -38.47 38.96 52.01
CA TYR GA 97 -37.10 39.29 52.40
C TYR GA 97 -36.15 39.27 51.22
N CYS GA 98 -36.34 38.32 50.30
CA CYS GA 98 -35.54 38.26 49.09
C CYS GA 98 -35.87 39.41 48.15
N LEU GA 99 -37.14 39.82 48.11
CA LEU GA 99 -37.53 40.98 47.32
C LEU GA 99 -36.87 42.26 47.86
N VAL GA 100 -36.80 42.38 49.18
CA VAL GA 100 -36.15 43.53 49.80
C VAL GA 100 -34.64 43.48 49.57
N ALA GA 101 -34.04 42.30 49.73
CA ALA GA 101 -32.59 42.16 49.64
C ALA GA 101 -32.11 42.32 48.20
N GLY GA 102 -32.85 41.80 47.23
CA GLY GA 102 -32.41 41.81 45.86
C GLY GA 102 -31.67 40.57 45.43
N GLY GA 103 -31.71 39.51 46.22
CA GLY GA 103 -31.10 38.24 45.87
C GLY GA 103 -31.76 37.14 46.67
N THR GA 104 -31.32 35.92 46.42
CA THR GA 104 -31.85 34.75 47.12
C THR GA 104 -31.16 34.48 48.45
N GLY GA 105 -30.47 35.48 49.00
CA GLY GA 105 -29.77 35.38 50.25
C GLY GA 105 -30.58 34.99 51.48
N PRO GA 106 -31.75 35.62 51.70
CA PRO GA 106 -32.65 35.11 52.76
C PRO GA 106 -33.12 33.68 52.53
N LEU GA 107 -33.35 33.28 51.27
CA LEU GA 107 -33.73 31.89 50.99
C LEU GA 107 -32.59 30.94 51.32
N ASP GA 108 -31.35 31.31 50.98
CA ASP GA 108 -30.21 30.44 51.26
C ASP GA 108 -29.90 30.37 52.75
N GLU GA 109 -29.90 31.51 53.44
CA GLU GA 109 -29.64 31.52 54.88
C GLU GA 109 -30.74 30.86 55.69
N TYR GA 110 -32.00 31.07 55.32
CA TYR GA 110 -33.10 30.69 56.19
C TYR GA 110 -33.89 29.48 55.71
N LEU GA 111 -34.03 29.28 54.40
CA LEU GA 111 -34.96 28.27 53.93
C LEU GA 111 -34.29 27.17 53.11
N ILE GA 112 -33.50 27.52 52.09
CA ILE GA 112 -33.05 26.53 51.11
C ILE GA 112 -32.05 25.57 51.72
N ALA GA 113 -31.07 26.09 52.44
CA ALA GA 113 -30.02 25.26 53.02
C ALA GA 113 -30.58 24.54 54.25
N GLY GA 114 -30.73 23.23 54.14
CA GLY GA 114 -31.22 22.43 55.24
C GLY GA 114 -32.66 21.94 55.11
N ILE GA 115 -33.37 22.34 54.06
CA ILE GA 115 -34.78 21.97 53.90
C ILE GA 115 -34.94 20.49 53.56
N ASP GA 116 -33.89 19.84 53.07
CA ASP GA 116 -33.97 18.41 52.75
C ASP GA 116 -34.07 17.58 54.02
N GLU GA 117 -33.33 17.96 55.06
CA GLU GA 117 -33.45 17.29 56.35
C GLU GA 117 -34.79 17.58 57.01
N ILE GA 118 -35.39 18.75 56.75
CA ILE GA 118 -36.73 19.02 57.23
C ILE GA 118 -37.74 18.10 56.55
N ASN GA 119 -37.59 17.93 55.24
CA ASN GA 119 -38.55 17.13 54.49
C ASN GA 119 -38.38 15.64 54.74
N ARG GA 120 -37.18 15.19 55.07
CA ARG GA 120 -36.97 13.77 55.37
C ARG GA 120 -37.24 13.44 56.83
N THR GA 121 -36.78 14.27 57.76
CA THR GA 121 -36.90 13.95 59.18
C THR GA 121 -38.34 14.02 59.66
N PHE GA 122 -39.06 15.07 59.26
CA PHE GA 122 -40.42 15.30 59.73
C PHE GA 122 -41.45 14.84 58.72
N ASP GA 123 -41.03 14.11 57.68
CA ASP GA 123 -41.89 13.40 56.72
C ASP GA 123 -42.80 14.40 55.99
N LEU GA 124 -42.23 15.52 55.59
CA LEU GA 124 -42.96 16.55 54.87
C LEU GA 124 -42.68 16.42 53.38
N SER GA 125 -43.73 16.29 52.60
CA SER GA 125 -43.53 16.21 51.16
C SER GA 125 -43.27 17.59 50.59
N PRO GA 126 -42.17 17.78 49.84
CA PRO GA 126 -41.87 19.11 49.29
C PRO GA 126 -42.87 19.57 48.23
N SER GA 127 -43.64 18.65 47.62
CA SER GA 127 -44.62 19.02 46.61
C SER GA 127 -45.74 19.87 47.18
N TRP GA 128 -46.03 19.73 48.48
CA TRP GA 128 -47.00 20.61 49.14
C TRP GA 128 -46.52 22.07 49.10
N TYR GA 129 -45.27 22.29 49.49
CA TYR GA 129 -44.72 23.65 49.44
C TYR GA 129 -44.53 24.14 48.02
N VAL GA 130 -44.25 23.24 47.07
CA VAL GA 130 -44.14 23.64 45.67
C VAL GA 130 -45.49 24.11 45.12
N GLU GA 131 -46.58 23.41 45.49
CA GLU GA 131 -47.90 23.86 45.06
C GLU GA 131 -48.33 25.13 45.77
N ALA GA 132 -47.92 25.32 47.03
CA ALA GA 132 -48.17 26.58 47.72
C ALA GA 132 -47.46 27.74 47.02
N LEU GA 133 -46.21 27.52 46.60
CA LEU GA 133 -45.47 28.55 45.89
C LEU GA 133 -46.02 28.79 44.49
N LYS GA 134 -46.59 27.77 43.85
CA LYS GA 134 -47.34 28.01 42.61
C LYS GA 134 -48.58 28.87 42.87
N TYR GA 135 -49.25 28.70 44.01
CA TYR GA 135 -50.36 29.58 44.33
C TYR GA 135 -49.90 31.02 44.53
N ILE GA 136 -48.75 31.20 45.19
CA ILE GA 136 -48.20 32.55 45.38
C ILE GA 136 -47.80 33.16 44.03
N LYS GA 137 -47.29 32.32 43.12
CA LYS GA 137 -47.01 32.76 41.75
C LYS GA 137 -48.30 33.16 41.02
N ALA GA 138 -49.39 32.44 41.27
CA ALA GA 138 -50.62 32.70 40.53
C ALA GA 138 -51.35 33.94 41.01
N ASN GA 139 -51.25 34.29 42.29
CA ASN GA 139 -52.15 35.29 42.86
C ASN GA 139 -51.44 36.33 43.72
N HIS GA 140 -50.19 36.66 43.40
CA HIS GA 140 -49.57 37.78 44.12
C HIS GA 140 -50.05 39.13 43.59
N GLY GA 141 -50.50 39.18 42.35
CA GLY GA 141 -51.11 40.38 41.81
C GLY GA 141 -50.16 41.42 41.24
N LEU GA 142 -48.85 41.18 41.29
CA LEU GA 142 -47.88 42.12 40.76
C LEU GA 142 -47.87 42.07 39.24
N SER GA 143 -47.24 43.08 38.64
CA SER GA 143 -47.21 43.22 37.19
C SER GA 143 -45.83 43.70 36.74
N GLY GA 144 -45.36 43.13 35.64
CA GLY GA 144 -44.16 43.58 34.97
C GLY GA 144 -42.87 43.39 35.72
N ASP GA 145 -42.27 44.50 36.15
CA ASP GA 145 -40.96 44.47 36.80
C ASP GA 145 -41.06 43.83 38.19
N ALA GA 146 -42.18 44.05 38.88
CA ALA GA 146 -42.33 43.54 40.24
C ALA GA 146 -42.56 42.03 40.24
N ARG GA 147 -43.38 41.51 39.31
CA ARG GA 147 -43.70 40.09 39.36
C ARG GA 147 -42.56 39.22 38.87
N ASP GA 148 -41.71 39.75 37.97
CA ASP GA 148 -40.61 38.95 37.46
C ASP GA 148 -39.51 38.79 38.50
N GLU GA 149 -39.38 39.77 39.39
CA GLU GA 149 -38.45 39.66 40.49
C GLU GA 149 -38.96 38.68 41.54
N ALA GA 150 -40.27 38.72 41.81
CA ALA GA 150 -40.85 37.84 42.83
C ALA GA 150 -40.96 36.40 42.33
N ASN GA 151 -41.26 36.21 41.05
CA ASN GA 151 -41.33 34.86 40.50
C ASN GA 151 -39.95 34.23 40.39
N SER GA 152 -38.90 35.04 40.38
CA SER GA 152 -37.54 34.50 40.42
C SER GA 152 -37.28 33.79 41.74
N TYR GA 153 -37.73 34.37 42.85
CA TYR GA 153 -37.54 33.75 44.16
C TYR GA 153 -38.49 32.60 44.38
N LEU GA 154 -39.72 32.71 43.89
CA LEU GA 154 -40.69 31.63 44.02
C LEU GA 154 -40.27 30.41 43.22
N ASP GA 155 -39.71 30.62 42.03
CA ASP GA 155 -39.17 29.51 41.26
C ASP GA 155 -37.87 28.99 41.84
N TYR GA 156 -37.11 29.85 42.54
CA TYR GA 156 -35.84 29.41 43.13
C TYR GA 156 -36.09 28.41 44.25
N ALA GA 157 -37.12 28.64 45.06
CA ALA GA 157 -37.45 27.69 46.12
C ALA GA 157 -38.19 26.49 45.57
N ILE GA 158 -38.90 26.65 44.45
CA ILE GA 158 -39.55 25.51 43.80
C ILE GA 158 -38.51 24.57 43.20
N ASN GA 159 -37.51 25.13 42.51
CA ASN GA 159 -36.47 24.32 41.89
C ASN GA 159 -35.55 23.70 42.93
N ALA GA 160 -35.44 24.32 44.11
CA ALA GA 160 -34.62 23.72 45.17
C ALA GA 160 -35.35 22.56 45.83
N LEU GA 161 -36.67 22.70 46.01
CA LEU GA 161 -37.45 21.62 46.60
C LEU GA 161 -37.65 20.45 45.64
N SER GA 162 -37.61 20.71 44.35
CA SER GA 162 -37.82 19.67 43.34
C SER GA 162 -36.50 19.28 42.68
N MET HA 1 -21.98 38.30 55.88
CA MET HA 1 -22.01 39.74 56.07
C MET HA 1 -23.39 40.30 55.70
N PHE HA 2 -23.55 41.61 55.86
CA PHE HA 2 -24.81 42.27 55.57
C PHE HA 2 -24.55 43.56 54.82
N ASP HA 3 -25.54 43.98 54.03
CA ASP HA 3 -25.57 45.31 53.48
C ASP HA 3 -26.72 46.09 54.12
N VAL HA 4 -27.03 47.26 53.57
CA VAL HA 4 -28.06 48.12 54.13
C VAL HA 4 -29.46 47.50 54.01
N PHE HA 5 -29.66 46.54 53.11
CA PHE HA 5 -30.93 45.83 53.02
C PHE HA 5 -30.98 44.61 53.92
N THR HA 6 -29.97 43.74 53.83
CA THR HA 6 -30.00 42.49 54.57
C THR HA 6 -29.77 42.65 56.06
N ARG HA 7 -29.26 43.79 56.52
CA ARG HA 7 -29.25 44.05 57.97
C ARG HA 7 -30.66 44.19 58.50
N VAL HA 8 -31.51 44.95 57.79
CA VAL HA 8 -32.91 45.10 58.16
C VAL HA 8 -33.65 43.77 57.97
N VAL HA 9 -33.28 43.02 56.94
CA VAL HA 9 -33.82 41.67 56.72
C VAL HA 9 -33.50 40.74 57.88
N SER HA 10 -32.24 40.77 58.35
CA SER HA 10 -31.84 39.89 59.46
C SER HA 10 -32.50 40.30 60.76
N GLN HA 11 -32.66 41.61 60.98
CA GLN HA 11 -33.38 42.09 62.16
C GLN HA 11 -34.85 41.67 62.12
N ALA HA 12 -35.49 41.75 60.94
CA ALA HA 12 -36.87 41.33 60.80
C ALA HA 12 -37.04 39.83 60.95
N ASP HA 13 -36.07 39.04 60.46
CA ASP HA 13 -36.14 37.59 60.63
C ASP HA 13 -35.89 37.18 62.07
N ALA HA 14 -35.07 37.94 62.80
CA ALA HA 14 -34.93 37.72 64.23
C ALA HA 14 -36.22 38.06 64.96
N ARG HA 15 -36.90 39.14 64.56
CA ARG HA 15 -38.20 39.44 65.14
C ARG HA 15 -39.32 38.62 64.53
N GLY HA 16 -39.09 37.97 63.40
CA GLY HA 16 -40.12 37.17 62.75
C GLY HA 16 -41.29 37.96 62.20
N GLU HA 17 -41.02 39.12 61.62
CA GLU HA 17 -42.08 39.99 61.13
C GLU HA 17 -41.76 40.44 59.71
N TYR HA 18 -42.80 40.74 58.96
CA TYR HA 18 -42.66 41.44 57.70
C TYR HA 18 -42.20 42.86 57.96
N LEU HA 19 -41.58 43.46 56.95
CA LEU HA 19 -41.15 44.85 57.06
C LEU HA 19 -42.35 45.78 57.01
N SER HA 20 -42.38 46.76 57.91
CA SER HA 20 -43.47 47.71 57.99
C SER HA 20 -43.31 48.78 56.90
N GLY HA 21 -44.20 49.77 56.92
CA GLY HA 21 -44.11 50.86 55.98
C GLY HA 21 -42.88 51.74 56.20
N SER HA 22 -42.51 51.92 57.47
CA SER HA 22 -41.39 52.81 57.80
C SER HA 22 -40.05 52.23 57.35
N GLN HA 23 -39.86 50.93 57.53
CA GLN HA 23 -38.60 50.30 57.13
C GLN HA 23 -38.45 50.27 55.62
N LEU HA 24 -39.54 49.98 54.90
CA LEU HA 24 -39.50 50.03 53.44
C LEU HA 24 -39.31 51.44 52.92
N ASP HA 25 -39.89 52.44 53.60
CA ASP HA 25 -39.68 53.83 53.20
C ASP HA 25 -38.24 54.27 53.45
N ALA HA 26 -37.65 53.83 54.57
CA ALA HA 26 -36.25 54.13 54.85
C ALA HA 26 -35.33 53.45 53.83
N LEU HA 27 -35.66 52.23 53.43
CA LEU HA 27 -34.86 51.56 52.40
C LEU HA 27 -35.03 52.22 51.03
N SER HA 28 -36.23 52.72 50.73
CA SER HA 28 -36.43 53.47 49.48
C SER HA 28 -35.65 54.78 49.49
N ALA HA 29 -35.58 55.45 50.64
CA ALA HA 29 -34.76 56.65 50.77
C ALA HA 29 -33.28 56.31 50.62
N THR HA 30 -32.85 55.15 51.14
CA THR HA 30 -31.47 54.70 50.95
C THR HA 30 -31.18 54.42 49.48
N VAL HA 31 -32.14 53.84 48.76
CA VAL HA 31 -31.99 53.62 47.32
C VAL HA 31 -31.91 54.95 46.58
N ALA HA 32 -32.66 55.96 47.04
CA ALA HA 32 -32.56 57.30 46.47
C ALA HA 32 -31.19 57.93 46.72
N GLU HA 33 -30.60 57.67 47.89
CA GLU HA 33 -29.23 58.11 48.17
C GLU HA 33 -28.16 57.20 47.55
N GLY HA 34 -28.57 56.09 46.94
CA GLY HA 34 -27.62 55.10 46.45
C GLY HA 34 -26.70 55.61 45.36
N ASN HA 35 -27.20 56.48 44.47
CA ASN HA 35 -26.36 57.04 43.41
C ASN HA 35 -25.25 57.92 43.99
N LYS HA 36 -25.58 58.71 45.01
CA LYS HA 36 -24.59 59.51 45.72
C LYS HA 36 -23.60 58.62 46.46
N ARG HA 37 -24.10 57.50 47.01
CA ARG HA 37 -23.24 56.52 47.67
C ARG HA 37 -22.23 55.90 46.70
N ILE HA 38 -22.69 55.57 45.49
CA ILE HA 38 -21.81 55.01 44.46
C ILE HA 38 -20.81 56.05 43.97
N ASP HA 39 -21.23 57.32 43.90
CA ASP HA 39 -20.29 58.41 43.58
C ASP HA 39 -19.20 58.53 44.64
N SER HA 40 -19.57 58.40 45.91
CA SER HA 40 -18.59 58.44 46.99
C SER HA 40 -17.61 57.28 46.90
N VAL HA 41 -18.13 56.07 46.64
CA VAL HA 41 -17.30 54.88 46.51
C VAL HA 41 -16.33 55.04 45.34
N ASN HA 42 -16.84 55.56 44.21
CA ASN HA 42 -16.01 55.78 43.02
C ASN HA 42 -14.92 56.81 43.26
N ARG HA 43 -15.23 57.89 43.97
CA ARG HA 43 -14.24 58.94 44.18
C ARG HA 43 -13.13 58.48 45.13
N ILE HA 44 -13.51 57.80 46.22
CA ILE HA 44 -12.49 57.32 47.16
C ILE HA 44 -11.65 56.22 46.51
N THR HA 45 -12.28 55.35 45.70
CA THR HA 45 -11.53 54.34 44.98
C THR HA 45 -10.58 54.95 43.95
N GLY HA 46 -11.04 55.98 43.23
CA GLY HA 46 -10.21 56.60 42.22
C GLY HA 46 -9.05 57.39 42.78
N ASN HA 47 -9.18 57.91 43.99
CA ASN HA 47 -8.07 58.61 44.63
C ASN HA 47 -7.50 57.85 45.82
N ALA HA 48 -7.69 56.53 45.85
CA ALA HA 48 -7.23 55.70 46.97
C ALA HA 48 -5.72 55.74 47.17
N SER HA 49 -4.94 55.64 46.09
CA SER HA 49 -3.48 55.65 46.21
C SER HA 49 -2.98 57.01 46.68
N ALA HA 50 -3.61 58.09 46.20
CA ALA HA 50 -3.27 59.43 46.66
C ALA HA 50 -3.63 59.62 48.13
N ILE HA 51 -4.77 59.07 48.56
CA ILE HA 51 -5.20 59.20 49.95
C ILE HA 51 -4.23 58.47 50.87
N VAL HA 52 -3.83 57.25 50.49
CA VAL HA 52 -2.92 56.45 51.31
C VAL HA 52 -1.53 57.10 51.35
N SER HA 53 -1.03 57.58 50.21
CA SER HA 53 0.29 58.21 50.18
C SER HA 53 0.33 59.53 50.96
N ASN HA 54 -0.71 60.36 50.81
CA ASN HA 54 -0.74 61.64 51.52
C ASN HA 54 -0.96 61.44 53.02
N ALA HA 55 -1.77 60.45 53.40
CA ALA HA 55 -1.98 60.15 54.81
C ALA HA 55 -0.72 59.60 55.44
N ALA HA 56 0.03 58.77 54.70
CA ALA HA 56 1.31 58.28 55.20
C ALA HA 56 2.32 59.42 55.35
N ARG HA 57 2.34 60.35 54.38
CA ARG HA 57 3.21 61.52 54.44
C ARG HA 57 2.92 62.37 55.66
N ALA HA 58 1.63 62.68 55.89
CA ALA HA 58 1.26 63.52 57.03
C ALA HA 58 1.45 62.80 58.35
N LEU HA 59 1.19 61.48 58.39
CA LEU HA 59 1.34 60.71 59.62
C LEU HA 59 2.80 60.61 60.04
N PHE HA 60 3.70 60.30 59.10
CA PHE HA 60 5.10 60.22 59.45
C PHE HA 60 5.79 61.57 59.47
N ALA HA 61 5.11 62.63 59.00
CA ALA HA 61 5.60 63.98 59.24
C ALA HA 61 5.28 64.45 60.65
N GLU HA 62 4.05 64.21 61.12
CA GLU HA 62 3.71 64.65 62.47
C GLU HA 62 4.14 63.66 63.54
N GLN HA 63 4.45 62.42 63.17
CA GLN HA 63 4.94 61.41 64.11
C GLN HA 63 6.21 60.80 63.53
N PRO HA 64 7.36 61.46 63.72
CA PRO HA 64 8.62 60.91 63.17
C PRO HA 64 9.20 59.77 63.97
N GLN HA 65 8.57 59.34 65.06
CA GLN HA 65 9.07 58.23 65.86
C GLN HA 65 8.88 56.88 65.18
N LEU HA 66 8.11 56.84 64.09
CA LEU HA 66 7.77 55.54 63.45
C LEU HA 66 8.72 55.21 62.30
N ILE HA 67 9.21 56.21 61.58
CA ILE HA 67 10.05 55.94 60.37
C ILE HA 67 11.54 55.91 60.78
N GLN HA 68 11.85 56.33 62.01
CA GLN HA 68 13.26 56.40 62.46
C GLN HA 68 13.77 54.98 62.75
N PRO HA 69 15.09 54.70 62.58
CA PRO HA 69 15.63 53.39 62.88
C PRO HA 69 15.14 52.86 64.22
N GLY HA 70 14.31 51.81 64.20
CA GLY HA 70 13.75 51.25 65.44
C GLY HA 70 12.25 51.44 65.48
N GLY HA 71 11.74 52.46 64.80
CA GLY HA 71 10.29 52.71 64.75
C GLY HA 71 9.57 51.58 64.04
N ASN HA 72 8.28 51.39 64.31
CA ASN HA 72 7.58 50.22 63.71
C ASN HA 72 7.57 50.36 62.19
N ALA HA 73 7.32 51.55 61.65
CA ALA HA 73 7.23 51.70 60.18
C ALA HA 73 8.62 51.85 59.57
N TYR HA 74 9.67 51.58 60.35
CA TYR HA 74 11.06 51.60 59.79
C TYR HA 74 11.30 50.27 59.09
N THR HA 75 12.28 50.19 58.16
CA THR HA 75 12.55 48.99 57.33
C THR HA 75 11.49 48.90 56.25
N SER HA 76 11.92 48.78 55.00
CA SER HA 76 10.97 48.77 53.88
C SER HA 76 9.95 47.64 53.98
N ARG HA 77 10.27 46.56 54.69
CA ARG HA 77 9.29 45.48 54.91
C ARG HA 77 8.15 45.97 55.80
N ARG HA 78 8.47 46.55 56.95
CA ARG HA 78 7.44 47.04 57.86
C ARG HA 78 6.75 48.28 57.29
N MET HA 79 7.49 49.12 56.56
CA MET HA 79 6.88 50.27 55.89
C MET HA 79 5.90 49.84 54.80
N ALA HA 80 6.26 48.82 54.02
CA ALA HA 80 5.35 48.28 53.02
C ALA HA 80 4.13 47.65 53.66
N ALA HA 81 4.33 46.98 54.81
CA ALA HA 81 3.20 46.45 55.56
C ALA HA 81 2.30 47.56 56.10
N CYS HA 82 2.88 48.68 56.52
CA CYS HA 82 2.08 49.80 57.01
C CYS HA 82 1.28 50.45 55.88
N LEU HA 83 1.90 50.64 54.71
CA LEU HA 83 1.18 51.18 53.56
C LEU HA 83 0.09 50.22 53.10
N ARG HA 84 0.37 48.91 53.16
CA ARG HA 84 -0.65 47.90 52.91
C ARG HA 84 -1.79 47.99 53.91
N ASP HA 85 -1.48 48.31 55.17
CA ASP HA 85 -2.52 48.44 56.19
C ASP HA 85 -3.42 49.65 55.93
N MET HA 86 -2.83 50.78 55.52
CA MET HA 86 -3.65 51.93 55.12
C MET HA 86 -4.51 51.60 53.90
N GLU HA 87 -3.94 50.90 52.92
CA GLU HA 87 -4.71 50.52 51.73
C GLU HA 87 -5.85 49.56 52.07
N ILE HA 88 -5.59 48.61 52.97
CA ILE HA 88 -6.61 47.65 53.41
C ILE HA 88 -7.72 48.35 54.18
N ILE HA 89 -7.37 49.26 55.09
CA ILE HA 89 -8.37 49.96 55.89
C ILE HA 89 -9.24 50.85 55.00
N LEU HA 90 -8.60 51.57 54.06
CA LEU HA 90 -9.36 52.38 53.11
C LEU HA 90 -10.25 51.53 52.20
N ARG HA 91 -9.75 50.36 51.79
CA ARG HA 91 -10.51 49.46 50.93
C ARG HA 91 -11.74 48.91 51.66
N TYR HA 92 -11.59 48.55 52.93
CA TYR HA 92 -12.74 48.04 53.67
C TYR HA 92 -13.69 49.14 54.08
N VAL HA 93 -13.21 50.38 54.24
CA VAL HA 93 -14.10 51.52 54.41
C VAL HA 93 -14.94 51.75 53.14
N THR HA 94 -14.31 51.63 51.97
CA THR HA 94 -15.09 51.70 50.73
C THR HA 94 -16.05 50.54 50.58
N TYR HA 95 -15.68 49.36 51.09
CA TYR HA 95 -16.59 48.21 51.10
C TYR HA 95 -17.81 48.49 51.96
N ALA HA 96 -17.59 49.03 53.17
CA ALA HA 96 -18.70 49.36 54.06
C ALA HA 96 -19.55 50.49 53.50
N THR HA 97 -18.93 51.44 52.79
CA THR HA 97 -19.70 52.48 52.10
C THR HA 97 -20.55 51.88 50.99
N PHE HA 98 -20.01 50.91 50.26
CA PHE HA 98 -20.73 50.26 49.15
C PHE HA 98 -21.93 49.47 49.66
N THR HA 99 -21.74 48.69 50.72
CA THR HA 99 -22.85 47.92 51.27
C THR HA 99 -23.86 48.81 51.97
N GLY HA 100 -23.42 49.91 52.58
CA GLY HA 100 -24.30 50.71 53.40
C GLY HA 100 -24.47 50.20 54.81
N ASP HA 101 -23.77 49.13 55.17
CA ASP HA 101 -23.73 48.62 56.54
C ASP HA 101 -22.28 48.30 56.82
N ALA HA 102 -21.89 48.45 58.09
CA ALA HA 102 -20.52 48.22 58.52
C ALA HA 102 -20.27 46.77 58.93
N SER HA 103 -21.09 45.83 58.45
CA SER HA 103 -20.89 44.42 58.79
C SER HA 103 -19.61 43.89 58.16
N VAL HA 104 -19.31 44.30 56.92
CA VAL HA 104 -18.08 43.88 56.27
C VAL HA 104 -16.86 44.50 56.94
N LEU HA 105 -16.98 45.72 57.46
CA LEU HA 105 -15.85 46.39 58.08
C LEU HA 105 -15.52 45.79 59.44
N GLU HA 106 -16.55 45.54 60.27
CA GLU HA 106 -16.32 44.85 61.54
C GLU HA 106 -15.87 43.41 61.33
N ASP HA 107 -16.61 42.65 60.52
CA ASP HA 107 -16.41 41.21 60.45
C ASP HA 107 -15.24 40.82 59.57
N ARG HA 108 -14.74 41.73 58.72
CA ARG HA 108 -13.74 41.37 57.74
C ARG HA 108 -12.42 42.12 57.88
N CYS HA 109 -12.42 43.28 58.51
CA CYS HA 109 -11.19 44.05 58.71
C CYS HA 109 -10.89 44.31 60.18
N LEU HA 110 -11.88 44.76 60.94
CA LEU HA 110 -11.64 45.25 62.29
C LEU HA 110 -11.67 44.16 63.34
N ASN HA 111 -12.17 42.96 63.03
CA ASN HA 111 -12.14 41.90 64.03
C ASN HA 111 -10.74 41.33 64.20
N GLY HA 112 -10.31 41.23 65.45
CA GLY HA 112 -8.96 40.80 65.75
C GLY HA 112 -7.85 41.77 65.38
N LEU HA 113 -8.19 42.98 64.92
CA LEU HA 113 -7.17 43.91 64.46
C LEU HA 113 -6.46 44.60 65.61
N ARG HA 114 -7.20 44.92 66.69
CA ARG HA 114 -6.58 45.46 67.89
C ARG HA 114 -5.64 44.46 68.53
N GLU HA 115 -6.06 43.19 68.60
CA GLU HA 115 -5.19 42.16 69.14
C GLU HA 115 -4.02 41.85 68.20
N THR HA 116 -4.23 42.00 66.89
CA THR HA 116 -3.13 41.91 65.93
C THR HA 116 -2.08 42.99 66.20
N TYR HA 117 -2.52 44.23 66.41
CA TYR HA 117 -1.58 45.32 66.61
C TYR HA 117 -0.94 45.28 67.99
N VAL HA 118 -1.64 44.74 68.99
CA VAL HA 118 -1.02 44.55 70.30
C VAL HA 118 0.03 43.44 70.26
N ALA HA 119 -0.29 42.32 69.60
CA ALA HA 119 0.67 41.21 69.51
C ALA HA 119 1.87 41.55 68.64
N LEU HA 120 1.66 42.37 67.61
CA LEU HA 120 2.76 42.78 66.74
C LEU HA 120 3.66 43.83 67.36
N GLY HA 121 3.19 44.57 68.36
CA GLY HA 121 3.88 45.75 68.78
C GLY HA 121 3.59 46.97 67.93
N VAL HA 122 2.60 46.89 67.05
CA VAL HA 122 2.19 48.04 66.24
C VAL HA 122 1.49 49.05 67.14
N PRO HA 123 1.93 50.31 67.16
CA PRO HA 123 1.18 51.33 67.91
C PRO HA 123 -0.14 51.66 67.26
N GLY HA 124 -1.24 51.31 67.93
CA GLY HA 124 -2.56 51.49 67.35
C GLY HA 124 -3.02 52.93 67.29
N ALA HA 125 -2.48 53.81 68.14
CA ALA HA 125 -2.81 55.22 68.07
C ALA HA 125 -2.27 55.87 66.81
N SER HA 126 -1.10 55.43 66.35
CA SER HA 126 -0.56 55.92 65.08
C SER HA 126 -1.40 55.46 63.90
N VAL HA 127 -1.89 54.22 63.95
CA VAL HA 127 -2.80 53.72 62.92
C VAL HA 127 -4.11 54.50 62.94
N ALA HA 128 -4.59 54.84 64.14
CA ALA HA 128 -5.81 55.64 64.27
C ALA HA 128 -5.61 57.05 63.70
N ALA HA 129 -4.42 57.63 63.91
CA ALA HA 129 -4.11 58.92 63.32
C ALA HA 129 -4.06 58.84 61.79
N GLY HA 130 -3.50 57.75 61.26
CA GLY HA 130 -3.52 57.54 59.82
C GLY HA 130 -4.93 57.35 59.26
N VAL HA 131 -5.80 56.70 60.03
CA VAL HA 131 -7.19 56.54 59.62
C VAL HA 131 -7.92 57.89 59.66
N GLN HA 132 -7.59 58.74 60.64
CA GLN HA 132 -8.13 60.10 60.69
C GLN HA 132 -7.68 60.92 59.48
N LYS HA 133 -6.43 60.75 59.05
CA LYS HA 133 -5.96 61.48 57.88
C LYS HA 133 -6.58 60.94 56.59
N MET HA 134 -6.78 59.63 56.49
CA MET HA 134 -7.54 59.10 55.36
C MET HA 134 -8.98 59.55 55.38
N LYS HA 135 -9.55 59.75 56.58
CA LYS HA 135 -10.91 60.28 56.70
C LYS HA 135 -11.00 61.69 56.14
N GLU HA 136 -10.07 62.57 56.55
CA GLU HA 136 -10.16 63.95 56.10
C GLU HA 136 -9.84 64.07 54.61
N ALA HA 137 -8.91 63.25 54.10
CA ALA HA 137 -8.64 63.24 52.66
C ALA HA 137 -9.83 62.73 51.86
N ALA HA 138 -10.45 61.64 52.32
CA ALA HA 138 -11.58 61.07 51.61
C ALA HA 138 -12.81 61.96 51.69
N LEU HA 139 -13.01 62.65 52.81
CA LEU HA 139 -14.16 63.53 52.93
C LEU HA 139 -13.95 64.82 52.15
N ASP HA 140 -12.71 65.25 51.96
CA ASP HA 140 -12.47 66.37 51.05
C ASP HA 140 -12.68 65.94 49.59
N ILE HA 141 -12.32 64.69 49.26
CA ILE HA 141 -12.44 64.24 47.88
C ILE HA 141 -13.89 63.96 47.50
N VAL HA 142 -14.68 63.40 48.42
CA VAL HA 142 -16.11 63.20 48.19
C VAL HA 142 -16.83 64.53 48.04
N ASN HA 143 -16.54 65.49 48.92
CA ASN HA 143 -17.24 66.77 48.92
C ASN HA 143 -16.70 67.75 47.89
N ASP HA 144 -15.91 67.30 46.93
CA ASP HA 144 -15.45 68.18 45.86
C ASP HA 144 -16.60 68.46 44.91
N PRO HA 145 -16.99 69.73 44.71
CA PRO HA 145 -18.15 70.01 43.86
C PRO HA 145 -17.85 69.97 42.37
N ASN HA 146 -16.59 69.97 41.97
CA ASN HA 146 -16.23 70.08 40.56
C ASN HA 146 -16.46 68.77 39.83
N GLY HA 147 -17.00 68.87 38.62
CA GLY HA 147 -17.14 67.71 37.75
C GLY HA 147 -18.26 66.77 38.11
N ILE HA 148 -19.25 67.21 38.88
CA ILE HA 148 -20.36 66.34 39.27
C ILE HA 148 -21.57 67.23 39.53
N THR HA 149 -22.76 66.67 39.33
CA THR HA 149 -23.99 67.43 39.46
C THR HA 149 -24.26 67.77 40.93
N ARG HA 150 -25.00 68.87 41.12
CA ARG HA 150 -25.23 69.41 42.45
C ARG HA 150 -26.21 68.53 43.24
N GLY HA 151 -25.99 68.47 44.54
CA GLY HA 151 -26.91 67.78 45.43
C GLY HA 151 -26.38 67.78 46.85
N ASP HA 152 -27.28 67.44 47.76
CA ASP HA 152 -26.94 67.35 49.18
C ASP HA 152 -26.41 65.95 49.48
N CYS HA 153 -25.25 65.89 50.13
CA CYS HA 153 -24.59 64.62 50.40
C CYS HA 153 -24.11 64.53 51.85
N SER HA 154 -24.82 65.19 52.77
CA SER HA 154 -24.40 65.19 54.17
C SER HA 154 -24.57 63.82 54.82
N ALA HA 155 -25.57 63.05 54.38
CA ALA HA 155 -25.84 61.76 54.98
C ALA HA 155 -24.76 60.74 54.67
N ILE HA 156 -24.33 60.67 53.41
CA ILE HA 156 -23.30 59.71 53.03
C ILE HA 156 -21.93 60.12 53.56
N VAL HA 157 -21.65 61.42 53.62
CA VAL HA 157 -20.41 61.89 54.24
C VAL HA 157 -20.40 61.58 55.75
N ALA HA 158 -21.56 61.73 56.40
CA ALA HA 158 -21.66 61.34 57.81
C ALA HA 158 -21.49 59.83 57.99
N GLU HA 159 -22.01 59.04 57.06
CA GLU HA 159 -21.85 57.59 57.11
C GLU HA 159 -20.39 57.17 56.90
N ILE HA 160 -19.70 57.84 55.96
CA ILE HA 160 -18.29 57.53 55.70
C ILE HA 160 -17.43 57.95 56.89
N ALA HA 161 -17.75 59.09 57.50
CA ALA HA 161 -17.05 59.52 58.71
C ALA HA 161 -17.32 58.56 59.87
N GLY HA 162 -18.53 58.00 59.95
CA GLY HA 162 -18.80 56.99 60.95
C GLY HA 162 -18.02 55.71 60.72
N TYR HA 163 -17.89 55.29 59.46
CA TYR HA 163 -17.08 54.12 59.13
C TYR HA 163 -15.61 54.35 59.44
N PHE HA 164 -15.11 55.55 59.16
CA PHE HA 164 -13.71 55.87 59.45
C PHE HA 164 -13.46 55.96 60.95
N ASP HA 165 -14.38 56.55 61.70
CA ASP HA 165 -14.23 56.59 63.16
C ASP HA 165 -14.38 55.22 63.77
N ARG HA 166 -15.18 54.35 63.15
CA ARG HA 166 -15.25 52.95 63.56
C ARG HA 166 -13.95 52.22 63.30
N ALA HA 167 -13.31 52.51 62.16
CA ALA HA 167 -12.01 51.90 61.86
C ALA HA 167 -10.92 52.40 62.79
N ALA HA 168 -10.95 53.69 63.13
CA ALA HA 168 -9.94 54.25 64.02
C ALA HA 168 -10.15 53.82 65.46
N ALA HA 169 -11.41 53.67 65.89
CA ALA HA 169 -11.70 53.27 67.26
C ALA HA 169 -11.41 51.80 67.51
N ALA HA 170 -11.44 50.97 66.47
CA ALA HA 170 -11.15 49.56 66.62
C ALA HA 170 -9.67 49.27 66.78
N VAL HA 171 -8.79 50.21 66.43
CA VAL HA 171 -7.36 50.03 66.58
C VAL HA 171 -6.77 50.88 67.70
N ALA HA 172 -7.53 51.84 68.23
CA ALA HA 172 -7.02 52.73 69.28
C ALA HA 172 -7.04 52.08 70.65
N MET IA 1 16.97 36.95 57.00
CA MET IA 1 18.38 37.16 57.32
C MET IA 1 19.24 36.00 56.82
N LYS IA 2 19.42 35.93 55.50
CA LYS IA 2 20.33 34.93 54.96
C LYS IA 2 21.78 35.29 55.25
N THR IA 3 22.54 34.27 55.60
CA THR IA 3 23.91 34.32 56.10
C THR IA 3 24.40 32.89 56.05
N PRO IA 4 25.69 32.63 55.74
CA PRO IA 4 26.18 31.24 55.66
C PRO IA 4 25.91 30.37 56.90
N LEU IA 5 26.13 30.90 58.10
CA LEU IA 5 25.82 30.14 59.31
C LEU IA 5 24.32 29.94 59.48
N THR IA 6 23.53 30.97 59.21
CA THR IA 6 22.08 30.86 59.38
C THR IA 6 21.44 29.98 58.33
N GLU IA 7 21.90 30.04 57.07
CA GLU IA 7 21.37 29.10 56.08
C GLU IA 7 21.85 27.67 56.35
N ALA IA 8 23.06 27.50 56.86
CA ALA IA 8 23.53 26.18 57.24
C ALA IA 8 22.66 25.56 58.32
N VAL IA 9 22.35 26.33 59.36
CA VAL IA 9 21.53 25.84 60.45
C VAL IA 9 20.07 25.67 60.02
N SER IA 10 19.55 26.60 59.21
CA SER IA 10 18.17 26.47 58.71
C SER IA 10 18.00 25.28 57.80
N THR IA 11 18.97 25.02 56.92
CA THR IA 11 18.88 23.88 56.02
C THR IA 11 19.00 22.56 56.78
N ALA IA 12 20.00 22.46 57.66
CA ALA IA 12 20.14 21.25 58.47
C ALA IA 12 18.98 21.04 59.44
N ASP IA 13 18.30 22.11 59.86
CA ASP IA 13 17.06 21.99 60.60
C ASP IA 13 15.91 21.54 59.71
N SER IA 14 15.92 21.95 58.44
CA SER IA 14 14.89 21.51 57.51
C SER IA 14 15.01 20.02 57.19
N GLN IA 15 16.24 19.48 57.08
CA GLN IA 15 16.31 18.03 57.11
C GLN IA 15 16.16 17.48 58.52
N GLY IA 16 16.33 18.32 59.54
CA GLY IA 16 16.28 17.87 60.92
C GLY IA 16 17.41 16.96 61.33
N ARG IA 17 18.64 17.28 60.91
CA ARG IA 17 19.79 16.44 61.17
C ARG IA 17 20.88 17.26 61.84
N PHE IA 18 21.91 16.56 62.32
CA PHE IA 18 23.06 17.24 62.88
C PHE IA 18 23.91 17.87 61.79
N LEU IA 19 24.82 18.73 62.21
CA LEU IA 19 25.60 19.55 61.28
C LEU IA 19 26.75 18.72 60.72
N SER IA 20 26.61 18.30 59.46
CA SER IA 20 27.65 17.53 58.81
C SER IA 20 28.79 18.45 58.36
N SER IA 21 29.77 17.90 57.66
CA SER IA 21 30.93 18.69 57.25
C SER IA 21 30.61 19.65 56.12
N THR IA 22 29.47 19.48 55.45
CA THR IA 22 29.00 20.48 54.49
C THR IA 22 28.79 21.82 55.18
N GLU IA 23 28.12 21.79 56.33
CA GLU IA 23 27.91 23.00 57.12
C GLU IA 23 29.23 23.51 57.69
N LEU IA 24 30.16 22.61 58.00
CA LEU IA 24 31.49 23.03 58.46
C LEU IA 24 32.26 23.76 57.37
N GLN IA 25 32.15 23.31 56.11
CA GLN IA 25 32.77 24.04 55.01
C GLN IA 25 32.08 25.37 54.75
N ILE IA 26 30.76 25.43 54.96
CA ILE IA 26 30.04 26.70 54.88
C ILE IA 26 30.61 27.68 55.91
N ALA IA 27 30.81 27.19 57.14
CA ALA IA 27 31.43 28.00 58.18
C ALA IA 27 32.87 28.37 57.85
N PHE IA 28 33.61 27.49 57.19
CA PHE IA 28 35.00 27.80 56.85
C PHE IA 28 35.09 28.91 55.82
N GLY IA 29 34.20 28.89 54.83
CA GLY IA 29 34.13 29.99 53.88
C GLY IA 29 33.67 31.29 54.54
N ARG IA 30 32.70 31.19 55.47
CA ARG IA 30 32.25 32.36 56.22
C ARG IA 30 33.38 32.96 57.06
N LEU IA 31 34.15 32.12 57.74
CA LEU IA 31 35.24 32.60 58.57
C LEU IA 31 36.42 33.13 57.77
N ARG IA 32 36.66 32.59 56.57
CA ARG IA 32 37.75 33.17 55.77
C ARG IA 32 37.33 34.49 55.13
N GLN IA 33 36.04 34.64 54.83
CA GLN IA 33 35.61 35.86 54.16
C GLN IA 33 35.25 36.95 55.17
N ALA IA 34 35.06 36.56 56.44
CA ALA IA 34 34.54 37.45 57.46
C ALA IA 34 35.51 38.56 57.82
N ASN IA 35 36.82 38.28 57.77
CA ASN IA 35 37.82 39.31 58.05
C ASN IA 35 37.75 40.43 57.02
N ALA IA 36 37.78 40.09 55.73
CA ALA IA 36 37.72 41.07 54.67
C ALA IA 36 36.40 41.83 54.71
N GLY IA 37 35.31 41.14 55.06
CA GLY IA 37 34.05 41.84 55.30
C GLY IA 37 34.12 42.82 56.46
N LEU IA 38 34.86 42.48 57.52
CA LEU IA 38 34.93 43.35 58.68
C LEU IA 38 35.77 44.60 58.41
N GLN IA 39 36.95 44.47 57.78
CA GLN IA 39 37.63 45.73 57.42
C GLN IA 39 36.97 46.47 56.28
N ALA IA 40 36.19 45.81 55.42
CA ALA IA 40 35.39 46.55 54.44
C ALA IA 40 34.32 47.39 55.13
N ALA IA 41 33.66 46.82 56.13
CA ALA IA 41 32.67 47.57 56.90
C ALA IA 41 33.32 48.68 57.71
N LYS IA 42 34.53 48.44 58.22
CA LYS IA 42 35.26 49.48 58.95
C LYS IA 42 35.65 50.65 58.05
N ALA IA 43 36.13 50.35 56.84
CA ALA IA 43 36.49 51.40 55.89
C ALA IA 43 35.27 52.18 55.43
N LEU IA 44 34.15 51.48 55.20
CA LEU IA 44 32.93 52.19 54.81
C LEU IA 44 32.35 53.01 55.95
N THR IA 45 32.50 52.54 57.19
CA THR IA 45 32.10 53.34 58.34
C THR IA 45 32.97 54.59 58.47
N ASP IA 46 34.27 54.46 58.22
CA ASP IA 46 35.17 55.61 58.23
C ASP IA 46 34.85 56.61 57.13
N ASN IA 47 34.44 56.12 55.96
CA ASN IA 47 34.17 56.98 54.82
C ASN IA 47 32.68 57.24 54.60
N ALA IA 48 31.85 56.94 55.60
CA ALA IA 48 30.39 56.94 55.42
C ALA IA 48 29.82 58.31 55.08
N GLN IA 49 30.22 59.35 55.81
CA GLN IA 49 29.64 60.67 55.60
C GLN IA 49 30.05 61.26 54.25
N SER IA 50 31.32 61.09 53.88
CA SER IA 50 31.81 61.52 52.58
C SER IA 50 31.14 60.75 51.46
N LEU IA 51 30.95 59.43 51.64
CA LEU IA 51 30.30 58.61 50.61
C LEU IA 51 28.84 58.99 50.44
N VAL IA 52 28.13 59.27 51.53
CA VAL IA 52 26.72 59.64 51.46
C VAL IA 52 26.56 61.01 50.80
N ASN IA 53 27.40 61.98 51.18
CA ASN IA 53 27.33 63.30 50.56
C ASN IA 53 27.71 63.26 49.08
N GLY IA 54 28.76 62.50 48.74
CA GLY IA 54 29.14 62.37 47.34
C GLY IA 54 28.11 61.63 46.51
N ALA IA 55 27.45 60.62 47.09
CA ALA IA 55 26.42 59.90 46.37
C ALA IA 55 25.19 60.76 46.15
N ALA IA 56 24.82 61.57 47.14
CA ALA IA 56 23.72 62.52 46.96
C ALA IA 56 24.05 63.55 45.89
N GLN IA 57 25.30 64.03 45.88
CA GLN IA 57 25.71 64.99 44.85
C GLN IA 57 25.74 64.35 43.47
N ALA IA 58 26.13 63.08 43.39
CA ALA IA 58 26.15 62.37 42.10
C ALA IA 58 24.74 62.11 41.58
N VAL IA 59 23.80 61.82 42.47
CA VAL IA 59 22.41 61.65 42.07
C VAL IA 59 21.83 62.98 41.60
N TYR IA 60 22.15 64.07 42.30
CA TYR IA 60 21.69 65.39 41.86
C TYR IA 60 22.37 65.85 40.59
N ASN IA 61 23.55 65.32 40.28
CA ASN IA 61 24.21 65.64 39.02
C ASN IA 61 23.61 64.85 37.85
N LYS IA 62 23.40 63.55 38.04
CA LYS IA 62 22.79 62.76 36.96
C LYS IA 62 21.31 63.07 36.79
N PHE IA 63 20.62 63.36 37.88
CA PHE IA 63 19.19 63.67 37.86
C PHE IA 63 19.01 65.06 38.46
N PRO IA 64 19.24 66.11 37.67
CA PRO IA 64 19.08 67.48 38.20
C PRO IA 64 17.64 67.86 38.45
N TYR IA 65 16.67 67.16 37.83
CA TYR IA 65 15.27 67.49 37.96
C TYR IA 65 14.74 67.32 39.38
N THR IA 66 15.42 66.51 40.20
CA THR IA 66 15.06 66.37 41.60
C THR IA 66 15.36 67.63 42.40
N THR IA 67 16.22 68.52 41.89
CA THR IA 67 16.65 69.69 42.64
C THR IA 67 15.89 70.96 42.31
N GLN IA 68 15.32 71.09 41.12
CA GLN IA 68 14.54 72.28 40.79
C GLN IA 68 13.04 72.06 40.80
N THR IA 69 12.56 70.88 40.40
CA THR IA 69 11.13 70.62 40.37
C THR IA 69 10.62 70.39 41.78
N GLN IA 70 9.52 71.04 42.12
CA GLN IA 70 8.96 70.93 43.46
C GLN IA 70 8.09 69.68 43.57
N GLY IA 71 7.99 69.18 44.78
CA GLY IA 71 7.23 67.97 45.07
C GLY IA 71 7.75 67.30 46.32
N ASN IA 72 6.93 66.42 46.89
CA ASN IA 72 7.33 65.69 48.08
C ASN IA 72 8.44 64.69 47.76
N ASN IA 73 8.32 63.99 46.63
CA ASN IA 73 9.28 62.96 46.27
C ASN IA 73 10.62 63.53 45.82
N PHE IA 74 10.68 64.81 45.48
CA PHE IA 74 11.90 65.42 44.98
C PHE IA 74 12.68 66.09 46.12
N ALA IA 75 13.92 66.45 45.80
CA ALA IA 75 14.84 67.03 46.78
C ALA IA 75 15.12 68.51 46.49
N ALA IA 76 14.08 69.24 46.11
CA ALA IA 76 14.24 70.67 45.84
C ALA IA 76 14.49 71.46 47.11
N ASP IA 77 13.78 71.12 48.19
CA ASP IA 77 13.92 71.82 49.46
C ASP IA 77 14.96 71.10 50.31
N GLN IA 78 15.15 71.62 51.53
CA GLN IA 78 16.08 71.00 52.46
C GLN IA 78 15.52 69.70 53.02
N ARG IA 79 14.19 69.60 53.12
CA ARG IA 79 13.54 68.37 53.59
C ARG IA 79 13.78 67.21 52.64
N GLY IA 80 13.66 67.46 51.33
CA GLY IA 80 13.92 66.41 50.36
C GLY IA 80 15.38 66.00 50.31
N LYS IA 81 16.29 66.95 50.47
CA LYS IA 81 17.72 66.63 50.49
C LYS IA 81 18.09 65.85 51.74
N ASP IA 82 17.49 66.20 52.88
CA ASP IA 82 17.69 65.44 54.11
C ASP IA 82 17.13 64.03 53.98
N LYS IA 83 15.97 63.88 53.33
CA LYS IA 83 15.40 62.55 53.09
C LYS IA 83 16.29 61.72 52.18
N CYS IA 84 16.86 62.34 51.13
CA CYS IA 84 17.74 61.63 50.22
C CYS IA 84 19.04 61.22 50.90
N ALA IA 85 19.61 62.11 51.72
CA ALA IA 85 20.81 61.77 52.47
C ALA IA 85 20.54 60.65 53.48
N ARG IA 86 19.37 60.68 54.12
CA ARG IA 86 18.98 59.61 55.03
C ARG IA 86 18.79 58.28 54.30
N ASP IA 87 18.22 58.34 53.08
CA ASP IA 87 18.04 57.13 52.28
C ASP IA 87 19.37 56.52 51.87
N ILE IA 88 20.30 57.36 51.40
CA ILE IA 88 21.62 56.87 51.00
C ILE IA 88 22.41 56.37 52.20
N GLY IA 89 22.24 57.02 53.36
CA GLY IA 89 22.84 56.52 54.58
C GLY IA 89 22.26 55.18 55.01
N TYR IA 90 20.95 54.99 54.80
CA TYR IA 90 20.34 53.68 55.04
C TYR IA 90 20.91 52.61 54.13
N TYR IA 91 21.08 52.95 52.84
CA TYR IA 91 21.62 52.01 51.87
C TYR IA 91 23.05 51.61 52.22
N LEU IA 92 23.89 52.59 52.54
CA LEU IA 92 25.28 52.32 52.88
C LEU IA 92 25.40 51.58 54.21
N ARG IA 93 24.54 51.91 55.18
CA ARG IA 93 24.57 51.24 56.47
C ARG IA 93 24.16 49.78 56.35
N ILE IA 94 23.16 49.48 55.51
CA ILE IA 94 22.77 48.10 55.34
C ILE IA 94 23.78 47.33 54.46
N VAL IA 95 24.51 48.02 53.58
CA VAL IA 95 25.64 47.37 52.90
C VAL IA 95 26.75 47.01 53.90
N THR IA 96 27.02 47.89 54.86
CA THR IA 96 27.99 47.55 55.92
C THR IA 96 27.47 46.41 56.79
N TYR IA 97 26.16 46.37 57.04
CA TYR IA 97 25.54 45.27 57.78
C TYR IA 97 25.70 43.95 57.04
N CYS IA 98 25.57 43.99 55.70
CA CYS IA 98 25.77 42.80 54.89
C CYS IA 98 27.24 42.38 54.87
N LEU IA 99 28.15 43.35 54.90
CA LEU IA 99 29.58 43.05 54.99
C LEU IA 99 29.91 42.36 56.32
N VAL IA 100 29.32 42.85 57.40
CA VAL IA 100 29.52 42.23 58.71
C VAL IA 100 28.91 40.83 58.75
N ALA IA 101 27.68 40.69 58.21
CA ALA IA 101 26.98 39.42 58.28
C ALA IA 101 27.56 38.40 57.32
N GLY IA 102 27.98 38.82 56.13
CA GLY IA 102 28.47 37.90 55.14
C GLY IA 102 27.46 37.44 54.13
N GLY IA 103 26.32 38.09 54.04
CA GLY IA 103 25.31 37.77 53.03
C GLY IA 103 24.34 38.91 52.90
N THR IA 104 23.44 38.77 51.92
CA THR IA 104 22.47 39.82 51.62
C THR IA 104 21.24 39.79 52.52
N GLY IA 105 21.32 39.09 53.64
CA GLY IA 105 20.26 39.03 54.63
C GLY IA 105 19.82 40.34 55.26
N PRO IA 106 20.78 41.17 55.70
CA PRO IA 106 20.38 42.55 56.10
C PRO IA 106 19.70 43.34 54.99
N LEU IA 107 20.16 43.20 53.74
CA LEU IA 107 19.49 43.88 52.64
C LEU IA 107 18.09 43.32 52.42
N ASP IA 108 17.94 41.99 52.51
CA ASP IA 108 16.65 41.36 52.30
C ASP IA 108 15.65 41.73 53.39
N GLU IA 109 16.05 41.65 54.66
CA GLU IA 109 15.12 41.93 55.73
C GLU IA 109 14.88 43.41 55.93
N TYR IA 110 15.89 44.26 55.69
CA TYR IA 110 15.77 45.66 56.04
C TYR IA 110 15.46 46.56 54.85
N LEU IA 111 15.97 46.26 53.66
CA LEU IA 111 15.85 47.19 52.55
C LEU IA 111 15.12 46.61 51.35
N ILE IA 112 15.48 45.40 50.89
CA ILE IA 112 15.02 44.91 49.60
C ILE IA 112 13.54 44.54 49.63
N ALA IA 113 13.09 43.90 50.70
CA ALA IA 113 11.69 43.46 50.77
C ALA IA 113 10.77 44.66 50.97
N GLY IA 114 9.84 44.83 50.03
CA GLY IA 114 8.92 45.93 50.09
C GLY IA 114 9.40 47.23 49.50
N ILE IA 115 10.59 47.25 48.89
CA ILE IA 115 11.10 48.49 48.31
C ILE IA 115 10.36 48.88 47.04
N ASP IA 116 9.70 47.94 46.37
CA ASP IA 116 8.87 48.26 45.21
C ASP IA 116 7.65 49.07 45.63
N GLU IA 117 7.06 48.74 46.78
CA GLU IA 117 5.95 49.53 47.31
C GLU IA 117 6.41 50.92 47.74
N ILE IA 118 7.65 51.04 48.19
CA ILE IA 118 8.22 52.35 48.51
C ILE IA 118 8.36 53.18 47.24
N ASN IA 119 8.96 52.60 46.20
CA ASN IA 119 9.23 53.35 44.98
C ASN IA 119 7.97 53.61 44.17
N ARG IA 120 6.90 52.84 44.40
CA ARG IA 120 5.64 53.06 43.72
C ARG IA 120 4.73 54.02 44.47
N THR IA 121 4.60 53.84 45.79
CA THR IA 121 3.66 54.65 46.57
C THR IA 121 4.14 56.09 46.71
N PHE IA 122 5.42 56.29 46.99
CA PHE IA 122 5.96 57.62 47.25
C PHE IA 122 6.60 58.25 46.02
N ASP IA 123 6.44 57.64 44.84
CA ASP IA 123 6.87 58.17 43.54
C ASP IA 123 8.38 58.42 43.50
N LEU IA 124 9.14 57.56 44.15
CA LEU IA 124 10.59 57.64 44.14
C LEU IA 124 11.12 56.79 43.01
N SER IA 125 11.93 57.39 42.14
CA SER IA 125 12.51 56.63 41.05
C SER IA 125 13.66 55.78 41.58
N PRO IA 126 13.65 54.46 41.34
CA PRO IA 126 14.76 53.61 41.82
C PRO IA 126 16.09 53.87 41.13
N SER IA 127 16.10 54.55 39.98
CA SER IA 127 17.35 54.86 39.29
C SER IA 127 18.21 55.83 40.08
N TRP IA 128 17.60 56.67 40.92
CA TRP IA 128 18.34 57.52 41.84
C TRP IA 128 19.16 56.68 42.81
N TYR IA 129 18.52 55.68 43.43
CA TYR IA 129 19.23 54.82 44.36
C TYR IA 129 20.24 53.94 43.64
N VAL IA 130 19.95 53.56 42.39
CA VAL IA 130 20.91 52.81 41.58
C VAL IA 130 22.18 53.63 41.35
N GLU IA 131 22.04 54.91 40.99
CA GLU IA 131 23.22 55.72 40.75
C GLU IA 131 23.95 56.07 42.06
N ALA IA 132 23.23 56.15 43.17
CA ALA IA 132 23.89 56.29 44.47
C ALA IA 132 24.74 55.06 44.79
N LEU IA 133 24.21 53.86 44.53
CA LEU IA 133 24.98 52.65 44.74
C LEU IA 133 26.14 52.53 43.75
N LYS IA 134 25.99 53.06 42.52
CA LYS IA 134 27.13 53.10 41.60
C LYS IA 134 28.21 54.07 42.06
N TYR IA 135 27.83 55.18 42.69
CA TYR IA 135 28.86 56.06 43.26
C TYR IA 135 29.58 55.38 44.40
N ILE IA 136 28.85 54.64 45.25
CA ILE IA 136 29.52 53.90 46.32
C ILE IA 136 30.41 52.79 45.75
N LYS IA 137 29.98 52.19 44.64
CA LYS IA 137 30.79 51.20 43.95
C LYS IA 137 32.01 51.83 43.27
N ALA IA 138 31.97 53.13 42.97
CA ALA IA 138 33.07 53.76 42.26
C ALA IA 138 34.02 54.53 43.17
N ASN IA 139 33.58 54.94 44.36
CA ASN IA 139 34.40 55.81 45.21
C ASN IA 139 34.52 55.30 46.65
N HIS IA 140 34.45 53.99 46.88
CA HIS IA 140 34.69 53.51 48.23
C HIS IA 140 36.16 53.19 48.48
N GLY IA 141 36.89 52.74 47.47
CA GLY IA 141 38.32 52.60 47.58
C GLY IA 141 38.82 51.29 48.17
N LEU IA 142 37.96 50.27 48.27
CA LEU IA 142 38.42 48.99 48.78
C LEU IA 142 39.12 48.19 47.68
N SER IA 143 39.83 47.15 48.10
CA SER IA 143 40.60 46.32 47.19
C SER IA 143 40.59 44.88 47.67
N GLY IA 144 40.85 43.96 46.74
CA GLY IA 144 41.00 42.55 47.08
C GLY IA 144 39.71 41.84 47.37
N ASP IA 145 39.71 41.01 48.43
CA ASP IA 145 38.51 40.27 48.80
C ASP IA 145 37.46 41.18 49.42
N ALA IA 146 37.88 42.30 50.00
CA ALA IA 146 36.94 43.25 50.58
C ALA IA 146 36.12 43.95 49.50
N ARG IA 147 36.76 44.30 48.39
CA ARG IA 147 36.04 44.99 47.31
C ARG IA 147 35.10 44.05 46.57
N ASP IA 148 35.51 42.79 46.39
CA ASP IA 148 34.66 41.83 45.70
C ASP IA 148 33.43 41.49 46.53
N GLU IA 149 33.56 41.50 47.86
CA GLU IA 149 32.40 41.30 48.72
C GLU IA 149 31.51 42.52 48.72
N ALA IA 150 32.11 43.72 48.82
CA ALA IA 150 31.34 44.96 48.96
C ALA IA 150 30.60 45.31 47.69
N ASN IA 151 31.23 45.10 46.53
CA ASN IA 151 30.56 45.37 45.26
C ASN IA 151 29.42 44.40 45.02
N SER IA 152 29.53 43.17 45.54
CA SER IA 152 28.51 42.16 45.34
C SER IA 152 27.20 42.55 46.02
N TYR IA 153 27.28 43.24 47.15
CA TYR IA 153 26.07 43.76 47.78
C TYR IA 153 25.58 45.01 47.06
N LEU IA 154 26.50 45.79 46.50
CA LEU IA 154 26.11 47.00 45.79
C LEU IA 154 25.40 46.69 44.48
N ASP IA 155 25.91 45.72 43.72
CA ASP IA 155 25.19 45.31 42.51
C ASP IA 155 23.93 44.52 42.83
N TYR IA 156 23.86 43.85 43.99
CA TYR IA 156 22.64 43.11 44.33
C TYR IA 156 21.49 44.07 44.61
N ALA IA 157 21.76 45.17 45.30
CA ALA IA 157 20.73 46.19 45.46
C ALA IA 157 20.47 46.92 44.16
N ILE IA 158 21.47 47.03 43.28
CA ILE IA 158 21.25 47.57 41.95
C ILE IA 158 20.38 46.61 41.13
N ASN IA 159 20.69 45.31 41.20
CA ASN IA 159 19.89 44.32 40.48
C ASN IA 159 18.48 44.20 41.04
N ALA IA 160 18.30 44.48 42.32
CA ALA IA 160 16.96 44.46 42.91
C ALA IA 160 16.15 45.69 42.50
N LEU IA 161 16.81 46.82 42.34
CA LEU IA 161 16.12 48.05 41.97
C LEU IA 161 16.00 48.24 40.45
N SER IA 162 16.65 47.39 39.66
CA SER IA 162 16.59 47.51 38.21
C SER IA 162 16.18 46.20 37.55
N MET JA 1 16.14 34.19 62.52
CA MET JA 1 16.99 33.99 63.69
C MET JA 1 18.33 34.70 63.49
N PHE JA 2 19.25 34.55 64.44
CA PHE JA 2 20.48 35.31 64.42
C PHE JA 2 21.68 34.44 64.73
N ASP JA 3 22.84 34.88 64.26
CA ASP JA 3 24.14 34.32 64.60
C ASP JA 3 24.96 35.39 65.33
N VAL JA 4 26.27 35.14 65.47
CA VAL JA 4 27.14 36.08 66.15
C VAL JA 4 27.28 37.39 65.37
N PHE JA 5 27.09 37.37 64.05
CA PHE JA 5 27.19 38.56 63.24
C PHE JA 5 25.86 39.30 63.14
N THR JA 6 24.79 38.59 62.79
CA THR JA 6 23.51 39.23 62.57
C THR JA 6 22.80 39.67 63.85
N ARG JA 7 23.20 39.15 65.01
CA ARG JA 7 22.69 39.70 66.27
C ARG JA 7 23.21 41.12 66.49
N VAL JA 8 24.50 41.33 66.25
CA VAL JA 8 25.10 42.67 66.34
C VAL JA 8 24.55 43.56 65.24
N VAL JA 9 24.29 42.98 64.06
CA VAL JA 9 23.67 43.73 62.96
C VAL JA 9 22.27 44.21 63.33
N SER JA 10 21.47 43.32 63.94
CA SER JA 10 20.11 43.67 64.32
C SER JA 10 20.09 44.69 65.46
N GLN JA 11 21.01 44.55 66.42
CA GLN JA 11 21.10 45.52 67.50
C GLN JA 11 21.53 46.89 66.98
N ALA JA 12 22.50 46.92 66.06
CA ALA JA 12 22.96 48.18 65.49
C ALA JA 12 21.90 48.82 64.60
N ASP JA 13 21.07 48.01 63.94
CA ASP JA 13 20.01 48.58 63.13
C ASP JA 13 18.87 49.09 64.00
N ALA JA 14 18.54 48.38 65.08
CA ALA JA 14 17.51 48.82 65.99
C ALA JA 14 17.92 50.08 66.73
N ARG JA 15 19.22 50.25 67.01
CA ARG JA 15 19.70 51.53 67.48
C ARG JA 15 19.98 52.52 66.34
N GLY JA 16 20.10 52.02 65.12
CA GLY JA 16 20.28 52.89 63.95
C GLY JA 16 21.61 53.60 63.81
N GLU JA 17 22.71 52.90 64.05
CA GLU JA 17 24.04 53.43 63.71
C GLU JA 17 24.86 52.32 63.07
N TYR JA 18 26.04 52.72 62.60
CA TYR JA 18 27.04 51.77 62.13
C TYR JA 18 27.61 51.01 63.32
N LEU JA 19 28.27 49.88 63.03
CA LEU JA 19 28.97 49.16 64.07
C LEU JA 19 30.20 49.95 64.51
N SER JA 20 30.42 50.00 65.82
CA SER JA 20 31.55 50.71 66.39
C SER JA 20 32.83 49.88 66.22
N GLY JA 21 33.95 50.47 66.62
CA GLY JA 21 35.22 49.76 66.52
C GLY JA 21 35.32 48.57 67.46
N SER JA 22 34.76 48.71 68.67
CA SER JA 22 34.79 47.61 69.64
C SER JA 22 33.92 46.45 69.19
N GLN JA 23 32.79 46.73 68.52
CA GLN JA 23 31.95 45.66 67.98
C GLN JA 23 32.67 44.89 66.88
N LEU JA 24 33.37 45.59 65.99
CA LEU JA 24 34.15 44.90 64.96
C LEU JA 24 35.34 44.15 65.55
N ASP JA 25 35.93 44.67 66.64
CA ASP JA 25 37.01 43.94 67.31
C ASP JA 25 36.51 42.67 67.98
N ALA JA 26 35.33 42.74 68.62
CA ALA JA 26 34.74 41.55 69.22
C ALA JA 26 34.34 40.53 68.16
N LEU JA 27 33.85 41.01 67.02
CA LEU JA 27 33.52 40.11 65.93
C LEU JA 27 34.76 39.47 65.33
N SER JA 28 35.87 40.22 65.25
CA SER JA 28 37.14 39.64 64.82
C SER JA 28 37.67 38.64 65.84
N ALA JA 29 37.41 38.87 67.13
CA ALA JA 29 37.79 37.91 68.16
C ALA JA 29 37.02 36.61 67.99
N THR JA 30 35.71 36.69 67.71
CA THR JA 30 34.96 35.47 67.44
C THR JA 30 35.39 34.82 66.12
N VAL JA 31 35.87 35.62 65.15
CA VAL JA 31 36.43 35.06 63.94
C VAL JA 31 37.68 34.24 64.25
N ALA JA 32 38.53 34.76 65.14
CA ALA JA 32 39.68 33.98 65.62
C ALA JA 32 39.25 32.75 66.41
N GLU JA 33 38.11 32.82 67.11
CA GLU JA 33 37.53 31.68 67.81
C GLU JA 33 36.81 30.70 66.87
N GLY JA 34 36.66 31.06 65.60
CA GLY JA 34 35.82 30.28 64.68
C GLY JA 34 36.33 28.86 64.41
N ASN JA 35 37.64 28.68 64.30
CA ASN JA 35 38.17 27.33 64.06
C ASN JA 35 37.96 26.43 65.27
N LYS JA 36 38.13 26.99 66.47
CA LYS JA 36 37.80 26.31 67.71
C LYS JA 36 36.32 25.94 67.75
N ARG JA 37 35.47 26.86 67.30
CA ARG JA 37 34.03 26.65 67.24
C ARG JA 37 33.65 25.51 66.29
N ILE JA 38 34.30 25.47 65.12
CA ILE JA 38 34.02 24.43 64.14
C ILE JA 38 34.51 23.07 64.64
N ASP JA 39 35.66 23.04 65.33
CA ASP JA 39 36.12 21.82 65.99
C ASP JA 39 35.16 21.32 67.05
N SER JA 40 34.62 22.24 67.87
CA SER JA 40 33.66 21.85 68.90
C SER JA 40 32.38 21.30 68.29
N VAL JA 41 31.88 21.94 67.23
CA VAL JA 41 30.68 21.47 66.54
C VAL JA 41 30.92 20.10 65.91
N ASN JA 42 32.10 19.92 65.30
CA ASN JA 42 32.45 18.64 64.67
C ASN JA 42 32.54 17.51 65.69
N ARG JA 43 33.14 17.79 66.85
CA ARG JA 43 33.27 16.76 67.88
C ARG JA 43 31.92 16.37 68.48
N ILE JA 44 31.07 17.38 68.77
CA ILE JA 44 29.76 17.11 69.34
C ILE JA 44 28.89 16.35 68.33
N THR JA 45 28.96 16.73 67.05
CA THR JA 45 28.23 16.01 66.00
C THR JA 45 28.73 14.58 65.86
N GLY JA 46 30.06 14.38 65.93
CA GLY JA 46 30.62 13.06 65.78
C GLY JA 46 30.34 12.12 66.92
N ASN JA 47 30.11 12.64 68.13
CA ASN JA 47 29.79 11.78 69.26
C ASN JA 47 28.39 12.03 69.83
N ALA JA 48 27.49 12.60 69.03
CA ALA JA 48 26.14 12.95 69.48
C ALA JA 48 25.33 11.73 69.91
N SER JA 49 25.38 10.64 69.14
CA SER JA 49 24.62 9.44 69.50
C SER JA 49 25.13 8.80 70.78
N ALA JA 50 26.45 8.77 70.96
CA ALA JA 50 27.02 8.27 72.21
C ALA JA 50 26.66 9.17 73.39
N ILE JA 51 26.65 10.49 73.17
CA ILE JA 51 26.28 11.44 74.23
C ILE JA 51 24.83 11.22 74.66
N VAL JA 52 23.93 11.10 73.68
CA VAL JA 52 22.50 10.91 73.96
C VAL JA 52 22.27 9.57 74.66
N SER JA 53 22.91 8.50 74.18
CA SER JA 53 22.72 7.17 74.76
C SER JA 53 23.26 7.11 76.19
N ASN JA 54 24.48 7.62 76.41
CA ASN JA 54 25.08 7.55 77.74
C ASN JA 54 24.39 8.47 78.73
N ALA JA 55 23.95 9.64 78.28
CA ALA JA 55 23.23 10.55 79.16
C ALA JA 55 21.86 10.01 79.53
N ALA JA 56 21.16 9.38 78.58
CA ALA JA 56 19.89 8.75 78.88
C ALA JA 56 20.07 7.55 79.82
N ARG JA 57 21.14 6.78 79.61
CA ARG JA 57 21.42 5.62 80.47
C ARG JA 57 21.72 6.05 81.89
N ALA JA 58 22.55 7.08 82.07
CA ALA JA 58 22.86 7.57 83.40
C ALA JA 58 21.67 8.28 84.04
N LEU JA 59 20.82 8.90 83.23
CA LEU JA 59 19.60 9.53 83.75
C LEU JA 59 18.62 8.50 84.26
N PHE JA 60 18.44 7.40 83.51
CA PHE JA 60 17.56 6.33 83.97
C PHE JA 60 18.19 5.53 85.10
N ALA JA 61 19.52 5.52 85.22
CA ALA JA 61 20.17 4.89 86.35
C ALA JA 61 19.96 5.69 87.63
N GLU JA 62 20.14 7.01 87.56
CA GLU JA 62 19.96 7.85 88.73
C GLU JA 62 18.49 8.01 89.10
N GLN JA 63 17.60 8.11 88.13
CA GLN JA 63 16.16 8.24 88.36
C GLN JA 63 15.47 7.05 87.72
N PRO JA 64 15.33 5.94 88.44
CA PRO JA 64 14.66 4.76 87.87
C PRO JA 64 13.14 4.88 87.83
N GLN JA 65 12.57 5.94 88.40
CA GLN JA 65 11.12 6.12 88.38
C GLN JA 65 10.60 6.57 87.03
N LEU JA 66 11.53 6.90 86.12
CA LEU JA 66 11.13 7.38 84.76
C LEU JA 66 10.78 6.17 83.87
N ILE JA 67 11.62 5.14 83.87
CA ILE JA 67 11.41 3.99 82.95
C ILE JA 67 10.59 2.90 83.66
N GLN JA 68 10.15 3.17 84.89
CA GLN JA 68 9.32 2.19 85.63
C GLN JA 68 7.96 2.05 84.95
N PRO JA 69 7.31 0.87 84.97
CA PRO JA 69 5.99 0.71 84.37
C PRO JA 69 5.01 1.75 84.90
N GLY JA 70 4.74 2.78 84.11
CA GLY JA 70 3.84 3.85 84.54
C GLY JA 70 4.58 5.18 84.57
N GLY JA 71 5.90 5.15 84.46
CA GLY JA 71 6.71 6.38 84.42
C GLY JA 71 6.61 7.05 83.06
N ASN JA 72 7.05 8.30 82.95
CA ASN JA 72 6.90 9.05 81.67
C ASN JA 72 7.72 8.36 80.58
N ALA JA 73 8.98 8.00 80.86
CA ALA JA 73 9.85 7.40 79.82
C ALA JA 73 9.59 5.89 79.71
N TYR JA 74 8.43 5.42 80.15
CA TYR JA 74 8.09 3.99 79.97
C TYR JA 74 7.39 3.83 78.62
N THR JA 75 7.25 2.60 78.10
CA THR JA 75 6.65 2.32 76.76
C THR JA 75 7.62 2.78 75.68
N SER JA 76 7.99 1.86 74.78
CA SER JA 76 8.93 2.20 73.68
C SER JA 76 8.62 3.59 73.13
N ARG JA 77 7.37 3.83 72.71
CA ARG JA 77 6.98 5.14 72.12
C ARG JA 77 7.51 6.31 72.95
N ARG JA 78 7.17 6.37 74.24
CA ARG JA 78 7.57 7.54 75.07
C ARG JA 78 9.09 7.56 75.31
N MET JA 79 9.70 6.41 75.59
CA MET JA 79 11.16 6.35 75.76
C MET JA 79 11.83 6.84 74.46
N ALA JA 80 11.36 6.32 73.32
CA ALA JA 80 11.88 6.71 72.02
C ALA JA 80 11.70 8.21 71.79
N ALA JA 81 10.57 8.77 72.22
CA ALA JA 81 10.37 10.21 72.19
C ALA JA 81 11.33 10.93 73.14
N CYS JA 82 11.69 10.29 74.26
CA CYS JA 82 12.65 10.91 75.18
C CYS JA 82 14.06 10.95 74.58
N LEU JA 83 14.47 9.86 73.93
CA LEU JA 83 15.74 9.83 73.20
C LEU JA 83 15.72 10.84 72.06
N ARG JA 84 14.57 10.96 71.39
CA ARG JA 84 14.40 11.97 70.34
C ARG JA 84 14.53 13.37 70.90
N ASP JA 85 13.95 13.63 72.08
CA ASP JA 85 14.06 14.94 72.70
C ASP JA 85 15.49 15.26 73.12
N MET JA 86 16.23 14.25 73.61
CA MET JA 86 17.66 14.42 73.83
C MET JA 86 18.39 14.79 72.55
N GLU JA 87 18.03 14.15 71.43
CA GLU JA 87 18.65 14.47 70.14
C GLU JA 87 18.30 15.89 69.69
N ILE JA 88 17.05 16.33 69.90
CA ILE JA 88 16.64 17.69 69.55
C ILE JA 88 17.37 18.74 70.39
N ILE JA 89 17.48 18.52 71.71
CA ILE JA 89 18.19 19.47 72.58
C ILE JA 89 19.66 19.54 72.19
N LEU JA 90 20.29 18.38 71.98
CA LEU JA 90 21.71 18.37 71.60
C LEU JA 90 21.93 18.99 70.22
N ARG JA 91 21.00 18.75 69.29
CA ARG JA 91 21.09 19.30 67.95
C ARG JA 91 20.96 20.82 67.95
N TYR JA 92 20.04 21.35 68.76
CA TYR JA 92 19.89 22.80 68.78
C TYR JA 92 20.97 23.49 69.60
N VAL JA 93 21.55 22.81 70.60
CA VAL JA 93 22.73 23.36 71.26
C VAL JA 93 23.93 23.36 70.30
N THR JA 94 24.02 22.33 69.45
CA THR JA 94 25.03 22.31 68.39
C THR JA 94 24.81 23.44 67.39
N TYR JA 95 23.54 23.72 67.06
CA TYR JA 95 23.20 24.83 66.18
C TYR JA 95 23.60 26.17 66.80
N ALA JA 96 23.33 26.35 68.09
CA ALA JA 96 23.69 27.58 68.79
C ALA JA 96 25.19 27.73 68.92
N THR JA 97 25.91 26.62 69.10
CA THR JA 97 27.37 26.65 69.09
C THR JA 97 27.88 27.08 67.74
N PHE JA 98 27.28 26.55 66.67
CA PHE JA 98 27.69 26.84 65.30
C PHE JA 98 27.47 28.31 64.95
N THR JA 99 26.31 28.85 65.28
CA THR JA 99 26.01 30.24 64.96
C THR JA 99 26.76 31.22 65.84
N GLY JA 100 27.07 30.84 67.07
CA GLY JA 100 27.65 31.76 68.02
C GLY JA 100 26.64 32.58 68.80
N ASP JA 101 25.36 32.48 68.46
CA ASP JA 101 24.29 33.10 69.22
C ASP JA 101 23.24 32.02 69.47
N ALA JA 102 22.60 32.12 70.63
CA ALA JA 102 21.65 31.10 71.07
C ALA JA 102 20.24 31.30 70.52
N SER JA 103 20.07 32.19 69.54
CA SER JA 103 18.74 32.57 69.05
C SER JA 103 18.01 31.38 68.42
N VAL JA 104 18.75 30.49 67.75
CA VAL JA 104 18.15 29.27 67.23
C VAL JA 104 17.68 28.39 68.39
N LEU JA 105 18.42 28.39 69.50
CA LEU JA 105 18.12 27.49 70.61
C LEU JA 105 16.85 27.90 71.34
N GLU JA 106 16.70 29.19 71.67
CA GLU JA 106 15.42 29.59 72.27
C GLU JA 106 14.31 29.63 71.23
N ASP JA 107 14.53 30.35 70.12
CA ASP JA 107 13.44 30.65 69.20
C ASP JA 107 12.96 29.44 68.40
N ARG JA 108 13.71 28.33 68.40
CA ARG JA 108 13.21 27.14 67.73
C ARG JA 108 13.11 25.90 68.61
N CYS JA 109 13.71 25.91 69.81
CA CYS JA 109 13.69 24.71 70.65
C CYS JA 109 13.23 24.98 72.08
N LEU JA 110 13.61 26.11 72.67
CA LEU JA 110 13.36 26.32 74.09
C LEU JA 110 12.14 27.17 74.37
N ASN JA 111 11.63 27.91 73.40
CA ASN JA 111 10.47 28.76 73.63
C ASN JA 111 9.22 27.91 73.72
N GLY JA 112 8.68 27.77 74.94
CA GLY JA 112 7.48 26.99 75.15
C GLY JA 112 7.69 25.53 75.45
N LEU JA 113 8.94 25.09 75.65
CA LEU JA 113 9.18 23.68 75.95
C LEU JA 113 8.77 23.34 77.39
N ARG JA 114 8.91 24.28 78.32
CA ARG JA 114 8.53 24.03 79.71
C ARG JA 114 7.02 23.89 79.86
N GLU JA 115 6.27 24.77 79.19
CA GLU JA 115 4.81 24.68 79.20
C GLU JA 115 4.33 23.41 78.49
N THR JA 116 5.02 23.01 77.42
CA THR JA 116 4.70 21.76 76.75
C THR JA 116 4.95 20.56 77.66
N TYR JA 117 6.07 20.56 78.39
CA TYR JA 117 6.38 19.44 79.28
C TYR JA 117 5.43 19.38 80.47
N VAL JA 118 5.01 20.53 81.01
CA VAL JA 118 4.05 20.47 82.10
C VAL JA 118 2.63 20.21 81.59
N ALA JA 119 2.36 20.42 80.30
CA ALA JA 119 1.10 20.00 79.74
C ALA JA 119 1.07 18.49 79.55
N LEU JA 120 2.16 17.90 79.06
CA LEU JA 120 2.20 16.47 78.79
C LEU JA 120 2.40 15.62 80.04
N GLY JA 121 2.72 16.24 81.17
CA GLY JA 121 3.11 15.47 82.34
C GLY JA 121 4.55 15.01 82.32
N VAL JA 122 5.36 15.53 81.41
CA VAL JA 122 6.77 15.20 81.32
C VAL JA 122 7.49 15.91 82.48
N PRO JA 123 8.23 15.18 83.33
CA PRO JA 123 8.99 15.85 84.39
C PRO JA 123 10.18 16.62 83.83
N GLY JA 124 10.11 17.95 83.92
CA GLY JA 124 11.17 18.78 83.37
C GLY JA 124 12.45 18.76 84.16
N ALA JA 125 12.40 18.37 85.43
CA ALA JA 125 13.61 18.23 86.24
C ALA JA 125 14.50 17.11 85.72
N SER JA 126 13.89 15.98 85.33
CA SER JA 126 14.65 14.88 84.76
C SER JA 126 15.20 15.24 83.38
N VAL JA 127 14.46 16.03 82.61
CA VAL JA 127 14.95 16.52 81.32
C VAL JA 127 16.16 17.45 81.53
N ALA JA 128 16.09 18.31 82.55
CA ALA JA 128 17.21 19.19 82.87
C ALA JA 128 18.42 18.40 83.35
N ALA JA 129 18.20 17.33 84.10
CA ALA JA 129 19.30 16.47 84.54
C ALA JA 129 19.94 15.75 83.36
N GLY JA 130 19.13 15.29 82.40
CA GLY JA 130 19.68 14.70 81.19
C GLY JA 130 20.44 15.70 80.33
N VAL JA 131 19.97 16.95 80.30
CA VAL JA 131 20.70 18.02 79.62
C VAL JA 131 22.03 18.29 80.32
N GLN JA 132 22.05 18.22 81.66
CA GLN JA 132 23.29 18.36 82.42
C GLN JA 132 24.27 17.23 82.11
N LYS JA 133 23.77 16.00 81.98
CA LYS JA 133 24.63 14.87 81.63
C LYS JA 133 25.16 14.99 80.21
N MET JA 134 24.32 15.46 79.29
CA MET JA 134 24.76 15.75 77.92
C MET JA 134 25.81 16.86 77.92
N LYS JA 135 25.65 17.85 78.80
CA LYS JA 135 26.63 18.92 78.94
C LYS JA 135 27.98 18.39 79.40
N GLU JA 136 27.96 17.51 80.40
CA GLU JA 136 29.21 16.95 80.93
C GLU JA 136 29.91 16.11 79.87
N ALA JA 137 29.16 15.29 79.14
CA ALA JA 137 29.75 14.51 78.04
C ALA JA 137 30.27 15.41 76.93
N ALA JA 138 29.55 16.49 76.61
CA ALA JA 138 29.98 17.40 75.55
C ALA JA 138 31.25 18.14 75.92
N LEU JA 139 31.36 18.65 77.14
CA LEU JA 139 32.61 19.33 77.51
C LEU JA 139 33.76 18.37 77.76
N ASP JA 140 33.50 17.09 78.05
CA ASP JA 140 34.62 16.15 78.07
C ASP JA 140 35.08 15.78 76.66
N ILE JA 141 34.19 15.74 75.67
CA ILE JA 141 34.69 15.41 74.33
C ILE JA 141 35.22 16.64 73.60
N VAL JA 142 34.76 17.85 73.92
CA VAL JA 142 35.28 19.04 73.27
C VAL JA 142 36.68 19.36 73.79
N ASN JA 143 36.87 19.28 75.10
CA ASN JA 143 38.16 19.59 75.72
C ASN JA 143 39.06 18.36 75.81
N ASP JA 144 38.90 17.40 74.90
CA ASP JA 144 39.77 16.23 74.86
C ASP JA 144 41.17 16.66 74.42
N PRO JA 145 42.22 16.30 75.17
CA PRO JA 145 43.56 16.81 74.87
C PRO JA 145 44.18 16.23 73.61
N ASN JA 146 44.08 14.92 73.42
CA ASN JA 146 44.73 14.29 72.28
C ASN JA 146 43.85 14.40 71.03
N GLY JA 147 44.46 14.14 69.88
CA GLY JA 147 43.74 14.05 68.64
C GLY JA 147 43.48 15.38 67.95
N ILE JA 148 43.97 16.49 68.48
CA ILE JA 148 43.77 17.79 67.87
C ILE JA 148 44.93 18.68 68.31
N THR JA 149 45.26 19.68 67.50
CA THR JA 149 46.31 20.62 67.84
C THR JA 149 45.88 21.49 69.03
N ARG JA 150 46.83 21.76 69.92
CA ARG JA 150 46.54 22.39 71.19
C ARG JA 150 46.22 23.88 71.04
N GLY JA 151 45.43 24.38 71.97
CA GLY JA 151 45.11 25.81 72.03
C GLY JA 151 44.26 26.10 73.25
N ASP JA 152 44.21 27.39 73.58
CA ASP JA 152 43.44 27.87 74.74
C ASP JA 152 41.99 28.00 74.30
N CYS JA 153 41.20 26.98 74.59
CA CYS JA 153 39.86 26.83 74.03
C CYS JA 153 38.80 26.95 75.13
N SER JA 154 39.07 27.81 76.13
CA SER JA 154 38.15 27.94 77.26
C SER JA 154 36.91 28.73 76.91
N ALA JA 155 37.00 29.66 75.94
CA ALA JA 155 35.89 30.55 75.63
C ALA JA 155 34.75 29.80 74.95
N ILE JA 156 35.10 28.95 73.97
CA ILE JA 156 34.07 28.16 73.27
C ILE JA 156 33.47 27.12 74.21
N VAL JA 157 34.27 26.54 75.11
CA VAL JA 157 33.75 25.58 76.09
C VAL JA 157 32.80 26.27 77.06
N ALA JA 158 33.13 27.48 77.51
CA ALA JA 158 32.25 28.23 78.39
C ALA JA 158 30.96 28.64 77.67
N GLU JA 159 31.05 28.97 76.38
CA GLU JA 159 29.86 29.32 75.61
C GLU JA 159 28.96 28.11 75.40
N ILE JA 160 29.55 26.93 75.17
CA ILE JA 160 28.79 25.69 75.06
C ILE JA 160 28.11 25.33 76.37
N ALA JA 161 28.83 25.51 77.49
CA ALA JA 161 28.26 25.28 78.80
C ALA JA 161 27.13 26.25 79.11
N GLY JA 162 27.24 27.49 78.64
CA GLY JA 162 26.14 28.43 78.76
C GLY JA 162 24.92 28.03 77.95
N TYR JA 163 25.15 27.48 76.75
CA TYR JA 163 24.05 26.99 75.93
C TYR JA 163 23.33 25.81 76.57
N PHE JA 164 24.10 24.87 77.13
CA PHE JA 164 23.49 23.77 77.87
C PHE JA 164 22.82 24.25 79.16
N ASP JA 165 23.36 25.29 79.80
CA ASP JA 165 22.76 25.81 81.03
C ASP JA 165 21.42 26.47 80.76
N ARG JA 166 21.33 27.23 79.67
CA ARG JA 166 20.03 27.81 79.31
C ARG JA 166 19.09 26.77 78.72
N ALA JA 167 19.61 25.68 78.16
CA ALA JA 167 18.75 24.58 77.74
C ALA JA 167 18.15 23.84 78.93
N ALA JA 168 18.96 23.64 79.98
CA ALA JA 168 18.45 23.00 81.19
C ALA JA 168 17.53 23.94 81.98
N ALA JA 169 17.80 25.25 81.92
CA ALA JA 169 16.96 26.20 82.65
C ALA JA 169 15.61 26.42 81.98
N ALA JA 170 15.49 26.11 80.70
CA ALA JA 170 14.25 26.32 79.96
C ALA JA 170 13.30 25.12 80.04
N VAL JA 171 13.72 24.03 80.66
CA VAL JA 171 12.83 22.90 80.88
C VAL JA 171 12.53 22.65 82.35
N ALA JA 172 13.37 23.14 83.26
CA ALA JA 172 13.13 22.96 84.69
C ALA JA 172 12.37 24.14 85.27
N ALA KA 2 -5.03 11.27 -18.28
CA ALA KA 2 -5.71 10.02 -17.96
C ALA KA 2 -5.90 9.18 -19.22
N ILE KA 3 -6.83 8.23 -19.16
CA ILE KA 3 -7.14 7.35 -20.27
C ILE KA 3 -8.60 7.59 -20.64
N THR KA 4 -8.84 8.10 -21.85
CA THR KA 4 -10.18 8.50 -22.28
C THR KA 4 -10.70 7.66 -23.44
N THR KA 5 -9.99 7.65 -24.57
CA THR KA 5 -10.49 7.00 -25.76
C THR KA 5 -10.38 5.48 -25.65
N ALA KA 6 -9.24 5.00 -25.15
CA ALA KA 6 -9.01 3.56 -25.00
C ALA KA 6 -9.50 3.02 -23.67
N ALA KA 7 -10.15 3.86 -22.85
CA ALA KA 7 -10.62 3.43 -21.54
C ALA KA 7 -11.69 2.35 -21.65
N SER KA 8 -12.61 2.49 -22.62
CA SER KA 8 -13.63 1.47 -22.83
C SER KA 8 -13.01 0.18 -23.36
N ARG KA 9 -11.98 0.30 -24.19
CA ARG KA 9 -11.32 -0.88 -24.75
C ARG KA 9 -10.47 -1.59 -23.71
N LEU KA 10 -9.70 -0.84 -22.94
CA LEU KA 10 -8.76 -1.43 -21.98
C LEU KA 10 -9.40 -1.75 -20.64
N GLY KA 11 -10.67 -1.38 -20.43
CA GLY KA 11 -11.31 -1.61 -19.16
C GLY KA 11 -10.98 -0.59 -18.09
N VAL KA 12 -10.40 0.55 -18.46
CA VAL KA 12 -10.04 1.57 -17.48
C VAL KA 12 -11.26 2.38 -17.06
N ALA KA 13 -12.27 2.47 -17.93
CA ALA KA 13 -13.41 3.37 -17.70
C ALA KA 13 -14.24 3.05 -16.45
N PRO KA 14 -14.58 1.78 -16.10
CA PRO KA 14 -15.23 1.56 -14.79
C PRO KA 14 -14.37 1.93 -13.59
N TYR KA 15 -13.05 2.01 -13.75
CA TYR KA 15 -12.20 2.59 -12.73
C TYR KA 15 -11.94 4.07 -12.94
N ASN KA 16 -12.23 4.60 -14.13
CA ASN KA 16 -12.13 6.05 -14.32
C ASN KA 16 -13.28 6.79 -13.67
N GLU KA 17 -14.52 6.29 -13.77
CA GLU KA 17 -15.58 6.97 -13.04
C GLU KA 17 -15.71 6.50 -11.60
N SER KA 18 -14.83 5.62 -11.13
CA SER KA 18 -14.93 5.20 -9.74
C SER KA 18 -13.85 5.84 -8.87
N ARG KA 19 -14.28 6.60 -7.88
CA ARG KA 19 -13.37 7.28 -6.96
C ARG KA 19 -12.82 6.33 -5.89
N PRO KA 20 -11.65 6.67 -5.33
CA PRO KA 20 -11.04 5.84 -4.28
C PRO KA 20 -11.92 5.83 -3.05
N VAL KA 21 -12.00 4.69 -2.36
CA VAL KA 21 -12.84 4.60 -1.18
C VAL KA 21 -12.01 4.91 0.05
N GLU KA 22 -12.38 5.97 0.76
CA GLU KA 22 -11.67 6.39 1.95
C GLU KA 22 -12.62 6.36 3.14
N LEU KA 23 -12.15 5.76 4.24
CA LEU KA 23 -12.92 5.75 5.48
C LEU KA 23 -12.64 7.04 6.24
N ARG KA 24 -13.69 7.79 6.54
CA ARG KA 24 -13.57 9.01 7.32
C ARG KA 24 -13.26 8.66 8.78
N PRO KA 25 -12.66 9.60 9.53
CA PRO KA 25 -12.35 9.31 10.95
C PRO KA 25 -13.57 9.00 11.82
N ASP KA 26 -14.70 9.62 11.55
CA ASP KA 26 -15.96 9.25 12.19
C ASP KA 26 -16.87 8.75 11.06
N PHE KA 27 -16.74 7.47 10.74
CA PHE KA 27 -17.33 6.90 9.54
C PHE KA 27 -18.66 6.22 9.87
N SER KA 28 -19.55 6.22 8.89
CA SER KA 28 -20.82 5.55 9.02
C SER KA 28 -20.65 4.04 8.80
N LEU KA 29 -21.75 3.33 9.01
CA LEU KA 29 -21.73 1.87 8.90
C LEU KA 29 -21.66 1.42 7.45
N ASP KA 30 -22.37 2.11 6.55
CA ASP KA 30 -22.29 1.78 5.14
C ASP KA 30 -20.93 2.15 4.55
N ASP KA 31 -20.25 3.14 5.13
CA ASP KA 31 -18.88 3.43 4.72
C ASP KA 31 -17.93 2.28 5.05
N ALA KA 32 -18.09 1.69 6.25
CA ALA KA 32 -17.30 0.52 6.62
C ALA KA 32 -17.65 -0.68 5.74
N LYS KA 33 -18.93 -0.87 5.42
CA LYS KA 33 -19.34 -1.94 4.53
C LYS KA 33 -18.81 -1.74 3.11
N MET KA 34 -18.73 -0.50 2.66
CA MET KA 34 -18.22 -0.24 1.33
C MET KA 34 -16.71 -0.39 1.25
N VAL KA 35 -16.02 -0.05 2.34
CA VAL KA 35 -14.58 -0.35 2.44
C VAL KA 35 -14.36 -1.86 2.44
N ILE KA 36 -15.24 -2.60 3.12
CA ILE KA 36 -15.18 -4.07 3.14
C ILE KA 36 -15.34 -4.64 1.73
N ARG KA 37 -16.34 -4.13 1.00
CA ARG KA 37 -16.60 -4.63 -0.36
C ARG KA 37 -15.47 -4.25 -1.32
N ALA KA 38 -14.93 -3.04 -1.20
CA ALA KA 38 -13.82 -2.62 -2.07
C ALA KA 38 -12.55 -3.41 -1.78
N VAL KA 39 -12.29 -3.70 -0.51
CA VAL KA 39 -11.12 -4.50 -0.14
C VAL KA 39 -11.28 -5.94 -0.64
N TYR KA 40 -12.49 -6.51 -0.52
CA TYR KA 40 -12.71 -7.86 -1.02
C TYR KA 40 -12.65 -7.92 -2.54
N ARG KA 41 -13.00 -6.84 -3.22
CA ARG KA 41 -12.83 -6.83 -4.67
C ARG KA 41 -11.37 -6.67 -5.07
N GLN KA 42 -10.62 -5.79 -4.40
CA GLN KA 42 -9.28 -5.45 -4.86
C GLN KA 42 -8.23 -6.44 -4.36
N VAL KA 43 -8.17 -6.65 -3.04
CA VAL KA 43 -7.14 -7.47 -2.44
C VAL KA 43 -7.32 -8.94 -2.82
N LEU KA 44 -8.57 -9.40 -2.88
CA LEU KA 44 -8.83 -10.76 -3.31
C LEU KA 44 -9.04 -10.86 -4.82
N GLY KA 45 -8.85 -9.76 -5.54
CA GLY KA 45 -8.73 -9.77 -6.99
C GLY KA 45 -9.98 -10.17 -7.74
N ASN KA 46 -11.14 -9.68 -7.32
CA ASN KA 46 -12.45 -9.92 -7.95
C ASN KA 46 -12.83 -11.40 -7.99
N ASP KA 47 -12.32 -12.19 -7.04
CA ASP KA 47 -12.78 -13.56 -6.88
C ASP KA 47 -14.17 -13.54 -6.27
N TYR KA 48 -14.99 -14.55 -6.57
CA TYR KA 48 -16.25 -14.64 -5.85
C TYR KA 48 -15.99 -15.08 -4.42
N ILE KA 49 -16.57 -14.37 -3.46
CA ILE KA 49 -16.36 -14.63 -2.04
C ILE KA 49 -17.64 -15.17 -1.46
N MET KA 50 -17.60 -16.40 -0.97
CA MET KA 50 -18.75 -17.00 -0.33
C MET KA 50 -18.84 -16.55 1.12
N ASP KA 51 -19.98 -16.85 1.74
CA ASP KA 51 -20.20 -16.47 3.14
C ASP KA 51 -19.35 -17.28 4.10
N SER KA 52 -18.90 -18.47 3.70
CA SER KA 52 -18.09 -19.30 4.58
C SER KA 52 -16.68 -18.74 4.76
N GLU KA 53 -16.21 -17.96 3.79
CA GLU KA 53 -14.85 -17.41 3.82
C GLU KA 53 -14.86 -15.89 3.91
N ARG KA 54 -15.88 -15.32 4.54
CA ARG KA 54 -16.09 -13.88 4.48
C ARG KA 54 -15.19 -13.10 5.44
N LEU KA 55 -14.45 -13.77 6.32
CA LEU KA 55 -13.52 -13.16 7.29
C LEU KA 55 -14.25 -12.17 8.20
N LYS KA 56 -15.18 -12.71 8.99
CA LYS KA 56 -16.05 -11.88 9.81
C LYS KA 56 -15.31 -11.16 10.92
N GLY KA 57 -14.21 -11.73 11.40
CA GLY KA 57 -13.45 -11.10 12.47
C GLY KA 57 -12.79 -9.80 12.04
N ALA KA 58 -12.14 -9.80 10.87
CA ALA KA 58 -11.48 -8.60 10.38
C ALA KA 58 -12.49 -7.54 9.96
N GLU KA 59 -13.62 -7.98 9.40
CA GLU KA 59 -14.74 -7.08 9.11
C GLU KA 59 -15.26 -6.41 10.36
N SER KA 60 -15.41 -7.19 11.44
CA SER KA 60 -15.93 -6.67 12.70
C SER KA 60 -14.93 -5.72 13.35
N LEU KA 61 -13.63 -6.01 13.22
CA LEU KA 61 -12.63 -5.08 13.74
C LEU KA 61 -12.57 -3.79 12.94
N LEU KA 62 -12.82 -3.85 11.63
CA LEU KA 62 -12.85 -2.63 10.84
C LEU KA 62 -14.11 -1.80 11.11
N THR KA 63 -15.23 -2.47 11.40
CA THR KA 63 -16.52 -1.79 11.50
C THR KA 63 -16.58 -0.84 12.70
N ASN KA 64 -15.90 -1.15 13.80
CA ASN KA 64 -15.87 -0.25 14.94
C ASN KA 64 -14.58 0.55 15.03
N GLY KA 65 -13.71 0.49 14.02
CA GLY KA 65 -12.47 1.23 14.06
C GLY KA 65 -11.41 0.63 14.95
N SER KA 66 -11.52 -0.66 15.28
CA SER KA 66 -10.45 -1.32 16.02
C SER KA 66 -9.20 -1.49 15.16
N ILE KA 67 -9.38 -1.60 13.84
CA ILE KA 67 -8.29 -1.58 12.88
C ILE KA 67 -8.63 -0.56 11.81
N SER KA 68 -7.60 -0.06 11.14
CA SER KA 68 -7.79 0.87 10.05
C SER KA 68 -7.99 0.12 8.75
N VAL KA 69 -8.18 0.86 7.65
CA VAL KA 69 -8.31 0.25 6.33
C VAL KA 69 -7.01 -0.41 5.91
N ARG KA 70 -5.88 0.23 6.22
CA ARG KA 70 -4.57 -0.36 5.97
C ARG KA 70 -4.37 -1.65 6.75
N GLU KA 71 -4.76 -1.66 8.02
CA GLU KA 71 -4.67 -2.88 8.81
C GLU KA 71 -5.69 -3.92 8.38
N PHE KA 72 -6.84 -3.50 7.85
CA PHE KA 72 -7.81 -4.45 7.31
C PHE KA 72 -7.28 -5.13 6.05
N VAL KA 73 -6.64 -4.34 5.18
CA VAL KA 73 -6.00 -4.87 3.98
C VAL KA 73 -4.87 -5.83 4.36
N ARG KA 74 -4.08 -5.45 5.37
CA ARG KA 74 -3.02 -6.30 5.86
C ARG KA 74 -3.58 -7.61 6.44
N THR KA 75 -4.67 -7.53 7.21
CA THR KA 75 -5.27 -8.73 7.80
C THR KA 75 -5.85 -9.66 6.73
N VAL KA 76 -6.54 -9.10 5.72
CA VAL KA 76 -7.08 -9.98 4.69
C VAL KA 76 -6.01 -10.46 3.72
N ALA KA 77 -4.83 -9.85 3.72
CA ALA KA 77 -3.71 -10.42 2.98
C ALA KA 77 -2.92 -11.44 3.78
N LYS KA 78 -2.95 -11.37 5.12
CA LYS KA 78 -2.33 -12.40 5.94
C LYS KA 78 -3.18 -13.67 6.00
N SER KA 79 -4.46 -13.57 5.65
CA SER KA 79 -5.42 -14.62 5.92
C SER KA 79 -5.15 -15.84 5.05
N GLU KA 80 -5.65 -16.99 5.52
CA GLU KA 80 -5.53 -18.24 4.78
C GLU KA 80 -6.30 -18.22 3.48
N LEU KA 81 -7.35 -17.40 3.40
CA LEU KA 81 -8.12 -17.26 2.17
C LEU KA 81 -7.28 -16.64 1.05
N TYR KA 82 -6.54 -15.58 1.38
CA TYR KA 82 -5.63 -14.97 0.42
C TYR KA 82 -4.51 -15.92 0.01
N LYS KA 83 -4.01 -16.70 0.97
CA LYS KA 83 -2.90 -17.60 0.68
C LYS KA 83 -3.35 -18.77 -0.18
N LYS KA 84 -4.55 -19.31 0.07
CA LYS KA 84 -5.05 -20.38 -0.78
C LYS KA 84 -5.56 -19.88 -2.12
N LYS KA 85 -5.89 -18.59 -2.23
CA LYS KA 85 -6.24 -18.04 -3.53
C LYS KA 85 -4.99 -17.78 -4.38
N PHE KA 86 -3.92 -17.28 -3.76
CA PHE KA 86 -2.83 -16.71 -4.55
C PHE KA 86 -1.46 -17.27 -4.21
N LEU KA 87 -1.24 -17.70 -2.97
CA LEU KA 87 0.11 -18.08 -2.58
C LEU KA 87 0.41 -19.57 -2.81
N TYR KA 88 -0.46 -20.46 -2.30
CA TYR KA 88 -0.13 -21.88 -2.21
C TYR KA 88 -0.08 -22.59 -3.54
N ASN KA 89 -0.73 -22.07 -4.58
CA ASN KA 89 -0.82 -22.74 -5.86
C ASN KA 89 -0.18 -21.95 -7.00
N ASN KA 90 0.83 -21.14 -6.70
CA ASN KA 90 1.42 -20.26 -7.69
C ASN KA 90 2.92 -20.19 -7.54
N PHE KA 91 3.59 -19.83 -8.62
CA PHE KA 91 5.01 -19.51 -8.59
C PHE KA 91 5.22 -18.22 -7.79
N GLN KA 92 6.43 -18.07 -7.25
CA GLN KA 92 6.71 -16.94 -6.37
C GLN KA 92 6.72 -15.61 -7.12
N THR KA 93 7.09 -15.62 -8.41
CA THR KA 93 6.92 -14.42 -9.23
C THR KA 93 5.45 -14.09 -9.43
N ARG KA 94 4.62 -15.11 -9.61
CA ARG KA 94 3.19 -14.91 -9.72
C ARG KA 94 2.61 -14.35 -8.44
N VAL KA 95 3.08 -14.86 -7.29
CA VAL KA 95 2.67 -14.34 -5.99
C VAL KA 95 3.09 -12.89 -5.82
N ILE KA 96 4.31 -12.56 -6.25
CA ILE KA 96 4.85 -11.19 -6.11
C ILE KA 96 4.05 -10.22 -6.97
N GLU KA 97 3.78 -10.58 -8.23
CA GLU KA 97 3.00 -9.69 -9.10
C GLU KA 97 1.54 -9.64 -8.67
N LEU KA 98 1.04 -10.70 -8.03
CA LEU KA 98 -0.31 -10.67 -7.48
C LEU KA 98 -0.40 -9.72 -6.29
N ASN KA 99 0.58 -9.77 -5.39
CA ASN KA 99 0.59 -8.84 -4.26
C ASN KA 99 0.81 -7.40 -4.70
N TYR KA 100 1.57 -7.21 -5.78
CA TYR KA 100 1.72 -5.87 -6.35
C TYR KA 100 0.40 -5.36 -6.94
N LYS KA 101 -0.34 -6.23 -7.62
CA LYS KA 101 -1.62 -5.82 -8.20
C LYS KA 101 -2.67 -5.59 -7.13
N HIS KA 102 -2.67 -6.41 -6.07
CA HIS KA 102 -3.70 -6.30 -5.04
C HIS KA 102 -3.39 -5.15 -4.09
N LEU KA 103 -2.23 -5.21 -3.43
CA LEU KA 103 -1.95 -4.28 -2.35
C LEU KA 103 -1.52 -2.91 -2.86
N LEU KA 104 -0.82 -2.85 -3.99
CA LEU KA 104 -0.34 -1.57 -4.50
C LEU KA 104 -1.05 -1.10 -5.76
N GLY KA 105 -1.85 -1.95 -6.40
CA GLY KA 105 -2.64 -1.52 -7.53
C GLY KA 105 -1.85 -1.28 -8.79
N ARG KA 106 -0.65 -1.84 -8.90
CA ARG KA 106 0.19 -1.63 -10.08
C ARG KA 106 1.05 -2.87 -10.28
N ALA KA 107 1.55 -2.99 -11.49
CA ALA KA 107 2.43 -4.10 -11.80
C ALA KA 107 3.84 -3.83 -11.25
N PRO KA 108 4.62 -4.87 -10.98
CA PRO KA 108 6.02 -4.66 -10.59
C PRO KA 108 6.82 -4.02 -11.71
N PHE KA 109 7.70 -3.10 -11.33
CA PHE KA 109 8.38 -2.25 -12.31
C PHE KA 109 9.62 -2.93 -12.88
N SER KA 110 10.57 -3.27 -12.01
CA SER KA 110 11.83 -3.83 -12.42
C SER KA 110 12.00 -5.22 -11.83
N GLU KA 111 13.10 -5.88 -12.24
CA GLU KA 111 13.45 -7.18 -11.68
C GLU KA 111 13.80 -7.06 -10.20
N ASP KA 112 14.38 -5.93 -9.79
CA ASP KA 112 14.87 -5.73 -8.43
C ASP KA 112 13.76 -5.80 -7.40
N GLU KA 113 12.52 -5.43 -7.77
CA GLU KA 113 11.39 -5.58 -6.88
C GLU KA 113 11.07 -7.05 -6.60
N VAL KA 114 11.10 -7.87 -7.66
CA VAL KA 114 10.91 -9.32 -7.52
C VAL KA 114 12.04 -9.91 -6.70
N ILE KA 115 13.27 -9.41 -6.91
CA ILE KA 115 14.44 -9.84 -6.14
C ILE KA 115 14.24 -9.57 -4.66
N PHE KA 116 13.84 -8.34 -4.34
CA PHE KA 116 13.65 -7.92 -2.94
C PHE KA 116 12.55 -8.71 -2.27
N HIS KA 117 11.41 -8.87 -2.95
CA HIS KA 117 10.27 -9.52 -2.32
C HIS KA 117 10.47 -11.03 -2.19
N LEU KA 118 11.09 -11.67 -3.17
CA LEU KA 118 11.36 -13.10 -3.08
C LEU KA 118 12.44 -13.39 -2.04
N ASP KA 119 13.49 -12.56 -1.98
CA ASP KA 119 14.53 -12.74 -0.98
C ASP KA 119 13.97 -12.53 0.42
N LEU KA 120 13.09 -11.53 0.60
CA LEU KA 120 12.51 -11.28 1.91
C LEU KA 120 11.51 -12.37 2.29
N TYR KA 121 10.78 -12.92 1.32
CA TYR KA 121 9.89 -14.05 1.58
C TYR KA 121 10.69 -15.26 2.05
N GLU KA 122 11.71 -15.67 1.29
CA GLU KA 122 12.51 -16.84 1.66
C GLU KA 122 13.33 -16.59 2.92
N ASN KA 123 13.76 -15.36 3.13
CA ASN KA 123 14.43 -15.03 4.38
C ASN KA 123 13.47 -14.98 5.56
N GLN KA 124 12.31 -14.33 5.37
CA GLN KA 124 11.33 -14.15 6.45
C GLN KA 124 9.87 -14.61 6.29
N GLY KA 125 9.55 -15.30 5.23
CA GLY KA 125 8.19 -15.79 5.04
C GLY KA 125 7.20 -14.85 4.37
N PHE KA 126 6.02 -15.37 4.09
CA PHE KA 126 4.96 -14.63 3.41
C PHE KA 126 4.40 -13.42 4.14
N ASP KA 127 4.16 -13.55 5.45
CA ASP KA 127 3.62 -12.44 6.21
C ASP KA 127 4.58 -11.25 6.24
N ALA KA 128 5.87 -11.52 6.38
CA ALA KA 128 6.86 -10.47 6.39
C ALA KA 128 6.88 -9.75 5.04
N ASP KA 129 6.75 -10.50 3.97
CA ASP KA 129 6.69 -9.96 2.61
C ASP KA 129 5.45 -9.10 2.41
N ILE KA 130 4.29 -9.59 2.87
CA ILE KA 130 3.03 -8.87 2.77
C ILE KA 130 3.10 -7.56 3.54
N ASP KA 131 3.71 -7.59 4.73
CA ASP KA 131 3.98 -6.40 5.51
C ASP KA 131 4.89 -5.42 4.78
N SER KA 132 5.83 -5.94 3.98
CA SER KA 132 6.70 -5.06 3.20
C SER KA 132 5.94 -4.36 2.08
N TYR KA 133 4.98 -5.04 1.44
CA TYR KA 133 4.11 -4.31 0.52
C TYR KA 133 3.25 -3.28 1.24
N ILE KA 134 2.72 -3.63 2.41
CA ILE KA 134 1.88 -2.69 3.14
C ILE KA 134 2.69 -1.55 3.72
N ASP KA 135 3.86 -1.84 4.29
CA ASP KA 135 4.72 -0.80 4.86
C ASP KA 135 5.75 -0.34 3.83
N SER KA 136 5.23 0.18 2.72
CA SER KA 136 6.06 0.78 1.69
C SER KA 136 5.67 2.25 1.56
N VAL KA 137 6.66 3.06 1.15
CA VAL KA 137 6.44 4.49 0.99
C VAL KA 137 5.41 4.77 -0.11
N GLU KA 138 5.41 3.93 -1.14
CA GLU KA 138 4.44 4.03 -2.23
C GLU KA 138 3.01 3.80 -1.73
N TYR KA 139 2.84 2.87 -0.78
CA TYR KA 139 1.52 2.62 -0.19
C TYR KA 139 1.01 3.83 0.58
N GLN KA 140 1.89 4.54 1.29
CA GLN KA 140 1.46 5.72 2.03
C GLN KA 140 1.21 6.91 1.12
N GLU KA 141 2.04 7.10 0.08
CA GLU KA 141 1.76 8.23 -0.80
C GLU KA 141 0.64 7.94 -1.78
N ASN KA 142 0.17 6.70 -1.87
CA ASN KA 142 -0.97 6.39 -2.72
C ASN KA 142 -2.25 6.17 -1.93
N PHE KA 143 -2.22 5.32 -0.91
CA PHE KA 143 -3.41 4.98 -0.15
C PHE KA 143 -3.33 5.43 1.31
N GLY KA 144 -2.18 5.27 1.94
CA GLY KA 144 -2.05 5.66 3.33
C GLY KA 144 -2.74 4.71 4.29
N GLU KA 145 -3.49 5.26 5.24
CA GLU KA 145 -4.12 4.47 6.28
C GLU KA 145 -5.59 4.20 6.06
N ASN KA 146 -6.31 5.10 5.37
CA ASN KA 146 -7.75 5.04 5.31
C ASN KA 146 -8.33 4.77 3.93
N ILE KA 147 -7.51 4.76 2.88
CA ILE KA 147 -7.99 4.55 1.52
C ILE KA 147 -7.75 3.10 1.14
N VAL KA 148 -8.78 2.47 0.57
CA VAL KA 148 -8.64 1.13 -0.02
C VAL KA 148 -7.69 1.23 -1.20
N PRO KA 149 -6.76 0.28 -1.38
CA PRO KA 149 -5.95 0.24 -2.60
C PRO KA 149 -6.81 0.05 -3.84
N TYR KA 150 -6.34 0.63 -4.94
CA TYR KA 150 -7.09 0.63 -6.18
C TYR KA 150 -6.11 0.53 -7.34
N TYR KA 151 -6.62 0.09 -8.48
CA TYR KA 151 -5.79 -0.02 -9.67
C TYR KA 151 -5.40 1.36 -10.16
N ARG KA 152 -4.11 1.57 -10.38
CA ARG KA 152 -3.58 2.86 -10.78
C ARG KA 152 -3.10 2.75 -12.23
N PHE KA 153 -4.04 2.93 -13.16
CA PHE KA 153 -3.70 2.94 -14.57
C PHE KA 153 -3.11 4.28 -15.00
N ASN KA 154 -3.52 5.36 -14.35
CA ASN KA 154 -3.10 6.70 -14.74
C ASN KA 154 -1.66 6.95 -14.33
N ASN KA 155 -1.02 7.88 -15.05
CA ASN KA 155 0.36 8.24 -14.75
C ASN KA 155 0.42 9.06 -13.47
N GLN KA 156 1.31 8.68 -12.57
CA GLN KA 156 1.53 9.40 -11.32
C GLN KA 156 2.98 9.86 -11.26
N VAL KA 157 3.36 10.42 -10.12
CA VAL KA 157 4.73 10.83 -9.87
C VAL KA 157 5.53 9.62 -9.43
N GLY KA 158 6.62 9.34 -10.13
CA GLY KA 158 7.54 8.29 -9.73
C GLY KA 158 7.24 6.91 -10.28
N ASP KA 159 6.37 6.79 -11.27
CA ASP KA 159 6.09 5.48 -11.84
C ASP KA 159 7.01 5.21 -13.02
N ARG KA 160 6.80 4.06 -13.67
CA ARG KA 160 7.52 3.68 -14.88
C ARG KA 160 6.52 3.31 -15.96
N THR KA 161 6.91 3.57 -17.22
CA THR KA 161 6.05 3.25 -18.34
C THR KA 161 6.03 1.77 -18.68
N VAL KA 162 6.96 0.98 -18.15
CA VAL KA 162 6.82 -0.48 -18.23
C VAL KA 162 5.65 -0.94 -17.37
N GLY KA 163 5.36 -0.24 -16.27
CA GLY KA 163 4.28 -0.64 -15.40
C GLY KA 163 2.92 -0.46 -16.01
N PHE KA 164 2.78 0.49 -16.94
CA PHE KA 164 1.52 0.69 -17.65
C PHE KA 164 1.20 -0.51 -18.54
N THR KA 165 2.18 -1.04 -19.26
CA THR KA 165 1.94 -2.19 -20.12
C THR KA 165 1.80 -3.47 -19.30
N ARG KA 166 2.61 -3.62 -18.26
CA ARG KA 166 2.50 -4.81 -17.44
C ARG KA 166 1.25 -4.79 -16.56
N MET KA 167 0.65 -3.62 -16.35
CA MET KA 167 -0.62 -3.55 -15.65
C MET KA 167 -1.72 -4.24 -16.43
N PHE KA 168 -1.77 -4.01 -17.75
CA PHE KA 168 -2.72 -4.73 -18.59
C PHE KA 168 -2.26 -6.14 -18.92
N ARG KA 169 -0.99 -6.46 -18.68
CA ARG KA 169 -0.62 -7.87 -18.60
C ARG KA 169 -1.23 -8.53 -17.37
N LEU KA 170 -1.40 -7.78 -16.28
CA LEU KA 170 -2.06 -8.30 -15.07
C LEU KA 170 -3.58 -8.07 -15.05
N TYR KA 171 -4.03 -6.88 -15.43
CA TYR KA 171 -5.47 -6.58 -15.43
C TYR KA 171 -6.05 -7.04 -16.75
N ARG KA 172 -7.01 -7.96 -16.70
CA ARG KA 172 -7.61 -8.54 -17.90
C ARG KA 172 -9.11 -8.25 -17.97
N GLY KA 173 -9.55 -7.15 -17.40
CA GLY KA 173 -10.94 -6.76 -17.54
C GLY KA 173 -11.70 -6.61 -16.24
N TYR KA 174 -12.77 -5.82 -16.27
CA TYR KA 174 -13.59 -5.60 -15.08
C TYR KA 174 -14.39 -6.83 -14.72
N ALA KA 175 -14.79 -7.63 -15.71
CA ALA KA 175 -15.55 -8.87 -15.49
C ALA KA 175 -14.64 -10.05 -15.24
N ASN KA 176 -13.43 -9.82 -14.74
CA ASN KA 176 -12.38 -10.80 -14.70
C ASN KA 176 -11.72 -10.81 -13.34
N SER KA 177 -11.35 -12.00 -12.88
CA SER KA 177 -10.54 -12.16 -11.69
C SER KA 177 -9.15 -12.63 -12.09
N ASP KA 178 -8.20 -12.47 -11.15
CA ASP KA 178 -6.82 -12.84 -11.43
C ASP KA 178 -6.64 -14.35 -11.50
N ARG KA 179 -7.48 -15.11 -10.80
CA ARG KA 179 -7.44 -16.56 -10.94
C ARG KA 179 -8.08 -17.02 -12.25
N SER KA 180 -8.98 -16.22 -12.81
CA SER KA 180 -9.67 -16.56 -14.05
C SER KA 180 -9.07 -15.80 -15.24
N GLN KA 181 -7.81 -16.11 -15.54
CA GLN KA 181 -7.13 -15.52 -16.68
C GLN KA 181 -6.46 -16.63 -17.49
N LEU KA 182 -6.05 -16.28 -18.72
CA LEU KA 182 -5.52 -17.27 -19.65
C LEU KA 182 -4.30 -18.04 -19.16
N GLU KA 183 -3.35 -17.36 -18.50
CA GLU KA 183 -2.26 -18.12 -17.93
C GLU KA 183 -2.97 -18.47 -16.66
N ARG KA 184 -3.30 -19.73 -16.45
CA ARG KA 184 -4.04 -20.03 -15.24
C ARG KA 184 -3.25 -19.79 -13.95
N SER KA 185 -2.00 -20.25 -13.88
CA SER KA 185 -1.18 -19.99 -12.66
C SER KA 185 0.17 -19.39 -13.05
N SER KA 186 0.50 -19.39 -14.34
CA SER KA 186 1.79 -18.89 -14.79
C SER KA 186 1.96 -17.40 -14.57
N SER KA 187 3.16 -17.03 -14.10
CA SER KA 187 3.47 -15.60 -13.90
C SER KA 187 3.56 -14.93 -15.27
N ARG KA 188 2.97 -13.75 -15.41
CA ARG KA 188 2.97 -13.05 -16.68
C ARG KA 188 4.17 -12.14 -16.86
N LEU KA 189 5.02 -12.01 -15.85
CA LEU KA 189 6.07 -11.03 -16.01
C LEU KA 189 7.47 -11.59 -15.79
N ALA KA 190 7.64 -12.92 -15.77
CA ALA KA 190 8.98 -13.48 -15.60
C ALA KA 190 9.87 -13.14 -16.78
N THR KA 191 9.39 -13.40 -18.01
CA THR KA 191 10.14 -13.03 -19.20
C THR KA 191 10.08 -11.55 -19.51
N GLU KA 192 9.16 -10.80 -18.89
CA GLU KA 192 9.10 -9.37 -19.09
C GLU KA 192 10.00 -8.61 -18.12
N LEU KA 193 10.33 -9.20 -16.98
CA LEU KA 193 11.20 -8.56 -16.00
C LEU KA 193 12.63 -9.07 -16.05
N GLY KA 194 12.85 -10.34 -16.36
CA GLY KA 194 14.21 -10.82 -16.53
C GLY KA 194 14.89 -10.21 -17.75
N GLN KA 195 14.18 -10.16 -18.88
CA GLN KA 195 14.71 -9.57 -20.10
C GLN KA 195 14.49 -8.06 -20.17
N ASN KA 196 13.72 -7.49 -19.22
CA ASN KA 196 13.34 -6.08 -19.18
C ASN KA 196 12.63 -5.65 -20.46
N THR KA 197 11.80 -6.53 -21.01
CA THR KA 197 11.09 -6.29 -22.25
C THR KA 197 9.63 -5.99 -21.97
N VAL KA 198 8.95 -5.49 -23.00
CA VAL KA 198 7.55 -5.11 -22.93
C VAL KA 198 6.83 -5.73 -24.12
N SER KA 199 5.77 -6.50 -23.83
CA SER KA 199 4.90 -6.98 -24.87
C SER KA 199 3.80 -5.96 -25.14
N ALA KA 200 3.20 -6.06 -26.33
CA ALA KA 200 2.15 -5.12 -26.72
C ALA KA 200 0.90 -5.34 -25.88
N ILE KA 201 0.21 -4.24 -25.57
CA ILE KA 201 -0.96 -4.29 -24.72
C ILE KA 201 -2.12 -4.87 -25.51
N VAL KA 202 -2.67 -5.98 -25.03
CA VAL KA 202 -3.86 -6.60 -25.60
C VAL KA 202 -4.99 -6.38 -24.61
N GLY KA 203 -6.08 -5.80 -25.07
CA GLY KA 203 -7.20 -5.48 -24.21
C GLY KA 203 -8.00 -6.69 -23.83
N PRO KA 204 -8.94 -6.53 -22.89
CA PRO KA 204 -9.79 -7.66 -22.47
C PRO KA 204 -10.84 -8.05 -23.50
N SER KA 205 -11.67 -9.02 -23.13
CA SER KA 205 -12.68 -9.56 -24.03
C SER KA 205 -13.82 -8.56 -24.22
N GLY KA 206 -14.63 -8.82 -25.25
CA GLY KA 206 -15.76 -7.98 -25.56
C GLY KA 206 -15.39 -6.79 -26.41
N SER KA 207 -14.55 -5.90 -25.87
CA SER KA 207 -14.13 -4.72 -26.61
C SER KA 207 -13.08 -5.06 -27.66
N ASN KA 208 -12.20 -6.01 -27.38
CA ASN KA 208 -11.13 -6.38 -28.30
C ASN KA 208 -11.39 -7.77 -28.86
N ALA KA 209 -11.58 -7.92 -30.17
CA ALA KA 209 -11.76 -9.26 -30.75
C ALA KA 209 -10.53 -10.15 -30.60
N GLY KA 210 -9.33 -9.57 -30.67
CA GLY KA 210 -8.12 -10.35 -30.49
C GLY KA 210 -7.63 -10.35 -29.06
N TRP KA 211 -8.56 -10.52 -28.11
CA TRP KA 211 -8.22 -10.47 -26.69
C TRP KA 211 -7.37 -11.64 -26.25
N ALA KA 212 -7.41 -12.77 -26.96
CA ALA KA 212 -6.86 -14.02 -26.49
C ALA KA 212 -5.45 -14.29 -26.98
N TYR KA 213 -4.72 -13.27 -27.41
CA TYR KA 213 -3.35 -13.51 -27.84
C TYR KA 213 -2.51 -13.63 -26.57
N ARG KA 214 -1.87 -14.78 -26.40
CA ARG KA 214 -0.79 -14.92 -25.46
C ARG KA 214 0.43 -15.43 -26.21
N PRO KA 215 1.63 -14.98 -25.88
CA PRO KA 215 2.82 -15.47 -26.59
C PRO KA 215 3.26 -16.84 -26.08
N SER KA 216 3.94 -17.56 -26.96
CA SER KA 216 4.51 -18.84 -26.59
C SER KA 216 5.75 -18.63 -25.71
N ARG KA 217 6.22 -19.71 -25.09
CA ARG KA 217 7.46 -19.60 -24.33
C ARG KA 217 8.69 -19.55 -25.22
N ALA KA 218 8.57 -20.01 -26.47
CA ALA KA 218 9.67 -19.96 -27.42
C ALA KA 218 9.10 -19.89 -28.83
N GLY KA 219 9.96 -19.51 -29.78
CA GLY KA 219 9.52 -19.32 -31.15
C GLY KA 219 8.59 -18.13 -31.33
N ASN KA 220 8.91 -17.01 -30.71
CA ASN KA 220 8.12 -15.78 -30.82
C ASN KA 220 8.84 -14.78 -31.71
N THR KA 221 8.08 -14.08 -32.53
CA THR KA 221 8.63 -13.01 -33.33
C THR KA 221 8.95 -11.81 -32.44
N PRO KA 222 10.16 -11.28 -32.49
CA PRO KA 222 10.51 -10.12 -31.66
C PRO KA 222 9.81 -8.86 -32.14
N ALA KA 223 9.74 -7.87 -31.23
CA ALA KA 223 8.91 -6.70 -31.44
C ALA KA 223 9.47 -5.78 -32.51
N LYS KA 224 10.78 -5.53 -32.47
CA LYS KA 224 11.41 -4.61 -33.41
C LYS KA 224 11.91 -5.35 -34.63
N ALA KA 225 11.79 -4.74 -35.81
CA ALA KA 225 12.26 -5.43 -36.99
C ALA KA 225 13.73 -5.18 -37.13
N LEU KA 226 14.52 -6.21 -36.88
CA LEU KA 226 15.95 -6.10 -37.01
C LEU KA 226 16.16 -6.43 -38.46
N GLY KA 227 16.52 -5.43 -39.24
CA GLY KA 227 16.69 -5.67 -40.66
C GLY KA 227 15.95 -4.65 -41.49
N GLY KA 228 14.76 -4.27 -41.04
CA GLY KA 228 13.96 -3.31 -41.78
C GLY KA 228 13.44 -3.88 -43.09
N THR KA 229 13.41 -3.02 -44.11
CA THR KA 229 12.79 -3.32 -45.40
C THR KA 229 13.59 -4.30 -46.24
N VAL KA 230 14.81 -4.65 -45.82
CA VAL KA 230 15.72 -5.38 -46.70
C VAL KA 230 15.27 -6.80 -47.04
N PRO KA 231 14.77 -7.65 -46.11
CA PRO KA 231 14.22 -8.94 -46.56
C PRO KA 231 12.95 -8.84 -47.40
N PHE KA 232 12.27 -7.69 -47.39
CA PHE KA 232 11.01 -7.54 -48.09
C PHE KA 232 11.15 -6.78 -49.40
N GLY KA 233 12.36 -6.43 -49.80
CA GLY KA 233 12.54 -5.69 -51.04
C GLY KA 233 12.16 -4.24 -50.87
N GLN KA 234 11.29 -3.75 -51.74
CA GLN KA 234 10.86 -2.36 -51.70
C GLN KA 234 9.77 -2.20 -50.64
N ALA KA 235 10.11 -1.51 -49.54
CA ALA KA 235 9.16 -1.26 -48.46
C ALA KA 235 9.55 0.02 -47.76
N SER KA 236 8.59 0.58 -47.03
CA SER KA 236 8.79 1.84 -46.31
C SER KA 236 8.76 1.63 -44.80
N LYS KA 237 7.67 1.08 -44.28
CA LYS KA 237 7.50 0.84 -42.86
C LYS KA 237 7.15 -0.62 -42.63
N LEU KA 238 7.50 -1.13 -41.46
CA LEU KA 238 7.21 -2.51 -41.09
C LEU KA 238 6.40 -2.53 -39.80
N PHE KA 239 5.48 -3.49 -39.72
CA PHE KA 239 4.51 -3.57 -38.63
C PHE KA 239 4.44 -5.01 -38.14
N ARG KA 240 4.50 -5.18 -36.82
CA ARG KA 240 4.28 -6.48 -36.21
C ARG KA 240 2.79 -6.64 -35.93
N VAL KA 241 2.18 -7.63 -36.56
CA VAL KA 241 0.78 -7.96 -36.41
C VAL KA 241 0.68 -9.19 -35.53
N GLU KA 242 -0.17 -9.11 -34.51
CA GLU KA 242 -0.39 -10.17 -33.54
C GLU KA 242 -1.77 -10.76 -33.79
N ILE KA 243 -1.81 -12.04 -34.16
CA ILE KA 243 -2.99 -12.65 -34.76
C ILE KA 243 -3.44 -13.77 -33.84
N THR KA 244 -4.76 -13.87 -33.63
CA THR KA 244 -5.35 -14.77 -32.66
C THR KA 244 -6.32 -15.72 -33.37
N ALA KA 245 -6.28 -17.00 -32.95
CA ALA KA 245 -7.32 -18.01 -33.25
C ALA KA 245 -7.44 -18.28 -34.75
N ILE KA 246 -6.36 -18.83 -35.31
CA ILE KA 246 -6.38 -19.30 -36.69
C ILE KA 246 -6.78 -20.77 -36.68
N SER KA 247 -7.93 -21.09 -37.27
CA SER KA 247 -8.39 -22.46 -37.29
C SER KA 247 -9.05 -22.86 -38.60
N ALA KA 248 -8.92 -22.07 -39.66
CA ALA KA 248 -9.62 -22.40 -40.91
C ALA KA 248 -8.98 -23.53 -41.71
N PRO KA 249 -7.62 -23.56 -41.96
CA PRO KA 249 -7.08 -24.72 -42.70
C PRO KA 249 -7.09 -26.02 -41.92
N GLY KA 250 -6.53 -26.00 -40.71
CA GLY KA 250 -6.48 -27.21 -39.89
C GLY KA 250 -5.14 -27.41 -39.23
N TYR KA 251 -4.96 -28.54 -38.57
CA TYR KA 251 -3.72 -28.84 -37.85
C TYR KA 251 -2.44 -28.93 -38.68
N PRO KA 252 -2.50 -29.57 -39.86
CA PRO KA 252 -1.22 -29.61 -40.58
C PRO KA 252 -0.80 -28.20 -40.97
N LYS KA 253 -1.73 -27.45 -41.54
CA LYS KA 253 -1.46 -26.08 -41.96
C LYS KA 253 -1.26 -25.09 -40.82
N VAL KA 254 -2.10 -25.19 -39.79
CA VAL KA 254 -2.01 -24.29 -38.66
C VAL KA 254 -1.55 -25.05 -37.44
N ARG KA 255 -0.34 -24.75 -36.99
CA ARG KA 255 0.20 -25.39 -35.81
C ARG KA 255 -0.05 -24.55 -34.58
N ARG KA 256 -0.10 -23.24 -34.75
CA ARG KA 256 -0.33 -22.37 -33.59
C ARG KA 256 -1.44 -21.37 -33.91
N SER KA 257 -2.39 -21.24 -32.99
CA SER KA 257 -3.48 -20.27 -33.16
C SER KA 257 -3.02 -18.83 -33.17
N ASN KA 258 -2.06 -18.51 -32.31
CA ASN KA 258 -1.55 -17.15 -32.22
C ASN KA 258 -0.27 -17.03 -33.02
N LYS KA 259 -0.24 -16.07 -33.93
CA LYS KA 259 0.94 -15.85 -34.75
C LYS KA 259 1.30 -14.38 -34.78
N ALA KA 260 2.57 -14.08 -34.62
CA ALA KA 260 3.03 -12.70 -34.69
C ALA KA 260 3.99 -12.62 -35.87
N VAL KA 261 3.73 -11.70 -36.79
CA VAL KA 261 4.58 -11.55 -37.96
C VAL KA 261 4.88 -10.09 -38.24
N ILE KA 262 6.01 -9.86 -38.90
CA ILE KA 262 6.39 -8.51 -39.27
C ILE KA 262 6.14 -8.43 -40.77
N VAL KA 263 5.33 -7.47 -41.19
CA VAL KA 263 4.94 -7.31 -42.58
C VAL KA 263 5.11 -5.86 -42.99
N PRO KA 264 5.38 -5.56 -44.27
CA PRO KA 264 5.54 -4.17 -44.70
C PRO KA 264 4.20 -3.46 -44.88
N PHE KA 265 4.28 -2.21 -45.33
CA PHE KA 265 3.11 -1.48 -45.81
C PHE KA 265 2.46 -2.18 -46.99
N GLU KA 266 3.26 -2.57 -47.98
CA GLU KA 266 2.74 -3.07 -49.24
C GLU KA 266 2.08 -4.44 -49.10
N GLN KA 267 2.45 -5.16 -48.05
CA GLN KA 267 1.88 -6.46 -47.75
C GLN KA 267 0.81 -6.37 -46.68
N LEU KA 268 0.59 -5.16 -46.16
CA LEU KA 268 -0.39 -4.95 -45.09
C LEU KA 268 -1.84 -5.26 -45.48
N ASN KA 269 -2.26 -4.84 -46.67
CA ASN KA 269 -3.63 -5.11 -47.11
C ASN KA 269 -3.83 -6.60 -47.25
N GLN KA 270 -2.85 -7.25 -47.87
CA GLN KA 270 -2.89 -8.69 -48.08
C GLN KA 270 -2.86 -9.42 -46.75
N THR KA 271 -2.02 -8.96 -45.84
CA THR KA 271 -1.91 -9.59 -44.54
C THR KA 271 -3.23 -9.47 -43.81
N LEU KA 272 -3.85 -8.29 -43.88
CA LEU KA 272 -5.14 -8.10 -43.23
C LEU KA 272 -6.18 -8.99 -43.90
N GLN KA 273 -6.13 -9.05 -45.22
CA GLN KA 273 -7.07 -9.89 -45.96
C GLN KA 273 -6.88 -11.36 -45.64
N GLN KA 274 -5.63 -11.82 -45.52
CA GLN KA 274 -5.42 -13.22 -45.21
C GLN KA 274 -5.88 -13.57 -43.79
N ILE KA 275 -5.73 -12.63 -42.85
CA ILE KA 275 -6.28 -12.82 -41.51
C ILE KA 275 -7.80 -12.93 -41.57
N ASN KA 276 -8.45 -12.06 -42.33
CA ASN KA 276 -9.90 -12.11 -42.44
C ASN KA 276 -10.37 -13.41 -43.10
N ARG KA 277 -9.67 -13.83 -44.16
CA ARG KA 277 -10.02 -15.06 -44.84
C ARG KA 277 -9.83 -16.26 -43.93
N LEU KA 278 -8.74 -16.23 -43.17
CA LEU KA 278 -8.42 -17.26 -42.18
C LEU KA 278 -9.44 -17.30 -41.06
N GLY KA 279 -9.95 -16.12 -40.69
CA GLY KA 279 -10.88 -16.02 -39.59
C GLY KA 279 -10.13 -15.61 -38.35
N GLY KA 280 -8.88 -15.25 -38.52
CA GLY KA 280 -8.07 -14.82 -37.40
C GLY KA 280 -8.51 -13.47 -36.85
N LYS KA 281 -8.08 -13.20 -35.63
CA LYS KA 281 -8.39 -11.95 -34.95
C LYS KA 281 -7.09 -11.21 -34.69
N VAL KA 282 -7.04 -9.95 -35.12
CA VAL KA 282 -5.85 -9.13 -34.92
C VAL KA 282 -5.85 -8.61 -33.49
N ALA KA 283 -4.82 -8.96 -32.72
CA ALA KA 283 -4.71 -8.47 -31.36
C ALA KA 283 -4.23 -7.03 -31.34
N SER KA 284 -3.03 -6.80 -31.88
CA SER KA 284 -2.45 -5.47 -31.93
C SER KA 284 -1.54 -5.39 -33.15
N ILE KA 285 -1.36 -4.17 -33.66
CA ILE KA 285 -0.41 -3.89 -34.72
C ILE KA 285 0.52 -2.81 -34.19
N THR KA 286 1.81 -3.13 -34.15
CA THR KA 286 2.81 -2.23 -33.61
C THR KA 286 3.80 -1.84 -34.69
N PRO KA 287 4.16 -0.55 -34.81
CA PRO KA 287 5.21 -0.18 -35.78
C PRO KA 287 6.56 -0.78 -35.41
N ALA KA 288 7.03 -1.71 -36.24
CA ALA KA 288 8.21 -2.49 -35.92
C ALA KA 288 9.49 -1.79 -36.37
N SER KA 289 9.44 -1.09 -37.50
CA SER KA 289 10.56 -0.30 -37.97
C SER KA 289 10.37 1.15 -37.55
N LEU KA 290 11.23 2.03 -38.06
CA LEU KA 290 11.12 3.45 -37.76
C LEU KA 290 10.40 4.20 -38.88
N THR LA 2 -16.26 7.73 41.44
CA THR LA 2 -17.14 7.18 40.43
C THR LA 2 -17.71 5.84 40.88
N SER LA 3 -18.66 5.30 40.12
CA SER LA 3 -19.32 4.06 40.49
C SER LA 3 -18.43 2.88 40.15
N LEU LA 4 -18.97 1.66 40.32
CA LEU LA 4 -18.15 0.46 40.25
C LEU LA 4 -17.74 0.11 38.83
N VAL LA 5 -18.67 0.22 37.88
CA VAL LA 5 -18.41 -0.21 36.50
C VAL LA 5 -17.41 0.73 35.82
N SER LA 6 -17.47 2.04 36.12
CA SER LA 6 -16.52 2.98 35.53
C SER LA 6 -15.14 2.82 36.16
N ALA LA 7 -15.09 2.72 37.49
CA ALA LA 7 -13.80 2.68 38.18
C ALA LA 7 -13.09 1.35 38.00
N GLN LA 8 -13.84 0.27 37.74
CA GLN LA 8 -13.20 -1.00 37.44
C GLN LA 8 -12.46 -0.97 36.12
N ARG LA 9 -13.05 -0.30 35.11
CA ARG LA 9 -12.35 -0.13 33.84
C ARG LA 9 -11.20 0.86 33.98
N LEU LA 10 -11.42 1.95 34.71
CA LEU LA 10 -10.43 3.00 34.81
C LEU LA 10 -9.35 2.71 35.84
N GLY LA 11 -9.51 1.66 36.66
CA GLY LA 11 -8.51 1.33 37.65
C GLY LA 11 -8.44 2.31 38.80
N ILE LA 12 -9.55 2.97 39.14
CA ILE LA 12 -9.57 3.97 40.20
C ILE LA 12 -10.57 3.57 41.27
N VAL LA 13 -10.73 2.26 41.48
CA VAL LA 13 -11.67 1.75 42.47
C VAL LA 13 -11.26 2.18 43.88
N ALA LA 14 -9.97 2.05 44.20
CA ALA LA 14 -9.50 2.31 45.56
C ALA LA 14 -9.50 3.78 45.91
N VAL LA 15 -9.42 4.66 44.90
CA VAL LA 15 -9.58 6.09 45.14
C VAL LA 15 -11.02 6.40 45.51
N ASP LA 16 -11.97 5.71 44.90
CA ASP LA 16 -13.38 5.99 45.16
C ASP LA 16 -13.82 5.44 46.51
N GLU LA 17 -13.28 4.30 46.93
CA GLU LA 17 -13.52 3.81 48.29
C GLU LA 17 -12.44 4.27 49.27
N ALA LA 18 -12.08 5.55 49.24
CA ALA LA 18 -11.08 6.10 50.13
C ALA LA 18 -11.74 7.14 51.03
N ILE LA 19 -11.62 6.93 52.34
CA ILE LA 19 -12.26 7.78 53.33
C ILE LA 19 -11.29 8.86 53.76
N PRO LA 20 -11.66 10.15 53.71
CA PRO LA 20 -10.76 11.22 54.15
C PRO LA 20 -10.52 11.15 55.65
N LEU LA 21 -9.25 10.97 56.02
CA LEU LA 21 -8.87 10.88 57.42
C LEU LA 21 -8.91 12.24 58.07
N GLU LA 22 -9.68 12.36 59.15
CA GLU LA 22 -9.76 13.59 59.94
C GLU LA 22 -9.19 13.33 61.32
N LEU LA 23 -8.21 14.13 61.72
CA LEU LA 23 -7.60 14.02 63.05
C LEU LA 23 -8.47 14.80 64.02
N ARG LA 24 -9.33 14.07 64.72
CA ARG LA 24 -10.23 14.63 65.70
C ARG LA 24 -9.44 15.00 66.95
N SER LA 25 -10.00 15.87 67.77
CA SER LA 25 -9.36 16.27 69.02
C SER LA 25 -9.27 15.08 69.97
N ARG LA 26 -8.19 15.06 70.77
CA ARG LA 26 -7.88 14.01 71.74
C ARG LA 26 -7.72 12.64 71.11
N SER LA 27 -7.16 12.62 69.91
CA SER LA 27 -6.94 11.40 69.16
C SER LA 27 -5.88 10.50 69.78
N THR LA 28 -6.07 9.19 69.62
CA THR LA 28 -5.15 8.18 70.12
C THR LA 28 -3.90 8.13 69.27
N GLU LA 29 -2.82 7.59 69.80
CA GLU LA 29 -1.58 7.54 69.02
C GLU LA 29 -1.75 6.81 67.70
N GLU LA 30 -2.70 5.86 67.64
CA GLU LA 30 -2.96 5.14 66.40
C GLU LA 30 -3.52 6.07 65.33
N GLU LA 31 -4.42 6.97 65.74
CA GLU LA 31 -5.01 7.91 64.79
C GLU LA 31 -3.99 8.94 64.30
N VAL LA 32 -3.12 9.42 65.20
CA VAL LA 32 -2.08 10.35 64.79
C VAL LA 32 -1.07 9.66 63.87
N ASP LA 33 -0.73 8.40 64.17
CA ASP LA 33 0.16 7.63 63.30
C ASP LA 33 -0.46 7.39 61.93
N ALA LA 34 -1.76 7.12 61.90
CA ALA LA 34 -2.46 6.92 60.63
C ALA LA 34 -2.52 8.21 59.82
N VAL LA 35 -2.74 9.35 60.49
CA VAL LA 35 -2.74 10.64 59.82
C VAL LA 35 -1.35 10.96 59.25
N ILE LA 36 -0.30 10.72 60.03
CA ILE LA 36 1.07 10.95 59.56
C ILE LA 36 1.42 10.04 58.38
N LEU LA 37 1.01 8.78 58.44
CA LEU LA 37 1.26 7.85 57.33
C LEU LA 37 0.47 8.24 56.08
N ALA LA 38 -0.76 8.71 56.26
CA ALA LA 38 -1.57 9.14 55.11
C ALA LA 38 -0.99 10.40 54.47
N VAL LA 39 -0.47 11.32 55.29
CA VAL LA 39 0.19 12.51 54.76
C VAL LA 39 1.47 12.13 54.02
N TYR LA 40 2.23 11.18 54.55
CA TYR LA 40 3.43 10.74 53.84
C TYR LA 40 3.12 9.97 52.57
N ARG LA 41 1.97 9.28 52.53
CA ARG LA 41 1.60 8.60 51.30
C ARG LA 41 1.12 9.58 50.24
N GLN LA 42 0.30 10.56 50.64
CA GLN LA 42 -0.34 11.39 49.64
C GLN LA 42 0.46 12.64 49.28
N VAL LA 43 1.02 13.34 50.27
CA VAL LA 43 1.81 14.54 50.00
C VAL LA 43 3.14 14.17 49.34
N LEU LA 44 3.77 13.09 49.77
CA LEU LA 44 5.00 12.64 49.13
C LEU LA 44 4.74 11.64 48.01
N GLY LA 45 3.49 11.54 47.55
CA GLY LA 45 3.15 10.87 46.31
C GLY LA 45 3.41 9.39 46.25
N ASN LA 46 3.07 8.66 47.33
CA ASN LA 46 3.26 7.20 47.44
C ASN LA 46 4.70 6.77 47.21
N ASP LA 47 5.63 7.57 47.72
CA ASP LA 47 7.04 7.25 47.60
C ASP LA 47 7.43 6.29 48.72
N HIS LA 48 8.43 5.45 48.46
CA HIS LA 48 8.94 4.63 49.56
C HIS LA 48 9.77 5.53 50.47
N LEU LA 49 9.15 5.98 51.56
CA LEU LA 49 9.76 6.95 52.47
C LEU LA 49 10.56 6.23 53.54
N MET LA 50 11.86 6.45 53.57
CA MET LA 50 12.72 5.87 54.60
C MET LA 50 12.58 6.65 55.90
N SER LA 51 13.00 6.00 56.99
CA SER LA 51 12.91 6.63 58.31
C SER LA 51 13.98 7.70 58.52
N GLN LA 52 14.99 7.76 57.66
CA GLN LA 52 16.06 8.74 57.81
C GLN LA 52 15.64 10.15 57.42
N GLU LA 53 14.51 10.29 56.72
CA GLU LA 53 13.99 11.58 56.32
C GLU LA 53 12.51 11.72 56.69
N ARG LA 54 12.13 11.09 57.81
CA ARG LA 54 10.75 10.95 58.24
C ARG LA 54 10.19 12.18 58.95
N LEU LA 55 11.01 13.22 59.16
CA LEU LA 55 10.60 14.51 59.75
C LEU LA 55 10.02 14.32 61.16
N THR LA 56 10.90 13.90 62.07
CA THR LA 56 10.47 13.58 63.44
C THR LA 56 9.97 14.80 64.21
N SER LA 57 10.46 15.99 63.87
CA SER LA 57 10.08 17.19 64.60
C SER LA 57 8.62 17.57 64.35
N ALA LA 58 8.20 17.60 63.09
CA ALA LA 58 6.81 17.93 62.78
C ALA LA 58 5.88 16.78 63.15
N GLU LA 59 6.39 15.55 63.14
CA GLU LA 59 5.63 14.41 63.66
C GLU LA 59 5.34 14.58 65.15
N SER LA 60 6.34 14.99 65.93
CA SER LA 60 6.11 15.27 67.34
C SER LA 60 5.23 16.49 67.55
N LEU LA 61 5.29 17.45 66.63
CA LEU LA 61 4.40 18.61 66.72
C LEU LA 61 2.95 18.23 66.46
N LEU LA 62 2.68 17.26 65.57
CA LEU LA 62 1.33 16.71 65.49
C LEU LA 62 0.97 15.90 66.72
N ARG LA 63 1.89 15.07 67.18
CA ARG LA 63 1.61 14.20 68.31
C ARG LA 63 1.34 15.09 69.50
N GLY LA 64 2.09 16.18 69.57
CA GLY LA 64 1.95 17.20 70.58
C GLY LA 64 0.68 18.04 70.48
N ARG LA 65 0.09 18.07 69.28
CA ARG LA 65 -1.11 18.80 68.87
C ARG LA 65 -0.80 20.28 68.76
N GLU LA 66 0.47 20.59 68.59
CA GLU LA 66 0.91 21.97 68.45
C GLU LA 66 0.63 22.50 67.05
N ILE LA 67 0.70 21.64 66.05
CA ILE LA 67 0.36 21.98 64.67
C ILE LA 67 -0.84 21.14 64.25
N SER LA 68 -1.55 21.64 63.26
CA SER LA 68 -2.71 20.95 62.72
C SER LA 68 -2.27 20.03 61.60
N VAL LA 69 -3.22 19.30 61.02
CA VAL LA 69 -2.93 18.42 59.91
C VAL LA 69 -2.45 19.24 58.74
N ARG LA 70 -3.05 20.41 58.54
CA ARG LA 70 -2.65 21.29 57.45
C ARG LA 70 -1.21 21.75 57.64
N ASP LA 71 -0.84 22.05 58.88
CA ASP LA 71 0.52 22.47 59.21
C ASP LA 71 1.48 21.34 58.90
N PHE LA 72 1.09 20.11 59.23
CA PHE LA 72 1.94 18.96 58.95
C PHE LA 72 2.11 18.78 57.45
N VAL LA 73 1.03 18.98 56.69
CA VAL LA 73 1.10 18.87 55.24
C VAL LA 73 2.03 19.96 54.72
N ARG LA 74 1.91 21.16 55.25
CA ARG LA 74 2.76 22.27 54.86
C ARG LA 74 4.21 21.98 55.24
N ALA LA 75 4.43 21.44 56.43
CA ALA LA 75 5.77 21.12 56.89
C ALA LA 75 6.40 20.07 56.00
N VAL LA 76 5.62 19.08 55.61
CA VAL LA 76 6.13 18.01 54.74
C VAL LA 76 6.45 18.56 53.35
N ALA LA 77 5.55 19.38 52.80
CA ALA LA 77 5.75 19.95 51.48
C ALA LA 77 6.86 21.00 51.46
N LEU LA 78 7.14 21.64 52.59
CA LEU LA 78 8.20 22.63 52.69
C LEU LA 78 9.54 22.03 53.07
N SER LA 79 9.59 20.72 53.33
CA SER LA 79 10.82 20.07 53.73
C SER LA 79 11.71 19.79 52.53
N GLU LA 80 12.92 19.31 52.82
CA GLU LA 80 13.86 18.98 51.77
C GLU LA 80 13.57 17.62 51.13
N VAL LA 81 12.74 16.80 51.77
CA VAL LA 81 12.30 15.55 51.14
C VAL LA 81 11.43 15.86 49.92
N TYR LA 82 10.49 16.79 50.08
CA TYR LA 82 9.68 17.24 48.97
C TYR LA 82 10.50 18.00 47.93
N ARG LA 83 11.51 18.76 48.37
CA ARG LA 83 12.35 19.50 47.44
C ARG LA 83 13.21 18.57 46.59
N GLN LA 84 13.78 17.53 47.20
CA GLN LA 84 14.57 16.57 46.45
C GLN LA 84 13.71 15.68 45.58
N LYS LA 85 12.55 15.27 46.08
CA LYS LA 85 11.71 14.33 45.35
C LYS LA 85 10.96 14.99 44.19
N PHE LA 86 10.54 16.24 44.34
CA PHE LA 86 9.60 16.83 43.41
C PHE LA 86 9.98 18.20 42.85
N PHE LA 87 10.98 18.87 43.40
CA PHE LA 87 11.24 20.26 43.02
C PHE LA 87 12.55 20.47 42.29
N HIS LA 88 13.67 19.93 42.80
CA HIS LA 88 14.98 20.34 42.32
C HIS LA 88 15.31 19.75 40.96
N SER LA 89 14.95 18.50 40.73
CA SER LA 89 15.22 17.85 39.45
C SER LA 89 14.03 17.91 38.49
N ASN LA 90 12.96 18.58 38.85
CA ASN LA 90 11.79 18.66 38.00
C ASN LA 90 11.67 20.04 37.37
N PRO LA 91 11.11 20.14 36.16
CA PRO LA 91 10.77 21.46 35.61
C PRO LA 91 9.59 22.09 36.31
N GLN LA 92 9.27 23.35 35.96
CA GLN LA 92 8.26 24.09 36.70
C GLN LA 92 6.86 23.56 36.44
N ASN LA 93 6.56 23.16 35.20
CA ASN LA 93 5.25 22.61 34.87
C ASN LA 93 4.98 21.32 35.63
N ARG LA 94 5.98 20.43 35.62
CA ARG LA 94 5.88 19.16 36.35
C ARG LA 94 5.75 19.39 37.84
N PHE LA 95 6.53 20.33 38.39
CA PHE LA 95 6.50 20.61 39.82
C PHE LA 95 5.16 21.22 40.25
N ILE LA 96 4.57 22.09 39.41
CA ILE LA 96 3.27 22.67 39.72
C ILE LA 96 2.18 21.59 39.67
N GLU LA 97 2.26 20.68 38.69
CA GLU LA 97 1.31 19.56 38.64
C GLU LA 97 1.47 18.64 39.85
N LEU LA 98 2.72 18.42 40.29
CA LEU LA 98 2.96 17.60 41.46
C LEU LA 98 2.39 18.26 42.71
N ASN LA 99 2.54 19.59 42.81
CA ASN LA 99 1.94 20.32 43.92
C ASN LA 99 0.43 20.21 43.92
N TYR LA 100 -0.20 20.32 42.75
CA TYR LA 100 -1.65 20.20 42.66
C TYR LA 100 -2.11 18.81 43.07
N LYS LA 101 -1.42 17.77 42.57
CA LYS LA 101 -1.78 16.39 42.88
C LYS LA 101 -1.59 16.08 44.36
N HIS LA 102 -0.50 16.54 44.96
CA HIS LA 102 -0.23 16.20 46.34
C HIS LA 102 -1.04 17.07 47.29
N LEU LA 103 -0.90 18.39 47.21
CA LEU LA 103 -1.54 19.26 48.17
C LEU LA 103 -3.04 19.40 47.92
N LEU LA 104 -3.47 19.54 46.67
CA LEU LA 104 -4.89 19.80 46.43
C LEU LA 104 -5.65 18.57 45.94
N GLY LA 105 -4.95 17.49 45.59
CA GLY LA 105 -5.60 16.28 45.11
C GLY LA 105 -6.30 16.49 43.79
N ARG LA 106 -5.63 17.16 42.85
CA ARG LA 106 -6.29 17.68 41.68
C ARG LA 106 -5.30 17.78 40.54
N ALA LA 107 -5.82 17.79 39.36
CA ALA LA 107 -5.05 18.20 38.19
C ALA LA 107 -5.27 19.68 37.95
N PRO LA 108 -4.29 20.38 37.40
CA PRO LA 108 -4.50 21.80 37.06
C PRO LA 108 -5.50 21.97 35.93
N TYR LA 109 -6.28 23.05 36.03
CA TYR LA 109 -7.39 23.25 35.12
C TYR LA 109 -7.03 24.04 33.87
N ASP LA 110 -6.13 25.00 33.98
CA ASP LA 110 -5.86 25.92 32.87
C ASP LA 110 -4.45 26.47 32.98
N GLN LA 111 -4.02 27.13 31.90
CA GLN LA 111 -2.65 27.60 31.80
C GLN LA 111 -2.40 28.83 32.67
N SER LA 112 -3.43 29.63 32.95
CA SER LA 112 -3.23 30.81 33.79
C SER LA 112 -2.96 30.43 35.23
N GLU LA 113 -3.43 29.26 35.66
CA GLU LA 113 -3.05 28.72 36.97
C GLU LA 113 -1.55 28.41 37.01
N ILE LA 114 -1.03 27.81 35.94
CA ILE LA 114 0.40 27.51 35.84
C ILE LA 114 1.20 28.81 35.79
N ALA LA 115 0.70 29.81 35.06
CA ALA LA 115 1.37 31.10 34.97
C ALA LA 115 1.38 31.82 36.31
N PHE LA 116 0.28 31.72 37.06
CA PHE LA 116 0.21 32.30 38.40
C PHE LA 116 1.21 31.65 39.34
N HIS LA 117 1.30 30.32 39.30
CA HIS LA 117 2.22 29.63 40.20
C HIS LA 117 3.68 29.84 39.80
N THR LA 118 3.95 29.94 38.50
CA THR LA 118 5.30 30.24 38.03
C THR LA 118 5.72 31.66 38.41
N ASP LA 119 4.79 32.62 38.24
CA ASP LA 119 5.04 34.00 38.66
C ASP LA 119 5.22 34.10 40.16
N LEU LA 120 4.47 33.31 40.93
CA LEU LA 120 4.61 33.35 42.38
C LEU LA 120 5.91 32.71 42.83
N TYR LA 121 6.37 31.67 42.13
CA TYR LA 121 7.70 31.12 42.41
C TYR LA 121 8.77 32.17 42.13
N HIS LA 122 8.69 32.83 40.97
CA HIS LA 122 9.69 33.83 40.59
C HIS LA 122 9.67 35.05 41.51
N GLN LA 123 8.51 35.37 42.09
CA GLN LA 123 8.41 36.52 42.97
C GLN LA 123 8.70 36.22 44.43
N GLY LA 124 8.47 34.98 44.89
CA GLY LA 124 8.60 34.74 46.32
C GLY LA 124 9.25 33.44 46.76
N GLY LA 125 9.87 32.70 45.84
CA GLY LA 125 10.54 31.48 46.24
C GLY LA 125 9.61 30.28 46.35
N TYR LA 126 10.25 29.14 46.59
CA TYR LA 126 9.58 27.86 46.73
C TYR LA 126 8.63 27.85 47.92
N GLU LA 127 9.06 28.45 49.02
CA GLU LA 127 8.23 28.49 50.22
C GLU LA 127 6.93 29.23 49.94
N ALA LA 128 7.03 30.35 49.24
CA ALA LA 128 5.84 31.12 48.92
C ALA LA 128 4.92 30.32 48.00
N GLU LA 129 5.51 29.65 47.03
CA GLU LA 129 4.76 28.85 46.07
C GLU LA 129 4.03 27.70 46.74
N ILE LA 130 4.70 27.00 47.66
CA ILE LA 130 4.09 25.89 48.36
C ILE LA 130 2.93 26.36 49.21
N ASN LA 131 3.13 27.51 49.84
CA ASN LA 131 2.10 28.09 50.68
C ASN LA 131 0.91 28.42 49.82
N SER LA 132 1.14 28.89 48.59
CA SER LA 132 -0.01 29.23 47.77
C SER LA 132 -1.06 28.12 47.77
N TYR LA 133 -0.63 26.85 47.71
CA TYR LA 133 -1.57 25.74 47.58
C TYR LA 133 -2.28 25.47 48.91
N ILE LA 134 -1.52 25.42 50.01
CA ILE LA 134 -2.11 25.11 51.30
C ILE LA 134 -2.96 26.28 51.80
N ASP LA 135 -2.48 27.51 51.64
CA ASP LA 135 -3.28 28.67 52.01
C ASP LA 135 -4.13 29.17 50.83
N SER LA 136 -4.85 28.26 50.20
CA SER LA 136 -5.79 28.60 49.15
C SER LA 136 -7.21 28.39 49.67
N VAL LA 137 -8.17 28.97 48.96
CA VAL LA 137 -9.57 28.76 49.29
C VAL LA 137 -9.97 27.31 49.04
N GLU LA 138 -9.40 26.70 48.00
CA GLU LA 138 -9.72 25.32 47.65
C GLU LA 138 -9.23 24.34 48.71
N TYR LA 139 -8.02 24.53 49.24
CA TYR LA 139 -7.52 23.66 50.31
C TYR LA 139 -8.35 23.77 51.57
N THR LA 140 -8.64 25.00 51.99
CA THR LA 140 -9.40 25.17 53.20
C THR LA 140 -10.76 24.54 53.05
N GLU LA 141 -11.40 24.76 51.91
CA GLU LA 141 -12.71 24.16 51.71
C GLU LA 141 -12.66 22.64 51.63
N ASN LA 142 -11.74 22.10 50.84
CA ASN LA 142 -11.62 20.66 50.68
C ASN LA 142 -11.11 19.86 51.86
N PHE LA 143 -10.04 20.33 52.47
CA PHE LA 143 -9.44 19.62 53.59
C PHE LA 143 -9.43 20.42 54.87
N GLY LA 144 -9.20 21.72 54.74
CA GLY LA 144 -9.18 22.55 55.92
C GLY LA 144 -8.00 22.24 56.83
N ASP LA 145 -8.22 22.41 58.14
CA ASP LA 145 -7.14 22.28 59.10
C ASP LA 145 -6.85 20.83 59.49
N TRP LA 146 -7.85 19.95 59.45
CA TRP LA 146 -7.75 18.67 60.14
C TRP LA 146 -7.98 17.44 59.26
N VAL LA 147 -8.28 17.61 57.99
CA VAL LA 147 -8.49 16.49 57.08
C VAL LA 147 -7.23 16.30 56.25
N VAL LA 148 -6.74 15.06 56.19
CA VAL LA 148 -5.61 14.73 55.30
C VAL LA 148 -6.04 14.94 53.85
N PRO LA 149 -5.26 15.64 53.04
CA PRO LA 149 -5.60 15.79 51.62
C PRO LA 149 -5.59 14.46 50.88
N TYR LA 150 -6.46 14.38 49.87
CA TYR LA 150 -6.67 13.17 49.10
C TYR LA 150 -7.01 13.59 47.69
N PHE LA 151 -6.96 12.64 46.77
CA PHE LA 151 -7.20 12.94 45.37
C PHE LA 151 -8.69 13.13 45.12
N ARG LA 152 -9.05 14.31 44.62
CA ARG LA 152 -10.44 14.67 44.34
C ARG LA 152 -10.72 14.81 42.85
N GLY LA 153 -9.75 14.50 41.99
CA GLY LA 153 -9.91 14.71 40.56
C GLY LA 153 -10.86 13.74 39.89
N PHE LA 154 -11.14 12.59 40.53
CA PHE LA 154 -12.04 11.60 39.97
C PHE LA 154 -13.47 11.78 40.45
N ALA LA 155 -13.75 12.79 41.26
CA ALA LA 155 -15.09 13.08 41.74
C ALA LA 155 -15.53 14.45 41.22
N THR LA 156 -16.84 14.67 41.27
CA THR LA 156 -17.40 15.93 40.79
C THR LA 156 -17.21 17.01 41.85
N GLN LA 157 -16.42 18.02 41.49
CA GLN LA 157 -16.12 19.14 42.39
C GLN LA 157 -16.94 20.35 42.00
N ARG LA 158 -17.22 21.20 42.98
CA ARG LA 158 -18.05 22.39 42.78
C ARG LA 158 -17.52 23.43 41.79
N ASN LA 159 -16.22 23.73 41.86
CA ASN LA 159 -15.64 24.75 40.97
C ASN LA 159 -14.77 24.17 39.85
N GLN LA 160 -14.78 22.86 39.71
CA GLN LA 160 -13.97 22.15 38.72
C GLN LA 160 -14.30 22.24 37.22
N LYS LA 161 -13.25 22.13 36.41
CA LYS LA 161 -13.36 22.05 34.95
C LYS LA 161 -13.50 20.59 34.56
N THR LA 162 -14.30 20.34 33.52
CA THR LA 162 -14.54 18.97 33.06
C THR LA 162 -13.25 18.31 32.57
N VAL LA 163 -12.36 19.12 32.00
CA VAL LA 163 -11.04 18.64 31.58
C VAL LA 163 -10.18 18.20 32.77
N GLY LA 164 -10.52 18.64 34.00
CA GLY LA 164 -9.80 18.18 35.17
C GLY LA 164 -9.96 16.70 35.44
N PHE LA 165 -11.14 16.14 35.14
CA PHE LA 165 -11.36 14.71 35.29
C PHE LA 165 -10.50 13.91 34.31
N SER LA 166 -10.42 14.36 33.06
CA SER LA 166 -9.60 13.66 32.08
C SER LA 166 -8.11 13.85 32.34
N ARG LA 167 -7.73 15.00 32.89
CA ARG LA 167 -6.32 15.26 33.21
C ARG LA 167 -5.88 14.56 34.48
N SER LA 168 -6.83 14.21 35.36
CA SER LA 168 -6.51 13.49 36.58
C SER LA 168 -5.96 12.10 36.29
N PHE LA 169 -6.40 11.47 35.21
CA PHE LA 169 -5.84 10.18 34.83
C PHE LA 169 -4.44 10.33 34.26
N GLN LA 170 -4.15 11.46 33.61
CA GLN LA 170 -2.80 11.74 33.16
C GLN LA 170 -1.88 12.11 34.32
N VAL LA 171 -2.45 12.57 35.43
CA VAL LA 171 -1.66 12.88 36.62
C VAL LA 171 -1.58 11.68 37.56
N TYR LA 172 -2.72 11.09 37.90
CA TYR LA 172 -2.77 9.91 38.76
C TYR LA 172 -2.68 8.67 37.87
N ARG LA 173 -1.54 7.98 37.92
CA ARG LA 173 -1.31 6.86 37.02
C ARG LA 173 -1.81 5.53 37.56
N GLY LA 174 -2.15 5.46 38.84
CA GLY LA 174 -2.63 4.23 39.42
C GLY LA 174 -2.41 4.23 40.91
N TYR LA 175 -2.96 3.20 41.57
CA TYR LA 175 -2.80 3.09 43.01
C TYR LA 175 -1.39 2.68 43.37
N ALA LA 176 -0.83 1.71 42.67
CA ALA LA 176 0.54 1.27 42.90
C ALA LA 176 1.52 2.01 42.01
N THR LA 177 1.40 3.34 41.99
CA THR LA 177 2.29 4.20 41.23
C THR LA 177 2.86 5.24 42.19
N SER LA 178 3.74 6.07 41.65
CA SER LA 178 4.27 7.20 42.40
C SER LA 178 4.63 8.30 41.44
N ASP LA 179 5.25 9.36 41.96
CA ASP LA 179 5.64 10.50 41.17
C ASP LA 179 7.15 10.56 41.01
N ARG LA 180 7.86 9.61 41.61
CA ARG LA 180 9.28 9.43 41.41
C ARG LA 180 9.57 8.76 40.07
N SER LA 181 10.55 9.29 39.36
CA SER LA 181 11.09 8.66 38.16
C SER LA 181 12.57 8.35 38.39
N GLN LA 182 13.19 7.70 37.42
CA GLN LA 182 14.60 7.37 37.50
C GLN LA 182 15.44 8.63 37.30
N GLY LA 183 16.29 8.94 38.28
CA GLY LA 183 16.97 10.21 38.31
C GLY LA 183 16.17 11.35 38.90
N ASN LA 184 14.94 11.08 39.35
CA ASN LA 184 14.01 12.02 39.98
C ASN LA 184 13.63 13.20 39.09
N GLY LA 185 13.83 13.08 37.78
CA GLY LA 185 13.45 14.12 36.85
C GLY LA 185 12.38 13.65 35.90
N SER LA 186 11.17 14.18 36.04
CA SER LA 186 10.02 13.77 35.26
C SER LA 186 9.55 14.92 34.39
N ARG LA 187 9.06 14.60 33.21
CA ARG LA 187 8.47 15.61 32.34
C ARG LA 187 6.95 15.59 32.50
N SER LA 188 6.35 16.77 32.33
CA SER LA 188 4.91 16.91 32.47
C SER LA 188 4.18 16.29 31.28
N ARG LA 189 3.04 15.66 31.58
CA ARG LA 189 2.18 15.07 30.57
C ARG LA 189 1.04 15.99 30.14
N LEU LA 190 0.95 17.18 30.73
CA LEU LA 190 -0.18 18.08 30.49
C LEU LA 190 0.16 19.32 29.69
N THR LA 191 1.45 19.58 29.43
CA THR LA 191 1.87 20.84 28.80
C THR LA 191 1.32 20.99 27.39
N ARG LA 192 1.07 19.88 26.70
CA ARG LA 192 0.46 19.97 25.37
C ARG LA 192 -0.98 20.44 25.46
N GLU LA 193 -1.72 20.02 26.48
CA GLU LA 193 -3.14 20.36 26.53
C GLU LA 193 -3.42 21.59 27.39
N LEU LA 194 -2.70 21.74 28.51
CA LEU LA 194 -2.90 22.87 29.42
C LEU LA 194 -2.64 24.20 28.73
N ALA LA 195 -1.59 24.25 27.90
CA ALA LA 195 -1.31 25.43 27.10
C ALA LA 195 -2.37 25.68 26.05
N ARG LA 196 -2.97 24.63 25.52
CA ARG LA 196 -3.85 24.78 24.37
C ARG LA 196 -5.32 24.67 24.73
N ASN LA 197 -5.63 24.41 26.01
CA ASN LA 197 -6.99 24.31 26.56
C ASN LA 197 -7.80 23.24 25.82
N THR LA 198 -7.23 22.03 25.77
CA THR LA 198 -7.91 20.86 25.23
C THR LA 198 -7.76 19.67 26.17
N ALA LA 199 -8.20 18.50 25.71
CA ALA LA 199 -8.08 17.27 26.47
C ALA LA 199 -7.60 16.15 25.58
N SER LA 200 -7.02 15.15 26.21
CA SER LA 200 -6.59 13.91 25.59
C SER LA 200 -7.55 12.79 25.98
N PRO LA 201 -7.64 11.74 25.17
CA PRO LA 201 -8.36 10.54 25.63
C PRO LA 201 -7.65 9.92 26.83
N VAL LA 202 -8.46 9.28 27.69
CA VAL LA 202 -7.99 8.93 29.03
C VAL LA 202 -7.04 7.73 28.97
N TYR LA 203 -7.52 6.60 28.43
CA TYR LA 203 -6.71 5.40 28.12
C TYR LA 203 -5.99 4.86 29.34
N ALA LA 204 -6.69 4.77 30.47
CA ALA LA 204 -6.10 4.40 31.74
C ALA LA 204 -6.44 2.95 32.09
N GLY LA 205 -5.41 2.12 32.18
CA GLY LA 205 -5.60 0.72 32.55
C GLY LA 205 -6.36 -0.05 31.48
N SER LA 206 -7.48 -0.65 31.89
CA SER LA 206 -8.31 -1.44 30.99
C SER LA 206 -8.97 -0.59 29.91
N THR LA 207 -9.04 0.73 30.10
CA THR LA 207 -9.49 1.64 29.05
C THR LA 207 -8.53 1.64 27.87
N ALA LA 208 -7.23 1.42 28.12
CA ALA LA 208 -6.24 1.50 27.05
C ALA LA 208 -6.29 0.32 26.10
N GLU LA 209 -6.95 -0.77 26.48
CA GLU LA 209 -6.91 -2.00 25.69
C GLU LA 209 -7.73 -1.87 24.41
N SER LA 210 -7.34 -2.64 23.40
CA SER LA 210 -8.04 -2.71 22.13
C SER LA 210 -8.20 -4.17 21.73
N LEU LA 211 -9.13 -4.40 20.81
CA LEU LA 211 -9.40 -5.75 20.32
C LEU LA 211 -8.31 -6.18 19.34
N ARG LA 212 -7.73 -7.36 19.57
CA ARG LA 212 -6.61 -7.83 18.78
C ARG LA 212 -7.07 -8.66 17.58
N GLY LA 213 -7.75 -9.78 17.85
CA GLY LA 213 -8.18 -10.66 16.77
C GLY LA 213 -7.03 -11.32 16.06
N THR LA 214 -7.16 -11.44 14.74
CA THR LA 214 -6.08 -11.93 13.89
C THR LA 214 -5.22 -10.80 13.33
N SER LA 215 -5.46 -9.57 13.74
CA SER LA 215 -4.75 -8.41 13.22
C SER LA 215 -3.55 -7.99 14.06
N ALA LA 216 -3.26 -8.72 15.14
CA ALA LA 216 -2.23 -8.30 16.08
C ALA LA 216 -0.82 -8.73 15.69
N GLY LA 217 -0.68 -9.59 14.69
CA GLY LA 217 0.63 -10.05 14.30
C GLY LA 217 1.06 -11.28 15.07
N SER LA 218 2.39 -11.49 15.12
CA SER LA 218 2.95 -12.65 15.81
C SER LA 218 2.79 -12.52 17.32
N ARG LA 219 3.14 -11.37 17.87
CA ARG LA 219 2.85 -11.08 19.26
C ARG LA 219 1.44 -10.52 19.35
N ASN LA 220 0.57 -11.18 20.10
CA ASN LA 220 -0.84 -10.78 20.19
C ASN LA 220 -0.97 -9.57 21.10
N GLN LA 221 -0.56 -8.42 20.56
CA GLN LA 221 -0.62 -7.16 21.27
C GLN LA 221 -0.64 -6.02 20.26
N MET LA 222 -1.33 -4.95 20.61
CA MET LA 222 -1.52 -3.79 19.76
C MET LA 222 -0.82 -2.60 20.40
N TYR LA 223 -0.46 -1.63 19.58
CA TYR LA 223 0.20 -0.43 20.06
C TYR LA 223 -0.58 0.79 19.59
N ARG LA 224 -0.73 1.74 20.50
CA ARG LA 224 -1.68 2.83 20.42
C ARG LA 224 -0.89 4.13 20.28
N LEU LA 225 -1.13 4.87 19.20
CA LEU LA 225 -0.31 6.01 18.82
C LEU LA 225 -1.21 7.23 18.62
N GLN LA 226 -1.14 8.16 19.56
CA GLN LA 226 -1.72 9.49 19.42
C GLN LA 226 -0.69 10.38 18.75
N VAL LA 227 -0.98 10.84 17.53
CA VAL LA 227 -0.04 11.56 16.69
C VAL LA 227 -0.71 12.83 16.17
N ILE LA 228 -0.05 13.97 16.31
CA ILE LA 228 -0.53 15.20 15.70
C ILE LA 228 -0.08 15.23 14.24
N GLN LA 229 -1.05 15.29 13.32
CA GLN LA 229 -0.80 15.20 11.90
C GLN LA 229 -0.94 16.56 11.23
N GLY LA 230 -0.01 16.88 10.34
CA GLY LA 230 -0.09 18.04 9.50
C GLY LA 230 -0.16 17.64 8.02
N ALA LA 231 -0.19 18.66 7.17
CA ALA LA 231 -0.18 18.43 5.74
C ALA LA 231 1.20 18.00 5.27
N ALA LA 232 1.25 16.90 4.53
CA ALA LA 232 2.52 16.43 4.00
C ALA LA 232 2.99 17.33 2.87
N PRO LA 233 4.31 17.57 2.77
CA PRO LA 233 4.83 18.32 1.61
C PRO LA 233 4.61 17.60 0.28
N GLY LA 234 4.66 16.27 0.28
CA GLY LA 234 4.40 15.52 -0.94
C GLY LA 234 2.94 15.47 -1.33
N ARG LA 235 2.03 15.65 -0.36
CA ARG LA 235 0.58 15.68 -0.56
C ARG LA 235 0.06 14.39 -1.20
N GLY LA 236 0.64 13.25 -0.80
CA GLY LA 236 0.21 11.98 -1.37
C GLY LA 236 -1.15 11.54 -0.88
N THR LA 237 -1.39 11.63 0.43
CA THR LA 237 -2.63 11.19 1.05
C THR LA 237 -3.29 12.38 1.74
N ARG LA 238 -4.60 12.53 1.52
CA ARG LA 238 -5.35 13.62 2.12
C ARG LA 238 -5.51 13.41 3.61
N VAL LA 239 -4.96 14.32 4.41
CA VAL LA 239 -5.06 14.25 5.86
C VAL LA 239 -6.42 14.78 6.28
N ARG LA 240 -7.17 13.97 7.02
CA ARG LA 240 -8.54 14.32 7.39
C ARG LA 240 -8.66 14.95 8.77
N ARG LA 241 -7.77 14.63 9.71
CA ARG LA 241 -7.82 15.22 11.04
C ARG LA 241 -6.41 15.55 11.51
N GLY LA 242 -6.31 16.64 12.27
CA GLY LA 242 -5.02 17.04 12.80
C GLY LA 242 -4.50 16.11 13.88
N LYS LA 243 -5.38 15.60 14.73
CA LYS LA 243 -5.00 14.61 15.74
C LYS LA 243 -5.51 13.26 15.29
N ALA LA 244 -4.61 12.30 15.18
CA ALA LA 244 -4.90 11.01 14.60
C ALA LA 244 -4.51 9.89 15.54
N GLU LA 245 -5.29 8.81 15.47
CA GLU LA 245 -5.07 7.59 16.21
C GLU LA 245 -4.60 6.47 15.29
N TYR LA 246 -3.54 5.78 15.70
CA TYR LA 246 -3.00 4.65 14.96
C TYR LA 246 -2.89 3.44 15.88
N LEU LA 247 -3.53 2.35 15.50
CA LEU LA 247 -3.40 1.07 16.21
C LEU LA 247 -2.61 0.13 15.31
N VAL LA 248 -1.37 -0.15 15.70
CA VAL LA 248 -0.47 -0.91 14.82
C VAL LA 248 0.18 -2.03 15.63
N SER LA 249 0.55 -3.09 14.94
CA SER LA 249 1.11 -4.26 15.61
C SER LA 249 2.57 -4.02 15.99
N TYR LA 250 3.15 -5.00 16.69
CA TYR LA 250 4.59 -4.98 16.96
C TYR LA 250 5.40 -5.10 15.67
N ASP LA 251 4.99 -6.00 14.76
CA ASP LA 251 5.78 -6.26 13.56
C ASP LA 251 5.78 -5.10 12.59
N ASN LA 252 4.90 -4.11 12.79
CA ASN LA 252 4.85 -2.91 11.98
C ASN LA 252 5.08 -1.64 12.79
N LEU LA 253 5.53 -1.76 14.04
CA LEU LA 253 5.68 -0.57 14.89
C LEU LA 253 6.86 0.29 14.45
N SER LA 254 8.01 -0.33 14.15
CA SER LA 254 9.16 0.40 13.66
C SER LA 254 8.87 1.02 12.30
N ALA LA 255 8.18 0.28 11.43
CA ALA LA 255 7.80 0.80 10.13
C ALA LA 255 6.83 1.96 10.24
N LYS LA 256 5.87 1.87 11.17
CA LYS LA 256 4.89 2.93 11.36
C LYS LA 256 5.52 4.18 11.94
N LEU LA 257 6.48 4.00 12.87
CA LEU LA 257 7.24 5.14 13.38
C LEU LA 257 8.06 5.79 12.28
N GLN LA 258 8.62 4.99 11.37
CA GLN LA 258 9.31 5.55 10.21
C GLN LA 258 8.36 6.32 9.29
N GLN LA 259 7.13 5.81 9.13
CA GLN LA 259 6.12 6.50 8.31
C GLN LA 259 5.76 7.85 8.91
N ILE LA 260 5.53 7.88 10.23
CA ILE LA 260 5.16 9.11 10.92
C ILE LA 260 6.31 10.11 10.92
N ASN LA 261 7.54 9.61 11.07
CA ASN LA 261 8.70 10.49 11.04
C ASN LA 261 8.99 11.03 9.64
N ARG LA 262 8.77 10.24 8.61
CA ARG LA 262 8.92 10.72 7.24
C ARG LA 262 7.83 11.70 6.86
N GLN LA 263 6.62 11.54 7.43
CA GLN LA 263 5.55 12.49 7.18
C GLN LA 263 5.75 13.80 7.93
N GLY LA 264 6.72 13.88 8.84
CA GLY LA 264 6.93 15.08 9.63
C GLY LA 264 6.01 15.21 10.82
N ASP LA 265 5.17 14.20 11.07
CA ASP LA 265 4.20 14.27 12.14
C ASP LA 265 4.86 13.93 13.48
N THR LA 266 4.40 14.60 14.53
CA THR LA 266 4.96 14.39 15.86
C THR LA 266 4.13 13.38 16.64
N VAL LA 267 4.83 12.51 17.37
CA VAL LA 267 4.19 11.49 18.20
C VAL LA 267 4.01 12.08 19.59
N THR LA 268 2.77 12.08 20.08
CA THR LA 268 2.47 12.54 21.41
C THR LA 268 2.24 11.43 22.41
N MET LA 269 1.72 10.28 22.00
CA MET LA 269 1.53 9.19 22.96
C MET LA 269 1.68 7.85 22.27
N ILE LA 270 2.38 6.92 22.92
CA ILE LA 270 2.45 5.52 22.52
C ILE LA 270 2.19 4.68 23.76
N SER LA 271 1.21 3.79 23.67
CA SER LA 271 0.84 2.93 24.79
C SER LA 271 0.50 1.54 24.26
N LEU LA 272 0.24 0.63 25.19
CA LEU LA 272 -0.26 -0.69 24.82
C LEU LA 272 -1.76 -0.64 24.56
N ALA LA 273 -2.24 -1.61 23.80
CA ALA LA 273 -3.66 -1.68 23.46
C ALA LA 273 -4.09 -3.12 23.17
N ALA MA 8 1.00 38.24 49.23
CA ALA MA 8 0.24 39.45 49.50
C ALA MA 8 0.89 40.26 50.62
N THR MA 9 2.09 39.85 51.02
CA THR MA 9 2.84 40.55 52.06
C THR MA 9 4.30 40.66 51.64
N SER MA 10 4.97 41.63 52.22
CA SER MA 10 6.42 41.78 52.07
C SER MA 10 7.19 41.10 53.19
N SER MA 11 6.48 40.58 54.18
CA SER MA 11 7.09 39.88 55.29
C SER MA 11 7.80 38.60 54.85
N ARG MA 12 7.23 37.92 53.86
CA ARG MA 12 7.74 36.64 53.45
C ARG MA 12 9.17 36.77 52.92
N GLN MA 13 9.84 35.62 52.77
CA GLN MA 13 11.27 35.51 52.44
C GLN MA 13 12.13 36.30 53.42
N SER MA 14 11.77 36.24 54.70
CA SER MA 14 12.45 36.97 55.75
C SER MA 14 12.46 36.13 57.01
N ASP MA 15 13.54 36.25 57.79
CA ASP MA 15 13.64 35.52 59.05
C ASP MA 15 12.66 36.06 60.08
N ALA MA 16 12.50 37.39 60.14
CA ALA MA 16 11.54 38.01 61.06
C ALA MA 16 10.10 37.66 60.72
N GLY MA 17 9.83 37.28 59.48
CA GLY MA 17 8.52 36.78 59.09
C GLY MA 17 8.21 35.37 59.57
N ASN MA 18 9.16 34.71 60.24
CA ASN MA 18 8.89 33.43 60.89
C ASN MA 18 8.50 33.60 62.35
N ARG MA 19 8.07 34.79 62.75
CA ARG MA 19 7.59 35.00 64.11
C ARG MA 19 6.21 34.39 64.25
N LEU MA 20 6.04 33.54 65.26
CA LEU MA 20 4.80 32.79 65.42
C LEU MA 20 3.86 33.47 66.41
N PHE MA 21 2.57 33.32 66.14
CA PHE MA 21 1.49 33.88 66.95
C PHE MA 21 0.43 32.82 67.09
N VAL MA 22 -0.46 32.99 68.06
CA VAL MA 22 -1.58 32.09 68.24
C VAL MA 22 -2.87 32.91 68.15
N TYR MA 23 -3.71 32.56 67.19
CA TYR MA 23 -5.04 33.13 67.05
C TYR MA 23 -6.03 32.29 67.86
N GLU MA 24 -6.89 32.97 68.61
CA GLU MA 24 -8.00 32.31 69.29
C GLU MA 24 -9.30 32.78 68.65
N VAL MA 25 -10.01 31.86 68.01
CA VAL MA 25 -11.20 32.22 67.25
C VAL MA 25 -12.41 31.47 67.80
N ILE MA 26 -13.55 32.15 67.76
CA ILE MA 26 -14.82 31.61 68.23
C ILE MA 26 -15.85 31.74 67.10
N GLY MA 27 -16.98 31.08 67.29
CA GLY MA 27 -18.13 31.30 66.43
C GLY MA 27 -18.05 30.68 65.06
N LEU MA 28 -17.24 29.64 64.87
CA LEU MA 28 -17.17 28.95 63.58
C LEU MA 28 -18.42 28.10 63.41
N SER MA 29 -19.34 28.55 62.56
CA SER MA 29 -20.59 27.84 62.32
C SER MA 29 -20.92 27.78 60.84
N GLN MA 30 -21.78 26.86 60.45
CA GLN MA 30 -22.16 26.74 59.06
C GLN MA 30 -22.88 28.00 58.59
N SER MA 31 -22.54 28.45 57.39
CA SER MA 31 -23.12 29.64 56.78
C SER MA 31 -22.92 29.53 55.27
N THR MA 32 -23.67 30.30 54.47
CA THR MA 32 -23.47 30.19 53.03
C THR MA 32 -22.00 30.30 52.65
N MET MA 33 -21.23 31.09 53.42
CA MET MA 33 -19.79 31.13 53.24
C MET MA 33 -19.13 29.82 53.67
N THR MA 34 -19.75 29.10 54.60
CA THR MA 34 -19.25 27.83 55.12
C THR MA 34 -19.86 26.65 54.35
N ASP MA 35 -20.91 26.90 53.55
CA ASP MA 35 -21.58 25.85 52.78
C ASP MA 35 -20.68 25.21 51.73
N GLY MA 36 -19.61 25.91 51.37
CA GLY MA 36 -18.59 25.46 50.45
C GLY MA 36 -17.75 24.30 50.96
N LEU MA 37 -17.47 24.29 52.25
CA LEU MA 37 -16.62 23.27 52.87
C LEU MA 37 -17.13 21.86 52.68
N ASP MA 38 -16.21 20.96 52.40
CA ASP MA 38 -16.50 19.55 52.16
C ASP MA 38 -16.31 18.66 53.39
N TYR MA 39 -15.93 19.26 54.50
CA TYR MA 39 -15.67 18.52 55.73
C TYR MA 39 -16.46 19.11 56.89
N PRO MA 40 -16.94 18.25 57.81
CA PRO MA 40 -17.66 18.80 58.95
C PRO MA 40 -16.72 19.46 59.94
N ILE MA 41 -17.18 20.54 60.54
CA ILE MA 41 -16.42 21.21 61.60
C ILE MA 41 -16.96 20.74 62.94
N ARG MA 42 -16.04 20.41 63.85
CA ARG MA 42 -16.38 19.69 65.06
C ARG MA 42 -16.38 20.55 66.31
N ARG MA 43 -15.61 21.64 66.31
CA ARG MA 43 -15.53 22.54 67.45
C ARG MA 43 -15.89 23.95 67.00
N SER MA 44 -16.64 24.64 67.85
CA SER MA 44 -16.94 26.05 67.64
C SER MA 44 -16.70 26.87 68.89
N GLY MA 45 -16.20 26.26 69.96
CA GLY MA 45 -16.03 26.95 71.22
C GLY MA 45 -14.87 27.91 71.25
N SER MA 46 -13.64 27.37 71.14
CA SER MA 46 -12.45 28.21 71.17
C SER MA 46 -11.35 27.45 70.41
N THR MA 47 -11.11 27.85 69.17
CA THR MA 47 -10.13 27.19 68.31
C THR MA 47 -8.85 28.00 68.31
N PHE MA 48 -7.74 27.34 68.61
CA PHE MA 48 -6.43 27.98 68.68
C PHE MA 48 -5.62 27.54 67.48
N ILE MA 49 -5.15 28.50 66.68
CA ILE MA 49 -4.39 28.24 65.46
C ILE MA 49 -3.05 28.94 65.58
N THR MA 50 -1.96 28.21 65.36
CA THR MA 50 -0.64 28.81 65.32
C THR MA 50 -0.30 29.28 63.91
N VAL MA 51 0.13 30.53 63.81
CA VAL MA 51 0.27 31.24 62.53
C VAL MA 51 1.60 31.99 62.52
N PRO MA 52 2.47 31.79 61.52
CA PRO MA 52 3.67 32.63 61.40
C PRO MA 52 3.32 34.03 60.91
N LEU MA 53 4.32 34.91 60.97
CA LEU MA 53 4.12 36.31 60.59
C LEU MA 53 3.83 36.46 59.10
N LYS MA 54 4.56 35.72 58.27
CA LYS MA 54 4.37 35.79 56.83
C LYS MA 54 2.97 35.32 56.45
N ARG MA 55 2.51 34.30 57.17
CA ARG MA 55 1.22 33.68 56.93
C ARG MA 55 0.05 34.35 57.66
N MET MA 56 0.32 35.40 58.43
CA MET MA 56 -0.73 36.07 59.19
C MET MA 56 -1.84 36.67 58.35
N ASN MA 57 -1.49 37.28 57.22
CA ASN MA 57 -2.51 37.86 56.36
C ASN MA 57 -3.45 36.79 55.84
N GLN MA 58 -2.89 35.66 55.41
CA GLN MA 58 -3.71 34.57 54.89
C GLN MA 58 -4.63 33.99 55.95
N GLU MA 59 -4.10 33.79 57.14
CA GLU MA 59 -4.88 33.23 58.24
C GLU MA 59 -6.02 34.13 58.70
N MET MA 60 -5.75 35.43 58.77
CA MET MA 60 -6.77 36.37 59.21
C MET MA 60 -7.92 36.41 58.23
N ARG MA 61 -7.60 36.44 56.94
CA ARG MA 61 -8.63 36.47 55.93
C ARG MA 61 -9.42 35.17 55.96
N ARG MA 62 -8.71 34.06 56.11
CA ARG MA 62 -9.37 32.77 56.14
C ARG MA 62 -10.31 32.66 57.32
N ILE MA 63 -9.87 33.10 58.48
CA ILE MA 63 -10.70 33.07 59.66
C ILE MA 63 -11.91 33.97 59.45
N THR MA 64 -11.65 35.15 58.90
CA THR MA 64 -12.69 36.15 58.61
C THR MA 64 -13.69 35.72 57.53
N ARG MA 65 -13.19 35.06 56.49
CA ARG MA 65 -14.03 34.61 55.38
C ARG MA 65 -15.09 33.62 55.85
N MET MA 66 -14.69 32.73 56.76
CA MET MA 66 -15.58 31.71 57.30
C MET MA 66 -16.53 32.20 58.40
N GLY MA 67 -16.35 33.45 58.82
CA GLY MA 67 -17.18 34.04 59.86
C GLY MA 67 -16.71 33.89 61.28
N GLY MA 68 -15.51 33.33 61.45
CA GLY MA 68 -14.95 33.18 62.77
C GLY MA 68 -14.59 34.53 63.35
N LYS MA 69 -14.71 34.66 64.66
CA LYS MA 69 -14.38 35.92 65.34
C LYS MA 69 -13.09 35.72 66.12
N ILE MA 70 -12.15 36.63 65.93
CA ILE MA 70 -10.86 36.54 66.60
C ILE MA 70 -10.97 37.21 67.96
N VAL MA 71 -10.62 36.47 69.02
CA VAL MA 71 -10.72 36.97 70.38
C VAL MA 71 -9.38 37.46 70.91
N SER MA 72 -8.34 36.64 70.78
CA SER MA 72 -7.02 37.01 71.26
C SER MA 72 -5.96 36.46 70.32
N ILE MA 73 -4.89 37.25 70.14
CA ILE MA 73 -3.72 36.82 69.40
C ILE MA 73 -2.53 36.95 70.35
N LYS MA 74 -1.92 35.82 70.70
CA LYS MA 74 -0.83 35.79 71.64
C LYS MA 74 0.49 35.68 70.88
N PRO MA 75 1.42 36.61 71.07
CA PRO MA 75 2.76 36.44 70.49
C PRO MA 75 3.53 35.33 71.21
N LEU MA 76 4.48 34.74 70.48
CA LEU MA 76 5.24 33.60 70.99
C LEU MA 76 6.70 33.90 71.21
N GLU MA 77 7.26 34.88 70.48
CA GLU MA 77 8.71 35.17 70.44
C GLU MA 77 9.53 33.92 70.12
N GLY MA 78 9.07 33.17 69.13
CA GLY MA 78 9.78 31.98 68.69
C GLY MA 78 9.22 31.48 67.38
N ASP MA 79 10.05 30.70 66.68
CA ASP MA 79 9.65 30.03 65.46
C ASP MA 79 8.98 28.68 65.73
N SER MA 80 9.01 28.21 66.96
CA SER MA 80 8.43 26.93 67.32
C SER MA 80 7.04 27.11 67.89
N PRO MA 81 6.11 26.18 67.58
CA PRO MA 81 4.74 26.29 68.11
C PRO MA 81 4.56 25.62 69.46
N LEU MA 82 5.67 25.39 70.18
CA LEU MA 82 5.61 24.74 71.49
C LEU MA 82 4.70 25.38 72.55
N PRO MA 83 4.63 26.75 72.75
CA PRO MA 83 3.74 27.24 73.82
C PRO MA 83 2.26 27.33 73.44
N HIS MA 84 1.84 26.56 72.42
CA HIS MA 84 0.41 26.44 72.05
C HIS MA 84 -0.39 25.65 73.14
N THR MA 85 0.12 24.48 73.52
CA THR MA 85 -0.30 23.71 74.70
C THR MA 85 -1.82 23.61 74.86
N GLU MA 86 -2.55 23.57 73.75
CA GLU MA 86 -4.01 23.54 73.79
C GLU MA 86 -4.60 22.16 73.49
N GLY MA 87 -3.96 21.38 72.62
CA GLY MA 87 -4.45 20.05 72.31
C GLY MA 87 -4.01 18.96 73.26
N ILE MA 88 -3.27 19.31 74.30
CA ILE MA 88 -2.80 18.32 75.26
C ILE MA 88 -3.76 18.24 76.43
N THR NA 2 -3.33 -1.69 -62.92
CA THR NA 2 -2.73 -2.63 -63.88
C THR NA 2 -3.82 -3.31 -64.70
N LEU NA 3 -3.56 -4.55 -65.11
CA LEU NA 3 -4.50 -5.34 -65.87
C LEU NA 3 -4.68 -6.71 -65.23
N PRO NA 4 -5.85 -7.31 -65.40
CA PRO NA 4 -6.11 -8.66 -64.89
C PRO NA 4 -5.35 -9.68 -65.72
N LEU NA 5 -4.89 -10.77 -65.12
CA LEU NA 5 -4.17 -11.78 -65.88
C LEU NA 5 -5.06 -12.44 -66.91
N ILE NA 6 -4.53 -12.68 -68.11
CA ILE NA 6 -5.31 -13.33 -69.15
C ILE NA 6 -5.60 -14.75 -68.69
N ALA NA 7 -6.82 -15.22 -68.93
CA ALA NA 7 -7.20 -16.56 -68.51
C ALA NA 7 -6.45 -17.68 -69.22
N TYR NA 8 -6.04 -18.68 -68.45
CA TYR NA 8 -5.35 -19.85 -68.99
C TYR NA 8 -6.04 -21.09 -68.47
N ALA NA 9 -6.17 -22.13 -69.29
CA ALA NA 9 -6.86 -23.31 -68.79
C ALA NA 9 -5.90 -24.20 -68.00
N PRO NA 10 -6.35 -24.79 -66.90
CA PRO NA 10 -5.51 -25.73 -66.18
C PRO NA 10 -5.39 -27.05 -66.91
N VAL NA 11 -4.17 -27.58 -66.97
CA VAL NA 11 -3.88 -28.88 -67.54
C VAL NA 11 -3.72 -29.86 -66.38
N SER NA 12 -4.22 -31.06 -66.59
CA SER NA 12 -4.21 -31.99 -65.51
C SER NA 12 -2.82 -32.35 -65.09
N GLN NA 13 -2.58 -32.07 -63.82
CA GLN NA 13 -1.34 -32.47 -63.15
C GLN NA 13 -1.71 -33.16 -61.84
N ASN NA 14 -0.74 -33.88 -61.28
CA ASN NA 14 -0.97 -34.72 -60.11
C ASN NA 14 -1.38 -33.91 -58.88
N GLN NA 15 -0.91 -32.68 -58.76
CA GLN NA 15 -1.26 -31.82 -57.63
C GLN NA 15 -2.71 -31.33 -57.67
N ARG NA 16 -3.38 -31.47 -58.82
CA ARG NA 16 -4.76 -30.97 -58.92
C ARG NA 16 -5.74 -31.89 -58.19
N VAL NA 17 -5.51 -33.19 -58.23
CA VAL NA 17 -6.42 -34.14 -57.63
C VAL NA 17 -6.06 -34.34 -56.17
N THR NA 18 -6.98 -34.92 -55.41
CA THR NA 18 -6.75 -35.17 -54.00
C THR NA 18 -5.77 -36.32 -53.80
N ASN NA 19 -4.85 -36.13 -52.87
CA ASN NA 19 -3.78 -37.10 -52.63
C ASN NA 19 -4.29 -38.21 -51.72
N TYR NA 20 -4.48 -39.40 -52.29
CA TYR NA 20 -4.88 -40.56 -51.51
C TYR NA 20 -3.60 -41.36 -51.23
N GLU NA 21 -2.80 -40.84 -50.31
CA GLU NA 21 -1.57 -41.54 -49.99
C GLU NA 21 -1.25 -41.40 -48.51
N VAL NA 22 -0.48 -42.34 -48.03
CA VAL NA 22 0.28 -42.17 -46.80
C VAL NA 22 1.64 -41.66 -47.24
N SER NA 23 2.23 -40.75 -46.45
CA SER NA 23 3.41 -40.01 -46.89
C SER NA 23 4.60 -40.93 -47.14
N GLY NA 24 5.11 -41.58 -46.10
CA GLY NA 24 6.01 -42.71 -46.26
C GLY NA 24 7.35 -42.35 -46.88
N ASP NA 25 7.73 -43.10 -47.93
CA ASP NA 25 9.05 -43.01 -48.52
C ASP NA 25 9.20 -41.73 -49.35
N GLU NA 26 8.43 -41.63 -50.42
CA GLU NA 26 8.62 -40.57 -51.40
C GLU NA 26 7.72 -39.38 -51.11
N HIS NA 27 7.75 -38.92 -49.87
CA HIS NA 27 7.14 -37.65 -49.51
C HIS NA 27 8.25 -36.62 -49.38
N ALA NA 28 7.93 -35.40 -49.77
CA ALA NA 28 8.87 -34.31 -49.59
C ALA NA 28 8.78 -33.84 -48.14
N ARG NA 29 9.92 -33.83 -47.45
CA ARG NA 29 9.94 -33.49 -46.03
C ARG NA 29 9.58 -32.03 -45.78
N ILE NA 30 8.66 -31.83 -44.84
CA ILE NA 30 8.23 -30.51 -44.44
C ILE NA 30 9.35 -29.84 -43.66
N PHE NA 31 9.88 -28.76 -44.20
CA PHE NA 31 10.86 -27.93 -43.50
C PHE NA 31 10.10 -26.73 -42.95
N THR NA 32 9.72 -26.81 -41.68
CA THR NA 32 8.84 -25.83 -41.07
C THR NA 32 9.47 -25.22 -39.82
N THR NA 33 9.12 -23.96 -39.55
CA THR NA 33 9.58 -23.26 -38.37
C THR NA 33 8.50 -23.16 -37.30
N GLU NA 34 7.35 -23.80 -37.52
CA GLU NA 34 6.26 -23.70 -36.55
C GLU NA 34 6.57 -24.47 -35.28
N GLY NA 35 7.32 -25.56 -35.40
CA GLY NA 35 7.91 -26.18 -34.22
C GLY NA 35 9.24 -25.55 -33.90
N THR NA 36 9.54 -25.43 -32.61
CA THR NA 36 10.78 -24.81 -32.17
C THR NA 36 11.97 -25.71 -32.52
N LEU NA 37 12.98 -25.13 -33.16
CA LEU NA 37 14.05 -25.90 -33.78
C LEU NA 37 15.39 -25.60 -33.12
N SER NA 38 16.28 -26.59 -33.20
CA SER NA 38 17.67 -26.39 -32.86
C SER NA 38 18.33 -25.52 -33.95
N PRO NA 39 19.45 -24.86 -33.63
CA PRO NA 39 20.20 -24.14 -34.68
C PRO NA 39 20.68 -25.03 -35.81
N SER NA 40 20.99 -26.30 -35.53
CA SER NA 40 21.31 -27.25 -36.58
C SER NA 40 20.11 -27.48 -37.50
N ALA NA 41 18.93 -27.67 -36.92
CA ALA NA 41 17.72 -27.89 -37.71
C ALA NA 41 17.33 -26.65 -38.49
N MET NA 42 17.57 -25.47 -37.91
CA MET NA 42 17.38 -24.21 -38.64
C MET NA 42 18.36 -24.11 -39.81
N ASP NA 43 19.58 -24.59 -39.62
CA ASP NA 43 20.56 -24.61 -40.71
C ASP NA 43 20.15 -25.56 -41.83
N ASN NA 44 19.63 -26.75 -41.49
CA ASN NA 44 19.14 -27.63 -42.55
C ASN NA 44 17.89 -27.07 -43.23
N LEU NA 45 17.06 -26.32 -42.50
CA LEU NA 45 15.91 -25.68 -43.13
C LEU NA 45 16.35 -24.59 -44.11
N ILE NA 46 17.36 -23.81 -43.72
CA ILE NA 46 17.90 -22.77 -44.60
C ILE NA 46 18.56 -23.40 -45.82
N ALA NA 47 19.28 -24.52 -45.63
CA ALA NA 47 19.87 -25.24 -46.75
C ALA NA 47 18.81 -25.86 -47.65
N ALA NA 48 17.68 -26.28 -47.08
CA ALA NA 48 16.57 -26.78 -47.89
C ALA NA 48 15.95 -25.68 -48.73
N ALA NA 49 15.82 -24.47 -48.16
CA ALA NA 49 15.32 -23.33 -48.93
C ALA NA 49 16.29 -22.95 -50.05
N TYR NA 50 17.59 -23.01 -49.76
CA TYR NA 50 18.61 -22.77 -50.78
C TYR NA 50 18.55 -23.82 -51.88
N ARG NA 51 18.36 -25.09 -51.51
CA ARG NA 51 18.28 -26.17 -52.49
C ARG NA 51 17.02 -26.07 -53.33
N GLN NA 52 15.94 -25.55 -52.76
CA GLN NA 52 14.71 -25.38 -53.52
C GLN NA 52 14.82 -24.21 -54.50
N VAL NA 53 15.35 -23.07 -54.05
CA VAL NA 53 15.33 -21.86 -54.87
C VAL NA 53 16.52 -21.81 -55.82
N PHE NA 54 17.73 -22.01 -55.31
CA PHE NA 54 18.95 -21.83 -56.10
C PHE NA 54 19.47 -23.11 -56.73
N ASN NA 55 18.82 -24.26 -56.48
CA ASN NA 55 19.31 -25.62 -56.70
C ASN NA 55 20.60 -25.92 -55.92
N GLU NA 56 21.13 -27.12 -56.10
CA GLU NA 56 22.37 -27.53 -55.44
C GLU NA 56 23.61 -26.74 -55.86
N GLN NA 57 23.67 -26.41 -57.15
CA GLN NA 57 24.82 -25.70 -57.72
C GLN NA 57 25.09 -24.31 -57.15
N GLN NA 58 24.05 -23.52 -56.91
CA GLN NA 58 24.25 -22.18 -56.37
C GLN NA 58 24.13 -22.15 -54.86
N MET NA 59 24.54 -23.23 -54.19
CA MET NA 59 24.66 -23.26 -52.74
C MET NA 59 26.04 -22.84 -52.27
N ILE NA 60 26.73 -22.01 -53.05
CA ILE NA 60 28.07 -21.56 -52.73
C ILE NA 60 28.03 -20.43 -51.71
N GLN NA 61 29.18 -20.12 -51.11
CA GLN NA 61 29.26 -19.14 -50.04
C GLN NA 61 28.95 -17.73 -50.53
N SER NA 62 29.32 -17.41 -51.77
CA SER NA 62 29.04 -16.10 -52.32
C SER NA 62 27.54 -15.90 -52.55
N ASN NA 63 26.80 -16.98 -52.80
CA ASN NA 63 25.37 -16.90 -53.00
C ASN NA 63 24.57 -17.05 -51.71
N ARG NA 64 25.24 -17.25 -50.58
CA ARG NA 64 24.54 -17.28 -49.30
C ARG NA 64 24.15 -15.86 -48.89
N GLN NA 65 22.88 -15.68 -48.55
CA GLN NA 65 22.37 -14.39 -48.10
C GLN NA 65 22.55 -14.32 -46.59
N ILE NA 66 23.65 -13.69 -46.15
CA ILE NA 66 24.11 -13.80 -44.78
C ILE NA 66 23.17 -13.07 -43.83
N ALA NA 67 22.80 -11.82 -44.17
CA ALA NA 67 21.91 -11.05 -43.33
C ALA NA 67 20.49 -11.61 -43.36
N LEU NA 68 20.06 -12.15 -44.50
CA LEU NA 68 18.75 -12.79 -44.59
C LEU NA 68 18.69 -14.05 -43.73
N GLU NA 69 19.77 -14.84 -43.73
CA GLU NA 69 19.86 -16.00 -42.83
C GLU NA 69 19.83 -15.57 -41.37
N SER NA 70 20.55 -14.50 -41.04
CA SER NA 70 20.60 -14.04 -39.66
C SER NA 70 19.25 -13.50 -39.19
N GLN NA 71 18.54 -12.79 -40.06
CA GLN NA 71 17.19 -12.33 -39.73
C GLN NA 71 16.22 -13.49 -39.64
N PHE NA 72 16.41 -14.53 -40.47
CA PHE NA 72 15.52 -15.67 -40.44
C PHE NA 72 15.72 -16.53 -39.18
N LYS NA 73 16.94 -16.60 -38.68
CA LYS NA 73 17.18 -17.32 -37.46
C LYS NA 73 16.49 -16.65 -36.26
N ASN NA 74 16.46 -15.31 -36.28
CA ASN NA 74 15.92 -14.51 -35.18
C ASN NA 74 14.39 -14.46 -35.29
N GLN NA 75 13.82 -15.11 -36.32
CA GLN NA 75 12.40 -15.06 -36.68
C GLN NA 75 11.92 -13.64 -36.91
N GLN NA 76 12.79 -12.82 -37.52
CA GLN NA 76 12.36 -11.52 -38.03
C GLN NA 76 11.41 -11.70 -39.21
N ILE NA 77 11.59 -12.76 -39.97
CA ILE NA 77 10.81 -13.04 -41.16
C ILE NA 77 10.31 -14.47 -41.09
N THR NA 78 9.25 -14.74 -41.85
CA THR NA 78 8.74 -16.09 -41.97
C THR NA 78 9.54 -16.87 -43.01
N VAL NA 79 9.14 -18.12 -43.24
CA VAL NA 79 9.78 -18.91 -44.28
C VAL NA 79 9.42 -18.36 -45.67
N ARG NA 80 8.18 -17.88 -45.83
CA ARG NA 80 7.76 -17.28 -47.09
C ARG NA 80 8.54 -16.03 -47.41
N ASP NA 81 8.82 -15.19 -46.41
CA ASP NA 81 9.63 -14.00 -46.62
C ASP NA 81 11.09 -14.34 -46.90
N PHE NA 82 11.60 -15.42 -46.30
CA PHE NA 82 12.95 -15.90 -46.63
C PHE NA 82 13.01 -16.41 -48.07
N ILE NA 83 11.96 -17.10 -48.53
CA ILE NA 83 11.87 -17.58 -49.90
C ILE NA 83 11.80 -16.40 -50.87
N ARG NA 84 11.07 -15.35 -50.48
CA ARG NA 84 11.03 -14.10 -51.24
C ARG NA 84 12.41 -13.46 -51.32
N GLY NA 85 13.12 -13.40 -50.20
CA GLY NA 85 14.47 -12.84 -50.19
C GLY NA 85 15.46 -13.65 -51.00
N LEU NA 86 15.27 -14.97 -51.05
CA LEU NA 86 16.05 -15.80 -51.96
C LEU NA 86 15.71 -15.49 -53.41
N ALA NA 87 14.43 -15.26 -53.70
CA ALA NA 87 14.03 -14.93 -55.06
C ALA NA 87 14.43 -13.51 -55.43
N LEU NA 88 14.49 -12.60 -54.46
CA LEU NA 88 14.92 -11.23 -54.71
C LEU NA 88 16.42 -11.06 -54.61
N SER NA 89 17.16 -12.14 -54.39
CA SER NA 89 18.61 -12.07 -54.24
C SER NA 89 19.27 -11.73 -55.57
N ASP NA 90 20.42 -11.07 -55.44
CA ASP NA 90 21.18 -10.63 -56.59
C ASP NA 90 21.66 -11.81 -57.39
N SER NA 91 22.11 -12.85 -56.70
CA SER NA 91 22.60 -14.03 -57.35
C SER NA 91 21.47 -14.70 -58.13
N PHE NA 92 20.30 -14.77 -57.54
CA PHE NA 92 19.18 -15.38 -58.24
C PHE NA 92 18.83 -14.58 -59.47
N ARG NA 93 18.83 -13.25 -59.35
CA ARG NA 93 18.49 -12.40 -60.47
C ARG NA 93 19.50 -12.52 -61.62
N ARG NA 94 20.79 -12.49 -61.30
CA ARG NA 94 21.80 -12.61 -62.35
C ARG NA 94 21.94 -13.99 -63.00
N ARG NA 95 22.01 -15.02 -62.16
CA ARG NA 95 22.16 -16.41 -62.60
C ARG NA 95 20.98 -17.04 -63.33
N ASN NA 96 19.79 -16.73 -62.84
CA ASN NA 96 18.54 -17.32 -63.32
C ASN NA 96 17.71 -16.36 -64.15
N PHE NA 97 17.53 -15.11 -63.70
CA PHE NA 97 16.61 -14.20 -64.38
C PHE NA 97 17.24 -13.55 -65.60
N GLU NA 98 18.51 -13.14 -65.50
CA GLU NA 98 19.14 -12.45 -66.61
C GLU NA 98 19.48 -13.40 -67.76
N VAL NA 99 19.70 -14.68 -67.45
CA VAL NA 99 20.05 -15.66 -68.47
C VAL NA 99 18.82 -16.32 -69.09
N ASN NA 100 17.62 -15.90 -68.71
CA ASN NA 100 16.39 -16.45 -69.25
C ASN NA 100 15.50 -15.32 -69.74
N ASN NA 101 14.56 -15.67 -70.63
CA ASN NA 101 13.48 -14.77 -70.95
C ASN NA 101 12.42 -14.84 -69.86
N ASN NA 102 11.34 -14.09 -70.04
CA ASN NA 102 10.29 -14.05 -69.03
C ASN NA 102 9.53 -15.36 -68.95
N TYR NA 103 9.42 -16.08 -70.08
CA TYR NA 103 8.62 -17.30 -70.14
C TYR NA 103 9.28 -18.43 -69.34
N ARG NA 104 10.58 -18.65 -69.59
CA ARG NA 104 11.29 -19.70 -68.89
C ARG NA 104 11.53 -19.33 -67.44
N PHE NA 105 11.64 -18.04 -67.13
CA PHE NA 105 11.75 -17.64 -65.73
C PHE NA 105 10.43 -17.81 -64.99
N VAL NA 106 9.29 -17.60 -65.67
CA VAL NA 106 8.00 -17.91 -65.06
C VAL NA 106 7.89 -19.41 -64.79
N GLN NA 107 8.33 -20.23 -65.75
CA GLN NA 107 8.32 -21.68 -65.55
C GLN NA 107 9.22 -22.10 -64.38
N MET NA 108 10.43 -21.52 -64.30
CA MET NA 108 11.36 -21.79 -63.21
C MET NA 108 10.77 -21.37 -61.87
N CYS NA 109 10.20 -20.17 -61.78
CA CYS NA 109 9.68 -19.69 -60.51
C CYS NA 109 8.42 -20.41 -60.10
N ILE NA 110 7.57 -20.82 -61.05
CA ILE NA 110 6.39 -21.60 -60.71
C ILE NA 110 6.80 -22.98 -60.19
N GLN NA 111 7.80 -23.59 -60.82
CA GLN NA 111 8.30 -24.89 -60.35
C GLN NA 111 8.98 -24.78 -58.99
N ARG NA 112 9.76 -23.74 -58.75
CA ARG NA 112 10.55 -23.64 -57.54
C ARG NA 112 9.84 -22.92 -56.40
N LEU NA 113 8.69 -22.29 -56.64
CA LEU NA 113 7.93 -21.64 -55.58
C LEU NA 113 6.58 -22.29 -55.37
N LEU NA 114 5.81 -22.52 -56.44
CA LEU NA 114 4.53 -23.19 -56.29
C LEU NA 114 4.67 -24.70 -56.18
N GLY NA 115 5.83 -25.24 -56.53
CA GLY NA 115 6.06 -26.67 -56.42
C GLY NA 115 5.42 -27.51 -57.49
N ARG NA 116 4.88 -26.90 -58.53
CA ARG NA 116 4.24 -27.61 -59.62
C ARG NA 116 4.76 -27.05 -60.94
N ASP NA 117 4.63 -27.86 -61.99
CA ASP NA 117 5.01 -27.40 -63.31
C ASP NA 117 3.98 -26.40 -63.84
N VAL NA 118 4.36 -25.68 -64.88
CA VAL NA 118 3.38 -24.86 -65.58
C VAL NA 118 2.41 -25.77 -66.32
N TYR NA 119 1.16 -25.30 -66.44
CA TYR NA 119 0.15 -26.09 -67.13
C TYR NA 119 0.44 -26.17 -68.63
N SER NA 120 0.75 -25.03 -69.24
CA SER NA 120 1.06 -24.99 -70.66
C SER NA 120 1.95 -23.77 -70.90
N GLU NA 121 2.13 -23.44 -72.18
CA GLU NA 121 2.79 -22.19 -72.54
C GLU NA 121 1.93 -20.98 -72.21
N GLU NA 122 0.61 -21.17 -72.11
CA GLU NA 122 -0.31 -20.06 -71.84
C GLU NA 122 -0.13 -19.50 -70.44
N GLU NA 123 0.16 -20.34 -69.44
CA GLU NA 123 0.42 -19.84 -68.09
C GLU NA 123 1.72 -19.05 -68.03
N LYS NA 124 2.74 -19.52 -68.74
CA LYS NA 124 3.99 -18.77 -68.85
C LYS NA 124 3.78 -17.43 -69.52
N ILE NA 125 2.94 -17.42 -70.55
CA ILE NA 125 2.57 -16.19 -71.25
C ILE NA 125 1.83 -15.25 -70.31
N ALA NA 126 0.90 -15.79 -69.50
CA ALA NA 126 0.08 -14.96 -68.62
C ALA NA 126 0.91 -14.32 -67.51
N TRP NA 127 1.86 -15.04 -66.92
CA TRP NA 127 2.65 -14.46 -65.86
C TRP NA 127 3.90 -13.73 -66.36
N SER NA 128 4.27 -13.90 -67.63
CA SER NA 128 5.41 -13.17 -68.17
C SER NA 128 5.12 -11.68 -68.31
N ILE NA 129 3.87 -11.31 -68.58
CA ILE NA 129 3.57 -9.90 -68.58
C ILE NA 129 3.45 -9.34 -67.16
N VAL NA 130 3.17 -10.19 -66.17
CA VAL NA 130 3.29 -9.76 -64.78
C VAL NA 130 4.73 -9.43 -64.44
N ILE NA 131 5.67 -10.25 -64.94
CA ILE NA 131 7.09 -9.91 -64.88
C ILE NA 131 7.36 -8.57 -65.58
N ALA NA 132 6.89 -8.45 -66.82
CA ALA NA 132 7.27 -7.33 -67.69
C ALA NA 132 6.73 -6.00 -67.20
N THR NA 133 5.62 -5.99 -66.46
CA THR NA 133 5.15 -4.74 -65.90
C THR NA 133 5.60 -4.51 -64.46
N LYS NA 134 5.44 -5.50 -63.59
CA LYS NA 134 5.70 -5.27 -62.17
C LYS NA 134 7.13 -5.56 -61.75
N GLY NA 135 8.02 -5.90 -62.69
CA GLY NA 135 9.36 -6.31 -62.30
C GLY NA 135 9.38 -7.73 -61.78
N LEU NA 136 10.58 -8.20 -61.49
CA LEU NA 136 10.73 -9.42 -60.71
C LEU NA 136 10.11 -9.35 -59.30
N PRO NA 137 10.27 -8.27 -58.50
CA PRO NA 137 9.60 -8.26 -57.19
C PRO NA 137 8.09 -8.36 -57.22
N GLY NA 138 7.47 -7.70 -58.19
CA GLY NA 138 6.03 -7.77 -58.32
C GLY NA 138 5.60 -9.18 -58.65
N PHE NA 139 6.32 -9.84 -59.56
CA PHE NA 139 5.99 -11.20 -59.94
C PHE NA 139 6.17 -12.23 -58.83
N ILE NA 140 7.26 -12.12 -58.09
CA ILE NA 140 7.53 -13.03 -56.99
C ILE NA 140 6.46 -12.84 -55.92
N ASN NA 141 6.13 -11.59 -55.65
CA ASN NA 141 5.13 -11.25 -54.66
C ASN NA 141 3.78 -11.81 -55.07
N GLU NA 142 3.47 -11.73 -56.36
CA GLU NA 142 2.20 -12.31 -56.86
C GLU NA 142 2.23 -13.82 -56.60
N LEU NA 143 3.35 -14.47 -56.92
CA LEU NA 143 3.46 -15.93 -56.74
C LEU NA 143 3.42 -16.30 -55.25
N LEU NA 144 4.01 -15.46 -54.39
CA LEU NA 144 4.10 -15.81 -52.95
C LEU NA 144 2.79 -15.45 -52.22
N ASN NA 145 2.02 -14.51 -52.79
CA ASN NA 145 0.71 -14.17 -52.18
C ASN NA 145 -0.36 -15.08 -52.81
N SER NA 146 0.00 -15.80 -53.87
CA SER NA 146 -0.97 -16.70 -54.56
C SER NA 146 -1.59 -17.68 -53.55
N GLN NA 147 -2.91 -17.88 -53.65
CA GLN NA 147 -3.59 -18.85 -52.76
C GLN NA 147 -2.91 -20.23 -52.91
N GLU NA 148 -2.52 -20.60 -54.13
CA GLU NA 148 -1.81 -21.89 -54.35
C GLU NA 148 -0.63 -21.99 -53.37
N TYR NA 149 0.30 -21.03 -53.44
CA TYR NA 149 1.48 -21.05 -52.55
C TYR NA 149 1.01 -21.24 -51.11
N LEU NA 150 0.00 -20.48 -50.72
CA LEU NA 150 -0.49 -20.54 -49.30
C LEU NA 150 -1.13 -21.91 -49.02
N GLU NA 151 -2.24 -22.25 -49.68
CA GLU NA 151 -2.89 -23.51 -49.34
C GLU NA 151 -1.93 -24.68 -49.39
N ASN NA 152 -0.78 -24.53 -50.06
CA ASN NA 152 0.16 -25.64 -50.12
C ASN NA 152 1.26 -25.51 -49.05
N PHE NA 153 1.90 -24.36 -48.98
CA PHE NA 153 3.01 -24.15 -48.06
C PHE NA 153 2.72 -23.14 -46.97
N GLY NA 154 1.82 -22.18 -47.22
CA GLY NA 154 1.48 -21.22 -46.19
C GLY NA 154 2.58 -20.19 -45.98
N TYR NA 155 2.81 -19.86 -44.73
CA TYR NA 155 3.83 -18.87 -44.37
C TYR NA 155 5.08 -19.48 -43.78
N ASP NA 156 5.01 -20.70 -43.25
CA ASP NA 156 6.09 -21.25 -42.44
C ASP NA 156 6.48 -22.65 -42.91
N THR NA 157 6.64 -22.83 -44.22
CA THR NA 157 7.10 -24.11 -44.76
C THR NA 157 7.91 -23.84 -46.02
N VAL NA 158 9.07 -24.46 -46.12
CA VAL NA 158 9.87 -24.40 -47.34
C VAL NA 158 9.11 -25.09 -48.47
N PRO NA 159 8.96 -24.45 -49.62
CA PRO NA 159 8.26 -25.10 -50.74
C PRO NA 159 9.02 -26.30 -51.27
N TYR NA 160 8.27 -27.22 -51.85
CA TYR NA 160 8.83 -28.48 -52.33
C TYR NA 160 8.08 -28.87 -53.59
N GLN NA 161 8.70 -29.72 -54.40
CA GLN NA 161 8.03 -30.18 -55.60
C GLN NA 161 6.84 -30.94 -55.04
N ARG NA 162 5.67 -30.72 -55.62
CA ARG NA 162 4.48 -31.38 -55.10
C ARG NA 162 4.04 -32.52 -55.98
N ARG NA 163 3.79 -33.67 -55.35
CA ARG NA 163 3.31 -34.87 -56.01
C ARG NA 163 4.19 -35.28 -57.19
N ARG NA 164 5.51 -35.24 -56.99
CA ARG NA 164 6.44 -35.60 -58.04
C ARG NA 164 6.27 -37.07 -58.40
N ILE NA 165 6.10 -37.91 -57.39
CA ILE NA 165 5.95 -39.34 -57.62
C ILE NA 165 4.77 -39.98 -56.89
N LEU NA 166 4.03 -40.80 -57.62
CA LEU NA 166 2.89 -41.53 -57.07
C LEU NA 166 3.33 -42.76 -56.29
N PRO NA 167 2.48 -43.16 -55.33
CA PRO NA 167 2.77 -44.29 -54.44
C PRO NA 167 2.97 -45.54 -55.26
N GLN NA 168 3.96 -46.33 -54.85
CA GLN NA 168 4.37 -47.59 -55.49
C GLN NA 168 4.91 -47.42 -56.91
N ARG NA 169 5.47 -46.26 -57.20
CA ARG NA 169 6.05 -45.98 -58.50
C ARG NA 169 7.52 -45.67 -58.31
N ILE NA 170 8.38 -46.37 -59.04
CA ILE NA 170 9.80 -46.10 -58.97
C ILE NA 170 10.10 -44.70 -59.54
N SER NA 171 9.39 -44.36 -60.62
CA SER NA 171 9.57 -43.08 -61.29
C SER NA 171 8.26 -42.34 -61.46
N GLY NA 172 8.33 -41.01 -61.40
CA GLY NA 172 7.19 -40.15 -61.58
C GLY NA 172 7.46 -39.06 -62.57
N GLU NA 173 7.19 -37.82 -62.19
CA GLU NA 173 7.50 -36.66 -63.01
C GLU NA 173 8.98 -36.33 -62.78
N LEU NA 174 9.60 -35.68 -63.74
CA LEU NA 174 11.01 -35.31 -63.61
C LEU NA 174 11.17 -34.30 -62.48
N PRO NA 175 12.26 -34.41 -61.71
CA PRO NA 175 12.50 -33.49 -60.59
C PRO NA 175 12.79 -32.07 -61.06
N PHE NA 176 12.44 -31.08 -60.25
CA PHE NA 176 12.66 -29.66 -60.57
C PHE NA 176 14.13 -29.22 -60.58
N ALA NA 177 14.99 -30.00 -59.92
CA ALA NA 177 16.44 -29.79 -59.85
C ALA NA 177 17.09 -29.87 -61.24
N ARG NA 178 16.54 -30.71 -62.12
CA ARG NA 178 17.04 -30.88 -63.46
C ARG NA 178 17.03 -29.60 -64.28
N MET NA 179 16.01 -28.76 -64.11
CA MET NA 179 15.97 -27.54 -64.91
C MET NA 179 17.18 -26.67 -64.64
N PRO NA 180 17.86 -26.26 -65.72
CA PRO NA 180 19.07 -25.43 -65.75
C PRO NA 180 18.79 -23.94 -65.57
N ARG NA 181 19.83 -23.18 -65.26
CA ARG NA 181 19.76 -21.73 -65.09
C ARG NA 181 19.20 -21.09 -66.35
N TYR NA 182 19.66 -21.61 -67.49
CA TYR NA 182 19.22 -21.15 -68.78
C TYR NA 182 18.97 -22.33 -69.73
N GLY NA 183 18.11 -22.07 -70.71
CA GLY NA 183 17.73 -22.97 -71.77
C GLY NA 183 18.75 -23.02 -72.89
N ALA NA 184 18.31 -23.57 -74.02
CA ALA NA 184 19.19 -23.72 -75.17
C ALA NA 184 19.46 -22.39 -75.88
N ASP NA 185 18.59 -21.40 -75.71
CA ASP NA 185 18.80 -20.11 -76.35
C ASP NA 185 19.99 -19.37 -75.73
N HIS NA 186 20.06 -19.34 -74.40
CA HIS NA 186 21.21 -18.74 -73.74
C HIS NA 186 22.45 -19.61 -73.90
N ARG NA 187 22.27 -20.92 -74.06
CA ARG NA 187 23.38 -21.81 -74.38
C ARG NA 187 24.01 -21.44 -75.71
N GLU NA 188 23.20 -21.32 -76.76
CA GLU NA 188 23.75 -20.96 -78.07
C GLU NA 188 24.16 -19.50 -78.13
N LYS NA 189 23.63 -18.64 -77.26
CA LYS NA 189 24.10 -17.28 -77.21
C LYS NA 189 25.48 -17.19 -76.55
N LEU NA 190 25.71 -17.99 -75.51
CA LEU NA 190 27.04 -18.12 -74.94
C LEU NA 190 28.01 -18.78 -75.92
N GLU NA 191 27.51 -19.70 -76.75
CA GLU NA 191 28.34 -20.28 -77.79
C GLU NA 191 28.68 -19.26 -78.86
N ALA NA 192 27.75 -18.36 -79.16
CA ALA NA 192 27.97 -17.35 -80.19
C ALA NA 192 28.87 -16.22 -79.71
N ILE NA 193 28.86 -15.89 -78.41
CA ILE NA 193 29.73 -14.84 -77.93
C ILE NA 193 31.18 -15.32 -77.83
N GLY NA 194 31.40 -16.63 -77.77
CA GLY NA 194 32.75 -17.16 -77.85
C GLY NA 194 33.08 -18.21 -76.81
N TYR NA 195 32.11 -18.63 -76.01
CA TYR NA 195 32.38 -19.60 -74.97
C TYR NA 195 32.26 -21.02 -75.52
N PHE NA 196 32.70 -21.97 -74.70
CA PHE NA 196 32.26 -23.37 -74.70
C PHE NA 196 32.73 -24.14 -75.92
N ARG NA 197 33.73 -23.63 -76.64
CA ARG NA 197 34.19 -24.22 -77.88
C ARG NA 197 35.53 -24.90 -77.69
N ASN NA 198 35.82 -25.83 -78.59
CA ASN NA 198 37.06 -26.60 -78.53
C ASN NA 198 37.51 -27.09 -79.91
#